data_1G3I
#
_entry.id   1G3I
#
_cell.length_a   209.223
_cell.length_b   220.579
_cell.length_c   241.070
_cell.angle_alpha   90.00
_cell.angle_beta   90.00
_cell.angle_gamma   90.00
#
_symmetry.space_group_name_H-M   'P 21 21 2'
#
loop_
_entity.id
_entity.type
_entity.pdbx_description
1 polymer 'ATP-DEPENDENT HSLU PROTEASE ATP-BINDING SUBUNIT HSLU'
2 polymer 'ATP-DEPENDENT PROTEASE HSLV'
3 non-polymer "ADENOSINE-5'-TRIPHOSPHATE"
#
loop_
_entity_poly.entity_id
_entity_poly.type
_entity_poly.pdbx_seq_one_letter_code
_entity_poly.pdbx_strand_id
1 'polypeptide(L)'
;MSEMTPREIVSELDQHIIGQADAKRAVAIALRNRWRRMQLQEPLRHEVTPKNILMIGPTGVGKTEIARRLAKLANAPFIK
VEATKFTEVGYVGKEVDSIIRDLTDSAMKLVRQQEIAKNRARAEDVAEERILDALLPPAKNQWGEVENHDSHSSTRQAFR
KKLREGQLDDKEIEIDVSAGVSMGVEIMAPPGMEEMTNQLQSLFQNLGSDKTKKRKMKIKDALKALIDDEAAKLINPEEL
KQKAIDAVEQNGIVFIDEIDKICKKGEYSGADVSREGVQRDLLPLVEGSTVSTKHGMVKTDHILFIASGAFQVARPSDLI
PELQGRLPIRVELTALSAADFERILTEPHASLTEQYKALMATEGVNIAFTTDAVKKIAEAAFRVNEKTENIGARRLHTVM
ERLMDKISFSASDMNGQTVNIDAAYVADALGEVVENEDLSRFIL
;
A,B,C,D,E,F,S,T,U,V,W,X
2 'polypeptide(L)'
;TTIVSVRRNGQVVVGGDGQVSLGNTVMKGNARKVRRLYNGKVLAGFAGGTADAFTLFELFERKLEMHQGHLLKSAVELAK
DWRTDRALRKLEAMLIVADEKESLIITGIGDVVQPEEDQILAIGSGGNYALSAARALVENTELSAHEIVEKSLRIAGDIC
VFTNTNFTIEELPN
;
G,H,I,J,K,L,M,N,O,P,Q,R
#
# COMPACT_ATOMS: atom_id res chain seq x y z
N SER A 2 60.27 -9.60 -66.54
CA SER A 2 60.77 -9.08 -65.23
C SER A 2 59.87 -9.50 -64.08
N GLU A 3 58.60 -9.73 -64.39
CA GLU A 3 57.60 -10.13 -63.40
C GLU A 3 56.25 -10.32 -64.09
N MET A 4 55.36 -10.99 -63.39
CA MET A 4 54.05 -11.26 -63.95
C MET A 4 53.21 -10.00 -64.08
N THR A 5 51.96 -10.16 -64.54
CA THR A 5 51.07 -9.04 -64.74
C THR A 5 49.69 -9.23 -64.17
N PRO A 6 48.95 -8.15 -63.96
CA PRO A 6 47.59 -8.21 -63.40
C PRO A 6 46.85 -9.44 -63.84
N ARG A 7 46.47 -9.46 -65.11
CA ARG A 7 45.73 -10.58 -65.69
C ARG A 7 46.52 -11.87 -65.67
N GLU A 8 47.84 -11.72 -65.72
CA GLU A 8 48.77 -12.84 -65.74
C GLU A 8 48.83 -13.57 -64.38
N ILE A 9 48.71 -12.80 -63.30
CA ILE A 9 48.75 -13.35 -61.95
C ILE A 9 47.40 -13.98 -61.68
N VAL A 10 46.34 -13.25 -61.98
CA VAL A 10 45.03 -13.81 -61.75
C VAL A 10 45.03 -15.24 -62.28
N SER A 11 45.48 -15.43 -63.52
CA SER A 11 45.53 -16.77 -64.11
C SER A 11 46.14 -17.77 -63.12
N GLU A 12 47.37 -17.50 -62.68
CA GLU A 12 48.07 -18.34 -61.72
C GLU A 12 47.20 -18.66 -60.49
N LEU A 13 46.48 -17.65 -59.98
CA LEU A 13 45.59 -17.81 -58.81
C LEU A 13 44.41 -18.69 -59.14
N ASP A 14 43.89 -18.51 -60.33
CA ASP A 14 42.75 -19.28 -60.76
C ASP A 14 43.11 -20.76 -60.68
N GLN A 15 44.40 -21.05 -60.74
CA GLN A 15 44.80 -22.42 -60.69
C GLN A 15 44.51 -23.06 -59.35
N HIS A 16 44.51 -22.31 -58.27
CA HIS A 16 44.23 -22.95 -57.00
C HIS A 16 42.98 -22.49 -56.33
N ILE A 17 42.46 -21.34 -56.68
CA ILE A 17 41.26 -20.90 -56.02
C ILE A 17 40.09 -20.91 -56.98
N ILE A 18 38.93 -21.28 -56.49
CA ILE A 18 37.79 -21.26 -57.37
C ILE A 18 36.96 -20.02 -57.04
N GLY A 19 36.57 -19.25 -58.04
CA GLY A 19 35.74 -18.08 -57.77
C GLY A 19 36.54 -17.02 -57.05
N GLN A 20 35.85 -16.18 -56.30
CA GLN A 20 36.52 -15.11 -55.56
C GLN A 20 37.42 -14.36 -56.55
N ALA A 21 36.79 -13.64 -57.48
CA ALA A 21 37.53 -12.93 -58.51
C ALA A 21 38.06 -11.58 -58.08
N ASP A 22 37.12 -10.70 -57.72
CA ASP A 22 37.49 -9.37 -57.29
C ASP A 22 38.69 -9.49 -56.41
N ALA A 23 38.64 -10.46 -55.51
CA ALA A 23 39.74 -10.65 -54.59
C ALA A 23 41.04 -10.90 -55.34
N LYS A 24 41.01 -11.86 -56.26
CA LYS A 24 42.20 -12.20 -57.02
C LYS A 24 42.74 -10.95 -57.69
N ARG A 25 41.86 -10.24 -58.37
CA ARG A 25 42.25 -9.00 -59.04
C ARG A 25 43.00 -8.10 -58.03
N ALA A 26 42.26 -7.68 -57.00
CA ALA A 26 42.80 -6.85 -55.96
C ALA A 26 44.24 -7.23 -55.61
N VAL A 27 44.49 -8.48 -55.23
CA VAL A 27 45.86 -8.81 -54.90
C VAL A 27 46.75 -8.79 -56.12
N ALA A 28 46.14 -8.87 -57.30
CA ALA A 28 46.92 -8.85 -58.52
C ALA A 28 47.48 -7.44 -58.75
N ILE A 29 46.57 -6.50 -59.05
CA ILE A 29 46.98 -5.12 -59.28
C ILE A 29 47.95 -4.74 -58.18
N ALA A 30 47.69 -5.24 -56.99
CA ALA A 30 48.51 -4.94 -55.85
C ALA A 30 49.88 -5.48 -56.08
N LEU A 31 49.99 -6.75 -56.43
CA LEU A 31 51.31 -7.33 -56.62
C LEU A 31 51.98 -6.65 -57.75
N ARG A 32 51.18 -6.21 -58.71
CA ARG A 32 51.77 -5.56 -59.86
C ARG A 32 52.43 -4.25 -59.49
N ASN A 33 51.68 -3.36 -58.81
CA ASN A 33 52.24 -2.08 -58.43
C ASN A 33 53.64 -2.27 -57.86
N ARG A 34 53.92 -3.43 -57.30
CA ARG A 34 55.22 -3.61 -56.73
C ARG A 34 56.28 -3.46 -57.81
N TRP A 35 56.06 -4.13 -58.92
CA TRP A 35 57.01 -4.06 -60.01
C TRP A 35 57.03 -2.65 -60.58
N ARG A 36 55.87 -2.00 -60.61
CA ARG A 36 55.77 -0.65 -61.14
C ARG A 36 56.68 0.35 -60.42
N ARG A 37 56.52 0.47 -59.10
CA ARG A 37 57.38 1.32 -58.31
C ARG A 37 58.62 0.47 -58.34
N MET A 38 59.72 0.92 -57.77
CA MET A 38 60.90 0.07 -57.81
C MET A 38 61.25 -0.12 -59.28
N GLN A 39 60.78 0.81 -60.08
CA GLN A 39 61.02 0.83 -61.50
C GLN A 39 61.02 2.31 -61.76
N LEU A 40 60.63 3.05 -60.73
CA LEU A 40 60.57 4.50 -60.78
C LEU A 40 61.92 5.07 -60.32
N GLN A 41 62.12 6.38 -60.46
CA GLN A 41 63.38 6.98 -60.05
C GLN A 41 63.40 7.38 -58.59
N GLU A 42 64.53 7.11 -57.93
CA GLU A 42 64.75 7.34 -56.50
C GLU A 42 63.78 8.21 -55.66
N PRO A 43 63.46 9.44 -56.10
CA PRO A 43 62.55 10.26 -55.31
C PRO A 43 61.22 9.51 -55.06
N LEU A 44 60.58 9.05 -56.12
CA LEU A 44 59.33 8.32 -56.03
C LEU A 44 59.49 6.86 -55.69
N ARG A 45 60.61 6.28 -56.10
CA ARG A 45 60.83 4.86 -55.86
C ARG A 45 60.65 4.59 -54.41
N HIS A 46 60.77 5.63 -53.58
CA HIS A 46 60.61 5.46 -52.13
C HIS A 46 59.40 6.20 -51.52
N GLU A 47 58.87 7.15 -52.26
CA GLU A 47 57.72 7.91 -51.82
C GLU A 47 56.42 7.12 -51.96
N VAL A 48 56.29 6.37 -53.05
CA VAL A 48 55.07 5.61 -53.29
C VAL A 48 54.97 4.40 -52.36
N THR A 49 53.80 4.24 -51.73
CA THR A 49 53.58 3.16 -50.77
C THR A 49 52.47 2.20 -51.16
N PRO A 50 52.57 0.94 -50.69
CA PRO A 50 51.63 -0.16 -50.92
C PRO A 50 50.17 0.26 -50.75
N LYS A 51 49.25 -0.39 -51.47
CA LYS A 51 47.86 -0.01 -51.33
C LYS A 51 47.07 -1.06 -50.56
N ASN A 52 47.62 -1.52 -49.44
CA ASN A 52 47.02 -2.53 -48.57
C ASN A 52 45.57 -2.91 -48.76
N ILE A 53 45.29 -4.20 -48.69
CA ILE A 53 43.93 -4.70 -48.90
C ILE A 53 43.23 -5.27 -47.69
N LEU A 54 41.90 -5.13 -47.70
CA LEU A 54 41.04 -5.67 -46.65
C LEU A 54 40.03 -6.55 -47.39
N MET A 55 40.09 -7.86 -47.14
CA MET A 55 39.19 -8.86 -47.73
C MET A 55 38.16 -9.11 -46.71
N ILE A 56 36.91 -8.93 -47.09
CA ILE A 56 35.79 -9.14 -46.20
C ILE A 56 35.07 -10.35 -46.75
N GLY A 57 34.94 -11.38 -45.94
CA GLY A 57 34.27 -12.56 -46.44
C GLY A 57 33.80 -13.46 -45.34
N PRO A 58 33.14 -14.58 -45.72
CA PRO A 58 32.59 -15.60 -44.84
C PRO A 58 33.74 -16.48 -44.48
N THR A 59 33.44 -17.60 -43.80
CA THR A 59 34.50 -18.52 -43.38
C THR A 59 35.03 -19.46 -44.45
N GLY A 60 36.37 -19.60 -44.50
CA GLY A 60 37.03 -20.45 -45.46
C GLY A 60 36.50 -20.39 -46.89
N VAL A 61 36.64 -19.23 -47.55
CA VAL A 61 36.18 -19.09 -48.92
C VAL A 61 37.30 -18.63 -49.81
N GLY A 62 38.50 -18.59 -49.23
CA GLY A 62 39.68 -18.23 -50.00
C GLY A 62 40.58 -17.12 -49.52
N LYS A 63 40.03 -16.24 -48.69
CA LYS A 63 40.81 -15.12 -48.19
C LYS A 63 42.28 -15.46 -47.97
N THR A 64 42.58 -16.53 -47.26
CA THR A 64 43.99 -16.87 -47.00
C THR A 64 44.71 -17.54 -48.15
N GLU A 65 44.06 -18.46 -48.85
CA GLU A 65 44.76 -19.12 -49.96
C GLU A 65 45.23 -18.06 -50.91
N ILE A 66 44.27 -17.27 -51.36
CA ILE A 66 44.57 -16.20 -52.26
C ILE A 66 45.84 -15.48 -51.79
N ALA A 67 45.91 -15.12 -50.52
CA ALA A 67 47.12 -14.45 -49.99
C ALA A 67 48.33 -15.34 -49.94
N ARG A 68 48.17 -16.52 -49.39
CA ARG A 68 49.29 -17.40 -49.28
C ARG A 68 49.81 -17.71 -50.67
N ARG A 69 48.89 -17.83 -51.63
CA ARG A 69 49.27 -18.14 -53.00
C ARG A 69 49.91 -16.96 -53.67
N LEU A 70 49.35 -15.78 -53.44
CA LEU A 70 49.89 -14.60 -54.08
C LEU A 70 51.34 -14.59 -53.74
N ALA A 71 51.61 -14.72 -52.44
CA ALA A 71 52.95 -14.72 -51.89
C ALA A 71 53.83 -15.77 -52.56
N LYS A 72 53.29 -16.98 -52.65
CA LYS A 72 54.00 -18.09 -53.24
C LYS A 72 54.41 -17.83 -54.69
N LEU A 73 53.49 -17.31 -55.50
CA LEU A 73 53.78 -17.11 -56.91
C LEU A 73 54.66 -15.94 -57.12
N ALA A 74 54.92 -15.23 -56.04
CA ALA A 74 55.77 -14.06 -56.15
C ALA A 74 57.06 -14.32 -55.39
N ASN A 75 57.20 -15.56 -54.94
CA ASN A 75 58.38 -15.93 -54.19
C ASN A 75 58.66 -14.78 -53.22
N ALA A 76 57.69 -14.49 -52.35
CA ALA A 76 57.82 -13.41 -51.39
C ALA A 76 57.71 -13.91 -49.96
N PRO A 77 58.43 -13.28 -49.03
CA PRO A 77 58.39 -13.69 -47.62
C PRO A 77 56.95 -13.47 -47.17
N PHE A 78 56.30 -14.51 -46.66
CA PHE A 78 54.91 -14.37 -46.26
C PHE A 78 54.73 -14.76 -44.83
N ILE A 79 53.64 -14.28 -44.22
CA ILE A 79 53.36 -14.62 -42.83
C ILE A 79 51.92 -14.25 -42.47
N LYS A 80 51.29 -15.12 -41.71
CA LYS A 80 49.93 -14.91 -41.31
C LYS A 80 49.84 -14.79 -39.82
N VAL A 81 48.95 -13.92 -39.31
CA VAL A 81 48.79 -13.78 -37.86
C VAL A 81 47.35 -13.45 -37.45
N GLU A 82 46.85 -14.05 -36.36
CA GLU A 82 45.49 -13.71 -35.90
C GLU A 82 45.69 -12.31 -35.35
N ALA A 83 44.67 -11.47 -35.47
CA ALA A 83 44.78 -10.13 -34.96
C ALA A 83 44.65 -10.23 -33.48
N THR A 84 43.83 -11.17 -33.05
CA THR A 84 43.58 -11.36 -31.65
C THR A 84 44.73 -11.95 -30.93
N LYS A 85 45.75 -12.35 -31.66
CA LYS A 85 46.91 -12.95 -31.02
C LYS A 85 47.53 -11.95 -30.10
N PHE A 86 47.15 -10.69 -30.22
CA PHE A 86 47.72 -9.69 -29.36
C PHE A 86 46.76 -9.00 -28.38
N THR A 87 45.67 -9.65 -28.01
CA THR A 87 44.76 -8.97 -27.08
C THR A 87 45.27 -8.92 -25.63
N GLU A 95 53.56 -9.29 -28.25
CA GLU A 95 54.45 -8.35 -28.95
C GLU A 95 54.19 -8.25 -30.47
N VAL A 96 53.59 -7.14 -30.91
CA VAL A 96 53.26 -6.94 -32.33
C VAL A 96 54.47 -6.83 -33.31
N ASP A 97 55.60 -6.36 -32.81
CA ASP A 97 56.76 -6.25 -33.66
C ASP A 97 57.15 -7.64 -34.08
N SER A 98 56.70 -8.63 -33.35
CA SER A 98 57.05 -10.00 -33.73
C SER A 98 56.63 -10.32 -35.18
N ILE A 99 55.55 -9.68 -35.65
CA ILE A 99 55.09 -9.99 -36.98
C ILE A 99 56.20 -9.76 -37.94
N ILE A 100 56.77 -8.57 -37.88
CA ILE A 100 57.86 -8.26 -38.79
C ILE A 100 59.06 -9.14 -38.53
N ARG A 101 59.33 -9.40 -37.26
CA ARG A 101 60.44 -10.23 -36.88
C ARG A 101 60.30 -11.58 -37.59
N ASP A 102 59.25 -12.31 -37.26
CA ASP A 102 59.01 -13.61 -37.89
C ASP A 102 59.09 -13.51 -39.42
N LEU A 103 58.66 -12.38 -39.97
CA LEU A 103 58.66 -12.23 -41.41
C LEU A 103 60.10 -12.31 -41.89
N THR A 104 60.93 -11.50 -41.26
CA THR A 104 62.34 -11.44 -41.55
C THR A 104 62.98 -12.82 -41.47
N ASP A 105 62.58 -13.57 -40.47
CA ASP A 105 63.08 -14.92 -40.24
C ASP A 105 62.76 -15.83 -41.42
N SER A 106 61.53 -15.69 -41.95
CA SER A 106 61.10 -16.47 -43.09
C SER A 106 61.92 -16.10 -44.30
N ALA A 107 62.23 -14.81 -44.43
CA ALA A 107 63.05 -14.32 -45.55
C ALA A 107 64.40 -15.02 -45.57
N MET A 108 64.83 -15.55 -44.43
CA MET A 108 66.08 -16.26 -44.40
C MET A 108 65.88 -17.58 -45.12
N LYS A 109 65.19 -18.52 -44.48
CA LYS A 109 64.96 -19.83 -45.11
C LYS A 109 64.67 -19.69 -46.60
N LEU A 110 64.04 -18.59 -46.98
CA LEU A 110 63.72 -18.39 -48.37
C LEU A 110 65.01 -18.12 -49.15
N VAL A 111 65.73 -17.08 -48.75
CA VAL A 111 67.00 -16.67 -49.38
C VAL A 111 68.13 -17.69 -49.18
N ARG A 112 68.19 -18.25 -47.97
CA ARG A 112 69.17 -19.26 -47.63
C ARG A 112 69.00 -20.33 -48.70
N GLN A 113 67.99 -21.17 -48.53
CA GLN A 113 67.70 -22.23 -49.46
C GLN A 113 67.36 -21.65 -50.83
N GLN A 114 68.10 -20.63 -51.24
CA GLN A 114 67.92 -19.96 -52.53
C GLN A 114 69.29 -19.60 -53.08
N GLU A 115 70.29 -19.74 -52.22
CA GLU A 115 71.67 -19.49 -52.58
C GLU A 115 72.44 -20.68 -52.05
N ILE A 116 71.83 -21.85 -52.28
CA ILE A 116 72.36 -23.14 -51.89
C ILE A 116 71.82 -24.15 -52.91
N ALA A 117 70.62 -23.87 -53.42
CA ALA A 117 70.00 -24.74 -54.41
C ALA A 117 70.06 -24.02 -55.77
N LYS A 118 70.74 -22.87 -55.78
CA LYS A 118 70.92 -22.08 -56.99
C LYS A 118 72.42 -21.80 -57.08
N ASN A 119 72.88 -20.82 -56.32
CA ASN A 119 74.28 -20.46 -56.29
C ASN A 119 75.02 -21.52 -55.46
N ARG A 120 74.50 -22.74 -55.51
CA ARG A 120 75.05 -23.89 -54.80
C ARG A 120 75.43 -23.61 -53.35
N ILE A 227 81.05 -33.48 -48.83
CA ILE A 227 80.14 -32.89 -49.81
C ILE A 227 79.64 -31.52 -49.35
N ASP A 228 79.02 -31.47 -48.16
CA ASP A 228 78.50 -30.21 -47.64
C ASP A 228 79.60 -29.29 -47.12
N ASP A 229 80.77 -29.38 -47.76
CA ASP A 229 81.93 -28.57 -47.38
C ASP A 229 82.17 -27.45 -48.40
N GLU A 230 81.77 -27.70 -49.63
CA GLU A 230 81.93 -26.70 -50.69
C GLU A 230 80.75 -25.72 -50.63
N ALA A 231 80.06 -25.72 -49.50
CA ALA A 231 78.90 -24.86 -49.27
C ALA A 231 79.25 -23.56 -48.56
N ALA A 232 80.31 -23.60 -47.74
CA ALA A 232 80.74 -22.41 -47.00
C ALA A 232 81.30 -21.36 -47.97
N LYS A 233 81.41 -21.74 -49.23
CA LYS A 233 81.90 -20.84 -50.27
C LYS A 233 80.76 -19.92 -50.69
N LEU A 234 81.11 -18.69 -51.07
CA LEU A 234 80.14 -17.68 -51.50
C LEU A 234 79.45 -17.06 -50.29
N ILE A 235 78.53 -17.82 -49.71
CA ILE A 235 77.75 -17.40 -48.53
C ILE A 235 78.02 -15.98 -48.05
N ASN A 236 79.11 -15.78 -47.33
CA ASN A 236 79.41 -14.46 -46.80
C ASN A 236 78.22 -14.08 -45.93
N PRO A 237 78.03 -14.82 -44.83
CA PRO A 237 76.95 -14.63 -43.87
C PRO A 237 76.48 -13.18 -43.68
N GLU A 238 77.41 -12.23 -43.57
CA GLU A 238 77.04 -10.84 -43.37
C GLU A 238 76.30 -10.23 -44.57
N GLU A 239 76.23 -10.99 -45.66
CA GLU A 239 75.53 -10.53 -46.86
C GLU A 239 74.18 -11.23 -46.99
N LEU A 240 74.15 -12.53 -46.73
CA LEU A 240 72.91 -13.29 -46.80
C LEU A 240 71.87 -12.45 -46.08
N LYS A 241 72.20 -12.12 -44.83
CA LYS A 241 71.31 -11.31 -43.99
C LYS A 241 70.87 -10.07 -44.75
N GLN A 242 71.86 -9.26 -45.14
CA GLN A 242 71.64 -8.02 -45.86
C GLN A 242 70.84 -8.19 -47.15
N LYS A 243 70.54 -9.43 -47.51
CA LYS A 243 69.74 -9.65 -48.71
C LYS A 243 68.31 -10.02 -48.30
N ALA A 244 68.18 -10.71 -47.16
CA ALA A 244 66.86 -11.13 -46.65
C ALA A 244 66.13 -9.90 -46.16
N ILE A 245 66.88 -8.98 -45.58
CA ILE A 245 66.29 -7.76 -45.09
C ILE A 245 65.63 -7.07 -46.26
N ASP A 246 66.29 -7.06 -47.40
CA ASP A 246 65.69 -6.44 -48.58
C ASP A 246 64.37 -7.19 -48.90
N ALA A 247 64.50 -8.50 -49.08
CA ALA A 247 63.37 -9.38 -49.38
C ALA A 247 62.16 -9.00 -48.55
N VAL A 248 62.39 -8.86 -47.25
CA VAL A 248 61.29 -8.48 -46.38
C VAL A 248 60.85 -7.10 -46.74
N GLU A 249 61.78 -6.16 -46.55
CA GLU A 249 61.56 -4.75 -46.81
C GLU A 249 60.91 -4.48 -48.14
N GLN A 250 61.36 -5.21 -49.16
CA GLN A 250 60.87 -5.03 -50.52
C GLN A 250 59.59 -5.76 -50.88
N ASN A 251 59.55 -7.09 -50.73
CA ASN A 251 58.32 -7.79 -51.09
C ASN A 251 57.69 -8.67 -50.00
N GLY A 252 57.51 -8.12 -48.81
CA GLY A 252 56.88 -8.93 -47.78
C GLY A 252 55.36 -8.81 -47.82
N ILE A 253 54.67 -9.90 -47.58
CA ILE A 253 53.21 -9.86 -47.55
C ILE A 253 52.87 -10.31 -46.14
N VAL A 254 52.03 -9.54 -45.47
CA VAL A 254 51.62 -9.90 -44.12
C VAL A 254 50.12 -10.02 -44.08
N PHE A 255 49.64 -11.17 -43.65
CA PHE A 255 48.23 -11.40 -43.62
C PHE A 255 47.71 -11.28 -42.18
N ILE A 256 46.86 -10.30 -41.93
CA ILE A 256 46.32 -10.14 -40.59
C ILE A 256 44.91 -10.71 -40.55
N ASP A 257 44.78 -11.93 -40.04
CA ASP A 257 43.47 -12.59 -40.02
C ASP A 257 42.57 -12.13 -38.92
N GLU A 258 41.28 -12.23 -39.20
CA GLU A 258 40.21 -11.84 -38.30
C GLU A 258 40.45 -10.50 -37.59
N ILE A 259 40.74 -9.48 -38.38
CA ILE A 259 40.97 -8.15 -37.84
C ILE A 259 39.62 -7.63 -37.38
N ASP A 260 38.56 -8.15 -38.00
CA ASP A 260 37.26 -7.71 -37.61
C ASP A 260 37.03 -8.04 -36.14
N LYS A 261 37.81 -8.96 -35.59
CA LYS A 261 37.62 -9.31 -34.17
C LYS A 261 38.22 -8.26 -33.22
N ILE A 262 39.26 -7.56 -33.65
CA ILE A 262 39.87 -6.57 -32.78
C ILE A 262 39.28 -5.25 -33.09
N CYS A 263 38.07 -5.28 -33.62
CA CYS A 263 37.34 -4.07 -33.93
C CYS A 263 36.66 -3.66 -32.63
N LYS A 264 35.60 -2.86 -32.65
CA LYS A 264 34.93 -2.59 -31.37
C LYS A 264 33.46 -2.93 -31.44
N LYS A 265 32.87 -3.19 -30.27
CA LYS A 265 31.45 -3.56 -30.19
C LYS A 265 31.07 -3.80 -28.73
N GLY A 270 34.41 -1.18 -21.59
CA GLY A 270 35.52 -1.83 -20.92
C GLY A 270 35.87 -3.16 -21.57
N ALA A 271 37.14 -3.53 -21.49
CA ALA A 271 37.63 -4.78 -22.06
C ALA A 271 37.59 -4.74 -23.59
N ASP A 272 37.01 -3.68 -24.14
CA ASP A 272 36.90 -3.47 -25.59
C ASP A 272 38.09 -2.62 -26.03
N VAL A 273 38.56 -1.75 -25.15
CA VAL A 273 39.69 -0.89 -25.43
C VAL A 273 40.95 -1.75 -25.49
N SER A 274 40.83 -2.97 -24.98
CA SER A 274 41.93 -3.93 -24.98
C SER A 274 42.14 -4.34 -26.44
N ARG A 275 41.04 -4.41 -27.18
CA ARG A 275 41.07 -4.79 -28.58
C ARG A 275 41.34 -3.58 -29.46
N GLU A 276 40.52 -2.54 -29.30
CA GLU A 276 40.67 -1.29 -30.07
C GLU A 276 42.05 -0.72 -29.82
N GLY A 277 42.87 -1.55 -29.18
CA GLY A 277 44.22 -1.17 -28.85
C GLY A 277 45.17 -1.89 -29.77
N VAL A 278 44.87 -3.14 -30.05
CA VAL A 278 45.76 -3.86 -30.93
C VAL A 278 45.87 -3.07 -32.22
N GLN A 279 44.83 -2.29 -32.52
CA GLN A 279 44.85 -1.52 -33.75
C GLN A 279 45.94 -0.50 -33.62
N ARG A 280 45.85 0.35 -32.61
CA ARG A 280 46.87 1.36 -32.41
C ARG A 280 48.23 0.69 -32.40
N ASP A 281 48.28 -0.56 -31.94
CA ASP A 281 49.54 -1.29 -31.86
C ASP A 281 50.05 -1.74 -33.23
N LEU A 282 49.13 -1.92 -34.18
CA LEU A 282 49.49 -2.36 -35.52
C LEU A 282 49.84 -1.22 -36.45
N LEU A 283 49.41 -0.01 -36.10
CA LEU A 283 49.63 1.17 -36.93
C LEU A 283 51.04 1.31 -37.40
N PRO A 284 51.97 1.50 -36.47
CA PRO A 284 53.38 1.65 -36.82
C PRO A 284 53.88 0.67 -37.91
N LEU A 285 53.35 -0.54 -37.93
CA LEU A 285 53.76 -1.51 -38.93
C LEU A 285 53.18 -1.10 -40.22
N VAL A 286 51.87 -1.06 -40.24
CA VAL A 286 51.09 -0.68 -41.40
C VAL A 286 51.54 0.67 -41.92
N GLU A 287 51.55 1.66 -41.02
CA GLU A 287 51.93 3.05 -41.27
C GLU A 287 53.37 3.25 -41.64
N GLY A 288 54.23 2.30 -41.28
CA GLY A 288 55.64 2.40 -41.62
C GLY A 288 56.58 2.78 -40.50
N SER A 289 57.42 1.84 -40.11
CA SER A 289 58.34 2.12 -39.04
C SER A 289 59.42 1.09 -39.19
N THR A 290 60.27 0.99 -38.16
CA THR A 290 61.35 0.02 -38.16
C THR A 290 61.30 -0.90 -36.94
N VAL A 291 61.64 -2.16 -37.12
CA VAL A 291 61.66 -3.09 -36.00
C VAL A 291 62.91 -3.93 -36.11
N SER A 292 63.53 -4.18 -34.96
CA SER A 292 64.79 -4.92 -34.92
C SER A 292 64.62 -6.41 -34.94
N THR A 293 65.30 -7.04 -35.90
CA THR A 293 65.27 -8.48 -36.08
C THR A 293 66.65 -9.00 -35.80
N LYS A 294 66.75 -10.30 -35.58
CA LYS A 294 68.05 -10.88 -35.30
C LYS A 294 68.88 -10.94 -36.58
N HIS A 295 68.48 -10.18 -37.59
CA HIS A 295 69.21 -10.16 -38.85
C HIS A 295 69.52 -8.72 -39.19
N GLY A 296 68.97 -7.80 -38.40
CA GLY A 296 69.19 -6.38 -38.63
C GLY A 296 67.90 -5.58 -38.55
N MET A 297 67.96 -4.35 -39.05
CA MET A 297 66.81 -3.48 -39.03
C MET A 297 66.00 -3.62 -40.30
N VAL A 298 64.70 -3.85 -40.18
CA VAL A 298 63.84 -3.95 -41.36
C VAL A 298 62.79 -2.86 -41.28
N LYS A 299 62.28 -2.43 -42.42
CA LYS A 299 61.29 -1.36 -42.48
C LYS A 299 59.97 -1.83 -43.06
N THR A 300 58.93 -1.62 -42.28
CA THR A 300 57.55 -1.98 -42.60
C THR A 300 56.98 -1.00 -43.61
N ASP A 301 57.73 0.04 -43.91
CA ASP A 301 57.29 1.05 -44.86
C ASP A 301 56.67 0.48 -46.12
N HIS A 302 57.30 -0.56 -46.67
CA HIS A 302 56.83 -1.14 -47.91
C HIS A 302 56.17 -2.51 -47.93
N ILE A 303 56.11 -3.17 -46.78
CA ILE A 303 55.48 -4.48 -46.65
C ILE A 303 54.06 -4.38 -47.21
N LEU A 304 53.56 -5.40 -47.88
CA LEU A 304 52.19 -5.29 -48.35
C LEU A 304 51.30 -5.93 -47.29
N PHE A 305 50.29 -5.22 -46.80
CA PHE A 305 49.41 -5.80 -45.79
C PHE A 305 48.05 -6.26 -46.30
N ILE A 306 47.66 -7.47 -45.95
CA ILE A 306 46.35 -7.94 -46.36
C ILE A 306 45.64 -8.33 -45.07
N ALA A 307 44.54 -7.66 -44.77
CA ALA A 307 43.77 -7.97 -43.57
C ALA A 307 42.44 -8.60 -43.99
N SER A 308 41.98 -9.60 -43.24
CA SER A 308 40.73 -10.26 -43.58
C SER A 308 39.81 -10.28 -42.40
N GLY A 309 38.53 -10.44 -42.66
CA GLY A 309 37.56 -10.49 -41.60
C GLY A 309 36.18 -10.70 -42.17
N ALA A 310 35.31 -11.35 -41.38
CA ALA A 310 33.93 -11.64 -41.77
C ALA A 310 33.11 -10.40 -41.62
N PHE A 311 33.32 -9.69 -40.53
CA PHE A 311 32.58 -8.47 -40.35
C PHE A 311 31.09 -8.72 -40.37
N GLN A 312 30.61 -9.63 -39.53
CA GLN A 312 29.17 -9.88 -39.49
C GLN A 312 28.55 -8.93 -38.50
N VAL A 313 29.32 -8.54 -37.49
CA VAL A 313 28.83 -7.62 -36.47
C VAL A 313 29.37 -6.22 -36.68
N ALA A 314 30.68 -6.09 -36.85
CA ALA A 314 31.25 -4.77 -37.06
C ALA A 314 31.45 -4.48 -38.55
N ARG A 315 31.44 -3.20 -38.89
CA ARG A 315 31.63 -2.75 -40.26
C ARG A 315 33.14 -2.45 -40.30
N PRO A 316 33.73 -2.40 -41.50
CA PRO A 316 35.17 -2.11 -41.50
C PRO A 316 35.38 -0.69 -41.03
N SER A 317 34.36 0.11 -41.34
CA SER A 317 34.28 1.51 -40.98
C SER A 317 34.13 1.63 -39.46
N ASP A 318 34.61 0.62 -38.74
CA ASP A 318 34.54 0.60 -37.29
C ASP A 318 35.94 0.49 -36.79
N LEU A 319 36.89 0.40 -37.69
CA LEU A 319 38.26 0.35 -37.24
C LEU A 319 38.66 1.78 -36.94
N ILE A 320 39.84 1.98 -36.35
CA ILE A 320 40.33 3.31 -36.04
C ILE A 320 40.67 3.97 -37.38
N PRO A 321 40.26 5.24 -37.54
CA PRO A 321 40.50 6.02 -38.77
C PRO A 321 41.90 5.89 -39.24
N GLU A 322 42.84 5.92 -38.30
CA GLU A 322 44.25 5.83 -38.68
C GLU A 322 44.44 4.61 -39.59
N LEU A 323 43.85 3.50 -39.18
CA LEU A 323 43.96 2.23 -39.92
C LEU A 323 42.96 2.14 -41.07
N GLN A 324 41.79 2.67 -40.79
CA GLN A 324 40.74 2.66 -41.77
C GLN A 324 41.21 3.25 -43.07
N GLY A 325 42.23 4.09 -43.03
CA GLY A 325 42.73 4.73 -44.24
C GLY A 325 43.98 4.09 -44.82
N ARG A 326 44.62 3.26 -44.04
CA ARG A 326 45.80 2.60 -44.53
C ARG A 326 45.39 1.25 -45.12
N LEU A 327 44.07 1.04 -45.18
CA LEU A 327 43.45 -0.16 -45.76
C LEU A 327 42.51 0.39 -46.83
N PRO A 328 43.07 0.94 -47.90
CA PRO A 328 42.47 1.55 -49.06
C PRO A 328 41.55 0.67 -49.85
N ILE A 329 42.10 -0.46 -50.29
CA ILE A 329 41.38 -1.43 -51.08
C ILE A 329 40.45 -2.36 -50.29
N ARG A 330 39.15 -2.21 -50.46
CA ARG A 330 38.26 -3.14 -49.77
C ARG A 330 37.81 -4.06 -50.91
N VAL A 331 37.76 -5.37 -50.68
CA VAL A 331 37.35 -6.30 -51.71
C VAL A 331 36.54 -7.36 -51.01
N GLU A 332 35.42 -7.78 -51.62
CA GLU A 332 34.53 -8.73 -50.97
C GLU A 332 34.61 -10.17 -51.50
N LEU A 333 34.59 -11.16 -50.62
CA LEU A 333 34.60 -12.55 -51.09
C LEU A 333 33.25 -13.11 -50.76
N THR A 334 32.81 -14.03 -51.61
CA THR A 334 31.49 -14.67 -51.55
C THR A 334 31.45 -16.00 -50.86
N ALA A 335 30.27 -16.32 -50.33
CA ALA A 335 30.04 -17.59 -49.68
C ALA A 335 30.23 -18.68 -50.73
N LEU A 336 30.71 -19.85 -50.29
CA LEU A 336 30.94 -20.92 -51.23
C LEU A 336 29.70 -21.76 -51.41
N SER A 337 29.32 -21.99 -52.67
CA SER A 337 28.12 -22.77 -52.97
C SER A 337 28.32 -24.24 -53.28
N ALA A 338 27.20 -24.95 -53.24
CA ALA A 338 27.17 -26.38 -53.52
C ALA A 338 27.97 -26.52 -54.78
N ALA A 339 27.44 -25.85 -55.80
CA ALA A 339 28.00 -25.81 -57.16
C ALA A 339 29.46 -25.47 -57.16
N ASP A 340 29.84 -24.61 -56.20
CA ASP A 340 31.20 -24.16 -56.06
C ASP A 340 32.03 -25.30 -55.55
N PHE A 341 31.54 -25.95 -54.49
CA PHE A 341 32.24 -27.07 -53.91
C PHE A 341 32.56 -28.10 -54.97
N GLU A 342 31.57 -28.37 -55.83
CA GLU A 342 31.74 -29.33 -56.90
C GLU A 342 33.05 -29.13 -57.66
N ARG A 343 33.46 -27.85 -57.78
CA ARG A 343 34.64 -27.46 -58.52
C ARG A 343 35.93 -27.49 -57.73
N ILE A 344 35.88 -26.96 -56.50
CA ILE A 344 37.04 -26.93 -55.63
C ILE A 344 37.38 -28.39 -55.41
N LEU A 345 36.38 -29.23 -55.66
CA LEU A 345 36.51 -30.67 -55.44
C LEU A 345 37.33 -31.38 -56.51
N THR A 346 37.42 -30.80 -57.70
CA THR A 346 38.16 -31.43 -58.79
C THR A 346 39.04 -30.57 -59.69
N GLU A 347 38.69 -29.29 -59.86
CA GLU A 347 39.44 -28.41 -60.74
C GLU A 347 40.85 -28.04 -60.22
N PRO A 348 40.91 -27.35 -59.09
CA PRO A 348 42.16 -26.90 -58.46
C PRO A 348 43.38 -27.83 -58.53
N HIS A 349 44.53 -27.32 -58.97
CA HIS A 349 45.74 -28.14 -58.99
C HIS A 349 45.85 -28.82 -57.63
N ALA A 350 45.90 -30.15 -57.66
CA ALA A 350 46.02 -30.96 -56.45
C ALA A 350 44.77 -30.87 -55.62
N SER A 351 43.60 -31.04 -56.25
CA SER A 351 42.32 -30.99 -55.56
C SER A 351 42.21 -32.15 -54.62
N LEU A 352 41.11 -32.23 -53.89
CA LEU A 352 40.94 -33.35 -52.97
C LEU A 352 40.96 -34.70 -53.69
N THR A 353 40.02 -34.88 -54.61
CA THR A 353 39.98 -36.13 -55.32
C THR A 353 41.33 -36.38 -55.96
N GLU A 354 41.86 -35.40 -56.66
CA GLU A 354 43.16 -35.61 -57.29
C GLU A 354 44.11 -36.18 -56.25
N GLN A 355 43.96 -35.75 -55.00
CA GLN A 355 44.84 -36.23 -53.95
C GLN A 355 44.58 -37.66 -53.52
N TYR A 356 43.35 -37.96 -53.11
CA TYR A 356 43.02 -39.32 -52.72
C TYR A 356 43.43 -40.29 -53.80
N LYS A 357 42.99 -40.04 -55.04
CA LYS A 357 43.36 -40.88 -56.17
C LYS A 357 44.86 -41.14 -56.03
N ALA A 358 45.64 -40.08 -56.06
CA ALA A 358 47.07 -40.20 -55.91
C ALA A 358 47.55 -40.96 -54.68
N LEU A 359 46.76 -40.93 -53.59
CA LEU A 359 47.12 -41.62 -52.33
C LEU A 359 46.82 -43.13 -52.34
N MET A 360 45.61 -43.50 -52.76
CA MET A 360 45.24 -44.92 -52.86
C MET A 360 46.12 -45.57 -53.91
N ALA A 361 46.52 -44.78 -54.90
CA ALA A 361 47.40 -45.25 -55.95
C ALA A 361 48.49 -46.03 -55.27
N THR A 362 49.19 -45.35 -54.37
CA THR A 362 50.31 -45.93 -53.61
C THR A 362 50.06 -47.32 -53.02
N GLU A 363 48.88 -47.54 -52.48
CA GLU A 363 48.58 -48.83 -51.92
C GLU A 363 48.26 -49.76 -53.06
N GLY A 364 48.29 -49.23 -54.27
CA GLY A 364 47.99 -50.03 -55.43
C GLY A 364 46.52 -50.05 -55.85
N VAL A 365 45.62 -49.39 -55.12
CA VAL A 365 44.24 -49.37 -55.53
C VAL A 365 44.01 -48.23 -56.52
N ASN A 366 43.22 -48.53 -57.54
CA ASN A 366 42.89 -47.52 -58.55
C ASN A 366 41.45 -47.10 -58.24
N ILE A 367 41.30 -45.81 -57.99
CA ILE A 367 40.01 -45.28 -57.63
C ILE A 367 39.53 -44.28 -58.66
N ALA A 368 38.21 -44.08 -58.72
CA ALA A 368 37.64 -43.13 -59.66
C ALA A 368 36.33 -42.59 -59.12
N PHE A 369 36.20 -41.27 -59.16
CA PHE A 369 34.99 -40.62 -58.67
C PHE A 369 34.11 -40.27 -59.86
N THR A 370 32.85 -40.67 -59.80
CA THR A 370 31.92 -40.35 -60.87
C THR A 370 31.44 -38.94 -60.63
N THR A 371 30.98 -38.30 -61.69
CA THR A 371 30.46 -36.96 -61.59
C THR A 371 29.43 -36.87 -60.46
N ASP A 372 28.37 -37.67 -60.59
CA ASP A 372 27.31 -37.72 -59.62
C ASP A 372 27.89 -37.91 -58.24
N ALA A 373 29.03 -38.59 -58.16
CA ALA A 373 29.67 -38.81 -56.87
C ALA A 373 30.12 -37.48 -56.30
N VAL A 374 30.81 -36.69 -57.12
CA VAL A 374 31.28 -35.38 -56.66
C VAL A 374 30.08 -34.49 -56.33
N LYS A 375 29.14 -34.45 -57.25
CA LYS A 375 27.94 -33.66 -57.08
C LYS A 375 27.32 -33.98 -55.74
N LYS A 376 27.40 -35.25 -55.35
CA LYS A 376 26.88 -35.73 -54.06
C LYS A 376 27.80 -35.32 -52.89
N ILE A 377 29.09 -35.66 -52.96
CA ILE A 377 30.07 -35.30 -51.90
C ILE A 377 29.89 -33.85 -51.51
N ALA A 378 29.89 -32.98 -52.54
CA ALA A 378 29.72 -31.54 -52.42
C ALA A 378 28.35 -31.15 -51.85
N GLU A 379 27.28 -31.58 -52.50
CA GLU A 379 25.95 -31.27 -52.01
C GLU A 379 25.93 -31.66 -50.54
N ALA A 380 26.75 -32.64 -50.20
CA ALA A 380 26.82 -33.12 -48.82
C ALA A 380 27.51 -32.12 -47.91
N ALA A 381 28.71 -31.71 -48.29
CA ALA A 381 29.47 -30.76 -47.48
C ALA A 381 28.58 -29.57 -47.26
N PHE A 382 28.14 -28.96 -48.36
CA PHE A 382 27.27 -27.81 -48.24
C PHE A 382 26.16 -28.14 -47.26
N ARG A 383 25.44 -29.21 -47.55
CA ARG A 383 24.34 -29.63 -46.69
C ARG A 383 24.61 -29.34 -45.19
N VAL A 384 25.59 -30.02 -44.63
CA VAL A 384 25.88 -29.82 -43.24
C VAL A 384 26.29 -28.40 -42.91
N ASN A 385 27.17 -27.81 -43.70
CA ASN A 385 27.60 -26.46 -43.42
C ASN A 385 26.36 -25.63 -43.15
N GLU A 386 25.31 -25.80 -43.96
CA GLU A 386 24.05 -25.07 -43.73
C GLU A 386 23.39 -25.53 -42.43
N LYS A 387 23.28 -26.82 -42.24
CA LYS A 387 22.65 -27.31 -41.04
C LYS A 387 23.41 -27.05 -39.75
N THR A 388 24.72 -26.85 -39.81
CA THR A 388 25.44 -26.61 -38.57
C THR A 388 26.44 -25.46 -38.62
N GLU A 389 27.62 -25.65 -38.03
CA GLU A 389 28.66 -24.63 -38.03
C GLU A 389 29.26 -24.55 -39.44
N ASN A 390 28.81 -23.60 -40.26
CA ASN A 390 29.37 -23.46 -41.62
C ASN A 390 30.84 -23.13 -41.58
N ILE A 391 31.70 -24.10 -41.87
CA ILE A 391 33.11 -23.85 -41.85
C ILE A 391 33.62 -23.75 -43.25
N GLY A 392 32.78 -23.25 -44.13
CA GLY A 392 33.24 -23.08 -45.48
C GLY A 392 33.74 -24.33 -46.18
N ALA A 393 34.81 -24.21 -46.95
CA ALA A 393 35.30 -25.33 -47.72
C ALA A 393 36.02 -26.33 -46.90
N ARG A 394 36.39 -26.01 -45.67
CA ARG A 394 37.06 -27.02 -44.88
C ARG A 394 36.13 -28.22 -44.92
N ARG A 395 34.84 -27.96 -44.80
CA ARG A 395 33.88 -29.04 -44.80
C ARG A 395 34.15 -30.11 -45.88
N LEU A 396 34.82 -29.77 -46.98
CA LEU A 396 35.12 -30.80 -47.96
C LEU A 396 36.18 -31.71 -47.41
N HIS A 397 37.24 -31.16 -46.85
CA HIS A 397 38.30 -32.02 -46.31
C HIS A 397 37.69 -32.97 -45.32
N THR A 398 36.66 -32.48 -44.62
CA THR A 398 35.96 -33.27 -43.63
C THR A 398 35.21 -34.47 -44.24
N VAL A 399 34.20 -34.14 -45.02
CA VAL A 399 33.41 -35.16 -45.63
C VAL A 399 34.25 -36.08 -46.42
N MET A 400 35.22 -35.58 -47.16
CA MET A 400 36.07 -36.53 -47.92
C MET A 400 36.63 -37.58 -47.00
N GLU A 401 37.28 -37.16 -45.91
CA GLU A 401 37.89 -38.13 -45.03
C GLU A 401 36.81 -39.09 -44.49
N ARG A 402 35.64 -38.53 -44.21
CA ARG A 402 34.54 -39.34 -43.70
C ARG A 402 34.12 -40.39 -44.74
N LEU A 403 34.35 -40.10 -46.02
CA LEU A 403 34.00 -41.00 -47.11
C LEU A 403 35.11 -41.98 -47.43
N MET A 404 36.29 -41.47 -47.66
CA MET A 404 37.41 -42.33 -48.00
C MET A 404 37.84 -43.19 -46.81
N ASP A 405 37.00 -43.22 -45.77
CA ASP A 405 37.25 -43.98 -44.53
C ASP A 405 37.75 -45.43 -44.77
N LYS A 406 36.79 -46.28 -45.07
CA LYS A 406 37.03 -47.69 -45.31
C LYS A 406 38.22 -47.91 -46.23
N ILE A 407 38.06 -47.56 -47.50
CA ILE A 407 39.15 -47.74 -48.45
C ILE A 407 40.53 -47.35 -47.91
N SER A 408 40.62 -46.22 -47.22
CA SER A 408 41.88 -45.75 -46.69
C SER A 408 42.53 -46.85 -45.82
N PHE A 409 41.72 -47.63 -45.11
CA PHE A 409 42.25 -48.68 -44.25
C PHE A 409 42.71 -49.87 -45.07
N SER A 410 41.72 -50.51 -45.67
CA SER A 410 41.87 -51.69 -46.50
C SER A 410 42.63 -51.47 -47.83
N ALA A 411 42.65 -50.26 -48.32
CA ALA A 411 43.36 -50.01 -49.56
C ALA A 411 44.72 -50.71 -49.53
N SER A 412 45.25 -50.94 -48.34
CA SER A 412 46.57 -51.53 -48.26
C SER A 412 46.65 -52.93 -48.82
N ASP A 413 45.81 -53.82 -48.32
CA ASP A 413 45.81 -55.20 -48.76
C ASP A 413 44.70 -55.39 -49.80
N MET A 414 44.30 -54.29 -50.40
CA MET A 414 43.23 -54.33 -51.38
C MET A 414 43.82 -54.07 -52.77
N ASN A 415 45.12 -54.30 -52.90
CA ASN A 415 45.85 -54.08 -54.13
C ASN A 415 45.12 -54.45 -55.40
N GLY A 416 45.59 -53.88 -56.51
CA GLY A 416 45.02 -54.17 -57.80
C GLY A 416 43.60 -53.72 -58.08
N GLN A 417 42.66 -54.08 -57.19
CA GLN A 417 41.26 -53.70 -57.39
C GLN A 417 41.09 -52.25 -57.83
N THR A 418 39.88 -51.90 -58.22
CA THR A 418 39.58 -50.53 -58.60
C THR A 418 38.21 -50.22 -57.97
N VAL A 419 38.15 -49.16 -57.17
CA VAL A 419 36.91 -48.78 -56.51
C VAL A 419 36.23 -47.74 -57.35
N ASN A 420 34.94 -47.89 -57.52
CA ASN A 420 34.22 -46.95 -58.35
C ASN A 420 33.28 -46.15 -57.48
N ILE A 421 33.77 -45.03 -56.97
CA ILE A 421 32.97 -44.18 -56.11
C ILE A 421 31.91 -43.40 -56.84
N ASP A 422 30.66 -43.83 -56.69
CA ASP A 422 29.53 -43.19 -57.34
C ASP A 422 28.60 -42.64 -56.29
N ALA A 423 27.51 -42.01 -56.72
CA ALA A 423 26.54 -41.43 -55.79
C ALA A 423 26.10 -42.46 -54.78
N ALA A 424 25.94 -43.70 -55.22
CA ALA A 424 25.52 -44.77 -54.33
C ALA A 424 26.53 -44.79 -53.24
N TYR A 425 27.77 -45.06 -53.62
CA TYR A 425 28.87 -45.15 -52.67
C TYR A 425 28.85 -44.10 -51.60
N VAL A 426 29.13 -42.88 -52.03
CA VAL A 426 29.17 -41.73 -51.15
C VAL A 426 27.92 -41.71 -50.27
N ALA A 427 26.76 -41.72 -50.87
CA ALA A 427 25.52 -41.65 -50.12
C ALA A 427 25.53 -42.61 -48.97
N ASP A 428 26.19 -43.75 -49.19
CA ASP A 428 26.30 -44.79 -48.18
C ASP A 428 27.35 -44.40 -47.15
N ALA A 429 28.61 -44.44 -47.58
CA ALA A 429 29.73 -44.10 -46.72
C ALA A 429 29.48 -42.92 -45.76
N LEU A 430 28.52 -42.06 -46.06
CA LEU A 430 28.30 -40.93 -45.18
C LEU A 430 27.23 -41.17 -44.15
N GLY A 431 26.10 -41.73 -44.52
CA GLY A 431 25.07 -41.91 -43.51
C GLY A 431 24.13 -40.70 -43.51
N GLU A 432 23.37 -40.52 -42.44
CA GLU A 432 22.40 -39.43 -42.38
C GLU A 432 22.91 -38.20 -41.64
N VAL A 433 22.23 -37.06 -41.77
CA VAL A 433 22.64 -35.83 -41.09
C VAL A 433 21.77 -35.52 -39.86
N VAL A 434 22.40 -34.99 -38.81
CA VAL A 434 21.69 -34.62 -37.57
C VAL A 434 21.51 -33.10 -37.63
N GLU A 435 20.47 -32.56 -36.98
CA GLU A 435 20.23 -31.12 -37.01
C GLU A 435 19.41 -30.52 -35.86
N ASN A 436 18.09 -30.72 -35.89
CA ASN A 436 17.18 -30.19 -34.88
C ASN A 436 17.53 -30.58 -33.45
N GLU A 437 18.83 -30.66 -33.18
CA GLU A 437 19.34 -30.97 -31.87
C GLU A 437 18.65 -29.97 -30.94
N ASP A 438 18.62 -28.72 -31.40
CA ASP A 438 17.99 -27.60 -30.67
C ASP A 438 16.54 -27.88 -30.43
N LEU A 439 15.73 -26.84 -30.57
CA LEU A 439 14.31 -26.99 -30.35
C LEU A 439 14.11 -27.71 -29.02
N SER A 440 12.95 -28.36 -28.88
CA SER A 440 12.62 -29.09 -27.67
C SER A 440 13.24 -28.46 -26.43
N ARG A 441 14.15 -29.19 -25.80
CA ARG A 441 14.86 -28.79 -24.59
C ARG A 441 14.77 -27.32 -24.17
N PHE A 442 14.96 -26.41 -25.13
CA PHE A 442 14.94 -24.99 -24.87
C PHE A 442 13.77 -24.36 -25.60
N ILE A 443 12.64 -25.05 -25.64
CA ILE A 443 11.50 -24.49 -26.34
C ILE A 443 10.18 -24.89 -25.70
N LEU A 444 9.34 -23.89 -25.45
CA LEU A 444 8.02 -24.11 -24.86
C LEU A 444 6.93 -23.38 -25.65
N SER B 2 58.72 -51.36 -45.85
CA SER B 2 59.05 -49.92 -45.73
C SER B 2 58.37 -49.32 -44.50
N GLU B 3 57.20 -49.84 -44.16
CA GLU B 3 56.45 -49.36 -43.02
C GLU B 3 55.25 -50.28 -42.83
N MET B 4 54.69 -50.28 -41.63
CA MET B 4 53.57 -51.15 -41.34
C MET B 4 52.34 -50.76 -42.09
N THR B 5 51.24 -51.43 -41.81
CA THR B 5 50.01 -51.12 -42.52
C THR B 5 48.79 -50.89 -41.63
N PRO B 6 47.71 -50.38 -42.23
CA PRO B 6 46.51 -50.12 -41.44
C PRO B 6 46.27 -51.25 -40.48
N ARG B 7 45.86 -52.41 -41.01
CA ARG B 7 45.54 -53.57 -40.17
C ARG B 7 46.73 -54.04 -39.34
N GLU B 8 47.90 -53.92 -39.95
CA GLU B 8 49.15 -54.31 -39.35
C GLU B 8 49.38 -53.53 -38.05
N ILE B 9 49.19 -52.21 -38.12
CA ILE B 9 49.40 -51.37 -36.96
C ILE B 9 48.37 -51.65 -35.88
N VAL B 10 47.14 -51.83 -36.30
CA VAL B 10 46.12 -52.04 -35.33
C VAL B 10 46.55 -53.20 -34.51
N SER B 11 47.03 -54.27 -35.19
CA SER B 11 47.49 -55.46 -34.47
C SER B 11 48.41 -55.02 -33.32
N GLU B 12 49.56 -54.44 -33.68
CA GLU B 12 50.50 -53.95 -32.70
C GLU B 12 49.79 -53.18 -31.56
N LEU B 13 48.74 -52.43 -31.86
CA LEU B 13 48.07 -51.67 -30.81
C LEU B 13 47.30 -52.57 -29.94
N ASP B 14 46.67 -53.56 -30.54
CA ASP B 14 45.88 -54.49 -29.77
C ASP B 14 46.73 -55.14 -28.70
N GLN B 15 48.04 -55.15 -28.91
CA GLN B 15 48.90 -55.76 -27.93
C GLN B 15 48.84 -55.02 -26.60
N HIS B 16 48.71 -53.70 -26.62
CA HIS B 16 48.65 -52.99 -25.34
C HIS B 16 47.33 -52.34 -24.93
N ILE B 17 46.39 -52.15 -25.83
CA ILE B 17 45.14 -51.53 -25.45
C ILE B 17 44.05 -52.51 -25.70
N ILE B 18 43.13 -52.61 -24.75
CA ILE B 18 41.98 -53.52 -24.87
C ILE B 18 40.78 -52.75 -25.35
N GLY B 19 40.16 -53.18 -26.44
CA GLY B 19 39.00 -52.46 -26.92
C GLY B 19 39.36 -51.19 -27.66
N GLN B 20 38.47 -50.22 -27.62
CA GLN B 20 38.69 -48.94 -28.32
C GLN B 20 39.22 -49.25 -29.72
N ALA B 21 38.37 -49.83 -30.55
CA ALA B 21 38.76 -50.22 -31.88
C ALA B 21 38.82 -49.07 -32.84
N ASP B 22 37.66 -48.45 -33.05
CA ASP B 22 37.55 -47.34 -33.99
C ASP B 22 38.74 -46.44 -33.83
N ALA B 23 39.08 -46.15 -32.58
CA ALA B 23 40.21 -45.31 -32.29
C ALA B 23 41.51 -45.86 -32.90
N LYS B 24 41.82 -47.11 -32.58
CA LYS B 24 43.01 -47.74 -33.11
C LYS B 24 43.09 -47.54 -34.63
N ARG B 25 42.00 -47.90 -35.31
CA ARG B 25 41.95 -47.78 -36.75
C ARG B 25 42.32 -46.33 -37.18
N ALA B 26 41.62 -45.39 -36.57
CA ALA B 26 41.80 -43.98 -36.85
C ALA B 26 43.28 -43.65 -36.89
N VAL B 27 43.93 -43.80 -35.77
CA VAL B 27 45.35 -43.50 -35.76
C VAL B 27 46.12 -44.42 -36.73
N ALA B 28 45.52 -45.54 -37.13
CA ALA B 28 46.23 -46.46 -38.00
C ALA B 28 46.21 -45.92 -39.39
N ILE B 29 45.00 -45.62 -39.89
CA ILE B 29 44.88 -45.08 -41.25
C ILE B 29 45.75 -43.85 -41.28
N ALA B 30 45.71 -43.10 -40.18
CA ALA B 30 46.48 -41.88 -40.07
C ALA B 30 47.98 -42.13 -40.26
N LEU B 31 48.57 -42.91 -39.37
CA LEU B 31 49.99 -43.20 -39.49
C LEU B 31 50.29 -43.83 -40.83
N ARG B 32 49.28 -44.44 -41.44
CA ARG B 32 49.56 -45.05 -42.71
C ARG B 32 49.69 -44.01 -43.80
N ASN B 33 48.79 -43.02 -43.80
CA ASN B 33 48.81 -41.97 -44.82
C ASN B 33 50.16 -41.32 -44.85
N ARG B 34 50.87 -41.38 -43.73
CA ARG B 34 52.18 -40.78 -43.70
C ARG B 34 53.09 -41.45 -44.72
N TRP B 35 53.09 -42.77 -44.72
CA TRP B 35 53.92 -43.52 -45.67
C TRP B 35 53.44 -43.30 -47.09
N ARG B 36 52.14 -43.21 -47.28
CA ARG B 36 51.57 -42.98 -48.60
C ARG B 36 52.05 -41.64 -49.23
N ARG B 37 51.87 -40.51 -48.54
CA ARG B 37 52.36 -39.24 -49.06
C ARG B 37 53.82 -39.50 -48.83
N MET B 38 54.72 -38.62 -49.25
CA MET B 38 56.12 -38.89 -48.99
C MET B 38 56.45 -40.17 -49.72
N GLN B 39 55.62 -40.42 -50.73
CA GLN B 39 55.75 -41.57 -51.60
C GLN B 39 55.16 -41.04 -52.89
N LEU B 40 54.67 -39.82 -52.81
CA LEU B 40 54.08 -39.12 -53.95
C LEU B 40 55.17 -38.25 -54.54
N GLN B 41 54.90 -37.62 -55.70
CA GLN B 41 55.92 -36.76 -56.34
C GLN B 41 55.86 -35.33 -55.84
N GLU B 42 57.04 -34.74 -55.61
CA GLU B 42 57.20 -33.40 -55.06
C GLU B 42 56.03 -32.40 -55.00
N PRO B 43 55.26 -32.25 -56.09
CA PRO B 43 54.13 -31.31 -56.06
C PRO B 43 53.15 -31.67 -54.94
N LEU B 44 52.72 -32.92 -54.93
CA LEU B 44 51.80 -33.42 -53.93
C LEU B 44 52.47 -33.85 -52.62
N ARG B 45 53.64 -34.45 -52.73
CA ARG B 45 54.36 -34.90 -51.54
C ARG B 45 54.27 -33.83 -50.45
N HIS B 46 54.14 -32.57 -50.84
CA HIS B 46 54.07 -31.46 -49.88
C HIS B 46 52.71 -30.78 -49.82
N GLU B 47 51.85 -31.06 -50.79
CA GLU B 47 50.53 -30.46 -50.86
C GLU B 47 49.51 -31.15 -50.00
N VAL B 48 49.72 -32.43 -49.74
CA VAL B 48 48.77 -33.17 -48.92
C VAL B 48 49.15 -33.05 -47.43
N THR B 49 48.12 -32.85 -46.61
CA THR B 49 48.30 -32.63 -45.18
C THR B 49 47.63 -33.63 -44.24
N PRO B 50 48.25 -33.90 -43.06
CA PRO B 50 47.80 -34.81 -42.03
C PRO B 50 46.30 -34.68 -41.83
N LYS B 51 45.64 -35.75 -41.36
CA LYS B 51 44.19 -35.72 -41.15
C LYS B 51 43.84 -35.78 -39.69
N ASN B 52 44.46 -34.93 -38.89
CA ASN B 52 44.30 -34.87 -37.45
C ASN B 52 43.09 -35.55 -36.83
N ILE B 53 43.23 -36.00 -35.61
CA ILE B 53 42.14 -36.72 -34.96
C ILE B 53 41.71 -36.12 -33.65
N LEU B 54 40.42 -36.19 -33.38
CA LEU B 54 39.90 -35.72 -32.12
C LEU B 54 39.25 -36.96 -31.53
N MET B 55 39.78 -37.51 -30.44
CA MET B 55 39.18 -38.69 -29.81
C MET B 55 38.28 -38.20 -28.73
N ILE B 56 37.03 -38.63 -28.75
CA ILE B 56 36.12 -38.19 -27.70
C ILE B 56 35.90 -39.36 -26.81
N GLY B 57 36.01 -39.21 -25.50
CA GLY B 57 35.77 -40.37 -24.65
C GLY B 57 35.70 -40.05 -23.18
N PRO B 58 35.52 -41.04 -22.31
CA PRO B 58 35.45 -40.90 -20.85
C PRO B 58 36.87 -40.87 -20.31
N THR B 59 37.04 -40.92 -18.99
CA THR B 59 38.38 -40.89 -18.41
C THR B 59 39.16 -42.19 -18.47
N GLY B 60 40.46 -42.06 -18.77
CA GLY B 60 41.37 -43.19 -18.83
C GLY B 60 40.83 -44.50 -19.36
N VAL B 61 40.47 -44.48 -20.65
CA VAL B 61 39.93 -45.64 -21.33
C VAL B 61 40.79 -45.92 -22.53
N GLY B 62 41.95 -45.26 -22.61
CA GLY B 62 42.86 -45.49 -23.73
C GLY B 62 43.32 -44.36 -24.65
N LYS B 63 42.57 -43.27 -24.73
CA LYS B 63 42.92 -42.12 -25.57
C LYS B 63 44.39 -41.85 -25.66
N THR B 64 45.02 -41.72 -24.50
CA THR B 64 46.42 -41.44 -24.47
C THR B 64 47.33 -42.63 -24.80
N GLU B 65 47.05 -43.81 -24.25
CA GLU B 65 47.91 -44.95 -24.55
C GLU B 65 47.99 -45.17 -26.05
N ILE B 66 46.82 -45.21 -26.68
CA ILE B 66 46.78 -45.42 -28.09
C ILE B 66 47.71 -44.44 -28.77
N ALA B 67 47.67 -43.18 -28.37
CA ALA B 67 48.54 -42.20 -29.01
C ALA B 67 50.00 -42.43 -28.69
N ARG B 68 50.27 -42.59 -27.40
CA ARG B 68 51.63 -42.78 -26.99
C ARG B 68 52.23 -43.99 -27.69
N ARG B 69 51.44 -45.05 -27.79
CA ARG B 69 51.88 -46.27 -28.45
C ARG B 69 52.10 -46.05 -29.93
N LEU B 70 51.10 -45.45 -30.59
CA LEU B 70 51.22 -45.19 -32.02
C LEU B 70 52.61 -44.62 -32.24
N ALA B 71 52.87 -43.53 -31.52
CA ALA B 71 54.13 -42.86 -31.62
C ALA B 71 55.26 -43.86 -31.47
N LYS B 72 55.15 -44.66 -30.42
CA LYS B 72 56.18 -45.63 -30.09
C LYS B 72 56.45 -46.63 -31.18
N LEU B 73 55.40 -47.25 -31.71
CA LEU B 73 55.57 -48.29 -32.73
C LEU B 73 55.98 -47.70 -34.05
N ALA B 74 56.02 -46.38 -34.12
CA ALA B 74 56.38 -45.72 -35.36
C ALA B 74 57.68 -45.02 -35.12
N ASN B 75 58.23 -45.20 -33.93
CA ASN B 75 59.51 -44.59 -33.63
C ASN B 75 59.41 -43.10 -34.04
N ALA B 76 58.41 -42.42 -33.49
CA ALA B 76 58.18 -41.04 -33.83
C ALA B 76 58.26 -40.10 -32.66
N PRO B 77 58.70 -38.86 -32.91
CA PRO B 77 58.80 -37.84 -31.88
C PRO B 77 57.38 -37.56 -31.38
N PHE B 78 57.10 -37.85 -30.12
CA PHE B 78 55.78 -37.67 -29.56
C PHE B 78 55.86 -36.69 -28.42
N ILE B 79 54.73 -36.10 -28.07
CA ILE B 79 54.68 -35.15 -26.96
C ILE B 79 53.23 -34.90 -26.58
N LYS B 80 52.95 -34.93 -25.29
CA LYS B 80 51.59 -34.69 -24.83
C LYS B 80 51.56 -33.38 -24.08
N VAL B 81 50.47 -32.65 -24.16
CA VAL B 81 50.39 -31.40 -23.42
C VAL B 81 48.96 -31.12 -22.99
N GLU B 82 48.76 -30.60 -21.77
CA GLU B 82 47.40 -30.25 -21.35
C GLU B 82 46.98 -29.02 -22.19
N ALA B 83 45.72 -28.95 -22.58
CA ALA B 83 45.27 -27.83 -23.40
C ALA B 83 45.23 -26.59 -22.52
N THR B 84 44.84 -26.81 -21.27
CA THR B 84 44.72 -25.77 -20.28
C THR B 84 46.07 -25.29 -19.82
N LYS B 85 47.11 -26.02 -20.18
CA LYS B 85 48.43 -25.56 -19.77
C LYS B 85 48.63 -24.12 -20.21
N PHE B 86 47.88 -23.69 -21.22
CA PHE B 86 48.04 -22.34 -21.72
C PHE B 86 46.93 -21.33 -21.46
N THR B 87 46.21 -21.46 -20.34
CA THR B 87 45.13 -20.52 -20.05
C THR B 87 45.56 -19.22 -19.35
N GLU B 95 53.38 -20.23 -23.23
CA GLU B 95 53.87 -20.16 -24.62
C GLU B 95 53.59 -21.41 -25.48
N VAL B 96 52.54 -21.38 -26.28
CA VAL B 96 52.16 -22.52 -27.12
C VAL B 96 53.22 -23.03 -28.10
N ASP B 97 54.09 -22.16 -28.60
CA ASP B 97 55.10 -22.63 -29.53
C ASP B 97 55.95 -23.67 -28.85
N SER B 98 55.91 -23.67 -27.52
CA SER B 98 56.74 -24.62 -26.80
C SER B 98 56.47 -26.06 -27.24
N ILE B 99 55.20 -26.39 -27.45
CA ILE B 99 54.84 -27.73 -27.86
C ILE B 99 55.76 -28.21 -28.95
N ILE B 100 55.94 -27.37 -29.97
CA ILE B 100 56.80 -27.77 -31.07
C ILE B 100 58.24 -27.78 -30.62
N ARG B 101 58.58 -26.86 -29.73
CA ARG B 101 59.92 -26.79 -29.25
C ARG B 101 60.21 -28.10 -28.52
N ASP B 102 59.44 -28.39 -27.49
CA ASP B 102 59.64 -29.62 -26.75
C ASP B 102 59.69 -30.83 -27.70
N LEU B 103 58.78 -30.86 -28.67
CA LEU B 103 58.75 -31.95 -29.62
C LEU B 103 60.12 -32.15 -30.26
N THR B 104 60.62 -31.09 -30.87
CA THR B 104 61.92 -31.15 -31.50
C THR B 104 62.96 -31.65 -30.52
N ASP B 105 62.89 -31.15 -29.30
CA ASP B 105 63.85 -31.56 -28.27
C ASP B 105 63.82 -33.08 -28.12
N SER B 106 62.63 -33.63 -28.17
CA SER B 106 62.47 -35.08 -28.04
C SER B 106 62.98 -35.78 -29.29
N ALA B 107 62.73 -35.20 -30.46
CA ALA B 107 63.21 -35.81 -31.68
C ALA B 107 64.72 -35.92 -31.58
N MET B 108 65.35 -34.96 -30.90
CA MET B 108 66.80 -34.99 -30.72
C MET B 108 67.12 -36.31 -30.09
N LYS B 109 66.72 -36.48 -28.84
CA LYS B 109 66.96 -37.73 -28.15
C LYS B 109 66.81 -38.91 -29.11
N LEU B 110 65.66 -38.98 -29.77
CA LEU B 110 65.41 -40.05 -30.70
C LEU B 110 66.49 -40.13 -31.76
N VAL B 111 66.62 -39.09 -32.57
CA VAL B 111 67.62 -39.07 -33.62
C VAL B 111 69.05 -39.24 -33.08
N ARG B 112 69.32 -38.73 -31.88
CA ARG B 112 70.66 -38.86 -31.33
C ARG B 112 70.86 -40.32 -30.96
N GLN B 113 70.17 -40.77 -29.93
CA GLN B 113 70.24 -42.16 -29.49
C GLN B 113 70.18 -43.19 -30.66
N GLN B 114 69.62 -42.76 -31.79
CA GLN B 114 69.51 -43.62 -32.97
C GLN B 114 70.85 -43.77 -33.66
N GLU B 115 71.80 -42.92 -33.30
CA GLU B 115 73.13 -42.96 -33.90
C GLU B 115 74.25 -43.20 -32.90
N ILE B 116 73.89 -43.40 -31.64
CA ILE B 116 74.92 -43.63 -30.64
C ILE B 116 75.10 -45.13 -30.47
N ALA B 117 74.18 -45.91 -31.04
CA ALA B 117 74.26 -47.35 -30.91
C ALA B 117 73.93 -48.12 -32.19
N LYS B 118 72.69 -48.00 -32.66
CA LYS B 118 72.26 -48.70 -33.86
C LYS B 118 73.14 -48.37 -35.07
N ASN B 119 73.85 -47.25 -34.99
CA ASN B 119 74.76 -46.83 -36.06
C ASN B 119 76.18 -46.62 -35.55
N ARG B 120 76.40 -46.91 -34.26
CA ARG B 120 77.71 -46.76 -33.60
C ARG B 120 78.70 -45.88 -34.37
N ILE B 227 85.65 -47.26 -22.31
CA ILE B 227 85.34 -47.00 -23.72
C ILE B 227 84.32 -45.87 -23.90
N ASP B 228 83.82 -45.34 -22.78
CA ASP B 228 82.82 -44.27 -22.81
C ASP B 228 83.30 -42.99 -23.50
N ASP B 229 84.61 -42.83 -23.64
CA ASP B 229 85.16 -41.65 -24.30
C ASP B 229 85.08 -41.86 -25.80
N GLU B 230 84.70 -43.08 -26.20
CA GLU B 230 84.57 -43.43 -27.62
C GLU B 230 83.19 -42.98 -28.13
N ALA B 231 83.23 -42.06 -29.10
CA ALA B 231 82.05 -41.47 -29.76
C ALA B 231 82.10 -39.96 -29.63
N ALA B 232 82.57 -39.27 -30.67
CA ALA B 232 82.67 -37.81 -30.62
C ALA B 232 82.67 -37.05 -31.96
N LYS B 233 83.74 -37.17 -32.72
CA LYS B 233 83.83 -36.48 -34.02
C LYS B 233 83.28 -37.32 -35.16
N LEU B 234 82.72 -38.47 -34.82
CA LEU B 234 82.12 -39.39 -35.81
C LEU B 234 80.61 -39.14 -35.91
N ILE B 235 80.15 -38.12 -35.19
CA ILE B 235 78.73 -37.76 -35.15
C ILE B 235 78.39 -36.61 -36.10
N ASN B 236 79.02 -35.46 -35.89
CA ASN B 236 78.81 -34.25 -36.69
C ASN B 236 77.56 -33.51 -36.20
N PRO B 237 77.59 -32.98 -34.96
CA PRO B 237 76.48 -32.25 -34.35
C PRO B 237 75.88 -31.10 -35.17
N GLU B 238 76.14 -31.08 -36.47
CA GLU B 238 75.59 -30.07 -37.35
C GLU B 238 74.53 -30.77 -38.21
N GLU B 239 74.67 -32.09 -38.28
CA GLU B 239 73.79 -32.96 -39.05
C GLU B 239 72.64 -33.45 -38.20
N LEU B 240 72.98 -34.05 -37.06
CA LEU B 240 71.99 -34.61 -36.16
C LEU B 240 70.75 -33.72 -36.11
N LYS B 241 70.90 -32.53 -35.52
CA LYS B 241 69.79 -31.60 -35.44
C LYS B 241 68.95 -31.61 -36.72
N GLN B 242 69.55 -31.23 -37.83
CA GLN B 242 68.85 -31.21 -39.11
C GLN B 242 68.01 -32.49 -39.19
N LYS B 243 68.66 -33.63 -38.99
CA LYS B 243 67.98 -34.91 -39.03
C LYS B 243 66.87 -34.97 -37.96
N ALA B 244 67.14 -34.39 -36.80
CA ALA B 244 66.17 -34.38 -35.71
C ALA B 244 65.00 -33.49 -36.09
N ILE B 245 65.27 -32.49 -36.91
CA ILE B 245 64.22 -31.60 -37.37
C ILE B 245 63.35 -32.43 -38.30
N ASP B 246 63.97 -33.03 -39.30
CA ASP B 246 63.22 -33.86 -40.22
C ASP B 246 62.31 -34.76 -39.39
N ALA B 247 62.91 -35.40 -38.40
CA ALA B 247 62.16 -36.29 -37.52
C ALA B 247 60.86 -35.62 -37.12
N VAL B 248 60.98 -34.44 -36.53
CA VAL B 248 59.80 -33.70 -36.12
C VAL B 248 58.97 -33.36 -37.31
N GLU B 249 59.54 -32.56 -38.21
CA GLU B 249 58.86 -32.09 -39.39
C GLU B 249 58.12 -33.15 -40.14
N GLN B 250 58.71 -34.33 -40.24
CA GLN B 250 58.12 -35.46 -40.98
C GLN B 250 57.16 -36.41 -40.27
N ASN B 251 57.53 -36.90 -39.08
CA ASN B 251 56.64 -37.80 -38.33
C ASN B 251 56.44 -37.41 -36.86
N GLY B 252 55.99 -36.20 -36.60
CA GLY B 252 55.75 -35.81 -35.23
C GLY B 252 54.30 -36.05 -34.89
N ILE B 253 54.03 -36.54 -33.68
CA ILE B 253 52.67 -36.76 -33.24
C ILE B 253 52.52 -35.87 -32.04
N VAL B 254 51.49 -35.05 -32.00
CA VAL B 254 51.32 -34.20 -30.84
C VAL B 254 49.98 -34.57 -30.25
N PHE B 255 49.94 -34.82 -28.96
CA PHE B 255 48.69 -35.22 -28.34
C PHE B 255 48.19 -34.13 -27.41
N ILE B 256 47.19 -33.37 -27.83
CA ILE B 256 46.65 -32.29 -27.02
C ILE B 256 45.53 -32.83 -26.13
N ASP B 257 45.78 -32.95 -24.83
CA ASP B 257 44.78 -33.49 -23.92
C ASP B 257 43.70 -32.52 -23.44
N GLU B 258 42.57 -33.08 -23.02
CA GLU B 258 41.45 -32.29 -22.54
C GLU B 258 41.31 -30.94 -23.25
N ILE B 259 41.20 -30.99 -24.58
CA ILE B 259 41.02 -29.79 -25.37
C ILE B 259 39.61 -29.33 -25.10
N ASP B 260 38.76 -30.25 -24.68
CA ASP B 260 37.37 -29.94 -24.42
C ASP B 260 37.35 -28.94 -23.27
N LYS B 261 38.46 -28.81 -22.56
CA LYS B 261 38.50 -27.85 -21.45
C LYS B 261 38.73 -26.40 -21.91
N ILE B 262 39.37 -26.21 -23.06
CA ILE B 262 39.59 -24.88 -23.58
C ILE B 262 38.54 -24.56 -24.65
N CYS B 263 37.33 -25.07 -24.42
CA CYS B 263 36.17 -24.87 -25.27
C CYS B 263 35.34 -23.82 -24.57
N LYS B 264 34.17 -23.49 -25.09
CA LYS B 264 33.34 -22.47 -24.48
C LYS B 264 32.24 -23.06 -23.63
N LYS B 265 31.68 -22.24 -22.75
CA LYS B 265 30.57 -22.65 -21.89
C LYS B 265 30.30 -21.61 -20.80
N GLY B 270 32.75 -13.64 -19.81
CA GLY B 270 34.10 -13.26 -19.41
C GLY B 270 34.87 -14.44 -18.86
N ALA B 271 36.20 -14.36 -18.92
CA ALA B 271 37.10 -15.42 -18.43
C ALA B 271 37.02 -16.68 -19.30
N ASP B 272 36.09 -16.68 -20.24
CA ASP B 272 35.86 -17.79 -21.16
C ASP B 272 36.68 -17.51 -22.42
N VAL B 273 36.82 -16.23 -22.74
CA VAL B 273 37.59 -15.80 -23.89
C VAL B 273 39.06 -16.08 -23.60
N SER B 274 39.35 -16.38 -22.35
CA SER B 274 40.70 -16.69 -21.91
C SER B 274 41.02 -18.08 -22.42
N ARG B 275 39.98 -18.92 -22.54
CA ARG B 275 40.09 -20.30 -23.01
C ARG B 275 39.85 -20.37 -24.50
N GLU B 276 38.78 -19.71 -24.96
CA GLU B 276 38.45 -19.70 -26.38
C GLU B 276 39.59 -19.01 -27.09
N GLY B 277 40.64 -18.76 -26.32
CA GLY B 277 41.81 -18.11 -26.84
C GLY B 277 42.87 -19.13 -27.15
N VAL B 278 43.10 -20.04 -26.22
CA VAL B 278 44.09 -21.04 -26.48
C VAL B 278 43.84 -21.70 -27.81
N GLN B 279 42.59 -21.71 -28.25
CA GLN B 279 42.32 -22.33 -29.54
C GLN B 279 42.96 -21.55 -30.64
N ARG B 280 42.69 -20.24 -30.65
CA ARG B 280 43.26 -19.35 -31.66
C ARG B 280 44.80 -19.42 -31.60
N ASP B 281 45.32 -19.70 -30.40
CA ASP B 281 46.75 -19.79 -30.21
C ASP B 281 47.31 -21.07 -30.81
N LEU B 282 46.52 -22.14 -30.82
CA LEU B 282 46.99 -23.40 -31.38
C LEU B 282 46.85 -23.45 -32.88
N LEU B 283 45.92 -22.70 -33.44
CA LEU B 283 45.72 -22.69 -34.90
C LEU B 283 46.98 -22.80 -35.71
N PRO B 284 47.86 -21.81 -35.58
CA PRO B 284 49.14 -21.74 -36.29
C PRO B 284 49.89 -23.08 -36.33
N LEU B 285 49.89 -23.82 -35.22
CA LEU B 285 50.57 -25.12 -35.20
C LEU B 285 49.80 -26.06 -36.08
N VAL B 286 48.59 -26.35 -35.64
CA VAL B 286 47.72 -27.23 -36.36
C VAL B 286 47.69 -26.84 -37.82
N GLU B 287 47.31 -25.58 -38.08
CA GLU B 287 47.18 -24.97 -39.41
C GLU B 287 48.45 -24.95 -40.23
N GLY B 288 49.59 -24.95 -39.57
CA GLY B 288 50.83 -24.95 -40.31
C GLY B 288 51.61 -23.67 -40.23
N SER B 289 52.71 -23.71 -39.51
CA SER B 289 53.55 -22.55 -39.37
C SER B 289 54.96 -23.03 -39.11
N THR B 290 55.81 -22.12 -38.66
CA THR B 290 57.19 -22.43 -38.34
C THR B 290 57.48 -21.91 -36.97
N VAL B 291 58.26 -22.64 -36.19
CA VAL B 291 58.60 -22.14 -34.86
C VAL B 291 60.08 -22.40 -34.72
N SER B 292 60.79 -21.48 -34.08
CA SER B 292 62.21 -21.65 -33.93
C SER B 292 62.49 -22.51 -32.71
N THR B 293 63.39 -23.47 -32.88
CA THR B 293 63.81 -24.39 -31.81
C THR B 293 65.31 -24.27 -31.68
N LYS B 294 65.84 -24.64 -30.52
CA LYS B 294 67.27 -24.52 -30.33
C LYS B 294 68.02 -25.48 -31.22
N HIS B 295 67.36 -25.95 -32.26
CA HIS B 295 68.00 -26.86 -33.19
C HIS B 295 67.79 -26.32 -34.59
N GLY B 296 67.00 -25.26 -34.66
CA GLY B 296 66.71 -24.64 -35.94
C GLY B 296 65.24 -24.40 -36.14
N MET B 297 64.86 -24.24 -37.40
CA MET B 297 63.47 -24.00 -37.75
C MET B 297 62.73 -25.29 -38.09
N VAL B 298 61.59 -25.53 -37.42
CA VAL B 298 60.77 -26.72 -37.70
C VAL B 298 59.37 -26.28 -38.15
N LYS B 299 58.74 -27.05 -39.02
CA LYS B 299 57.42 -26.67 -39.51
C LYS B 299 56.32 -27.66 -39.08
N THR B 300 55.33 -27.10 -38.39
CA THR B 300 54.20 -27.87 -37.91
C THR B 300 53.35 -28.27 -39.10
N ASP B 301 53.73 -27.83 -40.29
CA ASP B 301 52.92 -28.13 -41.48
C ASP B 301 52.46 -29.56 -41.57
N HIS B 302 53.36 -30.48 -41.24
CA HIS B 302 53.06 -31.91 -41.31
C HIS B 302 53.00 -32.72 -40.00
N ILE B 303 53.02 -32.06 -38.87
CA ILE B 303 52.91 -32.72 -37.58
C ILE B 303 51.54 -33.38 -37.47
N LEU B 304 51.44 -34.61 -36.99
CA LEU B 304 50.13 -35.20 -36.85
C LEU B 304 49.61 -34.73 -35.50
N PHE B 305 48.41 -34.19 -35.43
CA PHE B 305 47.87 -33.76 -34.15
C PHE B 305 46.76 -34.67 -33.69
N ILE B 306 46.78 -35.08 -32.43
CA ILE B 306 45.69 -35.89 -31.90
C ILE B 306 45.17 -35.17 -30.67
N ALA B 307 43.93 -34.71 -30.70
CA ALA B 307 43.35 -34.00 -29.59
C ALA B 307 42.37 -34.90 -28.91
N SER B 308 42.17 -34.75 -27.63
CA SER B 308 41.25 -35.62 -26.93
C SER B 308 40.43 -34.84 -25.96
N GLY B 309 39.30 -35.42 -25.56
CA GLY B 309 38.45 -34.76 -24.59
C GLY B 309 37.22 -35.57 -24.29
N ALA B 310 36.68 -35.37 -23.10
CA ALA B 310 35.46 -36.05 -22.66
C ALA B 310 34.26 -35.43 -23.32
N PHE B 311 34.19 -34.13 -23.25
CA PHE B 311 33.08 -33.49 -23.90
C PHE B 311 31.79 -33.91 -23.27
N GLN B 312 31.69 -33.76 -21.96
CA GLN B 312 30.43 -34.08 -21.32
C GLN B 312 29.55 -32.83 -21.33
N VAL B 313 30.19 -31.68 -21.36
CA VAL B 313 29.47 -30.44 -21.37
C VAL B 313 29.46 -29.81 -22.73
N ALA B 314 30.63 -29.68 -23.32
CA ALA B 314 30.74 -29.10 -24.64
C ALA B 314 30.73 -30.14 -25.77
N ARG B 315 30.23 -29.75 -26.93
CA ARG B 315 30.18 -30.63 -28.10
C ARG B 315 31.47 -30.29 -28.81
N PRO B 316 31.98 -31.17 -29.67
CA PRO B 316 33.24 -30.73 -30.30
C PRO B 316 32.97 -29.55 -31.25
N SER B 317 31.71 -29.51 -31.69
CA SER B 317 31.14 -28.49 -32.57
C SER B 317 31.01 -27.21 -31.77
N ASP B 318 31.88 -27.05 -30.79
CA ASP B 318 31.88 -25.89 -29.96
C ASP B 318 33.24 -25.29 -30.01
N LEU B 319 34.12 -25.94 -30.76
CA LEU B 319 35.44 -25.38 -30.86
C LEU B 319 35.30 -24.35 -31.97
N ILE B 320 36.30 -23.49 -32.10
CA ILE B 320 36.33 -22.45 -33.13
C ILE B 320 36.41 -23.16 -34.48
N PRO B 321 35.56 -22.77 -35.44
CA PRO B 321 35.54 -23.39 -36.76
C PRO B 321 36.90 -23.57 -37.37
N GLU B 322 37.76 -22.56 -37.25
CA GLU B 322 39.08 -22.69 -37.84
C GLU B 322 39.70 -24.04 -37.44
N LEU B 323 39.54 -24.41 -36.17
CA LEU B 323 40.07 -25.63 -35.59
C LEU B 323 39.18 -26.84 -35.87
N GLN B 324 37.91 -26.64 -35.62
CA GLN B 324 36.90 -27.64 -35.83
C GLN B 324 36.98 -28.27 -37.23
N GLY B 325 37.81 -27.75 -38.10
CA GLY B 325 37.88 -28.31 -39.42
C GLY B 325 39.26 -28.79 -39.69
N ARG B 326 40.15 -28.52 -38.75
CA ARG B 326 41.51 -28.99 -38.89
C ARG B 326 41.59 -30.30 -38.11
N LEU B 327 40.45 -30.64 -37.51
CA LEU B 327 40.27 -31.89 -36.77
C LEU B 327 39.11 -32.57 -37.51
N PRO B 328 39.42 -33.16 -38.66
CA PRO B 328 38.48 -33.86 -39.51
C PRO B 328 38.02 -35.20 -38.98
N ILE B 329 38.95 -36.02 -38.51
CA ILE B 329 38.60 -37.32 -37.98
C ILE B 329 38.03 -37.30 -36.55
N ARG B 330 36.75 -37.59 -36.38
CA ARG B 330 36.22 -37.66 -35.03
C ARG B 330 36.11 -39.17 -34.79
N VAL B 331 36.58 -39.62 -33.63
CA VAL B 331 36.53 -41.04 -33.27
C VAL B 331 36.10 -41.11 -31.81
N GLU B 332 35.26 -42.08 -31.47
CA GLU B 332 34.78 -42.18 -30.12
C GLU B 332 35.44 -43.34 -29.37
N LEU B 333 35.57 -43.25 -28.06
CA LEU B 333 36.15 -44.36 -27.28
C LEU B 333 35.10 -44.67 -26.28
N THR B 334 35.08 -45.90 -25.82
CA THR B 334 34.04 -46.30 -24.89
C THR B 334 34.42 -46.39 -23.46
N ALA B 335 33.38 -46.36 -22.65
CA ALA B 335 33.56 -46.50 -21.23
C ALA B 335 34.13 -47.89 -21.13
N LEU B 336 34.95 -48.12 -20.12
CA LEU B 336 35.52 -49.42 -19.97
C LEU B 336 34.57 -50.28 -19.12
N SER B 337 34.30 -51.49 -19.59
CA SER B 337 33.40 -52.38 -18.89
C SER B 337 34.04 -53.36 -17.97
N ALA B 338 33.18 -53.92 -17.11
CA ALA B 338 33.58 -54.91 -16.15
C ALA B 338 34.41 -55.90 -16.99
N ALA B 339 33.73 -56.50 -17.93
CA ALA B 339 34.37 -57.46 -18.79
C ALA B 339 35.67 -56.91 -19.38
N ASP B 340 35.64 -55.64 -19.76
CA ASP B 340 36.83 -55.07 -20.34
C ASP B 340 37.91 -55.10 -19.31
N PHE B 341 37.59 -54.67 -18.10
CA PHE B 341 38.61 -54.68 -17.08
C PHE B 341 39.27 -56.05 -17.01
N GLU B 342 38.43 -57.08 -16.98
CA GLU B 342 38.92 -58.44 -16.87
C GLU B 342 40.13 -58.66 -17.75
N ARG B 343 40.07 -58.06 -18.93
CA ARG B 343 41.12 -58.23 -19.89
C ARG B 343 42.29 -57.28 -19.70
N ILE B 344 42.01 -56.01 -19.46
CA ILE B 344 43.10 -55.06 -19.32
C ILE B 344 43.89 -55.65 -18.20
N LEU B 345 43.19 -56.45 -17.40
CA LEU B 345 43.80 -57.03 -16.23
C LEU B 345 44.95 -58.02 -16.46
N THR B 346 44.82 -58.81 -17.52
CA THR B 346 45.79 -59.87 -17.87
C THR B 346 46.38 -59.96 -19.29
N GLU B 347 45.61 -59.56 -20.31
CA GLU B 347 46.07 -59.65 -21.69
C GLU B 347 47.25 -58.76 -22.08
N PRO B 348 47.10 -57.43 -21.90
CA PRO B 348 48.10 -56.41 -22.22
C PRO B 348 49.54 -56.77 -21.91
N HIS B 349 50.48 -56.46 -22.80
CA HIS B 349 51.89 -56.74 -22.51
C HIS B 349 52.28 -55.99 -21.25
N ALA B 350 52.53 -56.72 -20.17
CA ALA B 350 52.91 -56.15 -18.89
C ALA B 350 51.69 -55.69 -18.11
N SER B 351 50.67 -56.55 -18.06
CA SER B 351 49.44 -56.20 -17.35
C SER B 351 49.74 -56.04 -15.90
N LEU B 352 48.74 -55.60 -15.14
CA LEU B 352 48.97 -55.44 -13.72
C LEU B 352 49.41 -56.76 -13.06
N THR B 353 48.58 -57.80 -13.16
CA THR B 353 48.93 -59.07 -12.56
C THR B 353 50.26 -59.44 -13.09
N GLU B 354 50.43 -59.45 -14.41
CA GLU B 354 51.75 -59.79 -14.95
C GLU B 354 52.86 -59.02 -14.22
N GLN B 355 52.50 -57.87 -13.63
CA GLN B 355 53.46 -57.05 -12.90
C GLN B 355 53.65 -57.49 -11.48
N TYR B 356 52.57 -57.62 -10.73
CA TYR B 356 52.74 -58.07 -9.37
C TYR B 356 53.46 -59.40 -9.36
N LYS B 357 52.97 -60.37 -10.14
CA LYS B 357 53.63 -61.66 -10.21
C LYS B 357 55.12 -61.35 -10.27
N ALA B 358 55.53 -60.67 -11.34
CA ALA B 358 56.93 -60.28 -11.50
C ALA B 358 57.56 -59.56 -10.28
N LEU B 359 56.77 -58.80 -9.54
CA LEU B 359 57.27 -58.06 -8.38
C LEU B 359 57.43 -58.92 -7.14
N MET B 360 56.42 -59.72 -6.83
CA MET B 360 56.51 -60.60 -5.69
C MET B 360 57.56 -61.68 -5.97
N ALA B 361 57.77 -61.97 -7.24
CA ALA B 361 58.75 -62.96 -7.65
C ALA B 361 60.07 -62.64 -6.96
N THR B 362 60.51 -61.40 -7.14
CA THR B 362 61.75 -60.89 -6.55
C THR B 362 61.93 -61.15 -5.04
N GLU B 363 60.85 -61.10 -4.27
CA GLU B 363 60.96 -61.34 -2.85
C GLU B 363 60.92 -62.83 -2.62
N GLY B 364 60.88 -63.56 -3.73
CA GLY B 364 60.85 -65.00 -3.64
C GLY B 364 59.46 -65.59 -3.56
N VAL B 365 58.43 -64.76 -3.45
CA VAL B 365 57.09 -65.33 -3.40
C VAL B 365 56.56 -65.60 -4.77
N ASN B 366 55.97 -66.79 -4.94
CA ASN B 366 55.38 -67.17 -6.22
C ASN B 366 53.88 -66.97 -6.05
N ILE B 367 53.36 -66.06 -6.86
CA ILE B 367 51.96 -65.71 -6.80
C ILE B 367 51.18 -66.12 -8.05
N ALA B 368 49.87 -66.31 -7.90
CA ALA B 368 49.05 -66.72 -9.02
C ALA B 368 47.62 -66.25 -8.79
N PHE B 369 47.06 -65.67 -9.85
CA PHE B 369 45.69 -65.18 -9.81
C PHE B 369 44.75 -66.14 -10.54
N THR B 370 43.66 -66.52 -9.87
CA THR B 370 42.70 -67.41 -10.47
C THR B 370 41.71 -66.57 -11.22
N THR B 371 41.24 -67.12 -12.34
CA THR B 371 40.26 -66.48 -13.20
C THR B 371 39.27 -65.77 -12.33
N ASP B 372 38.53 -66.54 -11.54
CA ASP B 372 37.54 -65.97 -10.68
C ASP B 372 38.08 -64.84 -9.85
N ALA B 373 39.38 -64.82 -9.66
CA ALA B 373 39.95 -63.73 -8.88
C ALA B 373 39.95 -62.46 -9.73
N VAL B 374 40.44 -62.57 -10.95
CA VAL B 374 40.48 -61.44 -11.87
C VAL B 374 39.06 -61.03 -12.03
N LYS B 375 38.25 -61.94 -12.53
CA LYS B 375 36.85 -61.62 -12.65
C LYS B 375 36.37 -60.82 -11.41
N LYS B 376 36.78 -61.21 -10.23
CA LYS B 376 36.34 -60.50 -9.02
C LYS B 376 37.00 -59.12 -8.89
N ILE B 377 38.32 -59.07 -9.06
CA ILE B 377 39.09 -57.82 -8.97
C ILE B 377 38.44 -56.75 -9.87
N ALA B 378 38.18 -57.16 -11.10
CA ALA B 378 37.58 -56.32 -12.11
C ALA B 378 36.21 -55.90 -11.67
N GLU B 379 35.31 -56.86 -11.61
CA GLU B 379 33.97 -56.54 -11.21
C GLU B 379 34.07 -55.53 -10.06
N ALA B 380 35.15 -55.64 -9.29
CA ALA B 380 35.32 -54.74 -8.16
C ALA B 380 35.66 -53.32 -8.54
N ALA B 381 36.63 -53.14 -9.43
CA ALA B 381 37.02 -51.80 -9.89
C ALA B 381 35.79 -51.19 -10.49
N PHE B 382 35.24 -51.87 -11.49
CA PHE B 382 34.04 -51.37 -12.13
C PHE B 382 33.03 -50.97 -11.07
N ARG B 383 32.67 -51.93 -10.23
CA ARG B 383 31.73 -51.69 -9.14
C ARG B 383 31.88 -50.28 -8.58
N VAL B 384 33.05 -49.96 -8.01
CA VAL B 384 33.25 -48.65 -7.42
C VAL B 384 33.10 -47.51 -8.44
N ASN B 385 33.81 -47.59 -9.56
CA ASN B 385 33.69 -46.57 -10.57
C ASN B 385 32.24 -46.16 -10.74
N GLU B 386 31.34 -47.13 -10.91
CA GLU B 386 29.95 -46.78 -11.05
C GLU B 386 29.42 -46.05 -9.82
N LYS B 387 29.73 -46.57 -8.63
CA LYS B 387 29.22 -45.98 -7.40
C LYS B 387 29.78 -44.62 -7.00
N THR B 388 30.96 -44.26 -7.49
CA THR B 388 31.54 -42.99 -7.12
C THR B 388 32.18 -42.19 -8.25
N GLU B 389 33.45 -41.81 -8.12
CA GLU B 389 34.12 -41.04 -9.16
C GLU B 389 34.74 -42.00 -10.18
N ASN B 390 34.06 -42.25 -11.29
CA ASN B 390 34.58 -43.18 -12.31
C ASN B 390 35.92 -42.75 -12.90
N ILE B 391 37.02 -43.20 -12.38
CA ILE B 391 38.29 -42.78 -12.93
C ILE B 391 38.82 -43.74 -14.00
N GLY B 392 37.89 -44.39 -14.67
CA GLY B 392 38.30 -45.32 -15.70
C GLY B 392 39.11 -46.50 -15.22
N ALA B 393 40.15 -46.82 -15.99
CA ALA B 393 41.04 -47.96 -15.72
C ALA B 393 41.97 -47.71 -14.57
N ARG B 394 42.12 -46.47 -14.16
CA ARG B 394 43.03 -46.23 -13.07
C ARG B 394 42.52 -46.99 -11.89
N ARG B 395 41.22 -47.15 -11.83
CA ARG B 395 40.65 -47.85 -10.71
C ARG B 395 41.25 -49.23 -10.49
N LEU B 396 41.82 -49.87 -11.52
CA LEU B 396 42.44 -51.18 -11.32
C LEU B 396 43.72 -50.97 -10.51
N HIS B 397 44.59 -50.07 -10.96
CA HIS B 397 45.84 -49.80 -10.23
C HIS B 397 45.48 -49.56 -8.78
N THR B 398 44.36 -48.89 -8.58
CA THR B 398 43.86 -48.59 -7.25
C THR B 398 43.42 -49.78 -6.46
N VAL B 399 42.58 -50.63 -7.06
CA VAL B 399 42.09 -51.83 -6.39
C VAL B 399 43.20 -52.86 -6.23
N MET B 400 44.09 -52.97 -7.22
CA MET B 400 45.20 -53.91 -7.08
C MET B 400 46.02 -53.51 -5.88
N GLU B 401 46.51 -52.26 -5.83
CA GLU B 401 47.30 -51.89 -4.68
C GLU B 401 46.55 -52.06 -3.36
N ARG B 402 45.23 -52.09 -3.39
CA ARG B 402 44.48 -52.28 -2.16
C ARG B 402 44.45 -53.76 -1.77
N LEU B 403 44.45 -54.64 -2.78
CA LEU B 403 44.42 -56.09 -2.56
C LEU B 403 45.82 -56.61 -2.30
N MET B 404 46.77 -56.29 -3.16
CA MET B 404 48.13 -56.75 -2.96
C MET B 404 48.77 -56.12 -1.71
N ASP B 405 47.95 -55.42 -0.94
CA ASP B 405 48.40 -54.75 0.29
C ASP B 405 49.35 -55.65 1.10
N LYS B 406 48.74 -56.56 1.89
CA LYS B 406 49.40 -57.50 2.79
C LYS B 406 50.63 -58.16 2.21
N ILE B 407 50.42 -59.00 1.22
CA ILE B 407 51.53 -59.68 0.59
C ILE B 407 52.67 -58.73 0.25
N SER B 408 52.35 -57.52 -0.26
CA SER B 408 53.39 -56.59 -0.63
C SER B 408 54.33 -56.27 0.55
N PHE B 409 53.84 -56.38 1.78
CA PHE B 409 54.68 -56.12 2.95
C PHE B 409 55.56 -57.31 3.32
N SER B 410 54.85 -58.33 3.77
CA SER B 410 55.39 -59.59 4.21
C SER B 410 56.11 -60.38 3.11
N ALA B 411 55.71 -60.22 1.87
CA ALA B 411 56.34 -60.93 0.75
C ALA B 411 57.84 -61.02 0.88
N SER B 412 58.40 -60.09 1.64
CA SER B 412 59.83 -60.06 1.81
C SER B 412 60.35 -61.25 2.61
N ASP B 413 59.83 -61.44 3.82
CA ASP B 413 60.26 -62.54 4.66
C ASP B 413 59.31 -63.72 4.51
N MET B 414 58.59 -63.71 3.42
CA MET B 414 57.61 -64.73 3.14
C MET B 414 58.14 -65.63 2.04
N ASN B 415 59.45 -65.60 1.85
CA ASN B 415 60.10 -66.36 0.80
C ASN B 415 59.58 -67.78 0.57
N GLY B 416 59.78 -68.26 -0.66
CA GLY B 416 59.37 -69.59 -1.05
C GLY B 416 57.89 -69.85 -1.22
N GLN B 417 57.10 -69.58 -0.17
CA GLN B 417 55.67 -69.81 -0.24
C GLN B 417 55.06 -69.40 -1.59
N THR B 418 53.83 -69.85 -1.83
CA THR B 418 53.13 -69.49 -3.05
C THR B 418 51.74 -69.07 -2.60
N VAL B 419 51.31 -67.87 -3.01
CA VAL B 419 50.00 -67.39 -2.62
C VAL B 419 49.04 -67.66 -3.76
N ASN B 420 47.87 -68.18 -3.43
CA ASN B 420 46.90 -68.50 -4.47
C ASN B 420 45.68 -67.58 -4.37
N ILE B 421 45.76 -66.43 -5.06
CA ILE B 421 44.73 -65.38 -5.05
C ILE B 421 43.48 -65.74 -5.81
N ASP B 422 42.44 -66.07 -5.06
CA ASP B 422 41.17 -66.49 -5.63
C ASP B 422 40.08 -65.57 -5.20
N ALA B 423 38.91 -65.72 -5.77
CA ALA B 423 37.80 -64.85 -5.38
C ALA B 423 37.72 -64.68 -3.84
N ALA B 424 37.86 -65.76 -3.09
CA ALA B 424 37.79 -65.63 -1.64
C ALA B 424 38.81 -64.62 -1.15
N TYR B 425 40.04 -64.79 -1.61
CA TYR B 425 41.12 -63.91 -1.21
C TYR B 425 40.72 -62.47 -1.43
N VAL B 426 40.46 -62.16 -2.69
CA VAL B 426 40.10 -60.83 -3.12
C VAL B 426 38.89 -60.34 -2.34
N ALA B 427 37.82 -61.12 -2.40
CA ALA B 427 36.59 -60.77 -1.72
C ALA B 427 36.86 -60.30 -0.30
N ASP B 428 37.94 -60.77 0.25
CA ASP B 428 38.31 -60.42 1.60
C ASP B 428 39.18 -59.18 1.54
N ALA B 429 40.39 -59.31 0.99
CA ALA B 429 41.32 -58.20 0.90
C ALA B 429 40.67 -56.87 0.57
N LEU B 430 39.53 -56.89 -0.10
CA LEU B 430 38.91 -55.63 -0.44
C LEU B 430 37.95 -55.14 0.61
N GLY B 431 37.44 -56.03 1.46
CA GLY B 431 36.54 -55.55 2.50
C GLY B 431 35.23 -55.11 1.88
N GLU B 432 34.38 -54.42 2.65
CA GLU B 432 33.07 -54.01 2.13
C GLU B 432 32.99 -52.61 1.50
N VAL B 433 32.00 -52.43 0.62
CA VAL B 433 31.79 -51.15 -0.06
C VAL B 433 31.09 -50.11 0.81
N VAL B 434 31.46 -48.86 0.62
CA VAL B 434 30.88 -47.72 1.33
C VAL B 434 30.05 -47.04 0.22
N GLU B 435 29.14 -46.12 0.57
CA GLU B 435 28.33 -45.49 -0.46
C GLU B 435 27.37 -44.42 0.04
N ASN B 436 26.86 -43.62 -0.90
CA ASN B 436 25.90 -42.56 -0.62
C ASN B 436 26.15 -41.75 0.64
N GLU B 437 27.42 -41.43 0.91
CA GLU B 437 27.75 -40.63 2.08
C GLU B 437 26.69 -39.53 2.17
N ASP B 438 26.71 -38.67 1.14
CA ASP B 438 25.79 -37.53 0.98
C ASP B 438 24.45 -37.81 1.60
N LEU B 439 23.45 -37.78 0.74
CA LEU B 439 22.12 -38.06 1.22
C LEU B 439 21.82 -37.21 2.44
N SER B 440 21.17 -37.87 3.41
CA SER B 440 20.76 -37.31 4.69
C SER B 440 21.13 -35.83 4.92
N ARG B 441 22.32 -35.63 5.49
CA ARG B 441 22.87 -34.32 5.82
C ARG B 441 22.47 -33.15 4.94
N PHE B 442 22.07 -33.41 3.69
CA PHE B 442 21.71 -32.31 2.81
C PHE B 442 20.25 -32.33 2.40
N ILE B 443 19.49 -33.27 2.91
CA ILE B 443 18.11 -33.36 2.49
C ILE B 443 17.03 -33.13 3.52
N LEU B 444 15.90 -32.58 3.10
CA LEU B 444 14.77 -32.37 3.99
C LEU B 444 13.60 -33.18 3.46
N SER C 2 71.25 -55.65 -0.01
CA SER C 2 71.10 -54.73 -1.16
C SER C 2 70.24 -53.52 -0.78
N GLU C 3 69.34 -53.74 0.18
CA GLU C 3 68.43 -52.70 0.64
C GLU C 3 67.58 -53.22 1.79
N MET C 4 67.04 -52.28 2.56
CA MET C 4 66.23 -52.63 3.69
C MET C 4 64.98 -53.35 3.25
N THR C 5 64.09 -53.64 4.19
CA THR C 5 62.86 -54.34 3.87
C THR C 5 61.66 -53.68 4.53
N PRO C 6 60.44 -54.09 4.15
CA PRO C 6 59.20 -53.56 4.69
C PRO C 6 59.28 -53.38 6.19
N ARG C 7 59.33 -54.49 6.91
CA ARG C 7 59.38 -54.49 8.37
C ARG C 7 60.66 -53.84 8.87
N GLU C 8 61.72 -54.03 8.10
CA GLU C 8 63.02 -53.50 8.40
C GLU C 8 63.01 -51.97 8.45
N ILE C 9 62.34 -51.34 7.48
CA ILE C 9 62.27 -49.88 7.41
C ILE C 9 61.39 -49.30 8.49
N VAL C 10 60.28 -49.97 8.78
CA VAL C 10 59.39 -49.47 9.81
C VAL C 10 60.16 -49.35 11.12
N SER C 11 61.03 -50.33 11.37
CA SER C 11 61.85 -50.31 12.58
C SER C 11 62.54 -48.94 12.61
N GLU C 12 63.42 -48.71 11.63
CA GLU C 12 64.16 -47.44 11.48
C GLU C 12 63.26 -46.22 11.69
N LEU C 13 62.05 -46.26 11.13
CA LEU C 13 61.11 -45.17 11.29
C LEU C 13 60.62 -45.08 12.72
N ASP C 14 60.38 -46.23 13.34
CA ASP C 14 59.90 -46.20 14.70
C ASP C 14 60.91 -45.49 15.59
N GLN C 15 62.14 -45.37 15.10
CA GLN C 15 63.16 -44.71 15.89
C GLN C 15 62.90 -43.21 16.06
N HIS C 16 62.27 -42.55 15.08
CA HIS C 16 61.99 -41.12 15.18
C HIS C 16 60.54 -40.67 15.29
N ILE C 17 59.60 -41.52 14.88
CA ILE C 17 58.19 -41.13 14.96
C ILE C 17 57.49 -42.07 15.88
N ILE C 18 56.62 -41.53 16.71
CA ILE C 18 55.87 -42.34 17.65
C ILE C 18 54.52 -42.62 17.05
N GLY C 19 54.08 -43.86 17.10
CA GLY C 19 52.77 -44.17 16.53
C GLY C 19 52.65 -44.03 15.03
N GLN C 20 51.46 -43.70 14.55
CA GLN C 20 51.24 -43.54 13.12
C GLN C 20 51.88 -44.76 12.44
N ALA C 21 51.23 -45.91 12.59
CA ALA C 21 51.76 -47.15 12.02
C ALA C 21 51.49 -47.32 10.55
N ASP C 22 50.20 -47.38 10.23
CA ASP C 22 49.72 -47.57 8.87
C ASP C 22 50.60 -46.75 7.96
N ALA C 23 50.79 -45.49 8.31
CA ALA C 23 51.62 -44.61 7.51
C ALA C 23 53.01 -45.19 7.27
N LYS C 24 53.70 -45.55 8.36
CA LYS C 24 55.03 -46.10 8.26
C LYS C 24 55.08 -47.29 7.33
N ARG C 25 54.10 -48.16 7.46
CA ARG C 25 54.00 -49.34 6.62
C ARG C 25 53.91 -48.88 5.16
N ALA C 26 52.91 -48.04 4.91
CA ALA C 26 52.67 -47.52 3.59
C ALA C 26 53.96 -47.06 2.92
N VAL C 27 54.69 -46.13 3.52
CA VAL C 27 55.90 -45.68 2.86
C VAL C 27 56.91 -46.81 2.76
N ALA C 28 56.82 -47.76 3.67
CA ALA C 28 57.73 -48.89 3.68
C ALA C 28 57.53 -49.75 2.44
N ILE C 29 56.32 -50.31 2.31
CA ILE C 29 56.00 -51.17 1.17
C ILE C 29 56.33 -50.40 -0.08
N ALA C 30 56.26 -49.09 0.01
CA ALA C 30 56.52 -48.23 -1.12
C ALA C 30 58.00 -48.20 -1.42
N LEU C 31 58.79 -47.87 -0.40
CA LEU C 31 60.22 -47.80 -0.58
C LEU C 31 60.73 -49.15 -1.02
N ARG C 32 60.13 -50.18 -0.47
CA ARG C 32 60.54 -51.52 -0.82
C ARG C 32 60.26 -51.86 -2.30
N ASN C 33 59.10 -51.49 -2.83
CA ASN C 33 58.77 -51.80 -4.22
C ASN C 33 59.83 -51.24 -5.11
N ARG C 34 60.55 -50.24 -4.61
CA ARG C 34 61.59 -49.62 -5.39
C ARG C 34 62.71 -50.62 -5.69
N TRP C 35 63.08 -51.37 -4.68
CA TRP C 35 64.13 -52.34 -4.87
C TRP C 35 63.60 -53.48 -5.74
N ARG C 36 62.35 -53.86 -5.51
CA ARG C 36 61.75 -54.96 -6.27
C ARG C 36 61.83 -54.66 -7.75
N ARG C 37 61.19 -53.59 -8.20
CA ARG C 37 61.33 -53.23 -9.60
C ARG C 37 62.83 -52.92 -9.65
N MET C 38 63.38 -52.64 -10.83
CA MET C 38 64.80 -52.31 -10.87
C MET C 38 65.55 -53.53 -10.40
N GLN C 39 64.84 -54.65 -10.45
CA GLN C 39 65.36 -55.94 -10.09
C GLN C 39 64.67 -56.84 -11.10
N LEU C 40 63.77 -56.23 -11.87
CA LEU C 40 63.02 -56.93 -12.92
C LEU C 40 63.77 -56.73 -14.23
N GLN C 41 63.39 -57.48 -15.27
CA GLN C 41 64.06 -57.37 -16.56
C GLN C 41 63.52 -56.21 -17.39
N GLU C 42 64.43 -55.53 -18.11
CA GLU C 42 64.11 -54.34 -18.92
C GLU C 42 62.66 -54.02 -19.32
N PRO C 43 61.92 -54.98 -19.90
CA PRO C 43 60.54 -54.69 -20.27
C PRO C 43 59.76 -54.05 -19.12
N LEU C 44 59.64 -54.80 -18.03
CA LEU C 44 58.92 -54.36 -16.83
C LEU C 44 59.70 -53.38 -15.97
N ARG C 45 61.02 -53.54 -15.91
CA ARG C 45 61.85 -52.68 -15.09
C ARG C 45 61.50 -51.24 -15.35
N HIS C 46 60.92 -50.98 -16.51
CA HIS C 46 60.53 -49.61 -16.83
C HIS C 46 59.03 -49.43 -16.93
N GLU C 47 58.30 -50.53 -17.05
CA GLU C 47 56.86 -50.45 -17.16
C GLU C 47 56.15 -50.22 -15.85
N VAL C 48 56.64 -50.84 -14.79
CA VAL C 48 56.01 -50.70 -13.49
C VAL C 48 56.26 -49.31 -12.94
N THR C 49 55.26 -48.73 -12.28
CA THR C 49 55.37 -47.38 -11.74
C THR C 49 55.05 -47.24 -10.24
N PRO C 50 55.66 -46.24 -9.56
CA PRO C 50 55.54 -45.89 -8.13
C PRO C 50 54.11 -45.88 -7.65
N LYS C 51 53.86 -46.29 -6.43
CA LYS C 51 52.48 -46.33 -6.02
C LYS C 51 52.10 -45.19 -5.13
N ASN C 52 52.48 -43.98 -5.51
CA ASN C 52 52.18 -42.77 -4.75
C ASN C 52 51.20 -42.88 -3.58
N ILE C 53 51.51 -42.18 -2.50
CA ILE C 53 50.70 -42.22 -1.29
C ILE C 53 50.06 -40.90 -0.99
N LEU C 54 48.90 -40.94 -0.35
CA LEU C 54 48.24 -39.72 0.06
C LEU C 54 48.00 -39.89 1.55
N MET C 55 48.72 -39.16 2.39
CA MET C 55 48.51 -39.26 3.83
C MET C 55 47.46 -38.26 4.27
N ILE C 56 46.42 -38.71 4.96
CA ILE C 56 45.41 -37.81 5.45
C ILE C 56 45.65 -37.71 6.94
N GLY C 57 45.53 -36.53 7.56
CA GLY C 57 45.77 -36.47 8.99
C GLY C 57 45.63 -35.09 9.55
N PRO C 58 45.71 -34.89 10.87
CA PRO C 58 45.61 -33.64 11.61
C PRO C 58 46.92 -32.91 11.47
N THR C 59 47.09 -31.79 12.17
CA THR C 59 48.33 -30.99 12.07
C THR C 59 49.50 -31.53 12.87
N GLY C 60 50.66 -31.61 12.24
CA GLY C 60 51.85 -32.07 12.93
C GLY C 60 51.70 -33.29 13.83
N VAL C 61 51.59 -34.45 13.21
CA VAL C 61 51.46 -35.71 13.91
C VAL C 61 52.31 -36.68 13.17
N GLY C 62 53.14 -36.18 12.27
CA GLY C 62 54.04 -37.07 11.58
C GLY C 62 54.14 -37.15 10.06
N LYS C 63 53.05 -36.86 9.35
CA LYS C 63 53.10 -36.95 7.91
C LYS C 63 54.47 -36.57 7.36
N THR C 64 54.89 -35.35 7.61
CA THR C 64 56.16 -34.93 7.08
C THR C 64 57.38 -35.68 7.58
N GLU C 65 57.52 -35.88 8.89
CA GLU C 65 58.70 -36.57 9.42
C GLU C 65 58.83 -37.92 8.76
N ILE C 66 57.73 -38.64 8.76
CA ILE C 66 57.71 -39.94 8.16
C ILE C 66 58.28 -39.85 6.77
N ALA C 67 57.86 -38.84 6.02
CA ALA C 67 58.34 -38.67 4.65
C ALA C 67 59.80 -38.30 4.53
N ARG C 68 60.20 -37.29 5.30
CA ARG C 68 61.56 -36.80 5.29
C ARG C 68 62.50 -37.90 5.75
N ARG C 69 62.06 -38.65 6.76
CA ARG C 69 62.86 -39.75 7.28
C ARG C 69 63.04 -40.83 6.25
N LEU C 70 61.93 -41.24 5.64
CA LEU C 70 61.97 -42.29 4.64
C LEU C 70 63.10 -41.95 3.69
N ALA C 71 63.03 -40.73 3.18
CA ALA C 71 64.04 -40.28 2.25
C ALA C 71 65.41 -40.45 2.88
N LYS C 72 65.52 -39.93 4.09
CA LYS C 72 66.77 -39.98 4.78
C LYS C 72 67.34 -41.38 4.88
N LEU C 73 66.56 -42.33 5.37
CA LEU C 73 67.08 -43.68 5.53
C LEU C 73 67.27 -44.36 4.21
N ALA C 74 66.80 -43.73 3.15
CA ALA C 74 66.96 -44.34 1.85
C ALA C 74 68.05 -43.60 1.10
N ASN C 75 68.60 -42.56 1.74
CA ASN C 75 69.64 -41.76 1.11
C ASN C 75 69.08 -41.41 -0.26
N ALA C 76 67.91 -40.79 -0.27
CA ALA C 76 67.25 -40.42 -1.51
C ALA C 76 67.00 -38.93 -1.64
N PRO C 77 67.10 -38.40 -2.87
CA PRO C 77 66.87 -36.97 -3.05
C PRO C 77 65.43 -36.70 -2.59
N PHE C 78 65.27 -35.80 -1.63
CA PHE C 78 63.96 -35.47 -1.11
C PHE C 78 63.67 -34.00 -1.25
N ILE C 79 62.40 -33.66 -1.32
CA ILE C 79 62.01 -32.26 -1.45
C ILE C 79 60.53 -32.08 -1.08
N LYS C 80 60.27 -31.07 -0.27
CA LYS C 80 58.91 -30.81 0.15
C LYS C 80 58.46 -29.50 -0.48
N VAL C 81 57.17 -29.41 -0.77
CA VAL C 81 56.62 -28.20 -1.39
C VAL C 81 55.18 -27.96 -0.97
N GLU C 82 54.81 -26.72 -0.67
CA GLU C 82 53.41 -26.49 -0.34
C GLU C 82 52.68 -26.50 -1.69
N ALA C 83 51.52 -27.13 -1.74
CA ALA C 83 50.78 -27.23 -2.99
C ALA C 83 50.30 -25.86 -3.41
N THR C 84 49.95 -25.06 -2.42
CA THR C 84 49.43 -23.73 -2.64
C THR C 84 50.50 -22.80 -3.12
N LYS C 85 51.74 -23.24 -2.99
CA LYS C 85 52.85 -22.42 -3.46
C LYS C 85 52.58 -22.01 -4.90
N PHE C 86 51.79 -22.78 -5.66
CA PHE C 86 51.55 -22.45 -7.05
C PHE C 86 50.18 -21.87 -7.44
N THR C 87 49.39 -21.44 -6.47
CA THR C 87 48.07 -20.88 -6.79
C THR C 87 48.11 -19.65 -7.72
N GLU C 95 55.97 -21.69 -10.90
CA GLU C 95 56.40 -22.71 -11.86
C GLU C 95 56.49 -24.11 -11.23
N VAL C 96 55.55 -24.98 -11.59
CA VAL C 96 55.54 -26.32 -11.02
C VAL C 96 56.71 -27.20 -11.37
N ASP C 97 57.22 -27.10 -12.59
CA ASP C 97 58.37 -27.91 -12.98
C ASP C 97 59.54 -27.66 -12.02
N SER C 98 59.52 -26.56 -11.29
CA SER C 98 60.61 -26.26 -10.37
C SER C 98 60.81 -27.41 -9.40
N ILE C 99 59.71 -28.01 -8.94
CA ILE C 99 59.79 -29.09 -8.00
C ILE C 99 60.81 -30.10 -8.44
N ILE C 100 60.67 -30.57 -9.66
CA ILE C 100 61.61 -31.54 -10.18
C ILE C 100 62.97 -30.91 -10.34
N ARG C 101 62.97 -29.62 -10.58
CA ARG C 101 64.23 -28.93 -10.76
C ARG C 101 64.96 -28.98 -9.43
N ASP C 102 64.39 -28.36 -8.40
CA ASP C 102 64.99 -28.32 -7.07
C ASP C 102 65.44 -29.71 -6.62
N LEU C 103 64.61 -30.72 -6.90
CA LEU C 103 64.89 -32.08 -6.53
C LEU C 103 66.26 -32.44 -7.09
N THR C 104 66.38 -32.38 -8.41
CA THR C 104 67.63 -32.69 -9.08
C THR C 104 68.78 -31.92 -8.45
N ASP C 105 68.54 -30.64 -8.15
CA ASP C 105 69.57 -29.81 -7.51
C ASP C 105 70.02 -30.46 -6.22
N SER C 106 69.06 -30.94 -5.44
CA SER C 106 69.41 -31.59 -4.19
C SER C 106 70.23 -32.81 -4.56
N ALA C 107 69.76 -33.56 -5.54
CA ALA C 107 70.42 -34.78 -6.01
C ALA C 107 71.93 -34.65 -6.16
N MET C 108 72.40 -33.52 -6.65
CA MET C 108 73.84 -33.32 -6.80
C MET C 108 74.47 -33.36 -5.42
N LYS C 109 74.27 -32.30 -4.64
CA LYS C 109 74.83 -32.23 -3.31
C LYS C 109 74.92 -33.63 -2.71
N LEU C 110 73.86 -34.42 -2.87
CA LEU C 110 73.84 -35.77 -2.35
C LEU C 110 74.93 -36.62 -2.99
N VAL C 111 74.79 -36.95 -4.27
CA VAL C 111 75.81 -37.72 -4.96
C VAL C 111 77.21 -37.13 -4.70
N ARG C 112 77.38 -35.84 -4.98
CA ARG C 112 78.65 -35.15 -4.79
C ARG C 112 79.29 -35.49 -3.44
N GLN C 113 78.62 -35.09 -2.36
CA GLN C 113 79.12 -35.35 -1.00
C GLN C 113 79.70 -36.75 -0.79
N GLN C 114 79.01 -37.76 -1.30
CA GLN C 114 79.44 -39.16 -1.17
C GLN C 114 80.43 -39.58 -2.23
N GLU C 115 80.94 -38.61 -3.00
CA GLU C 115 81.92 -38.88 -4.05
C GLU C 115 83.29 -38.44 -3.54
N ILE C 116 83.36 -37.26 -2.95
CA ILE C 116 84.60 -36.74 -2.41
C ILE C 116 85.04 -37.59 -1.22
N ALA C 117 84.23 -38.62 -0.91
CA ALA C 117 84.51 -39.53 0.20
C ALA C 117 85.44 -40.64 -0.26
N LYS C 118 85.21 -41.14 -1.47
CA LYS C 118 86.05 -42.19 -2.00
C LYS C 118 87.14 -41.56 -2.88
N ASN C 119 86.80 -40.43 -3.50
CA ASN C 119 87.73 -39.71 -4.36
C ASN C 119 88.70 -38.84 -3.57
N ARG C 120 88.79 -39.09 -2.25
CA ARG C 120 89.70 -38.34 -1.39
C ARG C 120 90.93 -39.20 -1.08
N ALA C 121 90.69 -40.47 -0.77
CA ALA C 121 91.77 -41.40 -0.46
C ALA C 121 92.62 -41.70 -1.70
N ILE C 235 87.30 -37.76 -10.50
CA ILE C 235 86.08 -37.00 -10.29
C ILE C 235 85.29 -36.85 -11.60
N ASN C 236 85.56 -35.78 -12.35
CA ASN C 236 84.87 -35.54 -13.62
C ASN C 236 83.44 -35.02 -13.45
N PRO C 237 83.06 -34.02 -14.26
CA PRO C 237 81.70 -33.46 -14.19
C PRO C 237 80.62 -34.43 -14.65
N GLU C 238 80.72 -34.86 -15.90
CA GLU C 238 79.73 -35.78 -16.50
C GLU C 238 79.19 -36.89 -15.59
N GLU C 239 80.08 -37.77 -15.15
CA GLU C 239 79.67 -38.89 -14.30
C GLU C 239 78.80 -38.40 -13.15
N LEU C 240 79.16 -37.27 -12.54
CA LEU C 240 78.39 -36.72 -11.43
C LEU C 240 76.95 -36.41 -11.84
N LYS C 241 76.81 -35.44 -12.74
CA LYS C 241 75.51 -35.05 -13.23
C LYS C 241 74.67 -36.27 -13.59
N GLN C 242 75.17 -37.12 -14.49
CA GLN C 242 74.39 -38.29 -14.86
C GLN C 242 74.13 -39.20 -13.66
N LYS C 243 75.06 -39.27 -12.71
CA LYS C 243 74.88 -40.11 -11.52
C LYS C 243 73.92 -39.46 -10.51
N ALA C 244 73.74 -38.15 -10.63
CA ALA C 244 72.81 -37.45 -9.75
C ALA C 244 71.45 -37.67 -10.41
N ILE C 245 71.38 -37.41 -11.71
CA ILE C 245 70.15 -37.62 -12.44
C ILE C 245 69.69 -39.00 -12.04
N ASP C 246 70.52 -39.99 -12.37
CA ASP C 246 70.21 -41.36 -12.05
C ASP C 246 69.45 -41.37 -10.72
N ALA C 247 70.05 -40.79 -9.70
CA ALA C 247 69.42 -40.76 -8.38
C ALA C 247 68.03 -40.12 -8.35
N VAL C 248 67.90 -38.94 -8.96
CA VAL C 248 66.59 -38.29 -8.98
C VAL C 248 65.63 -39.25 -9.64
N GLU C 249 65.78 -39.39 -10.94
CA GLU C 249 64.94 -40.27 -11.75
C GLU C 249 64.61 -41.59 -11.08
N GLN C 250 65.62 -42.17 -10.42
CA GLN C 250 65.48 -43.48 -9.77
C GLN C 250 64.89 -43.53 -8.38
N ASN C 251 65.39 -42.71 -7.46
CA ASN C 251 64.85 -42.72 -6.11
C ASN C 251 64.51 -41.35 -5.52
N GLY C 252 63.77 -40.53 -6.24
CA GLY C 252 63.43 -39.25 -5.67
C GLY C 252 62.11 -39.31 -4.93
N ILE C 253 62.02 -38.67 -3.78
CA ILE C 253 60.77 -38.62 -3.06
C ILE C 253 60.35 -37.16 -3.12
N VAL C 254 59.08 -36.90 -3.39
CA VAL C 254 58.56 -35.53 -3.45
C VAL C 254 57.36 -35.47 -2.55
N PHE C 255 57.39 -34.55 -1.61
CA PHE C 255 56.31 -34.47 -0.66
C PHE C 255 55.48 -33.23 -0.93
N ILE C 256 54.23 -33.44 -1.29
CA ILE C 256 53.32 -32.33 -1.59
C ILE C 256 52.42 -32.05 -0.40
N ASP C 257 52.81 -31.06 0.40
CA ASP C 257 52.04 -30.72 1.58
C ASP C 257 50.73 -29.99 1.29
N GLU C 258 49.79 -30.10 2.23
CA GLU C 258 48.46 -29.50 2.14
C GLU C 258 47.82 -29.44 0.74
N ILE C 259 47.84 -30.57 0.06
CA ILE C 259 47.25 -30.67 -1.26
C ILE C 259 45.75 -30.54 -1.11
N ASP C 260 45.27 -30.75 0.11
CA ASP C 260 43.86 -30.68 0.39
C ASP C 260 43.43 -29.25 0.23
N LYS C 261 44.39 -28.33 0.29
CA LYS C 261 44.07 -26.92 0.12
C LYS C 261 43.79 -26.55 -1.36
N ILE C 262 44.47 -27.23 -2.30
CA ILE C 262 44.27 -26.95 -3.73
C ILE C 262 43.21 -27.86 -4.29
N CYS C 263 42.25 -28.16 -3.42
CA CYS C 263 41.12 -29.00 -3.76
C CYS C 263 40.00 -28.02 -4.07
N LYS C 264 38.79 -28.50 -4.28
CA LYS C 264 37.67 -27.61 -4.57
C LYS C 264 36.80 -27.38 -3.33
N LYS C 265 36.02 -26.30 -3.37
CA LYS C 265 35.11 -25.98 -2.29
C LYS C 265 34.54 -24.56 -2.42
N GLY C 270 34.24 -19.28 -8.90
CA GLY C 270 35.38 -18.48 -9.29
C GLY C 270 36.47 -18.46 -8.22
N ALA C 271 37.71 -18.25 -8.67
CA ALA C 271 38.88 -18.20 -7.78
C ALA C 271 39.22 -19.60 -7.23
N ASP C 272 38.35 -20.57 -7.54
CA ASP C 272 38.52 -21.94 -7.10
C ASP C 272 39.22 -22.71 -8.23
N VAL C 273 38.92 -22.34 -9.47
CA VAL C 273 39.52 -22.96 -10.63
C VAL C 273 40.99 -22.56 -10.65
N SER C 274 41.33 -21.60 -9.79
CA SER C 274 42.70 -21.12 -9.69
C SER C 274 43.45 -22.20 -8.95
N ARG C 275 42.74 -22.90 -8.07
CA ARG C 275 43.32 -23.98 -7.28
C ARG C 275 43.16 -25.31 -7.99
N GLU C 276 41.93 -25.61 -8.43
CA GLU C 276 41.66 -26.86 -9.15
C GLU C 276 42.51 -26.90 -10.39
N GLY C 277 43.34 -25.89 -10.52
CA GLY C 277 44.21 -25.79 -11.65
C GLY C 277 45.55 -26.38 -11.29
N VAL C 278 46.09 -26.00 -10.14
CA VAL C 278 47.38 -26.52 -9.73
C VAL C 278 47.43 -28.05 -9.91
N GLN C 279 46.32 -28.73 -9.62
CA GLN C 279 46.25 -30.17 -9.79
C GLN C 279 46.62 -30.46 -11.23
N ARG C 280 45.81 -29.98 -12.17
CA ARG C 280 46.11 -30.22 -13.59
C ARG C 280 47.58 -29.89 -13.89
N ASP C 281 48.13 -28.98 -13.10
CA ASP C 281 49.50 -28.55 -13.29
C ASP C 281 50.47 -29.59 -12.76
N LEU C 282 50.07 -30.33 -11.73
CA LEU C 282 50.94 -31.36 -11.16
C LEU C 282 50.88 -32.67 -11.91
N LEU C 283 49.79 -32.89 -12.64
CA LEU C 283 49.65 -34.13 -13.37
C LEU C 283 50.88 -34.57 -14.09
N PRO C 284 51.32 -33.79 -15.06
CA PRO C 284 52.52 -34.15 -15.83
C PRO C 284 53.67 -34.74 -15.00
N LEU C 285 53.85 -34.24 -13.77
CA LEU C 285 54.91 -34.71 -12.87
C LEU C 285 54.53 -36.08 -12.37
N VAL C 286 53.42 -36.11 -11.66
CA VAL C 286 52.90 -37.34 -11.12
C VAL C 286 52.83 -38.37 -12.22
N GLU C 287 52.07 -38.01 -13.26
CA GLU C 287 51.83 -38.86 -14.43
C GLU C 287 53.08 -39.25 -15.19
N GLY C 288 54.17 -38.54 -14.96
CA GLY C 288 55.37 -38.90 -15.68
C GLY C 288 55.60 -38.12 -16.94
N SER C 289 56.59 -37.23 -16.91
CA SER C 289 56.95 -36.40 -18.04
C SER C 289 58.41 -36.10 -17.83
N THR C 290 58.91 -35.10 -18.57
CA THR C 290 60.31 -34.73 -18.43
C THR C 290 60.37 -33.23 -18.18
N VAL C 291 61.34 -32.79 -17.39
CA VAL C 291 61.51 -31.37 -17.13
C VAL C 291 63.01 -31.13 -17.24
N SER C 292 63.39 -29.98 -17.79
CA SER C 292 64.81 -29.70 -17.94
C SER C 292 65.39 -29.00 -16.72
N THR C 293 66.49 -29.54 -16.23
CA THR C 293 67.18 -29.01 -15.07
C THR C 293 68.56 -28.57 -15.54
N LYS C 294 69.23 -27.73 -14.75
CA LYS C 294 70.57 -27.28 -15.14
C LYS C 294 71.61 -28.41 -15.11
N HIS C 295 71.15 -29.64 -14.97
CA HIS C 295 72.05 -30.79 -14.94
C HIS C 295 71.68 -31.75 -16.05
N GLY C 296 70.61 -31.42 -16.76
CA GLY C 296 70.18 -32.28 -17.84
C GLY C 296 68.69 -32.53 -17.81
N MET C 297 68.27 -33.58 -18.51
CA MET C 297 66.86 -33.95 -18.59
C MET C 297 66.51 -35.05 -17.57
N VAL C 298 65.57 -34.75 -16.67
CA VAL C 298 65.11 -35.73 -15.68
C VAL C 298 63.66 -36.13 -15.92
N LYS C 299 63.36 -37.39 -15.65
CA LYS C 299 62.04 -37.90 -15.86
C LYS C 299 61.32 -38.21 -14.56
N THR C 300 60.16 -37.59 -14.39
CA THR C 300 59.31 -37.75 -13.23
C THR C 300 58.66 -39.14 -13.21
N ASP C 301 58.79 -39.84 -14.34
CA ASP C 301 58.18 -41.15 -14.48
C ASP C 301 58.25 -41.99 -13.24
N HIS C 302 59.43 -42.08 -12.65
CA HIS C 302 59.63 -42.91 -11.48
C HIS C 302 59.81 -42.27 -10.10
N ILE C 303 59.51 -40.98 -9.99
CA ILE C 303 59.61 -40.25 -8.72
C ILE C 303 58.51 -40.74 -7.81
N LEU C 304 58.83 -41.00 -6.56
CA LEU C 304 57.80 -41.44 -5.63
C LEU C 304 57.12 -40.19 -5.06
N PHE C 305 55.81 -40.06 -5.22
CA PHE C 305 55.16 -38.87 -4.67
C PHE C 305 54.42 -39.17 -3.38
N ILE C 306 54.44 -38.23 -2.45
CA ILE C 306 53.70 -38.43 -1.24
C ILE C 306 53.00 -37.12 -1.01
N ALA C 307 51.68 -37.12 -1.08
CA ALA C 307 50.87 -35.93 -0.86
C ALA C 307 50.20 -35.96 0.51
N SER C 308 50.21 -34.85 1.21
CA SER C 308 49.60 -34.79 2.53
C SER C 308 48.42 -33.85 2.62
N GLY C 309 47.64 -33.93 3.69
CA GLY C 309 46.51 -33.04 3.84
C GLY C 309 45.57 -33.45 4.94
N ALA C 310 44.94 -32.47 5.59
CA ALA C 310 43.99 -32.67 6.69
C ALA C 310 42.67 -33.13 6.19
N PHE C 311 42.21 -32.47 5.14
CA PHE C 311 40.96 -32.85 4.57
C PHE C 311 39.86 -32.76 5.60
N GLN C 312 39.74 -31.61 6.25
CA GLN C 312 38.66 -31.46 7.20
C GLN C 312 37.43 -31.01 6.42
N VAL C 313 37.64 -30.29 5.32
CA VAL C 313 36.54 -29.81 4.49
C VAL C 313 36.33 -30.63 3.25
N ALA C 314 37.40 -30.84 2.47
CA ALA C 314 37.25 -31.64 1.27
C ALA C 314 37.64 -33.08 1.49
N ARG C 315 37.03 -33.97 0.70
CA ARG C 315 37.33 -35.39 0.79
C ARG C 315 38.46 -35.54 -0.21
N PRO C 316 39.31 -36.55 -0.08
CA PRO C 316 40.34 -36.58 -1.11
C PRO C 316 39.67 -36.90 -2.44
N SER C 317 38.46 -37.46 -2.35
CA SER C 317 37.63 -37.83 -3.51
C SER C 317 37.08 -36.57 -4.16
N ASP C 318 37.77 -35.47 -3.93
CA ASP C 318 37.41 -34.17 -4.46
C ASP C 318 38.53 -33.69 -5.33
N LEU C 319 39.57 -34.49 -5.49
CA LEU C 319 40.66 -34.08 -6.36
C LEU C 319 40.23 -34.44 -7.76
N ILE C 320 40.96 -33.95 -8.76
CA ILE C 320 40.62 -34.28 -10.12
C ILE C 320 40.90 -35.75 -10.31
N PRO C 321 39.96 -36.47 -10.92
CA PRO C 321 40.10 -37.89 -11.16
C PRO C 321 41.47 -38.27 -11.69
N GLU C 322 41.97 -37.52 -12.65
CA GLU C 322 43.28 -37.85 -13.21
C GLU C 322 44.31 -38.10 -12.07
N LEU C 323 44.27 -37.24 -11.06
CA LEU C 323 45.17 -37.31 -9.92
C LEU C 323 44.68 -38.31 -8.87
N GLN C 324 43.39 -38.24 -8.60
CA GLN C 324 42.76 -39.13 -7.65
C GLN C 324 43.17 -40.56 -7.87
N GLY C 325 43.64 -40.85 -9.08
CA GLY C 325 44.02 -42.22 -9.40
C GLY C 325 45.50 -42.46 -9.50
N ARG C 326 46.28 -41.41 -9.36
CA ARG C 326 47.72 -41.57 -9.41
C ARG C 326 48.17 -41.52 -7.96
N LEU C 327 47.16 -41.40 -7.08
CA LEU C 327 47.33 -41.38 -5.62
C LEU C 327 46.50 -42.57 -5.13
N PRO C 328 47.00 -43.78 -5.45
CA PRO C 328 46.35 -45.02 -5.10
C PRO C 328 46.30 -45.28 -3.61
N ILE C 329 47.44 -45.26 -2.96
CA ILE C 329 47.51 -45.54 -1.53
C ILE C 329 47.01 -44.45 -0.58
N ARG C 330 45.85 -44.63 0.05
CA ARG C 330 45.41 -43.62 1.00
C ARG C 330 45.73 -44.27 2.32
N VAL C 331 46.37 -43.51 3.20
CA VAL C 331 46.78 -43.96 4.54
C VAL C 331 46.36 -42.90 5.53
N GLU C 332 45.96 -43.29 6.72
CA GLU C 332 45.52 -42.29 7.66
C GLU C 332 46.41 -42.14 8.87
N LEU C 333 46.58 -40.91 9.36
CA LEU C 333 47.37 -40.66 10.55
C LEU C 333 46.42 -40.15 11.62
N THR C 334 46.75 -40.44 12.87
CA THR C 334 45.89 -40.09 14.00
C THR C 334 46.27 -38.88 14.81
N ALA C 335 45.29 -38.39 15.55
CA ALA C 335 45.55 -37.24 16.40
C ALA C 335 46.51 -37.78 17.45
N LEU C 336 47.38 -36.91 17.98
CA LEU C 336 48.33 -37.32 18.98
C LEU C 336 47.76 -37.12 20.38
N SER C 337 48.01 -38.10 21.26
CA SER C 337 47.50 -38.06 22.62
C SER C 337 48.43 -37.64 23.73
N ALA C 338 47.81 -37.34 24.86
CA ALA C 338 48.52 -36.96 26.04
C ALA C 338 49.55 -38.05 26.18
N ALA C 339 49.02 -39.28 26.27
CA ALA C 339 49.83 -40.47 26.42
C ALA C 339 50.91 -40.56 25.36
N ASP C 340 50.56 -40.16 24.14
CA ASP C 340 51.49 -40.20 23.04
C ASP C 340 52.60 -39.21 23.25
N PHE C 341 52.22 -37.97 23.58
CA PHE C 341 53.20 -36.92 23.83
C PHE C 341 54.25 -37.44 24.80
N GLU C 342 53.75 -38.08 25.87
CA GLU C 342 54.61 -38.63 26.90
C GLU C 342 55.77 -39.35 26.26
N ARG C 343 55.51 -40.01 25.15
CA ARG C 343 56.52 -40.80 24.47
C ARG C 343 57.42 -40.04 23.54
N ILE C 344 56.81 -39.20 22.70
CA ILE C 344 57.52 -38.37 21.72
C ILE C 344 58.46 -37.55 22.55
N LEU C 345 58.03 -37.34 23.79
CA LEU C 345 58.79 -36.54 24.72
C LEU C 345 60.13 -37.18 25.12
N THR C 346 60.22 -38.52 25.11
CA THR C 346 61.46 -39.21 25.54
C THR C 346 62.02 -40.38 24.70
N GLU C 347 61.14 -41.11 24.00
CA GLU C 347 61.56 -42.26 23.23
C GLU C 347 62.40 -41.97 21.99
N PRO C 348 61.91 -41.14 21.10
CA PRO C 348 62.52 -40.72 19.83
C PRO C 348 64.03 -40.40 19.85
N HIS C 349 64.83 -41.01 18.96
CA HIS C 349 66.26 -40.67 18.92
C HIS C 349 66.41 -39.15 18.86
N ALA C 350 66.95 -38.58 19.91
CA ALA C 350 67.13 -37.14 19.95
C ALA C 350 65.80 -36.43 20.29
N SER C 351 65.12 -36.91 21.32
CA SER C 351 63.86 -36.32 21.78
C SER C 351 64.14 -34.94 22.34
N LEU C 352 63.10 -34.27 22.83
CA LEU C 352 63.29 -32.95 23.39
C LEU C 352 64.08 -32.99 24.69
N THR C 353 63.65 -33.86 25.60
CA THR C 353 64.37 -33.96 26.85
C THR C 353 65.79 -34.41 26.56
N GLU C 354 65.95 -35.38 25.67
CA GLU C 354 67.27 -35.85 25.33
C GLU C 354 68.08 -34.65 24.89
N GLN C 355 67.43 -33.67 24.23
CA GLN C 355 68.11 -32.45 23.72
C GLN C 355 68.46 -31.46 24.80
N TYR C 356 67.48 -30.98 25.54
CA TYR C 356 67.83 -30.04 26.60
C TYR C 356 68.94 -30.59 27.50
N LYS C 357 68.82 -31.85 27.94
CA LYS C 357 69.84 -32.45 28.78
C LYS C 357 71.17 -32.17 28.09
N ALA C 358 71.31 -32.66 26.88
CA ALA C 358 72.52 -32.44 26.11
C ALA C 358 72.92 -30.95 25.98
N LEU C 359 71.94 -30.05 25.91
CA LEU C 359 72.20 -28.62 25.79
C LEU C 359 72.65 -27.95 27.13
N MET C 360 71.89 -28.10 28.18
CA MET C 360 72.31 -27.55 29.46
C MET C 360 73.68 -28.17 29.84
N ALA C 361 73.88 -29.43 29.45
CA ALA C 361 75.14 -30.14 29.69
C ALA C 361 76.31 -29.21 29.37
N THR C 362 76.32 -28.68 28.15
CA THR C 362 77.34 -27.77 27.64
C THR C 362 77.69 -26.64 28.56
N GLU C 363 76.69 -26.12 29.29
CA GLU C 363 76.90 -25.01 30.23
C GLU C 363 77.41 -25.55 31.55
N GLY C 364 77.41 -26.88 31.66
CA GLY C 364 77.90 -27.54 32.84
C GLY C 364 76.79 -28.04 33.71
N VAL C 365 75.56 -27.61 33.42
CA VAL C 365 74.45 -28.02 34.22
C VAL C 365 73.96 -29.40 33.87
N ASN C 366 73.72 -30.19 34.92
CA ASN C 366 73.21 -31.55 34.76
C ASN C 366 71.74 -31.54 35.17
N ILE C 367 70.92 -31.90 34.21
CA ILE C 367 69.51 -31.85 34.40
C ILE C 367 68.88 -33.23 34.34
N ALA C 368 67.76 -33.39 35.03
CA ALA C 368 67.07 -34.68 35.03
C ALA C 368 65.57 -34.47 35.14
N PHE C 369 64.84 -35.08 34.19
CA PHE C 369 63.39 -34.97 34.15
C PHE C 369 62.84 -36.21 34.77
N THR C 370 61.95 -36.03 35.73
CA THR C 370 61.31 -37.17 36.40
C THR C 370 60.12 -37.59 35.59
N THR C 371 59.77 -38.87 35.71
CA THR C 371 58.62 -39.45 35.01
C THR C 371 57.43 -38.51 35.10
N ASP C 372 56.89 -38.39 36.30
CA ASP C 372 55.77 -37.48 36.57
C ASP C 372 56.01 -36.10 35.93
N ALA C 373 57.27 -35.68 35.82
CA ALA C 373 57.57 -34.40 35.21
C ALA C 373 57.19 -34.49 33.73
N VAL C 374 57.69 -35.50 33.03
CA VAL C 374 57.30 -35.64 31.64
C VAL C 374 55.80 -35.72 31.56
N LYS C 375 55.24 -36.73 32.23
CA LYS C 375 53.79 -36.90 32.24
C LYS C 375 53.14 -35.51 32.35
N LYS C 376 53.62 -34.70 33.29
CA LYS C 376 53.04 -33.37 33.46
C LYS C 376 53.25 -32.51 32.19
N ILE C 377 54.51 -32.36 31.77
CA ILE C 377 54.85 -31.59 30.58
C ILE C 377 53.89 -31.97 29.47
N ALA C 378 53.81 -33.27 29.18
CA ALA C 378 52.91 -33.74 28.12
C ALA C 378 51.45 -33.43 28.37
N GLU C 379 50.93 -33.89 29.50
CA GLU C 379 49.54 -33.62 29.82
C GLU C 379 49.27 -32.14 29.60
N ALA C 380 50.33 -31.32 29.66
CA ALA C 380 50.21 -29.87 29.50
C ALA C 380 50.15 -29.49 28.04
N ALA C 381 51.04 -30.03 27.23
CA ALA C 381 51.02 -29.73 25.81
C ALA C 381 49.59 -30.01 25.39
N PHE C 382 49.20 -31.27 25.48
CA PHE C 382 47.86 -31.68 25.13
C PHE C 382 46.82 -30.70 25.68
N ARG C 383 46.88 -30.44 26.98
CA ARG C 383 45.94 -29.52 27.62
C ARG C 383 45.61 -28.28 26.77
N VAL C 384 46.63 -27.53 26.39
CA VAL C 384 46.41 -26.34 25.57
C VAL C 384 45.91 -26.70 24.19
N ASN C 385 46.60 -27.59 23.49
CA ASN C 385 46.15 -27.98 22.16
C ASN C 385 44.63 -28.10 22.19
N GLU C 386 44.09 -28.86 23.15
CA GLU C 386 42.64 -28.99 23.23
C GLU C 386 41.93 -27.65 23.48
N LYS C 387 42.42 -26.86 24.44
CA LYS C 387 41.79 -25.58 24.77
C LYS C 387 41.96 -24.49 23.72
N THR C 388 42.89 -24.63 22.79
CA THR C 388 43.07 -23.57 21.78
C THR C 388 43.38 -24.05 20.37
N GLU C 389 44.43 -23.51 19.77
CA GLU C 389 44.80 -23.90 18.42
C GLU C 389 45.68 -25.18 18.45
N ASN C 390 45.05 -26.36 18.39
CA ASN C 390 45.82 -27.62 18.43
C ASN C 390 46.90 -27.66 17.35
N ILE C 391 48.12 -27.32 17.69
CA ILE C 391 49.13 -27.35 16.66
C ILE C 391 49.87 -28.66 16.69
N GLY C 392 49.19 -29.71 17.12
CA GLY C 392 49.83 -31.02 17.18
C GLY C 392 51.02 -31.13 18.13
N ALA C 393 52.05 -31.83 17.68
CA ALA C 393 53.25 -32.05 18.48
C ALA C 393 54.11 -30.83 18.64
N ARG C 394 53.96 -29.85 17.75
CA ARG C 394 54.77 -28.66 17.90
C ARG C 394 54.58 -28.14 19.30
N ARG C 395 53.35 -28.25 19.81
CA ARG C 395 53.08 -27.76 21.14
C ARG C 395 54.10 -28.24 22.19
N LEU C 396 54.87 -29.29 21.89
CA LEU C 396 55.86 -29.77 22.86
C LEU C 396 57.02 -28.82 22.82
N HIS C 397 57.50 -28.49 21.62
CA HIS C 397 58.62 -27.56 21.47
C HIS C 397 58.28 -26.23 22.12
N THR C 398 56.99 -25.90 22.07
CA THR C 398 56.46 -24.70 22.71
C THR C 398 56.49 -24.76 24.22
N VAL C 399 55.92 -25.84 24.79
CA VAL C 399 55.87 -25.98 26.23
C VAL C 399 57.24 -26.19 26.78
N MET C 400 58.07 -26.93 26.05
CA MET C 400 59.40 -27.10 26.54
C MET C 400 60.06 -25.75 26.71
N GLU C 401 60.25 -25.04 25.62
CA GLU C 401 60.90 -23.74 25.70
C GLU C 401 60.29 -22.85 26.74
N ARG C 402 59.01 -23.03 27.02
CA ARG C 402 58.40 -22.20 28.03
C ARG C 402 58.85 -22.65 29.40
N LEU C 403 59.08 -23.97 29.56
CA LEU C 403 59.51 -24.54 30.85
C LEU C 403 60.98 -24.29 31.11
N MET C 404 61.81 -24.71 30.15
CA MET C 404 63.27 -24.56 30.21
C MET C 404 63.74 -23.12 30.10
N ASP C 405 62.77 -22.21 30.18
CA ASP C 405 62.98 -20.77 30.12
C ASP C 405 64.15 -20.32 31.01
N LYS C 406 63.90 -20.17 32.32
CA LYS C 406 64.87 -19.70 33.32
C LYS C 406 66.20 -20.40 33.24
N ILE C 407 66.19 -21.72 33.44
CA ILE C 407 67.43 -22.47 33.39
C ILE C 407 68.27 -22.04 32.19
N SER C 408 67.65 -22.03 31.00
CA SER C 408 68.35 -21.69 29.74
C SER C 408 69.17 -20.43 29.84
N PHE C 409 68.78 -19.53 30.70
CA PHE C 409 69.53 -18.29 30.85
C PHE C 409 70.66 -18.43 31.82
N SER C 410 70.28 -18.82 33.03
CA SER C 410 71.18 -18.99 34.15
C SER C 410 72.10 -20.21 34.02
N ALA C 411 71.66 -21.19 33.25
CA ALA C 411 72.43 -22.40 33.05
C ALA C 411 73.91 -22.11 32.90
N SER C 412 74.19 -20.97 32.31
CA SER C 412 75.54 -20.56 32.03
C SER C 412 76.42 -20.42 33.25
N ASP C 413 75.99 -19.58 34.19
CA ASP C 413 76.82 -19.37 35.38
C ASP C 413 76.29 -20.25 36.51
N MET C 414 75.53 -21.24 36.12
CA MET C 414 74.95 -22.17 37.07
C MET C 414 75.67 -23.51 36.98
N ASN C 415 76.94 -23.45 36.62
CA ASN C 415 77.74 -24.64 36.46
C ASN C 415 77.73 -25.58 37.64
N GLY C 416 78.00 -26.84 37.35
CA GLY C 416 78.05 -27.86 38.36
C GLY C 416 76.70 -28.36 38.81
N GLN C 417 75.85 -27.43 39.25
CA GLN C 417 74.51 -27.77 39.74
C GLN C 417 73.83 -28.86 38.98
N THR C 418 72.80 -29.44 39.59
CA THR C 418 72.02 -30.47 38.93
C THR C 418 70.58 -30.08 39.18
N VAL C 419 69.83 -29.85 38.11
CA VAL C 419 68.45 -29.44 38.27
C VAL C 419 67.59 -30.68 38.23
N ASN C 420 66.69 -30.81 39.20
CA ASN C 420 65.83 -31.97 39.23
C ASN C 420 64.40 -31.56 38.87
N ILE C 421 64.11 -31.60 37.56
CA ILE C 421 62.80 -31.19 37.07
C ILE C 421 61.77 -32.24 37.33
N ASP C 422 60.93 -31.93 38.31
CA ASP C 422 59.85 -32.81 38.74
C ASP C 422 58.50 -32.20 38.46
N ALA C 423 57.45 -32.87 38.91
CA ALA C 423 56.08 -32.39 38.71
C ALA C 423 55.84 -31.02 39.35
N ALA C 424 56.52 -30.75 40.45
CA ALA C 424 56.39 -29.46 41.10
C ALA C 424 57.01 -28.45 40.16
N TYR C 425 58.27 -28.70 39.79
CA TYR C 425 58.99 -27.81 38.88
C TYR C 425 58.16 -27.38 37.71
N VAL C 426 57.78 -28.38 36.92
CA VAL C 426 57.01 -28.15 35.74
C VAL C 426 55.75 -27.41 36.08
N ALA C 427 55.04 -27.88 37.09
CA ALA C 427 53.77 -27.27 37.46
C ALA C 427 53.95 -25.79 37.78
N ASP C 428 55.15 -25.41 38.13
CA ASP C 428 55.42 -24.03 38.44
C ASP C 428 55.84 -23.32 37.15
N ALA C 429 56.96 -23.71 36.58
CA ALA C 429 57.45 -23.10 35.36
C ALA C 429 56.36 -22.74 34.35
N LEU C 430 55.26 -23.47 34.36
CA LEU C 430 54.18 -23.21 33.42
C LEU C 430 53.13 -22.23 33.89
N GLY C 431 52.59 -22.39 35.08
CA GLY C 431 51.65 -21.40 35.56
C GLY C 431 50.15 -21.56 35.41
N GLU C 432 49.53 -20.76 34.55
CA GLU C 432 48.10 -20.83 34.38
C GLU C 432 47.58 -20.69 32.95
N VAL C 433 46.79 -21.67 32.52
CA VAL C 433 46.21 -21.69 31.17
C VAL C 433 45.22 -20.51 31.06
N VAL C 434 45.29 -19.79 29.94
CA VAL C 434 44.42 -18.63 29.69
C VAL C 434 43.42 -18.88 28.55
N GLU C 435 42.21 -19.36 28.90
CA GLU C 435 41.19 -19.68 27.90
C GLU C 435 40.06 -18.63 27.77
N ASN C 436 38.81 -19.11 27.82
CA ASN C 436 37.57 -18.33 27.71
C ASN C 436 37.64 -16.82 27.47
N GLU C 437 38.32 -16.41 26.40
CA GLU C 437 38.42 -14.99 26.08
C GLU C 437 37.19 -14.58 25.30
N ASP C 438 36.66 -15.49 24.47
CA ASP C 438 35.47 -15.24 23.66
C ASP C 438 34.33 -14.88 24.57
N LEU C 439 33.19 -15.49 24.29
CA LEU C 439 32.01 -15.25 25.09
C LEU C 439 31.90 -13.75 25.30
N SER C 440 31.32 -13.39 26.43
CA SER C 440 31.14 -12.00 26.79
C SER C 440 31.29 -11.08 25.58
N ARG C 441 32.46 -10.47 25.45
CA ARG C 441 32.78 -9.55 24.34
C ARG C 441 31.96 -9.68 23.07
N PHE C 442 31.60 -10.91 22.70
CA PHE C 442 30.85 -11.14 21.48
C PHE C 442 29.44 -11.69 21.63
N ILE C 443 29.08 -12.13 22.82
CA ILE C 443 27.78 -12.73 22.99
C ILE C 443 26.67 -11.88 23.60
N LEU C 444 25.43 -12.25 23.31
CA LEU C 444 24.27 -11.52 23.82
C LEU C 444 23.65 -12.19 25.04
N SER D 2 85.26 -18.48 24.01
CA SER D 2 84.73 -19.00 22.71
C SER D 2 83.54 -18.19 22.18
N GLU D 3 82.80 -17.57 23.09
CA GLU D 3 81.64 -16.78 22.72
C GLU D 3 81.06 -16.14 23.96
N MET D 4 80.13 -15.24 23.74
CA MET D 4 79.50 -14.51 24.82
C MET D 4 78.50 -15.33 25.54
N THR D 5 78.00 -14.84 26.67
CA THR D 5 77.04 -15.57 27.46
C THR D 5 75.75 -14.80 27.75
N PRO D 6 74.70 -15.53 28.11
CA PRO D 6 73.42 -14.91 28.40
C PRO D 6 73.57 -13.56 29.05
N ARG D 7 74.04 -13.55 30.29
CA ARG D 7 74.18 -12.31 31.05
C ARG D 7 75.20 -11.36 30.43
N GLU D 8 76.19 -11.95 29.81
CA GLU D 8 77.26 -11.22 29.17
C GLU D 8 76.76 -10.39 27.97
N ILE D 9 75.84 -10.96 27.18
CA ILE D 9 75.27 -10.33 26.01
C ILE D 9 74.29 -9.25 26.40
N VAL D 10 73.45 -9.52 27.39
CA VAL D 10 72.50 -8.52 27.81
C VAL D 10 73.30 -7.26 28.08
N SER D 11 74.41 -7.41 28.80
CA SER D 11 75.31 -6.29 29.17
C SER D 11 75.58 -5.43 27.93
N GLU D 12 76.23 -6.02 26.94
CA GLU D 12 76.52 -5.35 25.66
C GLU D 12 75.30 -4.63 25.10
N LEU D 13 74.15 -5.28 25.05
CA LEU D 13 72.92 -4.67 24.54
C LEU D 13 72.47 -3.50 25.42
N ASP D 14 72.64 -3.62 26.73
CA ASP D 14 72.26 -2.56 27.64
C ASP D 14 73.03 -1.30 27.29
N GLN D 15 74.11 -1.47 26.53
CA GLN D 15 74.93 -0.35 26.14
C GLN D 15 74.26 0.49 25.08
N HIS D 16 73.30 -0.06 24.34
CA HIS D 16 72.62 0.73 23.32
C HIS D 16 71.12 0.82 23.44
N ILE D 17 70.47 -0.08 24.16
CA ILE D 17 69.03 0.00 24.29
C ILE D 17 68.71 0.27 25.70
N ILE D 18 67.68 1.05 25.94
CA ILE D 18 67.28 1.33 27.30
C ILE D 18 66.08 0.51 27.67
N GLY D 19 66.15 -0.22 28.76
CA GLY D 19 64.98 -0.99 29.14
C GLY D 19 64.76 -2.17 28.22
N GLN D 20 63.51 -2.55 28.01
CA GLN D 20 63.22 -3.69 27.15
C GLN D 20 64.16 -4.82 27.56
N ALA D 21 64.03 -5.23 28.82
CA ALA D 21 64.88 -6.27 29.40
C ALA D 21 64.56 -7.69 28.95
N ASP D 22 63.31 -8.09 29.14
CA ASP D 22 62.87 -9.43 28.74
C ASP D 22 63.35 -9.70 27.33
N ALA D 23 63.15 -8.69 26.48
CA ALA D 23 63.55 -8.76 25.08
C ALA D 23 65.04 -9.08 24.92
N LYS D 24 65.87 -8.35 25.67
CA LYS D 24 67.28 -8.57 25.62
C LYS D 24 67.61 -10.00 26.02
N ARG D 25 67.05 -10.45 27.13
CA ARG D 25 67.30 -11.81 27.59
C ARG D 25 66.93 -12.78 26.47
N ALA D 26 65.72 -12.63 25.98
CA ALA D 26 65.25 -13.51 24.95
C ALA D 26 66.29 -13.72 23.85
N VAL D 27 66.77 -12.63 23.25
CA VAL D 27 67.75 -12.81 22.18
C VAL D 27 69.08 -13.35 22.72
N ALA D 28 69.27 -13.16 24.02
CA ALA D 28 70.48 -13.60 24.67
C ALA D 28 70.49 -15.09 24.73
N ILE D 29 69.52 -15.65 25.45
CA ILE D 29 69.43 -17.09 25.58
C ILE D 29 69.55 -17.65 24.19
N ALA D 30 68.89 -16.96 23.27
CA ALA D 30 68.86 -17.34 21.90
C ALA D 30 70.26 -17.39 21.29
N LEU D 31 70.89 -16.25 21.17
CA LEU D 31 72.20 -16.29 20.59
C LEU D 31 73.12 -17.30 21.32
N ARG D 32 72.86 -17.52 22.61
CA ARG D 32 73.70 -18.44 23.38
C ARG D 32 73.48 -19.90 22.96
N ASN D 33 72.23 -20.27 22.70
CA ASN D 33 71.93 -21.64 22.30
C ASN D 33 72.77 -21.99 21.10
N ARG D 34 73.16 -20.97 20.35
CA ARG D 34 73.92 -21.22 19.16
C ARG D 34 75.28 -21.82 19.51
N TRP D 35 75.87 -21.31 20.59
CA TRP D 35 77.16 -21.79 21.05
C TRP D 35 76.98 -23.14 21.69
N ARG D 36 75.84 -23.35 22.33
CA ARG D 36 75.59 -24.63 22.97
C ARG D 36 75.58 -25.74 21.94
N ARG D 37 74.63 -25.70 21.00
CA ARG D 37 74.64 -26.72 19.96
C ARG D 37 75.93 -26.35 19.25
N MET D 38 76.39 -27.14 18.31
CA MET D 38 77.63 -26.74 17.61
C MET D 38 78.73 -26.83 18.63
N GLN D 39 78.46 -27.66 19.62
CA GLN D 39 79.34 -27.94 20.74
C GLN D 39 78.87 -29.34 21.13
N LEU D 40 77.79 -29.78 20.49
CA LEU D 40 77.24 -31.10 20.75
C LEU D 40 77.83 -32.00 19.67
N GLN D 41 77.67 -33.31 19.82
CA GLN D 41 78.21 -34.26 18.83
C GLN D 41 77.31 -34.50 17.61
N GLU D 42 77.92 -34.56 16.43
CA GLU D 42 77.23 -34.72 15.15
C GLU D 42 75.74 -35.09 15.11
N PRO D 43 75.32 -36.17 15.78
CA PRO D 43 73.89 -36.53 15.73
C PRO D 43 72.99 -35.34 16.11
N LEU D 44 73.18 -34.82 17.31
CA LEU D 44 72.40 -33.70 17.79
C LEU D 44 72.86 -32.34 17.23
N ARG D 45 74.16 -32.18 17.01
CA ARG D 45 74.72 -30.92 16.50
C ARG D 45 73.88 -30.42 15.35
N HIS D 46 73.23 -31.34 14.64
CA HIS D 46 72.38 -30.97 13.53
C HIS D 46 70.90 -31.17 13.81
N GLU D 47 70.59 -31.96 14.83
CA GLU D 47 69.20 -32.21 15.16
C GLU D 47 68.48 -31.10 15.93
N VAL D 48 69.21 -30.35 16.73
CA VAL D 48 68.58 -29.31 17.50
C VAL D 48 68.43 -28.08 16.62
N THR D 49 67.31 -27.37 16.77
CA THR D 49 67.04 -26.19 15.93
C THR D 49 66.75 -24.93 16.71
N PRO D 50 67.03 -23.75 16.10
CA PRO D 50 66.85 -22.40 16.67
C PRO D 50 65.52 -22.24 17.40
N LYS D 51 65.46 -21.37 18.41
CA LYS D 51 64.21 -21.20 19.10
C LYS D 51 63.61 -19.85 18.78
N ASN D 52 63.55 -19.54 17.49
CA ASN D 52 63.02 -18.29 16.95
C ASN D 52 62.20 -17.40 17.90
N ILE D 53 62.30 -16.09 17.73
CA ILE D 53 61.60 -15.13 18.56
C ILE D 53 60.55 -14.26 17.91
N LEU D 54 59.49 -13.98 18.64
CA LEU D 54 58.45 -13.09 18.15
C LEU D 54 58.32 -11.99 19.20
N MET D 55 58.77 -10.77 18.89
CA MET D 55 58.70 -9.69 19.87
C MET D 55 57.42 -8.99 19.60
N ILE D 56 56.70 -8.63 20.65
CA ILE D 56 55.43 -7.94 20.49
C ILE D 56 55.59 -6.59 21.12
N GLY D 57 55.41 -5.50 20.40
CA GLY D 57 55.57 -4.25 21.09
C GLY D 57 54.93 -3.11 20.37
N PRO D 58 55.15 -1.86 20.80
CA PRO D 58 54.59 -0.68 20.18
C PRO D 58 55.64 -0.25 19.19
N THR D 59 55.47 0.94 18.60
CA THR D 59 56.41 1.43 17.60
C THR D 59 57.69 2.02 18.17
N GLY D 60 58.82 1.65 17.54
CA GLY D 60 60.16 2.12 17.89
C GLY D 60 60.45 2.25 19.37
N VAL D 61 60.55 1.11 20.03
CA VAL D 61 60.84 1.02 21.44
C VAL D 61 61.95 0.04 21.62
N GLY D 62 62.54 -0.42 20.52
CA GLY D 62 63.70 -1.32 20.54
C GLY D 62 63.78 -2.58 19.69
N LYS D 63 62.63 -3.18 19.37
CA LYS D 63 62.56 -4.44 18.61
C LYS D 63 63.65 -4.62 17.59
N THR D 64 63.84 -3.61 16.77
CA THR D 64 64.84 -3.72 15.76
C THR D 64 66.27 -3.51 16.29
N GLU D 65 66.51 -2.46 17.06
CA GLU D 65 67.87 -2.24 17.55
C GLU D 65 68.35 -3.49 18.22
N ILE D 66 67.52 -3.98 19.12
CA ILE D 66 67.87 -5.16 19.85
C ILE D 66 68.36 -6.22 18.88
N ALA D 67 67.62 -6.42 17.80
CA ALA D 67 68.04 -7.44 16.84
C ALA D 67 69.32 -7.06 16.10
N ARG D 68 69.28 -5.87 15.51
CA ARG D 68 70.40 -5.39 14.74
C ARG D 68 71.66 -5.44 15.56
N ARG D 69 71.53 -5.11 16.84
CA ARG D 69 72.66 -5.12 17.74
C ARG D 69 73.14 -6.55 18.05
N LEU D 70 72.20 -7.42 18.42
CA LEU D 70 72.51 -8.80 18.75
C LEU D 70 73.41 -9.32 17.65
N ALA D 71 72.97 -9.08 16.43
CA ALA D 71 73.67 -9.51 15.24
C ALA D 71 75.05 -8.92 15.24
N LYS D 72 75.09 -7.60 15.39
CA LYS D 72 76.31 -6.84 15.39
C LYS D 72 77.31 -7.38 16.39
N LEU D 73 76.86 -7.56 17.64
CA LEU D 73 77.75 -8.09 18.67
C LEU D 73 78.11 -9.54 18.45
N ALA D 74 77.37 -10.21 17.61
CA ALA D 74 77.67 -11.59 17.37
C ALA D 74 78.42 -11.68 16.08
N ASN D 75 78.71 -10.53 15.49
CA ASN D 75 79.41 -10.52 14.22
C ASN D 75 78.68 -11.55 13.34
N ALA D 76 77.36 -11.37 13.22
CA ALA D 76 76.56 -12.28 12.42
C ALA D 76 75.91 -11.67 11.19
N PRO D 77 75.78 -12.47 10.12
CA PRO D 77 75.14 -11.94 8.92
C PRO D 77 73.71 -11.61 9.37
N PHE D 78 73.28 -10.37 9.16
CA PHE D 78 71.95 -10.00 9.58
C PHE D 78 71.19 -9.41 8.43
N ILE D 79 69.87 -9.26 8.56
CA ILE D 79 69.05 -8.72 7.49
C ILE D 79 67.63 -8.52 7.96
N LYS D 80 67.08 -7.35 7.70
CA LYS D 80 65.72 -7.09 8.12
C LYS D 80 64.84 -7.00 6.89
N VAL D 81 63.56 -7.37 7.00
CA VAL D 81 62.65 -7.27 5.86
C VAL D 81 61.22 -7.01 6.30
N GLU D 82 60.49 -6.19 5.55
CA GLU D 82 59.10 -5.97 5.93
C GLU D 82 58.37 -7.23 5.48
N ALA D 83 57.45 -7.74 6.29
CA ALA D 83 56.73 -8.96 5.95
C ALA D 83 55.87 -8.70 4.75
N THR D 84 55.23 -7.54 4.77
CA THR D 84 54.36 -7.09 3.72
C THR D 84 55.10 -6.88 2.42
N LYS D 85 56.42 -6.76 2.47
CA LYS D 85 57.16 -6.59 1.24
C LYS D 85 56.77 -7.68 0.24
N PHE D 86 56.06 -8.71 0.69
CA PHE D 86 55.70 -9.77 -0.22
C PHE D 86 54.21 -9.94 -0.42
N THR D 87 53.42 -8.90 -0.26
CA THR D 87 51.98 -9.10 -0.45
C THR D 87 51.61 -9.18 -1.94
N GLU D 95 59.35 -12.16 -4.21
CA GLU D 95 60.13 -13.40 -4.02
C GLU D 95 60.73 -13.56 -2.60
N VAL D 96 60.15 -14.44 -1.79
CA VAL D 96 60.62 -14.63 -0.43
C VAL D 96 62.02 -15.24 -0.27
N ASP D 97 62.43 -16.09 -1.22
CA ASP D 97 63.74 -16.70 -1.16
C ASP D 97 64.81 -15.63 -1.18
N SER D 98 64.48 -14.43 -1.62
CA SER D 98 65.48 -13.36 -1.68
C SER D 98 66.06 -13.09 -0.29
N ILE D 99 65.22 -13.20 0.73
CA ILE D 99 65.63 -12.95 2.09
C ILE D 99 66.93 -13.68 2.31
N ILE D 100 66.90 -14.99 2.12
CA ILE D 100 68.08 -15.82 2.32
C ILE D 100 69.17 -15.51 1.33
N ARG D 101 68.76 -14.95 0.19
CA ARG D 101 69.71 -14.64 -0.85
C ARG D 101 70.49 -13.41 -0.42
N ASP D 102 69.76 -12.36 -0.06
CA ASP D 102 70.35 -11.13 0.40
C ASP D 102 71.21 -11.40 1.62
N LEU D 103 70.74 -12.28 2.50
CA LEU D 103 71.48 -12.61 3.71
C LEU D 103 72.87 -13.11 3.32
N THR D 104 72.93 -14.15 2.50
CA THR D 104 74.20 -14.71 2.05
C THR D 104 75.07 -13.61 1.46
N ASP D 105 74.44 -12.71 0.71
CA ASP D 105 75.16 -11.60 0.09
C ASP D 105 75.87 -10.77 1.16
N SER D 106 75.19 -10.56 2.27
CA SER D 106 75.76 -9.80 3.37
C SER D 106 76.93 -10.56 4.02
N ALA D 107 76.69 -11.82 4.39
CA ALA D 107 77.72 -12.64 5.00
C ALA D 107 78.95 -12.64 4.12
N MET D 108 78.76 -12.58 2.81
CA MET D 108 79.90 -12.56 1.89
C MET D 108 80.81 -11.39 2.25
N LYS D 109 80.19 -10.23 2.49
CA LYS D 109 80.93 -9.02 2.88
C LYS D 109 81.72 -9.41 4.13
N LEU D 110 81.00 -9.62 5.22
CA LEU D 110 81.56 -10.03 6.51
C LEU D 110 82.76 -10.93 6.27
N VAL D 111 82.49 -12.14 5.81
CA VAL D 111 83.54 -13.10 5.53
C VAL D 111 84.67 -12.41 4.81
N ARG D 112 84.37 -11.70 3.73
CA ARG D 112 85.37 -10.99 2.92
C ARG D 112 86.17 -9.97 3.72
N GLN D 113 85.53 -8.85 4.06
CA GLN D 113 86.17 -7.78 4.83
C GLN D 113 86.88 -8.30 6.08
N GLN D 114 86.69 -9.59 6.38
CA GLN D 114 87.30 -10.20 7.55
C GLN D 114 88.57 -10.98 7.20
N GLU D 115 88.54 -11.67 6.06
CA GLU D 115 89.67 -12.47 5.58
C GLU D 115 90.70 -11.64 4.83
N ILE D 116 90.33 -10.40 4.52
CA ILE D 116 91.25 -9.51 3.83
C ILE D 116 92.16 -8.96 4.91
N ALA D 117 91.56 -8.57 6.02
CA ALA D 117 92.30 -8.02 7.14
C ALA D 117 93.06 -9.14 7.84
N LYS D 118 92.74 -10.37 7.48
CA LYS D 118 93.43 -11.52 8.05
C LYS D 118 94.79 -11.57 7.36
N ASN D 119 94.79 -11.28 6.07
CA ASN D 119 96.02 -11.29 5.31
C ASN D 119 96.47 -9.88 4.95
N ARG D 120 97.39 -9.36 5.75
CA ARG D 120 97.96 -8.03 5.50
C ARG D 120 99.47 -8.15 5.65
N ALA D 121 99.93 -9.37 5.91
CA ALA D 121 101.36 -9.65 6.07
C ALA D 121 101.77 -10.73 5.07
N ASN D 236 92.17 -16.05 -2.28
CA ASN D 236 91.50 -17.29 -2.66
C ASN D 236 89.98 -17.21 -2.45
N PRO D 237 89.21 -17.07 -3.53
CA PRO D 237 87.74 -16.97 -3.54
C PRO D 237 86.92 -18.23 -3.23
N GLU D 238 87.28 -19.38 -3.78
CA GLU D 238 86.50 -20.59 -3.54
C GLU D 238 86.16 -20.86 -2.06
N GLU D 239 87.17 -20.79 -1.19
CA GLU D 239 86.96 -21.01 0.24
C GLU D 239 86.09 -19.88 0.76
N LEU D 240 86.37 -18.67 0.29
CA LEU D 240 85.60 -17.49 0.70
C LEU D 240 84.14 -17.87 0.64
N LYS D 241 83.58 -17.90 -0.57
CA LYS D 241 82.18 -18.27 -0.73
C LYS D 241 81.81 -19.37 0.27
N GLN D 242 82.51 -20.50 0.19
CA GLN D 242 82.25 -21.61 1.09
C GLN D 242 82.02 -21.12 2.51
N LYS D 243 82.77 -20.11 2.95
CA LYS D 243 82.60 -19.59 4.30
C LYS D 243 81.33 -18.75 4.47
N ALA D 244 81.15 -17.76 3.61
CA ALA D 244 79.98 -16.90 3.69
C ALA D 244 78.78 -17.82 3.82
N ILE D 245 78.84 -18.93 3.08
CA ILE D 245 77.80 -19.93 3.09
C ILE D 245 77.67 -20.41 4.52
N ASP D 246 78.78 -20.89 5.08
CA ASP D 246 78.78 -21.36 6.46
C ASP D 246 78.27 -20.21 7.33
N ALA D 247 78.91 -19.06 7.18
CA ALA D 247 78.54 -17.87 7.92
C ALA D 247 77.02 -17.66 7.95
N VAL D 248 76.32 -17.87 6.84
CA VAL D 248 74.87 -17.70 6.86
C VAL D 248 74.28 -18.90 7.55
N GLU D 249 74.50 -20.08 6.99
CA GLU D 249 73.96 -21.34 7.50
C GLU D 249 74.10 -21.54 9.00
N GLN D 250 75.23 -21.08 9.53
CA GLN D 250 75.54 -21.21 10.95
C GLN D 250 75.03 -20.09 11.85
N ASN D 251 75.33 -18.84 11.53
CA ASN D 251 74.83 -17.76 12.38
C ASN D 251 74.09 -16.61 11.72
N GLY D 252 73.08 -16.90 10.92
CA GLY D 252 72.37 -15.79 10.33
C GLY D 252 71.17 -15.37 11.16
N ILE D 253 70.91 -14.08 11.23
CA ILE D 253 69.77 -13.62 11.99
C ILE D 253 68.93 -12.97 10.93
N VAL D 254 67.64 -13.27 10.90
CA VAL D 254 66.73 -12.67 9.94
C VAL D 254 65.63 -11.99 10.73
N PHE D 255 65.50 -10.69 10.58
CA PHE D 255 64.49 -9.97 11.32
C PHE D 255 63.30 -9.74 10.38
N ILE D 256 62.13 -10.24 10.74
CA ILE D 256 60.92 -10.07 9.92
C ILE D 256 60.00 -9.08 10.60
N ASP D 257 60.02 -7.85 10.11
CA ASP D 257 59.24 -6.78 10.73
C ASP D 257 57.75 -6.81 10.41
N GLU D 258 56.97 -6.19 11.30
CA GLU D 258 55.52 -6.13 11.18
C GLU D 258 54.94 -7.40 10.51
N ILE D 259 55.20 -8.53 11.14
CA ILE D 259 54.67 -9.79 10.65
C ILE D 259 53.20 -9.78 11.10
N ASP D 260 52.88 -8.90 12.03
CA ASP D 260 51.52 -8.80 12.50
C ASP D 260 50.64 -8.19 11.42
N LYS D 261 51.24 -7.64 10.38
CA LYS D 261 50.45 -7.08 9.30
C LYS D 261 49.96 -8.17 8.36
N ILE D 262 50.81 -9.16 8.06
CA ILE D 262 50.42 -10.27 7.17
C ILE D 262 49.71 -11.35 7.93
N CYS D 263 48.97 -10.93 8.94
CA CYS D 263 48.16 -11.80 9.78
C CYS D 263 46.76 -11.72 9.19
N LYS D 264 45.74 -12.30 9.83
CA LYS D 264 44.38 -12.23 9.27
C LYS D 264 43.52 -11.21 10.01
N LYS D 265 42.49 -10.71 9.32
CA LYS D 265 41.54 -9.75 9.91
C LYS D 265 40.56 -9.21 8.85
N GLY D 270 38.23 -12.00 1.32
CA GLY D 270 39.06 -11.77 0.15
C GLY D 270 40.14 -10.73 0.38
N ALA D 271 41.22 -10.82 -0.40
CA ALA D 271 42.37 -9.91 -0.31
C ALA D 271 43.13 -10.07 1.00
N ASP D 272 42.65 -11.00 1.83
CA ASP D 272 43.27 -11.32 3.13
C ASP D 272 44.10 -12.58 2.94
N VAL D 273 43.63 -13.44 2.03
CA VAL D 273 44.35 -14.68 1.73
C VAL D 273 45.61 -14.31 0.98
N SER D 274 45.70 -13.04 0.58
CA SER D 274 46.87 -12.53 -0.12
C SER D 274 47.96 -12.33 0.92
N ARG D 275 47.53 -12.11 2.16
CA ARG D 275 48.45 -11.89 3.28
C ARG D 275 48.69 -13.20 4.02
N GLU D 276 47.59 -13.84 4.41
CA GLU D 276 47.68 -15.11 5.11
C GLU D 276 48.43 -16.05 4.20
N GLY D 277 48.95 -15.49 3.12
CA GLY D 277 49.66 -16.28 2.15
C GLY D 277 51.12 -16.11 2.34
N VAL D 278 51.55 -14.88 2.55
CA VAL D 278 52.95 -14.66 2.76
C VAL D 278 53.45 -15.63 3.85
N GLN D 279 52.61 -15.89 4.85
CA GLN D 279 53.00 -16.78 5.92
C GLN D 279 53.42 -18.08 5.31
N ARG D 280 52.48 -18.78 4.66
CA ARG D 280 52.78 -20.06 4.02
C ARG D 280 54.03 -19.96 3.14
N ASP D 281 54.33 -18.74 2.69
CA ASP D 281 55.50 -18.53 1.84
C ASP D 281 56.75 -18.51 2.65
N LEU D 282 56.66 -17.97 3.87
CA LEU D 282 57.83 -17.90 4.75
C LEU D 282 58.17 -19.24 5.41
N LEU D 283 57.19 -20.12 5.52
CA LEU D 283 57.37 -21.41 6.16
C LEU D 283 58.64 -22.09 5.78
N PRO D 284 58.79 -22.42 4.50
CA PRO D 284 60.00 -23.08 4.02
C PRO D 284 61.27 -22.55 4.63
N LEU D 285 61.37 -21.24 4.82
CA LEU D 285 62.57 -20.67 5.41
C LEU D 285 62.65 -21.04 6.88
N VAL D 286 61.70 -20.50 7.63
CA VAL D 286 61.59 -20.77 9.05
C VAL D 286 61.74 -22.27 9.30
N GLU D 287 60.86 -23.04 8.68
CA GLU D 287 60.82 -24.50 8.80
C GLU D 287 62.06 -25.20 8.28
N GLY D 288 62.91 -24.51 7.54
CA GLY D 288 64.12 -25.16 7.07
C GLY D 288 64.07 -25.80 5.71
N SER D 289 64.72 -25.15 4.77
CA SER D 289 64.80 -25.60 3.40
C SER D 289 66.09 -25.04 2.85
N THR D 290 66.29 -25.17 1.56
CA THR D 290 67.52 -24.69 0.93
C THR D 290 67.14 -23.69 -0.11
N VAL D 291 67.98 -22.69 -0.36
CA VAL D 291 67.68 -21.72 -1.44
C VAL D 291 68.99 -21.45 -2.15
N SER D 292 68.91 -21.38 -3.47
CA SER D 292 70.10 -21.13 -4.25
C SER D 292 70.51 -19.66 -4.30
N THR D 293 71.74 -19.40 -3.89
CA THR D 293 72.29 -18.05 -3.89
C THR D 293 73.42 -18.02 -4.88
N LYS D 294 73.77 -16.83 -5.36
CA LYS D 294 74.86 -16.71 -6.31
C LYS D 294 76.21 -17.14 -5.76
N HIS D 295 76.20 -17.74 -4.58
CA HIS D 295 77.45 -18.18 -3.96
C HIS D 295 77.38 -19.68 -3.71
N GLY D 296 76.22 -20.24 -3.97
CA GLY D 296 76.03 -21.66 -3.77
C GLY D 296 74.74 -21.92 -3.05
N MET D 297 74.64 -23.08 -2.43
CA MET D 297 73.42 -23.44 -1.73
C MET D 297 73.47 -23.19 -0.22
N VAL D 298 72.50 -22.46 0.30
CA VAL D 298 72.48 -22.24 1.74
C VAL D 298 71.21 -22.82 2.33
N LYS D 299 71.30 -23.29 3.58
CA LYS D 299 70.15 -23.91 4.25
C LYS D 299 69.58 -23.10 5.40
N THR D 300 68.33 -22.72 5.26
CA THR D 300 67.64 -21.95 6.28
C THR D 300 67.43 -22.77 7.57
N ASP D 301 67.79 -24.04 7.52
CA ASP D 301 67.59 -24.92 8.68
C ASP D 301 67.94 -24.30 10.00
N HIS D 302 69.13 -23.72 10.07
CA HIS D 302 69.63 -23.14 11.30
C HIS D 302 69.67 -21.62 11.44
N ILE D 303 69.01 -20.90 10.54
CA ILE D 303 68.98 -19.45 10.64
C ILE D 303 68.15 -19.05 11.85
N LEU D 304 68.56 -18.04 12.60
CA LEU D 304 67.74 -17.60 13.72
C LEU D 304 66.75 -16.52 13.20
N PHE D 305 65.46 -16.70 13.43
CA PHE D 305 64.47 -15.74 12.96
C PHE D 305 63.85 -14.93 14.07
N ILE D 306 63.83 -13.63 13.93
CA ILE D 306 63.21 -12.81 14.96
C ILE D 306 62.08 -12.07 14.27
N ALA D 307 60.84 -12.32 14.67
CA ALA D 307 59.69 -11.66 14.06
C ALA D 307 59.23 -10.60 15.02
N SER D 308 58.68 -9.51 14.50
CA SER D 308 58.25 -8.45 15.39
C SER D 308 56.94 -7.97 14.90
N GLY D 309 56.17 -7.36 15.78
CA GLY D 309 54.88 -6.85 15.36
C GLY D 309 54.24 -6.18 16.52
N ALA D 310 53.34 -5.24 16.26
CA ALA D 310 52.63 -4.50 17.30
C ALA D 310 51.51 -5.35 17.84
N PHE D 311 50.74 -5.93 16.92
CA PHE D 311 49.63 -6.77 17.27
C PHE D 311 48.55 -6.01 18.03
N GLN D 312 48.10 -4.88 17.48
CA GLN D 312 47.06 -4.13 18.18
C GLN D 312 45.69 -4.66 17.79
N VAL D 313 45.61 -5.24 16.60
CA VAL D 313 44.36 -5.80 16.09
C VAL D 313 44.39 -7.30 16.12
N ALA D 314 45.50 -7.89 15.71
CA ALA D 314 45.60 -9.34 15.73
C ALA D 314 46.39 -9.85 16.95
N ARG D 315 46.15 -11.11 17.31
CA ARG D 315 46.85 -11.77 18.40
C ARG D 315 47.90 -12.63 17.65
N PRO D 316 49.05 -12.95 18.28
CA PRO D 316 49.98 -13.75 17.50
C PRO D 316 49.33 -15.07 17.19
N SER D 317 48.44 -15.48 18.09
CA SER D 317 47.69 -16.73 17.95
C SER D 317 46.73 -16.64 16.77
N ASP D 318 47.04 -15.74 15.84
CA ASP D 318 46.22 -15.56 14.66
C ASP D 318 47.04 -15.90 13.46
N LEU D 319 48.31 -16.26 13.65
CA LEU D 319 49.12 -16.65 12.51
C LEU D 319 48.78 -18.10 12.22
N ILE D 320 49.29 -18.62 11.12
CA ILE D 320 49.02 -20.00 10.76
C ILE D 320 49.77 -20.87 11.77
N PRO D 321 49.12 -21.95 12.26
CA PRO D 321 49.68 -22.88 13.24
C PRO D 321 51.05 -23.32 12.85
N GLU D 322 51.20 -23.71 11.58
CA GLU D 322 52.50 -24.15 11.09
C GLU D 322 53.59 -23.26 11.65
N LEU D 323 53.41 -21.95 11.46
CA LEU D 323 54.33 -20.91 11.90
C LEU D 323 54.25 -20.63 13.41
N GLN D 324 53.03 -20.46 13.89
CA GLN D 324 52.77 -20.16 15.27
C GLN D 324 53.57 -21.04 16.21
N GLY D 325 54.08 -22.14 15.69
CA GLY D 325 54.83 -23.05 16.53
C GLY D 325 56.29 -23.00 16.23
N ARG D 326 56.65 -22.33 15.15
CA ARG D 326 58.05 -22.22 14.83
C ARG D 326 58.54 -20.89 15.44
N LEU D 327 57.62 -20.23 16.12
CA LEU D 327 57.90 -18.99 16.82
C LEU D 327 57.52 -19.29 18.27
N PRO D 328 58.38 -20.06 18.97
CA PRO D 328 58.31 -20.55 20.35
C PRO D 328 58.33 -19.46 21.41
N ILE D 329 59.38 -18.66 21.33
CA ILE D 329 59.60 -17.56 22.25
C ILE D 329 58.80 -16.27 21.99
N ARG D 330 57.84 -15.95 22.85
CA ARG D 330 57.10 -14.71 22.68
C ARG D 330 57.67 -13.86 23.81
N VAL D 331 58.04 -12.62 23.48
CA VAL D 331 58.61 -11.73 24.47
C VAL D 331 57.92 -10.41 24.22
N GLU D 332 57.67 -9.66 25.28
CA GLU D 332 56.98 -8.40 25.09
C GLU D 332 57.82 -7.15 25.37
N LEU D 333 57.75 -6.12 24.54
CA LEU D 333 58.47 -4.89 24.84
C LEU D 333 57.42 -3.85 25.24
N THR D 334 57.87 -2.88 26.05
CA THR D 334 57.02 -1.82 26.59
C THR D 334 57.05 -0.48 25.92
N ALA D 335 55.96 0.25 26.09
CA ALA D 335 55.84 1.58 25.55
C ALA D 335 56.94 2.32 26.25
N LEU D 336 57.51 3.32 25.59
CA LEU D 336 58.58 4.07 26.20
C LEU D 336 58.03 5.22 27.02
N SER D 337 58.58 5.45 28.20
CA SER D 337 58.07 6.54 29.03
C SER D 337 58.89 7.82 29.03
N ALA D 338 58.32 8.84 29.64
CA ALA D 338 58.95 10.15 29.78
C ALA D 338 60.32 9.85 30.37
N ALA D 339 60.24 9.30 31.58
CA ALA D 339 61.41 8.92 32.35
C ALA D 339 62.35 8.14 31.47
N ASP D 340 61.81 7.23 30.66
CA ASP D 340 62.63 6.44 29.78
C ASP D 340 63.33 7.33 28.79
N PHE D 341 62.56 8.21 28.15
CA PHE D 341 63.12 9.12 27.15
C PHE D 341 64.32 9.84 27.76
N GLU D 342 64.14 10.35 28.98
CA GLU D 342 65.19 11.04 29.69
C GLU D 342 66.50 10.28 29.67
N ARG D 343 66.42 8.96 29.60
CA ARG D 343 67.61 8.12 29.59
C ARG D 343 68.15 7.90 28.21
N ILE D 344 67.26 7.50 27.29
CA ILE D 344 67.65 7.23 25.93
C ILE D 344 68.28 8.48 25.44
N LEU D 345 67.90 9.58 26.07
CA LEU D 345 68.40 10.90 25.70
C LEU D 345 69.88 11.13 26.01
N THR D 346 70.41 10.44 27.02
CA THR D 346 71.81 10.63 27.42
C THR D 346 72.72 9.44 27.80
N GLU D 347 72.12 8.32 28.21
CA GLU D 347 72.93 7.17 28.63
C GLU D 347 73.58 6.38 27.49
N PRO D 348 72.78 5.90 26.55
CA PRO D 348 73.18 5.11 25.38
C PRO D 348 74.51 5.52 24.76
N HIS D 349 75.34 4.58 24.33
CA HIS D 349 76.59 4.96 23.66
C HIS D 349 76.15 5.76 22.45
N ALA D 350 76.71 6.95 22.28
CA ALA D 350 76.38 7.87 21.19
C ALA D 350 74.92 8.30 21.24
N SER D 351 74.51 8.91 22.35
CA SER D 351 73.13 9.35 22.46
C SER D 351 72.88 10.57 21.58
N LEU D 352 71.65 11.07 21.59
CA LEU D 352 71.36 12.26 20.80
C LEU D 352 72.25 13.39 21.30
N THR D 353 72.04 13.78 22.55
CA THR D 353 72.84 14.85 23.12
C THR D 353 74.31 14.61 22.83
N GLU D 354 74.81 13.44 23.17
CA GLU D 354 76.21 13.11 22.93
C GLU D 354 76.57 13.41 21.48
N GLN D 355 75.61 13.23 20.57
CA GLN D 355 75.84 13.49 19.16
C GLN D 355 75.86 14.98 18.85
N TYR D 356 74.82 15.72 19.22
CA TYR D 356 74.86 17.13 18.93
C TYR D 356 76.09 17.80 19.54
N LYS D 357 76.38 17.52 20.81
CA LYS D 357 77.57 18.11 21.44
C LYS D 357 78.68 17.88 20.41
N ALA D 358 78.98 16.61 20.17
CA ALA D 358 80.00 16.24 19.21
C ALA D 358 79.94 17.01 17.90
N LEU D 359 78.72 17.25 17.41
CA LEU D 359 78.49 17.97 16.13
C LEU D 359 78.77 19.50 16.17
N MET D 360 78.16 20.18 17.11
CA MET D 360 78.41 21.61 17.18
C MET D 360 79.91 21.78 17.47
N ALA D 361 80.46 20.81 18.19
CA ALA D 361 81.88 20.82 18.52
C ALA D 361 82.62 21.26 17.29
N THR D 362 82.44 20.49 16.23
CA THR D 362 83.10 20.72 14.96
C THR D 362 83.10 22.15 14.49
N GLU D 363 81.98 22.84 14.68
CA GLU D 363 81.85 24.23 14.25
C GLU D 363 82.49 25.14 15.27
N GLY D 364 82.97 24.53 16.35
CA GLY D 364 83.65 25.28 17.41
C GLY D 364 82.76 25.70 18.55
N VAL D 365 81.47 25.48 18.46
CA VAL D 365 80.62 25.87 19.55
C VAL D 365 80.64 24.72 20.56
N ASN D 366 80.66 25.11 21.85
CA ASN D 366 80.65 24.15 22.94
C ASN D 366 79.27 24.22 23.57
N ILE D 367 78.55 23.13 23.41
CA ILE D 367 77.20 23.06 23.94
C ILE D 367 77.04 22.20 25.22
N ALA D 368 76.02 22.52 26.02
CA ALA D 368 75.82 21.80 27.23
C ALA D 368 74.35 21.73 27.54
N PHE D 369 73.87 20.52 27.84
CA PHE D 369 72.46 20.35 28.17
C PHE D 369 72.40 20.17 29.66
N THR D 370 71.46 20.87 30.28
CA THR D 370 71.27 20.80 31.71
C THR D 370 70.25 19.71 31.95
N THR D 371 70.33 19.09 33.11
CA THR D 371 69.44 18.06 33.53
C THR D 371 68.03 18.49 33.20
N ASP D 372 67.52 19.49 33.91
CA ASP D 372 66.17 20.00 33.64
C ASP D 372 65.92 20.17 32.13
N ALA D 373 66.97 20.42 31.35
CA ALA D 373 66.77 20.57 29.91
C ALA D 373 66.37 19.24 29.29
N VAL D 374 67.13 18.21 29.58
CA VAL D 374 66.81 16.91 29.02
C VAL D 374 65.44 16.52 29.57
N LYS D 375 65.26 16.64 30.87
CA LYS D 375 63.98 16.29 31.46
C LYS D 375 62.92 16.95 30.60
N LYS D 376 63.11 18.25 30.31
CA LYS D 376 62.17 19.02 29.49
C LYS D 376 62.04 18.45 28.06
N ILE D 377 63.17 18.28 27.38
CA ILE D 377 63.17 17.72 26.02
C ILE D 377 62.35 16.44 25.99
N ALA D 378 62.70 15.50 26.88
CA ALA D 378 62.05 14.23 26.98
C ALA D 378 60.58 14.36 27.29
N GLU D 379 60.25 15.05 28.38
CA GLU D 379 58.85 15.23 28.74
C GLU D 379 58.12 15.69 27.48
N ALA D 380 58.81 16.54 26.71
CA ALA D 380 58.28 17.09 25.48
C ALA D 380 58.01 16.05 24.39
N ALA D 381 58.99 15.19 24.11
CA ALA D 381 58.82 14.14 23.10
C ALA D 381 57.63 13.30 23.50
N PHE D 382 57.65 12.79 24.71
CA PHE D 382 56.54 11.99 25.20
C PHE D 382 55.23 12.76 25.05
N ARG D 383 55.24 14.02 25.50
CA ARG D 383 54.06 14.88 25.42
C ARG D 383 53.34 14.74 24.07
N VAL D 384 54.00 15.09 22.98
CA VAL D 384 53.35 15.00 21.68
C VAL D 384 52.95 13.58 21.35
N ASN D 385 53.88 12.63 21.42
CA ASN D 385 53.53 11.25 21.14
C ASN D 385 52.16 10.97 21.70
N GLU D 386 51.93 11.29 22.97
CA GLU D 386 50.62 11.05 23.55
C GLU D 386 49.51 11.82 22.84
N LYS D 387 49.76 13.09 22.52
CA LYS D 387 48.76 13.95 21.87
C LYS D 387 48.53 13.67 20.38
N THR D 388 49.45 12.96 19.73
CA THR D 388 49.29 12.66 18.32
C THR D 388 49.70 11.26 17.87
N GLU D 389 50.51 11.17 16.82
CA GLU D 389 50.97 9.89 16.32
C GLU D 389 52.21 9.41 17.11
N ASN D 390 51.99 8.64 18.17
CA ASN D 390 53.08 8.14 19.01
C ASN D 390 54.01 7.35 18.13
N ILE D 391 55.14 7.93 17.76
CA ILE D 391 56.08 7.20 16.91
C ILE D 391 57.23 6.64 17.71
N GLY D 392 56.98 6.37 18.99
CA GLY D 392 58.01 5.83 19.81
C GLY D 392 59.13 6.83 20.05
N ALA D 393 60.35 6.31 20.18
CA ALA D 393 61.55 7.13 20.43
C ALA D 393 61.94 8.01 19.28
N ARG D 394 61.40 7.76 18.10
CA ARG D 394 61.77 8.61 17.00
C ARG D 394 61.40 10.01 17.41
N ARG D 395 60.32 10.17 18.12
CA ARG D 395 59.97 11.50 18.53
C ARG D 395 61.12 12.27 19.22
N LEU D 396 62.21 11.61 19.59
CA LEU D 396 63.31 12.34 20.19
C LEU D 396 64.13 12.97 19.07
N HIS D 397 64.51 12.17 18.09
CA HIS D 397 65.28 12.69 16.96
C HIS D 397 64.52 13.88 16.42
N THR D 398 63.19 13.75 16.38
CA THR D 398 62.32 14.82 15.94
C THR D 398 62.51 16.05 16.78
N VAL D 399 62.01 15.99 18.02
CA VAL D 399 62.12 17.11 18.92
C VAL D 399 63.52 17.66 18.96
N MET D 400 64.53 16.80 18.95
CA MET D 400 65.86 17.34 18.99
C MET D 400 66.11 18.25 17.82
N GLU D 401 65.92 17.74 16.60
CA GLU D 401 66.19 18.56 15.43
C GLU D 401 65.39 19.83 15.46
N ARG D 402 64.22 19.78 16.09
CA ARG D 402 63.41 20.97 16.17
C ARG D 402 64.04 22.00 17.12
N LEU D 403 64.71 21.54 18.19
CA LEU D 403 65.35 22.43 19.19
C LEU D 403 66.73 22.92 18.75
N MET D 404 67.59 22.01 18.37
CA MET D 404 68.92 22.37 17.91
C MET D 404 68.86 23.13 16.57
N ASP D 405 67.66 23.49 16.15
CA ASP D 405 67.39 24.23 14.91
C ASP D 405 68.38 25.41 14.68
N LYS D 406 68.10 26.52 15.37
CA LYS D 406 68.87 27.76 15.30
C LYS D 406 70.36 27.47 15.38
N ILE D 407 70.81 26.99 16.53
CA ILE D 407 72.21 26.70 16.72
C ILE D 407 72.83 25.92 15.59
N SER D 408 72.09 25.01 14.97
CA SER D 408 72.67 24.20 13.92
C SER D 408 73.08 25.02 12.73
N PHE D 409 72.38 26.11 12.47
CA PHE D 409 72.72 27.00 11.35
C PHE D 409 73.91 27.90 11.71
N SER D 410 73.62 28.82 12.62
CA SER D 410 74.58 29.79 13.15
C SER D 410 75.80 29.16 13.83
N ALA D 411 75.69 27.93 14.28
CA ALA D 411 76.81 27.30 14.95
C ALA D 411 78.09 27.57 14.22
N SER D 412 77.98 27.67 12.91
CA SER D 412 79.16 27.86 12.09
C SER D 412 80.02 29.09 12.30
N ASP D 413 79.37 30.24 12.37
CA ASP D 413 80.09 31.48 12.57
C ASP D 413 79.92 31.91 14.03
N MET D 414 79.43 30.99 14.83
CA MET D 414 79.19 31.29 16.21
C MET D 414 80.34 30.78 17.06
N ASN D 415 81.46 30.52 16.41
CA ASN D 415 82.66 29.96 17.02
C ASN D 415 83.02 30.46 18.41
N GLY D 416 83.65 29.56 19.16
CA GLY D 416 84.09 29.86 20.49
C GLY D 416 83.00 29.82 21.53
N GLN D 417 81.94 30.59 21.32
CA GLN D 417 80.84 30.70 22.28
C GLN D 417 80.40 29.38 22.85
N THR D 418 79.71 29.43 23.98
CA THR D 418 79.23 28.19 24.58
C THR D 418 77.75 28.38 24.83
N VAL D 419 76.92 27.47 24.32
CA VAL D 419 75.47 27.59 24.52
C VAL D 419 75.09 26.71 25.67
N ASN D 420 74.27 27.27 26.57
CA ASN D 420 73.85 26.53 27.73
C ASN D 420 72.38 26.19 27.68
N ILE D 421 72.06 25.08 27.02
CA ILE D 421 70.69 24.64 26.87
C ILE D 421 70.02 24.23 28.16
N ASP D 422 69.19 25.14 28.69
CA ASP D 422 68.49 24.90 29.93
C ASP D 422 67.02 24.80 29.68
N ALA D 423 66.27 24.57 30.75
CA ALA D 423 64.83 24.42 30.66
C ALA D 423 64.25 25.55 29.88
N ALA D 424 64.69 26.76 30.20
CA ALA D 424 64.19 27.94 29.50
C ALA D 424 64.39 27.79 28.01
N TYR D 425 65.65 27.59 27.60
CA TYR D 425 66.04 27.42 26.21
C TYR D 425 65.10 26.49 25.47
N VAL D 426 65.04 25.25 25.94
CA VAL D 426 64.19 24.23 25.35
C VAL D 426 62.77 24.73 25.33
N ALA D 427 62.25 25.04 26.50
CA ALA D 427 60.89 25.53 26.62
C ALA D 427 60.58 26.64 25.60
N ASP D 428 61.63 27.26 25.09
CA ASP D 428 61.45 28.31 24.10
C ASP D 428 61.49 27.68 22.71
N ALA D 429 62.69 27.24 22.32
CA ALA D 429 62.90 26.63 21.01
C ALA D 429 61.79 25.70 20.56
N LEU D 430 60.92 25.27 21.47
CA LEU D 430 59.87 24.37 21.06
C LEU D 430 58.53 25.03 20.78
N GLY D 431 58.06 25.87 21.67
CA GLY D 431 56.77 26.49 21.44
C GLY D 431 55.70 25.63 22.11
N GLU D 432 54.50 25.64 21.54
CA GLU D 432 53.39 24.86 22.11
C GLU D 432 52.95 23.79 21.11
N VAL D 433 52.35 22.71 21.59
CA VAL D 433 51.87 21.66 20.67
C VAL D 433 50.71 22.30 19.90
N VAL D 434 50.31 21.71 18.78
CA VAL D 434 49.23 22.34 18.00
C VAL D 434 48.14 21.49 17.34
N GLU D 435 46.99 22.14 17.22
CA GLU D 435 45.79 21.62 16.58
C GLU D 435 45.31 20.20 16.79
N ASN D 436 44.08 20.10 17.28
CA ASN D 436 43.38 18.85 17.53
C ASN D 436 41.97 19.18 17.00
N GLU D 437 41.96 19.76 15.80
CA GLU D 437 40.75 20.19 15.10
C GLU D 437 39.64 19.16 15.05
N ASP D 438 40.01 17.89 14.93
CA ASP D 438 39.05 16.78 14.84
C ASP D 438 37.71 17.23 15.37
N LEU D 439 37.74 17.72 16.60
CA LEU D 439 36.54 18.22 17.25
C LEU D 439 35.60 18.91 16.26
N SER D 440 35.97 20.10 15.82
CA SER D 440 35.17 20.89 14.88
C SER D 440 34.89 20.15 13.58
N ARG D 441 34.81 20.91 12.50
CA ARG D 441 34.58 20.32 11.20
C ARG D 441 33.68 19.09 11.13
N PHE D 442 34.14 17.99 11.70
CA PHE D 442 33.42 16.73 11.63
C PHE D 442 32.37 16.41 12.67
N ILE D 443 32.09 17.32 13.58
CA ILE D 443 31.10 16.99 14.57
C ILE D 443 29.92 17.91 14.59
N LEU D 444 28.77 17.34 14.93
CA LEU D 444 27.53 18.09 14.97
C LEU D 444 26.81 17.94 16.32
N SER E 2 87.37 23.61 3.48
CA SER E 2 87.02 22.16 3.37
C SER E 2 85.64 22.00 2.72
N GLU E 3 84.78 22.98 2.96
CA GLU E 3 83.42 22.92 2.43
C GLU E 3 82.72 24.22 2.80
N MET E 4 81.58 24.46 2.15
CA MET E 4 80.82 25.67 2.40
C MET E 4 80.17 25.69 3.74
N THR E 5 79.37 26.71 3.98
CA THR E 5 78.75 26.79 5.27
C THR E 5 77.28 27.14 5.18
N PRO E 6 76.55 27.02 6.30
CA PRO E 6 75.13 27.34 6.33
C PRO E 6 74.83 28.60 5.54
N ARG E 7 75.24 29.71 6.09
CA ARG E 7 74.98 30.99 5.45
C ARG E 7 75.62 31.06 4.06
N GLU E 8 76.83 30.51 3.95
CA GLU E 8 77.61 30.45 2.71
C GLU E 8 76.86 29.73 1.53
N ILE E 9 76.12 28.66 1.85
CA ILE E 9 75.34 27.88 0.88
C ILE E 9 74.07 28.62 0.49
N VAL E 10 73.44 29.24 1.47
CA VAL E 10 72.23 29.93 1.16
C VAL E 10 72.60 30.90 0.08
N SER E 11 73.66 31.68 0.30
CA SER E 11 74.11 32.64 -0.73
C SER E 11 74.04 31.96 -2.12
N GLU E 12 74.93 30.99 -2.37
CA GLU E 12 74.94 30.23 -3.62
C GLU E 12 73.48 29.90 -4.07
N LEU E 13 72.63 29.38 -3.20
CA LEU E 13 71.27 29.07 -3.63
C LEU E 13 70.49 30.28 -4.06
N ASP E 14 70.68 31.38 -3.31
CA ASP E 14 69.98 32.64 -3.57
C ASP E 14 70.30 33.06 -4.99
N GLN E 15 71.44 32.61 -5.48
CA GLN E 15 71.80 32.95 -6.82
C GLN E 15 70.83 32.39 -7.88
N HIS E 16 70.15 31.26 -7.64
CA HIS E 16 69.23 30.75 -8.64
C HIS E 16 67.79 30.66 -8.20
N ILE E 17 67.53 30.73 -6.92
CA ILE E 17 66.13 30.67 -6.53
C ILE E 17 65.71 31.95 -5.88
N ILE E 18 64.50 32.39 -6.18
CA ILE E 18 64.01 33.62 -5.57
C ILE E 18 63.13 33.33 -4.36
N GLY E 19 63.48 33.85 -3.20
CA GLY E 19 62.64 33.59 -2.06
C GLY E 19 62.77 32.19 -1.53
N GLN E 20 61.69 31.65 -0.99
CA GLN E 20 61.78 30.30 -0.43
C GLN E 20 63.08 30.24 0.40
N ALA E 21 63.07 30.95 1.52
CA ALA E 21 64.24 31.03 2.38
C ALA E 21 64.38 29.88 3.36
N ASP E 22 63.33 29.63 4.13
CA ASP E 22 63.34 28.56 5.14
C ASP E 22 63.82 27.31 4.46
N ALA E 23 63.35 27.13 3.24
CA ALA E 23 63.74 25.97 2.48
C ALA E 23 65.27 25.94 2.28
N LYS E 24 65.80 27.02 1.71
CA LYS E 24 67.22 27.12 1.46
C LYS E 24 68.02 26.83 2.71
N ARG E 25 67.64 27.44 3.83
CA ARG E 25 68.32 27.24 5.11
C ARG E 25 68.35 25.73 5.47
N ALA E 26 67.15 25.13 5.48
CA ALA E 26 67.01 23.71 5.79
C ALA E 26 68.02 22.85 5.04
N VAL E 27 68.06 22.92 3.71
CA VAL E 27 69.01 22.09 2.99
C VAL E 27 70.40 22.58 3.34
N ALA E 28 70.48 23.83 3.76
CA ALA E 28 71.77 24.39 4.06
C ALA E 28 72.32 23.68 5.30
N ILE E 29 71.62 23.82 6.44
CA ILE E 29 72.07 23.17 7.68
C ILE E 29 72.29 21.72 7.37
N ALA E 30 71.47 21.15 6.50
CA ALA E 30 71.59 19.75 6.14
C ALA E 30 72.89 19.47 5.40
N LEU E 31 73.12 20.12 4.28
CA LEU E 31 74.34 19.83 3.60
C LEU E 31 75.49 20.14 4.54
N ARG E 32 75.26 21.03 5.48
CA ARG E 32 76.38 21.34 6.36
C ARG E 32 76.68 20.22 7.31
N ASN E 33 75.64 19.57 7.84
CA ASN E 33 75.83 18.51 8.82
C ASN E 33 76.70 17.48 8.25
N ARG E 34 76.71 17.38 6.93
CA ARG E 34 77.53 16.37 6.27
C ARG E 34 79.02 16.54 6.63
N TRP E 35 79.50 17.77 6.50
CA TRP E 35 80.88 18.07 6.76
C TRP E 35 81.14 17.87 8.24
N ARG E 36 80.19 18.25 9.07
CA ARG E 36 80.33 18.12 10.51
C ARG E 36 80.59 16.66 10.89
N ARG E 37 79.67 15.77 10.55
CA ARG E 37 79.91 14.36 10.82
C ARG E 37 81.00 14.13 9.78
N MET E 38 81.63 12.97 9.77
CA MET E 38 82.65 12.73 8.77
C MET E 38 83.74 13.74 9.03
N GLN E 39 83.76 14.19 10.28
CA GLN E 39 84.76 15.12 10.78
C GLN E 39 84.92 14.62 12.20
N LEU E 40 84.02 13.71 12.57
CA LEU E 40 83.99 13.10 13.90
C LEU E 40 84.89 11.85 13.90
N GLN E 41 85.05 11.23 15.08
CA GLN E 41 85.86 10.01 15.23
C GLN E 41 85.02 8.74 15.03
N GLU E 42 85.61 7.75 14.35
CA GLU E 42 84.92 6.50 14.00
C GLU E 42 83.63 6.03 14.67
N PRO E 43 83.56 6.06 16.01
CA PRO E 43 82.36 5.63 16.74
C PRO E 43 81.14 6.44 16.26
N LEU E 44 81.27 7.77 16.31
CA LEU E 44 80.25 8.70 15.88
C LEU E 44 80.22 8.98 14.38
N ARG E 45 81.38 9.04 13.76
CA ARG E 45 81.42 9.31 12.34
C ARG E 45 80.39 8.45 11.60
N HIS E 46 80.04 7.28 12.17
CA HIS E 46 79.08 6.40 11.51
C HIS E 46 77.77 6.31 12.25
N GLU E 47 77.76 6.70 13.51
CA GLU E 47 76.51 6.63 14.26
C GLU E 47 75.52 7.71 13.93
N VAL E 48 76.01 8.89 13.58
CA VAL E 48 75.08 9.98 13.27
C VAL E 48 74.53 9.87 11.84
N THR E 49 73.23 10.07 11.69
CA THR E 49 72.59 9.97 10.38
C THR E 49 71.93 11.27 9.92
N PRO E 50 71.79 11.45 8.59
CA PRO E 50 71.20 12.59 7.88
C PRO E 50 69.90 13.07 8.53
N LYS E 51 69.53 14.32 8.34
CA LYS E 51 68.31 14.75 8.96
C LYS E 51 67.21 15.02 7.95
N ASN E 52 67.07 14.12 6.98
CA ASN E 52 66.08 14.21 5.90
C ASN E 52 65.02 15.32 5.95
N ILE E 53 64.72 15.89 4.79
CA ILE E 53 63.78 16.99 4.72
C ILE E 53 62.53 16.69 3.92
N LEU E 54 61.40 17.18 4.41
CA LEU E 54 60.13 17.08 3.71
C LEU E 54 59.76 18.54 3.41
N MET E 55 59.77 18.92 2.12
CA MET E 55 59.43 20.27 1.71
C MET E 55 57.96 20.23 1.33
N ILE E 56 57.18 21.15 1.88
CA ILE E 56 55.77 21.19 1.54
C ILE E 56 55.58 22.49 0.82
N GLY E 57 54.86 22.47 -0.28
CA GLY E 57 54.64 23.72 -1.00
C GLY E 57 53.71 23.54 -2.16
N PRO E 58 53.46 24.60 -2.95
CA PRO E 58 52.58 24.62 -4.10
C PRO E 58 53.37 24.13 -5.29
N THR E 59 52.80 24.25 -6.48
CA THR E 59 53.51 23.80 -7.65
C THR E 59 54.55 24.78 -8.15
N GLY E 60 55.68 24.19 -8.57
CA GLY E 60 56.82 24.90 -9.12
C GLY E 60 57.14 26.22 -8.50
N VAL E 61 57.56 26.17 -7.24
CA VAL E 61 57.95 27.35 -6.53
C VAL E 61 59.34 27.13 -6.01
N GLY E 62 60.02 26.10 -6.51
CA GLY E 62 61.39 25.86 -6.08
C GLY E 62 61.84 24.56 -5.40
N LYS E 63 60.87 23.79 -4.91
CA LYS E 63 61.19 22.55 -4.22
C LYS E 63 62.27 21.78 -4.90
N THR E 64 62.15 21.58 -6.19
CA THR E 64 63.16 20.83 -6.89
C THR E 64 64.45 21.57 -7.23
N GLU E 65 64.35 22.83 -7.64
CA GLU E 65 65.57 23.58 -7.97
C GLU E 65 66.49 23.60 -6.77
N ILE E 66 65.95 24.10 -5.69
CA ILE E 66 66.66 24.17 -4.45
C ILE E 66 67.44 22.86 -4.25
N ALA E 67 66.77 21.73 -4.40
CA ALA E 67 67.39 20.44 -4.23
C ALA E 67 68.42 20.13 -5.30
N ARG E 68 68.04 20.33 -6.55
CA ARG E 68 68.93 20.04 -7.65
C ARG E 68 70.19 20.91 -7.52
N ARG E 69 69.99 22.17 -7.14
CA ARG E 69 71.11 23.08 -6.97
C ARG E 69 71.99 22.65 -5.81
N LEU E 70 71.35 22.33 -4.68
CA LEU E 70 72.07 21.92 -3.48
C LEU E 70 73.03 20.87 -3.89
N ALA E 71 72.50 19.89 -4.60
CA ALA E 71 73.30 18.80 -5.08
C ALA E 71 74.44 19.32 -5.96
N LYS E 72 74.08 20.18 -6.90
CA LYS E 72 75.04 20.74 -7.85
C LYS E 72 76.22 21.43 -7.14
N LEU E 73 75.88 22.38 -6.27
CA LEU E 73 76.91 23.14 -5.59
C LEU E 73 77.73 22.30 -4.65
N ALA E 74 77.24 21.11 -4.36
CA ALA E 74 77.97 20.22 -3.48
C ALA E 74 78.61 19.17 -4.31
N ASN E 75 78.43 19.25 -5.62
CA ASN E 75 79.06 18.27 -6.51
C ASN E 75 78.75 16.90 -5.93
N ALA E 76 77.45 16.64 -5.75
CA ALA E 76 76.96 15.40 -5.18
C ALA E 76 76.12 14.57 -6.11
N PRO E 77 76.14 13.24 -5.94
CA PRO E 77 75.33 12.37 -6.80
C PRO E 77 73.90 12.72 -6.44
N PHE E 78 73.11 13.16 -7.42
CA PHE E 78 71.72 13.56 -7.16
C PHE E 78 70.76 12.89 -8.08
N ILE E 79 69.56 12.64 -7.59
CA ILE E 79 68.57 11.96 -8.41
C ILE E 79 67.16 12.28 -7.95
N LYS E 80 66.25 12.47 -8.89
CA LYS E 80 64.87 12.78 -8.59
C LYS E 80 64.00 11.64 -9.07
N VAL E 81 62.94 11.33 -8.33
CA VAL E 81 62.03 10.26 -8.72
C VAL E 81 60.64 10.59 -8.28
N GLU E 82 59.65 10.19 -9.08
CA GLU E 82 58.27 10.44 -8.70
C GLU E 82 57.97 9.31 -7.70
N ALA E 83 57.28 9.64 -6.62
CA ALA E 83 56.98 8.64 -5.62
C ALA E 83 56.00 7.67 -6.24
N THR E 84 55.05 8.19 -7.00
CA THR E 84 54.06 7.36 -7.63
C THR E 84 54.67 6.52 -8.70
N LYS E 85 55.93 6.75 -9.04
CA LYS E 85 56.51 5.92 -10.09
C LYS E 85 56.44 4.46 -9.69
N PHE E 86 56.24 4.18 -8.40
CA PHE E 86 56.20 2.79 -7.95
C PHE E 86 54.87 2.26 -7.49
N THR E 87 53.75 2.83 -7.94
CA THR E 87 52.48 2.33 -7.47
C THR E 87 52.09 0.96 -8.08
N GLU E 95 60.41 -1.18 -9.33
CA GLU E 95 61.49 -1.59 -8.41
C GLU E 95 62.15 -0.40 -7.63
N VAL E 96 61.79 -0.21 -6.35
CA VAL E 96 62.33 0.91 -5.58
C VAL E 96 63.86 0.97 -5.41
N ASP E 97 64.50 -0.19 -5.32
CA ASP E 97 65.93 -0.20 -5.17
C ASP E 97 66.58 0.50 -6.33
N SER E 98 65.83 0.67 -7.42
CA SER E 98 66.43 1.34 -8.58
C SER E 98 66.96 2.73 -8.23
N ILE E 99 66.19 3.46 -7.45
CA ILE E 99 66.60 4.79 -7.06
C ILE E 99 68.07 4.78 -6.66
N ILE E 100 68.43 3.90 -5.74
CA ILE E 100 69.81 3.85 -5.30
C ILE E 100 70.72 3.40 -6.42
N ARG E 101 70.20 2.52 -7.26
CA ARG E 101 70.97 2.00 -8.37
C ARG E 101 71.34 3.15 -9.31
N ASP E 102 70.31 3.83 -9.82
CA ASP E 102 70.45 4.98 -10.73
C ASP E 102 71.37 6.02 -10.10
N LEU E 103 71.24 6.19 -8.80
CA LEU E 103 72.07 7.16 -8.11
C LEU E 103 73.51 6.75 -8.31
N THR E 104 73.84 5.53 -7.92
CA THR E 104 75.19 5.05 -8.08
C THR E 104 75.69 5.30 -9.51
N ASP E 105 74.84 4.95 -10.47
CA ASP E 105 75.17 5.14 -11.88
C ASP E 105 75.60 6.57 -12.15
N SER E 106 74.88 7.51 -11.56
CA SER E 106 75.16 8.94 -11.70
C SER E 106 76.54 9.26 -11.12
N ALA E 107 76.80 8.84 -9.88
CA ALA E 107 78.08 9.10 -9.26
C ALA E 107 79.19 8.59 -10.14
N MET E 108 78.94 7.50 -10.84
CA MET E 108 79.97 6.96 -11.71
C MET E 108 80.44 8.02 -12.69
N LYS E 109 79.51 8.75 -13.30
CA LYS E 109 79.82 9.80 -14.26
C LYS E 109 80.51 10.99 -13.61
N LEU E 110 79.97 11.40 -12.48
CA LEU E 110 80.52 12.50 -11.70
C LEU E 110 81.96 12.16 -11.30
N VAL E 111 82.22 10.87 -11.03
CA VAL E 111 83.55 10.39 -10.63
C VAL E 111 84.44 10.13 -11.85
N ARG E 112 83.84 10.11 -13.03
CA ARG E 112 84.61 9.93 -14.25
C ARG E 112 85.09 11.33 -14.61
N GLN E 113 84.11 12.18 -14.91
CA GLN E 113 84.29 13.58 -15.27
C GLN E 113 85.40 14.32 -14.50
N GLN E 114 85.83 13.75 -13.37
CA GLN E 114 86.90 14.32 -12.55
C GLN E 114 88.21 13.57 -12.79
N GLU E 115 88.14 12.25 -12.65
CA GLU E 115 89.28 11.38 -12.81
C GLU E 115 89.87 11.43 -14.22
N ILE E 116 89.17 12.07 -15.15
CA ILE E 116 89.68 12.17 -16.51
C ILE E 116 90.52 13.42 -16.66
N ALA E 117 90.06 14.52 -16.07
CA ALA E 117 90.76 15.79 -16.14
C ALA E 117 91.93 15.81 -15.15
N LYS E 118 91.81 15.02 -14.09
CA LYS E 118 92.89 14.91 -13.11
C LYS E 118 94.12 14.51 -13.92
N ASN E 119 93.92 13.57 -14.85
CA ASN E 119 95.00 13.08 -15.71
C ASN E 119 94.95 13.85 -17.03
N ARG E 120 95.80 14.86 -17.14
CA ARG E 120 95.84 15.71 -18.34
C ARG E 120 97.26 16.22 -18.57
N ASN E 236 91.79 3.59 -13.98
CA ASN E 236 91.78 2.34 -13.23
C ASN E 236 90.39 1.99 -12.70
N PRO E 237 89.84 0.84 -13.13
CA PRO E 237 88.52 0.32 -12.75
C PRO E 237 88.23 0.23 -11.25
N GLU E 238 88.86 -0.75 -10.60
CA GLU E 238 88.66 -0.97 -9.16
C GLU E 238 88.50 0.37 -8.44
N GLU E 239 89.60 1.09 -8.37
CA GLU E 239 89.66 2.39 -7.71
C GLU E 239 88.41 3.23 -8.03
N LEU E 240 88.02 3.24 -9.29
CA LEU E 240 86.86 4.03 -9.69
C LEU E 240 85.57 3.55 -9.04
N LYS E 241 84.99 2.46 -9.54
CA LYS E 241 83.75 1.92 -8.97
C LYS E 241 83.70 2.11 -7.45
N GLN E 242 84.79 1.80 -6.78
CA GLN E 242 84.83 1.99 -5.34
C GLN E 242 84.70 3.49 -5.15
N LYS E 243 85.65 4.26 -5.67
CA LYS E 243 85.59 5.71 -5.51
C LYS E 243 84.22 6.29 -5.82
N ALA E 244 83.57 5.79 -6.88
CA ALA E 244 82.24 6.28 -7.21
C ALA E 244 81.36 5.97 -6.01
N ILE E 245 81.33 4.70 -5.62
CA ILE E 245 80.52 4.25 -4.49
C ILE E 245 80.62 5.11 -3.21
N ASP E 246 81.83 5.48 -2.82
CA ASP E 246 81.96 6.29 -1.62
C ASP E 246 81.07 7.50 -1.88
N ALA E 247 81.25 8.11 -3.05
CA ALA E 247 80.46 9.28 -3.43
C ALA E 247 78.99 9.10 -3.07
N VAL E 248 78.37 8.06 -3.63
CA VAL E 248 76.96 7.82 -3.35
C VAL E 248 76.77 7.68 -1.87
N GLU E 249 77.42 6.67 -1.31
CA GLU E 249 77.28 6.37 0.11
C GLU E 249 77.45 7.55 1.01
N GLN E 250 78.40 8.41 0.66
CA GLN E 250 78.74 9.58 1.46
C GLN E 250 77.91 10.84 1.20
N ASN E 251 77.83 11.29 -0.04
CA ASN E 251 77.06 12.50 -0.29
C ASN E 251 76.01 12.36 -1.37
N GLY E 252 75.04 11.50 -1.20
CA GLY E 252 74.04 11.42 -2.23
C GLY E 252 72.78 12.13 -1.76
N ILE E 253 72.09 12.78 -2.69
CA ILE E 253 70.84 13.46 -2.35
C ILE E 253 69.85 12.74 -3.21
N VAL E 254 68.70 12.42 -2.65
CA VAL E 254 67.67 11.75 -3.42
C VAL E 254 66.46 12.57 -3.19
N PHE E 255 65.85 12.98 -4.28
CA PHE E 255 64.68 13.83 -4.17
C PHE E 255 63.45 13.02 -4.53
N ILE E 256 62.59 12.77 -3.56
CA ILE E 256 61.38 12.00 -3.82
C ILE E 256 60.28 13.02 -4.07
N ASP E 257 59.72 13.06 -5.28
CA ASP E 257 58.70 14.06 -5.53
C ASP E 257 57.28 13.58 -5.28
N GLU E 258 56.39 14.52 -5.05
CA GLU E 258 54.97 14.26 -4.82
C GLU E 258 54.76 13.00 -3.99
N ILE E 259 55.46 12.94 -2.87
CA ILE E 259 55.31 11.80 -1.97
C ILE E 259 53.93 11.90 -1.39
N ASP E 260 53.37 13.10 -1.40
CA ASP E 260 52.06 13.36 -0.84
C ASP E 260 51.05 12.57 -1.62
N LYS E 261 51.45 12.10 -2.80
CA LYS E 261 50.51 11.34 -3.62
C LYS E 261 50.40 9.93 -3.16
N ILE E 262 51.50 9.39 -2.61
CA ILE E 262 51.47 8.03 -2.11
C ILE E 262 51.11 8.05 -0.64
N CYS E 263 50.33 9.04 -0.26
CA CYS E 263 49.87 9.13 1.11
C CYS E 263 48.50 8.45 1.08
N LYS E 264 47.72 8.52 2.15
CA LYS E 264 46.39 7.89 2.17
C LYS E 264 45.26 8.90 1.98
N LYS E 265 44.07 8.39 1.65
CA LYS E 265 42.89 9.24 1.47
C LYS E 265 41.75 8.47 0.77
N GLY E 270 40.46 0.26 -0.33
CA GLY E 270 41.02 -0.49 -1.44
C GLY E 270 41.72 0.39 -2.45
N ALA E 271 42.76 -0.15 -3.07
CA ALA E 271 43.56 0.56 -4.08
C ALA E 271 44.40 1.68 -3.46
N ASP E 272 44.20 1.89 -2.16
CA ASP E 272 44.92 2.92 -1.41
C ASP E 272 46.11 2.26 -0.74
N VAL E 273 45.95 0.99 -0.38
CA VAL E 273 47.03 0.25 0.24
C VAL E 273 48.10 0.04 -0.83
N SER E 274 47.74 0.33 -2.06
CA SER E 274 48.65 0.18 -3.20
C SER E 274 49.64 1.32 -3.16
N ARG E 275 49.22 2.42 -2.54
CA ARG E 275 50.06 3.60 -2.39
C ARG E 275 50.72 3.56 -1.03
N GLU E 276 49.92 3.38 0.02
CA GLU E 276 50.45 3.32 1.38
C GLU E 276 51.39 2.12 1.42
N GLY E 277 51.70 1.60 0.24
CA GLY E 277 52.59 0.47 0.12
C GLY E 277 53.95 0.96 -0.32
N VAL E 278 53.96 1.92 -1.24
CA VAL E 278 55.20 2.48 -1.71
C VAL E 278 55.95 3.04 -0.51
N GLN E 279 55.23 3.56 0.46
CA GLN E 279 55.91 4.06 1.61
C GLN E 279 56.69 2.91 2.22
N ARG E 280 55.99 1.85 2.65
CA ARG E 280 56.65 0.70 3.25
C ARG E 280 57.81 0.25 2.37
N ASP E 281 57.70 0.52 1.07
CA ASP E 281 58.75 0.13 0.13
C ASP E 281 59.98 1.03 0.18
N LEU E 282 59.79 2.30 0.54
CA LEU E 282 60.88 3.27 0.63
C LEU E 282 61.67 3.17 1.92
N LEU E 283 60.98 2.76 3.00
CA LEU E 283 61.60 2.66 4.32
C LEU E 283 63.03 2.25 4.32
N PRO E 284 63.31 1.01 3.93
CA PRO E 284 64.64 0.41 3.85
C PRO E 284 65.69 1.37 3.31
N LEU E 285 65.30 2.18 2.31
CA LEU E 285 66.19 3.16 1.72
C LEU E 285 66.45 4.25 2.70
N VAL E 286 65.37 4.93 3.06
CA VAL E 286 65.43 6.00 4.04
C VAL E 286 66.10 5.50 5.32
N GLU E 287 65.48 4.45 5.88
CA GLU E 287 65.91 3.78 7.10
C GLU E 287 67.32 3.27 7.00
N GLY E 288 67.80 3.04 5.79
CA GLY E 288 69.15 2.59 5.64
C GLY E 288 69.30 1.09 5.50
N SER E 289 69.79 0.67 4.34
CA SER E 289 69.97 -0.73 4.04
C SER E 289 71.02 -0.75 2.97
N THR E 290 71.10 -1.86 2.25
CA THR E 290 72.07 -1.94 1.18
C THR E 290 71.40 -2.38 -0.10
N VAL E 291 71.87 -1.88 -1.25
CA VAL E 291 71.28 -2.34 -2.49
C VAL E 291 72.42 -2.60 -3.45
N SER E 292 72.27 -3.62 -4.28
CA SER E 292 73.32 -3.98 -5.21
C SER E 292 73.27 -3.21 -6.50
N THR E 293 74.38 -2.60 -6.86
CA THR E 293 74.48 -1.84 -8.08
C THR E 293 75.52 -2.50 -8.95
N LYS E 294 75.43 -2.28 -10.25
CA LYS E 294 76.39 -2.88 -11.16
C LYS E 294 77.80 -2.37 -10.90
N HIS E 295 78.00 -1.67 -9.77
CA HIS E 295 79.30 -1.15 -9.42
C HIS E 295 79.74 -1.69 -8.08
N GLY E 296 78.83 -2.40 -7.43
CA GLY E 296 79.13 -2.97 -6.13
C GLY E 296 77.98 -2.75 -5.19
N MET E 297 78.25 -2.83 -3.90
CA MET E 297 77.21 -2.66 -2.90
C MET E 297 77.22 -1.25 -2.28
N VAL E 298 76.09 -0.57 -2.31
CA VAL E 298 76.02 0.78 -1.73
C VAL E 298 75.06 0.82 -0.54
N LYS E 299 75.30 1.72 0.39
CA LYS E 299 74.42 1.78 1.54
C LYS E 299 73.62 3.07 1.68
N THR E 300 72.32 2.92 1.69
CA THR E 300 71.46 4.07 1.83
C THR E 300 71.56 4.68 3.24
N ASP E 301 72.37 4.06 4.10
CA ASP E 301 72.46 4.56 5.48
C ASP E 301 72.62 6.06 5.62
N HIS E 302 73.50 6.62 4.81
CA HIS E 302 73.79 8.03 4.89
C HIS E 302 73.33 8.94 3.77
N ILE E 303 72.60 8.43 2.79
CA ILE E 303 72.09 9.21 1.68
C ILE E 303 71.15 10.30 2.27
N LEU E 304 71.24 11.54 1.81
CA LEU E 304 70.31 12.55 2.31
C LEU E 304 69.03 12.49 1.45
N PHE E 305 67.88 12.39 2.09
CA PHE E 305 66.65 12.30 1.32
C PHE E 305 65.87 13.58 1.45
N ILE E 306 65.30 14.08 0.36
CA ILE E 306 64.48 15.27 0.43
C ILE E 306 63.20 14.85 -0.27
N ALA E 307 62.09 14.92 0.44
CA ALA E 307 60.80 14.57 -0.12
C ALA E 307 59.96 15.83 -0.28
N SER E 308 59.18 15.91 -1.34
CA SER E 308 58.35 17.09 -1.59
C SER E 308 56.92 16.73 -1.85
N GLY E 309 56.06 17.70 -1.67
CA GLY E 309 54.66 17.47 -1.90
C GLY E 309 53.82 18.66 -1.51
N ALA E 310 52.72 18.85 -2.25
CA ALA E 310 51.81 19.96 -2.02
C ALA E 310 51.06 19.80 -0.74
N PHE E 311 50.51 18.60 -0.55
CA PHE E 311 49.73 18.27 0.64
C PHE E 311 48.51 19.15 0.75
N GLN E 312 47.68 19.15 -0.28
CA GLN E 312 46.50 19.96 -0.21
C GLN E 312 45.36 19.13 0.33
N VAL E 313 45.51 17.82 0.28
CA VAL E 313 44.49 16.93 0.81
C VAL E 313 44.99 16.21 2.03
N ALA E 314 46.14 15.56 1.90
CA ALA E 314 46.69 14.84 3.03
C ALA E 314 47.64 15.73 3.83
N ARG E 315 47.78 15.43 5.12
CA ARG E 315 48.70 16.17 5.97
C ARG E 315 49.98 15.36 5.92
N PRO E 316 51.12 15.94 6.30
CA PRO E 316 52.26 15.02 6.19
C PRO E 316 52.09 13.93 7.24
N SER E 317 51.36 14.30 8.28
CA SER E 317 51.05 13.45 9.43
C SER E 317 50.10 12.36 9.00
N ASP E 318 50.18 11.97 7.75
CA ASP E 318 49.32 10.93 7.21
C ASP E 318 50.19 9.89 6.59
N LEU E 319 51.50 10.09 6.64
CA LEU E 319 52.38 9.07 6.08
C LEU E 319 52.55 8.06 7.20
N ILE E 320 53.07 6.89 6.88
CA ILE E 320 53.29 5.85 7.88
C ILE E 320 54.33 6.37 8.89
N PRO E 321 54.04 6.20 10.19
CA PRO E 321 54.90 6.64 11.29
C PRO E 321 56.35 6.32 11.05
N GLU E 322 56.62 5.09 10.67
CA GLU E 322 57.98 4.69 10.44
C GLU E 322 58.70 5.76 9.62
N LEU E 323 58.07 6.20 8.53
CA LEU E 323 58.63 7.23 7.63
C LEU E 323 58.51 8.65 8.19
N GLN E 324 57.35 8.93 8.75
CA GLN E 324 57.06 10.20 9.36
C GLN E 324 58.13 10.62 10.35
N GLY E 325 58.91 9.68 10.86
CA GLY E 325 59.95 10.02 11.81
C GLY E 325 61.30 10.06 11.17
N ARG E 326 61.38 9.60 9.94
CA ARG E 326 62.62 9.64 9.24
C ARG E 326 62.68 10.93 8.36
N LEU E 327 61.59 11.70 8.45
CA LEU E 327 61.50 12.98 7.75
C LEU E 327 61.28 13.97 8.88
N PRO E 328 62.31 14.22 9.66
CA PRO E 328 62.36 15.10 10.82
C PRO E 328 62.08 16.55 10.49
N ILE E 329 62.89 17.11 9.61
CA ILE E 329 62.80 18.50 9.19
C ILE E 329 61.62 18.85 8.28
N ARG E 330 60.63 19.58 8.78
CA ARG E 330 59.52 19.97 7.90
C ARG E 330 59.75 21.45 7.57
N VAL E 331 59.71 21.80 6.29
CA VAL E 331 59.95 23.18 5.84
C VAL E 331 58.91 23.55 4.82
N GLU E 332 58.43 24.77 4.86
CA GLU E 332 57.39 25.15 3.95
C GLU E 332 57.85 26.11 2.84
N LEU E 333 57.32 25.99 1.64
CA LEU E 333 57.70 26.93 0.59
C LEU E 333 56.44 27.69 0.30
N THR E 334 56.57 28.92 -0.16
CA THR E 334 55.38 29.73 -0.43
C THR E 334 54.93 29.83 -1.83
N ALA E 335 53.73 30.37 -2.00
CA ALA E 335 53.21 30.56 -3.34
C ALA E 335 54.12 31.65 -3.92
N LEU E 336 54.28 31.69 -5.23
CA LEU E 336 55.12 32.70 -5.82
C LEU E 336 54.25 33.87 -6.23
N SER E 337 54.66 35.08 -5.83
CA SER E 337 53.89 36.27 -6.14
C SER E 337 54.28 37.03 -7.38
N ALA E 338 53.43 37.99 -7.72
CA ALA E 338 53.60 38.86 -8.87
C ALA E 338 54.99 39.45 -8.72
N ALA E 339 55.17 40.08 -7.57
CA ALA E 339 56.42 40.71 -7.18
C ALA E 339 57.57 39.73 -7.33
N ASP E 340 57.35 38.51 -6.83
CA ASP E 340 58.36 37.48 -6.91
C ASP E 340 58.69 37.21 -8.34
N PHE E 341 57.66 37.02 -9.15
CA PHE E 341 57.84 36.77 -10.55
C PHE E 341 58.79 37.79 -11.16
N GLU E 342 58.49 39.08 -10.95
CA GLU E 342 59.33 40.16 -11.49
C GLU E 342 60.84 39.87 -11.38
N ARG E 343 61.19 39.19 -10.28
CA ARG E 343 62.56 38.85 -9.92
C ARG E 343 63.10 37.58 -10.55
N ILE E 344 62.30 36.52 -10.51
CA ILE E 344 62.70 35.25 -11.08
C ILE E 344 62.83 35.61 -12.51
N LEU E 345 62.17 36.70 -12.88
CA LEU E 345 62.16 37.12 -14.26
C LEU E 345 63.49 37.67 -14.75
N THR E 346 64.25 38.28 -13.83
CA THR E 346 65.52 38.90 -14.19
C THR E 346 66.77 38.67 -13.33
N GLU E 347 66.61 38.41 -12.03
CA GLU E 347 67.75 38.24 -11.11
C GLU E 347 68.58 36.99 -11.24
N PRO E 348 67.95 35.81 -11.23
CA PRO E 348 68.59 34.49 -11.34
C PRO E 348 69.63 34.39 -12.42
N HIS E 349 70.71 33.65 -12.17
CA HIS E 349 71.71 33.48 -13.21
C HIS E 349 70.96 32.74 -14.32
N ALA E 350 71.01 33.32 -15.51
CA ALA E 350 70.35 32.80 -16.70
C ALA E 350 68.86 32.88 -16.59
N SER E 351 68.34 34.06 -16.26
CA SER E 351 66.91 34.26 -16.15
C SER E 351 66.33 34.19 -17.54
N LEU E 352 65.01 34.21 -17.61
CA LEU E 352 64.37 34.12 -18.91
C LEU E 352 64.86 35.23 -19.78
N THR E 353 64.60 36.46 -19.37
CA THR E 353 65.02 37.58 -20.19
C THR E 353 66.49 37.44 -20.53
N GLU E 354 67.33 37.25 -19.54
CA GLU E 354 68.71 37.10 -19.89
C GLU E 354 68.78 36.10 -21.04
N GLN E 355 67.93 35.08 -21.03
CA GLN E 355 68.03 34.08 -22.09
C GLN E 355 67.59 34.52 -23.46
N TYR E 356 66.43 35.14 -23.56
CA TYR E 356 65.99 35.55 -24.86
C TYR E 356 66.97 36.56 -25.44
N LYS E 357 67.39 37.54 -24.64
CA LYS E 357 68.36 38.51 -25.13
C LYS E 357 69.44 37.65 -25.80
N ALA E 358 70.17 36.89 -25.01
CA ALA E 358 71.19 36.00 -25.53
C ALA E 358 70.79 35.23 -26.79
N LEU E 359 69.54 34.80 -26.91
CA LEU E 359 69.13 34.04 -28.08
C LEU E 359 68.93 34.94 -29.33
N MET E 360 68.08 35.95 -29.22
CA MET E 360 67.84 36.87 -30.31
C MET E 360 69.17 37.48 -30.76
N ALA E 361 70.09 37.65 -29.83
CA ALA E 361 71.42 38.18 -30.13
C ALA E 361 72.00 37.42 -31.33
N THR E 362 71.97 36.10 -31.23
CA THR E 362 72.47 35.23 -32.28
C THR E 362 71.94 35.57 -33.68
N GLU E 363 70.67 35.88 -33.77
CA GLU E 363 70.10 36.20 -35.07
C GLU E 363 70.47 37.62 -35.45
N GLY E 364 71.20 38.29 -34.57
CA GLY E 364 71.58 39.65 -34.87
C GLY E 364 70.66 40.67 -34.23
N VAL E 365 69.53 40.26 -33.69
CA VAL E 365 68.67 41.24 -33.06
C VAL E 365 69.09 41.59 -31.64
N ASN E 366 69.08 42.88 -31.35
CA ASN E 366 69.40 43.34 -30.02
C ASN E 366 68.06 43.65 -29.39
N ILE E 367 67.83 43.05 -28.24
CA ILE E 367 66.56 43.25 -27.60
C ILE E 367 66.69 43.86 -26.23
N ALA E 368 65.65 44.53 -25.76
CA ALA E 368 65.73 45.14 -24.44
C ALA E 368 64.38 45.22 -23.76
N PHE E 369 64.33 44.70 -22.55
CA PHE E 369 63.06 44.72 -21.86
C PHE E 369 63.15 45.88 -20.96
N THR E 370 62.04 46.61 -20.85
CA THR E 370 61.97 47.75 -19.94
C THR E 370 61.34 47.30 -18.62
N THR E 371 61.77 47.91 -17.53
CA THR E 371 61.23 47.61 -16.24
C THR E 371 59.72 47.38 -16.32
N ASP E 372 58.95 48.42 -16.65
CA ASP E 372 57.50 48.26 -16.75
C ASP E 372 57.11 47.04 -17.60
N ALA E 373 57.96 46.68 -18.55
CA ALA E 373 57.68 45.52 -19.39
C ALA E 373 57.74 44.26 -18.51
N VAL E 374 58.84 44.12 -17.78
CA VAL E 374 58.96 42.99 -16.90
C VAL E 374 57.84 43.03 -15.89
N LYS E 375 57.60 44.20 -15.30
CA LYS E 375 56.52 44.30 -14.32
C LYS E 375 55.22 43.74 -14.91
N LYS E 376 55.00 44.06 -16.19
CA LYS E 376 53.82 43.63 -16.93
C LYS E 376 53.87 42.12 -17.15
N ILE E 377 54.90 41.62 -17.84
CA ILE E 377 55.03 40.20 -18.12
C ILE E 377 54.68 39.38 -16.88
N ALA E 378 55.35 39.69 -15.80
CA ALA E 378 55.12 39.00 -14.57
C ALA E 378 53.70 39.19 -14.13
N GLU E 379 53.30 40.42 -13.87
CA GLU E 379 51.92 40.65 -13.43
C GLU E 379 50.99 39.72 -14.22
N ALA E 380 51.32 39.52 -15.49
CA ALA E 380 50.52 38.71 -16.42
C ALA E 380 50.56 37.24 -16.06
N ALA E 381 51.77 36.69 -15.98
CA ALA E 381 51.95 35.30 -15.59
C ALA E 381 51.07 35.10 -14.36
N PHE E 382 51.41 35.78 -13.27
CA PHE E 382 50.59 35.68 -12.07
C PHE E 382 49.10 35.76 -12.43
N ARG E 383 48.71 36.82 -13.12
CA ARG E 383 47.31 37.00 -13.51
C ARG E 383 46.64 35.68 -13.83
N VAL E 384 47.12 35.02 -14.87
CA VAL E 384 46.51 33.76 -15.28
C VAL E 384 46.58 32.66 -14.22
N ASN E 385 47.76 32.40 -13.67
CA ASN E 385 47.86 31.38 -12.66
C ASN E 385 46.65 31.55 -11.76
N GLU E 386 46.39 32.77 -11.30
CA GLU E 386 45.24 33.00 -10.44
C GLU E 386 43.93 32.66 -11.10
N LYS E 387 43.74 33.08 -12.34
CA LYS E 387 42.50 32.81 -13.05
C LYS E 387 42.30 31.35 -13.52
N THR E 388 43.37 30.56 -13.60
CA THR E 388 43.22 29.18 -14.06
C THR E 388 44.03 28.14 -13.32
N GLU E 389 44.77 27.29 -14.04
CA GLU E 389 45.58 26.24 -13.40
C GLU E 389 46.92 26.80 -12.93
N ASN E 390 46.98 27.27 -11.69
CA ASN E 390 48.22 27.86 -11.19
C ASN E 390 49.39 26.89 -11.30
N ILE E 391 50.19 26.98 -12.35
CA ILE E 391 51.32 26.06 -12.48
C ILE E 391 52.60 26.69 -11.97
N GLY E 392 52.44 27.63 -11.04
CA GLY E 392 53.59 28.28 -10.49
C GLY E 392 54.42 29.12 -11.45
N ALA E 393 55.74 28.95 -11.35
CA ALA E 393 56.70 29.71 -12.14
C ALA E 393 56.79 29.27 -13.56
N ARG E 394 56.30 28.07 -13.85
CA ARG E 394 56.36 27.64 -15.22
C ARG E 394 55.61 28.66 -16.04
N ARG E 395 54.57 29.24 -15.45
CA ARG E 395 53.75 30.24 -16.14
C ARG E 395 54.60 31.36 -16.76
N LEU E 396 55.84 31.52 -16.33
CA LEU E 396 56.66 32.54 -16.95
C LEU E 396 57.19 31.94 -18.24
N HIS E 397 57.70 30.72 -18.21
CA HIS E 397 58.22 30.14 -19.44
C HIS E 397 57.12 30.16 -20.50
N THR E 398 55.89 30.05 -20.02
CA THR E 398 54.73 30.04 -20.89
C THR E 398 54.47 31.39 -21.52
N VAL E 399 54.21 32.37 -20.66
CA VAL E 399 53.93 33.73 -21.07
C VAL E 399 55.06 34.28 -21.89
N MET E 400 56.29 34.00 -21.50
CA MET E 400 57.39 34.50 -22.30
C MET E 400 57.24 33.97 -23.72
N GLU E 401 57.31 32.65 -23.90
CA GLU E 401 57.21 32.13 -25.27
C GLU E 401 56.01 32.71 -26.01
N ARG E 402 54.96 33.01 -25.28
CA ARG E 402 53.81 33.56 -25.93
C ARG E 402 54.13 34.98 -26.44
N LEU E 403 54.89 35.76 -25.66
CA LEU E 403 55.26 37.15 -26.00
C LEU E 403 56.35 37.20 -27.06
N MET E 404 57.48 36.57 -26.79
CA MET E 404 58.58 36.54 -27.75
C MET E 404 58.24 35.75 -29.03
N ASP E 405 56.95 35.48 -29.20
CA ASP E 405 56.43 34.74 -30.34
C ASP E 405 57.03 35.28 -31.66
N LYS E 406 56.39 36.34 -32.16
CA LYS E 406 56.72 37.02 -33.42
C LYS E 406 58.20 37.14 -33.57
N ILE E 407 58.76 37.93 -32.69
CA ILE E 407 60.18 38.16 -32.74
C ILE E 407 60.97 36.91 -33.03
N SER E 408 60.70 35.85 -32.27
CA SER E 408 61.46 34.62 -32.39
C SER E 408 61.55 34.08 -33.79
N PHE E 409 60.55 34.36 -34.60
CA PHE E 409 60.52 33.89 -35.98
C PHE E 409 61.30 34.81 -36.90
N SER E 410 60.83 36.05 -36.93
CA SER E 410 61.37 37.10 -37.75
C SER E 410 62.78 37.47 -37.35
N ALA E 411 63.10 37.28 -36.09
CA ALA E 411 64.42 37.61 -35.58
C ALA E 411 65.55 37.18 -36.51
N SER E 412 65.29 36.22 -37.37
CA SER E 412 66.33 35.74 -38.26
C SER E 412 66.75 36.73 -39.34
N ASP E 413 65.77 37.23 -40.09
CA ASP E 413 66.04 38.18 -41.17
C ASP E 413 65.75 39.61 -40.71
N MET E 414 65.72 39.77 -39.39
CA MET E 414 65.42 41.04 -38.76
C MET E 414 66.69 41.63 -38.16
N ASN E 415 67.81 41.14 -38.69
CA ASN E 415 69.15 41.53 -38.25
C ASN E 415 69.39 43.00 -37.98
N GLY E 416 70.36 43.27 -37.13
CA GLY E 416 70.70 44.64 -36.79
C GLY E 416 69.70 45.39 -35.94
N GLN E 417 68.42 45.31 -36.31
CA GLN E 417 67.37 46.02 -35.57
C GLN E 417 67.53 45.93 -34.06
N THR E 418 66.75 46.72 -33.32
CA THR E 418 66.77 46.59 -31.87
C THR E 418 65.32 46.71 -31.45
N VAL E 419 64.85 45.69 -30.73
CA VAL E 419 63.46 45.64 -30.28
C VAL E 419 63.31 46.19 -28.89
N ASN E 420 62.38 47.13 -28.73
CA ASN E 420 62.19 47.73 -27.43
C ASN E 420 60.91 47.29 -26.74
N ILE E 421 61.01 46.10 -26.15
CA ILE E 421 59.91 45.49 -25.44
C ILE E 421 59.52 46.27 -24.22
N ASP E 422 58.51 47.10 -24.39
CA ASP E 422 57.99 47.92 -23.30
C ASP E 422 56.64 47.37 -22.88
N ALA E 423 55.95 48.08 -22.00
CA ALA E 423 54.66 47.62 -21.49
C ALA E 423 53.65 47.56 -22.59
N ALA E 424 53.78 48.48 -23.54
CA ALA E 424 52.86 48.52 -24.65
C ALA E 424 53.06 47.24 -25.38
N TYR E 425 54.30 46.97 -25.73
CA TYR E 425 54.62 45.77 -26.47
C TYR E 425 54.05 44.55 -25.78
N VAL E 426 54.43 44.33 -24.53
CA VAL E 426 53.94 43.17 -23.84
C VAL E 426 52.43 43.19 -23.81
N ALA E 427 51.85 44.24 -23.26
CA ALA E 427 50.41 44.33 -23.21
C ALA E 427 49.75 43.96 -24.55
N ASP E 428 50.46 44.14 -25.66
CA ASP E 428 49.89 43.78 -26.96
C ASP E 428 50.06 42.28 -27.19
N ALA E 429 51.30 41.86 -27.42
CA ALA E 429 51.63 40.46 -27.69
C ALA E 429 50.85 39.45 -26.85
N LEU E 430 50.33 39.83 -25.68
CA LEU E 430 49.60 38.85 -24.89
C LEU E 430 48.14 38.85 -25.27
N GLY E 431 47.53 40.01 -25.35
CA GLY E 431 46.15 40.08 -25.84
C GLY E 431 44.91 39.44 -25.23
N GLU E 432 44.54 39.96 -24.07
CA GLU E 432 43.36 39.60 -23.27
C GLU E 432 42.97 38.14 -23.11
N VAL E 433 42.52 37.80 -21.91
CA VAL E 433 42.06 36.44 -21.57
C VAL E 433 41.59 36.27 -20.10
N VAL E 434 40.33 36.58 -19.84
CA VAL E 434 39.73 36.43 -18.50
C VAL E 434 38.98 35.10 -18.51
N GLU E 435 38.77 34.51 -17.34
CA GLU E 435 38.05 33.24 -17.26
C GLU E 435 36.56 33.52 -17.49
N ASN E 436 35.82 32.50 -17.90
CA ASN E 436 34.38 32.64 -18.15
C ASN E 436 33.78 31.31 -18.63
N GLU E 437 34.67 30.39 -19.02
CA GLU E 437 34.27 29.09 -19.53
C GLU E 437 33.11 28.49 -18.72
N ASP E 438 33.46 27.91 -17.57
CA ASP E 438 32.51 27.25 -16.66
C ASP E 438 31.19 27.95 -16.52
N LEU E 439 30.45 27.44 -15.55
CA LEU E 439 29.16 28.00 -15.27
C LEU E 439 28.37 27.89 -16.53
N SER E 440 27.19 28.51 -16.53
CA SER E 440 26.33 28.46 -17.68
C SER E 440 26.11 26.98 -18.02
N ARG E 441 26.71 26.53 -19.11
CA ARG E 441 26.60 25.16 -19.56
C ARG E 441 26.42 24.12 -18.45
N PHE E 442 26.90 24.42 -17.24
CA PHE E 442 26.79 23.47 -16.15
C PHE E 442 25.89 23.90 -15.01
N ILE E 443 25.44 25.14 -15.04
CA ILE E 443 24.62 25.59 -13.96
C ILE E 443 23.22 25.86 -14.41
N LEU E 444 22.27 25.65 -13.50
CA LEU E 444 20.88 25.87 -13.80
C LEU E 444 20.36 27.09 -13.06
N SER F 2 75.35 27.76 -41.80
CA SER F 2 75.48 26.85 -40.62
C SER F 2 74.22 26.02 -40.40
N GLU F 3 73.08 26.58 -40.77
CA GLU F 3 71.80 25.91 -40.61
C GLU F 3 70.70 26.77 -41.19
N MET F 4 69.59 26.14 -41.51
CA MET F 4 68.49 26.88 -42.11
C MET F 4 67.96 27.98 -41.20
N THR F 5 66.87 28.60 -41.61
CA THR F 5 66.26 29.70 -40.85
C THR F 5 64.75 29.56 -40.70
N PRO F 6 64.15 30.24 -39.71
CA PRO F 6 62.71 30.18 -39.50
C PRO F 6 61.95 30.18 -40.82
N ARG F 7 62.01 31.30 -41.54
CA ARG F 7 61.34 31.44 -42.83
C ARG F 7 61.91 30.46 -43.90
N GLU F 8 63.20 30.17 -43.78
CA GLU F 8 63.89 29.28 -44.69
C GLU F 8 63.34 27.85 -44.59
N ILE F 9 63.15 27.37 -43.35
CA ILE F 9 62.64 26.02 -43.12
C ILE F 9 61.22 25.92 -43.57
N VAL F 10 60.38 26.88 -43.18
CA VAL F 10 59.00 26.83 -43.59
C VAL F 10 58.94 26.56 -45.07
N SER F 11 59.80 27.22 -45.85
CA SER F 11 59.84 27.03 -47.31
C SER F 11 59.86 25.52 -47.56
N GLU F 12 60.95 24.90 -47.10
CA GLU F 12 61.17 23.45 -47.19
C GLU F 12 59.91 22.69 -46.81
N LEU F 13 59.29 23.03 -45.68
CA LEU F 13 58.05 22.36 -45.29
C LEU F 13 56.93 22.53 -46.30
N ASP F 14 56.79 23.77 -46.79
CA ASP F 14 55.75 24.07 -47.76
C ASP F 14 55.83 23.12 -48.94
N GLN F 15 57.01 22.53 -49.12
CA GLN F 15 57.22 21.62 -50.20
C GLN F 15 56.50 20.30 -50.02
N HIS F 16 56.14 19.92 -48.79
CA HIS F 16 55.42 18.67 -48.64
C HIS F 16 54.09 18.80 -47.96
N ILE F 17 53.88 19.82 -47.15
CA ILE F 17 52.57 19.96 -46.51
C ILE F 17 51.82 21.12 -47.08
N ILE F 18 50.53 20.96 -47.24
CA ILE F 18 49.75 22.04 -47.76
C ILE F 18 49.04 22.75 -46.64
N GLY F 19 49.30 24.05 -46.49
CA GLY F 19 48.62 24.80 -45.46
C GLY F 19 49.21 24.54 -44.11
N GLN F 20 48.38 24.55 -43.08
CA GLN F 20 48.90 24.31 -41.73
C GLN F 20 50.14 25.18 -41.61
N ALA F 21 49.94 26.48 -41.53
CA ALA F 21 51.03 27.42 -41.47
C ALA F 21 51.59 27.65 -40.08
N ASP F 22 50.72 28.08 -39.18
CA ASP F 22 51.13 28.36 -37.80
C ASP F 22 52.00 27.21 -37.32
N ALA F 23 51.55 26.01 -37.60
CA ALA F 23 52.29 24.84 -37.20
C ALA F 23 53.73 24.87 -37.76
N LYS F 24 53.85 24.97 -39.08
CA LYS F 24 55.14 25.01 -39.73
C LYS F 24 56.01 26.04 -39.05
N ARG F 25 55.42 27.19 -38.74
CA ARG F 25 56.20 28.25 -38.09
C ARG F 25 56.70 27.75 -36.72
N ALA F 26 55.77 27.20 -35.95
CA ALA F 26 56.11 26.73 -34.63
C ALA F 26 57.32 25.82 -34.68
N VAL F 27 57.30 24.80 -35.52
CA VAL F 27 58.46 23.91 -35.57
C VAL F 27 59.68 24.57 -36.20
N ALA F 28 59.44 25.64 -36.94
CA ALA F 28 60.54 26.32 -37.58
C ALA F 28 61.30 27.11 -36.50
N ILE F 29 60.59 27.97 -35.76
CA ILE F 29 61.22 28.76 -34.72
C ILE F 29 61.89 27.81 -33.78
N ALA F 30 61.25 26.66 -33.60
CA ALA F 30 61.71 25.61 -32.70
C ALA F 30 62.99 24.95 -33.17
N LEU F 31 63.05 24.55 -34.43
CA LEU F 31 64.26 23.95 -34.90
C LEU F 31 65.35 25.04 -34.97
N ARG F 32 64.91 26.30 -35.11
CA ARG F 32 65.89 27.36 -35.19
C ARG F 32 66.54 27.65 -33.84
N ASN F 33 65.74 27.69 -32.77
CA ASN F 33 66.31 27.97 -31.45
C ASN F 33 67.42 27.02 -31.19
N ARG F 34 67.43 25.90 -31.89
CA ARG F 34 68.48 24.92 -31.67
C ARG F 34 69.84 25.48 -32.07
N TRP F 35 69.88 26.13 -33.22
CA TRP F 35 71.11 26.70 -33.73
C TRP F 35 71.44 27.93 -32.91
N ARG F 36 70.42 28.62 -32.44
CA ARG F 36 70.67 29.79 -31.64
C ARG F 36 71.43 29.38 -30.36
N ARG F 37 70.84 28.61 -29.47
CA ARG F 37 71.59 28.12 -28.32
C ARG F 37 72.63 27.24 -29.01
N MET F 38 73.64 26.76 -28.30
CA MET F 38 74.64 25.92 -28.96
C MET F 38 75.38 26.84 -29.92
N GLN F 39 75.30 28.11 -29.58
CA GLN F 39 75.93 29.19 -30.31
C GLN F 39 76.19 30.18 -29.19
N LEU F 40 75.68 29.87 -28.01
CA LEU F 40 75.86 30.72 -26.82
C LEU F 40 77.06 30.17 -26.05
N GLN F 41 77.50 30.88 -25.01
CA GLN F 41 78.65 30.43 -24.20
C GLN F 41 78.28 29.49 -23.06
N GLU F 42 79.11 28.46 -22.85
CA GLU F 42 78.88 27.39 -21.87
C GLU F 42 77.85 27.49 -20.75
N PRO F 43 77.80 28.61 -20.01
CA PRO F 43 76.80 28.73 -18.93
C PRO F 43 75.38 28.58 -19.50
N LEU F 44 75.05 29.43 -20.46
CA LEU F 44 73.77 29.41 -21.12
C LEU F 44 73.62 28.29 -22.12
N ARG F 45 74.69 27.98 -22.85
CA ARG F 45 74.62 26.93 -23.87
C ARG F 45 73.95 25.68 -23.31
N HIS F 46 73.98 25.52 -21.99
CA HIS F 46 73.37 24.34 -21.38
C HIS F 46 72.16 24.69 -20.52
N GLU F 47 72.04 25.96 -20.19
CA GLU F 47 70.94 26.42 -19.35
C GLU F 47 69.59 26.61 -20.06
N VAL F 48 69.64 26.93 -21.35
CA VAL F 48 68.43 27.15 -22.13
C VAL F 48 67.88 25.83 -22.64
N THR F 49 66.58 25.64 -22.50
CA THR F 49 65.96 24.39 -22.92
C THR F 49 64.91 24.56 -24.01
N PRO F 50 64.68 23.49 -24.82
CA PRO F 50 63.73 23.43 -25.93
C PRO F 50 62.34 23.98 -25.57
N LYS F 51 61.64 24.53 -26.54
CA LYS F 51 60.33 25.08 -26.27
C LYS F 51 59.28 24.17 -26.87
N ASN F 52 59.27 22.92 -26.43
CA ASN F 52 58.34 21.89 -26.89
C ASN F 52 56.98 22.34 -27.41
N ILE F 53 56.53 21.70 -28.47
CA ILE F 53 55.25 22.02 -29.09
C ILE F 53 54.11 21.00 -28.92
N LEU F 54 52.89 21.50 -28.76
CA LEU F 54 51.71 20.66 -28.66
C LEU F 54 50.85 21.12 -29.82
N MET F 55 50.68 20.30 -30.86
CA MET F 55 49.89 20.67 -32.00
C MET F 55 48.57 20.11 -31.73
N ILE F 56 47.52 20.90 -31.90
CA ILE F 56 46.15 20.46 -31.69
C ILE F 56 45.50 20.40 -33.08
N GLY F 57 44.78 19.34 -33.40
CA GLY F 57 44.18 19.34 -34.71
C GLY F 57 43.26 18.19 -34.95
N PRO F 58 42.70 18.04 -36.15
CA PRO F 58 41.79 17.02 -36.65
C PRO F 58 42.60 15.83 -37.11
N THR F 59 41.97 14.79 -37.65
CA THR F 59 42.74 13.64 -38.09
C THR F 59 43.43 13.80 -39.43
N GLY F 60 44.72 13.47 -39.44
CA GLY F 60 45.52 13.55 -40.66
C GLY F 60 45.42 14.82 -41.48
N VAL F 61 45.90 15.92 -40.90
CA VAL F 61 45.87 17.19 -41.61
C VAL F 61 47.27 17.74 -41.62
N GLY F 62 48.24 16.94 -41.20
CA GLY F 62 49.64 17.36 -41.21
C GLY F 62 50.55 17.22 -39.98
N LYS F 63 49.94 17.24 -38.79
CA LYS F 63 50.68 17.15 -37.53
C LYS F 63 51.92 16.29 -37.62
N THR F 64 51.78 15.07 -38.12
CA THR F 64 52.94 14.19 -38.20
C THR F 64 53.90 14.47 -39.34
N GLU F 65 53.38 14.74 -40.54
CA GLU F 65 54.27 15.03 -41.68
C GLU F 65 55.17 16.16 -41.27
N ILE F 66 54.54 17.29 -41.01
CA ILE F 66 55.28 18.42 -40.55
C ILE F 66 56.38 17.93 -39.58
N ALA F 67 56.06 17.08 -38.62
CA ALA F 67 57.10 16.69 -37.68
C ALA F 67 58.13 15.79 -38.30
N ARG F 68 57.65 14.79 -39.03
CA ARG F 68 58.56 13.83 -39.64
C ARG F 68 59.51 14.58 -40.54
N ARG F 69 58.96 15.50 -41.34
CA ARG F 69 59.71 16.32 -42.26
C ARG F 69 60.69 17.23 -41.54
N LEU F 70 60.19 17.95 -40.55
CA LEU F 70 61.06 18.83 -39.82
C LEU F 70 62.31 18.01 -39.56
N ALA F 71 62.12 16.90 -38.87
CA ALA F 71 63.21 16.02 -38.54
C ALA F 71 64.08 15.74 -39.77
N LYS F 72 63.43 15.36 -40.84
CA LYS F 72 64.12 15.00 -42.05
C LYS F 72 64.98 16.12 -42.58
N LEU F 73 64.39 17.31 -42.67
CA LEU F 73 65.12 18.43 -43.26
C LEU F 73 66.21 18.90 -42.39
N ALA F 74 66.22 18.43 -41.15
CA ALA F 74 67.25 18.86 -40.23
C ALA F 74 68.19 17.69 -40.02
N ASN F 75 67.94 16.59 -40.71
CA ASN F 75 68.78 15.43 -40.57
C ASN F 75 68.94 15.12 -39.09
N ALA F 76 67.82 14.91 -38.42
CA ALA F 76 67.86 14.64 -37.00
C ALA F 76 67.21 13.32 -36.62
N PRO F 77 67.70 12.69 -35.53
CA PRO F 77 67.15 11.42 -35.05
C PRO F 77 65.69 11.71 -34.70
N PHE F 78 64.76 10.98 -35.31
CA PHE F 78 63.36 11.21 -35.07
C PHE F 78 62.64 9.94 -34.67
N ILE F 79 61.60 10.08 -33.87
CA ILE F 79 60.85 8.92 -33.45
C ILE F 79 59.41 9.32 -33.05
N LYS F 80 58.45 8.52 -33.49
CA LYS F 80 57.05 8.79 -33.18
C LYS F 80 56.52 7.67 -32.32
N VAL F 81 55.64 7.98 -31.37
CA VAL F 81 55.07 6.97 -30.50
C VAL F 81 53.65 7.30 -30.08
N GLU F 82 52.77 6.30 -30.01
CA GLU F 82 51.42 6.58 -29.56
C GLU F 82 51.54 6.79 -28.05
N ALA F 83 50.87 7.79 -27.51
CA ALA F 83 50.95 8.07 -26.07
C ALA F 83 50.38 6.92 -25.25
N THR F 84 49.33 6.32 -25.81
CA THR F 84 48.58 5.22 -25.25
C THR F 84 49.35 3.92 -25.30
N LYS F 85 50.47 3.91 -25.99
CA LYS F 85 51.28 2.70 -26.08
C LYS F 85 51.67 2.26 -24.67
N PHE F 86 51.66 3.20 -23.74
CA PHE F 86 52.09 2.89 -22.39
C PHE F 86 51.01 2.86 -21.32
N THR F 87 49.76 2.59 -21.69
CA THR F 87 48.72 2.57 -20.67
C THR F 87 48.68 1.26 -19.87
N GLU F 95 57.35 0.28 -21.31
CA GLU F 95 58.51 1.03 -20.79
C GLU F 95 58.76 2.39 -21.52
N VAL F 96 58.37 3.50 -20.88
CA VAL F 96 58.53 4.81 -21.48
C VAL F 96 59.97 5.15 -21.85
N ASP F 97 60.94 4.77 -21.03
CA ASP F 97 62.30 5.06 -21.37
C ASP F 97 62.62 4.53 -22.77
N SER F 98 61.87 3.54 -23.24
CA SER F 98 62.14 2.99 -24.56
C SER F 98 62.26 4.12 -25.61
N ILE F 99 61.33 5.07 -25.55
CA ILE F 99 61.32 6.18 -26.47
C ILE F 99 62.72 6.67 -26.71
N ILE F 100 63.40 7.07 -25.64
CA ILE F 100 64.75 7.58 -25.76
C ILE F 100 65.75 6.54 -26.26
N ARG F 101 65.44 5.30 -25.96
CA ARG F 101 66.28 4.18 -26.36
C ARG F 101 66.17 4.07 -27.88
N ASP F 102 64.97 3.80 -28.38
CA ASP F 102 64.70 3.69 -29.80
C ASP F 102 65.25 4.92 -30.53
N LEU F 103 65.14 6.07 -29.89
CA LEU F 103 65.61 7.29 -30.52
C LEU F 103 67.08 7.17 -30.80
N THR F 104 67.82 6.89 -29.74
CA THR F 104 69.25 6.72 -29.83
C THR F 104 69.62 5.64 -30.84
N ASP F 105 68.80 4.60 -30.90
CA ASP F 105 69.04 3.50 -31.83
C ASP F 105 68.98 4.07 -33.24
N SER F 106 68.06 5.00 -33.46
CA SER F 106 67.92 5.62 -34.77
C SER F 106 69.15 6.48 -35.07
N ALA F 107 69.55 7.29 -34.09
CA ALA F 107 70.71 8.15 -34.24
C ALA F 107 71.85 7.34 -34.80
N MET F 108 72.11 6.18 -34.20
CA MET F 108 73.18 5.35 -34.70
C MET F 108 73.02 5.08 -36.18
N LYS F 109 71.91 4.50 -36.60
CA LYS F 109 71.76 4.25 -38.03
C LYS F 109 71.93 5.52 -38.85
N LEU F 110 71.67 6.66 -38.24
CA LEU F 110 71.78 7.95 -38.94
C LEU F 110 73.19 8.52 -39.02
N VAL F 111 73.97 8.34 -37.95
CA VAL F 111 75.36 8.80 -37.94
C VAL F 111 76.18 7.85 -38.81
N ARG F 112 76.20 6.58 -38.44
CA ARG F 112 76.94 5.58 -39.19
C ARG F 112 76.56 5.57 -40.66
N GLN F 113 75.32 5.97 -40.94
CA GLN F 113 74.86 6.03 -42.32
C GLN F 113 75.74 7.03 -43.06
N GLN F 114 76.03 8.13 -42.40
CA GLN F 114 76.84 9.21 -42.97
C GLN F 114 78.32 9.08 -42.59
N GLU F 115 78.67 8.00 -41.91
CA GLU F 115 80.04 7.81 -41.50
C GLU F 115 80.70 6.76 -42.39
N ILE F 116 80.04 6.42 -43.48
CA ILE F 116 80.60 5.46 -44.41
C ILE F 116 81.01 6.23 -45.66
N ALA F 117 80.48 7.44 -45.81
CA ALA F 117 80.81 8.30 -46.95
C ALA F 117 82.06 9.10 -46.59
N LYS F 118 82.13 9.53 -45.34
CA LYS F 118 83.29 10.28 -44.85
C LYS F 118 84.49 9.34 -44.87
N ASN F 119 84.27 8.09 -44.47
CA ASN F 119 85.33 7.08 -44.44
C ASN F 119 85.45 6.30 -45.75
N ARG F 120 85.27 7.00 -46.86
CA ARG F 120 85.38 6.43 -48.21
C ARG F 120 86.76 6.80 -48.74
N ALA F 121 87.34 7.86 -48.16
CA ALA F 121 88.65 8.36 -48.54
C ALA F 121 89.59 7.25 -49.03
N ARG F 122 90.00 6.36 -48.12
CA ARG F 122 90.87 5.24 -48.47
C ARG F 122 90.27 3.93 -47.97
N ILE F 235 86.54 4.92 -39.07
CA ILE F 235 85.66 4.14 -38.22
C ILE F 235 85.91 4.52 -36.75
N ASN F 236 86.11 3.52 -35.90
CA ASN F 236 86.38 3.68 -34.47
C ASN F 236 85.11 3.72 -33.61
N PRO F 237 84.39 2.58 -33.54
CA PRO F 237 83.15 2.39 -32.78
C PRO F 237 83.05 3.05 -31.40
N GLU F 238 84.18 3.18 -30.72
CA GLU F 238 84.18 3.81 -29.40
C GLU F 238 83.90 5.31 -29.51
N GLU F 239 83.85 5.79 -30.74
CA GLU F 239 83.59 7.19 -31.04
C GLU F 239 82.20 7.28 -31.65
N LEU F 240 81.95 6.44 -32.64
CA LEU F 240 80.68 6.39 -33.33
C LEU F 240 79.62 6.57 -32.25
N LYS F 241 79.36 5.52 -31.48
CA LYS F 241 78.37 5.59 -30.42
C LYS F 241 78.46 6.96 -29.72
N GLN F 242 79.66 7.27 -29.23
CA GLN F 242 79.85 8.54 -28.55
C GLN F 242 79.31 9.69 -29.38
N LYS F 243 79.14 9.46 -30.67
CA LYS F 243 78.63 10.50 -31.56
C LYS F 243 77.10 10.48 -31.66
N ALA F 244 76.55 9.34 -32.02
CA ALA F 244 75.11 9.22 -32.14
C ALA F 244 74.55 9.72 -30.83
N ILE F 245 75.26 9.45 -29.74
CA ILE F 245 74.76 9.91 -28.45
C ILE F 245 74.72 11.42 -28.44
N ASP F 246 75.71 12.05 -29.05
CA ASP F 246 75.73 13.51 -29.11
C ASP F 246 74.57 13.91 -30.04
N ALA F 247 74.43 13.15 -31.12
CA ALA F 247 73.35 13.40 -32.08
C ALA F 247 72.03 13.52 -31.32
N VAL F 248 71.59 12.41 -30.73
CA VAL F 248 70.34 12.37 -29.98
C VAL F 248 70.22 13.47 -28.96
N GLU F 249 71.19 13.51 -28.06
CA GLU F 249 71.18 14.50 -27.00
C GLU F 249 71.04 15.91 -27.50
N GLN F 250 71.67 16.18 -28.66
CA GLN F 250 71.67 17.51 -29.27
C GLN F 250 70.48 17.86 -30.14
N ASN F 251 70.17 17.05 -31.15
CA ASN F 251 69.02 17.34 -32.00
C ASN F 251 68.03 16.19 -32.16
N GLY F 252 67.42 15.75 -31.07
CA GLY F 252 66.47 14.68 -31.24
C GLY F 252 65.07 15.25 -31.26
N ILE F 253 64.21 14.69 -32.09
CA ILE F 253 62.85 15.13 -32.07
C ILE F 253 62.06 13.88 -31.74
N VAL F 254 61.17 14.01 -30.76
CA VAL F 254 60.27 12.94 -30.33
C VAL F 254 58.83 13.41 -30.58
N PHE F 255 58.07 12.61 -31.31
CA PHE F 255 56.69 12.95 -31.62
C PHE F 255 55.72 12.04 -30.86
N ILE F 256 55.07 12.59 -29.84
CA ILE F 256 54.14 11.87 -29.00
C ILE F 256 52.72 12.02 -29.55
N ASP F 257 52.25 11.02 -30.30
CA ASP F 257 50.92 11.09 -30.88
C ASP F 257 49.78 10.89 -29.95
N GLU F 258 48.60 11.39 -30.34
CA GLU F 258 47.36 11.33 -29.55
C GLU F 258 47.55 11.42 -27.99
N ILE F 259 48.31 12.40 -27.53
CA ILE F 259 48.53 12.53 -26.09
C ILE F 259 47.19 12.96 -25.48
N ASP F 260 46.30 13.44 -26.32
CA ASP F 260 45.04 13.88 -25.80
C ASP F 260 44.34 12.66 -25.26
N LYS F 261 44.78 11.48 -25.67
CA LYS F 261 44.12 10.29 -25.18
C LYS F 261 44.49 9.95 -23.75
N ILE F 262 45.74 10.16 -23.38
CA ILE F 262 46.18 9.88 -22.03
C ILE F 262 45.85 11.07 -21.15
N CYS F 263 44.79 11.76 -21.50
CA CYS F 263 44.38 12.90 -20.72
C CYS F 263 43.34 12.28 -19.82
N LYS F 264 42.64 13.05 -18.98
CA LYS F 264 41.60 12.46 -18.13
C LYS F 264 40.20 12.83 -18.59
N LYS F 265 39.23 12.01 -18.18
CA LYS F 265 37.84 12.23 -18.58
C LYS F 265 36.97 11.09 -18.04
N GLY F 270 38.16 5.69 -11.76
CA GLY F 270 39.05 4.57 -11.91
C GLY F 270 39.40 4.27 -13.36
N ALA F 271 40.52 3.58 -13.56
CA ALA F 271 41.01 3.19 -14.90
C ALA F 271 41.50 4.40 -15.69
N ASP F 272 41.24 5.58 -15.15
CA ASP F 272 41.62 6.87 -15.74
C ASP F 272 42.99 7.26 -15.19
N VAL F 273 43.27 6.86 -13.95
CA VAL F 273 44.54 7.15 -13.30
C VAL F 273 45.59 6.27 -13.97
N SER F 274 45.09 5.35 -14.80
CA SER F 274 45.94 4.45 -15.55
C SER F 274 46.56 5.27 -16.68
N ARG F 275 45.77 6.22 -17.20
CA ARG F 275 46.19 7.10 -18.29
C ARG F 275 46.90 8.30 -17.72
N GLU F 276 46.22 9.02 -16.83
CA GLU F 276 46.82 10.21 -16.18
C GLU F 276 48.14 9.80 -15.51
N GLY F 277 48.51 8.55 -15.73
CA GLY F 277 49.71 8.02 -15.15
C GLY F 277 50.79 8.10 -16.18
N VAL F 278 50.44 7.81 -17.42
CA VAL F 278 51.44 7.88 -18.47
C VAL F 278 52.10 9.28 -18.47
N GLN F 279 51.30 10.31 -18.21
CA GLN F 279 51.80 11.65 -18.16
C GLN F 279 52.92 11.70 -17.15
N ARG F 280 52.64 11.32 -15.91
CA ARG F 280 53.66 11.35 -14.87
C ARG F 280 54.84 10.53 -15.35
N ASP F 281 54.56 9.54 -16.18
CA ASP F 281 55.63 8.70 -16.65
C ASP F 281 56.51 9.41 -17.64
N LEU F 282 55.92 10.20 -18.52
CA LEU F 282 56.67 10.93 -19.54
C LEU F 282 57.48 12.12 -19.01
N LEU F 283 57.04 12.72 -17.90
CA LEU F 283 57.75 13.88 -17.35
C LEU F 283 59.25 13.74 -17.41
N PRO F 284 59.83 12.86 -16.60
CA PRO F 284 61.29 12.68 -16.60
C PRO F 284 61.92 12.92 -17.96
N LEU F 285 61.26 12.44 -19.00
CA LEU F 285 61.79 12.63 -20.32
C LEU F 285 61.71 14.09 -20.65
N VAL F 286 60.48 14.53 -20.88
CA VAL F 286 60.24 15.92 -21.19
C VAL F 286 61.02 16.85 -20.28
N GLU F 287 60.89 16.62 -18.98
CA GLU F 287 61.53 17.41 -17.92
C GLU F 287 63.04 17.31 -17.90
N GLY F 288 63.60 16.32 -18.57
CA GLY F 288 65.04 16.21 -18.57
C GLY F 288 65.63 15.26 -17.54
N SER F 289 66.03 14.08 -18.02
CA SER F 289 66.63 13.05 -17.19
C SER F 289 67.61 12.29 -18.06
N THR F 290 68.09 11.16 -17.56
CA THR F 290 69.03 10.37 -18.32
C THR F 290 68.51 8.97 -18.49
N VAL F 291 68.69 8.37 -19.66
CA VAL F 291 68.24 6.99 -19.80
C VAL F 291 69.35 6.17 -20.48
N SER F 292 69.57 4.96 -19.99
CA SER F 292 70.63 4.14 -20.53
C SER F 292 70.21 3.49 -21.81
N THR F 293 71.07 3.63 -22.83
CA THR F 293 70.86 3.01 -24.13
C THR F 293 72.04 2.09 -24.38
N LYS F 294 71.86 1.11 -25.25
CA LYS F 294 72.92 0.16 -25.56
C LYS F 294 74.09 0.83 -26.23
N HIS F 295 74.05 2.16 -26.26
CA HIS F 295 75.12 2.93 -26.86
C HIS F 295 75.73 3.83 -25.81
N GLY F 296 75.11 3.85 -24.63
CA GLY F 296 75.63 4.67 -23.57
C GLY F 296 74.52 5.41 -22.86
N MET F 297 74.88 6.46 -22.16
CA MET F 297 73.91 7.26 -21.45
C MET F 297 73.49 8.49 -22.27
N VAL F 298 72.18 8.71 -22.46
CA VAL F 298 71.73 9.88 -23.19
C VAL F 298 70.87 10.75 -22.27
N LYS F 299 70.86 12.06 -22.52
CA LYS F 299 70.08 13.01 -21.71
C LYS F 299 68.94 13.67 -22.48
N THR F 300 67.72 13.39 -22.04
CA THR F 300 66.53 13.94 -22.71
C THR F 300 66.50 15.43 -22.49
N ASP F 301 67.40 15.93 -21.63
CA ASP F 301 67.43 17.36 -21.29
C ASP F 301 67.15 18.27 -22.45
N HIS F 302 67.75 17.96 -23.60
CA HIS F 302 67.58 18.81 -24.77
C HIS F 302 66.77 18.31 -25.93
N ILE F 303 66.25 17.09 -25.83
CA ILE F 303 65.41 16.55 -26.90
C ILE F 303 64.20 17.48 -27.18
N LEU F 304 63.80 17.62 -28.43
CA LEU F 304 62.63 18.47 -28.73
C LEU F 304 61.39 17.60 -28.80
N PHE F 305 60.42 17.92 -27.97
CA PHE F 305 59.20 17.15 -27.99
C PHE F 305 58.01 17.85 -28.65
N ILE F 306 57.29 17.14 -29.49
CA ILE F 306 56.14 17.72 -30.15
C ILE F 306 55.04 16.71 -29.85
N ALA F 307 54.02 17.14 -29.11
CA ALA F 307 52.89 16.29 -28.74
C ALA F 307 51.74 16.64 -29.64
N SER F 308 50.96 15.66 -30.03
CA SER F 308 49.86 15.98 -30.90
C SER F 308 48.57 15.45 -30.31
N GLY F 309 47.47 15.96 -30.84
CA GLY F 309 46.19 15.54 -30.35
C GLY F 309 45.04 16.37 -30.89
N ALA F 310 43.91 15.68 -31.06
CA ALA F 310 42.68 16.23 -31.56
C ALA F 310 42.00 17.02 -30.49
N PHE F 311 42.01 16.47 -29.30
CA PHE F 311 41.40 17.16 -28.20
C PHE F 311 39.96 17.55 -28.50
N GLN F 312 39.13 16.57 -28.79
CA GLN F 312 37.75 16.91 -29.03
C GLN F 312 36.96 16.79 -27.74
N VAL F 313 37.51 16.07 -26.77
CA VAL F 313 36.84 15.88 -25.50
C VAL F 313 37.55 16.62 -24.38
N ALA F 314 38.87 16.46 -24.34
CA ALA F 314 39.70 17.12 -23.32
C ALA F 314 40.41 18.35 -23.85
N ARG F 315 40.64 19.29 -22.97
CA ARG F 315 41.33 20.52 -23.33
C ARG F 315 42.78 20.22 -23.00
N PRO F 316 43.72 20.94 -23.61
CA PRO F 316 45.08 20.59 -23.24
C PRO F 316 45.29 20.98 -21.80
N SER F 317 44.44 21.88 -21.36
CA SER F 317 44.50 22.36 -19.99
C SER F 317 44.04 21.26 -19.05
N ASP F 318 44.00 20.04 -19.56
CA ASP F 318 43.57 18.91 -18.77
C ASP F 318 44.71 18.03 -18.45
N LEU F 319 45.86 18.29 -19.06
CA LEU F 319 47.00 17.47 -18.73
C LEU F 319 47.48 17.90 -17.35
N ILE F 320 48.46 17.18 -16.82
CA ILE F 320 48.97 17.50 -15.50
C ILE F 320 49.83 18.73 -15.66
N PRO F 321 49.68 19.69 -14.74
CA PRO F 321 50.40 20.95 -14.71
C PRO F 321 51.86 20.75 -15.05
N GLU F 322 52.48 19.81 -14.35
CA GLU F 322 53.89 19.56 -14.61
C GLU F 322 54.18 19.56 -16.12
N LEU F 323 53.35 18.83 -16.87
CA LEU F 323 53.46 18.69 -18.31
C LEU F 323 52.83 19.85 -19.09
N GLN F 324 51.77 20.39 -18.52
CA GLN F 324 51.06 21.47 -19.15
C GLN F 324 51.99 22.65 -19.31
N GLY F 325 53.07 22.66 -18.56
CA GLY F 325 53.97 23.77 -18.65
C GLY F 325 55.26 23.44 -19.37
N ARG F 326 55.44 22.19 -19.73
CA ARG F 326 56.66 21.82 -20.43
C ARG F 326 56.28 21.75 -21.92
N LEU F 327 55.03 22.17 -22.18
CA LEU F 327 54.44 22.23 -23.52
C LEU F 327 53.95 23.66 -23.70
N PRO F 328 54.89 24.59 -23.77
CA PRO F 328 54.72 26.04 -23.93
C PRO F 328 53.93 26.44 -25.17
N ILE F 329 54.52 26.14 -26.32
CA ILE F 329 53.98 26.43 -27.63
C ILE F 329 52.73 25.64 -28.01
N ARG F 330 51.55 26.26 -27.99
CA ARG F 330 50.37 25.53 -28.44
C ARG F 330 50.12 26.06 -29.84
N VAL F 331 50.06 25.19 -30.85
CA VAL F 331 49.81 25.61 -32.23
C VAL F 331 48.63 24.82 -32.78
N GLU F 332 47.70 25.43 -33.48
CA GLU F 332 46.55 24.68 -33.91
C GLU F 332 46.54 24.34 -35.38
N LEU F 333 46.06 23.17 -35.79
CA LEU F 333 46.01 22.88 -37.21
C LEU F 333 44.56 22.76 -37.63
N THR F 334 44.27 23.13 -38.87
CA THR F 334 42.90 23.13 -39.42
C THR F 334 42.45 21.90 -40.14
N ALA F 335 41.13 21.78 -40.24
CA ALA F 335 40.54 20.66 -40.96
C ALA F 335 41.00 20.91 -42.39
N LEU F 336 41.09 19.86 -43.19
CA LEU F 336 41.52 20.06 -44.56
C LEU F 336 40.32 20.33 -45.46
N SER F 337 40.40 21.38 -46.29
CA SER F 337 39.30 21.74 -47.19
C SER F 337 39.31 21.16 -48.59
N ALA F 338 38.16 21.27 -49.25
CA ALA F 338 38.00 20.80 -50.61
C ALA F 338 39.16 21.42 -51.37
N ALA F 339 39.19 22.75 -51.26
CA ALA F 339 40.18 23.59 -51.88
C ALA F 339 41.56 23.11 -51.55
N ASP F 340 41.77 22.82 -50.27
CA ASP F 340 43.06 22.30 -49.82
C ASP F 340 43.41 20.96 -50.50
N PHE F 341 42.48 20.00 -50.50
CA PHE F 341 42.72 18.73 -51.16
C PHE F 341 43.20 18.95 -52.60
N GLU F 342 42.52 19.88 -53.28
CA GLU F 342 42.86 20.21 -54.66
C GLU F 342 44.35 20.41 -54.80
N ARG F 343 44.97 20.91 -53.73
CA ARG F 343 46.39 21.19 -53.73
C ARG F 343 47.29 20.04 -53.29
N ILE F 344 46.90 19.36 -52.22
CA ILE F 344 47.65 18.23 -51.70
C ILE F 344 47.63 17.23 -52.84
N LEU F 345 46.61 17.38 -53.69
CA LEU F 345 46.44 16.47 -54.81
C LEU F 345 47.51 16.59 -55.92
N THR F 346 48.08 17.79 -56.11
CA THR F 346 49.08 18.04 -57.16
C THR F 346 50.36 18.83 -56.87
N GLU F 347 50.32 19.77 -55.93
CA GLU F 347 51.51 20.58 -55.63
C GLU F 347 52.71 19.85 -54.97
N PRO F 348 52.47 19.24 -53.79
CA PRO F 348 53.45 18.51 -52.97
C PRO F 348 54.42 17.67 -53.75
N HIS F 349 55.71 17.75 -53.44
CA HIS F 349 56.67 16.91 -54.17
C HIS F 349 56.16 15.48 -54.08
N ALA F 350 56.00 14.82 -55.23
CA ALA F 350 55.50 13.44 -55.27
C ALA F 350 54.05 13.30 -54.85
N SER F 351 53.19 14.18 -55.34
CA SER F 351 51.78 14.12 -55.03
C SER F 351 51.21 12.80 -55.56
N LEU F 352 49.95 12.54 -55.27
CA LEU F 352 49.32 11.31 -55.72
C LEU F 352 49.32 11.31 -57.21
N THR F 353 48.71 12.32 -57.80
CA THR F 353 48.68 12.36 -59.24
C THR F 353 50.12 12.19 -59.74
N GLU F 354 51.05 13.01 -59.27
CA GLU F 354 52.41 12.86 -59.74
C GLU F 354 52.82 11.39 -59.66
N GLN F 355 52.30 10.67 -58.68
CA GLN F 355 52.67 9.25 -58.53
C GLN F 355 52.04 8.34 -59.54
N TYR F 356 50.72 8.38 -59.66
CA TYR F 356 50.08 7.52 -60.62
C TYR F 356 50.70 7.71 -62.00
N LYS F 357 50.79 8.97 -62.45
CA LYS F 357 51.40 9.25 -63.74
C LYS F 357 52.66 8.40 -63.74
N ALA F 358 53.58 8.74 -62.86
CA ALA F 358 54.82 8.00 -62.75
C ALA F 358 54.65 6.51 -62.74
N LEU F 359 53.57 6.01 -62.16
CA LEU F 359 53.36 4.57 -62.10
C LEU F 359 52.82 3.97 -63.42
N MET F 360 51.73 4.52 -63.95
CA MET F 360 51.18 4.01 -65.21
C MET F 360 52.22 4.17 -66.33
N ALA F 361 53.14 5.13 -66.13
CA ALA F 361 54.21 5.38 -67.09
C ALA F 361 54.89 4.06 -67.40
N THR F 362 55.35 3.41 -66.34
CA THR F 362 56.03 2.13 -66.39
C THR F 362 55.37 1.12 -67.32
N GLU F 363 54.05 1.01 -67.21
CA GLU F 363 53.30 0.06 -68.03
C GLU F 363 53.16 0.61 -69.42
N GLY F 364 53.72 1.80 -69.64
CA GLY F 364 53.67 2.42 -70.94
C GLY F 364 52.46 3.30 -71.20
N VAL F 365 51.60 3.46 -70.21
CA VAL F 365 50.48 4.31 -70.46
C VAL F 365 50.80 5.72 -70.07
N ASN F 366 50.37 6.67 -70.90
CA ASN F 366 50.59 8.07 -70.57
C ASN F 366 49.23 8.53 -70.08
N ILE F 367 49.22 9.09 -68.88
CA ILE F 367 47.99 9.55 -68.29
C ILE F 367 48.01 11.06 -68.02
N ALA F 368 46.84 11.67 -67.89
CA ALA F 368 46.78 13.11 -67.64
C ALA F 368 45.48 13.52 -66.92
N PHE F 369 45.64 14.21 -65.82
CA PHE F 369 44.48 14.63 -65.07
C PHE F 369 44.21 16.04 -65.44
N THR F 370 42.96 16.34 -65.75
CA THR F 370 42.58 17.71 -66.10
C THR F 370 42.18 18.43 -64.84
N THR F 371 42.46 19.72 -64.81
CA THR F 371 42.12 20.54 -63.66
C THR F 371 40.79 20.07 -63.08
N ASP F 372 39.72 20.21 -63.86
CA ASP F 372 38.40 19.82 -63.43
C ASP F 372 38.38 18.41 -62.87
N ALA F 373 39.27 17.55 -63.34
CA ALA F 373 39.30 16.17 -62.83
C ALA F 373 39.77 16.21 -61.39
N VAL F 374 40.82 16.99 -61.15
CA VAL F 374 41.34 17.11 -59.82
C VAL F 374 40.29 17.74 -58.97
N LYS F 375 39.81 18.91 -59.37
CA LYS F 375 38.77 19.60 -58.62
C LYS F 375 37.67 18.61 -58.24
N LYS F 376 37.35 17.68 -59.15
CA LYS F 376 36.31 16.68 -58.90
C LYS F 376 36.78 15.62 -57.89
N ILE F 377 37.94 15.03 -58.15
CA ILE F 377 38.48 14.02 -57.24
C ILE F 377 38.47 14.56 -55.82
N ALA F 378 39.02 15.76 -55.63
CA ALA F 378 39.07 16.39 -54.31
C ALA F 378 37.71 16.71 -53.75
N GLU F 379 36.90 17.44 -54.50
CA GLU F 379 35.57 17.76 -54.00
C GLU F 379 35.00 16.45 -53.47
N ALA F 380 35.39 15.36 -54.12
CA ALA F 380 34.90 14.05 -53.78
C ALA F 380 35.42 13.50 -52.46
N ALA F 381 36.72 13.55 -52.26
CA ALA F 381 37.25 13.03 -51.01
C ALA F 381 36.49 13.78 -49.92
N PHE F 382 36.61 15.10 -49.94
CA PHE F 382 35.93 15.94 -48.96
C PHE F 382 34.53 15.41 -48.78
N ARG F 383 33.77 15.47 -49.87
CA ARG F 383 32.38 15.04 -49.89
C ARG F 383 32.16 13.96 -48.86
N VAL F 384 32.84 12.83 -49.02
CA VAL F 384 32.68 11.69 -48.12
C VAL F 384 33.17 11.94 -46.73
N ASN F 385 34.36 12.45 -46.60
CA ASN F 385 34.83 12.72 -45.26
C ASN F 385 33.72 13.39 -44.48
N GLU F 386 33.06 14.40 -45.06
CA GLU F 386 31.97 15.06 -44.34
C GLU F 386 30.79 14.09 -44.09
N LYS F 387 30.39 13.33 -45.11
CA LYS F 387 29.27 12.43 -44.98
C LYS F 387 29.53 11.24 -44.07
N THR F 388 30.79 10.85 -43.88
CA THR F 388 31.05 9.69 -43.02
C THR F 388 32.16 9.87 -42.00
N GLU F 389 33.10 8.94 -41.96
CA GLU F 389 34.20 9.01 -41.01
C GLU F 389 35.28 9.87 -41.63
N ASN F 390 35.35 11.15 -41.25
CA ASN F 390 36.36 12.05 -41.81
C ASN F 390 37.79 11.61 -41.45
N ILE F 391 38.47 10.96 -42.36
CA ILE F 391 39.80 10.50 -42.07
C ILE F 391 40.82 11.43 -42.63
N GLY F 392 40.42 12.69 -42.81
CA GLY F 392 41.33 13.67 -43.35
C GLY F 392 41.86 13.38 -44.75
N ALA F 393 43.13 13.68 -44.96
CA ALA F 393 43.73 13.53 -46.25
C ALA F 393 43.88 12.14 -46.74
N ARG F 394 43.78 11.15 -45.87
CA ARG F 394 43.92 9.78 -46.36
C ARG F 394 42.83 9.54 -47.40
N ARG F 395 41.69 10.20 -47.19
CA ARG F 395 40.57 10.04 -48.09
C ARG F 395 40.95 10.25 -49.54
N LEU F 396 42.08 10.91 -49.79
CA LEU F 396 42.50 11.08 -51.16
C LEU F 396 43.10 9.77 -51.57
N HIS F 397 44.00 9.20 -50.78
CA HIS F 397 44.60 7.92 -51.19
C HIS F 397 43.55 6.91 -51.46
N THR F 398 42.43 7.03 -50.74
CA THR F 398 41.30 6.11 -50.91
C THR F 398 40.59 6.31 -52.23
N VAL F 399 40.14 7.54 -52.47
CA VAL F 399 39.44 7.88 -53.69
C VAL F 399 40.36 7.70 -54.87
N MET F 400 41.61 8.09 -54.77
CA MET F 400 42.45 7.85 -55.92
C MET F 400 42.51 6.36 -56.27
N GLU F 401 42.76 5.49 -55.29
CA GLU F 401 42.82 4.07 -55.62
C GLU F 401 41.50 3.52 -56.11
N ARG F 402 40.43 4.24 -55.83
CA ARG F 402 39.11 3.82 -56.26
C ARG F 402 38.94 4.26 -57.71
N LEU F 403 39.47 5.42 -58.05
CA LEU F 403 39.32 5.88 -59.41
C LEU F 403 40.33 5.18 -60.31
N MET F 404 41.59 5.19 -59.90
CA MET F 404 42.60 4.58 -60.72
C MET F 404 42.44 3.08 -60.77
N ASP F 405 41.26 2.60 -60.39
CA ASP F 405 40.97 1.18 -60.39
C ASP F 405 41.28 0.48 -61.73
N LYS F 406 40.34 0.62 -62.66
CA LYS F 406 40.40 0.00 -63.98
C LYS F 406 41.77 0.14 -64.60
N ILE F 407 42.14 1.36 -64.91
CA ILE F 407 43.43 1.59 -65.54
C ILE F 407 44.54 0.82 -64.90
N SER F 408 44.53 0.69 -63.57
CA SER F 408 45.62 0.01 -62.88
C SER F 408 45.77 -1.44 -63.25
N PHE F 409 44.69 -2.06 -63.68
CA PHE F 409 44.74 -3.45 -64.08
C PHE F 409 45.19 -3.60 -65.52
N SER F 410 44.46 -2.94 -66.40
CA SER F 410 44.67 -2.94 -67.84
C SER F 410 45.88 -2.12 -68.31
N ALA F 411 46.31 -1.18 -67.50
CA ALA F 411 47.44 -0.37 -67.89
C ALA F 411 48.55 -1.25 -68.44
N SER F 412 48.57 -2.50 -68.00
CA SER F 412 49.63 -3.39 -68.43
C SER F 412 49.63 -3.71 -69.90
N ASP F 413 48.50 -4.15 -70.43
CA ASP F 413 48.42 -4.50 -71.84
C ASP F 413 47.77 -3.36 -72.61
N MET F 414 47.70 -2.22 -71.96
CA MET F 414 47.08 -1.05 -72.56
C MET F 414 48.15 -0.11 -73.10
N ASN F 415 49.36 -0.64 -73.26
CA ASN F 415 50.50 0.12 -73.72
C ASN F 415 50.26 1.17 -74.81
N GLY F 416 51.11 2.20 -74.80
CA GLY F 416 51.03 3.27 -75.78
C GLY F 416 49.95 4.30 -75.57
N GLN F 417 48.69 3.86 -75.51
CA GLN F 417 47.54 4.76 -75.33
C GLN F 417 47.77 5.88 -74.34
N THR F 418 46.87 6.84 -74.32
CA THR F 418 46.94 7.95 -73.35
C THR F 418 45.54 8.16 -72.80
N VAL F 419 45.41 8.04 -71.49
CA VAL F 419 44.11 8.19 -70.85
C VAL F 419 43.99 9.64 -70.47
N ASN F 420 42.84 10.23 -70.78
CA ASN F 420 42.65 11.63 -70.41
C ASN F 420 41.61 11.71 -69.31
N ILE F 421 42.08 11.69 -68.07
CA ILE F 421 41.19 11.72 -66.91
C ILE F 421 40.59 13.08 -66.69
N ASP F 422 39.33 13.21 -67.11
CA ASP F 422 38.58 14.46 -66.98
C ASP F 422 37.45 14.32 -66.00
N ALA F 423 36.69 15.40 -65.80
CA ALA F 423 35.56 15.43 -64.87
C ALA F 423 34.56 14.32 -65.14
N ALA F 424 34.38 13.99 -66.40
CA ALA F 424 33.48 12.93 -66.77
C ALA F 424 34.06 11.64 -66.24
N TYR F 425 35.31 11.36 -66.61
CA TYR F 425 35.96 10.13 -66.18
C TYR F 425 35.77 9.90 -64.70
N VAL F 426 36.35 10.78 -63.91
CA VAL F 426 36.25 10.68 -62.47
C VAL F 426 34.82 10.51 -62.06
N ALA F 427 33.98 11.48 -62.41
CA ALA F 427 32.57 11.37 -62.07
C ALA F 427 32.07 9.95 -62.36
N ASP F 428 32.62 9.30 -63.36
CA ASP F 428 32.19 7.95 -63.66
C ASP F 428 32.82 6.97 -62.67
N ALA F 429 34.12 6.71 -62.85
CA ALA F 429 34.85 5.78 -62.00
C ALA F 429 34.45 5.78 -60.54
N LEU F 430 33.91 6.88 -60.04
CA LEU F 430 33.51 6.93 -58.64
C LEU F 430 32.10 6.41 -58.42
N GLY F 431 31.16 6.82 -59.26
CA GLY F 431 29.80 6.34 -59.06
C GLY F 431 29.10 7.23 -58.06
N GLU F 432 28.18 6.64 -57.29
CA GLU F 432 27.43 7.37 -56.27
C GLU F 432 27.82 6.89 -54.88
N VAL F 433 27.33 7.57 -53.83
CA VAL F 433 27.66 7.21 -52.45
C VAL F 433 26.52 6.59 -51.63
N VAL F 434 26.82 6.33 -50.36
CA VAL F 434 25.86 5.79 -49.38
C VAL F 434 26.01 6.76 -48.21
N GLU F 435 25.10 7.73 -48.13
CA GLU F 435 25.16 8.76 -47.10
C GLU F 435 23.92 9.00 -46.23
N ASN F 436 23.54 8.00 -45.42
CA ASN F 436 22.37 8.10 -44.51
C ASN F 436 21.80 6.74 -44.09
N GLU F 437 22.68 5.76 -43.84
CA GLU F 437 22.24 4.42 -43.45
C GLU F 437 21.43 4.33 -42.15
N ASP F 438 21.99 4.91 -41.08
CA ASP F 438 21.38 4.92 -39.74
C ASP F 438 19.88 4.94 -39.79
N LEU F 439 19.32 6.00 -39.23
CA LEU F 439 17.89 6.21 -39.20
C LEU F 439 17.25 4.86 -39.19
N SER F 440 16.23 4.71 -40.03
CA SER F 440 15.54 3.46 -40.18
C SER F 440 15.84 2.57 -38.96
N ARG F 441 16.49 1.43 -39.21
CA ARG F 441 16.86 0.46 -38.20
C ARG F 441 16.80 0.89 -36.73
N PHE F 442 17.44 2.01 -36.41
CA PHE F 442 17.49 2.47 -35.02
C PHE F 442 16.48 3.45 -34.55
N ILE F 443 15.72 4.01 -35.47
CA ILE F 443 14.76 5.01 -35.07
C ILE F 443 13.31 4.59 -35.07
N LEU F 444 12.62 4.96 -34.01
CA LEU F 444 11.20 4.65 -33.88
C LEU F 444 10.40 5.82 -34.40
N THR G 1 0.14 -1.56 -27.71
CA THR G 1 0.48 -1.98 -29.11
C THR G 1 -0.22 -3.28 -29.50
N THR G 2 -0.21 -3.60 -30.79
CA THR G 2 -0.79 -4.86 -31.22
C THR G 2 -0.07 -5.41 -32.42
N ILE G 3 0.44 -6.62 -32.28
CA ILE G 3 1.13 -7.23 -33.38
C ILE G 3 0.69 -8.65 -33.54
N VAL G 4 0.31 -9.00 -34.76
CA VAL G 4 -0.14 -10.36 -34.99
C VAL G 4 0.46 -10.87 -36.29
N SER G 5 0.64 -12.19 -36.36
CA SER G 5 1.16 -12.82 -37.56
C SER G 5 0.49 -14.13 -37.87
N VAL G 6 0.04 -14.23 -39.12
CA VAL G 6 -0.63 -15.41 -39.61
C VAL G 6 0.14 -15.92 -40.81
N ARG G 7 0.08 -17.24 -41.00
CA ARG G 7 0.77 -17.91 -42.07
C ARG G 7 -0.08 -19.07 -42.56
N ARG G 8 -0.33 -19.08 -43.87
CA ARG G 8 -1.11 -20.11 -44.55
C ARG G 8 -0.83 -20.00 -46.05
N ASN G 9 -0.48 -21.11 -46.69
CA ASN G 9 -0.18 -21.14 -48.12
C ASN G 9 1.20 -20.58 -48.46
N GLY G 10 2.22 -21.14 -47.80
CA GLY G 10 3.58 -20.71 -48.02
C GLY G 10 3.76 -19.21 -47.87
N GLN G 11 2.83 -18.60 -47.14
CA GLN G 11 2.89 -17.17 -46.90
C GLN G 11 2.99 -16.89 -45.40
N VAL G 12 3.82 -15.93 -45.02
CA VAL G 12 3.93 -15.57 -43.62
C VAL G 12 3.85 -14.07 -43.57
N VAL G 13 3.07 -13.55 -42.64
CA VAL G 13 2.97 -12.11 -42.54
C VAL G 13 2.89 -11.65 -41.10
N VAL G 14 3.55 -10.54 -40.83
CA VAL G 14 3.56 -9.97 -39.50
C VAL G 14 3.10 -8.52 -39.60
N GLY G 15 2.11 -8.17 -38.78
CA GLY G 15 1.58 -6.83 -38.83
C GLY G 15 1.31 -6.26 -37.47
N GLY G 16 1.45 -4.94 -37.38
CA GLY G 16 1.25 -4.23 -36.14
C GLY G 16 0.70 -2.85 -36.41
N ASP G 17 0.27 -2.16 -35.36
CA ASP G 17 -0.27 -0.82 -35.53
C ASP G 17 0.92 0.12 -35.52
N GLY G 18 0.70 1.38 -35.16
CA GLY G 18 1.79 2.35 -35.13
C GLY G 18 1.58 3.43 -34.08
N GLN G 19 0.83 3.11 -33.04
CA GLN G 19 0.53 4.07 -32.00
C GLN G 19 1.50 3.92 -30.87
N VAL G 20 2.21 4.99 -30.58
CA VAL G 20 3.14 4.98 -29.48
C VAL G 20 2.47 5.72 -28.35
N SER G 21 1.85 4.96 -27.45
CA SER G 21 1.15 5.57 -26.35
C SER G 21 2.14 5.90 -25.28
N LEU G 22 1.93 7.00 -24.58
CA LEU G 22 2.81 7.39 -23.50
C LEU G 22 1.87 7.71 -22.33
N GLY G 23 1.70 6.74 -21.43
CA GLY G 23 0.77 6.97 -20.35
C GLY G 23 -0.59 6.84 -21.01
N ASN G 24 -1.35 7.93 -21.05
CA ASN G 24 -2.65 7.89 -21.70
C ASN G 24 -2.72 8.92 -22.82
N THR G 25 -1.57 9.48 -23.18
CA THR G 25 -1.48 10.46 -24.26
C THR G 25 -0.79 9.73 -25.38
N VAL G 26 -0.74 10.31 -26.58
CA VAL G 26 -0.06 9.65 -27.69
C VAL G 26 1.05 10.48 -28.30
N MET G 27 2.28 10.04 -28.06
CA MET G 27 3.47 10.70 -28.54
C MET G 27 3.61 10.58 -30.04
N LYS G 28 3.01 9.56 -30.62
CA LYS G 28 3.11 9.36 -32.05
C LYS G 28 2.07 8.34 -32.53
N GLY G 29 1.67 8.47 -33.79
CA GLY G 29 0.70 7.55 -34.35
C GLY G 29 1.16 6.79 -35.59
N ASN G 30 2.31 7.16 -36.17
CA ASN G 30 2.78 6.49 -37.38
C ASN G 30 4.04 5.64 -37.23
N ALA G 31 4.23 5.00 -36.07
CA ALA G 31 5.42 4.17 -35.83
C ALA G 31 5.37 2.91 -36.64
N ARG G 32 6.54 2.33 -36.88
CA ARG G 32 6.61 1.10 -37.65
C ARG G 32 6.96 0.05 -36.63
N LYS G 33 6.02 -0.80 -36.25
CA LYS G 33 6.38 -1.75 -35.22
C LYS G 33 6.92 -3.08 -35.73
N VAL G 34 6.91 -3.25 -37.05
CA VAL G 34 7.46 -4.48 -37.65
C VAL G 34 8.46 -4.17 -38.76
N ARG G 35 9.63 -4.78 -38.68
CA ARG G 35 10.66 -4.51 -39.68
C ARG G 35 11.31 -5.80 -40.21
N ARG G 36 12.10 -5.65 -41.28
CA ARG G 36 12.77 -6.80 -41.89
C ARG G 36 14.21 -6.89 -41.37
N LEU G 37 14.69 -8.11 -41.12
CA LEU G 37 16.05 -8.31 -40.62
C LEU G 37 16.85 -9.27 -41.52
N TYR G 38 18.10 -9.48 -41.16
CA TYR G 38 18.99 -10.37 -41.92
C TYR G 38 18.77 -10.35 -43.45
N ASN G 39 19.08 -9.22 -44.07
CA ASN G 39 18.93 -9.09 -45.51
C ASN G 39 17.53 -9.47 -45.97
N GLY G 40 16.55 -8.71 -45.53
CA GLY G 40 15.16 -8.94 -45.91
C GLY G 40 14.68 -10.37 -45.99
N LYS G 41 15.09 -11.22 -45.06
CA LYS G 41 14.64 -12.59 -45.08
C LYS G 41 13.92 -13.01 -43.77
N VAL G 42 13.87 -12.09 -42.80
CA VAL G 42 13.15 -12.35 -41.54
C VAL G 42 12.24 -11.21 -41.13
N LEU G 43 11.09 -11.57 -40.60
CA LEU G 43 10.13 -10.59 -40.18
C LEU G 43 10.17 -10.47 -38.68
N ALA G 44 10.14 -9.24 -38.20
CA ALA G 44 10.19 -9.02 -36.76
C ALA G 44 9.23 -7.95 -36.30
N GLY G 45 8.41 -8.31 -35.34
CA GLY G 45 7.46 -7.37 -34.82
C GLY G 45 7.77 -7.30 -33.35
N PHE G 46 7.79 -6.08 -32.82
CA PHE G 46 8.08 -5.91 -31.41
C PHE G 46 7.03 -5.09 -30.72
N ALA G 47 6.77 -5.46 -29.48
CA ALA G 47 5.78 -4.77 -28.66
C ALA G 47 6.21 -4.72 -27.21
N GLY G 48 6.12 -3.53 -26.64
CA GLY G 48 6.50 -3.35 -25.26
C GLY G 48 7.05 -1.95 -25.15
N GLY G 49 8.09 -1.79 -24.34
CA GLY G 49 8.68 -0.47 -24.18
C GLY G 49 9.45 0.01 -25.39
N THR G 50 9.07 1.18 -25.90
CA THR G 50 9.76 1.78 -27.05
C THR G 50 11.26 1.43 -27.03
N ALA G 51 11.92 1.54 -25.88
CA ALA G 51 13.34 1.22 -25.79
C ALA G 51 13.53 -0.29 -25.79
N ASP G 52 13.25 -0.90 -24.66
CA ASP G 52 13.38 -2.35 -24.50
C ASP G 52 12.94 -3.10 -25.74
N ALA G 53 11.93 -2.57 -26.43
CA ALA G 53 11.46 -3.19 -27.65
C ALA G 53 12.70 -3.29 -28.51
N PHE G 54 13.20 -2.13 -28.93
CA PHE G 54 14.39 -2.10 -29.74
C PHE G 54 15.54 -2.90 -29.12
N THR G 55 15.94 -2.57 -27.91
CA THR G 55 17.04 -3.31 -27.37
C THR G 55 16.85 -4.82 -27.53
N LEU G 56 15.62 -5.31 -27.48
CA LEU G 56 15.40 -6.77 -27.62
C LEU G 56 15.60 -7.14 -29.07
N PHE G 57 14.81 -6.50 -29.90
CA PHE G 57 14.85 -6.66 -31.34
C PHE G 57 16.26 -6.58 -31.89
N GLU G 58 17.06 -5.67 -31.34
CA GLU G 58 18.42 -5.50 -31.81
C GLU G 58 19.34 -6.61 -31.39
N LEU G 59 19.01 -7.32 -30.31
CA LEU G 59 19.83 -8.42 -29.83
C LEU G 59 19.58 -9.64 -30.67
N PHE G 60 18.33 -9.82 -31.04
CA PHE G 60 17.95 -10.96 -31.82
C PHE G 60 18.58 -10.88 -33.17
N GLU G 61 18.94 -9.67 -33.58
CA GLU G 61 19.58 -9.52 -34.88
C GLU G 61 21.00 -9.99 -34.76
N ARG G 62 21.74 -9.35 -33.87
CA ARG G 62 23.13 -9.71 -33.67
C ARG G 62 23.23 -11.23 -33.80
N LYS G 63 22.27 -11.91 -33.17
CA LYS G 63 22.21 -13.37 -33.14
C LYS G 63 21.96 -13.94 -34.51
N LEU G 64 21.00 -13.38 -35.23
CA LEU G 64 20.71 -13.85 -36.56
C LEU G 64 21.98 -13.70 -37.36
N GLU G 65 22.58 -12.51 -37.26
CA GLU G 65 23.82 -12.20 -37.97
C GLU G 65 24.89 -13.23 -37.67
N MET G 66 24.94 -13.68 -36.42
CA MET G 66 25.92 -14.64 -35.99
C MET G 66 25.67 -16.08 -36.39
N HIS G 67 24.43 -16.42 -36.79
CA HIS G 67 24.15 -17.82 -37.18
C HIS G 67 23.50 -18.06 -38.54
N GLN G 68 24.11 -17.55 -39.61
CA GLN G 68 23.57 -17.76 -40.94
C GLN G 68 22.06 -17.58 -40.99
N GLY G 69 21.53 -16.70 -40.12
CA GLY G 69 20.11 -16.43 -40.08
C GLY G 69 19.19 -17.62 -39.80
N HIS G 70 19.63 -18.55 -38.97
CA HIS G 70 18.79 -19.68 -38.66
C HIS G 70 17.83 -19.20 -37.60
N LEU G 71 16.67 -18.74 -38.05
CA LEU G 71 15.63 -18.22 -37.18
C LEU G 71 15.58 -18.99 -35.88
N LEU G 72 15.12 -20.23 -35.97
CA LEU G 72 15.00 -21.04 -34.79
C LEU G 72 16.20 -20.96 -33.84
N LYS G 73 17.35 -21.40 -34.32
CA LYS G 73 18.54 -21.39 -33.46
C LYS G 73 18.78 -20.04 -32.82
N SER G 74 18.99 -19.04 -33.67
CA SER G 74 19.22 -17.68 -33.20
C SER G 74 18.39 -17.45 -31.97
N ALA G 75 17.07 -17.63 -32.12
CA ALA G 75 16.08 -17.43 -31.05
C ALA G 75 16.48 -18.14 -29.78
N VAL G 76 16.73 -19.43 -29.87
CA VAL G 76 17.14 -20.19 -28.71
C VAL G 76 18.43 -19.64 -28.14
N GLU G 77 19.40 -19.39 -29.02
CA GLU G 77 20.70 -18.87 -28.60
C GLU G 77 20.48 -17.61 -27.78
N LEU G 78 19.68 -16.70 -28.30
CA LEU G 78 19.38 -15.48 -27.58
C LEU G 78 18.76 -15.82 -26.22
N ALA G 79 17.69 -16.62 -26.22
CA ALA G 79 17.02 -17.05 -24.98
C ALA G 79 17.99 -17.69 -24.00
N LYS G 80 18.76 -18.66 -24.48
CA LYS G 80 19.70 -19.34 -23.61
C LYS G 80 20.67 -18.35 -22.99
N ASP G 81 20.64 -17.10 -23.44
CA ASP G 81 21.53 -16.08 -22.87
C ASP G 81 20.84 -15.51 -21.63
N TRP G 82 19.75 -16.14 -21.23
CA TRP G 82 19.03 -15.69 -20.07
C TRP G 82 19.07 -16.74 -18.97
N ARG G 83 19.08 -18.01 -19.38
CA ARG G 83 19.09 -19.13 -18.45
C ARG G 83 20.46 -19.48 -17.88
N THR G 84 20.96 -18.69 -16.93
CA THR G 84 22.26 -18.96 -16.32
C THR G 84 22.36 -18.29 -14.96
N ASP G 85 23.60 -18.20 -14.47
CA ASP G 85 23.89 -17.57 -13.20
C ASP G 85 23.77 -16.08 -13.50
N ARG G 86 24.31 -15.69 -14.66
CA ARG G 86 24.29 -14.33 -15.13
C ARG G 86 22.91 -14.01 -15.68
N ALA G 87 22.59 -12.72 -15.77
CA ALA G 87 21.30 -12.28 -16.28
C ALA G 87 21.49 -11.39 -17.49
N LEU G 88 20.39 -10.81 -17.96
CA LEU G 88 20.46 -9.94 -19.11
C LEU G 88 19.40 -8.88 -19.00
N ARG G 89 18.95 -8.61 -17.78
CA ARG G 89 17.93 -7.59 -17.52
C ARG G 89 16.57 -8.07 -17.98
N LYS G 90 15.52 -7.61 -17.33
CA LYS G 90 14.20 -8.03 -17.74
C LYS G 90 13.76 -7.03 -18.79
N LEU G 91 13.84 -7.42 -20.06
CA LEU G 91 13.41 -6.52 -21.12
C LEU G 91 11.88 -6.46 -21.27
N GLU G 92 11.32 -5.27 -21.02
CA GLU G 92 9.89 -5.06 -21.09
C GLU G 92 9.31 -5.20 -22.49
N ALA G 93 9.59 -6.30 -23.18
CA ALA G 93 9.06 -6.45 -24.53
C ALA G 93 9.04 -7.84 -25.09
N MET G 94 8.31 -8.02 -26.19
CA MET G 94 8.21 -9.32 -26.84
C MET G 94 8.42 -9.18 -28.33
N LEU G 95 8.89 -10.25 -28.95
CA LEU G 95 9.13 -10.19 -30.37
C LEU G 95 8.37 -11.27 -31.09
N ILE G 96 8.01 -11.00 -32.32
CA ILE G 96 7.37 -12.02 -33.12
C ILE G 96 8.27 -12.04 -34.34
N VAL G 97 9.03 -13.11 -34.47
CA VAL G 97 9.94 -13.26 -35.58
C VAL G 97 9.48 -14.40 -36.42
N ALA G 98 9.69 -14.28 -37.72
CA ALA G 98 9.28 -15.32 -38.64
C ALA G 98 9.90 -15.12 -40.01
N ASP G 99 10.36 -16.25 -40.58
CA ASP G 99 10.96 -16.28 -41.90
C ASP G 99 10.20 -17.33 -42.72
N GLU G 100 10.61 -17.53 -43.97
CA GLU G 100 9.96 -18.49 -44.86
C GLU G 100 9.59 -19.82 -44.19
N LYS G 101 10.50 -20.39 -43.41
CA LYS G 101 10.25 -21.68 -42.74
C LYS G 101 9.62 -21.68 -41.33
N GLU G 102 9.96 -20.72 -40.49
CA GLU G 102 9.42 -20.69 -39.13
C GLU G 102 8.65 -19.44 -38.73
N SER G 103 8.09 -19.50 -37.52
CA SER G 103 7.32 -18.40 -36.95
C SER G 103 7.51 -18.59 -35.45
N LEU G 104 8.11 -17.61 -34.78
CA LEU G 104 8.36 -17.70 -33.34
C LEU G 104 7.98 -16.46 -32.57
N ILE G 105 8.04 -16.57 -31.25
CA ILE G 105 7.71 -15.44 -30.37
C ILE G 105 8.71 -15.41 -29.21
N ILE G 106 9.44 -14.31 -29.08
CA ILE G 106 10.43 -14.20 -28.02
C ILE G 106 10.09 -13.11 -27.03
N THR G 107 10.30 -13.41 -25.74
CA THR G 107 10.02 -12.47 -24.65
C THR G 107 11.31 -11.98 -24.03
N GLY G 108 11.26 -10.84 -23.37
CA GLY G 108 12.46 -10.28 -22.76
C GLY G 108 13.02 -11.05 -21.59
N ILE G 109 12.16 -11.85 -20.95
CA ILE G 109 12.54 -12.66 -19.80
C ILE G 109 13.35 -13.83 -20.27
N GLY G 110 13.36 -14.04 -21.58
CA GLY G 110 14.18 -15.10 -22.14
C GLY G 110 13.60 -16.47 -22.45
N ASP G 111 12.60 -16.51 -23.30
CA ASP G 111 12.02 -17.79 -23.67
C ASP G 111 11.41 -17.69 -25.06
N VAL G 112 11.49 -18.81 -25.77
CA VAL G 112 10.95 -18.88 -27.11
C VAL G 112 9.64 -19.65 -27.02
N VAL G 113 8.76 -19.39 -27.98
CA VAL G 113 7.48 -20.07 -28.00
C VAL G 113 7.02 -20.29 -29.42
N GLN G 114 6.57 -21.52 -29.68
CA GLN G 114 6.08 -21.90 -30.99
C GLN G 114 4.58 -21.71 -31.02
N PRO G 115 4.03 -21.35 -32.19
CA PRO G 115 2.58 -21.17 -32.23
C PRO G 115 1.93 -22.55 -31.98
N GLU G 116 0.63 -22.59 -31.82
CA GLU G 116 0.01 -23.89 -31.65
C GLU G 116 -0.20 -24.31 -33.11
N GLU G 117 -0.99 -25.34 -33.35
CA GLU G 117 -1.22 -25.85 -34.71
C GLU G 117 -1.62 -24.88 -35.84
N ASP G 118 -2.42 -23.86 -35.51
CA ASP G 118 -2.87 -22.93 -36.53
C ASP G 118 -1.83 -21.94 -37.04
N GLN G 119 -0.67 -21.90 -36.39
CA GLN G 119 0.42 -21.01 -36.76
C GLN G 119 -0.04 -19.55 -36.78
N ILE G 120 -0.46 -19.05 -35.63
CA ILE G 120 -0.87 -17.67 -35.49
C ILE G 120 -0.27 -17.15 -34.20
N LEU G 121 0.30 -15.95 -34.26
CA LEU G 121 0.92 -15.36 -33.09
C LEU G 121 0.57 -13.89 -32.96
N ALA G 122 0.34 -13.47 -31.72
CA ALA G 122 0.00 -12.08 -31.46
C ALA G 122 0.54 -11.68 -30.12
N ILE G 123 1.07 -10.47 -30.06
CA ILE G 123 1.63 -9.92 -28.84
C ILE G 123 1.21 -8.46 -28.75
N GLY G 124 1.30 -7.91 -27.56
CA GLY G 124 0.93 -6.53 -27.37
C GLY G 124 -0.29 -6.51 -26.51
N SER G 125 -0.77 -5.32 -26.19
CA SER G 125 -1.94 -5.17 -25.35
C SER G 125 -3.20 -5.69 -26.06
N GLY G 126 -3.34 -5.32 -27.32
CA GLY G 126 -4.49 -5.76 -28.09
C GLY G 126 -4.23 -7.09 -28.78
N GLY G 127 -3.34 -7.87 -28.20
CA GLY G 127 -2.99 -9.15 -28.78
C GLY G 127 -4.13 -10.13 -28.92
N ASN G 128 -4.56 -10.66 -27.80
CA ASN G 128 -5.65 -11.60 -27.81
C ASN G 128 -6.82 -11.16 -28.71
N TYR G 129 -7.05 -9.86 -28.81
CA TYR G 129 -8.12 -9.39 -29.68
C TYR G 129 -7.73 -9.84 -31.07
N ALA G 130 -6.68 -9.23 -31.63
CA ALA G 130 -6.20 -9.57 -32.97
C ALA G 130 -6.11 -11.08 -33.14
N LEU G 131 -5.75 -11.78 -32.06
CA LEU G 131 -5.67 -13.23 -32.13
C LEU G 131 -7.06 -13.82 -32.36
N SER G 132 -7.95 -13.63 -31.39
CA SER G 132 -9.33 -14.10 -31.47
C SER G 132 -9.84 -13.90 -32.88
N ALA G 133 -9.65 -12.69 -33.39
CA ALA G 133 -10.10 -12.36 -34.72
C ALA G 133 -9.45 -13.31 -35.71
N ALA G 134 -8.11 -13.29 -35.75
CA ALA G 134 -7.35 -14.14 -36.65
C ALA G 134 -7.83 -15.57 -36.57
N ARG G 135 -7.80 -16.13 -35.36
CA ARG G 135 -8.21 -17.50 -35.17
C ARG G 135 -9.55 -17.72 -35.84
N ALA G 136 -10.45 -16.76 -35.68
CA ALA G 136 -11.77 -16.88 -36.28
C ALA G 136 -11.68 -16.90 -37.79
N LEU G 137 -11.03 -15.91 -38.38
CA LEU G 137 -10.89 -15.86 -39.83
C LEU G 137 -10.07 -17.00 -40.42
N VAL G 138 -9.22 -17.62 -39.63
CA VAL G 138 -8.43 -18.70 -40.18
C VAL G 138 -9.24 -19.97 -40.19
N GLU G 139 -9.97 -20.22 -39.12
CA GLU G 139 -10.80 -21.42 -39.01
C GLU G 139 -12.07 -21.43 -39.88
N ASN G 140 -12.66 -20.26 -40.12
CA ASN G 140 -13.89 -20.17 -40.88
C ASN G 140 -13.86 -19.45 -42.23
N THR G 141 -12.71 -19.43 -42.90
CA THR G 141 -12.64 -18.79 -44.22
C THR G 141 -11.34 -19.03 -44.97
N GLU G 142 -11.47 -19.12 -46.30
CA GLU G 142 -10.32 -19.34 -47.18
C GLU G 142 -9.75 -17.99 -47.55
N LEU G 143 -9.59 -17.16 -46.52
CA LEU G 143 -9.06 -15.82 -46.65
C LEU G 143 -7.55 -15.74 -46.71
N SER G 144 -7.06 -14.75 -47.45
CA SER G 144 -5.63 -14.55 -47.59
C SER G 144 -4.95 -14.28 -46.25
N ALA G 145 -3.74 -14.81 -46.09
CA ALA G 145 -2.99 -14.65 -44.84
C ALA G 145 -2.81 -13.19 -44.56
N HIS G 146 -2.30 -12.46 -45.55
CA HIS G 146 -2.09 -11.04 -45.41
C HIS G 146 -3.40 -10.40 -45.00
N GLU G 147 -4.48 -10.73 -45.70
CA GLU G 147 -5.78 -10.16 -45.39
C GLU G 147 -6.20 -10.39 -43.95
N ILE G 148 -6.12 -11.64 -43.48
CA ILE G 148 -6.50 -11.86 -42.10
C ILE G 148 -5.78 -10.89 -41.16
N VAL G 149 -4.47 -10.77 -41.32
CA VAL G 149 -3.71 -9.85 -40.48
C VAL G 149 -4.34 -8.44 -40.57
N GLU G 150 -4.48 -7.94 -41.79
CA GLU G 150 -5.06 -6.62 -42.04
C GLU G 150 -6.36 -6.49 -41.26
N LYS G 151 -7.25 -7.46 -41.46
CA LYS G 151 -8.54 -7.47 -40.78
C LYS G 151 -8.40 -7.43 -39.26
N SER G 152 -7.84 -8.50 -38.69
CA SER G 152 -7.63 -8.62 -37.24
C SER G 152 -6.98 -7.41 -36.56
N LEU G 153 -5.97 -6.82 -37.19
CA LEU G 153 -5.34 -5.66 -36.59
C LEU G 153 -6.44 -4.66 -36.36
N ARG G 154 -7.24 -4.39 -37.38
CA ARG G 154 -8.30 -3.44 -37.21
C ARG G 154 -9.16 -3.81 -36.00
N ILE G 155 -9.89 -4.92 -36.10
CA ILE G 155 -10.75 -5.37 -35.01
C ILE G 155 -10.14 -5.08 -33.65
N ALA G 156 -8.84 -5.34 -33.53
CA ALA G 156 -8.13 -5.12 -32.29
C ALA G 156 -7.95 -3.64 -32.01
N GLY G 157 -7.46 -2.88 -32.98
CA GLY G 157 -7.26 -1.46 -32.77
C GLY G 157 -8.52 -0.73 -32.36
N ASP G 158 -9.67 -1.31 -32.70
CA ASP G 158 -10.99 -0.76 -32.39
C ASP G 158 -11.45 -1.12 -30.97
N ILE G 159 -10.79 -2.09 -30.36
CA ILE G 159 -11.15 -2.47 -29.01
C ILE G 159 -10.08 -1.96 -28.04
N CYS G 160 -8.86 -1.81 -28.52
CA CYS G 160 -7.77 -1.35 -27.66
C CYS G 160 -7.50 0.15 -27.81
N VAL G 161 -7.52 0.82 -26.65
CA VAL G 161 -7.31 2.25 -26.62
C VAL G 161 -5.87 2.56 -26.90
N PHE G 162 -5.04 1.53 -26.79
CA PHE G 162 -3.62 1.68 -27.01
C PHE G 162 -3.15 1.22 -28.38
N THR G 163 -4.09 1.00 -29.29
CA THR G 163 -3.78 0.57 -30.65
C THR G 163 -4.60 1.38 -31.63
N ASN G 164 -3.92 1.80 -32.71
CA ASN G 164 -4.55 2.60 -33.74
C ASN G 164 -4.70 1.79 -35.02
N THR G 165 -5.20 2.45 -36.06
CA THR G 165 -5.46 1.80 -37.34
C THR G 165 -4.41 2.04 -38.42
N ASN G 166 -3.42 2.87 -38.10
CA ASN G 166 -2.31 3.14 -39.03
C ASN G 166 -1.41 1.92 -38.89
N PHE G 167 -1.51 1.00 -39.84
CA PHE G 167 -0.75 -0.23 -39.80
C PHE G 167 0.53 -0.23 -40.61
N THR G 168 1.32 -1.27 -40.37
CA THR G 168 2.58 -1.51 -41.08
C THR G 168 2.63 -3.03 -41.23
N ILE G 169 2.57 -3.52 -42.47
CA ILE G 169 2.59 -4.96 -42.65
C ILE G 169 3.64 -5.47 -43.61
N GLU G 170 4.33 -6.51 -43.18
CA GLU G 170 5.37 -7.13 -43.99
C GLU G 170 5.07 -8.61 -44.12
N GLU G 171 5.08 -9.08 -45.36
CA GLU G 171 4.84 -10.48 -45.64
C GLU G 171 6.10 -11.09 -46.24
N LEU G 172 6.17 -12.42 -46.23
CA LEU G 172 7.31 -13.09 -46.79
C LEU G 172 6.96 -13.89 -48.02
N PRO G 173 7.24 -13.34 -49.22
CA PRO G 173 6.91 -14.07 -50.43
C PRO G 173 7.67 -15.40 -50.38
N THR H 1 0.09 -24.31 -13.53
CA THR H 1 0.60 -25.63 -13.99
C THR H 1 0.42 -26.67 -12.91
N THR H 2 0.41 -27.94 -13.29
CA THR H 2 0.22 -29.01 -12.32
C THR H 2 1.05 -30.21 -12.67
N ILE H 3 1.96 -30.59 -11.81
CA ILE H 3 2.76 -31.74 -12.12
C ILE H 3 2.78 -32.68 -10.96
N VAL H 4 2.46 -33.94 -11.22
CA VAL H 4 2.46 -34.92 -10.14
C VAL H 4 3.14 -36.20 -10.56
N SER H 5 3.64 -36.93 -9.57
CA SER H 5 4.32 -38.17 -9.86
C SER H 5 4.14 -39.20 -8.80
N VAL H 6 3.70 -40.38 -9.24
CA VAL H 6 3.49 -41.50 -8.35
C VAL H 6 4.38 -42.66 -8.77
N ARG H 7 4.65 -43.53 -7.82
CA ARG H 7 5.49 -44.68 -8.05
C ARG H 7 5.01 -45.82 -7.16
N ARG H 8 4.80 -46.98 -7.77
CA ARG H 8 4.37 -48.20 -7.08
C ARG H 8 4.54 -49.36 -8.05
N ASN H 9 5.20 -50.42 -7.58
CA ASN H 9 5.47 -51.61 -8.39
C ASN H 9 6.60 -51.45 -9.40
N GLY H 10 7.72 -50.89 -8.93
CA GLY H 10 8.87 -50.71 -9.79
C GLY H 10 8.60 -49.78 -10.96
N GLN H 11 7.55 -48.98 -10.80
CA GLN H 11 7.14 -48.03 -11.83
C GLN H 11 7.17 -46.61 -11.29
N VAL H 12 7.78 -45.70 -12.05
CA VAL H 12 7.79 -44.30 -11.62
C VAL H 12 7.20 -43.51 -12.75
N VAL H 13 6.33 -42.56 -12.42
CA VAL H 13 5.75 -41.73 -13.47
C VAL H 13 5.63 -40.28 -13.10
N VAL H 14 5.93 -39.44 -14.07
CA VAL H 14 5.85 -38.03 -13.82
C VAL H 14 4.98 -37.45 -14.91
N GLY H 15 4.00 -36.65 -14.53
CA GLY H 15 3.10 -36.09 -15.53
C GLY H 15 2.70 -34.69 -15.18
N GLY H 16 2.32 -33.95 -16.22
CA GLY H 16 1.93 -32.57 -16.02
C GLY H 16 1.04 -32.12 -17.14
N ASP H 17 0.30 -31.03 -16.91
CA ASP H 17 -0.59 -30.53 -17.92
C ASP H 17 0.23 -29.90 -19.04
N GLY H 18 -0.34 -28.90 -19.70
CA GLY H 18 0.37 -28.26 -20.80
C GLY H 18 -0.16 -26.87 -21.06
N GLN H 19 -0.84 -26.30 -20.07
CA GLN H 19 -1.40 -24.96 -20.22
C GLN H 19 -0.40 -23.94 -19.80
N VAL H 20 -0.05 -23.04 -20.70
CA VAL H 20 0.89 -21.97 -20.37
C VAL H 20 0.06 -20.72 -20.21
N SER H 21 -0.27 -20.40 -18.97
CA SER H 21 -1.08 -19.24 -18.65
C SER H 21 -0.20 -18.02 -18.60
N LEU H 22 -0.71 -16.91 -19.12
CA LEU H 22 0.03 -15.65 -19.11
C LEU H 22 -0.89 -14.64 -18.47
N GLY H 23 -0.80 -14.51 -17.16
CA GLY H 23 -1.68 -13.61 -16.48
C GLY H 23 -2.96 -14.42 -16.39
N ASN H 24 -4.01 -13.98 -17.05
CA ASN H 24 -5.27 -14.73 -17.03
C ASN H 24 -5.67 -15.15 -18.42
N THR H 25 -4.77 -14.99 -19.37
CA THR H 25 -5.01 -15.41 -20.75
C THR H 25 -4.19 -16.67 -20.94
N VAL H 26 -4.32 -17.32 -22.10
CA VAL H 26 -3.55 -18.54 -22.36
C VAL H 26 -2.74 -18.52 -23.65
N MET H 27 -1.44 -18.33 -23.51
CA MET H 27 -0.54 -18.26 -24.65
C MET H 27 -0.39 -19.57 -25.39
N LYS H 28 -0.60 -20.66 -24.68
CA LYS H 28 -0.48 -21.97 -25.30
C LYS H 28 -1.09 -23.02 -24.40
N GLY H 29 -1.56 -24.11 -25.01
CA GLY H 29 -2.17 -25.17 -24.25
C GLY H 29 -1.62 -26.56 -24.49
N ASN H 30 -0.60 -26.68 -25.34
CA ASN H 30 0.00 -27.98 -25.63
C ASN H 30 1.48 -28.07 -25.27
N ALA H 31 1.90 -27.42 -24.19
CA ALA H 31 3.31 -27.47 -23.81
C ALA H 31 3.62 -28.79 -23.19
N ARG H 32 4.90 -29.15 -23.17
CA ARG H 32 5.32 -30.42 -22.58
C ARG H 32 6.06 -30.12 -21.29
N LYS H 33 5.34 -30.14 -20.16
CA LYS H 33 5.99 -29.79 -18.89
C LYS H 33 6.85 -30.87 -18.22
N VAL H 34 6.98 -32.02 -18.88
CA VAL H 34 7.81 -33.12 -18.36
C VAL H 34 8.70 -33.69 -19.46
N ARG H 35 9.98 -33.88 -19.18
CA ARG H 35 10.87 -34.41 -20.21
C ARG H 35 11.85 -35.46 -19.69
N ARG H 36 12.56 -36.12 -20.61
CA ARG H 36 13.52 -37.14 -20.22
C ARG H 36 14.92 -36.56 -20.34
N LEU H 37 15.79 -36.85 -19.36
CA LEU H 37 17.15 -36.33 -19.35
C LEU H 37 18.16 -37.46 -19.27
N TYR H 38 19.43 -37.11 -19.29
CA TYR H 38 20.52 -38.10 -19.20
C TYR H 38 20.24 -39.40 -19.94
N ASN H 39 20.15 -39.32 -21.26
CA ASN H 39 19.90 -40.50 -22.09
C ASN H 39 18.67 -41.28 -21.63
N GLY H 40 17.54 -40.59 -21.63
CA GLY H 40 16.29 -41.21 -21.23
C GLY H 40 16.24 -42.10 -20.00
N LYS H 41 16.91 -41.71 -18.92
CA LYS H 41 16.86 -42.54 -17.73
C LYS H 41 16.35 -41.78 -16.49
N VAL H 42 16.04 -40.49 -16.67
CA VAL H 42 15.51 -39.66 -15.58
C VAL H 42 14.31 -38.82 -15.97
N LEU H 43 13.30 -38.79 -15.11
CA LEU H 43 12.12 -38.02 -15.39
C LEU H 43 12.16 -36.69 -14.69
N ALA H 44 11.82 -35.64 -15.44
CA ALA H 44 11.82 -34.30 -14.86
C ALA H 44 10.59 -33.49 -15.26
N GLY H 45 9.89 -32.99 -14.26
CA GLY H 45 8.72 -32.20 -14.55
C GLY H 45 8.99 -30.86 -13.92
N PHE H 46 8.81 -29.80 -14.69
CA PHE H 46 9.09 -28.49 -14.12
C PHE H 46 7.88 -27.62 -14.06
N ALA H 47 7.77 -26.87 -12.97
CA ALA H 47 6.64 -25.99 -12.78
C ALA H 47 7.07 -24.64 -12.21
N GLY H 48 6.66 -23.58 -12.89
CA GLY H 48 7.01 -22.25 -12.44
C GLY H 48 7.02 -21.32 -13.62
N GLY H 49 7.99 -20.41 -13.66
CA GLY H 49 8.06 -19.50 -14.77
C GLY H 49 8.62 -20.14 -16.02
N THR H 50 7.86 -20.08 -17.13
CA THR H 50 8.31 -20.66 -18.40
C THR H 50 9.83 -20.57 -18.59
N ALA H 51 10.42 -19.46 -18.17
CA ALA H 51 11.84 -19.27 -18.29
C ALA H 51 12.55 -20.04 -17.17
N ASP H 52 12.57 -19.43 -15.98
CA ASP H 52 13.18 -20.01 -14.78
C ASP H 52 12.97 -21.51 -14.70
N ALA H 53 11.82 -21.99 -15.14
CA ALA H 53 11.58 -23.42 -15.12
C ALA H 53 12.73 -24.04 -15.90
N PHE H 54 12.83 -23.70 -17.19
CA PHE H 54 13.90 -24.24 -18.00
C PHE H 54 15.25 -24.00 -17.40
N THR H 55 15.56 -22.78 -17.02
CA THR H 55 16.89 -22.59 -16.47
C THR H 55 17.18 -23.50 -15.27
N LEU H 56 16.15 -23.84 -14.50
CA LEU H 56 16.36 -24.73 -13.34
C LEU H 56 16.57 -26.12 -13.89
N PHE H 57 15.60 -26.54 -14.68
CA PHE H 57 15.63 -27.82 -15.33
C PHE H 57 16.99 -28.02 -16.00
N GLU H 58 17.44 -27.03 -16.76
CA GLU H 58 18.72 -27.10 -17.49
C GLU H 58 19.91 -27.24 -16.58
N LEU H 59 19.85 -26.62 -15.42
CA LEU H 59 20.97 -26.73 -14.49
C LEU H 59 21.07 -28.15 -13.99
N PHE H 60 19.93 -28.72 -13.61
CA PHE H 60 19.89 -30.06 -13.08
C PHE H 60 20.44 -31.06 -14.08
N GLU H 61 20.42 -30.70 -15.35
CA GLU H 61 20.95 -31.62 -16.32
C GLU H 61 22.45 -31.46 -16.35
N ARG H 62 22.92 -30.22 -16.39
CA ARG H 62 24.36 -30.02 -16.42
C ARG H 62 24.95 -30.81 -15.27
N LYS H 63 24.19 -30.99 -14.19
CA LYS H 63 24.63 -31.72 -13.00
C LYS H 63 24.55 -33.22 -13.24
N LEU H 64 23.41 -33.70 -13.69
CA LEU H 64 23.31 -35.13 -13.96
C LEU H 64 24.42 -35.52 -14.92
N GLU H 65 24.70 -34.68 -15.90
CA GLU H 65 25.74 -34.99 -16.86
C GLU H 65 27.09 -35.05 -16.17
N MET H 66 27.27 -34.27 -15.12
CA MET H 66 28.55 -34.27 -14.46
C MET H 66 28.75 -35.38 -13.45
N HIS H 67 27.68 -36.05 -13.04
CA HIS H 67 27.82 -37.12 -12.06
C HIS H 67 27.24 -38.48 -12.41
N GLN H 68 27.64 -39.04 -13.55
CA GLN H 68 27.13 -40.35 -13.92
C GLN H 68 25.63 -40.48 -13.69
N GLY H 69 24.93 -39.35 -13.70
CA GLY H 69 23.48 -39.34 -13.50
C GLY H 69 22.97 -39.91 -12.20
N HIS H 70 23.70 -39.67 -11.13
CA HIS H 70 23.26 -40.17 -9.84
C HIS H 70 22.21 -39.19 -9.36
N LEU H 71 20.96 -39.46 -9.77
CA LEU H 71 19.85 -38.57 -9.43
C LEU H 71 20.10 -37.86 -8.11
N LEU H 72 20.02 -38.63 -7.03
CA LEU H 72 20.19 -38.09 -5.69
C LEU H 72 21.34 -37.07 -5.54
N LYS H 73 22.57 -37.51 -5.79
CA LYS H 73 23.69 -36.60 -5.63
C LYS H 73 23.52 -35.38 -6.46
N SER H 74 23.36 -35.58 -7.76
CA SER H 74 23.23 -34.46 -8.66
C SER H 74 22.32 -33.40 -8.06
N ALA H 75 21.13 -33.81 -7.66
CA ALA H 75 20.18 -32.88 -7.07
C ALA H 75 20.85 -32.11 -5.94
N VAL H 76 21.46 -32.82 -5.00
CA VAL H 76 22.11 -32.18 -3.85
C VAL H 76 23.19 -31.22 -4.29
N GLU H 77 24.06 -31.69 -5.16
CA GLU H 77 25.13 -30.84 -5.66
C GLU H 77 24.54 -29.56 -6.22
N LEU H 78 23.39 -29.67 -6.86
CA LEU H 78 22.73 -28.51 -7.43
C LEU H 78 22.28 -27.59 -6.29
N ALA H 79 21.51 -28.13 -5.37
CA ALA H 79 21.03 -27.37 -4.21
C ALA H 79 22.21 -26.76 -3.50
N LYS H 80 23.30 -27.50 -3.44
CA LYS H 80 24.50 -27.03 -2.78
C LYS H 80 24.96 -25.68 -3.38
N ASP H 81 24.95 -25.58 -4.70
CA ASP H 81 25.36 -24.35 -5.42
C ASP H 81 24.66 -23.09 -4.93
N TRP H 82 23.41 -23.25 -4.51
CA TRP H 82 22.59 -22.15 -3.98
C TRP H 82 22.92 -21.95 -2.50
N ARG H 83 23.06 -23.07 -1.79
CA ARG H 83 23.31 -23.07 -0.35
C ARG H 83 24.63 -22.58 0.23
N THR H 84 24.98 -21.36 -0.17
CA THR H 84 26.17 -20.67 0.29
C THR H 84 25.83 -19.18 0.29
N ASP H 85 26.89 -18.38 0.22
CA ASP H 85 26.79 -16.93 0.20
C ASP H 85 26.71 -16.53 -1.27
N ARG H 86 27.62 -17.11 -2.06
CA ARG H 86 27.69 -16.87 -3.50
C ARG H 86 26.27 -16.97 -4.08
N ALA H 87 25.58 -15.84 -4.14
CA ALA H 87 24.21 -15.78 -4.62
C ALA H 87 23.97 -16.36 -6.02
N LEU H 88 22.83 -17.05 -6.15
CA LEU H 88 22.40 -17.64 -7.41
C LEU H 88 21.06 -17.04 -7.84
N ARG H 89 20.90 -16.79 -9.13
CA ARG H 89 19.68 -16.20 -9.68
C ARG H 89 18.45 -16.42 -8.81
N LYS H 90 18.46 -17.47 -8.01
CA LYS H 90 17.32 -17.80 -7.13
C LYS H 90 16.03 -17.93 -7.97
N LEU H 91 16.12 -18.84 -8.92
CA LEU H 91 15.08 -19.19 -9.87
C LEU H 91 13.75 -19.47 -9.16
N GLU H 92 12.66 -19.08 -9.82
CA GLU H 92 11.33 -19.24 -9.27
C GLU H 92 10.57 -20.37 -9.95
N ALA H 93 11.03 -21.59 -9.71
CA ALA H 93 10.41 -22.76 -10.30
C ALA H 93 10.78 -24.00 -9.49
N MET H 94 10.00 -25.05 -9.62
CA MET H 94 10.33 -26.28 -8.93
C MET H 94 10.43 -27.44 -9.92
N LEU H 95 11.12 -28.49 -9.51
CA LEU H 95 11.30 -29.65 -10.36
C LEU H 95 10.92 -30.90 -9.64
N ILE H 96 10.46 -31.89 -10.41
CA ILE H 96 10.19 -33.20 -9.84
C ILE H 96 11.03 -34.05 -10.74
N VAL H 97 12.05 -34.62 -10.13
CA VAL H 97 12.96 -35.44 -10.86
C VAL H 97 12.83 -36.79 -10.25
N ALA H 98 13.05 -37.82 -11.05
CA ALA H 98 13.00 -39.17 -10.57
C ALA H 98 13.47 -40.11 -11.64
N ASP H 99 14.22 -41.12 -11.19
CA ASP H 99 14.75 -42.18 -12.04
C ASP H 99 14.31 -43.53 -11.46
N GLU H 100 14.83 -44.61 -12.03
CA GLU H 100 14.48 -45.94 -11.58
C GLU H 100 14.46 -46.12 -10.06
N LYS H 101 15.50 -45.65 -9.39
CA LYS H 101 15.63 -45.80 -7.95
C LYS H 101 15.04 -44.69 -7.06
N GLU H 102 15.13 -43.43 -7.48
CA GLU H 102 14.63 -42.33 -6.67
C GLU H 102 13.51 -41.47 -7.25
N SER H 103 13.07 -40.54 -6.43
CA SER H 103 12.00 -39.62 -6.81
C SER H 103 12.23 -38.42 -5.88
N LEU H 104 12.51 -37.26 -6.46
CA LEU H 104 12.79 -36.06 -5.67
C LEU H 104 12.05 -34.85 -6.17
N ILE H 105 12.23 -33.76 -5.44
CA ILE H 105 11.61 -32.48 -5.78
C ILE H 105 12.60 -31.36 -5.41
N ILE H 106 13.00 -30.57 -6.40
CA ILE H 106 13.97 -29.52 -6.17
C ILE H 106 13.38 -28.16 -6.38
N THR H 107 13.74 -27.20 -5.55
CA THR H 107 13.20 -25.86 -5.70
C THR H 107 14.28 -24.91 -6.16
N GLY H 108 13.87 -23.75 -6.69
CA GLY H 108 14.80 -22.75 -7.18
C GLY H 108 15.59 -22.03 -6.11
N ILE H 109 15.04 -21.98 -4.90
CA ILE H 109 15.71 -21.34 -3.77
C ILE H 109 16.84 -22.24 -3.27
N GLY H 110 16.88 -23.46 -3.82
CA GLY H 110 17.95 -24.38 -3.50
C GLY H 110 17.79 -25.42 -2.41
N ASP H 111 16.82 -26.32 -2.54
CA ASP H 111 16.67 -27.37 -1.55
C ASP H 111 16.04 -28.60 -2.17
N VAL H 112 16.41 -29.77 -1.66
CA VAL H 112 15.89 -31.03 -2.17
C VAL H 112 14.91 -31.58 -1.15
N VAL H 113 13.94 -32.34 -1.64
CA VAL H 113 12.93 -32.90 -0.77
C VAL H 113 12.54 -34.31 -1.23
N GLN H 114 12.51 -35.24 -0.28
CA GLN H 114 12.13 -36.62 -0.54
C GLN H 114 10.65 -36.68 -0.25
N PRO H 115 9.92 -37.58 -0.92
CA PRO H 115 8.48 -37.70 -0.71
C PRO H 115 8.22 -38.26 0.68
N GLU H 116 6.97 -38.35 1.08
CA GLU H 116 6.67 -38.96 2.36
C GLU H 116 6.74 -40.46 2.07
N GLU H 117 6.24 -41.30 2.97
CA GLU H 117 6.30 -42.73 2.77
C GLU H 117 5.62 -43.26 1.49
N ASP H 118 4.46 -42.66 0.94
CA ASP H 118 3.59 -43.15 -0.21
C ASP H 118 4.28 -43.15 -1.58
N GLN H 119 5.18 -42.16 -1.74
CA GLN H 119 6.11 -41.86 -2.85
C GLN H 119 5.42 -41.18 -3.98
N ILE H 120 4.79 -40.11 -3.52
CA ILE H 120 3.97 -39.19 -4.34
C ILE H 120 4.44 -37.73 -4.22
N LEU H 121 4.74 -37.13 -5.36
CA LEU H 121 5.16 -35.75 -5.40
C LEU H 121 4.30 -34.93 -6.36
N ALA H 122 4.04 -33.69 -5.96
CA ALA H 122 3.25 -32.79 -6.77
C ALA H 122 3.72 -31.36 -6.61
N ILE H 123 3.89 -30.67 -7.73
CA ILE H 123 4.31 -29.27 -7.71
C ILE H 123 3.46 -28.51 -8.71
N GLY H 124 3.35 -27.21 -8.48
CA GLY H 124 2.55 -26.39 -9.36
C GLY H 124 1.36 -25.83 -8.63
N SER H 125 0.56 -25.04 -9.34
CA SER H 125 -0.60 -24.43 -8.74
C SER H 125 -1.62 -25.48 -8.33
N GLY H 126 -1.95 -26.38 -9.23
CA GLY H 126 -2.93 -27.40 -8.91
C GLY H 126 -2.33 -28.62 -8.23
N GLY H 127 -1.11 -28.46 -7.72
CA GLY H 127 -0.44 -29.57 -7.08
C GLY H 127 -1.23 -30.32 -6.04
N ASN H 128 -1.47 -29.67 -4.91
CA ASN H 128 -2.18 -30.29 -3.81
C ASN H 128 -3.39 -31.04 -4.33
N TYR H 129 -4.11 -30.45 -5.27
CA TYR H 129 -5.27 -31.11 -5.82
C TYR H 129 -4.80 -32.45 -6.32
N ALA H 130 -4.06 -32.44 -7.42
CA ALA H 130 -3.52 -33.67 -8.01
C ALA H 130 -2.99 -34.57 -6.92
N LEU H 131 -2.48 -33.96 -5.86
CA LEU H 131 -1.94 -34.71 -4.74
C LEU H 131 -3.07 -35.42 -3.99
N SER H 132 -3.96 -34.63 -3.43
CA SER H 132 -5.09 -35.17 -2.69
C SER H 132 -5.63 -36.36 -3.46
N ALA H 133 -5.81 -36.16 -4.75
CA ALA H 133 -6.32 -37.22 -5.62
C ALA H 133 -5.41 -38.42 -5.53
N ALA H 134 -4.17 -38.26 -5.99
CA ALA H 134 -3.20 -39.34 -6.00
C ALA H 134 -3.21 -40.04 -4.67
N ARG H 135 -3.00 -39.30 -3.59
CA ARG H 135 -2.99 -39.88 -2.27
C ARG H 135 -4.21 -40.81 -2.08
N ALA H 136 -5.40 -40.29 -2.39
CA ALA H 136 -6.64 -41.06 -2.29
C ALA H 136 -6.56 -42.35 -3.10
N LEU H 137 -6.30 -42.24 -4.40
CA LEU H 137 -6.19 -43.41 -5.25
C LEU H 137 -5.05 -44.38 -4.90
N VAL H 138 -4.06 -43.95 -4.14
CA VAL H 138 -2.99 -44.87 -3.82
C VAL H 138 -3.40 -45.64 -2.59
N GLU H 139 -3.98 -44.93 -1.64
CA GLU H 139 -4.40 -45.54 -0.39
C GLU H 139 -5.63 -46.44 -0.51
N ASN H 140 -6.55 -46.08 -1.41
CA ASN H 140 -7.77 -46.85 -1.59
C ASN H 140 -7.95 -47.62 -2.91
N THR H 141 -6.87 -48.13 -3.50
CA THR H 141 -6.98 -48.90 -4.73
C THR H 141 -5.69 -49.45 -5.28
N GLU H 142 -5.80 -50.61 -5.91
CA GLU H 142 -4.67 -51.29 -6.51
C GLU H 142 -4.55 -50.83 -7.97
N LEU H 143 -4.72 -49.53 -8.17
CA LEU H 143 -4.64 -48.91 -9.48
C LEU H 143 -3.23 -48.76 -9.99
N SER H 144 -3.10 -48.70 -11.31
CA SER H 144 -1.78 -48.53 -11.93
C SER H 144 -1.17 -47.18 -11.60
N ALA H 145 0.15 -47.18 -11.38
CA ALA H 145 0.86 -45.94 -11.07
C ALA H 145 0.53 -44.90 -12.14
N HIS H 146 0.82 -45.27 -13.38
CA HIS H 146 0.57 -44.41 -14.53
C HIS H 146 -0.85 -43.91 -14.51
N GLU H 147 -1.79 -44.82 -14.21
CA GLU H 147 -3.19 -44.43 -14.17
C GLU H 147 -3.48 -43.36 -13.13
N ILE H 148 -3.01 -43.55 -11.90
CA ILE H 148 -3.26 -42.55 -10.87
C ILE H 148 -2.86 -41.17 -11.35
N VAL H 149 -1.69 -41.09 -11.94
CA VAL H 149 -1.20 -39.82 -12.47
C VAL H 149 -2.25 -39.28 -13.40
N GLU H 150 -2.57 -40.06 -14.43
CA GLU H 150 -3.56 -39.69 -15.42
C GLU H 150 -4.77 -39.10 -14.73
N LYS H 151 -5.40 -39.86 -13.84
CA LYS H 151 -6.62 -39.42 -13.13
C LYS H 151 -6.47 -38.17 -12.25
N SER H 152 -5.40 -38.10 -11.49
CA SER H 152 -5.17 -36.97 -10.62
C SER H 152 -4.98 -35.70 -11.43
N LEU H 153 -4.20 -35.78 -12.50
CA LEU H 153 -3.97 -34.60 -13.33
C LEU H 153 -5.29 -34.03 -13.72
N ARG H 154 -6.18 -34.87 -14.21
CA ARG H 154 -7.50 -34.40 -14.63
C ARG H 154 -8.17 -33.71 -13.46
N ILE H 155 -8.52 -34.48 -12.43
CA ILE H 155 -9.18 -33.93 -11.25
C ILE H 155 -8.69 -32.53 -10.93
N ALA H 156 -7.37 -32.37 -11.01
CA ALA H 156 -6.72 -31.11 -10.73
C ALA H 156 -6.97 -30.07 -11.81
N GLY H 157 -6.80 -30.47 -13.06
CA GLY H 157 -7.02 -29.55 -14.16
C GLY H 157 -8.42 -28.99 -14.17
N ASP H 158 -9.33 -29.78 -13.58
CA ASP H 158 -10.75 -29.44 -13.48
C ASP H 158 -11.05 -28.50 -12.34
N ILE H 159 -10.12 -28.35 -11.41
CA ILE H 159 -10.31 -27.45 -10.28
C ILE H 159 -9.42 -26.19 -10.43
N CYS H 160 -8.31 -26.34 -11.14
CA CYS H 160 -7.39 -25.24 -11.36
C CYS H 160 -7.66 -24.56 -12.69
N VAL H 161 -7.79 -23.25 -12.64
CA VAL H 161 -8.05 -22.46 -13.84
C VAL H 161 -6.77 -22.33 -14.63
N PHE H 162 -5.65 -22.64 -13.98
CA PHE H 162 -4.34 -22.55 -14.62
C PHE H 162 -3.79 -23.90 -15.04
N THR H 163 -4.66 -24.88 -15.16
CA THR H 163 -4.24 -26.20 -15.59
C THR H 163 -5.28 -26.74 -16.55
N ASN H 164 -4.79 -27.34 -17.63
CA ASN H 164 -5.69 -27.90 -18.63
C ASN H 164 -5.67 -29.42 -18.57
N THR H 165 -6.31 -30.06 -19.55
CA THR H 165 -6.40 -31.51 -19.58
C THR H 165 -5.47 -32.17 -20.61
N ASN H 166 -4.80 -31.34 -21.42
CA ASN H 166 -3.89 -31.86 -22.43
C ASN H 166 -2.67 -32.23 -21.62
N PHE H 167 -2.50 -33.52 -21.37
CA PHE H 167 -1.40 -34.01 -20.55
C PHE H 167 -0.20 -34.49 -21.31
N THR H 168 0.88 -34.68 -20.56
CA THR H 168 2.14 -35.19 -21.10
C THR H 168 2.67 -36.09 -20.02
N ILE H 169 2.75 -37.38 -20.30
CA ILE H 169 3.21 -38.30 -19.28
C ILE H 169 4.36 -39.20 -19.68
N GLU H 170 5.34 -39.29 -18.79
CA GLU H 170 6.47 -40.15 -19.01
C GLU H 170 6.60 -41.04 -17.77
N GLU H 171 6.72 -42.35 -18.02
CA GLU H 171 6.89 -43.34 -16.96
C GLU H 171 8.27 -43.97 -17.10
N LEU H 172 8.75 -44.64 -16.04
CA LEU H 172 10.04 -45.28 -16.14
C LEU H 172 9.98 -46.79 -16.05
N PRO H 173 10.02 -47.47 -17.22
CA PRO H 173 9.95 -48.93 -17.20
C PRO H 173 11.09 -49.42 -16.31
N THR I 1 7.43 -23.83 12.41
CA THR I 1 8.22 -24.92 13.03
C THR I 1 8.40 -24.66 14.53
N THR I 2 8.80 -25.68 15.26
CA THR I 2 9.03 -25.51 16.69
C THR I 2 10.18 -26.34 17.19
N ILE I 3 11.21 -25.65 17.67
CA ILE I 3 12.38 -26.34 18.19
C ILE I 3 12.71 -25.80 19.56
N VAL I 4 12.78 -26.73 20.51
CA VAL I 4 13.09 -26.39 21.87
C VAL I 4 14.14 -27.36 22.42
N SER I 5 14.94 -26.86 23.34
CA SER I 5 15.97 -27.66 23.94
C SER I 5 16.14 -27.32 25.41
N VAL I 6 16.07 -28.36 26.23
CA VAL I 6 16.22 -28.23 27.67
C VAL I 6 17.41 -29.06 28.12
N ARG I 7 18.03 -28.62 29.20
CA ARG I 7 19.20 -29.26 29.77
C ARG I 7 19.14 -29.22 31.28
N ARG I 8 19.31 -30.39 31.90
CA ARG I 8 19.30 -30.53 33.35
C ARG I 8 19.81 -31.93 33.69
N ASN I 9 20.75 -31.99 34.64
CA ASN I 9 21.33 -33.27 35.06
C ASN I 9 22.33 -33.84 34.05
N GLY I 10 23.26 -33.01 33.60
CA GLY I 10 24.26 -33.45 32.64
C GLY I 10 23.67 -33.96 31.35
N GLN I 11 22.42 -33.58 31.11
CA GLN I 11 21.69 -33.99 29.91
C GLN I 11 21.28 -32.77 29.11
N VAL I 12 21.47 -32.85 27.79
CA VAL I 12 21.06 -31.74 26.93
C VAL I 12 20.22 -32.37 25.86
N VAL I 13 19.08 -31.78 25.56
CA VAL I 13 18.25 -32.34 24.50
C VAL I 13 17.65 -31.31 23.59
N VAL I 14 17.69 -31.60 22.30
CA VAL I 14 17.17 -30.72 21.29
C VAL I 14 16.07 -31.42 20.52
N GLY I 15 14.88 -30.82 20.49
CA GLY I 15 13.78 -31.45 19.78
C GLY I 15 12.99 -30.46 18.95
N GLY I 16 12.40 -30.97 17.88
CA GLY I 16 11.60 -30.15 16.99
C GLY I 16 10.58 -31.02 16.28
N ASP I 17 9.55 -30.39 15.70
CA ASP I 17 8.52 -31.14 15.01
C ASP I 17 9.02 -31.67 13.66
N GLY I 18 8.12 -31.85 12.71
CA GLY I 18 8.49 -32.36 11.40
C GLY I 18 7.55 -31.93 10.27
N GLN I 19 6.80 -30.85 10.54
CA GLN I 19 5.84 -30.33 9.59
C GLN I 19 6.46 -29.27 8.72
N VAL I 20 6.57 -29.56 7.43
CA VAL I 20 7.11 -28.56 6.54
C VAL I 20 5.92 -27.85 5.86
N SER I 21 5.56 -26.69 6.40
CA SER I 21 4.45 -25.92 5.87
C SER I 21 4.92 -25.11 4.68
N LEU I 22 4.05 -24.94 3.70
CA LEU I 22 4.39 -24.19 2.51
C LEU I 22 3.19 -23.29 2.31
N GLY I 23 3.27 -22.07 2.84
CA GLY I 23 2.14 -21.17 2.73
C GLY I 23 1.23 -21.67 3.81
N ASN I 24 0.08 -22.23 3.43
CA ASN I 24 -0.87 -22.77 4.40
C ASN I 24 -1.12 -24.25 4.13
N THR I 25 -0.42 -24.80 3.15
CA THR I 25 -0.54 -26.22 2.82
C THR I 25 0.66 -26.91 3.45
N VAL I 26 0.70 -28.22 3.40
CA VAL I 26 1.81 -28.93 4.02
C VAL I 26 2.48 -29.92 3.07
N MET I 27 3.67 -29.54 2.60
CA MET I 27 4.47 -30.35 1.68
C MET I 27 4.96 -31.66 2.27
N LYS I 28 5.13 -31.69 3.59
CA LYS I 28 5.62 -32.88 4.24
C LYS I 28 5.45 -32.78 5.75
N GLY I 29 5.25 -33.93 6.39
CA GLY I 29 5.05 -33.94 7.83
C GLY I 29 6.04 -34.75 8.62
N ASN I 30 6.94 -35.45 7.94
CA ASN I 30 7.93 -36.26 8.63
C ASN I 30 9.36 -35.74 8.51
N ALA I 31 9.54 -34.43 8.52
CA ALA I 31 10.87 -33.84 8.40
C ALA I 31 11.70 -33.91 9.69
N ARG I 32 13.02 -34.03 9.55
CA ARG I 32 13.91 -34.11 10.72
C ARG I 32 14.56 -32.75 10.93
N LYS I 33 13.96 -31.93 11.77
CA LYS I 33 14.50 -30.61 11.98
C LYS I 33 15.70 -30.50 12.96
N VAL I 34 16.13 -31.64 13.50
CA VAL I 34 17.28 -31.65 14.42
C VAL I 34 18.24 -32.76 14.09
N ARG I 35 19.51 -32.41 13.93
CA ARG I 35 20.50 -33.39 13.57
C ARG I 35 21.80 -33.31 14.35
N ARG I 36 22.64 -34.32 14.18
CA ARG I 36 23.91 -34.41 14.86
C ARG I 36 25.08 -33.97 13.97
N LEU I 37 25.99 -33.19 14.52
CA LEU I 37 27.11 -32.71 13.75
C LEU I 37 28.44 -33.11 14.38
N TYR I 38 29.54 -32.74 13.72
CA TYR I 38 30.88 -33.00 14.22
C TYR I 38 31.00 -34.37 14.92
N ASN I 39 30.87 -35.44 14.15
CA ASN I 39 30.99 -36.79 14.70
C ASN I 39 30.09 -36.97 15.90
N GLY I 40 28.79 -36.82 15.67
CA GLY I 40 27.81 -36.97 16.73
C GLY I 40 28.13 -36.44 18.11
N LYS I 41 28.64 -35.22 18.21
CA LYS I 41 28.94 -34.68 19.53
C LYS I 41 28.26 -33.34 19.74
N VAL I 42 27.52 -32.88 18.73
CA VAL I 42 26.78 -31.61 18.84
C VAL I 42 25.39 -31.70 18.28
N LEU I 43 24.45 -31.08 18.98
CA LEU I 43 23.09 -31.09 18.54
C LEU I 43 22.78 -29.78 17.87
N ALA I 44 21.97 -29.88 16.82
CA ALA I 44 21.61 -28.71 16.06
C ALA I 44 20.18 -28.79 15.58
N GLY I 45 19.38 -27.82 16.00
CA GLY I 45 18.01 -27.80 15.53
C GLY I 45 17.85 -26.53 14.73
N PHE I 46 17.34 -26.64 13.51
CA PHE I 46 17.16 -25.44 12.70
C PHE I 46 15.72 -25.10 12.39
N ALA I 47 15.43 -23.83 12.36
CA ALA I 47 14.08 -23.39 12.07
C ALA I 47 14.09 -22.12 11.22
N GLY I 48 13.32 -22.15 10.14
CA GLY I 48 13.25 -21.00 9.26
C GLY I 48 12.92 -21.50 7.88
N GLY I 49 13.62 -20.99 6.88
CA GLY I 49 13.37 -21.45 5.53
C GLY I 49 14.02 -22.79 5.22
N THR I 50 13.23 -23.75 4.76
CA THR I 50 13.74 -25.07 4.41
C THR I 50 15.14 -25.01 3.82
N ALA I 51 15.40 -23.95 3.07
CA ALA I 51 16.69 -23.74 2.43
C ALA I 51 17.62 -23.07 3.43
N ASP I 52 17.48 -21.75 3.56
CA ASP I 52 18.31 -20.96 4.49
C ASP I 52 18.62 -21.69 5.79
N ALA I 53 17.68 -22.51 6.25
CA ALA I 53 17.90 -23.30 7.45
C ALA I 53 19.16 -24.07 7.18
N PHE I 54 19.08 -25.00 6.25
CA PHE I 54 20.25 -25.78 5.91
C PHE I 54 21.46 -24.90 5.65
N THR I 55 21.33 -23.89 4.80
CA THR I 55 22.52 -23.09 4.51
C THR I 55 23.17 -22.55 5.79
N LEU I 56 22.37 -22.22 6.78
CA LEU I 56 22.91 -21.70 8.03
C LEU I 56 23.56 -22.90 8.71
N PHE I 57 22.73 -23.88 9.01
CA PHE I 57 23.14 -25.13 9.64
C PHE I 57 24.43 -25.63 8.99
N GLU I 58 24.47 -25.60 7.67
CA GLU I 58 25.63 -26.10 6.96
C GLU I 58 26.89 -25.28 7.14
N LEU I 59 26.75 -23.98 7.38
CA LEU I 59 27.92 -23.11 7.59
C LEU I 59 28.49 -23.35 8.97
N PHE I 60 27.62 -23.44 9.95
CA PHE I 60 28.01 -23.67 11.33
C PHE I 60 28.84 -24.95 11.42
N GLU I 61 28.60 -25.87 10.50
CA GLU I 61 29.36 -27.10 10.52
C GLU I 61 30.77 -26.84 10.02
N ARG I 62 30.89 -26.23 8.85
CA ARG I 62 32.19 -25.93 8.32
C ARG I 62 32.98 -25.30 9.47
N LYS I 63 32.32 -24.46 10.25
CA LYS I 63 32.99 -23.83 11.37
C LYS I 63 33.43 -24.89 12.39
N LEU I 64 32.48 -25.66 12.90
CA LEU I 64 32.79 -26.68 13.88
C LEU I 64 33.96 -27.50 13.38
N GLU I 65 33.90 -27.88 12.11
CA GLU I 65 34.96 -28.69 11.52
C GLU I 65 36.31 -27.98 11.60
N MET I 66 36.29 -26.67 11.39
CA MET I 66 37.53 -25.91 11.42
C MET I 66 38.10 -25.62 12.82
N HIS I 67 37.28 -25.79 13.86
CA HIS I 67 37.73 -25.50 15.22
C HIS I 67 37.63 -26.58 16.26
N GLN I 68 38.12 -27.77 15.93
CA GLN I 68 38.10 -28.86 16.88
C GLN I 68 36.75 -29.00 17.60
N GLY I 69 35.68 -28.52 16.97
CA GLY I 69 34.36 -28.66 17.58
C GLY I 69 34.10 -27.89 18.86
N HIS I 70 34.71 -26.73 18.99
CA HIS I 70 34.48 -25.89 20.16
C HIS I 70 33.17 -25.16 19.90
N LEU I 71 32.08 -25.73 20.38
CA LEU I 71 30.77 -25.15 20.17
C LEU I 71 30.81 -23.63 20.23
N LEU I 72 30.99 -23.08 21.43
CA LEU I 72 31.03 -21.64 21.61
C LEU I 72 31.80 -20.87 20.53
N LYS I 73 33.11 -21.08 20.47
CA LYS I 73 33.91 -20.40 19.47
C LYS I 73 33.23 -20.49 18.12
N SER I 74 33.16 -21.70 17.58
CA SER I 74 32.55 -21.93 16.27
C SER I 74 31.38 -21.01 16.01
N ALA I 75 30.53 -20.87 17.02
CA ALA I 75 29.36 -20.03 16.90
C ALA I 75 29.83 -18.62 16.61
N VAL I 76 30.56 -18.05 17.56
CA VAL I 76 31.03 -16.68 17.40
C VAL I 76 31.72 -16.45 16.05
N GLU I 77 32.69 -17.30 15.73
CA GLU I 77 33.41 -17.19 14.48
C GLU I 77 32.43 -17.08 13.32
N LEU I 78 31.36 -17.87 13.39
CA LEU I 78 30.36 -17.83 12.34
C LEU I 78 29.74 -16.48 12.40
N ALA I 79 29.23 -16.11 13.58
CA ALA I 79 28.60 -14.81 13.77
C ALA I 79 29.44 -13.68 13.18
N LYS I 80 30.73 -13.71 13.42
CA LYS I 80 31.60 -12.67 12.89
C LYS I 80 31.41 -12.54 11.39
N ASP I 81 31.16 -13.64 10.71
CA ASP I 81 31.02 -13.60 9.25
C ASP I 81 29.82 -12.79 8.78
N TRP I 82 29.12 -12.17 9.72
CA TRP I 82 27.96 -11.34 9.41
C TRP I 82 28.25 -9.90 9.81
N ARG I 83 29.01 -9.76 10.92
CA ARG I 83 29.40 -8.49 11.53
C ARG I 83 30.64 -7.88 10.94
N THR I 84 30.70 -7.78 9.62
CA THR I 84 31.88 -7.17 9.00
C THR I 84 31.47 -6.04 8.07
N ASP I 85 32.46 -5.38 7.48
CA ASP I 85 32.22 -4.26 6.57
C ASP I 85 31.53 -4.73 5.28
N ARG I 86 31.68 -6.02 4.95
CA ARG I 86 31.07 -6.61 3.76
C ARG I 86 29.65 -7.12 4.04
N ALA I 87 29.53 -8.43 4.32
CA ALA I 87 28.25 -9.09 4.63
C ALA I 87 28.24 -10.58 4.35
N LEU I 88 27.08 -11.20 4.56
CA LEU I 88 26.86 -12.63 4.30
C LEU I 88 25.35 -12.80 4.14
N ARG I 89 24.88 -12.75 2.89
CA ARG I 89 23.45 -12.87 2.62
C ARG I 89 22.67 -12.28 3.79
N LYS I 90 22.03 -13.15 4.55
CA LYS I 90 21.21 -12.80 5.70
C LYS I 90 20.17 -13.91 5.74
N LEU I 91 20.62 -15.08 6.16
CA LEU I 91 19.77 -16.24 6.23
C LEU I 91 18.55 -16.04 7.10
N GLU I 92 17.38 -16.39 6.54
CA GLU I 92 16.09 -16.28 7.20
C GLU I 92 15.84 -17.48 8.06
N ALA I 93 16.77 -17.79 8.98
CA ALA I 93 16.65 -18.98 9.85
C ALA I 93 17.40 -18.81 11.16
N MET I 94 17.19 -19.74 12.07
CA MET I 94 17.87 -19.75 13.37
C MET I 94 18.30 -21.17 13.70
N LEU I 95 19.31 -21.31 14.54
CA LEU I 95 19.77 -22.62 14.91
C LEU I 95 19.82 -22.77 16.39
N ILE I 96 19.61 -23.97 16.88
CA ILE I 96 19.80 -24.18 18.31
C ILE I 96 20.85 -25.25 18.29
N VAL I 97 22.01 -24.90 18.82
CA VAL I 97 23.10 -25.83 18.85
C VAL I 97 23.47 -26.06 20.28
N ALA I 98 23.90 -27.28 20.58
CA ALA I 98 24.30 -27.57 21.93
C ALA I 98 25.11 -28.84 21.93
N ASP I 99 26.12 -28.87 22.78
CA ASP I 99 26.98 -30.04 22.95
C ASP I 99 27.05 -30.32 24.46
N GLU I 100 27.83 -31.32 24.85
CA GLU I 100 27.96 -31.70 26.26
C GLU I 100 28.09 -30.53 27.22
N LYS I 101 28.89 -29.52 26.87
CA LYS I 101 29.12 -28.38 27.73
C LYS I 101 28.25 -27.11 27.54
N GLU I 102 27.90 -26.79 26.30
CA GLU I 102 27.11 -25.60 26.04
C GLU I 102 25.76 -25.82 25.36
N SER I 103 25.06 -24.72 25.20
CA SER I 103 23.75 -24.70 24.57
C SER I 103 23.65 -23.26 24.03
N LEU I 104 23.51 -23.11 22.72
CA LEU I 104 23.43 -21.77 22.13
C LEU I 104 22.30 -21.60 21.14
N ILE I 105 22.20 -20.42 20.58
CA ILE I 105 21.17 -20.14 19.60
C ILE I 105 21.75 -19.13 18.62
N ILE I 106 21.82 -19.52 17.35
CA ILE I 106 22.38 -18.68 16.32
C ILE I 106 21.36 -18.23 15.29
N THR I 107 21.41 -16.96 14.93
CA THR I 107 20.49 -16.40 13.94
C THR I 107 21.17 -16.11 12.59
N GLY I 108 20.39 -16.09 11.53
CA GLY I 108 20.95 -15.81 10.22
C GLY I 108 21.55 -14.43 10.06
N ILE I 109 21.06 -13.46 10.83
CA ILE I 109 21.55 -12.08 10.78
C ILE I 109 22.91 -12.01 11.43
N GLY I 110 23.24 -13.09 12.14
CA GLY I 110 24.55 -13.16 12.74
C GLY I 110 24.77 -12.71 14.16
N ASP I 111 24.23 -13.43 15.12
CA ASP I 111 24.44 -13.11 16.51
C ASP I 111 24.17 -14.35 17.33
N VAL I 112 25.03 -14.57 18.32
CA VAL I 112 24.89 -15.73 19.17
C VAL I 112 24.15 -15.30 20.42
N VAL I 113 23.47 -16.25 21.04
CA VAL I 113 22.76 -15.92 22.25
C VAL I 113 22.82 -17.07 23.21
N GLN I 114 23.06 -16.76 24.49
CA GLN I 114 23.12 -17.76 25.53
C GLN I 114 21.74 -17.84 26.21
N PRO I 115 21.40 -19.01 26.73
CA PRO I 115 20.12 -19.15 27.39
C PRO I 115 20.13 -18.25 28.62
N GLU I 116 19.02 -18.22 29.36
CA GLU I 116 19.02 -17.47 30.59
C GLU I 116 19.46 -18.54 31.60
N GLU I 117 19.37 -18.20 32.88
CA GLU I 117 19.79 -19.13 33.92
C GLU I 117 19.21 -20.56 33.84
N ASP I 118 17.95 -20.71 33.41
CA ASP I 118 17.33 -22.04 33.35
C ASP I 118 17.87 -22.91 32.18
N GLN I 119 18.43 -22.26 31.16
CA GLN I 119 19.08 -22.89 30.02
C GLN I 119 18.11 -23.53 29.11
N ILE I 120 17.15 -22.78 28.73
CA ILE I 120 16.18 -23.40 27.86
C ILE I 120 16.13 -22.56 26.65
N LEU I 121 16.15 -23.14 25.49
CA LEU I 121 16.12 -22.40 24.26
C LEU I 121 15.03 -22.92 23.35
N ALA I 122 14.39 -22.00 22.64
CA ALA I 122 13.32 -22.38 21.73
C ALA I 122 13.29 -21.41 20.57
N ILE I 123 13.22 -21.96 19.36
CA ILE I 123 13.13 -21.16 18.15
C ILE I 123 12.03 -21.73 17.28
N GLY I 124 11.53 -20.90 16.38
CA GLY I 124 10.46 -21.35 15.51
C GLY I 124 9.20 -20.59 15.81
N SER I 125 8.15 -20.87 15.05
CA SER I 125 6.88 -20.18 15.22
C SER I 125 6.19 -20.53 16.52
N GLY I 126 6.23 -21.81 16.87
CA GLY I 126 5.59 -22.22 18.10
C GLY I 126 6.59 -22.32 19.23
N GLY I 127 7.63 -21.50 19.16
CA GLY I 127 8.68 -21.51 20.17
C GLY I 127 8.26 -21.08 21.56
N ASN I 128 7.84 -19.83 21.68
CA ASN I 128 7.42 -19.30 22.97
C ASN I 128 6.46 -20.24 23.64
N TYR I 129 5.65 -20.93 22.86
CA TYR I 129 4.71 -21.90 23.41
C TYR I 129 5.56 -22.97 24.06
N ALA I 130 6.23 -23.77 23.22
CA ALA I 130 7.10 -24.85 23.70
C ALA I 130 7.99 -24.34 24.83
N LEU I 131 8.34 -23.07 24.75
CA LEU I 131 9.16 -22.48 25.79
C LEU I 131 8.36 -22.42 27.09
N SER I 132 7.30 -21.59 27.09
CA SER I 132 6.41 -21.41 28.24
C SER I 132 6.19 -22.74 28.94
N ALA I 133 5.90 -23.76 28.14
CA ALA I 133 5.67 -25.09 28.65
C ALA I 133 6.92 -25.55 29.40
N ALA I 134 8.04 -25.65 28.67
CA ALA I 134 9.30 -26.08 29.25
C ALA I 134 9.60 -25.33 30.53
N ARG I 135 9.59 -24.00 30.45
CA ARG I 135 9.86 -23.20 31.62
C ARG I 135 9.00 -23.69 32.78
N ALA I 136 7.69 -23.81 32.53
CA ALA I 136 6.78 -24.30 33.57
C ALA I 136 7.21 -25.67 34.11
N LEU I 137 7.46 -26.62 33.21
CA LEU I 137 7.87 -27.95 33.60
C LEU I 137 9.25 -28.00 34.22
N VAL I 138 10.08 -27.02 33.94
CA VAL I 138 11.39 -27.07 34.54
C VAL I 138 11.32 -26.50 35.94
N GLU I 139 10.53 -25.44 36.11
CA GLU I 139 10.39 -24.77 37.39
C GLU I 139 9.49 -25.49 38.43
N ASN I 140 8.53 -26.28 37.96
CA ASN I 140 7.62 -26.98 38.88
C ASN I 140 7.63 -28.50 38.83
N THR I 141 8.76 -29.13 38.53
CA THR I 141 8.82 -30.58 38.51
C THR I 141 10.20 -31.16 38.24
N GLU I 142 10.47 -32.28 38.90
CA GLU I 142 11.74 -32.99 38.78
C GLU I 142 11.63 -33.95 37.60
N LEU I 143 11.09 -33.43 36.50
CA LEU I 143 10.90 -34.18 35.27
C LEU I 143 12.15 -34.29 34.43
N SER I 144 12.29 -35.40 33.72
CA SER I 144 13.46 -35.62 32.88
C SER I 144 13.62 -34.50 31.85
N ALA I 145 14.86 -34.20 31.50
CA ALA I 145 15.13 -33.16 30.50
C ALA I 145 14.47 -33.57 29.20
N HIS I 146 14.83 -34.76 28.72
CA HIS I 146 14.27 -35.32 27.51
C HIS I 146 12.74 -35.21 27.53
N GLU I 147 12.13 -35.66 28.64
CA GLU I 147 10.68 -35.62 28.79
C GLU I 147 10.07 -34.22 28.63
N ILE I 148 10.65 -33.21 29.27
CA ILE I 148 10.09 -31.88 29.12
C ILE I 148 10.04 -31.50 27.64
N VAL I 149 11.11 -31.77 26.91
CA VAL I 149 11.15 -31.45 25.50
C VAL I 149 9.91 -32.09 24.85
N GLU I 150 9.82 -33.41 24.97
CA GLU I 150 8.70 -34.19 24.43
C GLU I 150 7.36 -33.48 24.67
N LYS I 151 7.00 -33.33 25.95
CA LYS I 151 5.75 -32.70 26.32
C LYS I 151 5.56 -31.29 25.76
N SER I 152 6.61 -30.46 25.88
CA SER I 152 6.51 -29.09 25.40
C SER I 152 6.26 -29.04 23.90
N LEU I 153 7.03 -29.83 23.16
CA LEU I 153 6.86 -29.84 21.72
C LEU I 153 5.40 -30.02 21.44
N ARG I 154 4.81 -31.01 22.07
CA ARG I 154 3.40 -31.28 21.85
C ARG I 154 2.58 -30.03 22.17
N ILE I 155 2.62 -29.58 23.42
CA ILE I 155 1.84 -28.42 23.81
C ILE I 155 1.85 -27.36 22.72
N ALA I 156 3.02 -27.13 22.16
CA ALA I 156 3.19 -26.14 21.11
C ALA I 156 2.53 -26.57 19.81
N GLY I 157 2.81 -27.79 19.38
CA GLY I 157 2.23 -28.30 18.14
C GLY I 157 0.72 -28.24 18.11
N ASP I 158 0.13 -28.30 19.32
CA ASP I 158 -1.32 -28.25 19.49
C ASP I 158 -1.86 -26.83 19.41
N ILE I 159 -0.98 -25.84 19.60
CA ILE I 159 -1.39 -24.45 19.54
C ILE I 159 -1.01 -23.86 18.17
N CYS I 160 0.12 -24.32 17.65
CA CYS I 160 0.62 -23.84 16.36
C CYS I 160 0.11 -24.61 15.14
N VAL I 161 -0.43 -23.86 14.20
CA VAL I 161 -0.95 -24.44 12.98
C VAL I 161 0.21 -24.88 12.10
N PHE I 162 1.37 -24.34 12.38
CA PHE I 162 2.55 -24.66 11.59
C PHE I 162 3.46 -25.68 12.24
N THR I 163 2.94 -26.37 13.25
CA THR I 163 3.72 -27.38 13.93
C THR I 163 2.88 -28.62 14.14
N ASN I 164 3.49 -29.77 13.92
CA ASN I 164 2.82 -31.04 14.08
C ASN I 164 3.37 -31.77 15.28
N THR I 165 2.95 -33.01 15.44
CA THR I 165 3.36 -33.81 16.58
C THR I 165 4.35 -34.89 16.22
N ASN I 166 4.63 -35.08 14.94
CA ASN I 166 5.62 -36.09 14.57
C ASN I 166 6.93 -35.45 14.94
N PHE I 167 7.54 -35.90 16.04
CA PHE I 167 8.79 -35.31 16.52
C PHE I 167 10.09 -35.99 16.13
N THR I 168 11.18 -35.31 16.45
CA THR I 168 12.52 -35.79 16.19
C THR I 168 13.34 -35.24 17.35
N ILE I 169 13.80 -36.13 18.22
CA ILE I 169 14.57 -35.70 19.38
C ILE I 169 15.92 -36.40 19.53
N GLU I 170 16.96 -35.59 19.71
CA GLU I 170 18.31 -36.06 19.91
C GLU I 170 18.79 -35.48 21.23
N GLU I 171 19.29 -36.35 22.11
CA GLU I 171 19.79 -35.96 23.42
C GLU I 171 21.28 -36.25 23.47
N LEU I 172 21.97 -35.60 24.39
CA LEU I 172 23.40 -35.79 24.53
C LEU I 172 23.82 -36.51 25.79
N PRO I 173 24.02 -37.84 25.67
CA PRO I 173 24.43 -38.56 26.87
C PRO I 173 25.72 -37.93 27.40
N THR J 1 15.08 -0.88 23.74
CA THR J 1 16.18 -0.83 24.73
C THR J 1 16.31 0.60 25.22
N THR J 2 17.05 0.79 26.32
CA THR J 2 17.30 2.13 26.85
C THR J 2 18.69 2.28 27.49
N ILE J 3 19.46 3.22 26.95
CA ILE J 3 20.78 3.48 27.43
C ILE J 3 20.93 4.97 27.63
N VAL J 4 21.38 5.34 28.82
CA VAL J 4 21.57 6.74 29.16
C VAL J 4 22.88 6.92 29.94
N SER J 5 23.52 8.07 29.74
CA SER J 5 24.77 8.33 30.42
C SER J 5 24.88 9.77 30.90
N VAL J 6 25.12 9.90 32.20
CA VAL J 6 25.27 11.21 32.84
C VAL J 6 26.67 11.32 33.41
N ARG J 7 27.13 12.56 33.49
CA ARG J 7 28.45 12.86 33.99
C ARG J 7 28.42 14.17 34.79
N ARG J 8 28.95 14.13 36.00
CA ARG J 8 29.01 15.30 36.87
C ARG J 8 29.96 14.95 38.03
N ASN J 9 30.90 15.85 38.31
CA ASN J 9 31.86 15.65 39.40
C ASN J 9 32.95 14.66 39.04
N GLY J 10 33.56 14.87 37.87
CA GLY J 10 34.63 13.99 37.41
C GLY J 10 34.19 12.55 37.27
N GLN J 11 32.89 12.34 37.20
CA GLN J 11 32.32 11.01 37.09
C GLN J 11 31.52 10.86 35.80
N VAL J 12 31.72 9.72 35.12
CA VAL J 12 30.96 9.45 33.92
C VAL J 12 30.34 8.09 34.09
N VAL J 13 29.06 7.97 33.75
CA VAL J 13 28.39 6.68 33.86
C VAL J 13 27.52 6.38 32.66
N VAL J 14 27.56 5.14 32.25
CA VAL J 14 26.78 4.71 31.13
C VAL J 14 25.99 3.51 31.59
N GLY J 15 24.67 3.58 31.42
CA GLY J 15 23.84 2.47 31.85
C GLY J 15 22.72 2.16 30.87
N GLY J 16 22.31 0.90 30.87
CA GLY J 16 21.25 0.46 29.99
C GLY J 16 20.52 -0.72 30.59
N ASP J 17 19.33 -1.02 30.06
CA ASP J 17 18.56 -2.13 30.57
C ASP J 17 19.16 -3.43 30.07
N GLY J 18 18.33 -4.47 29.95
CA GLY J 18 18.83 -5.75 29.51
C GLY J 18 17.81 -6.60 28.79
N GLN J 19 16.76 -5.94 28.33
CA GLN J 19 15.67 -6.62 27.63
C GLN J 19 15.90 -6.76 26.14
N VAL J 20 16.06 -7.99 25.69
CA VAL J 20 16.24 -8.27 24.29
C VAL J 20 14.86 -8.64 23.75
N SER J 21 14.17 -7.64 23.23
CA SER J 21 12.84 -7.84 22.70
C SER J 21 12.96 -8.40 21.30
N LEU J 22 12.03 -9.26 20.91
CA LEU J 22 12.04 -9.84 19.58
C LEU J 22 10.62 -9.71 19.06
N GLY J 23 10.37 -8.64 18.31
CA GLY J 23 9.03 -8.44 17.84
C GLY J 23 8.32 -7.94 19.07
N ASN J 24 7.42 -8.75 19.63
CA ASN J 24 6.71 -8.36 20.83
C ASN J 24 6.89 -9.39 21.95
N THR J 25 7.77 -10.36 21.70
CA THR J 25 8.11 -11.37 22.68
C THR J 25 9.46 -10.99 23.26
N VAL J 26 9.92 -11.68 24.31
CA VAL J 26 11.22 -11.36 24.91
C VAL J 26 12.18 -12.54 24.94
N MET J 27 13.13 -12.55 24.02
CA MET J 27 14.10 -13.63 23.93
C MET J 27 14.94 -13.77 25.16
N LYS J 28 15.27 -12.65 25.80
CA LYS J 28 16.11 -12.66 26.99
C LYS J 28 15.90 -11.38 27.77
N GLY J 29 16.21 -11.41 29.06
CA GLY J 29 16.04 -10.23 29.89
C GLY J 29 17.26 -9.82 30.68
N ASN J 30 18.33 -10.61 30.60
CA ASN J 30 19.52 -10.26 31.35
C ASN J 30 20.72 -9.92 30.48
N ALA J 31 20.50 -9.26 29.35
CA ALA J 31 21.62 -8.91 28.50
C ALA J 31 22.41 -7.75 29.08
N ARG J 32 23.66 -7.61 28.65
CA ARG J 32 24.51 -6.52 29.12
C ARG J 32 24.70 -5.53 27.97
N LYS J 33 23.90 -4.49 27.90
CA LYS J 33 24.00 -3.53 26.79
C LYS J 33 25.11 -2.44 26.84
N VAL J 34 25.99 -2.51 27.84
CA VAL J 34 27.08 -1.55 28.01
C VAL J 34 28.29 -2.31 28.50
N ARG J 35 29.43 -2.05 27.89
CA ARG J 35 30.64 -2.77 28.28
C ARG J 35 31.82 -1.85 28.28
N ARG J 36 32.96 -2.39 28.71
CA ARG J 36 34.19 -1.61 28.79
C ARG J 36 35.12 -1.95 27.62
N LEU J 37 35.77 -0.94 27.07
CA LEU J 37 36.66 -1.15 25.94
C LEU J 37 38.06 -0.62 26.21
N TYR J 38 38.97 -0.83 25.27
CA TYR J 38 40.36 -0.36 25.36
C TYR J 38 40.95 -0.41 26.76
N ASN J 39 41.11 -1.63 27.28
CA ASN J 39 41.66 -1.82 28.62
C ASN J 39 40.92 -1.02 29.68
N GLY J 40 39.64 -1.35 29.87
CA GLY J 40 38.79 -0.70 30.85
C GLY J 40 38.92 0.79 31.08
N LYS J 41 39.03 1.57 30.02
CA LYS J 41 39.15 3.01 30.16
C LYS J 41 38.08 3.77 29.37
N VAL J 42 37.22 3.05 28.64
CA VAL J 42 36.12 3.65 27.87
C VAL J 42 34.81 2.89 28.05
N LEU J 43 33.74 3.66 28.17
CA LEU J 43 32.43 3.09 28.35
C LEU J 43 31.67 3.16 27.05
N ALA J 44 31.07 2.04 26.66
CA ALA J 44 30.30 1.98 25.44
C ALA J 44 28.95 1.32 25.69
N GLY J 45 27.91 2.01 25.28
CA GLY J 45 26.57 1.49 25.44
C GLY J 45 26.02 1.38 24.04
N PHE J 46 25.40 0.26 23.71
CA PHE J 46 24.85 0.13 22.38
C PHE J 46 23.38 -0.18 22.33
N ALA J 47 22.71 0.36 21.32
CA ALA J 47 21.30 0.11 21.21
C ALA J 47 20.85 0.08 19.73
N GLY J 48 20.09 -0.97 19.42
CA GLY J 48 19.59 -1.16 18.08
C GLY J 48 19.41 -2.65 17.86
N GLY J 49 19.80 -3.13 16.68
CA GLY J 49 19.69 -4.55 16.39
C GLY J 49 20.79 -5.40 17.01
N THR J 50 20.40 -6.37 17.81
CA THR J 50 21.32 -7.26 18.49
C THR J 50 22.62 -7.50 17.71
N ALA J 51 22.52 -7.62 16.40
CA ALA J 51 23.70 -7.85 15.60
C ALA J 51 24.43 -6.56 15.33
N ASP J 52 23.81 -5.71 14.51
CA ASP J 52 24.39 -4.41 14.13
C ASP J 52 24.96 -3.65 15.33
N ALA J 53 24.30 -3.80 16.47
CA ALA J 53 24.78 -3.14 17.68
C ALA J 53 26.20 -3.61 17.74
N PHE J 54 26.38 -4.88 18.04
CA PHE J 54 27.71 -5.43 18.12
C PHE J 54 28.59 -5.04 16.97
N THR J 55 28.15 -5.22 15.73
CA THR J 55 29.05 -4.87 14.64
C THR J 55 29.54 -3.42 14.69
N LEU J 56 28.70 -2.50 15.18
CA LEU J 56 29.09 -1.08 15.27
C LEU J 56 30.08 -1.01 16.39
N PHE J 57 29.63 -1.40 17.56
CA PHE J 57 30.43 -1.44 18.75
C PHE J 57 31.80 -2.05 18.44
N GLU J 58 31.81 -3.21 17.81
CA GLU J 58 33.05 -3.86 17.47
C GLU J 58 33.95 -3.06 16.55
N LEU J 59 33.36 -2.19 15.74
CA LEU J 59 34.17 -1.37 14.83
C LEU J 59 34.83 -0.23 15.59
N PHE J 60 34.04 0.41 16.46
CA PHE J 60 34.51 1.52 17.26
C PHE J 60 35.72 1.07 18.08
N GLU J 61 35.78 -0.21 18.41
CA GLU J 61 36.90 -0.70 19.17
C GLU J 61 38.15 -0.82 18.30
N ARG J 62 38.05 -1.53 17.19
CA ARG J 62 39.21 -1.64 16.33
C ARG J 62 39.83 -0.21 16.22
N LYS J 63 38.97 0.81 16.13
CA LYS J 63 39.38 2.19 16.00
C LYS J 63 40.10 2.71 17.25
N LEU J 64 39.49 2.52 18.41
CA LEU J 64 40.14 2.94 19.66
C LEU J 64 41.49 2.25 19.72
N GLU J 65 41.49 0.95 19.40
CA GLU J 65 42.73 0.17 19.39
C GLU J 65 43.76 0.82 18.48
N MET J 66 43.32 1.28 17.32
CA MET J 66 44.22 1.92 16.37
C MET J 66 44.68 3.34 16.69
N HIS J 67 44.07 4.00 17.67
CA HIS J 67 44.47 5.38 17.98
C HIS J 67 44.77 5.73 19.43
N GLN J 68 45.57 4.90 20.10
CA GLN J 68 45.91 5.18 21.47
C GLN J 68 44.67 5.53 22.29
N GLY J 69 43.54 4.97 21.90
CA GLY J 69 42.32 5.20 22.63
C GLY J 69 41.83 6.62 22.77
N HIS J 70 42.10 7.46 21.78
CA HIS J 70 41.61 8.83 21.84
C HIS J 70 40.11 8.81 21.45
N LEU J 71 39.27 8.59 22.45
CA LEU J 71 37.82 8.53 22.23
C LEU J 71 37.39 9.38 21.06
N LEU J 72 37.48 10.71 21.23
CA LEU J 72 37.08 11.65 20.20
C LEU J 72 37.54 11.30 18.77
N LYS J 73 38.85 11.23 18.56
CA LYS J 73 39.37 10.91 17.22
C LYS J 73 38.82 9.61 16.73
N SER J 74 38.99 8.56 17.52
CA SER J 74 38.48 7.27 17.14
C SER J 74 37.09 7.45 16.56
N ALA J 75 36.19 8.03 17.35
CA ALA J 75 34.83 8.25 16.90
C ALA J 75 34.79 8.88 15.52
N VAL J 76 35.35 10.07 15.38
CA VAL J 76 35.34 10.73 14.08
C VAL J 76 35.88 9.83 13.00
N GLU J 77 37.07 9.26 13.23
CA GLU J 77 37.69 8.38 12.26
C GLU J 77 36.72 7.31 11.77
N LEU J 78 35.91 6.80 12.70
CA LEU J 78 34.92 5.77 12.40
C LEU J 78 33.82 6.37 11.52
N ALA J 79 33.30 7.51 11.97
CA ALA J 79 32.27 8.20 11.21
C ALA J 79 32.79 8.42 9.80
N LYS J 80 34.01 8.90 9.68
CA LYS J 80 34.59 9.16 8.36
C LYS J 80 34.52 7.95 7.45
N ASP J 81 34.51 6.75 8.02
CA ASP J 81 34.46 5.57 7.17
C ASP J 81 33.07 5.30 6.60
N TRP J 82 32.19 6.30 6.70
CA TRP J 82 30.82 6.19 6.19
C TRP J 82 30.57 7.26 5.15
N ARG J 83 31.31 8.36 5.27
CA ARG J 83 31.19 9.49 4.35
C ARG J 83 32.04 9.37 3.11
N THR J 84 32.97 8.40 3.11
CA THR J 84 33.80 8.19 1.94
C THR J 84 32.86 7.73 0.83
N ASP J 85 33.24 7.97 -0.41
CA ASP J 85 32.42 7.60 -1.57
C ASP J 85 32.24 6.10 -1.69
N ARG J 86 33.04 5.33 -0.94
CA ARG J 86 32.96 3.88 -0.96
C ARG J 86 31.65 3.44 -0.29
N ALA J 87 31.62 3.47 1.05
CA ALA J 87 30.47 3.12 1.90
C ALA J 87 30.82 2.16 3.03
N LEU J 88 29.80 1.50 3.58
CA LEU J 88 29.96 0.54 4.68
C LEU J 88 28.59 0.28 5.30
N ARG J 89 27.73 -0.45 4.58
CA ARG J 89 26.38 -0.73 5.07
C ARG J 89 25.73 0.50 5.71
N LYS J 90 24.76 0.27 6.57
CA LYS J 90 24.07 1.38 7.22
C LYS J 90 23.58 0.92 8.57
N LEU J 91 24.45 0.21 9.28
CA LEU J 91 24.16 -0.35 10.61
C LEU J 91 23.04 0.33 11.42
N GLU J 92 22.03 -0.46 11.76
CA GLU J 92 20.86 -0.01 12.51
C GLU J 92 21.09 0.02 14.00
N ALA J 93 21.97 0.89 14.47
CA ALA J 93 22.23 0.98 15.91
C ALA J 93 23.03 2.21 16.27
N MET J 94 22.99 2.57 17.54
CA MET J 94 23.72 3.72 18.01
C MET J 94 24.57 3.34 19.21
N LEU J 95 25.63 4.10 19.47
CA LEU J 95 26.51 3.84 20.58
C LEU J 95 26.61 5.04 21.44
N ILE J 96 26.94 4.83 22.70
CA ILE J 96 27.19 5.93 23.62
C ILE J 96 28.50 5.52 24.21
N VAL J 97 29.52 6.25 23.79
CA VAL J 97 30.85 5.99 24.24
C VAL J 97 31.26 7.18 25.07
N ALA J 98 32.00 6.90 26.13
CA ALA J 98 32.49 7.95 26.99
C ALA J 98 33.65 7.43 27.80
N ASP J 99 34.67 8.29 27.97
CA ASP J 99 35.84 7.96 28.77
C ASP J 99 36.03 9.08 29.79
N GLU J 100 37.10 9.01 30.56
CA GLU J 100 37.37 10.01 31.57
C GLU J 100 37.15 11.46 31.10
N LYS J 101 37.65 11.80 29.93
CA LYS J 101 37.53 13.16 29.43
C LYS J 101 36.32 13.51 28.56
N GLU J 102 35.86 12.57 27.72
CA GLU J 102 34.74 12.82 26.82
C GLU J 102 33.51 11.95 26.96
N SER J 103 32.47 12.33 26.24
CA SER J 103 31.19 11.62 26.22
C SER J 103 30.60 11.86 24.83
N LEU J 104 30.41 10.79 24.06
CA LEU J 104 29.90 10.92 22.70
C LEU J 104 28.77 9.97 22.35
N ILE J 105 28.21 10.19 21.16
CA ILE J 105 27.13 9.34 20.68
C ILE J 105 27.34 9.13 19.17
N ILE J 106 27.46 7.87 18.78
CA ILE J 106 27.70 7.52 17.39
C ILE J 106 26.57 6.70 16.82
N THR J 107 26.26 6.92 15.56
CA THR J 107 25.20 6.19 14.91
C THR J 107 25.76 5.32 13.81
N GLY J 108 24.98 4.36 13.36
CA GLY J 108 25.43 3.47 12.29
C GLY J 108 25.50 4.11 10.91
N ILE J 109 24.78 5.22 10.70
CA ILE J 109 24.79 5.92 9.41
C ILE J 109 26.10 6.69 9.29
N GLY J 110 26.77 6.87 10.42
CA GLY J 110 28.05 7.54 10.41
C GLY J 110 28.20 9.01 10.83
N ASP J 111 27.82 9.34 12.06
CA ASP J 111 27.98 10.72 12.53
C ASP J 111 28.14 10.68 14.04
N VAL J 112 28.92 11.65 14.54
CA VAL J 112 29.20 11.73 15.97
C VAL J 112 28.42 12.88 16.51
N VAL J 113 28.07 12.79 17.77
CA VAL J 113 27.35 13.87 18.40
C VAL J 113 27.80 14.06 19.85
N GLN J 114 27.96 15.33 20.21
CA GLN J 114 28.38 15.74 21.55
C GLN J 114 27.11 16.06 22.30
N PRO J 115 27.15 15.89 23.60
CA PRO J 115 25.98 16.18 24.43
C PRO J 115 25.69 17.69 24.39
N GLU J 116 24.58 18.09 25.01
CA GLU J 116 24.27 19.50 25.10
C GLU J 116 25.01 19.89 26.39
N GLU J 117 25.05 21.17 26.72
CA GLU J 117 25.77 21.64 27.92
C GLU J 117 25.71 20.74 29.19
N ASP J 118 24.53 20.22 29.42
CA ASP J 118 24.38 19.39 30.63
C ASP J 118 25.17 18.10 30.49
N GLN J 119 25.94 17.97 29.45
CA GLN J 119 26.49 16.67 29.16
C GLN J 119 25.53 15.56 29.78
N ILE J 120 24.64 14.99 28.93
CA ILE J 120 23.74 13.82 29.24
C ILE J 120 23.34 13.22 27.89
N LEU J 121 23.48 11.91 27.75
CA LEU J 121 23.15 11.26 26.49
C LEU J 121 22.26 10.08 26.72
N ALA J 122 21.37 9.84 25.77
CA ALA J 122 20.47 8.72 25.88
C ALA J 122 20.10 8.24 24.51
N ILE J 123 20.13 6.92 24.33
CA ILE J 123 19.77 6.32 23.07
C ILE J 123 18.86 5.16 23.38
N GLY J 124 18.16 4.69 22.37
CA GLY J 124 17.28 3.56 22.55
C GLY J 124 15.84 3.98 22.41
N SER J 125 14.95 3.00 22.46
CA SER J 125 13.54 3.30 22.33
C SER J 125 13.07 4.16 23.50
N GLY J 126 13.45 3.78 24.72
CA GLY J 126 13.06 4.55 25.90
C GLY J 126 14.07 5.61 26.28
N GLY J 127 14.82 6.06 25.29
CA GLY J 127 15.82 7.07 25.52
C GLY J 127 15.25 8.34 26.08
N ASN J 128 14.58 9.12 25.24
CA ASN J 128 14.00 10.38 25.68
C ASN J 128 13.42 10.31 27.11
N TYR J 129 12.82 9.18 27.45
CA TYR J 129 12.24 9.02 28.78
C TYR J 129 13.40 9.16 29.74
N ALA J 130 14.27 8.15 29.76
CA ALA J 130 15.44 8.18 30.64
C ALA J 130 16.12 9.56 30.59
N LEU J 131 16.05 10.20 29.42
CA LEU J 131 16.65 11.51 29.27
C LEU J 131 15.86 12.45 30.12
N SER J 132 14.60 12.67 29.75
CA SER J 132 13.70 13.58 30.47
C SER J 132 13.94 13.45 31.95
N ALA J 133 13.97 12.21 32.42
CA ALA J 133 14.24 11.95 33.83
C ALA J 133 15.59 12.57 34.23
N ALA J 134 16.68 12.07 33.65
CA ALA J 134 18.02 12.57 33.95
C ALA J 134 18.09 14.08 33.90
N ARG J 135 17.60 14.67 32.82
CA ARG J 135 17.62 16.12 32.69
C ARG J 135 16.97 16.75 33.91
N ALA J 136 15.88 16.15 34.37
CA ALA J 136 15.20 16.67 35.53
C ALA J 136 16.07 16.50 36.79
N LEU J 137 16.55 15.29 37.04
CA LEU J 137 17.38 15.06 38.20
C LEU J 137 18.71 15.78 38.17
N VAL J 138 19.17 16.19 37.01
CA VAL J 138 20.44 16.88 37.01
C VAL J 138 20.22 18.35 37.31
N GLU J 139 19.14 18.91 36.77
CA GLU J 139 18.82 20.32 36.95
C GLU J 139 18.24 20.65 38.32
N ASN J 140 17.54 19.70 38.93
CA ASN J 140 16.90 19.94 40.23
C ASN J 140 17.38 19.10 41.43
N THR J 141 18.66 18.76 41.48
CA THR J 141 19.18 18.01 42.62
C THR J 141 20.68 17.68 42.56
N GLU J 142 21.31 17.73 43.73
CA GLU J 142 22.73 17.46 43.86
C GLU J 142 22.89 15.95 44.02
N LEU J 143 22.22 15.21 43.14
CA LEU J 143 22.23 13.76 43.15
C LEU J 143 23.43 13.15 42.45
N SER J 144 23.86 11.98 42.91
CA SER J 144 24.99 11.30 42.30
C SER J 144 24.79 11.00 40.82
N ALA J 145 25.87 11.13 40.05
CA ALA J 145 25.80 10.86 38.62
C ALA J 145 25.26 9.45 38.44
N HIS J 146 25.97 8.50 39.03
CA HIS J 146 25.59 7.11 38.98
C HIS J 146 24.13 6.95 39.37
N GLU J 147 23.74 7.57 40.47
CA GLU J 147 22.36 7.46 40.90
C GLU J 147 21.35 7.94 39.86
N ILE J 148 21.62 9.08 39.22
CA ILE J 148 20.67 9.58 38.24
C ILE J 148 20.41 8.52 37.17
N VAL J 149 21.49 7.91 36.70
CA VAL J 149 21.38 6.85 35.72
C VAL J 149 20.45 5.78 36.23
N GLU J 150 20.80 5.21 37.37
CA GLU J 150 20.00 4.17 38.02
C GLU J 150 18.54 4.62 37.97
N LYS J 151 18.30 5.81 38.51
CA LYS J 151 16.96 6.39 38.57
C LYS J 151 16.23 6.43 37.23
N SER J 152 16.80 7.17 36.28
CA SER J 152 16.21 7.35 34.96
C SER J 152 15.99 6.07 34.16
N LEU J 153 16.87 5.09 34.33
CA LEU J 153 16.69 3.85 33.59
C LEU J 153 15.35 3.32 34.00
N ARG J 154 15.11 3.23 35.30
CA ARG J 154 13.85 2.70 35.79
C ARG J 154 12.70 3.50 35.21
N ILE J 155 12.66 4.80 35.49
CA ILE J 155 11.59 5.65 34.98
C ILE J 155 11.28 5.31 33.55
N ALA J 156 12.33 5.16 32.76
CA ALA J 156 12.14 4.80 31.36
C ALA J 156 11.61 3.37 31.24
N GLY J 157 12.32 2.40 31.83
CA GLY J 157 11.88 1.02 31.76
C GLY J 157 10.42 0.76 32.14
N ASP J 158 9.88 1.68 32.94
CA ASP J 158 8.49 1.60 33.40
C ASP J 158 7.53 2.19 32.38
N ILE J 159 8.07 2.96 31.44
CA ILE J 159 7.24 3.57 30.41
C ILE J 159 7.39 2.85 29.07
N CYS J 160 8.53 2.21 28.88
CA CYS J 160 8.77 1.50 27.63
C CYS J 160 8.51 0.00 27.77
N VAL J 161 7.72 -0.53 26.83
CA VAL J 161 7.42 -1.96 26.83
C VAL J 161 8.62 -2.79 26.35
N PHE J 162 9.59 -2.10 25.77
CA PHE J 162 10.79 -2.74 25.27
C PHE J 162 11.98 -2.53 26.17
N THR J 163 11.72 -2.12 27.40
CA THR J 163 12.81 -1.94 28.35
C THR J 163 12.41 -2.51 29.70
N ASN J 164 13.33 -3.26 30.27
CA ASN J 164 13.10 -3.89 31.55
C ASN J 164 13.88 -3.14 32.63
N THR J 165 13.89 -3.69 33.85
CA THR J 165 14.55 -3.08 34.98
C THR J 165 15.83 -3.78 35.37
N ASN J 166 16.15 -4.89 34.73
CA ASN J 166 17.39 -5.57 35.06
C ASN J 166 18.46 -4.73 34.36
N PHE J 167 19.17 -3.90 35.12
CA PHE J 167 20.17 -3.01 34.57
C PHE J 167 21.60 -3.55 34.59
N THR J 168 22.49 -2.79 33.92
CA THR J 168 23.91 -3.08 33.83
C THR J 168 24.54 -1.69 33.75
N ILE J 169 25.26 -1.31 34.80
CA ILE J 169 25.85 0.01 34.79
C ILE J 169 27.35 -0.01 35.00
N GLU J 170 28.03 0.89 34.29
CA GLU J 170 29.46 1.04 34.39
C GLU J 170 29.74 2.53 34.51
N GLU J 171 30.54 2.88 35.52
CA GLU J 171 30.92 4.28 35.75
C GLU J 171 32.42 4.38 35.60
N LEU J 172 32.91 5.60 35.38
CA LEU J 172 34.34 5.80 35.20
C LEU J 172 35.02 6.54 36.33
N PRO J 173 35.65 5.79 37.25
CA PRO J 173 36.32 6.47 38.34
C PRO J 173 37.34 7.44 37.73
N THR K 1 15.38 21.78 9.53
CA THR K 1 16.48 22.79 9.51
C THR K 1 16.16 23.96 8.57
N THR K 2 16.73 25.13 8.82
CA THR K 2 16.50 26.31 7.96
C THR K 2 17.77 27.12 7.72
N ILE K 3 18.19 27.19 6.47
CA ILE K 3 19.41 27.91 6.14
C ILE K 3 19.16 28.92 5.06
N VAL K 4 19.46 30.18 5.33
CA VAL K 4 19.25 31.20 4.32
C VAL K 4 20.44 32.12 4.22
N SER K 5 20.64 32.68 3.05
CA SER K 5 21.75 33.60 2.83
C SER K 5 21.36 34.74 1.93
N VAL K 6 21.67 35.94 2.41
CA VAL K 6 21.37 37.13 1.67
C VAL K 6 22.66 37.89 1.45
N ARG K 7 22.68 38.67 0.38
CA ARG K 7 23.86 39.43 0.02
C ARG K 7 23.45 40.79 -0.57
N ARG K 8 24.03 41.86 -0.04
CA ARG K 8 23.76 43.22 -0.50
C ARG K 8 24.79 44.16 0.13
N ASN K 9 25.42 44.98 -0.72
CA ASN K 9 26.44 45.94 -0.29
C ASN K 9 27.80 45.29 -0.03
N GLY K 10 28.24 44.45 -0.95
CA GLY K 10 29.53 43.79 -0.78
C GLY K 10 29.59 42.87 0.43
N GLN K 11 28.42 42.48 0.92
CA GLN K 11 28.30 41.61 2.09
C GLN K 11 27.53 40.35 1.73
N VAL K 12 28.00 39.21 2.22
CA VAL K 12 27.32 37.94 1.98
C VAL K 12 27.19 37.31 3.32
N VAL K 13 26.01 36.77 3.61
CA VAL K 13 25.87 36.10 4.89
C VAL K 13 25.08 34.84 4.77
N VAL K 14 25.48 33.86 5.57
CA VAL K 14 24.81 32.59 5.56
C VAL K 14 24.52 32.20 6.98
N GLY K 15 23.25 31.92 7.25
CA GLY K 15 22.88 31.54 8.59
C GLY K 15 21.81 30.49 8.60
N GLY K 16 21.80 29.73 9.69
CA GLY K 16 20.81 28.68 9.83
C GLY K 16 20.53 28.46 11.28
N ASP K 17 19.56 27.60 11.57
CA ASP K 17 19.23 27.33 12.96
C ASP K 17 20.23 26.38 13.58
N GLY K 18 19.77 25.57 14.53
CA GLY K 18 20.66 24.64 15.17
C GLY K 18 19.90 23.50 15.83
N GLN K 19 18.69 23.26 15.37
CA GLN K 19 17.88 22.20 15.92
C GLN K 19 18.10 20.90 15.16
N VAL K 20 18.62 19.89 15.86
CA VAL K 20 18.84 18.60 15.22
C VAL K 20 17.68 17.68 15.59
N SER K 21 16.67 17.66 14.72
CA SER K 21 15.48 16.85 14.91
C SER K 21 15.74 15.42 14.52
N LEU K 22 15.15 14.50 15.25
CA LEU K 22 15.32 13.09 14.98
C LEU K 22 13.92 12.52 15.06
N GLY K 23 13.26 12.46 13.91
CA GLY K 23 11.90 11.97 13.91
C GLY K 23 11.13 13.18 14.39
N ASN K 24 10.50 13.06 15.55
CA ASN K 24 9.75 14.18 16.09
C ASN K 24 10.33 14.61 17.41
N THR K 25 11.50 14.04 17.73
CA THR K 25 12.17 14.39 18.97
C THR K 25 13.38 15.23 18.60
N VAL K 26 14.04 15.81 19.59
CA VAL K 26 15.19 16.63 19.32
C VAL K 26 16.40 16.16 20.11
N MET K 27 17.35 15.65 19.35
CA MET K 27 18.60 15.12 19.86
C MET K 27 19.54 16.21 20.30
N LYS K 28 19.39 17.37 19.70
CA LYS K 28 20.24 18.47 20.05
C LYS K 28 19.64 19.78 19.55
N GLY K 29 20.03 20.90 20.18
CA GLY K 29 19.49 22.19 19.78
C GLY K 29 20.51 23.28 19.52
N ASN K 30 21.78 22.97 19.76
CA ASN K 30 22.81 23.95 19.54
C ASN K 30 23.80 23.59 18.45
N ALA K 31 23.32 22.97 17.39
CA ALA K 31 24.22 22.59 16.30
C ALA K 31 24.62 23.81 15.48
N ARG K 32 25.76 23.70 14.80
CA ARG K 32 26.26 24.77 13.95
C ARG K 32 26.06 24.33 12.52
N LYS K 33 25.01 24.79 11.89
CA LYS K 33 24.73 24.35 10.53
C LYS K 33 25.47 25.08 9.39
N VAL K 34 26.28 26.08 9.75
CA VAL K 34 27.05 26.83 8.75
C VAL K 34 28.46 26.98 9.23
N ARG K 35 29.41 26.73 8.35
CA ARG K 35 30.80 26.82 8.75
C ARG K 35 31.65 27.50 7.69
N ARG K 36 32.91 27.79 8.03
CA ARG K 36 33.85 28.45 7.12
C ARG K 36 34.81 27.44 6.49
N LEU K 37 35.07 27.55 5.19
CA LEU K 37 35.98 26.63 4.51
C LEU K 37 37.13 27.33 3.81
N TYR K 38 38.05 26.53 3.26
CA TYR K 38 39.20 27.06 2.52
C TYR K 38 39.83 28.28 3.17
N ASN K 39 40.32 28.12 4.39
CA ASN K 39 40.95 29.21 5.11
C ASN K 39 40.00 30.40 5.23
N GLY K 40 38.89 30.16 5.94
CA GLY K 40 37.90 31.20 6.15
C GLY K 40 37.59 32.19 5.04
N LYS K 41 37.44 31.72 3.80
CA LYS K 41 37.12 32.64 2.74
C LYS K 41 35.85 32.20 1.99
N VAL K 42 35.24 31.09 2.44
CA VAL K 42 33.97 30.59 1.89
C VAL K 42 32.95 30.24 2.98
N LEU K 43 31.69 30.52 2.68
CA LEU K 43 30.64 30.21 3.62
C LEU K 43 29.86 29.02 3.13
N ALA K 44 29.58 28.11 4.05
CA ALA K 44 28.86 26.90 3.70
C ALA K 44 27.80 26.57 4.72
N GLY K 45 26.58 26.44 4.22
CA GLY K 45 25.48 26.09 5.08
C GLY K 45 24.92 24.78 4.56
N PHE K 46 24.77 23.80 5.44
CA PHE K 46 24.27 22.52 4.99
C PHE K 46 22.99 22.10 5.64
N ALA K 47 22.09 21.56 4.83
CA ALA K 47 20.80 21.14 5.34
C ALA K 47 20.38 19.80 4.79
N GLY K 48 20.17 18.84 5.69
CA GLY K 48 19.76 17.53 5.23
C GLY K 48 20.03 16.54 6.32
N GLY K 49 20.47 15.35 5.93
CA GLY K 49 20.76 14.32 6.91
C GLY K 49 22.06 14.56 7.64
N THR K 50 21.97 14.69 8.96
CA THR K 50 23.15 14.96 9.76
C THR K 50 24.40 14.45 9.07
N ALA K 51 24.38 13.19 8.61
CA ALA K 51 25.54 12.59 7.96
C ALA K 51 25.73 13.16 6.59
N ASP K 52 24.94 12.68 5.64
CA ASP K 52 25.02 13.14 4.26
C ASP K 52 25.37 14.64 4.19
N ALA K 53 24.79 15.43 5.09
CA ALA K 53 25.03 16.86 5.11
C ALA K 53 26.52 16.92 5.09
N PHE K 54 27.12 16.49 6.18
CA PHE K 54 28.57 16.50 6.24
C PHE K 54 29.24 15.86 5.03
N THR K 55 28.87 14.64 4.67
CA THR K 55 29.57 14.03 3.55
C THR K 55 29.55 14.91 2.31
N LEU K 56 28.48 15.68 2.10
CA LEU K 56 28.38 16.58 0.92
C LEU K 56 29.31 17.79 1.17
N PHE K 57 29.10 18.41 2.30
CA PHE K 57 29.90 19.53 2.73
C PHE K 57 31.39 19.18 2.59
N GLU K 58 31.78 18.05 3.16
CA GLU K 58 33.16 17.60 3.12
C GLU K 58 33.68 17.38 1.70
N LEU K 59 32.83 16.93 0.77
CA LEU K 59 33.27 16.74 -0.61
C LEU K 59 33.54 18.08 -1.28
N PHE K 60 32.61 19.01 -1.11
CA PHE K 60 32.76 20.31 -1.70
C PHE K 60 34.07 20.93 -1.27
N GLU K 61 34.54 20.59 -0.08
CA GLU K 61 35.80 21.16 0.37
C GLU K 61 36.97 20.57 -0.39
N ARG K 62 37.09 19.25 -0.38
CA ARG K 62 38.18 18.60 -1.09
C ARG K 62 38.28 19.18 -2.50
N LYS K 63 37.17 19.74 -3.00
CA LYS K 63 37.13 20.35 -4.32
C LYS K 63 37.69 21.74 -4.22
N LEU K 64 37.25 22.49 -3.22
CA LEU K 64 37.74 23.85 -3.05
C LEU K 64 39.23 23.75 -2.87
N GLU K 65 39.67 22.78 -2.09
CA GLU K 65 41.09 22.60 -1.84
C GLU K 65 41.86 22.28 -3.11
N MET K 66 41.21 21.60 -4.04
CA MET K 66 41.85 21.25 -5.29
C MET K 66 41.86 22.34 -6.37
N HIS K 67 41.02 23.37 -6.22
CA HIS K 67 40.99 24.43 -7.23
C HIS K 67 41.17 25.85 -6.75
N GLN K 68 42.25 26.11 -6.04
CA GLN K 68 42.49 27.46 -5.58
C GLN K 68 41.23 28.10 -5.02
N GLY K 69 40.34 27.29 -4.45
CA GLY K 69 39.12 27.82 -3.88
C GLY K 69 38.21 28.62 -4.79
N HIS K 70 38.15 28.26 -6.07
CA HIS K 70 37.29 28.97 -7.00
C HIS K 70 35.85 28.46 -6.81
N LEU K 71 35.16 29.09 -5.87
CA LEU K 71 33.79 28.71 -5.54
C LEU K 71 33.05 28.13 -6.73
N LEU K 72 32.83 28.95 -7.74
CA LEU K 72 32.07 28.49 -8.89
C LEU K 72 32.54 27.17 -9.48
N LYS K 73 33.78 27.13 -9.97
CA LYS K 73 34.28 25.91 -10.57
C LYS K 73 34.18 24.73 -9.63
N SER K 74 34.80 24.82 -8.46
CA SER K 74 34.71 23.71 -7.52
C SER K 74 33.29 23.14 -7.52
N ALA K 75 32.29 23.99 -7.30
CA ALA K 75 30.91 23.54 -7.26
C ALA K 75 30.60 22.67 -8.47
N VAL K 76 30.80 23.22 -9.65
CA VAL K 76 30.53 22.50 -10.89
C VAL K 76 31.29 21.20 -10.90
N GLU K 77 32.60 21.28 -10.68
CA GLU K 77 33.47 20.11 -10.68
C GLU K 77 32.93 19.03 -9.78
N LEU K 78 32.28 19.45 -8.67
CA LEU K 78 31.66 18.52 -7.72
C LEU K 78 30.42 17.94 -8.38
N ALA K 79 29.64 18.82 -8.97
CA ALA K 79 28.42 18.42 -9.67
C ALA K 79 28.79 17.36 -10.69
N LYS K 80 29.87 17.59 -11.41
CA LYS K 80 30.34 16.64 -12.41
C LYS K 80 30.28 15.23 -11.85
N ASP K 81 30.95 15.04 -10.73
CA ASP K 81 31.01 13.74 -10.11
C ASP K 81 29.69 12.99 -10.04
N TRP K 82 28.56 13.66 -10.19
CA TRP K 82 27.30 12.92 -10.12
C TRP K 82 26.78 12.71 -11.51
N ARG K 83 27.10 13.65 -12.39
CA ARG K 83 26.63 13.62 -13.75
C ARG K 83 27.45 12.81 -14.72
N THR K 84 28.23 11.87 -14.17
CA THR K 84 29.08 11.00 -14.99
C THR K 84 28.31 9.76 -15.38
N ASP K 85 29.03 8.87 -16.05
CA ASP K 85 28.49 7.61 -16.53
C ASP K 85 28.42 6.64 -15.35
N ARG K 86 29.31 6.84 -14.39
CA ARG K 86 29.38 6.01 -13.19
C ARG K 86 28.30 6.45 -12.18
N ALA K 87 28.74 6.82 -10.98
CA ALA K 87 27.81 7.25 -9.92
C ALA K 87 28.56 7.71 -8.68
N LEU K 88 27.90 8.58 -7.92
CA LEU K 88 28.48 9.08 -6.71
C LEU K 88 27.42 8.95 -5.61
N ARG K 89 26.48 8.03 -5.81
CA ARG K 89 25.43 7.85 -4.80
C ARG K 89 24.61 9.12 -4.61
N LYS K 90 23.32 8.96 -4.37
CA LYS K 90 22.46 10.11 -4.12
C LYS K 90 22.74 10.53 -2.68
N LEU K 91 22.89 11.82 -2.45
CA LEU K 91 23.20 12.33 -1.12
C LEU K 91 22.09 13.24 -0.61
N GLU K 92 21.32 12.75 0.39
CA GLU K 92 20.16 13.46 0.99
C GLU K 92 20.41 14.84 1.62
N ALA K 93 21.06 15.77 0.93
CA ALA K 93 21.31 17.06 1.54
C ALA K 93 21.60 18.15 0.55
N MET K 94 21.69 19.37 1.05
CA MET K 94 21.99 20.50 0.21
C MET K 94 22.94 21.46 0.91
N LEU K 95 23.62 22.27 0.13
CA LEU K 95 24.56 23.21 0.67
C LEU K 95 24.28 24.56 0.10
N ILE K 96 24.66 25.58 0.84
CA ILE K 96 24.58 26.95 0.34
C ILE K 96 25.99 27.40 0.58
N VAL K 97 26.69 27.64 -0.52
CA VAL K 97 28.06 28.06 -0.44
C VAL K 97 28.16 29.43 -1.09
N ALA K 98 28.98 30.28 -0.50
CA ALA K 98 29.17 31.61 -1.03
C ALA K 98 30.43 32.21 -0.50
N ASP K 99 31.16 32.90 -1.39
CA ASP K 99 32.38 33.57 -1.00
C ASP K 99 32.22 35.03 -1.41
N GLU K 100 33.28 35.81 -1.24
CA GLU K 100 33.22 37.23 -1.57
C GLU K 100 32.50 37.54 -2.88
N LYS K 101 32.83 36.79 -3.94
CA LYS K 101 32.24 37.02 -5.27
C LYS K 101 30.97 36.22 -5.67
N GLU K 102 30.83 35.00 -5.17
CA GLU K 102 29.66 34.21 -5.55
C GLU K 102 28.79 33.74 -4.40
N SER K 103 27.65 33.15 -4.77
CA SER K 103 26.69 32.62 -3.84
C SER K 103 26.01 31.50 -4.61
N LEU K 104 26.17 30.26 -4.15
CA LEU K 104 25.60 29.13 -4.85
C LEU K 104 24.84 28.17 -3.96
N ILE K 105 24.18 27.20 -4.60
CA ILE K 105 23.43 26.19 -3.90
C ILE K 105 23.68 24.83 -4.57
N ILE K 106 24.13 23.86 -3.79
CA ILE K 106 24.44 22.55 -4.32
C ILE K 106 23.58 21.46 -3.70
N THR K 107 23.16 20.50 -4.50
CA THR K 107 22.35 19.40 -4.01
C THR K 107 23.09 18.07 -4.09
N GLY K 108 22.68 17.12 -3.24
CA GLY K 108 23.32 15.80 -3.22
C GLY K 108 23.18 14.99 -4.50
N ILE K 109 22.12 15.26 -5.27
CA ILE K 109 21.88 14.57 -6.52
C ILE K 109 22.87 15.12 -7.56
N GLY K 110 23.48 16.25 -7.25
CA GLY K 110 24.47 16.81 -8.14
C GLY K 110 24.10 17.84 -9.20
N ASP K 111 23.77 19.05 -8.77
CA ASP K 111 23.44 20.15 -9.69
C ASP K 111 23.64 21.43 -8.93
N VAL K 112 24.15 22.43 -9.61
CA VAL K 112 24.40 23.71 -8.97
C VAL K 112 23.29 24.64 -9.36
N VAL K 113 23.07 25.67 -8.56
CA VAL K 113 22.02 26.62 -8.86
C VAL K 113 22.40 28.02 -8.41
N GLN K 114 22.21 28.98 -9.31
CA GLN K 114 22.52 30.36 -9.01
C GLN K 114 21.28 30.99 -8.41
N PRO K 115 21.45 32.04 -7.62
CA PRO K 115 20.23 32.65 -7.06
C PRO K 115 19.52 33.39 -8.18
N GLU K 116 18.32 33.87 -7.90
CA GLU K 116 17.61 34.65 -8.90
C GLU K 116 18.37 36.00 -8.91
N GLU K 117 17.71 37.08 -9.31
CA GLU K 117 18.38 38.38 -9.36
C GLU K 117 18.65 39.02 -7.99
N ASP K 118 17.82 38.68 -6.99
CA ASP K 118 17.96 39.27 -5.65
C ASP K 118 19.09 38.70 -4.80
N GLN K 119 19.72 37.67 -5.33
CA GLN K 119 20.82 37.01 -4.64
C GLN K 119 20.42 36.59 -3.24
N ILE K 120 19.40 35.75 -3.15
CA ILE K 120 18.94 35.21 -1.89
C ILE K 120 18.75 33.73 -2.07
N LEU K 121 19.28 32.95 -1.13
CA LEU K 121 19.17 31.52 -1.18
C LEU K 121 18.70 30.99 0.16
N ALA K 122 17.90 29.92 0.11
CA ALA K 122 17.41 29.29 1.32
C ALA K 122 17.25 27.79 1.08
N ILE K 123 17.63 26.98 2.06
CA ILE K 123 17.46 25.55 1.92
C ILE K 123 16.97 25.02 3.25
N GLY K 124 16.42 23.81 3.23
CA GLY K 124 15.94 23.23 4.46
C GLY K 124 14.43 23.20 4.46
N SER K 125 13.85 22.62 5.51
CA SER K 125 12.41 22.53 5.61
C SER K 125 11.72 23.89 5.73
N GLY K 126 12.26 24.76 6.56
CA GLY K 126 11.65 26.08 6.71
C GLY K 126 12.30 27.10 5.80
N GLY K 127 12.80 26.61 4.67
CA GLY K 127 13.49 27.50 3.74
C GLY K 127 12.63 28.57 3.14
N ASN K 128 11.63 28.15 2.40
CA ASN K 128 10.74 29.08 1.74
C ASN K 128 10.27 30.13 2.71
N TYR K 129 10.05 29.74 3.97
CA TYR K 129 9.62 30.72 4.95
C TYR K 129 10.75 31.75 5.00
N ALA K 130 11.87 31.36 5.62
CA ALA K 130 13.02 32.25 5.71
C ALA K 130 13.15 33.03 4.40
N LEU K 131 12.89 32.35 3.30
CA LEU K 131 13.00 32.99 2.00
C LEU K 131 11.98 34.12 1.87
N SER K 132 10.71 33.76 1.84
CA SER K 132 9.64 34.73 1.72
C SER K 132 10.04 35.93 2.54
N ALA K 133 10.31 35.68 3.82
CA ALA K 133 10.70 36.74 4.72
C ALA K 133 11.83 37.57 4.10
N ALA K 134 12.98 36.95 3.84
CA ALA K 134 14.13 37.65 3.26
C ALA K 134 13.78 38.46 2.03
N ARG K 135 13.08 37.83 1.09
CA ARG K 135 12.67 38.51 -0.14
C ARG K 135 11.91 39.79 0.23
N ALA K 136 10.98 39.67 1.17
CA ALA K 136 10.20 40.82 1.64
C ALA K 136 11.11 41.93 2.19
N LEU K 137 11.94 41.58 3.16
CA LEU K 137 12.85 42.54 3.75
C LEU K 137 13.87 43.11 2.79
N VAL K 138 14.15 42.41 1.70
CA VAL K 138 15.12 42.93 0.78
C VAL K 138 14.44 43.90 -0.17
N GLU K 139 13.23 43.56 -0.58
CA GLU K 139 12.46 44.39 -1.52
C GLU K 139 11.84 45.64 -0.88
N ASN K 140 11.52 45.57 0.41
CA ASN K 140 10.90 46.71 1.09
C ASN K 140 11.66 47.34 2.26
N THR K 141 12.98 47.36 2.21
CA THR K 141 13.78 47.99 3.27
C THR K 141 15.25 48.04 3.01
N GLU K 142 15.88 49.12 3.46
CA GLU K 142 17.32 49.33 3.30
C GLU K 142 17.99 48.68 4.50
N LEU K 143 17.51 47.49 4.85
CA LEU K 143 18.02 46.72 5.97
C LEU K 143 19.32 46.01 5.70
N SER K 144 20.14 45.86 6.75
CA SER K 144 21.42 45.17 6.65
C SER K 144 21.27 43.72 6.20
N ALA K 145 22.21 43.28 5.36
CA ALA K 145 22.19 41.91 4.87
C ALA K 145 22.13 40.97 6.06
N HIS K 146 23.15 41.04 6.91
CA HIS K 146 23.22 40.23 8.12
C HIS K 146 21.87 40.26 8.81
N GLU K 147 21.37 41.45 9.10
CA GLU K 147 20.09 41.59 9.78
C GLU K 147 18.94 40.83 9.14
N ILE K 148 18.76 40.97 7.83
CA ILE K 148 17.67 40.23 7.19
C ILE K 148 17.75 38.74 7.56
N VAL K 149 18.93 38.16 7.38
CA VAL K 149 19.15 36.77 7.71
C VAL K 149 18.63 36.49 9.11
N GLU K 150 19.14 37.23 10.07
CA GLU K 150 18.78 37.11 11.47
C GLU K 150 17.26 37.04 11.60
N LYS K 151 16.58 38.06 11.07
CA LYS K 151 15.12 38.14 11.18
C LYS K 151 14.37 37.01 10.49
N SER K 152 14.76 36.70 9.25
CA SER K 152 14.12 35.64 8.49
C SER K 152 14.30 34.28 9.13
N LEU K 153 15.45 34.02 9.73
CA LEU K 153 15.66 32.74 10.40
C LEU K 153 14.62 32.64 11.47
N ARG K 154 14.45 33.72 12.22
CA ARG K 154 13.47 33.71 13.27
C ARG K 154 12.11 33.37 12.68
N ILE K 155 11.55 34.30 11.90
CA ILE K 155 10.24 34.09 11.29
C ILE K 155 10.03 32.64 10.89
N ALA K 156 11.06 32.04 10.30
CA ALA K 156 11.01 30.66 9.86
C ALA K 156 11.03 29.68 11.02
N GLY K 157 11.97 29.86 11.95
CA GLY K 157 12.01 28.95 13.08
C GLY K 157 10.69 28.96 13.86
N ASP K 158 9.94 30.05 13.70
CA ASP K 158 8.67 30.24 14.37
C ASP K 158 7.52 29.54 13.67
N ILE K 159 7.72 29.22 12.39
CA ILE K 159 6.68 28.54 11.63
C ILE K 159 6.97 27.05 11.48
N CYS K 160 8.25 26.70 11.45
CA CYS K 160 8.64 25.31 11.31
C CYS K 160 8.89 24.60 12.62
N VAL K 161 8.34 23.40 12.74
CA VAL K 161 8.53 22.65 13.97
C VAL K 161 9.92 22.04 14.00
N PHE K 162 10.58 22.04 12.86
CA PHE K 162 11.92 21.47 12.79
C PHE K 162 13.00 22.50 12.76
N THR K 163 12.69 23.72 13.21
CA THR K 163 13.67 24.81 13.24
C THR K 163 13.54 25.57 14.54
N ASN K 164 14.67 25.82 15.20
CA ASN K 164 14.67 26.55 16.46
C ASN K 164 15.16 27.96 16.26
N THR K 165 15.40 28.67 17.34
CA THR K 165 15.86 30.03 17.22
C THR K 165 17.32 30.22 17.55
N ASN K 166 17.98 29.15 18.00
CA ASN K 166 19.40 29.21 18.32
C ASN K 166 20.10 29.20 16.97
N PHE K 167 20.56 30.37 16.55
CA PHE K 167 21.22 30.55 15.27
C PHE K 167 22.74 30.53 15.27
N THR K 168 23.26 30.48 14.06
CA THR K 168 24.70 30.48 13.83
C THR K 168 24.79 31.23 12.51
N ILE K 169 25.47 32.37 12.53
CA ILE K 169 25.58 33.16 11.34
C ILE K 169 27.00 33.56 11.07
N GLU K 170 27.37 33.51 9.80
CA GLU K 170 28.70 33.89 9.35
C GLU K 170 28.50 34.78 8.13
N GLU K 171 29.17 35.94 8.17
CA GLU K 171 29.10 36.90 7.08
C GLU K 171 30.48 37.03 6.47
N LEU K 172 30.55 37.51 5.23
CA LEU K 172 31.85 37.65 4.60
C LEU K 172 32.30 39.09 4.40
N PRO K 173 33.07 39.62 5.37
CA PRO K 173 33.54 41.00 5.24
C PRO K 173 34.18 41.17 3.86
N THR L 1 7.83 21.28 -16.35
CA THR L 1 8.52 22.09 -17.40
C THR L 1 7.80 21.90 -18.73
N THR L 2 8.09 22.76 -19.69
CA THR L 2 7.48 22.64 -21.01
C THR L 2 8.43 23.07 -22.13
N ILE L 3 8.69 22.15 -23.04
CA ILE L 3 9.57 22.44 -24.15
C ILE L 3 8.91 22.00 -25.43
N VAL L 4 8.87 22.93 -26.38
CA VAL L 4 8.27 22.60 -27.65
C VAL L 4 9.12 23.18 -28.79
N SER L 5 9.14 22.46 -29.91
CA SER L 5 9.91 22.87 -31.06
C SER L 5 9.17 22.65 -32.37
N VAL L 6 9.01 23.74 -33.11
CA VAL L 6 8.34 23.70 -34.39
C VAL L 6 9.30 24.15 -35.46
N ARG L 7 9.04 23.67 -36.68
CA ARG L 7 9.89 23.98 -37.81
C ARG L 7 9.00 24.10 -39.05
N ARG L 8 9.26 25.15 -39.84
CA ARG L 8 8.53 25.43 -41.08
C ARG L 8 9.22 26.60 -41.77
N ASN L 9 9.55 26.42 -43.05
CA ASN L 9 10.24 27.45 -43.84
C ASN L 9 11.74 27.55 -43.53
N GLY L 10 12.42 26.40 -43.55
CA GLY L 10 13.85 26.35 -43.27
C GLY L 10 14.24 26.89 -41.91
N GLN L 11 13.24 26.98 -41.04
CA GLN L 11 13.43 27.49 -39.68
C GLN L 11 13.10 26.41 -38.65
N VAL L 12 13.93 26.31 -37.63
CA VAL L 12 13.71 25.35 -36.57
C VAL L 12 13.84 26.12 -35.30
N VAL L 13 12.88 25.97 -34.41
CA VAL L 13 12.99 26.66 -33.14
C VAL L 13 12.64 25.76 -31.99
N VAL L 14 13.39 25.96 -30.92
CA VAL L 14 13.18 25.17 -29.74
C VAL L 14 13.01 26.14 -28.58
N GLY L 15 11.87 26.05 -27.90
CA GLY L 15 11.64 26.93 -26.78
C GLY L 15 11.06 26.23 -25.56
N GLY L 16 11.35 26.77 -24.39
CA GLY L 16 10.85 26.18 -23.17
C GLY L 16 10.70 27.23 -22.09
N ASP L 17 10.01 26.90 -21.01
CA ASP L 17 9.84 27.88 -19.96
C ASP L 17 11.12 28.02 -19.13
N GLY L 18 10.97 28.36 -17.85
CA GLY L 18 12.11 28.55 -16.98
C GLY L 18 11.79 28.36 -15.51
N GLN L 19 10.68 27.69 -15.23
CA GLN L 19 10.25 27.46 -13.87
C GLN L 19 10.81 26.17 -13.32
N VAL L 20 11.66 26.29 -12.33
CA VAL L 20 12.23 25.11 -11.71
C VAL L 20 11.41 24.83 -10.46
N SER L 21 10.44 23.94 -10.59
CA SER L 21 9.58 23.59 -9.48
C SER L 21 10.29 22.57 -8.62
N LEU L 22 10.03 22.59 -7.33
CA LEU L 22 10.65 21.64 -6.40
C LEU L 22 9.51 21.18 -5.53
N GLY L 23 8.91 20.06 -5.88
CA GLY L 23 7.78 19.61 -5.10
C GLY L 23 6.69 20.52 -5.60
N ASN L 24 6.13 21.35 -4.72
CA ASN L 24 5.08 22.26 -5.13
C ASN L 24 5.49 23.73 -4.90
N THR L 25 6.77 23.94 -4.62
CA THR L 25 7.33 25.25 -4.40
C THR L 25 8.18 25.55 -5.64
N VAL L 26 8.68 26.78 -5.75
CA VAL L 26 9.48 27.11 -6.91
C VAL L 26 10.85 27.62 -6.52
N MET L 27 11.87 26.82 -6.78
CA MET L 27 13.24 27.18 -6.45
C MET L 27 13.80 28.29 -7.31
N LYS L 28 13.30 28.38 -8.53
CA LYS L 28 13.77 29.41 -9.42
C LYS L 28 12.77 29.58 -10.56
N GLY L 29 12.72 30.79 -11.13
CA GLY L 29 11.79 31.08 -12.23
C GLY L 29 12.44 31.52 -13.53
N ASN L 30 13.74 31.78 -13.53
CA ASN L 30 14.42 32.24 -14.73
C ASN L 30 15.44 31.28 -15.33
N ALA L 31 15.19 29.97 -15.30
CA ALA L 31 16.15 29.02 -15.83
C ALA L 31 16.12 28.96 -17.35
N ARG L 32 17.24 28.54 -17.95
CA ARG L 32 17.32 28.43 -19.40
C ARG L 32 17.27 26.95 -19.74
N LYS L 33 16.10 26.44 -20.08
CA LYS L 33 15.97 25.02 -20.38
C LYS L 33 16.35 24.61 -21.80
N VAL L 34 16.84 25.57 -22.58
CA VAL L 34 17.23 25.26 -23.95
C VAL L 34 18.55 25.96 -24.27
N ARG L 35 19.53 25.21 -24.75
CA ARG L 35 20.81 25.83 -25.04
C ARG L 35 21.32 25.38 -26.38
N ARG L 36 22.47 25.92 -26.78
CA ARG L 36 23.07 25.60 -28.07
C ARG L 36 24.27 24.68 -27.84
N LEU L 37 24.49 23.71 -28.73
CA LEU L 37 25.61 22.76 -28.64
C LEU L 37 26.48 22.70 -29.90
N TYR L 38 27.61 22.02 -29.80
CA TYR L 38 28.49 21.87 -30.97
C TYR L 38 28.63 23.16 -31.78
N ASN L 39 29.31 24.14 -31.20
CA ASN L 39 29.55 25.42 -31.88
C ASN L 39 28.27 25.98 -32.48
N GLY L 40 27.34 26.36 -31.60
CA GLY L 40 26.07 26.92 -32.01
C GLY L 40 25.41 26.41 -33.28
N LYS L 41 25.41 25.10 -33.49
CA LYS L 41 24.78 24.59 -34.71
C LYS L 41 23.67 23.57 -34.39
N VAL L 42 23.44 23.30 -33.11
CA VAL L 42 22.39 22.38 -32.73
C VAL L 42 21.61 22.92 -31.54
N LEU L 43 20.29 22.74 -31.59
CA LEU L 43 19.44 23.21 -30.51
C LEU L 43 19.13 22.05 -29.63
N ALA L 44 19.06 22.30 -28.33
CA ALA L 44 18.79 21.24 -27.38
C ALA L 44 18.00 21.74 -26.20
N GLY L 45 16.83 21.15 -26.01
CA GLY L 45 16.00 21.55 -24.90
C GLY L 45 15.86 20.32 -24.06
N PHE L 46 15.98 20.50 -22.75
CA PHE L 46 15.87 19.36 -21.87
C PHE L 46 14.82 19.52 -20.83
N ALA L 47 14.15 18.43 -20.50
CA ALA L 47 13.12 18.48 -19.51
C ALA L 47 13.16 17.19 -18.72
N GLY L 48 13.14 17.32 -17.40
CA GLY L 48 13.19 16.17 -16.53
C GLY L 48 13.80 16.65 -15.25
N GLY L 49 14.60 15.80 -14.61
CA GLY L 49 15.21 16.17 -13.35
C GLY L 49 16.35 17.15 -13.54
N THR L 50 16.28 18.30 -12.89
CA THR L 50 17.33 19.31 -13.00
C THR L 50 18.74 18.70 -13.29
N ALA L 51 19.12 17.65 -12.55
CA ALA L 51 20.41 17.00 -12.73
C ALA L 51 20.35 16.15 -14.00
N ASP L 52 19.73 14.98 -13.89
CA ASP L 52 19.57 14.03 -15.00
C ASP L 52 19.40 14.78 -16.33
N ALA L 53 18.68 15.89 -16.30
CA ALA L 53 18.49 16.68 -17.50
C ALA L 53 19.89 16.97 -17.97
N PHE L 54 20.63 17.73 -17.19
CA PHE L 54 21.98 18.03 -17.57
C PHE L 54 22.78 16.80 -17.93
N THR L 55 22.78 15.81 -17.04
CA THR L 55 23.57 14.64 -17.37
C THR L 55 23.20 14.05 -18.75
N LEU L 56 21.91 14.01 -19.11
CA LEU L 56 21.50 13.49 -20.41
C LEU L 56 22.10 14.42 -21.45
N PHE L 57 21.60 15.65 -21.44
CA PHE L 57 22.08 16.72 -22.32
C PHE L 57 23.60 16.68 -22.50
N GLU L 58 24.31 16.52 -21.40
CA GLU L 58 25.75 16.49 -21.45
C GLU L 58 26.32 15.29 -22.15
N LEU L 59 25.59 14.19 -22.18
CA LEU L 59 26.11 13.02 -22.87
C LEU L 59 25.93 13.19 -24.34
N PHE L 60 24.80 13.78 -24.72
CA PHE L 60 24.50 13.95 -26.13
C PHE L 60 25.55 14.83 -26.78
N GLU L 61 26.11 15.75 -26.01
CA GLU L 61 27.12 16.63 -26.58
C GLU L 61 28.34 15.83 -26.90
N ARG L 62 28.82 15.08 -25.91
CA ARG L 62 29.97 14.23 -26.09
C ARG L 62 29.82 13.61 -27.47
N LYS L 63 28.69 12.94 -27.64
CA LYS L 63 28.39 12.27 -28.89
C LYS L 63 28.49 13.22 -30.08
N LEU L 64 27.86 14.38 -29.99
CA LEU L 64 27.95 15.32 -31.10
C LEU L 64 29.40 15.62 -31.34
N GLU L 65 30.14 15.84 -30.24
CA GLU L 65 31.55 16.17 -30.35
C GLU L 65 32.31 15.05 -31.02
N MET L 66 31.93 13.80 -30.73
CA MET L 66 32.62 12.67 -31.31
C MET L 66 32.27 12.36 -32.74
N HIS L 67 31.17 12.91 -33.27
CA HIS L 67 30.75 12.64 -34.66
C HIS L 67 30.48 13.79 -35.61
N GLN L 68 31.44 14.68 -35.73
CA GLN L 68 31.29 15.82 -36.63
C GLN L 68 29.90 16.43 -36.51
N GLY L 69 29.31 16.34 -35.33
CA GLY L 69 28.00 16.92 -35.16
C GLY L 69 26.91 16.44 -36.08
N HIS L 70 26.86 15.14 -36.33
CA HIS L 70 25.80 14.58 -37.15
C HIS L 70 24.63 14.28 -36.20
N LEU L 71 23.74 15.25 -36.09
CA LEU L 71 22.59 15.16 -35.20
C LEU L 71 22.06 13.76 -35.13
N LEU L 72 21.50 13.31 -36.23
CA LEU L 72 20.90 11.98 -36.28
C LEU L 72 21.75 10.86 -35.67
N LYS L 73 22.90 10.58 -36.28
CA LYS L 73 23.77 9.52 -35.77
C LYS L 73 24.07 9.69 -34.29
N SER L 74 24.60 10.85 -33.93
CA SER L 74 24.91 11.13 -32.54
C SER L 74 23.79 10.60 -31.66
N ALA L 75 22.56 11.00 -31.96
CA ALA L 75 21.41 10.57 -31.16
C ALA L 75 21.38 9.08 -31.03
N VAL L 76 21.35 8.40 -32.16
CA VAL L 76 21.32 6.94 -32.16
C VAL L 76 22.48 6.33 -31.39
N GLU L 77 23.69 6.76 -31.70
CA GLU L 77 24.88 6.28 -31.02
C GLU L 77 24.66 6.42 -29.54
N LEU L 78 24.00 7.49 -29.12
CA LEU L 78 23.72 7.72 -27.71
C LEU L 78 22.70 6.72 -27.25
N ALA L 79 21.59 6.68 -27.95
CA ALA L 79 20.52 5.75 -27.59
C ALA L 79 21.11 4.34 -27.48
N LYS L 80 21.93 4.00 -28.45
CA LYS L 80 22.53 2.69 -28.46
C LYS L 80 23.06 2.33 -27.07
N ASP L 81 23.79 3.24 -26.46
CA ASP L 81 24.40 2.98 -25.15
C ASP L 81 23.51 2.41 -24.05
N TRP L 82 22.20 2.43 -24.23
CA TRP L 82 21.33 1.88 -23.22
C TRP L 82 20.88 0.52 -23.69
N ARG L 83 20.69 0.41 -25.01
CA ARG L 83 20.22 -0.80 -25.67
C ARG L 83 21.23 -1.91 -25.81
N THR L 84 22.18 -1.96 -24.89
CA THR L 84 23.22 -2.96 -24.93
C THR L 84 22.99 -4.05 -23.89
N ASP L 85 23.70 -5.15 -24.02
CA ASP L 85 23.59 -6.24 -23.04
C ASP L 85 23.98 -5.63 -21.70
N ARG L 86 24.78 -4.56 -21.78
CA ARG L 86 25.28 -3.80 -20.63
C ARG L 86 24.14 -2.97 -20.05
N ALA L 87 24.26 -1.65 -20.20
CA ALA L 87 23.26 -0.67 -19.74
C ALA L 87 23.91 0.59 -19.14
N LEU L 88 23.15 1.68 -19.13
CA LEU L 88 23.61 2.94 -18.57
C LEU L 88 22.66 3.26 -17.42
N ARG L 89 23.04 4.23 -16.58
CA ARG L 89 22.23 4.60 -15.41
C ARG L 89 20.73 4.55 -15.58
N LYS L 90 20.23 5.25 -16.59
CA LYS L 90 18.80 5.34 -16.89
C LYS L 90 18.30 6.65 -16.31
N LEU L 91 18.66 7.71 -17.02
CA LEU L 91 18.36 9.11 -16.73
C LEU L 91 16.93 9.51 -16.94
N GLU L 92 16.37 10.14 -15.89
CA GLU L 92 14.99 10.62 -15.83
C GLU L 92 14.77 11.94 -16.57
N ALA L 93 14.99 11.98 -17.87
CA ALA L 93 14.80 13.23 -18.58
C ALA L 93 14.73 13.00 -20.08
N MET L 94 14.23 13.99 -20.80
CA MET L 94 14.16 13.88 -22.24
C MET L 94 14.80 15.12 -22.86
N LEU L 95 15.16 15.02 -24.12
CA LEU L 95 15.78 16.14 -24.79
C LEU L 95 15.09 16.30 -26.08
N ILE L 96 15.09 17.51 -26.60
CA ILE L 96 14.55 17.74 -27.92
C ILE L 96 15.75 18.35 -28.61
N VAL L 97 16.27 17.67 -29.60
CA VAL L 97 17.43 18.20 -30.27
C VAL L 97 17.02 18.49 -31.69
N ALA L 98 17.68 19.47 -32.30
CA ALA L 98 17.36 19.82 -33.67
C ALA L 98 18.39 20.79 -34.18
N ASP L 99 18.82 20.50 -35.42
CA ASP L 99 19.79 21.31 -36.14
C ASP L 99 19.18 21.71 -37.48
N GLU L 100 19.94 22.44 -38.29
CA GLU L 100 19.46 22.88 -39.59
C GLU L 100 18.65 21.83 -40.34
N LYS L 101 19.14 20.59 -40.37
CA LYS L 101 18.48 19.50 -41.11
C LYS L 101 17.49 18.58 -40.39
N GLU L 102 17.76 18.27 -39.12
CA GLU L 102 16.88 17.37 -38.38
C GLU L 102 16.25 17.96 -37.15
N SER L 103 15.40 17.17 -36.52
CA SER L 103 14.71 17.55 -35.32
C SER L 103 14.43 16.20 -34.67
N LEU L 104 14.85 16.00 -33.44
CA LEU L 104 14.65 14.73 -32.78
C LEU L 104 14.30 14.89 -31.32
N ILE L 105 13.98 13.76 -30.70
CA ILE L 105 13.63 13.77 -29.30
C ILE L 105 14.27 12.54 -28.68
N ILE L 106 15.11 12.74 -27.67
CA ILE L 106 15.81 11.62 -27.03
C ILE L 106 15.46 11.43 -25.57
N THR L 107 15.23 10.17 -25.18
CA THR L 107 14.87 9.89 -23.79
C THR L 107 15.98 9.27 -22.97
N GLY L 108 15.88 9.41 -21.65
CA GLY L 108 16.86 8.87 -20.73
C GLY L 108 16.88 7.35 -20.71
N ILE L 109 15.78 6.72 -21.08
CA ILE L 109 15.71 5.26 -21.11
C ILE L 109 16.46 4.76 -22.33
N GLY L 110 16.69 5.68 -23.26
CA GLY L 110 17.45 5.37 -24.46
C GLY L 110 16.78 5.07 -25.78
N ASP L 111 16.06 6.02 -26.34
CA ASP L 111 15.44 5.78 -27.63
C ASP L 111 15.26 7.12 -28.31
N VAL L 112 15.38 7.15 -29.63
CA VAL L 112 15.23 8.37 -30.40
C VAL L 112 13.88 8.33 -31.02
N VAL L 113 13.36 9.48 -31.37
CA VAL L 113 12.05 9.52 -32.00
C VAL L 113 11.99 10.69 -32.98
N GLN L 114 11.41 10.44 -34.15
CA GLN L 114 11.29 11.50 -35.15
C GLN L 114 9.90 12.12 -35.02
N PRO L 115 9.75 13.39 -35.40
CA PRO L 115 8.43 13.99 -35.28
C PRO L 115 7.48 13.32 -36.26
N GLU L 116 6.19 13.64 -36.18
CA GLU L 116 5.25 13.10 -37.14
C GLU L 116 5.38 14.02 -38.35
N GLU L 117 4.48 13.91 -39.32
CA GLU L 117 4.61 14.75 -40.53
C GLU L 117 4.71 16.27 -40.37
N ASP L 118 4.09 16.84 -39.34
CA ASP L 118 4.13 18.29 -39.14
C ASP L 118 5.42 18.86 -38.56
N GLN L 119 6.35 18.00 -38.14
CA GLN L 119 7.65 18.35 -37.59
C GLN L 119 7.50 19.24 -36.35
N ILE L 120 6.79 18.75 -35.34
CA ILE L 120 6.61 19.47 -34.10
C ILE L 120 6.86 18.50 -32.97
N LEU L 121 7.66 18.93 -32.01
CA LEU L 121 8.00 18.10 -30.87
C LEU L 121 7.79 18.91 -29.62
N ALA L 122 7.40 18.21 -28.56
CA ALA L 122 7.17 18.83 -27.26
C ALA L 122 7.42 17.81 -26.17
N ILE L 123 8.05 18.27 -25.09
CA ILE L 123 8.34 17.43 -23.94
C ILE L 123 8.12 18.20 -22.65
N GLY L 124 7.99 17.45 -21.58
CA GLY L 124 7.78 18.08 -20.29
C GLY L 124 6.39 17.77 -19.82
N SER L 125 6.02 18.35 -18.69
CA SER L 125 4.71 18.17 -18.09
C SER L 125 3.66 18.91 -18.92
N GLY L 126 3.97 20.13 -19.34
CA GLY L 126 3.03 20.90 -20.13
C GLY L 126 3.24 20.69 -21.62
N GLY L 127 3.81 19.55 -21.98
CA GLY L 127 4.08 19.25 -23.37
C GLY L 127 2.87 19.22 -24.26
N ASN L 128 2.02 18.21 -24.06
CA ASN L 128 0.84 18.05 -24.88
C ASN L 128 0.08 19.35 -25.08
N TYR L 129 0.09 20.19 -24.07
CA TYR L 129 -0.59 21.46 -24.17
C TYR L 129 0.13 22.18 -25.30
N ALA L 130 1.38 22.58 -25.03
CA ALA L 130 2.17 23.29 -26.02
C ALA L 130 1.99 22.62 -27.35
N LEU L 131 1.95 21.30 -27.33
CA LEU L 131 1.78 20.59 -28.56
C LEU L 131 0.45 20.97 -29.19
N SER L 132 -0.65 20.56 -28.53
CA SER L 132 -2.01 20.83 -28.98
C SER L 132 -2.06 22.21 -29.60
N ALA L 133 -1.54 23.17 -28.85
CA ALA L 133 -1.49 24.54 -29.30
C ALA L 133 -0.76 24.61 -30.65
N ALA L 134 0.51 24.27 -30.64
CA ALA L 134 1.32 24.32 -31.83
C ALA L 134 0.60 23.67 -33.00
N ARG L 135 0.28 22.39 -32.86
CA ARG L 135 -0.40 21.67 -33.93
C ARG L 135 -1.48 22.55 -34.55
N ALA L 136 -2.34 23.12 -33.72
CA ALA L 136 -3.42 23.99 -34.18
C ALA L 136 -2.91 25.18 -34.97
N LEU L 137 -1.94 25.89 -34.42
CA LEU L 137 -1.39 27.05 -35.10
C LEU L 137 -0.65 26.68 -36.36
N VAL L 138 -0.12 25.48 -36.44
CA VAL L 138 0.59 25.15 -37.65
C VAL L 138 -0.39 24.79 -38.72
N GLU L 139 -1.41 24.01 -38.35
CA GLU L 139 -2.41 23.57 -39.31
C GLU L 139 -3.38 24.67 -39.75
N ASN L 140 -3.66 25.65 -38.90
CA ASN L 140 -4.60 26.71 -39.25
C ASN L 140 -4.07 28.13 -39.35
N THR L 141 -2.84 28.30 -39.80
CA THR L 141 -2.27 29.64 -39.95
C THR L 141 -0.88 29.66 -40.54
N GLU L 142 -0.62 30.70 -41.34
CA GLU L 142 0.67 30.87 -41.99
C GLU L 142 1.57 31.64 -41.05
N LEU L 143 1.49 31.28 -39.77
CA LEU L 143 2.26 31.89 -38.70
C LEU L 143 3.74 31.53 -38.70
N SER L 144 4.58 32.43 -38.21
CA SER L 144 6.02 32.18 -38.14
C SER L 144 6.32 31.03 -37.20
N ALA L 145 7.32 30.23 -37.56
CA ALA L 145 7.67 29.08 -36.73
C ALA L 145 7.97 29.57 -35.32
N HIS L 146 8.90 30.51 -35.21
CA HIS L 146 9.28 31.07 -33.91
C HIS L 146 8.05 31.56 -33.13
N GLU L 147 7.16 32.26 -33.81
CA GLU L 147 5.95 32.77 -33.17
C GLU L 147 5.10 31.63 -32.60
N ILE L 148 4.88 30.58 -33.38
CA ILE L 148 4.08 29.48 -32.85
C ILE L 148 4.64 28.99 -31.52
N VAL L 149 5.95 28.79 -31.46
CA VAL L 149 6.60 28.34 -30.24
C VAL L 149 6.20 29.27 -29.10
N GLU L 150 6.42 30.57 -29.33
CA GLU L 150 6.11 31.63 -28.37
C GLU L 150 4.68 31.50 -27.83
N LYS L 151 3.70 31.50 -28.74
CA LYS L 151 2.28 31.41 -28.39
C LYS L 151 1.85 30.15 -27.63
N SER L 152 2.38 29.00 -28.08
CA SER L 152 2.08 27.70 -27.49
C SER L 152 2.70 27.55 -26.11
N LEU L 153 3.92 28.04 -25.95
CA LEU L 153 4.56 27.94 -24.65
C LEU L 153 3.63 28.59 -23.65
N ARG L 154 3.18 29.80 -23.99
CA ARG L 154 2.30 30.52 -23.09
C ARG L 154 1.08 29.67 -22.79
N ILE L 155 0.25 29.43 -23.80
CA ILE L 155 -0.95 28.63 -23.60
C ILE L 155 -0.69 27.52 -22.59
N ALA L 156 0.43 26.84 -22.76
CA ALA L 156 0.81 25.73 -21.89
C ALA L 156 1.12 26.21 -20.49
N GLY L 157 2.04 27.17 -20.40
CA GLY L 157 2.40 27.68 -19.10
C GLY L 157 1.18 28.11 -18.32
N ASP L 158 0.16 28.56 -19.04
CA ASP L 158 -1.07 29.03 -18.44
C ASP L 158 -1.94 27.88 -17.94
N ILE L 159 -1.68 26.69 -18.47
CA ILE L 159 -2.44 25.53 -18.06
C ILE L 159 -1.66 24.64 -17.11
N CYS L 160 -0.34 24.71 -17.16
CA CYS L 160 0.47 23.91 -16.27
C CYS L 160 0.97 24.66 -15.04
N VAL L 161 0.81 24.04 -13.88
CA VAL L 161 1.24 24.66 -12.63
C VAL L 161 2.74 24.61 -12.54
N PHE L 162 3.32 23.72 -13.32
CA PHE L 162 4.76 23.58 -13.29
C PHE L 162 5.49 24.25 -14.44
N THR L 163 4.82 25.21 -15.07
CA THR L 163 5.43 25.94 -16.16
C THR L 163 5.06 27.42 -16.02
N ASN L 164 6.05 28.27 -16.21
CA ASN L 164 5.86 29.72 -16.11
C ASN L 164 5.90 30.34 -17.49
N THR L 165 5.86 31.65 -17.54
CA THR L 165 5.87 32.33 -18.81
C THR L 165 7.22 32.95 -19.14
N ASN L 166 8.20 32.81 -18.25
CA ASN L 166 9.52 33.36 -18.54
C ASN L 166 10.16 32.32 -19.46
N PHE L 167 10.23 32.66 -20.75
CA PHE L 167 10.75 31.74 -21.74
C PHE L 167 12.19 31.98 -22.14
N THR L 168 12.71 31.05 -22.94
CA THR L 168 14.05 31.08 -23.48
C THR L 168 13.88 30.41 -24.82
N ILE L 169 14.07 31.16 -25.90
CA ILE L 169 13.89 30.57 -27.22
C ILE L 169 15.08 30.73 -28.12
N GLU L 170 15.45 29.63 -28.80
CA GLU L 170 16.58 29.61 -29.73
C GLU L 170 16.08 29.05 -31.05
N GLU L 171 16.37 29.77 -32.14
CA GLU L 171 15.96 29.35 -33.47
C GLU L 171 17.20 29.10 -34.29
N LEU L 172 17.05 28.36 -35.37
CA LEU L 172 18.19 28.06 -36.21
C LEU L 172 18.13 28.74 -37.56
N PRO L 173 18.82 29.89 -37.68
CA PRO L 173 18.80 30.56 -38.98
C PRO L 173 19.30 29.58 -40.02
N THR M 1 -16.38 -15.80 -17.03
CA THR M 1 -17.70 -15.74 -17.73
C THR M 1 -17.50 -15.04 -19.07
N THR M 2 -18.23 -15.48 -20.08
CA THR M 2 -18.16 -14.88 -21.41
C THR M 2 -19.52 -14.94 -22.08
N ILE M 3 -20.20 -13.81 -22.13
CA ILE M 3 -21.53 -13.76 -22.72
C ILE M 3 -21.52 -12.94 -24.00
N VAL M 4 -21.84 -13.58 -25.13
CA VAL M 4 -21.87 -12.85 -26.38
C VAL M 4 -23.19 -13.04 -27.12
N SER M 5 -23.62 -12.03 -27.86
CA SER M 5 -24.88 -12.08 -28.61
C SER M 5 -24.80 -11.46 -30.00
N VAL M 6 -25.18 -12.24 -30.99
CA VAL M 6 -25.15 -11.77 -32.38
C VAL M 6 -26.54 -11.80 -32.96
N ARG M 7 -26.85 -10.78 -33.75
CA ARG M 7 -28.16 -10.65 -34.39
C ARG M 7 -27.99 -10.50 -35.89
N ARG M 8 -28.42 -11.51 -36.64
CA ARG M 8 -28.32 -11.48 -38.10
C ARG M 8 -29.38 -12.38 -38.73
N ASN M 9 -30.12 -11.84 -39.70
CA ASN M 9 -31.17 -12.58 -40.40
C ASN M 9 -32.40 -12.81 -39.51
N GLY M 10 -32.93 -11.72 -38.94
CA GLY M 10 -34.09 -11.85 -38.09
C GLY M 10 -33.89 -12.85 -36.95
N GLN M 11 -32.63 -13.25 -36.75
CA GLN M 11 -32.28 -14.19 -35.70
C GLN M 11 -31.51 -13.49 -34.59
N VAL M 12 -31.86 -13.78 -33.35
CA VAL M 12 -31.18 -13.19 -32.21
C VAL M 12 -30.76 -14.32 -31.28
N VAL M 13 -29.46 -14.39 -31.00
CA VAL M 13 -28.94 -15.43 -30.12
C VAL M 13 -28.11 -14.84 -28.99
N VAL M 14 -28.10 -15.55 -27.87
CA VAL M 14 -27.33 -15.11 -26.72
C VAL M 14 -26.73 -16.31 -26.03
N GLY M 15 -25.41 -16.43 -26.14
CA GLY M 15 -24.70 -17.53 -25.53
C GLY M 15 -23.75 -17.10 -24.45
N GLY M 16 -23.40 -18.07 -23.60
CA GLY M 16 -22.50 -17.82 -22.50
C GLY M 16 -21.99 -19.16 -22.01
N ASP M 17 -20.81 -19.17 -21.41
CA ASP M 17 -20.21 -20.42 -20.93
C ASP M 17 -20.98 -20.97 -19.75
N GLY M 18 -20.23 -21.63 -18.86
CA GLY M 18 -20.85 -22.20 -17.67
C GLY M 18 -19.82 -22.51 -16.59
N GLN M 19 -18.82 -21.64 -16.48
CA GLN M 19 -17.79 -21.84 -15.48
C GLN M 19 -17.94 -20.92 -14.28
N VAL M 20 -18.37 -21.48 -13.16
CA VAL M 20 -18.53 -20.68 -11.96
C VAL M 20 -17.15 -20.71 -11.34
N SER M 21 -16.39 -19.65 -11.56
CA SER M 21 -15.04 -19.56 -11.04
C SER M 21 -15.05 -18.86 -9.69
N LEU M 22 -14.31 -19.42 -8.74
CA LEU M 22 -14.20 -18.84 -7.41
C LEU M 22 -12.72 -18.66 -7.09
N GLY M 23 -12.22 -17.43 -7.16
CA GLY M 23 -10.81 -17.22 -6.92
C GLY M 23 -10.10 -17.71 -8.17
N ASN M 24 -9.32 -18.78 -8.05
CA ASN M 24 -8.63 -19.35 -9.22
C ASN M 24 -9.03 -20.81 -9.35
N THR M 25 -10.06 -21.20 -8.61
CA THR M 25 -10.57 -22.57 -8.67
C THR M 25 -11.91 -22.61 -9.41
N VAL M 26 -12.47 -23.80 -9.55
CA VAL M 26 -13.74 -23.94 -10.25
C VAL M 26 -14.76 -24.68 -9.40
N MET M 27 -15.78 -23.94 -8.97
CA MET M 27 -16.85 -24.48 -8.12
C MET M 27 -17.84 -25.31 -8.89
N LYS M 28 -18.00 -25.00 -10.16
CA LYS M 28 -18.92 -25.72 -11.03
C LYS M 28 -18.69 -25.28 -12.48
N GLY M 29 -18.70 -26.24 -13.40
CA GLY M 29 -18.48 -25.89 -14.79
C GLY M 29 -19.61 -26.23 -15.75
N ASN M 30 -20.86 -25.97 -15.36
CA ASN M 30 -21.99 -26.28 -16.24
C ASN M 30 -23.17 -25.34 -16.05
N ALA M 31 -23.05 -24.39 -15.14
CA ALA M 31 -24.12 -23.44 -14.87
C ALA M 31 -24.73 -22.80 -16.11
N ARG M 32 -25.97 -22.34 -15.97
CA ARG M 32 -26.64 -21.71 -17.09
C ARG M 32 -26.49 -20.21 -16.93
N LYS M 33 -25.78 -19.57 -17.84
CA LYS M 33 -25.57 -18.13 -17.74
C LYS M 33 -26.54 -17.29 -18.59
N VAL M 34 -27.35 -17.99 -19.38
CA VAL M 34 -28.36 -17.33 -20.21
C VAL M 34 -29.72 -17.97 -19.91
N ARG M 35 -30.64 -17.17 -19.38
CA ARG M 35 -31.96 -17.67 -19.04
C ARG M 35 -33.03 -17.00 -19.93
N ARG M 36 -34.26 -17.50 -19.84
CA ARG M 36 -35.38 -16.96 -20.61
C ARG M 36 -36.34 -16.22 -19.70
N LEU M 37 -36.78 -15.04 -20.12
CA LEU M 37 -37.71 -14.25 -19.32
C LEU M 37 -39.01 -13.94 -20.04
N TYR M 38 -40.09 -13.79 -19.28
CA TYR M 38 -41.41 -13.45 -19.83
C TYR M 38 -41.92 -14.60 -20.70
N ASN M 39 -42.02 -15.79 -20.10
CA ASN M 39 -42.51 -16.99 -20.78
C ASN M 39 -41.79 -17.32 -22.09
N GLY M 40 -40.71 -16.59 -22.37
CA GLY M 40 -39.96 -16.86 -23.58
C GLY M 40 -40.00 -15.73 -24.60
N LYS M 41 -40.17 -14.49 -24.14
CA LYS M 41 -40.22 -13.34 -25.03
C LYS M 41 -38.87 -12.65 -25.11
N VAL M 42 -38.11 -12.67 -24.01
CA VAL M 42 -36.78 -12.04 -23.96
C VAL M 42 -35.67 -12.96 -23.45
N LEU M 43 -34.48 -12.75 -24.02
CA LEU M 43 -33.30 -13.51 -23.68
C LEU M 43 -32.45 -12.69 -22.75
N ALA M 44 -31.88 -13.35 -21.74
CA ALA M 44 -31.05 -12.66 -20.78
C ALA M 44 -29.79 -13.43 -20.40
N GLY M 45 -28.66 -12.74 -20.50
CA GLY M 45 -27.38 -13.33 -20.16
C GLY M 45 -26.71 -12.44 -19.14
N PHE M 46 -26.33 -13.05 -18.02
CA PHE M 46 -25.68 -12.31 -16.95
C PHE M 46 -24.22 -12.68 -16.81
N ALA M 47 -23.46 -11.74 -16.27
CA ALA M 47 -22.03 -11.90 -16.07
C ALA M 47 -21.58 -11.01 -14.92
N GLY M 48 -21.03 -11.63 -13.89
CA GLY M 48 -20.57 -10.88 -12.74
C GLY M 48 -20.52 -11.78 -11.52
N GLY M 49 -20.80 -11.20 -10.35
CA GLY M 49 -20.79 -11.98 -9.14
C GLY M 49 -22.06 -12.81 -8.93
N THR M 50 -21.88 -14.12 -8.93
CA THR M 50 -23.00 -15.05 -8.74
C THR M 50 -24.22 -14.37 -8.13
N ALA M 51 -24.04 -13.76 -6.96
CA ALA M 51 -25.12 -13.07 -6.27
C ALA M 51 -25.59 -11.87 -7.07
N ASP M 52 -24.78 -10.80 -7.08
CA ASP M 52 -25.11 -9.57 -7.80
C ASP M 52 -25.53 -9.81 -9.25
N ALA M 53 -25.28 -11.02 -9.73
CA ALA M 53 -25.66 -11.35 -11.09
C ALA M 53 -27.18 -11.44 -11.09
N PHE M 54 -27.69 -12.31 -10.22
CA PHE M 54 -29.12 -12.54 -10.06
C PHE M 54 -29.85 -11.34 -9.50
N THR M 55 -29.31 -10.75 -8.44
CA THR M 55 -29.95 -9.58 -7.85
C THR M 55 -30.28 -8.54 -8.93
N LEU M 56 -29.57 -8.60 -10.06
CA LEU M 56 -29.81 -7.66 -11.15
C LEU M 56 -30.60 -8.31 -12.24
N PHE M 57 -30.58 -9.64 -12.27
CA PHE M 57 -31.31 -10.39 -13.29
C PHE M 57 -32.78 -10.40 -12.90
N GLU M 58 -33.02 -10.75 -11.64
CA GLU M 58 -34.37 -10.82 -11.09
C GLU M 58 -34.94 -9.41 -10.93
N LEU M 59 -34.05 -8.42 -10.89
CA LEU M 59 -34.46 -7.04 -10.74
C LEU M 59 -34.93 -6.44 -12.07
N PHE M 60 -34.56 -7.10 -13.16
CA PHE M 60 -34.94 -6.66 -14.50
C PHE M 60 -36.17 -7.44 -14.93
N GLU M 61 -36.45 -8.52 -14.22
CA GLU M 61 -37.61 -9.34 -14.53
C GLU M 61 -38.82 -8.55 -14.05
N ARG M 62 -38.70 -7.97 -12.86
CA ARG M 62 -39.78 -7.17 -12.32
C ARG M 62 -40.14 -6.11 -13.34
N LYS M 63 -39.20 -5.23 -13.67
CA LYS M 63 -39.45 -4.17 -14.65
C LYS M 63 -39.97 -4.69 -16.00
N LEU M 64 -39.96 -6.01 -16.19
CA LEU M 64 -40.47 -6.51 -17.44
C LEU M 64 -41.93 -6.88 -17.26
N GLU M 65 -42.21 -7.71 -16.25
CA GLU M 65 -43.59 -8.13 -15.98
C GLU M 65 -44.44 -6.89 -15.70
N MET M 66 -43.81 -5.87 -15.12
CA MET M 66 -44.52 -4.64 -14.78
C MET M 66 -44.63 -3.70 -15.98
N HIS M 67 -44.23 -4.14 -17.16
CA HIS M 67 -44.30 -3.29 -18.35
C HIS M 67 -44.61 -4.03 -19.66
N GLN M 68 -45.47 -5.04 -19.58
CA GLN M 68 -45.88 -5.80 -20.75
C GLN M 68 -44.73 -6.23 -21.67
N GLY M 69 -43.56 -6.51 -21.09
CA GLY M 69 -42.42 -6.93 -21.88
C GLY M 69 -41.83 -5.90 -22.83
N HIS M 70 -41.96 -4.63 -22.48
CA HIS M 70 -41.40 -3.58 -23.30
C HIS M 70 -39.93 -3.39 -22.97
N LEU M 71 -39.12 -4.28 -23.53
CA LEU M 71 -37.67 -4.29 -23.32
C LEU M 71 -37.01 -2.92 -23.23
N LEU M 72 -36.74 -2.34 -24.39
CA LEU M 72 -36.10 -1.04 -24.48
C LEU M 72 -36.51 -0.03 -23.40
N LYS M 73 -37.72 -0.16 -22.89
CA LYS M 73 -38.17 0.75 -21.85
C LYS M 73 -37.83 0.19 -20.49
N SER M 74 -38.38 -0.98 -20.18
CA SER M 74 -38.15 -1.66 -18.91
C SER M 74 -36.69 -1.52 -18.48
N ALA M 75 -35.79 -1.54 -19.45
CA ALA M 75 -34.37 -1.39 -19.18
C ALA M 75 -34.17 -0.03 -18.55
N VAL M 76 -34.53 1.00 -19.31
CA VAL M 76 -34.40 2.38 -18.90
C VAL M 76 -35.03 2.64 -17.56
N GLU M 77 -36.20 2.06 -17.33
CA GLU M 77 -36.89 2.25 -16.06
C GLU M 77 -36.03 1.66 -14.95
N LEU M 78 -35.26 0.62 -15.27
CA LEU M 78 -34.40 -0.01 -14.28
C LEU M 78 -33.23 0.91 -13.99
N ALA M 79 -32.65 1.45 -15.06
CA ALA M 79 -31.52 2.36 -14.95
C ALA M 79 -31.87 3.54 -14.04
N LYS M 80 -32.96 4.22 -14.37
CA LYS M 80 -33.39 5.36 -13.59
C LYS M 80 -33.33 5.11 -12.08
N ASP M 81 -33.47 3.84 -11.67
CA ASP M 81 -33.44 3.52 -10.23
C ASP M 81 -32.10 3.82 -9.58
N TRP M 82 -31.07 3.96 -10.41
CA TRP M 82 -29.73 4.26 -9.90
C TRP M 82 -29.41 5.75 -10.04
N ARG M 83 -30.18 6.42 -10.87
CA ARG M 83 -29.99 7.84 -11.11
C ARG M 83 -30.94 8.70 -10.29
N THR M 84 -30.87 8.61 -8.97
CA THR M 84 -31.75 9.39 -8.12
C THR M 84 -30.98 10.14 -7.03
N ASP M 85 -31.63 10.31 -5.88
CA ASP M 85 -31.04 10.98 -4.73
C ASP M 85 -30.77 9.87 -3.72
N ARG M 86 -31.50 8.78 -3.89
CA ARG M 86 -31.38 7.59 -3.04
C ARG M 86 -31.11 6.44 -4.00
N ALA M 87 -29.83 6.09 -4.14
CA ALA M 87 -29.41 5.01 -5.04
C ALA M 87 -29.75 3.60 -4.58
N LEU M 88 -29.47 2.64 -5.47
CA LEU M 88 -29.74 1.23 -5.19
C LEU M 88 -28.39 0.52 -5.10
N ARG M 89 -27.68 0.73 -3.99
CA ARG M 89 -26.39 0.09 -3.80
C ARG M 89 -25.52 0.24 -5.05
N LYS M 90 -25.21 -0.90 -5.66
CA LYS M 90 -24.40 -0.98 -6.86
C LYS M 90 -24.25 -2.47 -7.06
N LEU M 91 -24.33 -2.93 -8.30
CA LEU M 91 -24.23 -4.36 -8.58
C LEU M 91 -23.05 -4.76 -9.45
N GLU M 92 -22.22 -5.64 -8.90
CA GLU M 92 -21.05 -6.13 -9.60
C GLU M 92 -21.46 -7.14 -10.66
N ALA M 93 -22.01 -6.63 -11.76
CA ALA M 93 -22.42 -7.50 -12.86
C ALA M 93 -23.10 -6.72 -13.99
N MET M 94 -23.23 -7.38 -15.13
CA MET M 94 -23.84 -6.77 -16.28
C MET M 94 -24.81 -7.75 -16.94
N LEU M 95 -25.83 -7.20 -17.57
CA LEU M 95 -26.85 -8.00 -18.22
C LEU M 95 -26.95 -7.70 -19.72
N ILE M 96 -27.16 -8.77 -20.49
CA ILE M 96 -27.36 -8.64 -21.92
C ILE M 96 -28.74 -9.20 -22.19
N VAL M 97 -29.66 -8.29 -22.52
CA VAL M 97 -31.04 -8.66 -22.79
C VAL M 97 -31.43 -8.33 -24.23
N ALA M 98 -32.14 -9.26 -24.86
CA ALA M 98 -32.59 -9.06 -26.23
C ALA M 98 -33.82 -9.89 -26.55
N ASP M 99 -34.70 -9.31 -27.35
CA ASP M 99 -35.93 -9.97 -27.79
C ASP M 99 -36.00 -9.86 -29.31
N GLU M 100 -37.11 -10.29 -29.89
CA GLU M 100 -37.29 -10.26 -31.34
C GLU M 100 -37.05 -8.90 -32.00
N LYS M 101 -37.10 -7.82 -31.21
CA LYS M 101 -36.90 -6.48 -31.76
C LYS M 101 -35.58 -5.81 -31.39
N GLU M 102 -35.27 -5.74 -30.11
CA GLU M 102 -34.04 -5.10 -29.63
C GLU M 102 -33.09 -6.05 -28.91
N SER M 103 -31.97 -5.50 -28.48
CA SER M 103 -30.94 -6.24 -27.75
C SER M 103 -30.12 -5.19 -27.01
N LEU M 104 -29.97 -5.37 -25.70
CA LEU M 104 -29.22 -4.40 -24.93
C LEU M 104 -28.27 -4.98 -23.90
N ILE M 105 -27.65 -4.06 -23.15
CA ILE M 105 -26.70 -4.41 -22.12
C ILE M 105 -26.93 -3.42 -20.97
N ILE M 106 -27.14 -3.96 -19.77
CA ILE M 106 -27.41 -3.12 -18.60
C ILE M 106 -26.43 -3.40 -17.49
N THR M 107 -25.82 -2.35 -16.94
CA THR M 107 -24.87 -2.53 -15.86
C THR M 107 -25.51 -2.26 -14.52
N GLY M 108 -25.00 -2.96 -13.50
CA GLY M 108 -25.51 -2.79 -12.14
C GLY M 108 -25.16 -1.44 -11.55
N ILE M 109 -24.53 -0.60 -12.35
CA ILE M 109 -24.16 0.72 -11.89
C ILE M 109 -25.29 1.63 -12.29
N GLY M 110 -26.08 1.16 -13.26
CA GLY M 110 -27.22 1.92 -13.72
C GLY M 110 -27.03 2.67 -15.03
N ASP M 111 -27.05 1.94 -16.15
CA ASP M 111 -26.91 2.57 -17.46
C ASP M 111 -27.26 1.53 -18.51
N VAL M 112 -27.76 2.01 -19.64
CA VAL M 112 -28.15 1.09 -20.71
C VAL M 112 -27.33 1.39 -21.95
N VAL M 113 -26.88 0.34 -22.64
CA VAL M 113 -26.09 0.55 -23.84
C VAL M 113 -26.60 -0.21 -25.05
N GLN M 114 -26.67 0.50 -26.17
CA GLN M 114 -27.13 -0.06 -27.43
C GLN M 114 -25.96 -0.45 -28.31
N PRO M 115 -26.05 -1.59 -28.99
CA PRO M 115 -24.99 -2.07 -29.88
C PRO M 115 -24.69 -1.02 -30.94
N GLU M 116 -23.78 -1.36 -31.85
CA GLU M 116 -23.41 -0.46 -32.93
C GLU M 116 -23.94 -1.16 -34.18
N GLU M 117 -23.82 -0.50 -35.33
CA GLU M 117 -24.31 -1.06 -36.60
C GLU M 117 -24.41 -2.60 -36.68
N ASP M 118 -23.37 -3.30 -36.24
CA ASP M 118 -23.29 -4.74 -36.15
C ASP M 118 -24.00 -5.24 -34.90
N GLN M 119 -24.57 -4.38 -34.07
CA GLN M 119 -25.38 -4.84 -32.87
C GLN M 119 -24.84 -6.08 -32.14
N ILE M 120 -23.58 -6.43 -32.31
CA ILE M 120 -23.03 -7.61 -31.58
C ILE M 120 -22.79 -7.24 -30.11
N LEU M 121 -23.08 -8.14 -29.18
CA LEU M 121 -22.86 -7.81 -27.77
C LEU M 121 -22.10 -8.86 -26.98
N ALA M 122 -21.22 -8.38 -26.09
CA ALA M 122 -20.44 -9.27 -25.26
C ALA M 122 -20.07 -8.64 -23.93
N ILE M 123 -20.19 -9.44 -22.86
CA ILE M 123 -19.86 -8.96 -21.54
C ILE M 123 -19.16 -10.07 -20.77
N GLY M 124 -18.52 -9.69 -19.68
CA GLY M 124 -17.81 -10.64 -18.85
C GLY M 124 -16.33 -10.55 -19.07
N SER M 125 -15.58 -11.41 -18.39
CA SER M 125 -14.12 -11.43 -18.52
C SER M 125 -13.68 -11.67 -19.95
N GLY M 126 -14.10 -12.79 -20.51
CA GLY M 126 -13.72 -13.10 -21.89
C GLY M 126 -14.51 -12.34 -22.94
N GLY M 127 -15.03 -11.19 -22.55
CA GLY M 127 -15.82 -10.40 -23.47
C GLY M 127 -15.17 -10.17 -24.82
N ASN M 128 -14.48 -9.04 -24.89
CA ASN M 128 -13.80 -8.64 -26.12
C ASN M 128 -13.24 -9.80 -26.95
N TYR M 129 -12.87 -10.90 -26.30
CA TYR M 129 -12.34 -12.01 -27.08
C TYR M 129 -13.48 -12.45 -27.99
N ALA M 130 -14.56 -12.96 -27.39
CA ALA M 130 -15.71 -13.42 -28.16
C ALA M 130 -16.20 -12.34 -29.09
N LEU M 131 -16.12 -11.09 -28.62
CA LEU M 131 -16.52 -9.96 -29.44
C LEU M 131 -15.69 -9.88 -30.72
N SER M 132 -14.36 -9.86 -30.55
CA SER M 132 -13.44 -9.78 -31.69
C SER M 132 -13.71 -10.91 -32.65
N ALA M 133 -14.07 -12.07 -32.09
CA ALA M 133 -14.37 -13.22 -32.91
C ALA M 133 -15.66 -12.97 -33.69
N ALA M 134 -16.70 -12.61 -32.96
CA ALA M 134 -17.98 -12.33 -33.59
C ALA M 134 -17.75 -11.38 -34.78
N ARG M 135 -17.40 -10.14 -34.45
CA ARG M 135 -17.14 -9.12 -35.46
C ARG M 135 -16.37 -9.74 -36.61
N ALA M 136 -15.32 -10.46 -36.27
CA ALA M 136 -14.52 -11.12 -37.29
C ALA M 136 -15.44 -11.91 -38.21
N LEU M 137 -16.25 -12.77 -37.63
CA LEU M 137 -17.18 -13.60 -38.37
C LEU M 137 -18.23 -12.78 -39.07
N VAL M 138 -19.17 -12.23 -38.30
CA VAL M 138 -20.24 -11.42 -38.87
C VAL M 138 -19.84 -10.58 -40.08
N GLU M 139 -18.67 -9.96 -40.04
CA GLU M 139 -18.23 -9.11 -41.13
C GLU M 139 -17.64 -9.81 -42.37
N ASN M 140 -17.04 -10.98 -42.19
CA ASN M 140 -16.42 -11.68 -43.31
C ASN M 140 -17.03 -13.03 -43.68
N THR M 141 -18.21 -13.31 -43.15
CA THR M 141 -18.86 -14.59 -43.45
C THR M 141 -20.39 -14.53 -43.38
N GLU M 142 -21.03 -15.45 -44.10
CA GLU M 142 -22.48 -15.54 -44.12
C GLU M 142 -22.83 -16.67 -43.17
N LEU M 143 -22.65 -16.43 -41.87
CA LEU M 143 -22.93 -17.45 -40.86
C LEU M 143 -24.12 -17.12 -40.00
N SER M 144 -24.82 -18.17 -39.58
CA SER M 144 -26.02 -18.03 -38.74
C SER M 144 -25.66 -17.37 -37.41
N ALA M 145 -26.52 -16.44 -36.97
CA ALA M 145 -26.30 -15.73 -35.74
C ALA M 145 -26.03 -16.73 -34.63
N HIS M 146 -26.55 -17.95 -34.79
CA HIS M 146 -26.33 -18.98 -33.78
C HIS M 146 -24.92 -19.50 -33.94
N GLU M 147 -24.62 -20.07 -35.11
CA GLU M 147 -23.30 -20.61 -35.37
C GLU M 147 -22.22 -19.63 -34.93
N ILE M 148 -22.39 -18.34 -35.23
CA ILE M 148 -21.40 -17.38 -34.82
C ILE M 148 -21.26 -17.36 -33.31
N VAL M 149 -22.36 -17.05 -32.62
CA VAL M 149 -22.35 -16.99 -31.18
C VAL M 149 -21.78 -18.24 -30.55
N GLU M 150 -21.93 -19.35 -31.25
CA GLU M 150 -21.39 -20.61 -30.76
C GLU M 150 -19.90 -20.51 -30.96
N LYS M 151 -19.50 -20.42 -32.23
CA LYS M 151 -18.08 -20.33 -32.60
C LYS M 151 -17.32 -19.29 -31.78
N SER M 152 -17.89 -18.10 -31.63
CA SER M 152 -17.24 -17.04 -30.86
C SER M 152 -17.02 -17.41 -29.41
N LEU M 153 -17.95 -18.17 -28.83
CA LEU M 153 -17.77 -18.54 -27.44
C LEU M 153 -16.53 -19.40 -27.33
N ARG M 154 -16.40 -20.38 -28.20
CA ARG M 154 -15.25 -21.26 -28.15
C ARG M 154 -13.96 -20.46 -28.14
N ILE M 155 -13.72 -19.67 -29.19
CA ILE M 155 -12.51 -18.86 -29.28
C ILE M 155 -12.18 -18.27 -27.91
N ALA M 156 -13.17 -17.64 -27.30
CA ALA M 156 -13.00 -17.03 -25.98
C ALA M 156 -12.65 -18.02 -24.86
N GLY M 157 -13.29 -19.18 -24.84
CA GLY M 157 -13.01 -20.14 -23.78
C GLY M 157 -11.58 -20.65 -23.83
N ASP M 158 -11.03 -20.60 -25.03
CA ASP M 158 -9.66 -21.04 -25.29
C ASP M 158 -8.62 -19.96 -25.01
N ILE M 159 -9.04 -18.84 -24.43
CA ILE M 159 -8.12 -17.78 -24.12
C ILE M 159 -8.34 -17.30 -22.70
N CYS M 160 -9.60 -17.22 -22.29
CA CYS M 160 -9.89 -16.78 -20.93
C CYS M 160 -9.78 -17.96 -19.97
N VAL M 161 -8.96 -17.80 -18.94
CA VAL M 161 -8.77 -18.87 -17.97
C VAL M 161 -9.98 -18.95 -17.07
N PHE M 162 -10.91 -18.03 -17.30
CA PHE M 162 -12.12 -17.99 -16.54
C PHE M 162 -13.35 -18.28 -17.39
N THR M 163 -13.16 -19.09 -18.43
CA THR M 163 -14.24 -19.46 -19.33
C THR M 163 -14.02 -20.84 -19.89
N ASN M 164 -15.12 -21.61 -19.97
CA ASN M 164 -15.09 -22.98 -20.47
C ASN M 164 -15.84 -23.20 -21.77
N THR M 165 -15.73 -24.42 -22.28
CA THR M 165 -16.39 -24.77 -23.53
C THR M 165 -17.82 -25.26 -23.32
N ASN M 166 -18.17 -25.57 -22.07
CA ASN M 166 -19.52 -26.03 -21.80
C ASN M 166 -20.45 -24.84 -21.64
N PHE M 167 -21.06 -24.42 -22.76
CA PHE M 167 -21.98 -23.28 -22.73
C PHE M 167 -23.42 -23.59 -23.13
N THR M 168 -24.29 -22.62 -22.87
CA THR M 168 -25.72 -22.72 -23.14
C THR M 168 -26.20 -21.54 -24.00
N ILE M 169 -26.73 -21.86 -25.18
CA ILE M 169 -27.20 -20.82 -26.10
C ILE M 169 -28.69 -20.81 -26.37
N GLU M 170 -29.29 -19.63 -26.28
CA GLU M 170 -30.73 -19.48 -26.52
C GLU M 170 -30.95 -18.49 -27.65
N GLU M 171 -31.86 -18.82 -28.57
CA GLU M 171 -32.17 -17.94 -29.69
C GLU M 171 -33.67 -17.67 -29.81
N LEU M 172 -34.04 -16.73 -30.67
CA LEU M 172 -35.43 -16.38 -30.88
C LEU M 172 -35.79 -16.30 -32.37
N PRO M 173 -36.89 -16.94 -32.79
CA PRO M 173 -37.83 -17.76 -32.02
C PRO M 173 -37.59 -19.28 -32.03
N THR N 1 -11.03 -24.85 8.27
CA THR N 1 -12.31 -25.61 8.21
C THR N 1 -12.37 -26.36 6.89
N THR N 2 -12.95 -27.55 6.91
CA THR N 2 -13.07 -28.35 5.70
C THR N 2 -14.37 -29.16 5.77
N ILE N 3 -15.38 -28.72 5.03
CA ILE N 3 -16.65 -29.40 5.03
C ILE N 3 -16.95 -30.03 3.68
N VAL N 4 -17.09 -31.36 3.66
CA VAL N 4 -17.36 -32.04 2.41
C VAL N 4 -18.55 -32.96 2.54
N SER N 5 -19.31 -33.12 1.45
CA SER N 5 -20.50 -33.97 1.44
C SER N 5 -20.65 -34.82 0.19
N VAL N 6 -20.76 -36.13 0.37
CA VAL N 6 -20.93 -37.04 -0.75
C VAL N 6 -22.27 -37.74 -0.66
N ARG N 7 -22.89 -37.95 -1.83
CA ARG N 7 -24.18 -38.61 -1.92
C ARG N 7 -24.10 -39.78 -2.91
N ARG N 8 -24.21 -41.01 -2.39
CA ARG N 8 -24.14 -42.21 -3.23
C ARG N 8 -24.87 -43.36 -2.55
N ASN N 9 -25.78 -44.00 -3.30
CA ASN N 9 -26.56 -45.14 -2.79
C ASN N 9 -27.62 -44.69 -1.80
N GLY N 10 -28.45 -43.73 -2.20
CA GLY N 10 -29.50 -43.24 -1.33
C GLY N 10 -28.97 -42.77 0.02
N GLN N 11 -27.66 -42.63 0.11
CA GLN N 11 -27.00 -42.19 1.32
C GLN N 11 -26.47 -40.77 1.17
N VAL N 12 -26.69 -39.93 2.18
CA VAL N 12 -26.20 -38.57 2.16
C VAL N 12 -25.42 -38.29 3.43
N VAL N 13 -24.16 -37.91 3.26
CA VAL N 13 -23.31 -37.63 4.40
C VAL N 13 -22.70 -36.24 4.33
N VAL N 14 -22.41 -35.67 5.49
CA VAL N 14 -21.82 -34.37 5.54
C VAL N 14 -20.86 -34.28 6.71
N GLY N 15 -19.57 -34.26 6.39
CA GLY N 15 -18.54 -34.19 7.41
C GLY N 15 -17.75 -32.90 7.38
N GLY N 16 -17.10 -32.64 8.51
CA GLY N 16 -16.29 -31.45 8.65
C GLY N 16 -15.39 -31.66 9.85
N ASP N 17 -14.23 -31.01 9.85
CA ASP N 17 -13.28 -31.15 10.95
C ASP N 17 -13.82 -30.53 12.23
N GLY N 18 -12.90 -30.00 13.04
CA GLY N 18 -13.27 -29.37 14.29
C GLY N 18 -12.15 -28.49 14.85
N GLN N 19 -11.48 -27.77 13.97
CA GLN N 19 -10.38 -26.92 14.39
C GLN N 19 -10.79 -25.47 14.31
N VAL N 20 -11.03 -24.87 15.48
CA VAL N 20 -11.40 -23.46 15.51
C VAL N 20 -10.07 -22.75 15.48
N SER N 21 -9.68 -22.26 14.30
CA SER N 21 -8.41 -21.58 14.15
C SER N 21 -8.59 -20.09 14.32
N LEU N 22 -7.72 -19.46 15.10
CA LEU N 22 -7.78 -18.02 15.33
C LEU N 22 -6.42 -17.44 14.94
N GLY N 23 -6.35 -16.78 13.79
CA GLY N 23 -5.07 -16.26 13.36
C GLY N 23 -4.26 -17.47 12.89
N ASN N 24 -3.17 -17.81 13.59
CA ASN N 24 -2.37 -18.96 13.23
C ASN N 24 -2.29 -19.92 14.41
N THR N 25 -3.12 -19.64 15.42
CA THR N 25 -3.18 -20.48 16.61
C THR N 25 -4.44 -21.32 16.63
N VAL N 26 -4.60 -22.15 17.64
CA VAL N 26 -5.76 -23.00 17.74
C VAL N 26 -6.50 -22.81 19.06
N MET N 27 -7.69 -22.22 18.98
CA MET N 27 -8.53 -21.95 20.14
C MET N 27 -9.25 -23.17 20.68
N LYS N 28 -9.50 -24.13 19.79
CA LYS N 28 -10.19 -25.36 20.15
C LYS N 28 -10.14 -26.31 18.97
N GLY N 29 -9.85 -27.58 19.22
CA GLY N 29 -9.79 -28.52 18.13
C GLY N 29 -10.77 -29.66 18.17
N ASN N 30 -12.02 -29.41 18.56
CA ASN N 30 -13.02 -30.47 18.64
C ASN N 30 -14.44 -30.03 18.29
N ALA N 31 -14.62 -28.73 18.05
CA ALA N 31 -15.93 -28.19 17.72
C ALA N 31 -16.71 -29.01 16.70
N ARG N 32 -18.04 -28.85 16.72
CA ARG N 32 -18.91 -29.56 15.80
C ARG N 32 -19.23 -28.61 14.67
N LYS N 33 -18.79 -28.95 13.47
CA LYS N 33 -19.02 -28.07 12.32
C LYS N 33 -20.23 -28.50 11.49
N VAL N 34 -20.79 -29.67 11.80
CA VAL N 34 -21.96 -30.18 11.11
C VAL N 34 -23.04 -30.47 12.15
N ARG N 35 -24.16 -29.75 12.07
CA ARG N 35 -25.25 -29.93 13.01
C ARG N 35 -26.48 -30.49 12.30
N ARG N 36 -27.50 -30.85 13.07
CA ARG N 36 -28.74 -31.39 12.54
C ARG N 36 -29.87 -30.37 12.70
N LEU N 37 -30.67 -30.19 11.66
CA LEU N 37 -31.78 -29.25 11.72
C LEU N 37 -33.13 -29.90 11.43
N TYR N 38 -34.19 -29.34 12.01
CA TYR N 38 -35.55 -29.83 11.81
C TYR N 38 -35.71 -31.24 12.39
N ASN N 39 -35.43 -31.36 13.69
CA ASN N 39 -35.52 -32.62 14.42
C ASN N 39 -34.76 -33.79 13.77
N GLY N 40 -33.96 -33.49 12.76
CA GLY N 40 -33.18 -34.53 12.11
C GLY N 40 -33.62 -34.81 10.69
N LYS N 41 -34.13 -33.79 10.01
CA LYS N 41 -34.57 -33.97 8.63
C LYS N 41 -33.51 -33.47 7.65
N VAL N 42 -32.75 -32.45 8.05
CA VAL N 42 -31.71 -31.90 7.20
C VAL N 42 -30.35 -31.81 7.89
N LEU N 43 -29.31 -31.99 7.09
CA LEU N 43 -27.93 -31.90 7.57
C LEU N 43 -27.35 -30.53 7.21
N ALA N 44 -26.57 -29.96 8.10
CA ALA N 44 -25.99 -28.66 7.84
C ALA N 44 -24.55 -28.54 8.29
N GLY N 45 -23.71 -28.07 7.38
CA GLY N 45 -22.30 -27.89 7.67
C GLY N 45 -21.94 -26.47 7.34
N PHE N 46 -21.34 -25.79 8.30
CA PHE N 46 -20.93 -24.41 8.11
C PHE N 46 -19.41 -24.28 8.07
N ALA N 47 -18.96 -23.22 7.43
CA ALA N 47 -17.55 -22.92 7.29
C ALA N 47 -17.41 -21.40 7.08
N GLY N 48 -16.63 -20.78 7.95
CA GLY N 48 -16.44 -19.35 7.84
C GLY N 48 -16.10 -18.77 9.20
N GLY N 49 -16.53 -17.54 9.45
CA GLY N 49 -16.24 -16.89 10.72
C GLY N 49 -17.16 -17.32 11.85
N THR N 50 -16.59 -18.02 12.84
CA THR N 50 -17.33 -18.51 14.01
C THR N 50 -18.68 -17.83 14.14
N ALA N 51 -18.67 -16.50 14.20
CA ALA N 51 -19.90 -15.73 14.32
C ALA N 51 -20.76 -15.84 13.07
N ASP N 52 -20.31 -15.18 12.00
CA ASP N 52 -21.05 -15.20 10.74
C ASP N 52 -21.38 -16.61 10.28
N ALA N 53 -20.80 -17.61 10.93
CA ALA N 53 -21.09 -18.98 10.56
C ALA N 53 -22.50 -19.25 11.04
N PHE N 54 -22.69 -19.06 12.34
CA PHE N 54 -23.98 -19.28 12.98
C PHE N 54 -25.02 -18.28 12.54
N THR N 55 -24.65 -17.01 12.45
CA THR N 55 -25.62 -16.00 12.03
C THR N 55 -26.30 -16.41 10.71
N LEU N 56 -25.66 -17.30 9.96
CA LEU N 56 -26.22 -17.76 8.69
C LEU N 56 -26.78 -19.15 8.83
N PHE N 57 -26.32 -19.87 9.85
CA PHE N 57 -26.81 -21.22 10.10
C PHE N 57 -28.20 -21.11 10.74
N GLU N 58 -28.28 -20.29 11.77
CA GLU N 58 -29.52 -20.06 12.49
C GLU N 58 -30.49 -19.27 11.62
N LEU N 59 -29.95 -18.61 10.60
CA LEU N 59 -30.76 -17.81 9.69
C LEU N 59 -31.42 -18.69 8.63
N PHE N 60 -30.91 -19.90 8.48
CA PHE N 60 -31.44 -20.85 7.51
C PHE N 60 -32.37 -21.80 8.24
N GLU N 61 -32.27 -21.81 9.57
CA GLU N 61 -33.14 -22.67 10.37
C GLU N 61 -34.50 -22.02 10.34
N ARG N 62 -34.53 -20.70 10.48
CA ARG N 62 -35.79 -19.99 10.44
C ARG N 62 -36.52 -20.36 9.14
N LYS N 63 -35.88 -20.09 8.00
CA LYS N 63 -36.47 -20.39 6.70
C LYS N 63 -36.87 -21.85 6.51
N LEU N 64 -36.44 -22.72 7.43
CA LEU N 64 -36.80 -24.12 7.32
C LEU N 64 -38.06 -24.41 8.13
N GLU N 65 -38.06 -23.97 9.38
CA GLU N 65 -39.22 -24.18 10.24
C GLU N 65 -40.41 -23.41 9.66
N MET N 66 -40.12 -22.29 9.00
CA MET N 66 -41.19 -21.48 8.41
C MET N 66 -41.62 -22.01 7.05
N HIS N 67 -41.11 -23.18 6.64
CA HIS N 67 -41.48 -23.76 5.34
C HIS N 67 -41.55 -25.28 5.31
N GLN N 68 -42.04 -25.88 6.40
CA GLN N 68 -42.21 -27.31 6.49
C GLN N 68 -41.01 -28.13 6.03
N GLY N 69 -39.81 -27.59 6.22
CA GLY N 69 -38.62 -28.33 5.81
C GLY N 69 -38.41 -28.52 4.32
N HIS N 70 -38.89 -27.56 3.53
CA HIS N 70 -38.74 -27.64 2.08
C HIS N 70 -37.38 -27.04 1.70
N LEU N 71 -36.35 -27.86 1.88
CA LEU N 71 -34.97 -27.49 1.61
C LEU N 71 -34.77 -26.59 0.41
N LEU N 72 -34.69 -27.23 -0.76
CA LEU N 72 -34.47 -26.53 -2.01
C LEU N 72 -35.14 -25.16 -2.09
N LYS N 73 -36.27 -24.98 -1.41
CA LYS N 73 -36.98 -23.69 -1.45
C LYS N 73 -36.45 -22.77 -0.35
N SER N 74 -36.61 -23.21 0.89
CA SER N 74 -36.15 -22.46 2.03
C SER N 74 -34.81 -21.79 1.76
N ALA N 75 -33.97 -22.49 1.00
CA ALA N 75 -32.65 -21.96 0.65
C ALA N 75 -32.87 -20.69 -0.15
N VAL N 76 -33.54 -20.87 -1.27
CA VAL N 76 -33.84 -19.78 -2.20
C VAL N 76 -34.49 -18.60 -1.51
N GLU N 77 -35.41 -18.89 -0.60
CA GLU N 77 -36.11 -17.83 0.12
C GLU N 77 -35.10 -17.07 0.95
N LEU N 78 -34.05 -17.77 1.39
CA LEU N 78 -33.01 -17.14 2.19
C LEU N 78 -32.19 -16.23 1.28
N ALA N 79 -31.81 -16.78 0.13
CA ALA N 79 -31.02 -16.04 -0.84
C ALA N 79 -31.70 -14.73 -1.18
N LYS N 80 -32.96 -14.81 -1.60
CA LYS N 80 -33.73 -13.63 -1.97
C LYS N 80 -33.58 -12.46 -0.99
N ASP N 81 -33.29 -12.78 0.28
CA ASP N 81 -33.13 -11.75 1.31
C ASP N 81 -31.93 -10.84 1.03
N TRP N 82 -31.01 -11.32 0.20
CA TRP N 82 -29.83 -10.55 -0.13
C TRP N 82 -30.00 -9.86 -1.46
N ARG N 83 -30.97 -10.31 -2.23
CA ARG N 83 -31.22 -9.74 -3.54
C ARG N 83 -32.39 -8.75 -3.52
N THR N 84 -32.25 -7.66 -2.76
CA THR N 84 -33.31 -6.67 -2.70
C THR N 84 -32.80 -5.26 -2.91
N ASP N 85 -33.44 -4.30 -2.25
CA ASP N 85 -33.06 -2.89 -2.33
C ASP N 85 -32.43 -2.58 -0.97
N ARG N 86 -32.80 -3.39 0.01
CA ARG N 86 -32.30 -3.28 1.37
C ARG N 86 -31.69 -4.65 1.70
N ALA N 87 -30.37 -4.75 1.56
CA ALA N 87 -29.65 -5.99 1.81
C ALA N 87 -29.52 -6.39 3.27
N LEU N 88 -28.98 -7.59 3.48
CA LEU N 88 -28.78 -8.13 4.81
C LEU N 88 -27.27 -8.22 5.06
N ARG N 89 -26.64 -7.08 5.29
CA ARG N 89 -25.20 -7.03 5.54
C ARG N 89 -24.46 -7.87 4.51
N LYS N 90 -23.83 -8.94 5.01
CA LYS N 90 -23.06 -9.87 4.22
C LYS N 90 -22.46 -10.80 5.26
N LEU N 91 -22.40 -12.10 4.96
CA LEU N 91 -21.86 -13.04 5.94
C LEU N 91 -20.64 -13.81 5.48
N GLU N 92 -19.56 -13.67 6.24
CA GLU N 92 -18.31 -14.33 5.94
C GLU N 92 -18.39 -15.83 6.27
N ALA N 93 -19.12 -16.58 5.45
CA ALA N 93 -19.24 -18.01 5.63
C ALA N 93 -20.14 -18.65 4.60
N MET N 94 -20.11 -19.97 4.58
CA MET N 94 -20.93 -20.71 3.62
C MET N 94 -21.54 -21.90 4.32
N LEU N 95 -22.69 -22.33 3.81
CA LEU N 95 -23.41 -23.45 4.38
C LEU N 95 -23.62 -24.57 3.38
N ILE N 96 -23.53 -25.80 3.86
CA ILE N 96 -23.79 -26.96 3.02
C ILE N 96 -24.92 -27.68 3.70
N VAL N 97 -26.09 -27.65 3.05
CA VAL N 97 -27.30 -28.27 3.56
C VAL N 97 -27.80 -29.37 2.64
N ALA N 98 -28.21 -30.48 3.24
CA ALA N 98 -28.70 -31.61 2.45
C ALA N 98 -29.62 -32.50 3.27
N ASP N 99 -30.68 -32.98 2.61
CA ASP N 99 -31.64 -33.88 3.23
C ASP N 99 -31.76 -35.12 2.35
N GLU N 100 -32.69 -36.01 2.70
CA GLU N 100 -32.88 -37.25 1.95
C GLU N 100 -33.08 -37.06 0.44
N LYS N 101 -33.45 -35.85 0.02
CA LYS N 101 -33.71 -35.60 -1.40
C LYS N 101 -32.66 -34.74 -2.11
N GLU N 102 -32.37 -33.56 -1.55
CA GLU N 102 -31.41 -32.65 -2.14
C GLU N 102 -30.19 -32.39 -1.26
N SER N 103 -29.29 -31.58 -1.79
CA SER N 103 -28.06 -31.18 -1.10
C SER N 103 -27.63 -29.86 -1.74
N LEU N 104 -27.36 -28.85 -0.93
CA LEU N 104 -26.96 -27.56 -1.49
C LEU N 104 -25.83 -26.87 -0.76
N ILE N 105 -25.54 -25.67 -1.24
CA ILE N 105 -24.49 -24.84 -0.67
C ILE N 105 -25.00 -23.40 -0.77
N ILE N 106 -24.98 -22.69 0.36
CA ILE N 106 -25.47 -21.31 0.40
C ILE N 106 -24.41 -20.37 0.97
N THR N 107 -24.17 -19.26 0.27
CA THR N 107 -23.17 -18.32 0.73
C THR N 107 -23.81 -17.14 1.41
N GLY N 108 -23.10 -16.59 2.38
CA GLY N 108 -23.63 -15.45 3.12
C GLY N 108 -23.74 -14.20 2.27
N ILE N 109 -23.42 -14.35 0.98
CA ILE N 109 -23.48 -13.22 0.05
C ILE N 109 -24.85 -13.25 -0.57
N GLY N 110 -25.49 -14.41 -0.51
CA GLY N 110 -26.81 -14.54 -1.06
C GLY N 110 -26.87 -15.24 -2.41
N ASP N 111 -26.71 -16.55 -2.41
CA ASP N 111 -26.79 -17.34 -3.63
C ASP N 111 -26.81 -18.82 -3.26
N VAL N 112 -27.44 -19.62 -4.11
CA VAL N 112 -27.54 -21.04 -3.84
C VAL N 112 -26.89 -21.79 -4.98
N VAL N 113 -26.17 -22.86 -4.64
CA VAL N 113 -25.50 -23.64 -5.68
C VAL N 113 -25.77 -25.13 -5.58
N GLN N 114 -26.08 -25.71 -6.73
CA GLN N 114 -26.37 -27.14 -6.83
C GLN N 114 -25.14 -27.88 -7.31
N PRO N 115 -24.91 -29.08 -6.79
CA PRO N 115 -23.77 -29.90 -7.18
C PRO N 115 -23.82 -30.20 -8.68
N GLU N 116 -22.88 -31.01 -9.14
CA GLU N 116 -22.85 -31.39 -10.53
C GLU N 116 -23.15 -32.89 -10.51
N GLU N 117 -23.27 -33.50 -11.68
CA GLU N 117 -23.57 -34.92 -11.81
C GLU N 117 -23.19 -35.79 -10.60
N ASP N 118 -21.97 -35.63 -10.10
CA ASP N 118 -21.49 -36.46 -8.97
C ASP N 118 -22.13 -36.18 -7.60
N GLN N 119 -22.70 -34.98 -7.44
CA GLN N 119 -23.33 -34.60 -6.18
C GLN N 119 -22.34 -34.66 -5.03
N ILE N 120 -21.19 -33.99 -5.19
CA ILE N 120 -20.18 -33.92 -4.13
C ILE N 120 -20.03 -32.44 -3.79
N LEU N 121 -20.01 -32.14 -2.50
CA LEU N 121 -19.88 -30.77 -2.06
C LEU N 121 -18.82 -30.52 -1.01
N ALA N 122 -18.13 -29.40 -1.12
CA ALA N 122 -17.11 -29.06 -0.17
C ALA N 122 -16.96 -27.55 -0.07
N ILE N 123 -16.76 -27.09 1.16
CA ILE N 123 -16.55 -25.67 1.39
C ILE N 123 -15.50 -25.49 2.47
N GLY N 124 -15.01 -24.27 2.60
CA GLY N 124 -14.02 -23.95 3.60
C GLY N 124 -12.65 -23.87 3.01
N SER N 125 -11.67 -23.60 3.86
CA SER N 125 -10.30 -23.50 3.41
C SER N 125 -9.85 -24.79 2.74
N GLY N 126 -9.92 -25.90 3.45
CA GLY N 126 -9.49 -27.15 2.86
C GLY N 126 -10.44 -27.77 1.86
N GLY N 127 -11.33 -26.95 1.33
CA GLY N 127 -12.32 -27.44 0.38
C GLY N 127 -11.81 -28.36 -0.70
N ASN N 128 -11.48 -27.74 -1.83
CA ASN N 128 -10.98 -28.43 -2.99
C ASN N 128 -10.11 -29.63 -2.66
N TYR N 129 -9.40 -29.62 -1.54
CA TYR N 129 -8.57 -30.77 -1.21
C TYR N 129 -9.51 -31.93 -1.04
N ALA N 130 -10.37 -31.84 -0.04
CA ALA N 130 -11.35 -32.90 0.23
C ALA N 130 -12.13 -33.21 -1.02
N LEU N 131 -12.45 -32.16 -1.78
CA LEU N 131 -13.21 -32.33 -3.01
C LEU N 131 -12.47 -33.24 -3.99
N SER N 132 -11.22 -32.89 -4.28
CA SER N 132 -10.39 -33.67 -5.19
C SER N 132 -10.31 -35.11 -4.73
N ALA N 133 -10.28 -35.28 -3.42
CA ALA N 133 -10.23 -36.62 -2.85
C ALA N 133 -11.56 -37.33 -3.11
N ALA N 134 -12.65 -36.70 -2.73
CA ALA N 134 -13.97 -37.28 -2.93
C ALA N 134 -14.05 -37.73 -4.38
N ARG N 135 -14.11 -36.75 -5.29
CA ARG N 135 -14.19 -37.03 -6.71
C ARG N 135 -13.32 -38.20 -7.06
N ALA N 136 -12.07 -38.17 -6.60
CA ALA N 136 -11.13 -39.25 -6.85
C ALA N 136 -11.75 -40.57 -6.45
N LEU N 137 -12.28 -40.62 -5.23
CA LEU N 137 -12.91 -41.82 -4.71
C LEU N 137 -14.19 -42.16 -5.46
N VAL N 138 -15.23 -41.36 -5.24
CA VAL N 138 -16.51 -41.58 -5.88
C VAL N 138 -16.44 -42.11 -7.31
N GLU N 139 -15.51 -41.57 -8.11
CA GLU N 139 -15.38 -41.98 -9.51
C GLU N 139 -14.62 -43.28 -9.79
N ASN N 140 -13.69 -43.67 -8.90
CA ASN N 140 -12.89 -44.87 -9.13
C ASN N 140 -13.07 -46.00 -8.11
N THR N 141 -14.07 -45.87 -7.24
CA THR N 141 -14.32 -46.87 -6.22
C THR N 141 -15.77 -47.02 -5.80
N GLU N 142 -16.11 -48.20 -5.30
CA GLU N 142 -17.45 -48.50 -4.84
C GLU N 142 -17.41 -48.30 -3.32
N LEU N 143 -17.31 -47.06 -2.87
CA LEU N 143 -17.24 -46.78 -1.44
C LEU N 143 -18.45 -46.07 -0.89
N SER N 144 -18.79 -46.39 0.36
CA SER N 144 -19.95 -45.80 1.02
C SER N 144 -19.80 -44.28 1.10
N ALA N 145 -20.86 -43.56 0.80
CA ALA N 145 -20.82 -42.11 0.86
C ALA N 145 -20.23 -41.66 2.20
N HIS N 146 -20.35 -42.49 3.24
CA HIS N 146 -19.81 -42.13 4.54
C HIS N 146 -18.31 -42.34 4.52
N GLU N 147 -17.87 -43.56 4.22
CA GLU N 147 -16.45 -43.87 4.16
C GLU N 147 -15.68 -42.85 3.29
N ILE N 148 -16.27 -42.43 2.17
CA ILE N 148 -15.62 -41.44 1.34
C ILE N 148 -15.48 -40.16 2.13
N VAL N 149 -16.60 -39.55 2.50
CA VAL N 149 -16.60 -38.30 3.26
C VAL N 149 -15.66 -38.35 4.45
N GLU N 150 -15.46 -39.54 5.00
CA GLU N 150 -14.55 -39.68 6.12
C GLU N 150 -13.16 -39.59 5.52
N LYS N 151 -12.84 -40.55 4.64
CA LYS N 151 -11.53 -40.60 3.98
C LYS N 151 -11.12 -39.25 3.38
N SER N 152 -12.03 -38.59 2.67
CA SER N 152 -11.73 -37.30 2.06
C SER N 152 -11.35 -36.25 3.09
N LEU N 153 -12.04 -36.24 4.23
CA LEU N 153 -11.68 -35.25 5.26
C LEU N 153 -10.24 -35.43 5.66
N ARG N 154 -9.83 -36.67 5.94
CA ARG N 154 -8.45 -36.92 6.34
C ARG N 154 -7.48 -36.30 5.35
N ILE N 155 -7.55 -36.73 4.10
CA ILE N 155 -6.66 -36.20 3.07
C ILE N 155 -6.51 -34.71 3.26
N ALA N 156 -7.63 -34.02 3.40
CA ALA N 156 -7.64 -32.56 3.57
C ALA N 156 -6.96 -32.06 4.85
N GLY N 157 -7.19 -32.72 5.97
CA GLY N 157 -6.58 -32.26 7.20
C GLY N 157 -5.04 -32.34 7.19
N ASP N 158 -4.55 -33.26 6.37
CA ASP N 158 -3.12 -33.51 6.20
C ASP N 158 -2.48 -32.55 5.20
N ILE N 159 -3.26 -31.57 4.74
CA ILE N 159 -2.74 -30.60 3.79
C ILE N 159 -3.07 -29.20 4.23
N CYS N 160 -4.27 -29.01 4.74
CA CYS N 160 -4.62 -27.68 5.20
C CYS N 160 -4.11 -27.51 6.66
N VAL N 161 -3.35 -26.43 6.86
CA VAL N 161 -2.81 -26.14 8.17
C VAL N 161 -3.94 -25.62 9.03
N PHE N 162 -5.10 -25.44 8.42
CA PHE N 162 -6.24 -24.96 9.15
C PHE N 162 -7.31 -26.02 9.24
N THR N 163 -6.88 -27.28 9.27
CA THR N 163 -7.83 -28.38 9.39
C THR N 163 -7.20 -29.54 10.12
N ASN N 164 -8.00 -30.17 10.98
CA ASN N 164 -7.56 -31.31 11.79
C ASN N 164 -8.26 -32.63 11.49
N THR N 165 -7.78 -33.68 12.14
CA THR N 165 -8.32 -35.01 11.94
C THR N 165 -9.52 -35.29 12.85
N ASN N 166 -9.76 -34.45 13.84
CA ASN N 166 -10.88 -34.67 14.73
C ASN N 166 -12.14 -34.05 14.12
N PHE N 167 -12.88 -34.87 13.37
CA PHE N 167 -14.10 -34.39 12.73
C PHE N 167 -15.36 -35.11 13.16
N THR N 168 -16.50 -34.52 12.78
CA THR N 168 -17.82 -35.03 13.10
C THR N 168 -18.67 -35.23 11.82
N ILE N 169 -19.10 -36.48 11.58
CA ILE N 169 -19.88 -36.78 10.38
C ILE N 169 -21.31 -37.23 10.65
N GLU N 170 -22.26 -36.62 9.94
CA GLU N 170 -23.68 -36.95 10.08
C GLU N 170 -24.24 -37.43 8.74
N GLU N 171 -25.00 -38.51 8.77
CA GLU N 171 -25.60 -39.05 7.55
C GLU N 171 -27.10 -39.25 7.68
N LEU N 172 -27.77 -39.55 6.57
CA LEU N 172 -29.21 -39.76 6.57
C LEU N 172 -29.59 -41.01 5.79
N PRO N 173 -30.42 -41.89 6.38
CA PRO N 173 -31.07 -41.79 7.70
C PRO N 173 -30.35 -42.56 8.84
N THR O 1 -2.21 -7.50 27.57
CA THR O 1 -3.17 -8.13 28.52
C THR O 1 -3.02 -9.65 28.45
N THR O 2 -3.20 -10.33 29.57
CA THR O 2 -3.09 -11.78 29.61
C THR O 2 -4.07 -12.32 30.65
N ILE O 3 -5.18 -12.89 30.20
CA ILE O 3 -6.18 -13.42 31.11
C ILE O 3 -6.27 -14.92 31.00
N VAL O 4 -5.97 -15.63 32.07
CA VAL O 4 -6.06 -17.09 32.03
C VAL O 4 -6.90 -17.63 33.18
N SER O 5 -7.61 -18.73 32.93
CA SER O 5 -8.47 -19.35 33.95
C SER O 5 -8.39 -20.87 34.00
N VAL O 6 -8.06 -21.40 35.17
CA VAL O 6 -7.96 -22.84 35.34
C VAL O 6 -8.99 -23.33 36.33
N ARG O 7 -9.54 -24.50 36.05
CA ARG O 7 -10.57 -25.13 36.89
C ARG O 7 -10.13 -26.53 37.28
N ARG O 8 -9.87 -26.74 38.56
CA ARG O 8 -9.46 -28.05 39.05
C ARG O 8 -9.75 -28.19 40.54
N ASN O 9 -10.43 -29.27 40.91
CA ASN O 9 -10.79 -29.54 42.31
C ASN O 9 -11.91 -28.63 42.78
N GLY O 10 -13.01 -28.59 42.05
CA GLY O 10 -14.13 -27.75 42.43
C GLY O 10 -13.75 -26.29 42.63
N GLN O 11 -12.55 -25.95 42.17
CA GLN O 11 -12.03 -24.60 42.28
C GLN O 11 -11.98 -23.93 40.91
N VAL O 12 -12.41 -22.68 40.84
CA VAL O 12 -12.39 -21.93 39.60
C VAL O 12 -11.70 -20.60 39.82
N VAL O 13 -10.63 -20.37 39.09
CA VAL O 13 -9.87 -19.13 39.22
C VAL O 13 -9.74 -18.41 37.89
N VAL O 14 -9.61 -17.10 37.97
CA VAL O 14 -9.46 -16.27 36.78
C VAL O 14 -8.53 -15.11 37.05
N GLY O 15 -7.32 -15.20 36.53
CA GLY O 15 -6.34 -14.15 36.73
C GLY O 15 -6.02 -13.39 35.46
N GLY O 16 -5.45 -12.20 35.65
CA GLY O 16 -5.07 -11.35 34.55
C GLY O 16 -4.11 -10.32 35.07
N ASP O 17 -3.22 -9.82 34.24
CA ASP O 17 -2.23 -8.83 34.67
C ASP O 17 -2.89 -7.50 35.00
N GLY O 18 -2.16 -6.42 34.78
CA GLY O 18 -2.68 -5.09 35.05
C GLY O 18 -1.91 -4.01 34.32
N GLN O 19 -1.50 -4.31 33.09
CA GLN O 19 -0.75 -3.35 32.31
C GLN O 19 -1.59 -2.69 31.25
N VAL O 20 -1.96 -1.44 31.47
CA VAL O 20 -2.74 -0.74 30.46
C VAL O 20 -1.70 -0.20 29.51
N SER O 21 -1.54 -0.88 28.38
CA SER O 21 -0.56 -0.48 27.37
C SER O 21 -1.23 0.40 26.33
N LEU O 22 -0.56 1.49 25.97
CA LEU O 22 -1.09 2.41 24.97
C LEU O 22 0.00 2.57 23.92
N GLY O 23 -0.16 1.94 22.76
CA GLY O 23 0.87 2.04 21.74
C GLY O 23 2.00 1.14 22.23
N ASN O 24 3.17 1.73 22.53
CA ASN O 24 4.29 0.95 23.05
C ASN O 24 4.70 1.48 24.43
N THR O 25 3.87 2.34 24.98
CA THR O 25 4.10 2.91 26.30
C THR O 25 3.16 2.29 27.32
N VAL O 26 3.28 2.72 28.58
CA VAL O 26 2.46 2.19 29.64
C VAL O 26 1.75 3.30 30.39
N MET O 27 0.43 3.37 30.24
CA MET O 27 -0.41 4.38 30.87
C MET O 27 -0.68 4.08 32.33
N LYS O 28 -0.64 2.81 32.68
CA LYS O 28 -0.88 2.37 34.05
C LYS O 28 -0.56 0.90 34.17
N GLY O 29 0.09 0.50 35.25
CA GLY O 29 0.43 -0.91 35.41
C GLY O 29 -0.13 -1.59 36.64
N ASN O 30 -1.38 -1.30 36.99
CA ASN O 30 -1.98 -1.91 38.17
C ASN O 30 -3.47 -2.17 38.04
N ALA O 31 -4.06 -1.76 36.91
CA ALA O 31 -5.49 -1.94 36.68
C ALA O 31 -6.00 -3.35 37.01
N ARG O 32 -7.30 -3.43 37.28
CA ARG O 32 -7.93 -4.71 37.59
C ARG O 32 -8.57 -5.23 36.32
N LYS O 33 -8.07 -6.36 35.84
CA LYS O 33 -8.59 -6.92 34.61
C LYS O 33 -9.62 -8.03 34.84
N VAL O 34 -9.79 -8.42 36.11
CA VAL O 34 -10.77 -9.44 36.47
C VAL O 34 -11.67 -8.86 37.55
N ARG O 35 -12.96 -8.74 37.26
CA ARG O 35 -13.91 -8.20 38.19
C ARG O 35 -14.93 -9.26 38.62
N ARG O 36 -15.75 -8.92 39.62
CA ARG O 36 -16.77 -9.83 40.12
C ARG O 36 -18.17 -9.33 39.73
N LEU O 37 -19.01 -10.25 39.25
CA LEU O 37 -20.37 -9.89 38.84
C LEU O 37 -21.45 -10.67 39.58
N TYR O 38 -22.60 -10.03 39.75
CA TYR O 38 -23.74 -10.65 40.43
C TYR O 38 -23.41 -10.90 41.91
N ASN O 39 -23.09 -9.82 42.62
CA ASN O 39 -22.75 -9.87 44.03
C ASN O 39 -21.67 -10.89 44.41
N GLY O 40 -21.04 -11.49 43.40
CA GLY O 40 -20.00 -12.45 43.66
C GLY O 40 -20.36 -13.87 43.24
N LYS O 41 -21.22 -13.98 42.23
CA LYS O 41 -21.61 -15.31 41.77
C LYS O 41 -20.78 -15.75 40.55
N VAL O 42 -20.38 -14.77 39.73
CA VAL O 42 -19.58 -15.04 38.53
C VAL O 42 -18.31 -14.21 38.42
N LEU O 43 -17.29 -14.82 37.85
CA LEU O 43 -16.00 -14.18 37.64
C LEU O 43 -15.89 -13.73 36.21
N ALA O 44 -15.33 -12.54 35.99
CA ALA O 44 -15.19 -12.00 34.64
C ALA O 44 -13.83 -11.35 34.39
N GLY O 45 -13.20 -11.78 33.30
CA GLY O 45 -11.91 -11.25 32.92
C GLY O 45 -12.01 -10.73 31.50
N PHE O 46 -11.66 -9.47 31.30
CA PHE O 46 -11.71 -8.86 29.99
C PHE O 46 -10.33 -8.61 29.43
N ALA O 47 -10.26 -8.55 28.10
CA ALA O 47 -9.02 -8.32 27.38
C ALA O 47 -9.36 -7.70 26.03
N GLY O 48 -8.83 -6.51 25.79
CA GLY O 48 -9.10 -5.83 24.54
C GLY O 48 -8.90 -4.35 24.71
N GLY O 49 -9.69 -3.57 23.98
CA GLY O 49 -9.58 -2.13 24.04
C GLY O 49 -10.27 -1.55 25.25
N THR O 50 -9.49 -0.95 26.15
CA THR O 50 -10.01 -0.33 27.37
C THR O 50 -11.52 -0.07 27.30
N ALA O 51 -11.94 0.66 26.29
CA ALA O 51 -13.36 0.98 26.10
C ALA O 51 -14.16 -0.28 25.75
N ASP O 52 -13.99 -0.76 24.52
CA ASP O 52 -14.70 -1.94 24.07
C ASP O 52 -14.58 -3.11 25.05
N ALA O 53 -13.68 -3.00 26.01
CA ALA O 53 -13.53 -4.07 26.98
C ALA O 53 -14.76 -3.99 27.88
N PHE O 54 -14.96 -2.81 28.45
CA PHE O 54 -16.09 -2.56 29.33
C PHE O 54 -17.42 -2.60 28.61
N THR O 55 -17.49 -1.95 27.44
CA THR O 55 -18.74 -1.92 26.70
C THR O 55 -19.28 -3.34 26.52
N LEU O 56 -18.41 -4.34 26.63
CA LEU O 56 -18.82 -5.73 26.48
C LEU O 56 -18.89 -6.41 27.83
N PHE O 57 -18.24 -5.82 28.82
CA PHE O 57 -18.27 -6.38 30.17
C PHE O 57 -19.59 -6.00 30.81
N GLU O 58 -19.90 -4.71 30.73
CA GLU O 58 -21.14 -4.15 31.28
C GLU O 58 -22.33 -4.63 30.46
N LEU O 59 -22.06 -5.10 29.25
CA LEU O 59 -23.12 -5.58 28.36
C LEU O 59 -23.49 -7.03 28.70
N PHE O 60 -22.61 -7.70 29.41
CA PHE O 60 -22.84 -9.09 29.81
C PHE O 60 -23.40 -9.09 31.21
N GLU O 61 -23.25 -7.96 31.90
CA GLU O 61 -23.77 -7.85 33.25
C GLU O 61 -25.28 -7.77 33.11
N ARG O 62 -25.73 -6.96 32.15
CA ARG O 62 -27.15 -6.81 31.91
C ARG O 62 -27.76 -8.21 31.73
N LYS O 63 -27.29 -8.92 30.72
CA LYS O 63 -27.79 -10.27 30.44
C LYS O 63 -27.67 -11.23 31.63
N LEU O 64 -26.99 -10.81 32.69
CA LEU O 64 -26.87 -11.68 33.84
C LEU O 64 -27.94 -11.35 34.85
N GLU O 65 -28.05 -10.07 35.19
CA GLU O 65 -29.06 -9.62 36.14
C GLU O 65 -30.44 -9.88 35.56
N MET O 66 -30.55 -9.83 34.24
CA MET O 66 -31.83 -10.07 33.58
C MET O 66 -32.12 -11.56 33.39
N HIS O 67 -31.27 -12.43 33.96
CA HIS O 67 -31.46 -13.87 33.84
C HIS O 67 -31.05 -14.68 35.05
N GLN O 68 -31.31 -14.14 36.23
CA GLN O 68 -31.01 -14.83 37.49
C GLN O 68 -29.62 -15.48 37.54
N GLY O 69 -28.66 -14.86 36.86
CA GLY O 69 -27.30 -15.39 36.89
C GLY O 69 -27.10 -16.72 36.19
N HIS O 70 -27.89 -16.98 35.18
CA HIS O 70 -27.75 -18.22 34.42
C HIS O 70 -26.66 -18.04 33.37
N LEU O 71 -25.42 -18.14 33.81
CA LEU O 71 -24.24 -17.97 32.97
C LEU O 71 -24.39 -18.51 31.55
N LEU O 72 -24.14 -19.81 31.41
CA LEU O 72 -24.20 -20.50 30.13
C LEU O 72 -25.28 -19.99 29.18
N LYS O 73 -26.38 -19.47 29.72
CA LYS O 73 -27.45 -18.95 28.87
C LYS O 73 -27.20 -17.48 28.58
N SER O 74 -27.17 -16.67 29.65
CA SER O 74 -26.94 -15.23 29.53
C SER O 74 -25.88 -14.93 28.47
N ALA O 75 -24.89 -15.81 28.38
CA ALA O 75 -23.82 -15.66 27.39
C ALA O 75 -24.45 -15.71 26.01
N VAL O 76 -25.08 -16.84 25.75
CA VAL O 76 -25.76 -17.11 24.48
C VAL O 76 -26.75 -16.02 24.09
N GLU O 77 -27.48 -15.52 25.08
CA GLU O 77 -28.45 -14.47 24.81
C GLU O 77 -27.70 -13.23 24.34
N LEU O 78 -26.48 -13.06 24.85
CA LEU O 78 -25.66 -11.90 24.47
C LEU O 78 -25.20 -12.10 23.03
N ALA O 79 -24.70 -13.29 22.76
CA ALA O 79 -24.22 -13.62 21.41
C ALA O 79 -25.31 -13.32 20.38
N LYS O 80 -26.48 -13.92 20.57
CA LYS O 80 -27.59 -13.74 19.66
C LYS O 80 -27.78 -12.28 19.22
N ASP O 81 -27.39 -11.34 20.07
CA ASP O 81 -27.53 -9.92 19.73
C ASP O 81 -26.69 -9.51 18.52
N TRP O 82 -25.69 -10.33 18.19
CA TRP O 82 -24.82 -10.03 17.06
C TRP O 82 -25.24 -10.84 15.85
N ARG O 83 -26.05 -11.87 16.08
CA ARG O 83 -26.51 -12.72 15.00
C ARG O 83 -27.92 -12.37 14.55
N THR O 84 -28.11 -11.15 14.07
CA THR O 84 -29.44 -10.73 13.62
C THR O 84 -29.40 -10.12 12.23
N ASP O 85 -30.29 -9.16 12.00
CA ASP O 85 -30.38 -8.44 10.73
C ASP O 85 -29.86 -7.03 11.00
N ARG O 86 -29.90 -6.68 12.28
CA ARG O 86 -29.42 -5.40 12.79
C ARG O 86 -28.41 -5.73 13.88
N ALA O 87 -27.13 -5.72 13.50
CA ALA O 87 -26.04 -6.04 14.42
C ALA O 87 -25.74 -4.98 15.48
N LEU O 88 -24.85 -5.34 16.40
CA LEU O 88 -24.45 -4.46 17.48
C LEU O 88 -22.99 -4.06 17.26
N ARG O 89 -22.75 -3.20 16.28
CA ARG O 89 -21.39 -2.75 15.98
C ARG O 89 -20.44 -3.95 15.89
N LYS O 90 -19.49 -3.97 16.80
CA LYS O 90 -18.48 -5.01 16.91
C LYS O 90 -17.59 -4.51 18.03
N LEU O 91 -17.12 -5.41 18.88
CA LEU O 91 -16.28 -5.01 20.01
C LEU O 91 -14.90 -5.63 20.03
N GLU O 92 -13.90 -4.76 20.01
CA GLU O 92 -12.50 -5.19 20.02
C GLU O 92 -12.11 -5.68 21.40
N ALA O 93 -12.54 -6.88 21.75
CA ALA O 93 -12.22 -7.47 23.05
C ALA O 93 -12.90 -8.81 23.27
N MET O 94 -12.47 -9.51 24.30
CA MET O 94 -13.03 -10.80 24.62
C MET O 94 -13.20 -10.92 26.13
N LEU O 95 -14.20 -11.71 26.53
CA LEU O 95 -14.49 -11.90 27.94
C LEU O 95 -14.38 -13.36 28.35
N ILE O 96 -13.87 -13.58 29.56
CA ILE O 96 -13.78 -14.92 30.10
C ILE O 96 -14.62 -14.90 31.37
N VAL O 97 -15.75 -15.59 31.32
CA VAL O 97 -16.66 -15.63 32.45
C VAL O 97 -16.80 -17.03 32.98
N ALA O 98 -16.83 -17.17 34.31
CA ALA O 98 -16.97 -18.48 34.93
C ALA O 98 -17.52 -18.38 36.33
N ASP O 99 -18.39 -19.33 36.68
CA ASP O 99 -19.00 -19.40 37.99
C ASP O 99 -18.75 -20.80 38.55
N GLU O 100 -19.36 -21.10 39.70
CA GLU O 100 -19.17 -22.40 40.34
C GLU O 100 -19.45 -23.60 39.44
N LYS O 101 -20.21 -23.39 38.37
CA LYS O 101 -20.57 -24.49 37.48
C LYS O 101 -19.87 -24.50 36.12
N GLU O 102 -19.95 -23.39 35.40
CA GLU O 102 -19.34 -23.28 34.08
C GLU O 102 -18.25 -22.23 33.99
N SER O 103 -17.67 -22.11 32.80
CA SER O 103 -16.61 -21.16 32.51
C SER O 103 -16.62 -20.98 31.00
N LEU O 104 -16.68 -19.74 30.54
CA LEU O 104 -16.71 -19.48 29.12
C LEU O 104 -15.85 -18.33 28.64
N ILE O 105 -15.97 -18.06 27.34
CA ILE O 105 -15.23 -17.01 26.67
C ILE O 105 -16.15 -16.43 25.62
N ILE O 106 -16.35 -15.12 25.65
CA ILE O 106 -17.25 -14.47 24.71
C ILE O 106 -16.54 -13.36 23.95
N THR O 107 -16.66 -13.35 22.63
CA THR O 107 -16.01 -12.32 21.83
C THR O 107 -17.00 -11.23 21.45
N GLY O 108 -16.48 -10.01 21.30
CA GLY O 108 -17.31 -8.89 20.94
C GLY O 108 -17.81 -8.98 19.50
N ILE O 109 -17.50 -10.08 18.84
CA ILE O 109 -17.92 -10.31 17.47
C ILE O 109 -19.24 -11.07 17.57
N GLY O 110 -19.45 -11.72 18.71
CA GLY O 110 -20.67 -12.46 18.92
C GLY O 110 -20.57 -13.95 18.76
N ASP O 111 -19.99 -14.61 19.75
CA ASP O 111 -19.87 -16.06 19.73
C ASP O 111 -19.41 -16.52 21.11
N VAL O 112 -19.79 -17.72 21.49
CA VAL O 112 -19.42 -18.25 22.80
C VAL O 112 -18.60 -19.50 22.62
N VAL O 113 -17.56 -19.66 23.43
CA VAL O 113 -16.73 -20.83 23.31
C VAL O 113 -16.50 -21.55 24.63
N GLN O 114 -16.64 -22.88 24.57
CA GLN O 114 -16.45 -23.72 25.74
C GLN O 114 -15.08 -24.34 25.73
N PRO O 115 -14.45 -24.44 26.90
CA PRO O 115 -13.12 -25.04 27.03
C PRO O 115 -13.13 -26.47 26.50
N GLU O 116 -12.00 -27.14 26.60
CA GLU O 116 -11.90 -28.52 26.16
C GLU O 116 -11.72 -29.30 27.46
N GLU O 117 -11.65 -30.63 27.36
CA GLU O 117 -11.49 -31.49 28.53
C GLU O 117 -10.81 -30.86 29.75
N ASP O 118 -9.68 -30.19 29.56
CA ASP O 118 -8.94 -29.58 30.68
C ASP O 118 -9.58 -28.37 31.36
N GLN O 119 -10.51 -27.72 30.67
CA GLN O 119 -11.19 -26.55 31.21
C GLN O 119 -10.21 -25.45 31.58
N ILE O 120 -9.34 -25.08 30.64
CA ILE O 120 -8.37 -24.01 30.82
C ILE O 120 -8.70 -22.93 29.79
N LEU O 121 -8.73 -21.69 30.23
CA LEU O 121 -9.03 -20.59 29.33
C LEU O 121 -8.05 -19.44 29.40
N ALA O 122 -7.75 -18.86 28.24
CA ALA O 122 -6.84 -17.73 28.16
C ALA O 122 -7.18 -16.82 26.99
N ILE O 123 -7.12 -15.52 27.22
CA ILE O 123 -7.38 -14.56 26.15
C ILE O 123 -6.42 -13.39 26.28
N GLY O 124 -6.36 -12.58 25.23
CA GLY O 124 -5.47 -11.43 25.24
C GLY O 124 -4.20 -11.71 24.47
N SER O 125 -3.33 -10.71 24.42
CA SER O 125 -2.06 -10.84 23.72
C SER O 125 -1.23 -12.01 24.24
N GLY O 126 -0.95 -12.01 25.53
CA GLY O 126 -0.14 -13.08 26.08
C GLY O 126 -0.89 -14.37 26.35
N GLY O 127 -2.04 -14.51 25.70
CA GLY O 127 -2.84 -15.71 25.88
C GLY O 127 -2.09 -17.03 25.85
N ASN O 128 -2.01 -17.60 24.65
CA ASN O 128 -1.35 -18.88 24.45
C ASN O 128 -0.14 -19.11 25.33
N TYR O 129 0.57 -18.05 25.71
CA TYR O 129 1.73 -18.24 26.57
C TYR O 129 1.20 -18.83 27.86
N ALA O 130 0.39 -18.05 28.56
CA ALA O 130 -0.18 -18.51 29.84
C ALA O 130 -0.87 -19.83 29.63
N LEU O 131 -1.52 -19.98 28.48
CA LEU O 131 -2.21 -21.21 28.18
C LEU O 131 -1.25 -22.40 28.18
N SER O 132 -0.21 -22.31 27.36
CA SER O 132 0.78 -23.38 27.27
C SER O 132 1.32 -23.71 28.64
N ALA O 133 1.46 -22.68 29.48
CA ALA O 133 1.98 -22.86 30.82
C ALA O 133 0.95 -23.65 31.62
N ALA O 134 -0.28 -23.14 31.65
CA ALA O 134 -1.36 -23.80 32.39
C ALA O 134 -1.34 -25.26 32.02
N ARG O 135 -1.73 -25.54 30.77
CA ARG O 135 -1.77 -26.91 30.26
C ARG O 135 -0.55 -27.66 30.74
N ALA O 136 0.61 -27.06 30.61
CA ALA O 136 1.84 -27.70 31.05
C ALA O 136 1.68 -28.16 32.51
N LEU O 137 1.23 -27.23 33.35
CA LEU O 137 1.02 -27.48 34.76
C LEU O 137 -0.10 -28.50 35.00
N VAL O 138 -1.33 -28.05 34.81
CA VAL O 138 -2.51 -28.89 34.99
C VAL O 138 -2.31 -30.35 34.60
N GLU O 139 -1.61 -30.61 33.52
CA GLU O 139 -1.40 -31.98 33.05
C GLU O 139 -0.28 -32.77 33.72
N ASN O 140 0.74 -32.08 34.22
CA ASN O 140 1.86 -32.78 34.85
C ASN O 140 2.09 -32.51 36.34
N THR O 141 1.12 -31.86 36.98
CA THR O 141 1.26 -31.55 38.40
C THR O 141 -0.06 -31.49 39.14
N GLU O 142 0.00 -31.71 40.45
CA GLU O 142 -1.18 -31.66 41.31
C GLU O 142 -1.15 -30.29 41.97
N LEU O 143 -1.41 -29.25 41.18
CA LEU O 143 -1.39 -27.87 41.71
C LEU O 143 -2.74 -27.21 41.77
N SER O 144 -2.91 -26.38 42.78
CA SER O 144 -4.19 -25.69 42.98
C SER O 144 -4.51 -24.83 41.78
N ALA O 145 -5.78 -24.83 41.38
CA ALA O 145 -6.22 -24.05 40.24
C ALA O 145 -5.77 -22.61 40.42
N HIS O 146 -5.58 -22.19 41.67
CA HIS O 146 -5.13 -20.82 41.92
C HIS O 146 -3.63 -20.73 41.63
N GLU O 147 -2.85 -21.54 42.33
CA GLU O 147 -1.40 -21.54 42.12
C GLU O 147 -1.05 -21.63 40.63
N ILE O 148 -1.76 -22.46 39.86
CA ILE O 148 -1.49 -22.55 38.43
C ILE O 148 -1.74 -21.21 37.77
N VAL O 149 -3.00 -20.75 37.82
CA VAL O 149 -3.35 -19.47 37.23
C VAL O 149 -2.39 -18.34 37.63
N GLU O 150 -1.81 -18.45 38.81
CA GLU O 150 -0.86 -17.45 39.27
C GLU O 150 0.41 -17.72 38.48
N LYS O 151 0.99 -18.89 38.70
CA LYS O 151 2.22 -19.28 38.02
C LYS O 151 2.15 -19.03 36.51
N SER O 152 1.05 -19.43 35.88
CA SER O 152 0.90 -19.24 34.44
C SER O 152 0.94 -17.78 34.03
N LEU O 153 0.34 -16.92 34.81
CA LEU O 153 0.38 -15.51 34.46
C LEU O 153 1.82 -15.04 34.40
N ARG O 154 2.61 -15.39 35.40
CA ARG O 154 4.01 -14.98 35.43
C ARG O 154 4.72 -15.35 34.14
N ILE O 155 4.76 -16.63 33.83
CA ILE O 155 5.42 -17.10 32.61
C ILE O 155 5.09 -16.15 31.47
N ALA O 156 3.81 -15.84 31.30
CA ALA O 156 3.33 -14.95 30.24
C ALA O 156 3.82 -13.50 30.34
N GLY O 157 3.91 -12.96 31.54
CA GLY O 157 4.37 -11.58 31.66
C GLY O 157 5.83 -11.42 31.27
N ASP O 158 6.57 -12.51 31.46
CA ASP O 158 7.98 -12.58 31.15
C ASP O 158 8.28 -12.84 29.67
N ILE O 159 7.23 -12.81 28.84
CA ILE O 159 7.41 -13.05 27.42
C ILE O 159 6.63 -12.02 26.66
N CYS O 160 5.46 -11.68 27.13
CA CYS O 160 4.70 -10.65 26.45
C CYS O 160 5.18 -9.27 26.90
N VAL O 161 5.54 -8.44 25.92
CA VAL O 161 6.00 -7.10 26.23
C VAL O 161 4.79 -6.25 26.59
N PHE O 162 3.61 -6.85 26.45
CA PHE O 162 2.39 -6.15 26.77
C PHE O 162 1.69 -6.74 27.98
N THR O 163 2.49 -7.32 28.88
CA THR O 163 1.98 -7.93 30.10
C THR O 163 2.97 -7.79 31.24
N ASN O 164 2.44 -7.51 32.42
CA ASN O 164 3.24 -7.33 33.63
C ASN O 164 2.99 -8.37 34.71
N THR O 165 3.79 -8.31 35.77
CA THR O 165 3.69 -9.24 36.87
C THR O 165 2.68 -8.80 37.91
N ASN O 166 2.23 -7.55 37.84
CA ASN O 166 1.26 -7.06 38.81
C ASN O 166 -0.15 -7.44 38.37
N PHE O 167 -0.59 -8.61 38.81
CA PHE O 167 -1.92 -9.10 38.45
C PHE O 167 -2.89 -9.29 39.62
N THR O 168 -4.16 -9.45 39.27
CA THR O 168 -5.25 -9.63 40.22
C THR O 168 -6.03 -10.93 39.96
N ILE O 169 -6.04 -11.84 40.94
CA ILE O 169 -6.72 -13.12 40.77
C ILE O 169 -7.94 -13.33 41.66
N GLU O 170 -9.05 -13.77 41.06
CA GLU O 170 -10.28 -14.03 41.81
C GLU O 170 -10.69 -15.49 41.64
N GLU O 171 -11.08 -16.13 42.73
CA GLU O 171 -11.51 -17.52 42.68
C GLU O 171 -12.87 -17.71 43.32
N LEU O 172 -13.42 -18.92 43.19
CA LEU O 172 -14.73 -19.24 43.75
C LEU O 172 -14.71 -20.60 44.46
N PRO O 173 -15.22 -20.67 45.69
CA PRO O 173 -15.81 -19.60 46.50
C PRO O 173 -14.85 -18.93 47.49
N THR P 1 1.29 18.98 21.53
CA THR P 1 0.60 19.33 22.79
C THR P 1 1.22 18.50 23.92
N THR P 2 1.29 19.07 25.12
CA THR P 2 1.84 18.35 26.27
C THR P 2 1.12 18.83 27.52
N ILE P 3 0.24 17.99 28.06
CA ILE P 3 -0.53 18.35 29.25
C ILE P 3 -0.16 17.45 30.42
N VAL P 4 0.38 18.06 31.48
CA VAL P 4 0.77 17.28 32.65
C VAL P 4 0.17 17.85 33.93
N SER P 5 -0.15 16.97 34.87
CA SER P 5 -0.72 17.37 36.14
C SER P 5 -0.16 16.62 37.35
N VAL P 6 0.33 17.39 38.32
CA VAL P 6 0.89 16.82 39.53
C VAL P 6 0.09 17.26 40.74
N ARG P 7 -0.07 16.34 41.68
CA ARG P 7 -0.81 16.58 42.91
C ARG P 7 0.05 16.24 44.12
N ARG P 8 0.42 17.26 44.89
CA ARG P 8 1.23 17.06 46.08
C ARG P 8 1.05 18.21 47.06
N ASN P 9 0.75 17.86 48.32
CA ASN P 9 0.54 18.86 49.38
C ASN P 9 -0.81 19.56 49.22
N GLY P 10 -1.89 18.78 49.12
CA GLY P 10 -3.20 19.37 48.97
C GLY P 10 -3.29 20.34 47.81
N GLN P 11 -2.28 20.30 46.96
CA GLN P 11 -2.20 21.17 45.79
C GLN P 11 -2.41 20.36 44.51
N VAL P 12 -3.23 20.90 43.61
CA VAL P 12 -3.48 20.23 42.33
C VAL P 12 -3.24 21.22 41.21
N VAL P 13 -2.32 20.87 40.32
CA VAL P 13 -1.99 21.74 39.20
C VAL P 13 -2.11 21.01 37.87
N VAL P 14 -2.43 21.77 36.83
CA VAL P 14 -2.56 21.20 35.50
C VAL P 14 -2.05 22.17 34.46
N GLY P 15 -0.88 21.85 33.90
CA GLY P 15 -0.28 22.70 32.89
C GLY P 15 -0.24 22.06 31.52
N GLY P 16 -0.10 22.91 30.52
CA GLY P 16 -0.03 22.46 29.14
C GLY P 16 0.55 23.58 28.32
N ASP P 17 1.22 23.25 27.22
CA ASP P 17 1.83 24.27 26.38
C ASP P 17 0.78 25.15 25.68
N GLY P 18 1.12 25.62 24.48
CA GLY P 18 0.21 26.45 23.73
C GLY P 18 0.60 26.53 22.27
N GLN P 19 1.06 25.40 21.72
CA GLN P 19 1.47 25.34 20.33
C GLN P 19 0.44 24.63 19.48
N VAL P 20 -0.31 25.42 18.70
CA VAL P 20 -1.30 24.83 17.81
C VAL P 20 -0.52 24.45 16.57
N SER P 21 -0.18 23.17 16.49
CA SER P 21 0.58 22.66 15.36
C SER P 21 -0.36 22.12 14.28
N LEU P 22 -0.08 22.50 13.04
CA LEU P 22 -0.89 22.05 11.92
C LEU P 22 0.08 21.41 10.92
N GLY P 23 0.09 20.09 10.86
CA GLY P 23 1.01 19.41 9.96
C GLY P 23 2.38 19.53 10.61
N ASN P 24 3.29 20.27 9.99
CA ASN P 24 4.62 20.45 10.58
C ASN P 24 4.89 21.94 10.75
N THR P 25 3.83 22.73 10.61
CA THR P 25 3.91 24.17 10.78
C THR P 25 3.25 24.59 12.09
N VAL P 26 3.27 25.89 12.37
CA VAL P 26 2.67 26.40 13.60
C VAL P 26 1.68 27.50 13.32
N MET P 27 0.41 27.20 13.54
CA MET P 27 -0.68 28.15 13.31
C MET P 27 -0.81 29.20 14.40
N LYS P 28 -0.37 28.85 15.61
CA LYS P 28 -0.42 29.74 16.76
C LYS P 28 0.33 29.13 17.92
N GLY P 29 1.14 29.93 18.60
CA GLY P 29 1.91 29.39 19.71
C GLY P 29 1.63 30.00 21.07
N ASN P 30 0.36 30.25 21.38
CA ASN P 30 0.02 30.84 22.67
C ASN P 30 -1.33 30.36 23.21
N ALA P 31 -2.04 29.54 22.45
CA ALA P 31 -3.35 29.04 22.88
C ALA P 31 -3.38 28.51 24.31
N ARG P 32 -4.58 28.51 24.89
CA ARG P 32 -4.75 28.04 26.26
C ARG P 32 -5.21 26.60 26.18
N LYS P 33 -4.40 25.69 26.69
CA LYS P 33 -4.75 24.28 26.62
C LYS P 33 -5.38 23.74 27.90
N VAL P 34 -5.40 24.57 28.93
CA VAL P 34 -6.00 24.22 30.22
C VAL P 34 -7.00 25.31 30.59
N ARG P 35 -8.26 24.93 30.72
CA ARG P 35 -9.32 25.88 31.06
C ARG P 35 -9.93 25.53 32.41
N ARG P 36 -10.77 26.43 32.91
CA ARG P 36 -11.45 26.24 34.20
C ARG P 36 -12.94 25.96 33.98
N LEU P 37 -13.46 24.97 34.69
CA LEU P 37 -14.86 24.62 34.58
C LEU P 37 -15.61 24.69 35.90
N TYR P 38 -16.91 25.00 35.81
CA TYR P 38 -17.78 25.08 36.99
C TYR P 38 -17.36 26.25 37.89
N ASN P 39 -17.36 27.45 37.31
CA ASN P 39 -16.99 28.68 38.00
C ASN P 39 -15.64 28.63 38.72
N GLY P 40 -14.90 27.54 38.49
CA GLY P 40 -13.59 27.42 39.12
C GLY P 40 -13.49 26.28 40.11
N LYS P 41 -14.27 25.23 39.91
CA LYS P 41 -14.24 24.10 40.80
C LYS P 41 -13.35 22.97 40.27
N VAL P 42 -13.30 22.84 38.94
CA VAL P 42 -12.49 21.81 38.29
C VAL P 42 -11.56 22.34 37.21
N LEU P 43 -10.41 21.68 37.11
CA LEU P 43 -9.41 22.03 36.12
C LEU P 43 -9.48 21.06 34.96
N ALA P 44 -9.33 21.57 33.75
CA ALA P 44 -9.40 20.74 32.56
C ALA P 44 -8.33 21.07 31.54
N GLY P 45 -7.63 20.03 31.11
CA GLY P 45 -6.59 20.16 30.12
C GLY P 45 -6.90 19.20 28.98
N PHE P 46 -6.96 19.74 27.77
CA PHE P 46 -7.25 18.94 26.60
C PHE P 46 -6.04 18.80 25.69
N ALA P 47 -6.03 17.71 24.92
CA ALA P 47 -4.94 17.41 24.00
C ALA P 47 -5.49 16.53 22.88
N GLY P 48 -5.36 17.01 21.66
CA GLY P 48 -5.85 16.25 20.52
C GLY P 48 -6.14 17.19 19.38
N GLY P 49 -7.17 16.87 18.60
CA GLY P 49 -7.52 17.71 17.48
C GLY P 49 -8.34 18.93 17.85
N THR P 50 -7.75 20.11 17.65
CA THR P 50 -8.41 21.37 17.93
C THR P 50 -9.91 21.21 18.09
N ALA P 51 -10.56 20.67 17.06
CA ALA P 51 -12.00 20.45 17.09
C ALA P 51 -12.39 19.41 18.13
N ASP P 52 -12.10 18.14 17.84
CA ASP P 52 -12.42 17.04 18.76
C ASP P 52 -11.91 17.29 20.17
N ALA P 53 -11.06 18.29 20.34
CA ALA P 53 -10.57 18.59 21.68
C ALA P 53 -11.75 19.17 22.43
N PHE P 54 -12.27 20.27 21.89
CA PHE P 54 -13.41 20.98 22.45
C PHE P 54 -14.68 20.15 22.45
N THR P 55 -14.98 19.50 21.33
CA THR P 55 -16.19 18.70 21.28
C THR P 55 -16.23 17.71 22.45
N LEU P 56 -15.08 17.44 23.07
CA LEU P 56 -15.05 16.52 24.20
C LEU P 56 -14.87 17.30 25.50
N PHE P 57 -14.40 18.54 25.39
CA PHE P 57 -14.21 19.39 26.56
C PHE P 57 -15.56 19.94 26.97
N GLU P 58 -16.28 20.48 25.99
CA GLU P 58 -17.62 21.04 26.18
C GLU P 58 -18.63 19.94 26.49
N LEU P 59 -18.28 18.72 26.12
CA LEU P 59 -19.16 17.57 26.33
C LEU P 59 -19.03 17.05 27.77
N PHE P 60 -17.96 17.44 28.44
CA PHE P 60 -17.71 17.03 29.81
C PHE P 60 -18.19 18.14 30.72
N GLU P 61 -18.41 19.32 30.15
CA GLU P 61 -18.89 20.45 30.92
C GLU P 61 -20.37 20.17 31.19
N ARG P 62 -21.07 19.69 30.18
CA ARG P 62 -22.48 19.36 30.33
C ARG P 62 -22.63 18.38 31.51
N LYS P 63 -21.97 17.23 31.42
CA LYS P 63 -22.02 16.22 32.49
C LYS P 63 -21.58 16.75 33.86
N LEU P 64 -21.03 17.95 33.90
CA LEU P 64 -20.62 18.49 35.19
C LEU P 64 -21.73 19.38 35.73
N GLU P 65 -22.21 20.31 34.93
CA GLU P 65 -23.28 21.20 35.35
C GLU P 65 -24.52 20.37 35.65
N MET P 66 -24.66 19.25 34.95
CA MET P 66 -25.81 18.37 35.14
C MET P 66 -25.62 17.41 36.31
N HIS P 67 -24.55 17.58 37.08
CA HIS P 67 -24.29 16.71 38.23
C HIS P 67 -23.62 17.37 39.42
N GLN P 68 -23.96 18.63 39.67
CA GLN P 68 -23.43 19.37 40.81
C GLN P 68 -21.92 19.31 40.97
N GLY P 69 -21.20 19.20 39.86
CA GLY P 69 -19.75 19.15 39.90
C GLY P 69 -19.15 17.89 40.51
N HIS P 70 -19.86 16.77 40.41
CA HIS P 70 -19.36 15.52 40.94
C HIS P 70 -18.42 14.87 39.93
N LEU P 71 -17.20 15.38 39.91
CA LEU P 71 -16.17 14.91 38.99
C LEU P 71 -16.16 13.42 38.71
N LEU P 72 -15.51 12.67 39.60
CA LEU P 72 -15.40 11.22 39.47
C LEU P 72 -16.61 10.54 38.86
N LYS P 73 -17.79 11.12 39.03
CA LYS P 73 -19.00 10.52 38.47
C LYS P 73 -19.24 11.06 37.08
N SER P 74 -19.45 12.37 36.99
CA SER P 74 -19.69 13.04 35.71
C SER P 74 -18.83 12.46 34.60
N ALA P 75 -17.61 12.06 34.96
CA ALA P 75 -16.66 11.47 34.03
C ALA P 75 -17.28 10.17 33.51
N VAL P 76 -17.53 9.28 34.46
CA VAL P 76 -18.10 7.96 34.18
C VAL P 76 -19.39 8.07 33.40
N GLU P 77 -20.21 9.05 33.73
CA GLU P 77 -21.47 9.23 33.03
C GLU P 77 -21.17 9.58 31.57
N LEU P 78 -20.06 10.29 31.35
CA LEU P 78 -19.66 10.67 29.99
C LEU P 78 -19.21 9.42 29.24
N ALA P 79 -18.35 8.65 29.89
CA ALA P 79 -17.84 7.41 29.32
C ALA P 79 -18.98 6.52 28.86
N LYS P 80 -19.90 6.20 29.76
CA LYS P 80 -21.04 5.35 29.44
C LYS P 80 -21.69 5.70 28.10
N ASP P 81 -21.60 6.96 27.69
CA ASP P 81 -22.18 7.39 26.42
C ASP P 81 -21.55 6.72 25.21
N TRP P 82 -20.35 6.16 25.39
CA TRP P 82 -19.65 5.48 24.31
C TRP P 82 -19.82 3.97 24.45
N ARG P 83 -20.28 3.54 25.61
CA ARG P 83 -20.46 2.12 25.85
C ARG P 83 -21.93 1.71 25.72
N THR P 84 -22.52 1.89 24.54
CA THR P 84 -23.91 1.53 24.34
C THR P 84 -24.12 0.67 23.08
N ASP P 85 -25.27 0.85 22.45
CA ASP P 85 -25.61 0.13 21.22
C ASP P 85 -25.56 1.17 20.11
N ARG P 86 -25.68 2.43 20.52
CA ARG P 86 -25.62 3.57 19.63
C ARG P 86 -24.52 4.48 20.18
N ALA P 87 -23.32 4.36 19.62
CA ALA P 87 -22.17 5.13 20.06
C ALA P 87 -22.18 6.61 19.70
N LEU P 88 -21.20 7.34 20.23
CA LEU P 88 -21.06 8.77 19.98
C LEU P 88 -19.80 9.00 19.15
N ARG P 89 -19.88 8.65 17.88
CA ARG P 89 -18.74 8.81 16.98
C ARG P 89 -17.47 8.25 17.61
N LYS P 90 -16.54 9.16 17.85
CA LYS P 90 -15.24 8.86 18.45
C LYS P 90 -14.52 10.21 18.39
N LEU P 91 -13.78 10.54 19.45
CA LEU P 91 -13.08 11.81 19.49
C LEU P 91 -11.57 11.71 19.61
N GLU P 92 -10.90 12.30 18.62
CA GLU P 92 -9.45 12.30 18.57
C GLU P 92 -8.88 13.27 19.58
N ALA P 93 -8.92 12.88 20.85
CA ALA P 93 -8.39 13.73 21.90
C ALA P 93 -8.60 13.12 23.29
N MET P 94 -7.90 13.67 24.26
CA MET P 94 -7.99 13.22 25.62
C MET P 94 -8.11 14.40 26.58
N LEU P 95 -8.77 14.18 27.70
CA LEU P 95 -8.98 15.22 28.69
C LEU P 95 -8.40 14.84 30.04
N ILE P 96 -7.83 15.83 30.71
CA ILE P 96 -7.29 15.63 32.05
C ILE P 96 -8.05 16.60 32.93
N VAL P 97 -8.90 16.03 33.79
CA VAL P 97 -9.72 16.82 34.69
C VAL P 97 -9.39 16.51 36.14
N ALA P 98 -9.33 17.56 36.95
CA ALA P 98 -9.04 17.40 38.36
C ALA P 98 -9.56 18.57 39.18
N ASP P 99 -10.05 18.24 40.37
CA ASP P 99 -10.58 19.22 41.32
C ASP P 99 -9.89 19.00 42.67
N GLU P 100 -10.33 19.73 43.68
CA GLU P 100 -9.73 19.63 45.01
C GLU P 100 -9.65 18.20 45.57
N LYS P 101 -10.46 17.29 45.03
CA LYS P 101 -10.49 15.91 45.54
C LYS P 101 -9.87 14.85 44.63
N GLU P 102 -10.30 14.82 43.38
CA GLU P 102 -9.79 13.85 42.42
C GLU P 102 -9.09 14.48 41.22
N SER P 103 -8.60 13.62 40.34
CA SER P 103 -7.92 14.02 39.11
C SER P 103 -8.03 12.84 38.17
N LEU P 104 -8.51 13.10 36.95
CA LEU P 104 -8.66 12.02 36.00
C LEU P 104 -8.22 12.33 34.57
N ILE P 105 -8.43 11.34 33.71
CA ILE P 105 -8.08 11.43 32.31
C ILE P 105 -9.18 10.70 31.54
N ILE P 106 -9.78 11.38 30.58
CA ILE P 106 -10.87 10.79 29.80
C ILE P 106 -10.56 10.82 28.32
N THR P 107 -10.73 9.69 27.64
CA THR P 107 -10.45 9.64 26.21
C THR P 107 -11.74 9.75 25.42
N GLY P 108 -11.64 10.33 24.22
CA GLY P 108 -12.79 10.47 23.35
C GLY P 108 -13.29 9.15 22.80
N ILE P 109 -12.67 8.05 23.24
CA ILE P 109 -13.05 6.70 22.82
C ILE P 109 -14.05 6.22 23.84
N GLY P 110 -14.02 6.82 25.01
CA GLY P 110 -14.93 6.44 26.06
C GLY P 110 -14.37 5.55 27.15
N ASP P 111 -13.57 6.14 28.04
CA ASP P 111 -12.98 5.40 29.15
C ASP P 111 -12.37 6.40 30.12
N VAL P 112 -12.33 6.03 31.39
CA VAL P 112 -11.79 6.91 32.41
C VAL P 112 -10.63 6.22 33.07
N VAL P 113 -9.56 6.97 33.33
CA VAL P 113 -8.39 6.39 33.97
C VAL P 113 -7.91 7.17 35.19
N GLN P 114 -7.64 6.43 36.24
CA GLN P 114 -7.16 6.99 37.50
C GLN P 114 -5.66 6.86 37.61
N PRO P 115 -4.99 7.92 38.11
CA PRO P 115 -3.54 7.90 38.26
C PRO P 115 -3.10 6.72 39.11
N GLU P 116 -1.82 6.64 39.40
CA GLU P 116 -1.28 5.58 40.25
C GLU P 116 -0.81 6.29 41.51
N GLU P 117 -0.35 5.53 42.49
CA GLU P 117 0.12 6.08 43.76
C GLU P 117 0.59 7.55 43.73
N ASP P 118 1.45 7.89 42.78
CA ASP P 118 1.99 9.25 42.68
C ASP P 118 1.00 10.35 42.27
N GLN P 119 -0.10 9.97 41.63
CA GLN P 119 -1.09 10.94 41.19
C GLN P 119 -0.50 11.96 40.23
N ILE P 120 0.18 11.48 39.19
CA ILE P 120 0.75 12.36 38.18
C ILE P 120 0.08 11.98 36.87
N LEU P 121 -0.35 12.99 36.13
CA LEU P 121 -1.00 12.74 34.85
C LEU P 121 -0.45 13.54 33.68
N ALA P 122 -0.40 12.91 32.52
CA ALA P 122 0.10 13.56 31.32
C ALA P 122 -0.50 12.97 30.06
N ILE P 123 -0.87 13.84 29.13
CA ILE P 123 -1.44 13.40 27.88
C ILE P 123 -0.89 14.26 26.76
N GLY P 124 -1.09 13.78 25.53
CA GLY P 124 -0.62 14.51 24.37
C GLY P 124 0.64 13.90 23.80
N SER P 125 1.15 14.53 22.75
CA SER P 125 2.36 14.05 22.10
C SER P 125 3.54 14.00 23.08
N GLY P 126 3.88 15.14 23.66
CA GLY P 126 4.99 15.16 24.59
C GLY P 126 4.67 14.60 25.97
N GLY P 127 3.63 13.78 26.03
CA GLY P 127 3.26 13.21 27.30
C GLY P 127 4.40 12.63 28.13
N ASN P 128 4.60 11.34 27.97
CA ASN P 128 5.61 10.61 28.69
C ASN P 128 6.86 11.43 28.99
N TYR P 129 7.18 12.40 28.15
CA TYR P 129 8.37 13.21 28.44
C TYR P 129 8.10 13.92 29.75
N ALA P 130 7.10 14.80 29.73
CA ALA P 130 6.73 15.54 30.94
C ALA P 130 6.51 14.58 32.09
N LEU P 131 5.87 13.46 31.79
CA LEU P 131 5.61 12.46 32.82
C LEU P 131 6.90 11.99 33.45
N SER P 132 7.84 11.52 32.64
CA SER P 132 9.11 11.03 33.16
C SER P 132 9.78 12.11 34.00
N ALA P 133 9.59 13.35 33.59
CA ALA P 133 10.17 14.47 34.31
C ALA P 133 9.50 14.59 35.66
N ALA P 134 8.18 14.70 35.64
CA ALA P 134 7.40 14.80 36.87
C ALA P 134 7.86 13.71 37.83
N ARG P 135 7.54 12.47 37.50
CA ARG P 135 7.90 11.33 38.32
C ARG P 135 9.31 11.54 38.85
N ALA P 136 10.21 11.90 37.96
CA ALA P 136 11.59 12.13 38.35
C ALA P 136 11.63 13.11 39.53
N LEU P 137 10.94 14.23 39.36
CA LEU P 137 10.88 15.25 40.39
C LEU P 137 10.14 14.76 41.62
N VAL P 138 8.82 14.65 41.51
CA VAL P 138 7.97 14.19 42.61
C VAL P 138 8.61 13.15 43.52
N GLU P 139 9.31 12.19 42.94
CA GLU P 139 9.95 11.13 43.72
C GLU P 139 11.28 11.46 44.39
N ASN P 140 12.04 12.40 43.84
CA ASN P 140 13.35 12.73 44.41
C ASN P 140 13.51 14.17 44.91
N THR P 141 12.41 14.88 45.04
CA THR P 141 12.49 16.26 45.50
C THR P 141 11.23 16.72 46.22
N GLU P 142 11.40 17.74 47.07
CA GLU P 142 10.30 18.32 47.83
C GLU P 142 9.89 19.58 47.07
N LEU P 143 9.29 19.39 45.90
CA LEU P 143 8.90 20.53 45.09
C LEU P 143 7.39 20.73 44.99
N SER P 144 6.98 21.99 44.90
CA SER P 144 5.58 22.34 44.80
C SER P 144 4.96 21.72 43.57
N ALA P 145 3.76 21.19 43.72
CA ALA P 145 3.06 20.58 42.61
C ALA P 145 3.03 21.53 41.42
N HIS P 146 3.12 22.84 41.69
CA HIS P 146 3.13 23.82 40.62
C HIS P 146 4.50 23.85 39.98
N GLU P 147 5.53 24.12 40.77
CA GLU P 147 6.90 24.15 40.25
C GLU P 147 7.23 22.90 39.43
N ILE P 148 6.77 21.73 39.88
CA ILE P 148 7.03 20.50 39.12
C ILE P 148 6.36 20.61 37.76
N VAL P 149 5.03 20.68 37.76
CA VAL P 149 4.26 20.80 36.53
C VAL P 149 4.83 21.88 35.60
N GLU P 150 5.43 22.91 36.17
CA GLU P 150 6.02 23.95 35.34
C GLU P 150 7.28 23.34 34.77
N LYS P 151 8.21 22.99 35.65
CA LYS P 151 9.48 22.40 35.26
C LYS P 151 9.31 21.24 34.27
N SER P 152 8.38 20.33 34.55
CA SER P 152 8.14 19.20 33.67
C SER P 152 7.70 19.62 32.29
N LEU P 153 6.88 20.66 32.19
CA LEU P 153 6.47 21.11 30.87
C LEU P 153 7.68 21.51 30.04
N ARG P 154 8.57 22.29 30.63
CA ARG P 154 9.76 22.73 29.92
C ARG P 154 10.50 21.54 29.33
N ILE P 155 10.96 20.62 30.18
CA ILE P 155 11.67 19.43 29.72
C ILE P 155 11.02 18.89 28.43
N ALA P 156 9.71 18.73 28.48
CA ALA P 156 8.96 18.22 27.34
C ALA P 156 9.00 19.12 26.12
N GLY P 157 8.88 20.42 26.30
CA GLY P 157 8.89 21.30 25.15
C GLY P 157 10.21 21.26 24.40
N ASP P 158 11.27 20.96 25.15
CA ASP P 158 12.63 20.89 24.62
C ASP P 158 12.94 19.55 23.95
N ILE P 159 11.92 18.72 23.80
CA ILE P 159 12.12 17.43 23.18
C ILE P 159 11.05 17.19 22.13
N CYS P 160 9.82 17.60 22.42
CA CYS P 160 8.75 17.43 21.46
C CYS P 160 8.76 18.59 20.48
N VAL P 161 8.84 18.24 19.19
CA VAL P 161 8.87 19.26 18.15
C VAL P 161 7.48 19.80 18.01
N PHE P 162 6.55 19.23 18.78
CA PHE P 162 5.17 19.68 18.73
C PHE P 162 4.75 20.31 20.05
N THR P 163 5.71 20.88 20.75
CA THR P 163 5.44 21.51 22.03
C THR P 163 6.37 22.69 22.26
N ASN P 164 5.80 23.76 22.83
CA ASN P 164 6.55 24.98 23.11
C ASN P 164 6.68 25.32 24.59
N THR P 165 7.44 26.37 24.86
CA THR P 165 7.68 26.81 26.21
C THR P 165 6.61 27.78 26.70
N ASN P 166 5.79 28.30 25.79
CA ASN P 166 4.75 29.23 26.19
C ASN P 166 3.52 28.45 26.68
N PHE P 167 3.48 28.15 27.97
CA PHE P 167 2.36 27.40 28.52
C PHE P 167 1.53 28.16 29.56
N THR P 168 0.36 27.59 29.88
CA THR P 168 -0.58 28.14 30.85
C THR P 168 -0.91 27.12 31.95
N ILE P 169 -0.63 27.48 33.20
CA ILE P 169 -0.87 26.57 34.32
C ILE P 169 -1.93 27.05 35.31
N GLU P 170 -2.84 26.15 35.67
CA GLU P 170 -3.91 26.47 36.62
C GLU P 170 -3.84 25.51 37.79
N GLU P 171 -3.98 26.04 39.01
CA GLU P 171 -3.94 25.22 40.21
C GLU P 171 -5.15 25.46 41.09
N LEU P 172 -5.31 24.64 42.13
CA LEU P 172 -6.42 24.76 43.06
C LEU P 172 -5.96 24.65 44.52
N PRO P 173 -6.39 25.59 45.38
CA PRO P 173 -7.27 26.75 45.13
C PRO P 173 -6.54 28.08 44.85
N THR Q 1 -4.22 28.13 -3.63
CA THR Q 1 -4.93 29.28 -3.03
C THR Q 1 -4.03 29.89 -1.94
N THR Q 2 -4.10 31.20 -1.77
CA THR Q 2 -3.32 31.88 -0.75
C THR Q 2 -4.09 33.09 -0.22
N ILE Q 3 -4.66 32.94 0.96
CA ILE Q 3 -5.44 34.01 1.57
C ILE Q 3 -4.75 34.59 2.79
N VAL Q 4 -4.41 35.87 2.75
CA VAL Q 4 -3.76 36.49 3.89
C VAL Q 4 -4.46 37.78 4.29
N SER Q 5 -4.47 38.07 5.59
CA SER Q 5 -5.12 39.28 6.11
C SER Q 5 -4.32 40.01 7.18
N VAL Q 6 -4.06 41.29 6.95
CA VAL Q 6 -3.31 42.10 7.90
C VAL Q 6 -4.18 43.23 8.43
N ARG Q 7 -4.00 43.52 9.71
CA ARG Q 7 -4.74 44.58 10.39
C ARG Q 7 -3.77 45.54 11.06
N ARG Q 8 -3.73 46.77 10.57
CA ARG Q 8 -2.85 47.78 11.13
C ARG Q 8 -3.37 49.18 10.82
N ASN Q 9 -3.48 50.02 11.84
CA ASN Q 9 -3.97 51.38 11.68
C ASN Q 9 -5.47 51.43 11.42
N GLY Q 10 -6.25 50.79 12.29
CA GLY Q 10 -7.69 50.77 12.13
C GLY Q 10 -8.11 50.28 10.76
N GLN Q 11 -7.17 49.69 10.03
CA GLN Q 11 -7.42 49.17 8.70
C GLN Q 11 -7.40 47.64 8.71
N VAL Q 12 -8.36 47.05 8.04
CA VAL Q 12 -8.43 45.59 7.94
C VAL Q 12 -8.56 45.19 6.49
N VAL Q 13 -7.60 44.39 6.03
CA VAL Q 13 -7.60 43.94 4.65
C VAL Q 13 -7.54 42.43 4.54
N VAL Q 14 -8.10 41.91 3.46
CA VAL Q 14 -8.10 40.49 3.23
C VAL Q 14 -7.96 40.19 1.75
N GLY Q 15 -6.79 39.69 1.38
CA GLY Q 15 -6.53 39.38 -0.01
C GLY Q 15 -6.32 37.89 -0.25
N GLY Q 16 -6.47 37.54 -1.53
CA GLY Q 16 -6.31 36.16 -1.94
C GLY Q 16 -6.12 36.16 -3.45
N ASP Q 17 -5.44 35.15 -3.97
CA ASP Q 17 -5.20 35.06 -5.40
C ASP Q 17 -6.49 34.78 -6.16
N GLY Q 18 -6.36 34.05 -7.27
CA GLY Q 18 -7.51 33.71 -8.09
C GLY Q 18 -7.22 32.56 -9.03
N GLN Q 19 -6.45 31.59 -8.56
CA GLN Q 19 -6.10 30.45 -9.38
C GLN Q 19 -6.90 29.21 -8.98
N VAL Q 20 -7.89 28.88 -9.78
CA VAL Q 20 -8.65 27.67 -9.52
C VAL Q 20 -7.80 26.54 -10.09
N SER Q 21 -7.11 25.84 -9.22
CA SER Q 21 -6.25 24.75 -9.65
C SER Q 21 -6.98 23.42 -9.53
N LEU Q 22 -6.89 22.61 -10.57
CA LEU Q 22 -7.54 21.30 -10.59
C LEU Q 22 -6.46 20.27 -10.91
N GLY Q 23 -6.04 19.52 -9.89
CA GLY Q 23 -4.98 18.56 -10.12
C GLY Q 23 -3.70 19.37 -10.25
N ASN Q 24 -3.08 19.38 -11.43
CA ASN Q 24 -1.86 20.16 -11.64
C ASN Q 24 -2.09 21.12 -12.81
N THR Q 25 -3.36 21.26 -13.21
CA THR Q 25 -3.71 22.16 -14.29
C THR Q 25 -4.43 23.37 -13.73
N VAL Q 26 -4.81 24.29 -14.60
CA VAL Q 26 -5.49 25.50 -14.18
C VAL Q 26 -6.81 25.70 -14.92
N MET Q 27 -7.90 25.56 -14.19
CA MET Q 27 -9.26 25.69 -14.74
C MET Q 27 -9.68 27.13 -14.96
N LYS Q 28 -9.11 28.03 -14.16
CA LYS Q 28 -9.41 29.45 -14.25
C LYS Q 28 -8.45 30.21 -13.35
N GLY Q 29 -7.92 31.33 -13.85
CA GLY Q 29 -6.98 32.08 -13.05
C GLY Q 29 -7.40 33.51 -12.73
N ASN Q 30 -8.66 33.73 -12.38
CA ASN Q 30 -9.13 35.07 -12.05
C ASN Q 30 -10.24 35.09 -11.00
N ALA Q 31 -10.67 33.92 -10.55
CA ALA Q 31 -11.74 33.82 -9.54
C ALA Q 31 -11.57 34.77 -8.36
N ARG Q 32 -12.67 35.08 -7.70
CA ARG Q 32 -12.64 35.96 -6.54
C ARG Q 32 -12.63 35.06 -5.32
N LYS Q 33 -11.56 35.13 -4.54
CA LYS Q 33 -11.46 34.28 -3.37
C LYS Q 33 -11.84 35.01 -2.08
N VAL Q 34 -12.07 36.32 -2.18
CA VAL Q 34 -12.47 37.13 -1.04
C VAL Q 34 -13.75 37.87 -1.40
N ARG Q 35 -14.84 37.55 -0.70
CA ARG Q 35 -16.14 38.18 -0.95
C ARG Q 35 -16.56 39.06 0.22
N ARG Q 36 -17.63 39.84 0.02
CA ARG Q 36 -18.17 40.71 1.05
C ARG Q 36 -19.49 40.17 1.59
N LEU Q 37 -19.66 40.18 2.90
CA LEU Q 37 -20.88 39.69 3.52
C LEU Q 37 -21.58 40.73 4.38
N TYR Q 38 -22.91 40.63 4.46
CA TYR Q 38 -23.70 41.53 5.29
C TYR Q 38 -23.64 42.94 4.73
N ASN Q 39 -24.06 43.08 3.47
CA ASN Q 39 -24.06 44.37 2.77
C ASN Q 39 -22.75 45.14 2.82
N GLY Q 40 -21.70 44.49 3.32
CA GLY Q 40 -20.41 45.14 3.39
C GLY Q 40 -19.92 45.41 4.80
N LYS Q 41 -20.33 44.57 5.74
CA LYS Q 41 -19.91 44.74 7.12
C LYS Q 41 -18.74 43.83 7.47
N VAL Q 42 -18.69 42.65 6.84
CA VAL Q 42 -17.62 41.69 7.08
C VAL Q 42 -16.93 41.20 5.81
N LEU Q 43 -15.64 40.94 5.95
CA LEU Q 43 -14.83 40.45 4.86
C LEU Q 43 -14.63 38.94 5.03
N ALA Q 44 -14.69 38.21 3.92
CA ALA Q 44 -14.53 36.77 3.97
C ALA Q 44 -13.65 36.22 2.85
N GLY Q 45 -12.66 35.42 3.25
CA GLY Q 45 -11.76 34.81 2.30
C GLY Q 45 -11.79 33.30 2.54
N PHE Q 46 -12.07 32.55 1.49
CA PHE Q 46 -12.13 31.09 1.59
C PHE Q 46 -10.97 30.46 0.86
N ALA Q 47 -10.63 29.26 1.30
CA ALA Q 47 -9.54 28.49 0.73
C ALA Q 47 -9.81 27.02 0.99
N GLY Q 48 -9.89 26.23 -0.09
CA GLY Q 48 -10.14 24.81 0.04
C GLY Q 48 -10.75 24.28 -1.24
N GLY Q 49 -11.63 23.29 -1.11
CA GLY Q 49 -12.26 22.71 -2.28
C GLY Q 49 -13.42 23.53 -2.84
N THR Q 50 -13.25 24.08 -4.04
CA THR Q 50 -14.27 24.90 -4.70
C THR Q 50 -15.65 24.76 -4.08
N ALA Q 51 -16.12 23.52 -3.97
CA ALA Q 51 -17.42 23.23 -3.39
C ALA Q 51 -17.43 23.50 -1.90
N ASP Q 52 -16.77 22.63 -1.14
CA ASP Q 52 -16.69 22.77 0.32
C ASP Q 52 -16.24 24.18 0.75
N ALA Q 53 -15.74 24.98 -0.19
CA ALA Q 53 -15.31 26.32 0.15
C ALA Q 53 -16.59 27.08 0.40
N PHE Q 54 -17.47 27.09 -0.60
CA PHE Q 54 -18.74 27.79 -0.53
C PHE Q 54 -19.69 27.18 0.47
N THR Q 55 -19.78 25.86 0.50
CA THR Q 55 -20.67 25.21 1.45
C THR Q 55 -20.39 25.70 2.88
N LEU Q 56 -19.19 26.23 3.11
CA LEU Q 56 -18.83 26.74 4.43
C LEU Q 56 -18.86 28.26 4.44
N PHE Q 57 -18.80 28.85 3.26
CA PHE Q 57 -18.84 30.30 3.15
C PHE Q 57 -20.28 30.72 3.31
N GLU Q 58 -21.16 30.08 2.57
CA GLU Q 58 -22.59 30.37 2.62
C GLU Q 58 -23.18 29.88 3.94
N LEU Q 59 -22.46 28.99 4.61
CA LEU Q 59 -22.92 28.44 5.89
C LEU Q 59 -22.61 29.39 7.04
N PHE Q 60 -21.70 30.32 6.80
CA PHE Q 60 -21.32 31.31 7.80
C PHE Q 60 -22.10 32.58 7.54
N GLU Q 61 -22.70 32.68 6.37
CA GLU Q 61 -23.49 33.85 6.02
C GLU Q 61 -24.78 33.72 6.80
N ARG Q 62 -25.32 32.51 6.85
CA ARG Q 62 -26.54 32.24 7.59
C ARG Q 62 -26.34 32.73 9.03
N LYS Q 63 -25.36 32.14 9.72
CA LYS Q 63 -25.05 32.52 11.10
C LYS Q 63 -24.73 34.00 11.29
N LEU Q 64 -24.61 34.74 10.20
CA LEU Q 64 -24.35 36.17 10.33
C LEU Q 64 -25.67 36.94 10.24
N GLU Q 65 -26.45 36.67 9.21
CA GLU Q 65 -27.73 37.34 9.05
C GLU Q 65 -28.64 36.97 10.23
N MET Q 66 -28.44 35.77 10.77
CA MET Q 66 -29.24 35.30 11.90
C MET Q 66 -28.72 35.82 13.25
N HIS Q 67 -27.73 36.71 13.23
CA HIS Q 67 -27.16 37.26 14.46
C HIS Q 67 -26.68 38.70 14.36
N GLN Q 68 -27.44 39.53 13.63
CA GLN Q 68 -27.13 40.94 13.48
C GLN Q 68 -25.66 41.26 13.18
N GLY Q 69 -24.99 40.36 12.48
CA GLY Q 69 -23.59 40.59 12.13
C GLY Q 69 -22.60 40.55 13.27
N HIS Q 70 -22.92 39.77 14.30
CA HIS Q 70 -22.02 39.64 15.46
C HIS Q 70 -20.97 38.59 15.15
N LEU Q 71 -19.97 39.02 14.40
CA LEU Q 71 -18.88 38.16 13.97
C LEU Q 71 -18.40 37.13 14.99
N LEU Q 72 -17.53 37.58 15.88
CA LEU Q 72 -16.95 36.74 16.92
C LEU Q 72 -17.91 35.69 17.49
N LYS Q 73 -19.20 35.97 17.46
CA LYS Q 73 -20.16 35.01 17.99
C LYS Q 73 -20.61 34.08 16.88
N SER Q 74 -21.22 34.66 15.85
CA SER Q 74 -21.72 33.91 14.71
C SER Q 74 -20.74 32.80 14.32
N ALA Q 75 -19.45 33.09 14.47
CA ALA Q 75 -18.40 32.13 14.16
C ALA Q 75 -18.60 30.94 15.09
N VAL Q 76 -18.51 31.22 16.38
CA VAL Q 76 -18.65 30.23 17.42
C VAL Q 76 -19.93 29.41 17.29
N GLU Q 77 -21.01 30.09 16.95
CA GLU Q 77 -22.28 29.41 16.78
C GLU Q 77 -22.14 28.41 15.64
N LEU Q 78 -21.32 28.75 14.64
CA LEU Q 78 -21.11 27.87 13.51
C LEU Q 78 -20.31 26.66 13.98
N ALA Q 79 -19.23 26.94 14.68
CA ALA Q 79 -18.38 25.89 15.19
C ALA Q 79 -19.21 24.87 15.97
N LYS Q 80 -19.96 25.35 16.95
CA LYS Q 80 -20.77 24.46 17.78
C LYS Q 80 -21.53 23.41 16.97
N ASP Q 81 -21.85 23.74 15.73
CA ASP Q 81 -22.59 22.80 14.88
C ASP Q 81 -21.82 21.51 14.60
N TRP Q 82 -20.51 21.56 14.79
CA TRP Q 82 -19.67 20.41 14.55
C TRP Q 82 -19.35 19.69 15.85
N ARG Q 83 -19.57 20.39 16.96
CA ARG Q 83 -19.29 19.82 18.27
C ARG Q 83 -20.55 19.29 18.94
N THR Q 84 -21.20 18.30 18.33
CA THR Q 84 -22.42 17.75 18.89
C THR Q 84 -22.38 16.22 18.96
N ASP Q 85 -23.55 15.60 18.81
CA ASP Q 85 -23.69 14.15 18.83
C ASP Q 85 -24.00 13.76 17.38
N ARG Q 86 -24.50 14.74 16.64
CA ARG Q 86 -24.84 14.59 15.23
C ARG Q 86 -24.07 15.69 14.49
N ALA Q 87 -22.91 15.33 13.95
CA ALA Q 87 -22.04 16.27 13.23
C ALA Q 87 -22.55 16.74 11.89
N LEU Q 88 -21.83 17.69 11.31
CA LEU Q 88 -22.17 18.25 10.02
C LEU Q 88 -21.09 17.85 9.03
N ARG Q 89 -21.08 16.58 8.64
CA ARG Q 89 -20.09 16.07 7.70
C ARG Q 89 -18.68 16.50 8.13
N LYS Q 90 -18.07 17.31 7.27
CA LYS Q 90 -16.73 17.85 7.46
C LYS Q 90 -16.47 18.61 6.17
N LEU Q 91 -15.83 19.77 6.25
CA LEU Q 91 -15.59 20.55 5.06
C LEU Q 91 -14.11 20.80 4.76
N GLU Q 92 -13.71 20.41 3.56
CA GLU Q 92 -12.33 20.59 3.13
C GLU Q 92 -12.08 22.03 2.75
N ALA Q 93 -11.94 22.90 3.75
CA ALA Q 93 -11.68 24.31 3.51
C ALA Q 93 -11.64 25.12 4.79
N MET Q 94 -11.15 26.35 4.68
CA MET Q 94 -11.06 27.24 5.81
C MET Q 94 -11.49 28.62 5.40
N LEU Q 95 -12.02 29.36 6.38
CA LEU Q 95 -12.50 30.70 6.14
C LEU Q 95 -11.79 31.74 7.01
N ILE Q 96 -11.51 32.89 6.42
CA ILE Q 96 -10.90 34.00 7.14
C ILE Q 96 -11.90 35.15 7.07
N VAL Q 97 -12.50 35.45 8.21
CA VAL Q 97 -13.51 36.48 8.31
C VAL Q 97 -13.06 37.58 9.24
N ALA Q 98 -13.31 38.82 8.84
CA ALA Q 98 -12.93 39.97 9.64
C ALA Q 98 -13.76 41.20 9.32
N ASP Q 99 -14.10 41.96 10.35
CA ASP Q 99 -14.87 43.18 10.22
C ASP Q 99 -14.12 44.30 10.92
N GLU Q 100 -14.73 45.47 11.01
CA GLU Q 100 -14.10 46.62 11.63
C GLU Q 100 -13.55 46.37 13.04
N LYS Q 101 -14.05 45.33 13.72
CA LYS Q 101 -13.60 45.04 15.08
C LYS Q 101 -12.70 43.82 15.25
N GLU Q 102 -13.14 42.67 14.74
CA GLU Q 102 -12.38 41.42 14.85
C GLU Q 102 -11.96 40.85 13.50
N SER Q 103 -11.26 39.72 13.58
CA SER Q 103 -10.77 39.01 12.41
C SER Q 103 -10.54 37.58 12.87
N LEU Q 104 -11.09 36.61 12.15
CA LEU Q 104 -10.92 35.23 12.54
C LEU Q 104 -10.66 34.26 11.41
N ILE Q 105 -10.56 32.98 11.79
CA ILE Q 105 -10.31 31.91 10.86
C ILE Q 105 -11.14 30.73 11.35
N ILE Q 106 -11.96 30.16 10.46
CA ILE Q 106 -12.84 29.05 10.80
C ILE Q 106 -12.64 27.87 9.89
N THR Q 107 -12.42 26.69 10.47
CA THR Q 107 -12.20 25.50 9.67
C THR Q 107 -13.47 24.70 9.52
N GLY Q 108 -13.59 24.00 8.40
CA GLY Q 108 -14.75 23.17 8.14
C GLY Q 108 -14.81 21.94 9.04
N ILE Q 109 -13.85 21.84 9.95
CA ILE Q 109 -13.81 20.74 10.89
C ILE Q 109 -14.59 21.17 12.11
N GLY Q 110 -14.70 22.49 12.26
CA GLY Q 110 -15.43 23.04 13.39
C GLY Q 110 -14.57 23.60 14.51
N ASP Q 111 -13.99 24.76 14.29
CA ASP Q 111 -13.16 25.41 15.30
C ASP Q 111 -12.86 26.83 14.85
N VAL Q 112 -12.66 27.71 15.82
CA VAL Q 112 -12.39 29.11 15.51
C VAL Q 112 -11.04 29.47 16.07
N VAL Q 113 -10.28 30.25 15.31
CA VAL Q 113 -8.97 30.66 15.79
C VAL Q 113 -8.73 32.16 15.69
N GLN Q 114 -8.19 32.71 16.77
CA GLN Q 114 -7.87 34.13 16.87
C GLN Q 114 -6.41 34.35 16.60
N PRO Q 115 -6.09 35.43 15.88
CA PRO Q 115 -4.71 35.76 15.55
C PRO Q 115 -3.90 35.92 16.83
N GLU Q 116 -2.65 36.31 16.67
CA GLU Q 116 -1.78 36.54 17.82
C GLU Q 116 -1.51 38.05 17.79
N GLU Q 117 -0.80 38.54 18.80
CA GLU Q 117 -0.49 39.96 18.90
C GLU Q 117 -0.51 40.76 17.60
N ASP Q 118 0.22 40.31 16.58
CA ASP Q 118 0.38 41.04 15.30
C ASP Q 118 -0.93 41.31 14.61
N GLN Q 119 -1.60 40.20 14.27
CA GLN Q 119 -2.88 40.13 13.65
C GLN Q 119 -2.78 39.98 12.24
N ILE Q 120 -2.20 38.92 11.97
CA ILE Q 120 -2.01 38.57 10.66
C ILE Q 120 -2.64 37.22 10.49
N LEU Q 121 -3.35 37.06 9.43
CA LEU Q 121 -3.94 35.77 9.13
C LEU Q 121 -3.72 35.27 7.71
N ALA Q 122 -3.48 33.96 7.59
CA ALA Q 122 -3.26 33.38 6.27
C ALA Q 122 -3.69 31.92 6.24
N ILE Q 123 -4.34 31.53 5.14
CA ILE Q 123 -4.79 30.17 4.98
C ILE Q 123 -4.62 29.76 3.54
N GLY Q 124 -4.66 28.45 3.32
CA GLY Q 124 -4.50 27.90 1.99
C GLY Q 124 -3.14 27.27 1.81
N SER Q 125 -2.87 26.81 0.60
CA SER Q 125 -1.60 26.19 0.30
C SER Q 125 -0.45 27.17 0.52
N GLY Q 126 -0.49 28.30 -0.17
CA GLY Q 126 0.59 29.28 -0.01
C GLY Q 126 0.52 30.10 1.26
N GLY Q 127 -0.15 29.56 2.26
CA GLY Q 127 -0.30 30.28 3.51
C GLY Q 127 0.99 30.84 4.10
N ASN Q 128 1.58 30.06 4.98
CA ASN Q 128 2.79 30.44 5.65
C ASN Q 128 3.72 31.30 4.81
N TYR Q 129 3.69 31.14 3.49
CA TYR Q 129 4.56 31.97 2.67
C TYR Q 129 4.13 33.39 2.88
N ALA Q 130 2.89 33.70 2.48
CA ALA Q 130 2.36 35.06 2.63
C ALA Q 130 2.46 35.51 4.08
N LEU Q 131 2.25 34.55 4.98
CA LEU Q 131 2.33 34.85 6.40
C LEU Q 131 3.73 35.36 6.72
N SER Q 132 4.74 34.54 6.46
CA SER Q 132 6.12 34.92 6.73
C SER Q 132 6.45 36.29 6.13
N ALA Q 133 5.84 36.58 4.99
CA ALA Q 133 6.08 37.86 4.32
C ALA Q 133 5.42 38.95 5.14
N ALA Q 134 4.14 38.77 5.44
CA ALA Q 134 3.40 39.75 6.23
C ALA Q 134 4.22 40.07 7.48
N ARG Q 135 4.29 39.09 8.38
CA ARG Q 135 5.05 39.24 9.62
C ARG Q 135 6.33 39.99 9.33
N ALA Q 136 7.05 39.56 8.30
CA ALA Q 136 8.29 40.22 7.93
C ALA Q 136 8.06 41.72 7.78
N LEU Q 137 7.04 42.06 7.00
CA LEU Q 137 6.69 43.46 6.76
C LEU Q 137 6.16 44.16 8.01
N VAL Q 138 4.97 43.77 8.43
CA VAL Q 138 4.34 44.35 9.61
C VAL Q 138 5.31 44.69 10.74
N GLU Q 139 6.25 43.79 11.01
CA GLU Q 139 7.22 44.00 12.09
C GLU Q 139 8.40 44.93 11.81
N ASN Q 140 8.81 45.06 10.55
CA ASN Q 140 9.96 45.90 10.22
C ASN Q 140 9.67 47.10 9.31
N THR Q 141 8.39 47.40 9.10
CA THR Q 141 8.05 48.52 8.24
C THR Q 141 6.73 49.19 8.61
N GLU Q 142 6.61 50.47 8.23
CA GLU Q 142 5.41 51.24 8.48
C GLU Q 142 4.60 51.21 7.19
N LEU Q 143 4.04 50.05 6.87
CA LEU Q 143 3.27 49.89 5.65
C LEU Q 143 1.79 49.67 5.87
N SER Q 144 0.99 50.21 4.95
CA SER Q 144 -0.46 50.11 5.03
C SER Q 144 -0.89 48.65 5.02
N ALA Q 145 -1.86 48.32 5.87
CA ALA Q 145 -2.35 46.95 5.95
C ALA Q 145 -2.72 46.44 4.57
N HIS Q 146 -3.04 47.35 3.66
CA HIS Q 146 -3.38 46.96 2.30
C HIS Q 146 -2.09 46.64 1.55
N GLU Q 147 -1.20 47.62 1.44
CA GLU Q 147 0.06 47.40 0.74
C GLU Q 147 0.75 46.12 1.20
N ILE Q 148 0.69 45.82 2.50
CA ILE Q 148 1.31 44.58 2.97
C ILE Q 148 0.60 43.39 2.37
N VAL Q 149 -0.70 43.27 2.66
CA VAL Q 149 -1.49 42.16 2.15
C VAL Q 149 -1.33 41.97 0.64
N GLU Q 150 -1.07 43.08 -0.06
CA GLU Q 150 -0.86 43.02 -1.50
C GLU Q 150 0.52 42.40 -1.68
N LYS Q 151 1.54 43.10 -1.20
CA LYS Q 151 2.92 42.65 -1.31
C LYS Q 151 3.09 41.19 -0.87
N SER Q 152 2.51 40.83 0.27
CA SER Q 152 2.61 39.45 0.79
C SER Q 152 2.03 38.43 -0.17
N LEU Q 153 0.93 38.77 -0.81
CA LEU Q 153 0.34 37.83 -1.74
C LEU Q 153 1.36 37.51 -2.83
N ARG Q 154 1.95 38.55 -3.42
CA ARG Q 154 2.91 38.35 -4.49
C ARG Q 154 3.97 37.35 -4.07
N ILE Q 155 4.71 37.66 -3.00
CA ILE Q 155 5.75 36.77 -2.53
C ILE Q 155 5.27 35.35 -2.61
N ALA Q 156 4.07 35.09 -2.09
CA ALA Q 156 3.49 33.76 -2.08
C ALA Q 156 3.19 33.19 -3.45
N GLY Q 157 2.68 34.00 -4.36
CA GLY Q 157 2.38 33.48 -5.68
C GLY Q 157 3.61 33.01 -6.45
N ASP Q 158 4.74 33.64 -6.11
CA ASP Q 158 6.04 33.36 -6.73
C ASP Q 158 6.73 32.16 -6.11
N ILE Q 159 6.02 31.46 -5.23
CA ILE Q 159 6.59 30.29 -4.58
C ILE Q 159 5.63 29.13 -4.65
N CYS Q 160 4.35 29.40 -4.45
CA CYS Q 160 3.37 28.34 -4.53
C CYS Q 160 2.98 28.13 -6.00
N VAL Q 161 3.11 26.89 -6.45
CA VAL Q 161 2.77 26.54 -7.82
C VAL Q 161 1.28 26.51 -7.95
N PHE Q 162 0.61 26.69 -6.82
CA PHE Q 162 -0.84 26.69 -6.81
C PHE Q 162 -1.39 28.07 -6.48
N THR Q 163 -0.64 29.11 -6.81
CA THR Q 163 -1.05 30.47 -6.54
C THR Q 163 -0.55 31.41 -7.61
N ASN Q 164 -1.42 32.34 -8.01
CA ASN Q 164 -1.09 33.32 -9.04
C ASN Q 164 -1.03 34.76 -8.56
N THR Q 165 -0.60 35.65 -9.45
CA THR Q 165 -0.48 37.07 -9.14
C THR Q 165 -1.79 37.84 -9.35
N ASN Q 166 -2.77 37.21 -9.99
CA ASN Q 166 -4.04 37.87 -10.21
C ASN Q 166 -4.92 37.68 -8.98
N PHE Q 167 -4.85 38.62 -8.05
CA PHE Q 167 -5.64 38.54 -6.83
C PHE Q 167 -6.61 39.69 -6.63
N THR Q 168 -7.54 39.47 -5.69
CA THR Q 168 -8.58 40.44 -5.33
C THR Q 168 -8.52 40.80 -3.83
N ILE Q 169 -8.34 42.08 -3.53
CA ILE Q 169 -8.25 42.53 -2.14
C ILE Q 169 -9.36 43.46 -1.69
N GLU Q 170 -9.95 43.15 -0.53
CA GLU Q 170 -11.03 43.95 0.04
C GLU Q 170 -10.62 44.45 1.43
N GLU Q 171 -10.86 45.74 1.68
CA GLU Q 171 -10.53 46.33 2.97
C GLU Q 171 -11.73 47.04 3.60
N LEU Q 172 -11.58 47.45 4.86
CA LEU Q 172 -12.64 48.14 5.59
C LEU Q 172 -12.13 49.37 6.31
N PRO Q 173 -12.81 50.53 6.16
CA PRO Q 173 -14.01 50.78 5.35
C PRO Q 173 -13.75 51.35 3.93
N THR R 1 -13.16 10.85 -22.77
CA THR R 1 -14.20 11.82 -23.18
C THR R 1 -13.53 13.20 -23.33
N THR R 2 -14.00 14.00 -24.27
CA THR R 2 -13.45 15.34 -24.47
C THR R 2 -14.57 16.27 -24.93
N ILE R 3 -15.01 17.14 -24.03
CA ILE R 3 -16.08 18.06 -24.33
C ILE R 3 -15.59 19.50 -24.32
N VAL R 4 -15.65 20.17 -25.46
CA VAL R 4 -15.20 21.55 -25.51
C VAL R 4 -16.28 22.47 -26.11
N SER R 5 -16.32 23.73 -25.66
CA SER R 5 -17.30 24.69 -26.15
C SER R 5 -16.73 26.09 -26.38
N VAL R 6 -16.92 26.59 -27.59
CA VAL R 6 -16.43 27.91 -27.92
C VAL R 6 -17.61 28.82 -28.29
N ARG R 7 -17.48 30.09 -27.90
CA ARG R 7 -18.49 31.09 -28.16
C ARG R 7 -17.85 32.30 -28.83
N ARG R 8 -18.22 32.54 -30.09
CA ARG R 8 -17.69 33.67 -30.85
C ARG R 8 -18.63 34.05 -31.98
N ASN R 9 -18.99 35.33 -32.05
CA ASN R 9 -19.89 35.84 -33.08
C ASN R 9 -21.33 35.43 -32.82
N GLY R 10 -21.82 35.70 -31.61
CA GLY R 10 -23.20 35.34 -31.28
C GLY R 10 -23.50 33.87 -31.53
N GLN R 11 -22.44 33.10 -31.70
CA GLN R 11 -22.55 31.66 -31.95
C GLN R 11 -22.05 30.89 -30.73
N VAL R 12 -22.80 29.87 -30.33
CA VAL R 12 -22.40 29.04 -29.21
C VAL R 12 -22.42 27.59 -29.64
N VAL R 13 -21.28 26.92 -29.51
CA VAL R 13 -21.18 25.51 -29.90
C VAL R 13 -20.65 24.66 -28.78
N VAL R 14 -21.04 23.40 -28.79
CA VAL R 14 -20.61 22.46 -27.80
C VAL R 14 -20.43 21.08 -28.40
N GLY R 15 -19.16 20.69 -28.54
CA GLY R 15 -18.86 19.39 -29.10
C GLY R 15 -18.20 18.44 -28.12
N GLY R 16 -18.25 17.16 -28.46
CA GLY R 16 -17.67 16.13 -27.65
C GLY R 16 -17.55 14.88 -28.50
N ASP R 17 -16.58 14.04 -28.20
CA ASP R 17 -16.37 12.82 -28.96
C ASP R 17 -17.52 11.82 -28.80
N GLY R 18 -17.19 10.54 -28.82
CA GLY R 18 -18.20 9.52 -28.68
C GLY R 18 -17.59 8.18 -28.36
N GLN R 19 -16.53 8.19 -27.55
CA GLN R 19 -15.87 6.96 -27.18
C GLN R 19 -16.23 6.53 -25.77
N VAL R 20 -17.07 5.51 -25.64
CA VAL R 20 -17.43 5.01 -24.32
C VAL R 20 -16.30 4.05 -23.97
N SER R 21 -15.35 4.51 -23.18
CA SER R 21 -14.22 3.69 -22.80
C SER R 21 -14.49 2.99 -21.48
N LEU R 22 -14.18 1.71 -21.43
CA LEU R 22 -14.38 0.93 -20.23
C LEU R 22 -13.05 0.30 -19.86
N GLY R 23 -12.37 0.85 -18.86
CA GLY R 23 -11.08 0.31 -18.50
C GLY R 23 -10.13 0.80 -19.59
N ASN R 24 -9.58 -0.12 -20.38
CA ASN R 24 -8.68 0.27 -21.47
C ASN R 24 -9.22 -0.24 -22.79
N THR R 25 -10.46 -0.72 -22.75
CA THR R 25 -11.13 -1.21 -23.96
C THR R 25 -12.16 -0.20 -24.44
N VAL R 26 -12.88 -0.54 -25.51
CA VAL R 26 -13.88 0.34 -26.05
C VAL R 26 -15.23 -0.36 -26.24
N MET R 27 -16.21 0.02 -25.41
CA MET R 27 -17.54 -0.55 -25.42
C MET R 27 -18.40 -0.05 -26.56
N LYS R 28 -18.12 1.18 -27.00
CA LYS R 28 -18.84 1.80 -28.08
C LYS R 28 -18.14 3.09 -28.48
N GLY R 29 -18.05 3.35 -29.79
CA GLY R 29 -17.37 4.54 -30.24
C GLY R 29 -18.20 5.50 -31.07
N ASN R 30 -19.46 5.70 -30.69
CA ASN R 30 -20.33 6.61 -31.44
C ASN R 30 -21.34 7.35 -30.58
N ALA R 31 -21.36 7.06 -29.28
CA ALA R 31 -22.29 7.71 -28.37
C ALA R 31 -22.40 9.23 -28.54
N ARG R 32 -23.53 9.78 -28.10
CA ARG R 32 -23.75 11.22 -28.19
C ARG R 32 -23.43 11.78 -26.81
N LYS R 33 -22.42 12.64 -26.74
CA LYS R 33 -22.02 13.21 -25.47
C LYS R 33 -22.58 14.61 -25.25
N VAL R 34 -23.22 15.15 -26.29
CA VAL R 34 -23.82 16.48 -26.19
C VAL R 34 -25.28 16.36 -26.62
N ARG R 35 -26.19 16.63 -25.69
CA ARG R 35 -27.62 16.54 -25.97
C ARG R 35 -28.25 17.92 -25.91
N ARG R 36 -29.52 18.00 -26.31
CA ARG R 36 -30.27 19.26 -26.30
C ARG R 36 -31.33 19.23 -25.20
N LEU R 37 -31.44 20.32 -24.45
CA LEU R 37 -32.43 20.41 -23.38
C LEU R 37 -33.40 21.59 -23.54
N TYR R 38 -34.62 21.40 -23.03
CA TYR R 38 -35.65 22.44 -23.08
C TYR R 38 -36.05 22.71 -24.53
N ASN R 39 -36.53 21.65 -25.20
CA ASN R 39 -36.97 21.73 -26.60
C ASN R 39 -35.96 22.36 -27.56
N GLY R 40 -34.75 22.60 -27.07
CA GLY R 40 -33.72 23.18 -27.91
C GLY R 40 -33.31 24.59 -27.51
N LYS R 41 -33.41 24.88 -26.23
CA LYS R 41 -33.03 26.21 -25.75
C LYS R 41 -31.63 26.20 -25.16
N VAL R 42 -31.23 25.06 -24.59
CA VAL R 42 -29.89 24.93 -23.99
C VAL R 42 -29.13 23.71 -24.46
N LEU R 43 -27.81 23.88 -24.56
CA LEU R 43 -26.90 22.82 -24.98
C LEU R 43 -26.25 22.20 -23.76
N ALA R 44 -26.10 20.89 -23.76
CA ALA R 44 -25.49 20.21 -22.63
C ALA R 44 -24.51 19.11 -23.03
N GLY R 45 -23.32 19.18 -22.47
CA GLY R 45 -22.29 18.19 -22.75
C GLY R 45 -21.84 17.60 -21.44
N PHE R 46 -21.89 16.28 -21.34
CA PHE R 46 -21.47 15.62 -20.12
C PHE R 46 -20.18 14.85 -20.32
N ALA R 47 -19.48 14.62 -19.21
CA ALA R 47 -18.22 13.91 -19.22
C ALA R 47 -18.01 13.31 -17.83
N GLY R 48 -17.88 12.00 -17.78
CA GLY R 48 -17.69 11.35 -16.50
C GLY R 48 -18.12 9.92 -16.60
N GLY R 49 -18.63 9.37 -15.50
CA GLY R 49 -19.07 7.99 -15.53
C GLY R 49 -20.44 7.78 -16.14
N THR R 50 -20.48 7.06 -17.26
CA THR R 50 -21.73 6.78 -17.97
C THR R 50 -22.97 7.04 -17.10
N ALA R 51 -23.02 6.39 -15.94
CA ALA R 51 -24.15 6.57 -15.03
C ALA R 51 -24.19 7.98 -14.44
N ASP R 52 -23.26 8.26 -13.53
CA ASP R 52 -23.18 9.57 -12.89
C ASP R 52 -23.18 10.72 -13.90
N ALA R 53 -23.01 10.41 -15.17
CA ALA R 53 -23.02 11.45 -16.18
C ALA R 53 -24.46 11.88 -16.31
N PHE R 54 -25.32 10.91 -16.60
CA PHE R 54 -26.75 11.16 -16.75
C PHE R 54 -27.41 11.57 -15.44
N THR R 55 -27.09 10.85 -14.37
CA THR R 55 -27.70 11.19 -13.09
C THR R 55 -27.55 12.68 -12.80
N LEU R 56 -26.57 13.32 -13.43
CA LEU R 56 -26.33 14.75 -13.23
C LEU R 56 -26.85 15.54 -14.41
N PHE R 57 -27.04 14.87 -15.52
CA PHE R 57 -27.54 15.54 -16.71
C PHE R 57 -29.05 15.69 -16.55
N GLU R 58 -29.69 14.58 -16.18
CA GLU R 58 -31.14 14.55 -15.97
C GLU R 58 -31.51 15.34 -14.72
N LEU R 59 -30.54 15.52 -13.84
CA LEU R 59 -30.75 16.26 -12.60
C LEU R 59 -30.73 17.78 -12.83
N PHE R 60 -30.15 18.19 -13.95
CA PHE R 60 -30.05 19.60 -14.32
C PHE R 60 -31.21 19.94 -15.23
N GLU R 61 -31.85 18.91 -15.78
CA GLU R 61 -32.99 19.11 -16.67
C GLU R 61 -34.12 19.53 -15.76
N ARG R 62 -34.27 18.83 -14.64
CA ARG R 62 -35.31 19.15 -13.69
C ARG R 62 -35.23 20.64 -13.35
N LYS R 63 -34.09 21.05 -12.80
CA LYS R 63 -33.88 22.46 -12.46
C LYS R 63 -34.06 23.43 -13.62
N LEU R 64 -34.20 22.91 -14.84
CA LEU R 64 -34.40 23.82 -15.96
C LEU R 64 -35.89 23.96 -16.22
N GLU R 65 -36.57 22.83 -16.34
CA GLU R 65 -38.01 22.84 -16.58
C GLU R 65 -38.70 23.51 -15.41
N MET R 66 -38.15 23.35 -14.22
CA MET R 66 -38.74 23.95 -13.03
C MET R 66 -38.37 25.43 -12.87
N HIS R 67 -37.71 26.02 -13.88
CA HIS R 67 -37.32 27.43 -13.80
C HIS R 67 -37.32 28.17 -15.13
N GLN R 68 -38.31 27.87 -15.97
CA GLN R 68 -38.45 28.54 -17.25
C GLN R 68 -37.16 28.67 -18.06
N GLY R 69 -36.27 27.70 -17.93
CA GLY R 69 -35.02 27.73 -18.68
C GLY R 69 -34.05 28.83 -18.32
N HIS R 70 -34.08 29.23 -17.06
CA HIS R 70 -33.16 30.27 -16.61
C HIS R 70 -31.84 29.62 -16.24
N LEU R 71 -31.04 29.37 -17.27
CA LEU R 71 -29.75 28.71 -17.12
C LEU R 71 -28.96 29.12 -15.87
N LEU R 72 -28.25 30.22 -16.01
CA LEU R 72 -27.39 30.75 -14.97
C LEU R 72 -27.93 30.55 -13.55
N LYS R 73 -29.25 30.49 -13.41
CA LYS R 73 -29.83 30.27 -12.09
C LYS R 73 -29.98 28.79 -11.84
N SER R 74 -30.77 28.13 -12.69
CA SER R 74 -31.03 26.70 -12.56
C SER R 74 -29.78 25.96 -12.15
N ALA R 75 -28.65 26.43 -12.66
CA ALA R 75 -27.37 25.83 -12.35
C ALA R 75 -27.16 25.94 -10.85
N VAL R 76 -27.10 27.19 -10.42
CA VAL R 76 -26.89 27.53 -9.02
C VAL R 76 -27.83 26.82 -8.10
N GLU R 77 -29.09 26.73 -8.52
CA GLU R 77 -30.09 26.05 -7.72
C GLU R 77 -29.68 24.59 -7.58
N LEU R 78 -29.04 24.06 -8.63
CA LEU R 78 -28.59 22.67 -8.60
C LEU R 78 -27.43 22.54 -7.61
N ALA R 79 -26.48 23.45 -7.74
CA ALA R 79 -25.33 23.46 -6.87
C ALA R 79 -25.75 23.45 -5.40
N LYS R 80 -26.58 24.43 -5.04
CA LYS R 80 -27.04 24.54 -3.66
C LYS R 80 -27.44 23.19 -3.06
N ASP R 81 -27.90 22.27 -3.89
CA ASP R 81 -28.34 20.96 -3.39
C ASP R 81 -27.21 20.17 -2.74
N TRP R 82 -25.97 20.55 -3.05
CA TRP R 82 -24.81 19.87 -2.49
C TRP R 82 -24.24 20.65 -1.32
N ARG R 83 -24.65 21.90 -1.21
CA ARG R 83 -24.18 22.76 -0.13
C ARG R 83 -25.18 22.87 1.02
N THR R 84 -25.50 21.75 1.65
CA THR R 84 -26.46 21.76 2.75
C THR R 84 -25.92 21.03 3.97
N ASP R 85 -26.85 20.41 4.71
CA ASP R 85 -26.52 19.64 5.91
C ASP R 85 -26.73 18.18 5.51
N ARG R 86 -27.54 17.98 4.49
CA ARG R 86 -27.86 16.68 3.95
C ARG R 86 -27.49 16.74 2.46
N ALA R 87 -26.30 16.25 2.13
CA ALA R 87 -25.80 16.28 0.76
C ALA R 87 -26.47 15.31 -0.20
N LEU R 88 -26.11 15.43 -1.47
CA LEU R 88 -26.64 14.57 -2.53
C LEU R 88 -25.51 13.70 -3.06
N ARG R 89 -25.12 12.69 -2.26
CA ARG R 89 -24.04 11.78 -2.64
C ARG R 89 -22.84 12.56 -3.14
N LYS R 90 -22.54 12.35 -4.42
CA LYS R 90 -21.45 12.99 -5.13
C LYS R 90 -21.47 12.35 -6.50
N LEU R 91 -21.25 13.13 -7.55
CA LEU R 91 -21.30 12.58 -8.89
C LEU R 91 -20.00 12.66 -9.67
N GLU R 92 -19.50 11.51 -10.09
CA GLU R 92 -18.27 11.42 -10.85
C GLU R 92 -18.51 11.90 -12.27
N ALA R 93 -18.64 13.21 -12.46
CA ALA R 93 -18.86 13.77 -13.79
C ALA R 93 -19.03 15.28 -13.76
N MET R 94 -18.95 15.89 -14.93
CA MET R 94 -19.10 17.32 -15.06
C MET R 94 -19.97 17.64 -16.25
N LEU R 95 -20.66 18.77 -16.18
CA LEU R 95 -21.56 19.19 -17.24
C LEU R 95 -21.18 20.55 -17.79
N ILE R 96 -21.33 20.69 -19.10
CA ILE R 96 -21.07 21.98 -19.76
C ILE R 96 -22.38 22.35 -20.41
N VAL R 97 -23.00 23.39 -19.87
CA VAL R 97 -24.28 23.87 -20.34
C VAL R 97 -24.17 25.28 -20.86
N ALA R 98 -24.84 25.55 -21.99
CA ALA R 98 -24.81 26.88 -22.58
C ALA R 98 -26.00 27.11 -23.48
N ASP R 99 -26.53 28.34 -23.43
CA ASP R 99 -27.66 28.75 -24.24
C ASP R 99 -27.28 30.03 -24.98
N GLU R 100 -28.23 30.63 -25.69
CA GLU R 100 -27.97 31.85 -26.45
C GLU R 100 -27.34 32.98 -25.64
N LYS R 101 -27.45 32.92 -24.31
CA LYS R 101 -26.90 33.99 -23.47
C LYS R 101 -25.64 33.64 -22.67
N GLU R 102 -25.70 32.54 -21.92
CA GLU R 102 -24.58 32.10 -21.09
C GLU R 102 -24.05 30.74 -21.48
N SER R 103 -23.00 30.32 -20.75
CA SER R 103 -22.36 29.03 -20.94
C SER R 103 -21.68 28.71 -19.63
N LEU R 104 -21.90 27.51 -19.10
CA LEU R 104 -21.29 27.16 -17.83
C LEU R 104 -20.76 25.73 -17.74
N ILE R 105 -20.28 25.41 -16.55
CA ILE R 105 -19.74 24.10 -16.26
C ILE R 105 -20.14 23.77 -14.82
N ILE R 106 -20.74 22.60 -14.63
CA ILE R 106 -21.19 22.22 -13.31
C ILE R 106 -20.63 20.87 -12.93
N THR R 107 -20.06 20.77 -11.74
CA THR R 107 -19.50 19.50 -11.29
C THR R 107 -20.48 18.76 -10.39
N GLY R 108 -20.38 17.44 -10.38
CA GLY R 108 -21.24 16.62 -9.54
C GLY R 108 -20.90 16.72 -8.07
N ILE R 109 -19.93 17.57 -7.75
CA ILE R 109 -19.49 17.80 -6.39
C ILE R 109 -20.31 18.97 -5.87
N GLY R 110 -20.85 19.75 -6.80
CA GLY R 110 -21.67 20.88 -6.43
C GLY R 110 -20.98 22.24 -6.50
N ASP R 111 -20.82 22.75 -7.72
CA ASP R 111 -20.21 24.06 -7.91
C ASP R 111 -20.38 24.47 -9.36
N VAL R 112 -20.47 25.77 -9.59
CA VAL R 112 -20.67 26.26 -10.94
C VAL R 112 -19.49 27.12 -11.32
N VAL R 113 -19.02 26.99 -12.55
CA VAL R 113 -17.89 27.81 -13.01
C VAL R 113 -18.15 28.53 -14.31
N GLN R 114 -17.73 29.80 -14.33
CA GLN R 114 -17.92 30.66 -15.48
C GLN R 114 -16.63 30.76 -16.22
N PRO R 115 -16.69 30.77 -17.55
CA PRO R 115 -15.50 30.87 -18.39
C PRO R 115 -14.74 32.16 -18.07
N GLU R 116 -13.68 32.42 -18.82
CA GLU R 116 -12.89 33.63 -18.65
C GLU R 116 -13.13 34.45 -19.92
N GLU R 117 -12.59 35.66 -19.97
CA GLU R 117 -12.77 36.53 -21.12
C GLU R 117 -13.07 35.84 -22.45
N ASP R 118 -12.30 34.79 -22.80
CA ASP R 118 -12.48 34.09 -24.07
C ASP R 118 -13.76 33.27 -24.21
N GLN R 119 -14.35 32.87 -23.09
CA GLN R 119 -15.58 32.08 -23.10
C GLN R 119 -15.37 30.75 -23.81
N ILE R 120 -14.33 30.00 -23.43
CA ILE R 120 -14.06 28.69 -24.01
C ILE R 120 -14.17 27.71 -22.88
N LEU R 121 -14.84 26.59 -23.11
CA LEU R 121 -14.98 25.59 -22.06
C LEU R 121 -14.64 24.17 -22.51
N ALA R 122 -14.03 23.41 -21.60
CA ALA R 122 -13.67 22.03 -21.89
C ALA R 122 -13.63 21.19 -20.62
N ILE R 123 -14.14 19.97 -20.73
CA ILE R 123 -14.12 19.06 -19.60
C ILE R 123 -13.84 17.66 -20.10
N GLY R 124 -13.52 16.77 -19.17
CA GLY R 124 -13.23 15.40 -19.53
C GLY R 124 -11.75 15.14 -19.53
N SER R 125 -11.37 13.91 -19.85
CA SER R 125 -9.98 13.53 -19.90
C SER R 125 -9.18 14.40 -20.88
N GLY R 126 -9.59 14.43 -22.13
CA GLY R 126 -8.85 15.21 -23.10
C GLY R 126 -9.12 16.71 -23.04
N GLY R 127 -9.63 17.15 -21.91
CA GLY R 127 -9.96 18.54 -21.77
C GLY R 127 -8.92 19.52 -22.26
N ASN R 128 -8.07 19.92 -21.33
CA ASN R 128 -7.03 20.87 -21.62
C ASN R 128 -6.43 20.75 -23.02
N TYR R 129 -6.44 19.55 -23.61
CA TYR R 129 -5.89 19.43 -24.95
C TYR R 129 -6.77 20.27 -25.84
N ALA R 130 -8.04 19.89 -25.95
CA ALA R 130 -8.97 20.64 -26.77
C ALA R 130 -8.95 22.10 -26.37
N LEU R 131 -8.84 22.33 -25.07
CA LEU R 131 -8.81 23.69 -24.59
C LEU R 131 -7.64 24.48 -25.19
N SER R 132 -6.43 23.96 -25.01
CA SER R 132 -5.24 24.62 -25.54
C SER R 132 -5.39 24.87 -27.04
N ALA R 133 -6.07 23.95 -27.72
CA ALA R 133 -6.27 24.09 -29.15
C ALA R 133 -7.21 25.27 -29.39
N ALA R 134 -8.38 25.21 -28.73
CA ALA R 134 -9.35 26.29 -28.87
C ALA R 134 -8.64 27.62 -28.70
N ARG R 135 -8.23 27.89 -27.47
CA ARG R 135 -7.53 29.12 -27.14
C ARG R 135 -6.59 29.47 -28.25
N ALA R 136 -5.80 28.49 -28.66
CA ALA R 136 -4.84 28.70 -29.72
C ALA R 136 -5.55 29.32 -30.91
N LEU R 137 -6.65 28.68 -31.31
CA LEU R 137 -7.41 29.16 -32.44
C LEU R 137 -8.07 30.49 -32.17
N VAL R 138 -9.10 30.47 -31.33
CA VAL R 138 -9.84 31.68 -30.98
C VAL R 138 -8.98 32.93 -30.90
N GLU R 139 -7.78 32.81 -30.34
CA GLU R 139 -6.92 33.96 -30.19
C GLU R 139 -6.09 34.39 -31.42
N ASN R 140 -5.81 33.46 -32.32
CA ASN R 140 -5.00 33.81 -33.48
C ASN R 140 -5.69 33.61 -34.83
N THR R 141 -6.99 33.40 -34.81
CA THR R 141 -7.69 33.21 -36.06
C THR R 141 -9.14 33.70 -36.03
N GLU R 142 -9.68 34.01 -37.22
CA GLU R 142 -11.06 34.46 -37.34
C GLU R 142 -11.85 33.23 -37.78
N LEU R 143 -12.04 32.28 -36.87
CA LEU R 143 -12.75 31.05 -37.19
C LEU R 143 -14.08 30.90 -36.48
N SER R 144 -15.04 30.27 -37.17
CA SER R 144 -16.36 30.07 -36.63
C SER R 144 -16.30 29.26 -35.36
N ALA R 145 -17.11 29.65 -34.39
CA ALA R 145 -17.13 28.95 -33.11
C ALA R 145 -17.36 27.47 -33.36
N HIS R 146 -17.99 27.13 -34.49
CA HIS R 146 -18.23 25.74 -34.80
C HIS R 146 -16.94 25.09 -35.29
N GLU R 147 -16.38 25.65 -36.37
CA GLU R 147 -15.14 25.15 -36.94
C GLU R 147 -14.08 24.96 -35.86
N ILE R 148 -13.98 25.91 -34.93
CA ILE R 148 -12.99 25.77 -33.86
C ILE R 148 -13.29 24.54 -33.02
N VAL R 149 -14.48 24.52 -32.40
CA VAL R 149 -14.87 23.39 -31.59
C VAL R 149 -14.73 22.07 -32.32
N GLU R 150 -14.85 22.09 -33.63
CA GLU R 150 -14.67 20.88 -34.40
C GLU R 150 -13.16 20.60 -34.40
N LYS R 151 -12.41 21.52 -35.00
CA LYS R 151 -10.96 21.39 -35.09
C LYS R 151 -10.34 21.04 -33.75
N SER R 152 -10.76 21.70 -32.68
CA SER R 152 -10.23 21.44 -31.35
C SER R 152 -10.48 20.03 -30.88
N LEU R 153 -11.65 19.49 -31.19
CA LEU R 153 -11.91 18.12 -30.76
C LEU R 153 -10.92 17.17 -31.40
N ARG R 154 -10.68 17.34 -32.69
CA ARG R 154 -9.74 16.49 -33.40
C ARG R 154 -8.40 16.48 -32.69
N ILE R 155 -7.76 17.64 -32.57
CA ILE R 155 -6.48 17.74 -31.89
C ILE R 155 -6.47 16.86 -30.65
N ALA R 156 -7.51 16.99 -29.84
CA ALA R 156 -7.64 16.21 -28.61
C ALA R 156 -7.79 14.70 -28.83
N GLY R 157 -8.58 14.28 -29.80
CA GLY R 157 -8.72 12.84 -30.01
C GLY R 157 -7.42 12.13 -30.39
N ASP R 158 -6.54 12.92 -31.03
CA ASP R 158 -5.25 12.47 -31.50
C ASP R 158 -4.19 12.46 -30.42
N ILE R 159 -4.61 12.73 -29.19
CA ILE R 159 -3.68 12.75 -28.07
C ILE R 159 -4.22 11.96 -26.90
N CYS R 160 -5.51 12.07 -26.65
CA CYS R 160 -6.09 11.30 -25.58
C CYS R 160 -6.44 9.90 -26.11
N VAL R 161 -5.94 8.89 -25.40
CA VAL R 161 -6.19 7.51 -25.77
C VAL R 161 -7.61 7.17 -25.37
N PHE R 162 -8.26 8.13 -24.74
CA PHE R 162 -9.62 7.92 -24.33
C PHE R 162 -10.57 8.84 -25.06
N THR R 163 -10.21 9.17 -26.29
CA THR R 163 -11.03 10.05 -27.12
C THR R 163 -10.87 9.71 -28.59
N ASN R 164 -12.00 9.74 -29.31
CA ASN R 164 -12.06 9.43 -30.73
C ASN R 164 -12.44 10.60 -31.63
N THR R 165 -12.37 10.36 -32.93
CA THR R 165 -12.68 11.38 -33.91
C THR R 165 -14.15 11.43 -34.23
N ASN R 166 -14.89 10.39 -33.84
CA ASN R 166 -16.33 10.37 -34.12
C ASN R 166 -17.08 11.16 -33.06
N PHE R 167 -17.28 12.46 -33.32
CA PHE R 167 -17.97 13.33 -32.38
C PHE R 167 -19.26 13.96 -32.90
N THR R 168 -20.01 14.51 -31.96
CA THR R 168 -21.30 15.15 -32.24
C THR R 168 -21.33 16.61 -31.73
N ILE R 169 -21.54 17.55 -32.64
CA ILE R 169 -21.55 18.96 -32.28
C ILE R 169 -22.89 19.67 -32.45
N GLU R 170 -23.30 20.39 -31.41
CA GLU R 170 -24.57 21.15 -31.44
C GLU R 170 -24.30 22.63 -31.22
N GLU R 171 -24.94 23.48 -32.03
CA GLU R 171 -24.77 24.92 -31.90
C GLU R 171 -26.11 25.64 -31.79
N LEU R 172 -26.06 26.93 -31.47
CA LEU R 172 -27.28 27.73 -31.33
C LEU R 172 -27.15 29.07 -32.07
N PRO R 173 -28.15 29.44 -32.88
CA PRO R 173 -29.40 28.72 -33.16
C PRO R 173 -29.39 27.86 -34.44
N SER S 2 -86.49 -18.77 -5.51
CA SER S 2 -86.78 -17.36 -5.93
C SER S 2 -85.59 -16.75 -6.68
N GLU S 3 -84.89 -17.56 -7.46
CA GLU S 3 -83.74 -17.05 -8.21
C GLU S 3 -83.50 -17.79 -9.54
N MET S 4 -82.68 -17.17 -10.39
CA MET S 4 -82.36 -17.71 -11.71
C MET S 4 -81.41 -18.91 -11.72
N THR S 5 -80.84 -19.18 -12.89
CA THR S 5 -79.91 -20.30 -13.08
C THR S 5 -78.63 -19.83 -13.79
N PRO S 6 -77.49 -20.49 -13.51
CA PRO S 6 -76.19 -20.14 -14.11
C PRO S 6 -76.16 -20.19 -15.63
N ARG S 7 -76.54 -21.34 -16.19
CA ARG S 7 -76.56 -21.56 -17.63
C ARG S 7 -77.11 -20.32 -18.32
N GLU S 8 -77.95 -19.59 -17.60
CA GLU S 8 -78.56 -18.38 -18.13
C GLU S 8 -77.86 -17.11 -17.66
N ILE S 9 -77.40 -17.09 -16.41
CA ILE S 9 -76.72 -15.91 -15.89
C ILE S 9 -75.61 -15.53 -16.88
N VAL S 10 -74.99 -16.55 -17.44
CA VAL S 10 -73.93 -16.36 -18.43
C VAL S 10 -74.46 -15.47 -19.54
N SER S 11 -75.38 -16.03 -20.31
CA SER S 11 -75.99 -15.36 -21.45
C SER S 11 -76.53 -13.95 -21.15
N GLU S 12 -76.79 -13.66 -19.88
CA GLU S 12 -77.31 -12.33 -19.52
C GLU S 12 -76.16 -11.37 -19.28
N LEU S 13 -74.97 -11.93 -19.07
CA LEU S 13 -73.80 -11.11 -18.84
C LEU S 13 -73.14 -10.86 -20.19
N ASP S 14 -73.40 -11.75 -21.14
CA ASP S 14 -72.84 -11.65 -22.49
C ASP S 14 -73.39 -10.46 -23.27
N GLN S 15 -73.95 -9.49 -22.56
CA GLN S 15 -74.49 -8.31 -23.23
C GLN S 15 -73.83 -7.04 -22.71
N HIS S 16 -72.90 -7.18 -21.77
CA HIS S 16 -72.18 -6.05 -21.19
C HIS S 16 -70.72 -6.40 -20.95
N ILE S 17 -70.40 -7.68 -21.10
CA ILE S 17 -69.04 -8.17 -20.88
C ILE S 17 -68.71 -9.32 -21.84
N ILE S 18 -68.51 -9.00 -23.12
CA ILE S 18 -68.21 -10.03 -24.10
C ILE S 18 -66.78 -10.51 -23.91
N GLY S 19 -66.57 -11.79 -24.13
CA GLY S 19 -65.24 -12.34 -23.96
C GLY S 19 -65.20 -13.22 -22.73
N GLN S 20 -64.05 -13.25 -22.05
CA GLN S 20 -63.87 -14.06 -20.86
C GLN S 20 -64.45 -15.45 -21.10
N ALA S 21 -64.86 -16.11 -20.02
CA ALA S 21 -65.44 -17.45 -20.10
C ALA S 21 -65.38 -18.06 -18.73
N ASP S 22 -64.29 -18.77 -18.45
CA ASP S 22 -64.08 -19.41 -17.16
C ASP S 22 -64.42 -18.37 -16.09
N ALA S 23 -64.34 -17.10 -16.50
CA ALA S 23 -64.62 -15.98 -15.62
C ALA S 23 -66.06 -16.06 -15.17
N LYS S 24 -66.96 -15.66 -16.05
CA LYS S 24 -68.39 -15.68 -15.79
C LYS S 24 -68.82 -16.99 -15.15
N ARG S 25 -68.50 -18.11 -15.80
CA ARG S 25 -68.85 -19.43 -15.28
C ARG S 25 -68.72 -19.58 -13.77
N ALA S 26 -67.52 -19.28 -13.26
CA ALA S 26 -67.26 -19.37 -11.81
C ALA S 26 -68.02 -18.29 -11.03
N VAL S 27 -68.26 -17.16 -11.69
CA VAL S 27 -69.00 -16.06 -11.08
C VAL S 27 -70.43 -16.54 -10.87
N ALA S 28 -70.91 -17.31 -11.84
CA ALA S 28 -72.26 -17.85 -11.81
C ALA S 28 -72.43 -18.89 -10.71
N ILE S 29 -71.70 -19.99 -10.82
CA ILE S 29 -71.76 -21.06 -9.84
C ILE S 29 -71.65 -20.53 -8.41
N ALA S 30 -71.31 -19.25 -8.29
CA ALA S 30 -71.19 -18.61 -6.99
C ALA S 30 -72.54 -18.13 -6.49
N LEU S 31 -73.34 -17.60 -7.40
CA LEU S 31 -74.68 -17.10 -7.07
C LEU S 31 -75.65 -18.26 -6.89
N ARG S 32 -75.43 -19.33 -7.65
CA ARG S 32 -76.26 -20.52 -7.61
C ARG S 32 -76.11 -21.26 -6.28
N ASN S 33 -74.89 -21.31 -5.77
CA ASN S 33 -74.63 -22.00 -4.52
C ASN S 33 -75.07 -21.25 -3.26
N ARG S 34 -75.55 -20.01 -3.43
CA ARG S 34 -76.00 -19.23 -2.30
C ARG S 34 -77.52 -19.33 -2.27
N TRP S 35 -78.05 -20.07 -3.24
CA TRP S 35 -79.49 -20.30 -3.35
C TRP S 35 -79.76 -21.75 -2.97
N ARG S 36 -79.02 -22.67 -3.59
CA ARG S 36 -79.16 -24.09 -3.29
C ARG S 36 -78.94 -24.28 -1.80
N ARG S 37 -78.37 -23.25 -1.18
CA ARG S 37 -78.06 -23.23 0.24
C ARG S 37 -79.28 -22.85 1.08
N MET S 38 -80.21 -22.13 0.46
CA MET S 38 -81.42 -21.68 1.13
C MET S 38 -82.39 -22.84 1.43
N GLN S 39 -82.65 -23.69 0.43
CA GLN S 39 -83.55 -24.83 0.60
C GLN S 39 -82.96 -25.95 1.46
N LEU S 40 -82.63 -25.62 2.70
CA LEU S 40 -82.07 -26.58 3.63
C LEU S 40 -82.52 -26.20 5.04
N GLN S 41 -82.68 -27.20 5.89
CA GLN S 41 -83.11 -26.98 7.27
C GLN S 41 -82.18 -26.07 8.07
N GLU S 42 -82.26 -26.14 9.40
CA GLU S 42 -81.42 -25.31 10.26
C GLU S 42 -79.96 -25.75 10.29
N PRO S 43 -79.68 -27.03 10.60
CA PRO S 43 -78.30 -27.50 10.65
C PRO S 43 -77.48 -27.18 9.39
N LEU S 44 -77.69 -27.96 8.34
CA LEU S 44 -76.99 -27.81 7.07
C LEU S 44 -77.31 -26.49 6.33
N ARG S 45 -77.32 -25.39 7.07
CA ARG S 45 -77.61 -24.10 6.45
C ARG S 45 -76.73 -23.00 7.00
N HIS S 46 -76.77 -22.76 8.31
CA HIS S 46 -75.95 -21.73 8.89
C HIS S 46 -74.48 -22.14 8.87
N GLU S 47 -74.23 -23.39 8.53
CA GLU S 47 -72.86 -23.89 8.44
C GLU S 47 -72.57 -24.53 7.09
N VAL S 48 -72.42 -23.67 6.09
CA VAL S 48 -72.13 -24.07 4.72
C VAL S 48 -71.65 -22.80 3.99
N THR S 49 -70.70 -22.12 4.63
CA THR S 49 -70.12 -20.89 4.10
C THR S 49 -69.86 -20.91 2.60
N PRO S 50 -70.25 -19.83 1.90
CA PRO S 50 -70.07 -19.70 0.46
C PRO S 50 -68.64 -19.94 0.01
N LYS S 51 -68.45 -20.02 -1.29
CA LYS S 51 -67.13 -20.25 -1.87
C LYS S 51 -66.67 -18.96 -2.52
N ASN S 52 -65.88 -18.17 -1.80
CA ASN S 52 -65.38 -16.90 -2.33
C ASN S 52 -64.52 -17.04 -3.58
N ILE S 53 -64.42 -15.96 -4.35
CA ILE S 53 -63.67 -15.97 -5.60
C ILE S 53 -62.55 -14.95 -5.73
N LEU S 54 -61.51 -15.31 -6.49
CA LEU S 54 -60.33 -14.47 -6.75
C LEU S 54 -60.08 -14.38 -8.25
N MET S 55 -60.26 -13.19 -8.79
CA MET S 55 -60.08 -12.96 -10.22
C MET S 55 -58.67 -12.57 -10.60
N ILE S 56 -58.02 -13.44 -11.38
CA ILE S 56 -56.67 -13.20 -11.85
C ILE S 56 -56.74 -12.69 -13.29
N GLY S 57 -56.45 -11.41 -13.47
CA GLY S 57 -56.50 -10.86 -14.82
C GLY S 57 -56.01 -9.42 -14.90
N PRO S 58 -55.59 -8.96 -16.09
CA PRO S 58 -55.09 -7.62 -16.38
C PRO S 58 -55.90 -6.45 -15.82
N THR S 59 -55.64 -5.27 -16.34
CA THR S 59 -56.35 -4.07 -15.90
C THR S 59 -57.12 -3.48 -17.09
N GLY S 60 -58.38 -3.91 -17.22
CA GLY S 60 -59.21 -3.43 -18.31
C GLY S 60 -60.08 -4.51 -18.91
N VAL S 61 -59.72 -5.77 -18.68
CA VAL S 61 -60.50 -6.90 -19.22
C VAL S 61 -61.82 -7.08 -18.50
N GLY S 62 -62.03 -6.26 -17.46
CA GLY S 62 -63.27 -6.32 -16.71
C GLY S 62 -63.33 -7.40 -15.65
N LYS S 63 -63.06 -7.01 -14.42
CA LYS S 63 -63.13 -7.92 -13.29
C LYS S 63 -64.17 -7.30 -12.38
N THR S 64 -64.36 -5.98 -12.53
CA THR S 64 -65.32 -5.24 -11.74
C THR S 64 -66.67 -5.27 -12.42
N GLU S 65 -66.66 -5.28 -13.76
CA GLU S 65 -67.93 -5.33 -14.49
C GLU S 65 -68.65 -6.63 -14.18
N ILE S 66 -67.92 -7.74 -14.24
CA ILE S 66 -68.54 -9.03 -13.97
C ILE S 66 -69.00 -9.16 -12.51
N ALA S 67 -68.54 -8.27 -11.64
CA ALA S 67 -68.94 -8.34 -10.24
C ALA S 67 -70.04 -7.34 -9.97
N ARG S 68 -70.13 -6.32 -10.82
CA ARG S 68 -71.14 -5.29 -10.69
C ARG S 68 -72.43 -5.77 -11.36
N ARG S 69 -72.29 -6.48 -12.47
CA ARG S 69 -73.44 -7.04 -13.18
C ARG S 69 -73.77 -8.36 -12.52
N LEU S 70 -73.66 -8.36 -11.20
CA LEU S 70 -73.94 -9.53 -10.40
C LEU S 70 -74.62 -9.01 -9.15
N ALA S 71 -74.97 -7.72 -9.17
CA ALA S 71 -75.64 -7.07 -8.06
C ALA S 71 -76.97 -6.53 -8.55
N LYS S 72 -76.96 -5.98 -9.76
CA LYS S 72 -78.17 -5.44 -10.36
C LYS S 72 -78.93 -6.58 -11.03
N LEU S 73 -78.21 -7.62 -11.43
CA LEU S 73 -78.81 -8.78 -12.08
C LEU S 73 -78.77 -9.98 -11.13
N ALA S 74 -79.27 -9.75 -9.92
CA ALA S 74 -79.34 -10.76 -8.87
C ALA S 74 -79.80 -10.07 -7.57
N ASN S 75 -79.96 -8.75 -7.66
CA ASN S 75 -80.39 -7.91 -6.53
C ASN S 75 -79.74 -8.28 -5.20
N ALA S 76 -78.73 -7.51 -4.83
CA ALA S 76 -78.01 -7.72 -3.59
C ALA S 76 -77.06 -6.56 -3.33
N PRO S 77 -76.88 -6.17 -2.07
CA PRO S 77 -75.99 -5.08 -1.71
C PRO S 77 -74.58 -5.29 -2.27
N PHE S 78 -74.09 -4.30 -3.01
CA PHE S 78 -72.75 -4.39 -3.62
C PHE S 78 -71.84 -3.30 -3.05
N ILE S 79 -70.54 -3.51 -3.17
CA ILE S 79 -69.57 -2.53 -2.67
C ILE S 79 -68.15 -2.89 -3.10
N LYS S 80 -67.48 -1.97 -3.78
CA LYS S 80 -66.11 -2.19 -4.23
C LYS S 80 -65.15 -1.40 -3.34
N VAL S 81 -64.04 -2.04 -2.98
CA VAL S 81 -63.04 -1.40 -2.14
C VAL S 81 -61.62 -1.55 -2.70
N GLU S 82 -60.80 -0.52 -2.47
CA GLU S 82 -59.42 -0.48 -2.96
C GLU S 82 -58.42 -0.56 -1.80
N ALA S 83 -57.84 -1.74 -1.59
CA ALA S 83 -56.87 -1.93 -0.52
C ALA S 83 -55.74 -0.89 -0.58
N GLU S 95 -60.18 2.37 8.16
CA GLU S 95 -60.99 1.37 8.87
C GLU S 95 -61.20 0.11 8.01
N VAL S 96 -61.46 -1.02 8.68
CA VAL S 96 -61.67 -2.30 7.99
C VAL S 96 -63.13 -2.71 7.91
N ASP S 97 -63.87 -2.51 9.00
CA ASP S 97 -65.28 -2.87 9.05
C ASP S 97 -66.15 -1.97 8.19
N SER S 98 -65.64 -0.79 7.84
CA SER S 98 -66.38 0.17 7.03
C SER S 98 -66.79 -0.46 5.69
N ILE S 99 -66.20 -1.61 5.38
CA ILE S 99 -66.54 -2.30 4.15
C ILE S 99 -67.92 -2.92 4.33
N ILE S 100 -68.27 -3.18 5.57
CA ILE S 100 -69.57 -3.76 5.91
C ILE S 100 -70.57 -2.66 6.18
N ARG S 101 -70.18 -1.71 7.03
CA ARG S 101 -71.04 -0.57 7.38
C ARG S 101 -71.57 0.13 6.14
N ASP S 102 -70.81 0.05 5.05
CA ASP S 102 -71.20 0.67 3.79
C ASP S 102 -71.97 -0.29 2.89
N LEU S 103 -71.83 -1.60 3.14
CA LEU S 103 -72.53 -2.60 2.37
C LEU S 103 -74.00 -2.54 2.77
N THR S 104 -74.23 -2.07 3.99
CA THR S 104 -75.56 -1.94 4.53
C THR S 104 -76.21 -0.64 4.07
N ASP S 105 -75.41 0.42 3.93
CA ASP S 105 -75.92 1.72 3.48
C ASP S 105 -76.30 1.70 2.00
N SER S 106 -76.02 0.58 1.33
CA SER S 106 -76.35 0.44 -0.08
C SER S 106 -77.37 -0.68 -0.23
N ALA S 107 -78.09 -0.95 0.86
CA ALA S 107 -79.13 -1.97 0.86
C ALA S 107 -80.46 -1.27 1.09
N MET S 108 -80.38 -0.04 1.59
CA MET S 108 -81.57 0.76 1.85
C MET S 108 -82.01 1.40 0.53
N LYS S 109 -82.00 0.60 -0.53
CA LYS S 109 -82.39 1.05 -1.87
C LYS S 109 -83.07 -0.09 -2.63
N LEU S 110 -82.98 -1.31 -2.07
CA LEU S 110 -83.61 -2.50 -2.66
C LEU S 110 -84.54 -3.10 -1.60
N VAL S 111 -84.87 -2.25 -0.63
CA VAL S 111 -85.74 -2.59 0.48
C VAL S 111 -86.67 -1.40 0.71
N ARG S 112 -86.15 -0.20 0.44
CA ARG S 112 -86.92 1.03 0.58
C ARG S 112 -87.07 1.66 -0.81
N GLN S 113 -87.21 0.79 -1.80
CA GLN S 113 -87.38 1.17 -3.20
C GLN S 113 -87.97 -0.04 -3.91
N GLN S 114 -88.08 -1.15 -3.17
CA GLN S 114 -88.65 -2.38 -3.68
C GLN S 114 -89.80 -2.82 -2.79
N GLU S 115 -89.91 -2.19 -1.63
CA GLU S 115 -91.00 -2.49 -0.69
C GLU S 115 -91.74 -1.20 -0.36
N ILE S 116 -91.58 -0.22 -1.23
CA ILE S 116 -92.24 1.08 -1.11
C ILE S 116 -93.06 1.24 -2.40
N ALA S 117 -92.74 0.40 -3.38
CA ALA S 117 -93.41 0.38 -4.67
C ALA S 117 -94.09 -0.98 -4.83
N LYS S 118 -93.70 -1.93 -3.98
CA LYS S 118 -94.26 -3.28 -3.98
C LYS S 118 -95.33 -3.37 -2.88
N ASN S 119 -94.93 -3.02 -1.65
CA ASN S 119 -95.84 -3.02 -0.50
C ASN S 119 -96.43 -1.61 -0.37
N ARG S 120 -97.27 -1.25 -1.33
CA ARG S 120 -97.92 0.06 -1.36
C ARG S 120 -99.28 -0.04 -2.03
N LYS S 233 -95.75 6.23 5.55
CA LYS S 233 -96.54 5.05 5.89
C LYS S 233 -95.72 3.78 5.76
N LEU S 234 -96.24 2.67 6.26
CA LEU S 234 -95.54 1.38 6.22
C LEU S 234 -94.17 1.61 6.85
N ILE S 235 -94.03 2.78 7.47
CA ILE S 235 -92.81 3.22 8.13
C ILE S 235 -92.21 2.08 8.97
N ASN S 236 -92.53 2.07 10.26
CA ASN S 236 -92.04 1.04 11.17
C ASN S 236 -90.56 0.68 10.98
N PRO S 237 -89.65 1.64 11.27
CA PRO S 237 -88.24 1.29 11.10
C PRO S 237 -87.96 0.02 11.91
N GLU S 238 -88.37 0.04 13.17
CA GLU S 238 -88.18 -1.08 14.10
C GLU S 238 -88.65 -2.41 13.50
N GLU S 239 -89.41 -2.32 12.41
CA GLU S 239 -89.92 -3.49 11.72
C GLU S 239 -88.95 -3.90 10.61
N LEU S 240 -88.41 -2.90 9.90
CA LEU S 240 -87.48 -3.13 8.81
C LEU S 240 -85.98 -3.11 9.17
N LYS S 241 -85.67 -3.18 10.47
CA LYS S 241 -84.28 -3.21 10.94
C LYS S 241 -83.87 -4.68 11.04
N GLN S 242 -84.63 -5.53 10.36
CA GLN S 242 -84.38 -6.97 10.34
C GLN S 242 -85.00 -7.53 9.07
N LYS S 243 -85.21 -6.65 8.10
CA LYS S 243 -85.77 -7.00 6.80
C LYS S 243 -84.70 -6.57 5.80
N ALA S 244 -83.93 -5.56 6.19
CA ALA S 244 -82.84 -5.04 5.38
C ALA S 244 -81.59 -5.85 5.69
N ILE S 245 -81.43 -6.23 6.95
CA ILE S 245 -80.30 -7.03 7.42
C ILE S 245 -80.46 -8.49 7.00
N ASP S 246 -81.68 -9.00 7.05
CA ASP S 246 -81.91 -10.38 6.64
C ASP S 246 -81.44 -10.49 5.19
N ALA S 247 -81.39 -9.34 4.51
CA ALA S 247 -80.95 -9.24 3.12
C ALA S 247 -79.42 -9.32 3.04
N VAL S 248 -78.77 -8.33 3.64
CA VAL S 248 -77.31 -8.25 3.68
C VAL S 248 -76.70 -9.54 4.24
N GLU S 249 -77.11 -9.93 5.46
CA GLU S 249 -76.60 -11.14 6.09
C GLU S 249 -76.48 -12.30 5.12
N GLN S 250 -77.41 -12.37 4.18
CA GLN S 250 -77.41 -13.43 3.17
C GLN S 250 -76.99 -12.92 1.79
N ASN S 251 -77.73 -11.95 1.27
CA ASN S 251 -77.42 -11.38 -0.04
C ASN S 251 -76.43 -10.23 0.08
N GLY S 252 -75.15 -10.56 0.02
CA GLY S 252 -74.12 -9.54 0.14
C GLY S 252 -72.90 -9.86 -0.72
N ILE S 253 -72.48 -8.89 -1.52
CA ILE S 253 -71.34 -9.07 -2.40
C ILE S 253 -70.28 -8.00 -2.17
N VAL S 254 -69.10 -8.44 -1.73
CA VAL S 254 -67.98 -7.54 -1.46
C VAL S 254 -66.92 -7.72 -2.54
N PHE S 255 -66.47 -6.61 -3.10
CA PHE S 255 -65.47 -6.65 -4.15
C PHE S 255 -64.20 -5.92 -3.73
N ILE S 256 -63.08 -6.64 -3.74
CA ILE S 256 -61.80 -6.06 -3.37
C ILE S 256 -60.90 -5.95 -4.60
N ASP S 257 -60.92 -4.78 -5.22
CA ASP S 257 -60.13 -4.53 -6.43
C ASP S 257 -58.66 -4.40 -6.07
N GLU S 258 -57.79 -4.78 -7.00
CA GLU S 258 -56.34 -4.72 -6.80
C GLU S 258 -55.97 -5.15 -5.39
N ILE S 259 -55.89 -6.46 -5.16
CA ILE S 259 -55.55 -7.00 -3.85
C ILE S 259 -54.04 -7.26 -3.77
N ASP S 260 -53.47 -7.71 -4.88
CA ASP S 260 -52.04 -8.00 -4.94
C ASP S 260 -51.25 -6.93 -4.20
N LYS S 261 -51.70 -5.69 -4.34
CA LYS S 261 -51.05 -4.55 -3.70
C LYS S 261 -50.84 -4.72 -2.19
N ILE S 262 -51.34 -5.81 -1.62
CA ILE S 262 -51.18 -6.04 -0.18
C ILE S 262 -50.49 -7.35 0.15
N CYS S 263 -49.69 -7.84 -0.80
CA CYS S 263 -48.97 -9.09 -0.59
C CYS S 263 -47.52 -8.82 -0.22
N LYS S 264 -46.92 -9.76 0.51
CA LYS S 264 -45.53 -9.64 0.92
C LYS S 264 -44.64 -9.54 -0.32
N LYS S 265 -43.75 -8.55 -0.32
CA LYS S 265 -42.84 -8.33 -1.45
C LYS S 265 -43.63 -8.08 -2.74
N SER S 269 -40.78 -5.87 1.00
CA SER S 269 -41.83 -5.37 1.90
C SER S 269 -41.44 -5.59 3.36
N GLY S 270 -40.30 -5.01 3.76
CA GLY S 270 -39.84 -5.14 5.14
C GLY S 270 -39.96 -3.86 5.94
N ALA S 271 -40.06 -2.73 5.24
CA ALA S 271 -40.20 -1.42 5.87
C ALA S 271 -41.67 -1.08 6.05
N ASP S 272 -42.54 -1.97 5.57
CA ASP S 272 -43.99 -1.80 5.66
C ASP S 272 -44.72 -3.15 5.69
N VAL S 273 -44.61 -3.85 6.81
CA VAL S 273 -45.26 -5.14 6.99
C VAL S 273 -46.75 -4.90 7.16
N SER S 274 -47.15 -3.64 7.08
CA SER S 274 -48.55 -3.26 7.23
C SER S 274 -49.40 -3.72 6.05
N ARG S 275 -48.75 -4.16 4.97
CA ARG S 275 -49.46 -4.64 3.79
C ARG S 275 -50.03 -6.02 4.10
N GLU S 276 -49.44 -6.68 5.10
CA GLU S 276 -49.88 -8.00 5.53
C GLU S 276 -50.80 -7.80 6.71
N GLY S 277 -50.86 -6.56 7.21
CA GLY S 277 -51.72 -6.23 8.32
C GLY S 277 -53.15 -6.08 7.83
N VAL S 278 -53.31 -5.34 6.72
CA VAL S 278 -54.63 -5.14 6.12
C VAL S 278 -55.18 -6.50 5.73
N GLN S 279 -54.38 -7.26 5.01
CA GLN S 279 -54.76 -8.58 4.58
C GLN S 279 -55.12 -9.43 5.81
N ARG S 280 -54.75 -8.94 6.99
CA ARG S 280 -55.03 -9.66 8.24
C ARG S 280 -56.31 -9.15 8.91
N ASP S 281 -56.46 -7.83 9.01
CA ASP S 281 -57.64 -7.24 9.63
C ASP S 281 -58.87 -7.49 8.76
N LEU S 282 -58.62 -7.97 7.54
CA LEU S 282 -59.68 -8.26 6.58
C LEU S 282 -60.01 -9.74 6.60
N LEU S 283 -59.41 -10.46 7.54
CA LEU S 283 -59.65 -11.89 7.66
C LEU S 283 -60.96 -12.13 8.40
N PRO S 284 -61.19 -11.44 9.53
CA PRO S 284 -62.43 -11.63 10.28
C PRO S 284 -63.69 -11.51 9.41
N LEU S 285 -63.62 -10.68 8.38
CA LEU S 285 -64.76 -10.49 7.48
C LEU S 285 -64.99 -11.67 6.54
N VAL S 286 -63.93 -12.24 5.98
CA VAL S 286 -64.08 -13.37 5.08
C VAL S 286 -64.27 -14.64 5.88
N GLU S 287 -63.91 -14.59 7.16
CA GLU S 287 -64.06 -15.73 8.05
C GLU S 287 -65.47 -15.78 8.59
N GLY S 288 -65.84 -14.77 9.37
CA GLY S 288 -67.18 -14.72 9.94
C GLY S 288 -67.21 -14.01 11.29
N SER S 289 -67.76 -12.80 11.30
CA SER S 289 -67.85 -12.02 12.52
C SER S 289 -69.17 -11.25 12.59
N THR S 290 -69.27 -10.35 13.56
CA THR S 290 -70.47 -9.55 13.75
C THR S 290 -70.15 -8.05 13.78
N VAL S 291 -70.44 -7.37 12.67
CA VAL S 291 -70.18 -5.94 12.56
C VAL S 291 -71.36 -5.15 13.15
N SER S 292 -71.06 -4.10 13.90
CA SER S 292 -72.12 -3.28 14.49
C SER S 292 -72.41 -2.03 13.66
N THR S 293 -73.41 -2.14 12.80
CA THR S 293 -73.82 -1.04 11.94
C THR S 293 -74.87 -0.16 12.63
N LYS S 294 -75.22 0.95 12.01
CA LYS S 294 -76.22 1.86 12.58
C LYS S 294 -77.63 1.39 12.29
N HIS S 295 -77.79 0.07 12.17
CA HIS S 295 -79.09 -0.55 11.91
C HIS S 295 -79.22 -1.77 12.79
N GLY S 296 -78.09 -2.22 13.32
CA GLY S 296 -78.08 -3.38 14.18
C GLY S 296 -76.89 -4.26 13.87
N MET S 297 -76.84 -5.43 14.50
CA MET S 297 -75.74 -6.35 14.30
C MET S 297 -75.95 -7.19 13.04
N VAL S 298 -74.99 -7.10 12.12
CA VAL S 298 -75.05 -7.84 10.86
C VAL S 298 -73.94 -8.90 10.78
N LYS S 299 -74.35 -10.16 10.59
CA LYS S 299 -73.42 -11.28 10.48
C LYS S 299 -72.78 -11.22 9.10
N THR S 300 -71.69 -11.97 8.93
CA THR S 300 -70.97 -11.97 7.65
C THR S 300 -70.74 -13.35 7.06
N ASP S 301 -70.58 -14.34 7.93
CA ASP S 301 -70.34 -15.72 7.52
C ASP S 301 -70.86 -16.08 6.14
N HIS S 302 -72.08 -15.62 5.81
CA HIS S 302 -72.67 -15.96 4.53
C HIS S 302 -72.53 -14.97 3.39
N ILE S 303 -71.77 -13.89 3.60
CA ILE S 303 -71.60 -12.91 2.53
C ILE S 303 -70.81 -13.55 1.39
N LEU S 304 -70.57 -12.79 0.33
CA LEU S 304 -69.83 -13.29 -0.83
C LEU S 304 -68.74 -12.30 -1.22
N PHE S 305 -67.48 -12.76 -1.19
CA PHE S 305 -66.35 -11.91 -1.56
C PHE S 305 -65.72 -12.26 -2.90
N ILE S 306 -65.37 -11.21 -3.63
CA ILE S 306 -64.72 -11.34 -4.92
C ILE S 306 -63.55 -10.38 -4.95
N ALA S 307 -62.34 -10.93 -4.98
CA ALA S 307 -61.11 -10.13 -5.02
C ALA S 307 -60.43 -10.18 -6.38
N SER S 308 -60.17 -9.01 -6.94
CA SER S 308 -59.54 -8.89 -8.24
C SER S 308 -58.06 -8.58 -8.05
N GLY S 309 -57.25 -9.01 -9.00
CA GLY S 309 -55.83 -8.77 -8.92
C GLY S 309 -55.11 -9.09 -10.21
N ALA S 310 -54.14 -8.26 -10.55
CA ALA S 310 -53.35 -8.45 -11.76
C ALA S 310 -52.31 -9.55 -11.49
N PHE S 311 -51.84 -9.60 -10.24
CA PHE S 311 -50.85 -10.57 -9.82
C PHE S 311 -49.72 -10.76 -10.82
N GLN S 312 -49.15 -9.64 -11.26
CA GLN S 312 -48.04 -9.64 -12.20
C GLN S 312 -46.78 -9.72 -11.35
N VAL S 313 -46.80 -8.99 -10.24
CA VAL S 313 -45.69 -8.94 -9.31
C VAL S 313 -45.72 -10.21 -8.47
N ALA S 314 -46.50 -10.19 -7.38
CA ALA S 314 -46.61 -11.35 -6.50
C ALA S 314 -47.46 -12.45 -7.15
N ARG S 315 -47.95 -13.38 -6.36
CA ARG S 315 -48.77 -14.46 -6.88
C ARG S 315 -49.78 -14.89 -5.81
N PRO S 316 -50.70 -15.81 -6.16
CA PRO S 316 -51.69 -16.28 -5.20
C PRO S 316 -51.05 -16.67 -3.87
N SER S 317 -50.17 -17.68 -3.90
CA SER S 317 -49.48 -18.17 -2.72
C SER S 317 -48.78 -17.11 -1.86
N ASP S 318 -48.68 -15.90 -2.38
CA ASP S 318 -48.03 -14.81 -1.63
C ASP S 318 -49.01 -14.12 -0.67
N LEU S 319 -50.10 -14.81 -0.35
CA LEU S 319 -51.11 -14.29 0.56
C LEU S 319 -51.08 -15.13 1.83
N ILE S 320 -51.53 -14.54 2.95
CA ILE S 320 -51.54 -15.27 4.20
C ILE S 320 -52.32 -16.56 4.01
N PRO S 321 -51.81 -17.67 4.59
CA PRO S 321 -52.47 -18.97 4.48
C PRO S 321 -53.97 -18.92 4.73
N GLU S 322 -54.36 -18.14 5.74
CA GLU S 322 -55.76 -18.00 6.09
C GLU S 322 -56.59 -17.70 4.85
N LEU S 323 -56.31 -16.59 4.18
CA LEU S 323 -57.06 -16.20 2.99
C LEU S 323 -56.96 -17.19 1.84
N GLN S 324 -55.82 -17.86 1.71
CA GLN S 324 -55.65 -18.82 0.62
C GLN S 324 -56.69 -19.93 0.72
N GLY S 325 -57.11 -20.23 1.94
CA GLY S 325 -58.09 -21.27 2.16
C GLY S 325 -59.52 -20.78 2.27
N ARG S 326 -59.69 -19.45 2.33
CA ARG S 326 -61.01 -18.84 2.42
C ARG S 326 -61.28 -18.07 1.15
N LEU S 327 -60.68 -18.54 0.07
CA LEU S 327 -60.81 -17.98 -1.26
C LEU S 327 -60.50 -19.11 -2.23
N PRO S 328 -61.13 -20.28 -2.03
CA PRO S 328 -60.96 -21.51 -2.82
C PRO S 328 -61.18 -21.42 -4.33
N ILE S 329 -61.92 -20.42 -4.78
CA ILE S 329 -62.16 -20.29 -6.21
C ILE S 329 -61.13 -19.38 -6.89
N ARG S 330 -60.40 -19.96 -7.83
CA ARG S 330 -59.38 -19.22 -8.56
C ARG S 330 -59.84 -19.11 -10.02
N VAL S 331 -60.24 -17.92 -10.43
CA VAL S 331 -60.70 -17.72 -11.80
C VAL S 331 -59.70 -16.91 -12.62
N GLU S 332 -59.30 -17.47 -13.76
CA GLU S 332 -58.32 -16.81 -14.62
C GLU S 332 -58.95 -16.10 -15.82
N LEU S 333 -58.92 -14.77 -15.82
CA LEU S 333 -59.47 -14.01 -16.94
C LEU S 333 -58.39 -13.92 -18.00
N THR S 334 -58.74 -13.39 -19.18
CA THR S 334 -57.77 -13.24 -20.26
C THR S 334 -57.73 -11.80 -20.71
N ALA S 335 -56.71 -11.44 -21.49
CA ALA S 335 -56.56 -10.08 -21.98
C ALA S 335 -57.51 -9.88 -23.17
N LEU S 336 -57.90 -8.63 -23.41
CA LEU S 336 -58.80 -8.29 -24.51
C LEU S 336 -58.00 -8.15 -25.80
N SER S 337 -58.36 -8.91 -26.82
CA SER S 337 -57.64 -8.86 -28.10
C SER S 337 -58.18 -7.81 -29.06
N ALA S 338 -57.61 -7.77 -30.26
CA ALA S 338 -58.02 -6.81 -31.27
C ALA S 338 -59.49 -7.02 -31.63
N ALA S 339 -59.83 -8.27 -31.92
CA ALA S 339 -61.19 -8.64 -32.29
C ALA S 339 -62.14 -8.52 -31.11
N ASP S 340 -61.59 -8.46 -29.90
CA ASP S 340 -62.39 -8.35 -28.70
C ASP S 340 -62.88 -6.93 -28.48
N PHE S 341 -62.23 -5.95 -29.11
CA PHE S 341 -62.65 -4.56 -28.99
C PHE S 341 -63.66 -4.25 -30.07
N GLU S 342 -63.62 -5.04 -31.13
CA GLU S 342 -64.52 -4.90 -32.26
C GLU S 342 -65.92 -5.34 -31.83
N ARG S 343 -65.96 -6.21 -30.82
CA ARG S 343 -67.21 -6.73 -30.29
C ARG S 343 -67.71 -5.87 -29.13
N ILE S 344 -66.88 -5.69 -28.11
CA ILE S 344 -67.23 -4.87 -26.95
C ILE S 344 -67.67 -3.46 -27.37
N LEU S 345 -67.47 -3.14 -28.65
CA LEU S 345 -67.81 -1.84 -29.16
C LEU S 345 -69.28 -1.74 -29.62
N THR S 346 -69.95 -2.88 -29.78
CA THR S 346 -71.36 -2.90 -30.22
C THR S 346 -72.28 -3.88 -29.47
N GLU S 347 -72.10 -5.17 -29.72
CA GLU S 347 -72.91 -6.24 -29.12
C GLU S 347 -73.49 -5.98 -27.73
N PRO S 348 -72.67 -5.51 -26.78
CA PRO S 348 -73.15 -5.25 -25.42
C PRO S 348 -74.13 -4.09 -25.30
N HIS S 349 -75.11 -4.25 -24.39
CA HIS S 349 -76.10 -3.21 -24.15
C HIS S 349 -75.39 -2.00 -23.56
N ALA S 350 -75.70 -0.83 -24.10
CA ALA S 350 -75.09 0.42 -23.65
C ALA S 350 -73.69 0.56 -24.24
N SER S 351 -73.43 -0.16 -25.32
CA SER S 351 -72.13 -0.10 -25.97
C SER S 351 -71.82 1.32 -26.41
N LEU S 352 -70.53 1.62 -26.58
CA LEU S 352 -70.08 2.95 -26.99
C LEU S 352 -70.74 3.44 -28.26
N THR S 353 -70.78 2.59 -29.28
CA THR S 353 -71.41 2.96 -30.54
C THR S 353 -72.82 3.46 -30.21
N GLU S 354 -73.55 2.66 -29.45
CA GLU S 354 -74.92 2.98 -29.05
C GLU S 354 -74.99 4.28 -28.25
N GLN S 355 -74.14 4.38 -27.22
CA GLN S 355 -74.12 5.55 -26.36
C GLN S 355 -73.92 6.86 -27.11
N TYR S 356 -72.97 6.89 -28.04
CA TYR S 356 -72.72 8.12 -28.80
C TYR S 356 -73.76 8.32 -29.90
N LYS S 357 -74.42 7.24 -30.27
CA LYS S 357 -75.45 7.28 -31.29
C LYS S 357 -76.65 8.05 -30.75
N ALA S 358 -77.08 7.66 -29.56
CA ALA S 358 -78.22 8.27 -28.89
C ALA S 358 -77.92 9.66 -28.33
N LEU S 359 -76.68 9.87 -27.87
CA LEU S 359 -76.31 11.16 -27.31
C LEU S 359 -76.17 12.18 -28.42
N MET S 360 -76.13 11.70 -29.66
CA MET S 360 -75.99 12.57 -30.82
C MET S 360 -77.28 12.63 -31.62
N ALA S 361 -78.29 11.87 -31.20
CA ALA S 361 -79.58 11.87 -31.87
C ALA S 361 -80.42 12.95 -31.19
N THR S 362 -80.16 13.13 -29.90
CA THR S 362 -80.88 14.11 -29.10
C THR S 362 -80.44 15.52 -29.53
N GLU S 363 -79.65 15.58 -30.59
CA GLU S 363 -79.19 16.85 -31.14
C GLU S 363 -79.86 17.04 -32.49
N GLY S 364 -80.48 15.99 -32.99
CA GLY S 364 -81.15 16.05 -34.28
C GLY S 364 -80.27 15.52 -35.41
N VAL S 365 -79.19 14.86 -35.03
CA VAL S 365 -78.24 14.31 -36.00
C VAL S 365 -78.18 12.78 -35.95
N ASN S 366 -77.87 12.19 -37.10
CA ASN S 366 -77.77 10.75 -37.18
C ASN S 366 -76.31 10.39 -37.49
N ILE S 367 -75.83 9.28 -36.93
CA ILE S 367 -74.45 8.85 -37.15
C ILE S 367 -74.32 7.37 -37.51
N ALA S 368 -73.62 7.10 -38.59
CA ALA S 368 -73.43 5.73 -39.07
C ALA S 368 -72.06 5.15 -38.74
N PHE S 369 -72.06 4.03 -38.04
CA PHE S 369 -70.81 3.37 -37.67
C PHE S 369 -70.66 2.09 -38.48
N THR S 370 -70.10 2.22 -39.69
CA THR S 370 -69.91 1.07 -40.57
C THR S 370 -69.03 0.00 -39.93
N THR S 371 -69.19 -1.24 -40.38
CA THR S 371 -68.42 -2.36 -39.85
C THR S 371 -66.95 -2.29 -40.22
N ASP S 372 -66.65 -1.91 -41.45
CA ASP S 372 -65.26 -1.82 -41.88
C ASP S 372 -64.54 -0.68 -41.16
N ALA S 373 -65.27 0.02 -40.30
CA ALA S 373 -64.71 1.14 -39.54
C ALA S 373 -64.71 0.88 -38.05
N VAL S 374 -65.25 -0.27 -37.63
CA VAL S 374 -65.26 -0.63 -36.21
C VAL S 374 -63.96 -1.34 -35.93
N LYS S 375 -63.37 -1.91 -36.98
CA LYS S 375 -62.09 -2.60 -36.88
C LYS S 375 -61.04 -1.52 -36.64
N LYS S 376 -61.07 -0.49 -37.49
CA LYS S 376 -60.11 0.61 -37.38
C LYS S 376 -60.45 1.58 -36.24
N ILE S 377 -61.10 1.03 -35.22
CA ILE S 377 -61.47 1.79 -34.03
C ILE S 377 -61.21 0.89 -32.82
N ALA S 378 -61.21 -0.42 -33.08
CA ALA S 378 -60.96 -1.43 -32.06
C ALA S 378 -59.51 -1.90 -32.19
N GLU S 379 -58.98 -1.79 -33.41
CA GLU S 379 -57.61 -2.18 -33.69
C GLU S 379 -56.73 -0.96 -33.45
N ALA S 380 -57.36 0.20 -33.37
CA ALA S 380 -56.65 1.46 -33.13
C ALA S 380 -56.70 1.79 -31.64
N ALA S 381 -57.31 0.89 -30.87
CA ALA S 381 -57.40 1.07 -29.43
C ALA S 381 -56.48 0.03 -28.83
N PHE S 382 -56.19 -0.99 -29.62
CA PHE S 382 -55.30 -2.08 -29.20
C PHE S 382 -53.90 -1.61 -29.55
N ARG S 383 -53.78 -1.02 -30.74
CA ARG S 383 -52.53 -0.49 -31.25
C ARG S 383 -51.97 0.56 -30.28
N VAL S 384 -52.79 0.98 -29.33
CA VAL S 384 -52.38 1.99 -28.36
C VAL S 384 -51.98 1.33 -27.04
N ASN S 385 -52.58 0.21 -26.73
CA ASN S 385 -52.26 -0.48 -25.48
C ASN S 385 -50.96 -1.25 -25.58
N GLU S 386 -50.52 -1.53 -26.79
CA GLU S 386 -49.27 -2.26 -26.96
C GLU S 386 -48.10 -1.29 -27.07
N LYS S 387 -48.38 0.00 -26.91
CA LYS S 387 -47.34 1.02 -27.01
C LYS S 387 -47.43 2.05 -25.88
N THR S 388 -48.04 1.63 -24.78
CA THR S 388 -48.20 2.46 -23.58
C THR S 388 -48.99 1.61 -22.58
N GLU S 389 -49.53 2.24 -21.54
CA GLU S 389 -50.30 1.50 -20.55
C GLU S 389 -51.48 0.79 -21.21
N ASN S 390 -51.67 -0.48 -20.85
CA ASN S 390 -52.78 -1.25 -21.41
C ASN S 390 -53.93 -1.19 -20.41
N ILE S 391 -54.62 -0.07 -20.41
CA ILE S 391 -55.74 0.14 -19.51
C ILE S 391 -56.95 -0.72 -19.86
N GLY S 392 -56.86 -1.46 -20.95
CA GLY S 392 -57.96 -2.30 -21.35
C GLY S 392 -59.09 -1.55 -22.04
N ALA S 393 -60.31 -2.04 -21.85
CA ALA S 393 -61.49 -1.42 -22.46
C ALA S 393 -61.49 0.10 -22.33
N ARG S 394 -61.25 0.59 -21.11
CA ARG S 394 -61.24 2.03 -20.83
C ARG S 394 -60.47 2.81 -21.90
N ARG S 395 -59.61 2.11 -22.64
CA ARG S 395 -58.84 2.75 -23.69
C ARG S 395 -59.84 3.23 -24.74
N LEU S 396 -60.82 2.38 -25.03
CA LEU S 396 -61.84 2.71 -26.01
C LEU S 396 -62.48 4.06 -25.74
N HIS S 397 -62.89 4.28 -24.49
CA HIS S 397 -63.53 5.53 -24.10
C HIS S 397 -62.67 6.70 -24.59
N THR S 398 -61.41 6.68 -24.20
CA THR S 398 -60.48 7.74 -24.57
C THR S 398 -60.33 7.85 -26.08
N VAL S 399 -60.53 6.74 -26.78
CA VAL S 399 -60.41 6.71 -28.23
C VAL S 399 -61.61 7.41 -28.87
N MET S 400 -62.80 7.02 -28.48
CA MET S 400 -64.01 7.62 -29.03
C MET S 400 -64.01 9.12 -28.79
N GLU S 401 -63.71 9.52 -27.56
CA GLU S 401 -63.68 10.93 -27.20
C GLU S 401 -62.88 11.77 -28.17
N ARG S 402 -61.84 11.18 -28.75
CA ARG S 402 -61.00 11.89 -29.71
C ARG S 402 -61.71 11.88 -31.05
N LEU S 403 -62.45 10.80 -31.30
CA LEU S 403 -63.19 10.63 -32.55
C LEU S 403 -64.39 11.58 -32.65
N MET S 404 -65.21 11.59 -31.61
CA MET S 404 -66.39 12.45 -31.57
C MET S 404 -66.01 13.86 -31.10
N ASP S 405 -64.75 14.21 -31.24
CA ASP S 405 -64.26 15.53 -30.83
C ASP S 405 -64.58 16.57 -31.90
N LYS S 406 -64.80 16.11 -33.12
CA LYS S 406 -65.09 16.99 -34.24
C LYS S 406 -66.61 17.17 -34.38
N ILE S 407 -67.35 16.11 -34.10
CA ILE S 407 -68.80 16.11 -34.21
C ILE S 407 -69.54 16.67 -32.99
N SER S 408 -69.18 16.20 -31.79
CA SER S 408 -69.83 16.63 -30.56
C SER S 408 -69.86 18.14 -30.32
N PHE S 409 -69.02 18.89 -31.04
CA PHE S 409 -68.95 20.34 -30.89
C PHE S 409 -69.91 21.07 -31.83
N SER S 410 -69.88 20.69 -33.10
CA SER S 410 -70.72 21.33 -34.10
C SER S 410 -71.88 20.43 -34.56
N ALA S 411 -72.73 20.04 -33.63
CA ALA S 411 -73.88 19.20 -33.94
C ALA S 411 -75.12 20.09 -33.98
N SER S 412 -74.99 21.26 -33.35
CA SER S 412 -76.06 22.24 -33.30
C SER S 412 -76.18 22.97 -34.63
N ASP S 413 -75.08 23.59 -35.07
CA ASP S 413 -75.06 24.33 -36.32
C ASP S 413 -75.17 23.41 -37.55
N MET S 414 -75.33 22.12 -37.29
CA MET S 414 -75.47 21.12 -38.35
C MET S 414 -76.51 20.11 -37.88
N ASN S 415 -77.76 20.53 -37.94
CA ASN S 415 -78.90 19.73 -37.50
C ASN S 415 -79.56 18.93 -38.64
N GLY S 416 -80.03 17.74 -38.29
CA GLY S 416 -80.70 16.89 -39.25
C GLY S 416 -79.86 16.31 -40.37
N GLN S 417 -78.66 15.85 -40.06
CA GLN S 417 -77.78 15.26 -41.07
C GLN S 417 -77.40 13.83 -40.74
N THR S 418 -77.13 13.06 -41.78
CA THR S 418 -76.73 11.66 -41.62
C THR S 418 -75.35 11.50 -42.24
N VAL S 419 -74.31 11.52 -41.39
CA VAL S 419 -72.95 11.37 -41.85
C VAL S 419 -72.40 9.98 -41.55
N ASN S 420 -71.73 9.39 -42.54
CA ASN S 420 -71.16 8.05 -42.43
C ASN S 420 -69.76 8.05 -41.83
N ILE S 421 -69.58 7.28 -40.77
CA ILE S 421 -68.29 7.16 -40.11
C ILE S 421 -67.66 5.84 -40.56
N ASP S 422 -66.75 5.94 -41.52
CA ASP S 422 -66.07 4.77 -42.08
C ASP S 422 -64.55 4.85 -41.97
N ALA S 423 -63.89 3.97 -42.70
CA ALA S 423 -62.43 3.90 -42.71
C ALA S 423 -61.78 5.26 -42.91
N ALA S 424 -61.96 5.85 -44.08
CA ALA S 424 -61.38 7.15 -44.41
C ALA S 424 -61.73 8.26 -43.43
N TYR S 425 -62.82 8.11 -42.69
CA TYR S 425 -63.22 9.14 -41.73
C TYR S 425 -62.53 8.96 -40.38
N VAL S 426 -62.50 7.73 -39.88
CA VAL S 426 -61.87 7.42 -38.60
C VAL S 426 -60.40 7.83 -38.68
N ALA S 427 -59.76 7.51 -39.79
CA ALA S 427 -58.36 7.83 -40.00
C ALA S 427 -58.09 9.33 -39.86
N ASP S 428 -58.64 10.12 -40.78
CA ASP S 428 -58.45 11.57 -40.76
C ASP S 428 -59.25 12.19 -39.62
N ALA S 429 -59.34 11.47 -38.51
CA ALA S 429 -60.08 11.94 -37.34
C ALA S 429 -59.13 12.19 -36.16
N LEU S 430 -58.22 11.24 -35.94
CA LEU S 430 -57.26 11.37 -34.84
C LEU S 430 -55.87 11.74 -35.32
N GLY S 431 -55.18 10.79 -35.97
CA GLY S 431 -53.84 11.06 -36.46
C GLY S 431 -52.94 9.84 -36.39
N GLU S 432 -51.80 9.99 -35.72
CA GLU S 432 -50.84 8.89 -35.59
C GLU S 432 -50.14 8.84 -34.23
N VAL S 433 -50.11 7.65 -33.63
CA VAL S 433 -49.47 7.45 -32.33
C VAL S 433 -48.23 6.56 -32.46
N VAL S 434 -47.08 7.12 -32.11
CA VAL S 434 -45.80 6.39 -32.18
C VAL S 434 -45.12 6.50 -30.82
N GLU S 435 -44.17 5.61 -30.55
CA GLU S 435 -43.45 5.61 -29.29
C GLU S 435 -42.76 6.95 -29.08
N ASN S 436 -42.85 7.49 -27.86
CA ASN S 436 -42.26 8.79 -27.52
C ASN S 436 -40.96 9.08 -28.27
N GLU S 437 -39.85 8.60 -27.71
CA GLU S 437 -38.52 8.76 -28.28
C GLU S 437 -37.61 8.15 -27.26
N ASP S 438 -38.22 7.75 -26.15
CA ASP S 438 -37.56 7.12 -25.01
C ASP S 438 -36.05 7.07 -25.10
N LEU S 439 -35.55 6.19 -25.95
CA LEU S 439 -34.11 6.02 -26.15
C LEU S 439 -33.32 7.34 -26.23
N SER S 440 -33.37 7.97 -27.41
CA SER S 440 -32.66 9.22 -27.70
C SER S 440 -32.53 10.23 -26.56
N ARG S 441 -33.24 9.99 -25.45
CA ARG S 441 -33.16 10.90 -24.33
C ARG S 441 -32.12 10.47 -23.30
N PHE S 442 -32.40 9.40 -22.58
CA PHE S 442 -31.46 8.95 -21.57
C PHE S 442 -30.84 7.56 -21.81
N ILE S 443 -30.22 7.42 -22.96
CA ILE S 443 -29.54 6.18 -23.34
C ILE S 443 -28.40 6.51 -24.28
N LEU S 444 -27.25 5.88 -24.05
CA LEU S 444 -26.07 6.09 -24.88
C LEU S 444 -25.83 4.80 -25.64
N SER T 2 -76.39 -26.94 36.73
CA SER T 2 -77.12 -26.61 35.46
C SER T 2 -76.22 -26.74 34.23
N GLU T 3 -75.31 -27.71 34.25
CA GLU T 3 -74.40 -27.93 33.13
C GLU T 3 -73.99 -29.39 32.93
N MET T 4 -73.44 -29.68 31.76
CA MET T 4 -73.01 -31.02 31.39
C MET T 4 -71.73 -31.52 32.08
N THR T 5 -71.14 -32.57 31.51
CA THR T 5 -69.92 -33.17 32.03
C THR T 5 -68.87 -33.34 30.91
N PRO T 6 -67.57 -33.28 31.27
CA PRO T 6 -66.47 -33.42 30.31
C PRO T 6 -66.47 -34.73 29.52
N ARG T 7 -66.49 -35.84 30.26
CA ARG T 7 -66.49 -37.18 29.67
C ARG T 7 -67.41 -37.21 28.45
N GLU T 8 -68.44 -36.35 28.49
CA GLU T 8 -69.41 -36.25 27.42
C GLU T 8 -69.13 -35.10 26.45
N ILE T 9 -68.65 -33.98 26.98
CA ILE T 9 -68.35 -32.83 26.12
C ILE T 9 -67.46 -33.31 24.98
N VAL T 10 -66.55 -34.22 25.32
CA VAL T 10 -65.64 -34.80 24.34
C VAL T 10 -66.46 -35.37 23.19
N SER T 11 -67.19 -36.43 23.49
CA SER T 11 -68.02 -37.12 22.52
C SER T 11 -68.96 -36.22 21.72
N GLU T 12 -69.28 -35.03 22.25
CA GLU T 12 -70.16 -34.12 21.53
C GLU T 12 -69.35 -33.26 20.55
N LEU T 13 -68.06 -33.19 20.78
CA LEU T 13 -67.18 -32.41 19.92
C LEU T 13 -66.68 -33.33 18.80
N ASP T 14 -66.67 -34.63 19.07
CA ASP T 14 -66.23 -35.64 18.12
C ASP T 14 -67.15 -35.76 16.90
N GLN T 15 -67.96 -34.74 16.66
CA GLN T 15 -68.87 -34.76 15.52
C GLN T 15 -68.63 -33.56 14.60
N HIS T 16 -67.66 -32.73 14.95
CA HIS T 16 -67.32 -31.55 14.15
C HIS T 16 -65.81 -31.34 14.14
N ILE T 17 -65.10 -32.07 15.00
CA ILE T 17 -63.65 -31.96 15.12
C ILE T 17 -63.03 -33.32 15.43
N ILE T 18 -62.99 -34.20 14.45
CA ILE T 18 -62.42 -35.52 14.67
C ILE T 18 -60.90 -35.41 14.74
N GLY T 19 -60.28 -36.25 15.58
CA GLY T 19 -58.84 -36.21 15.73
C GLY T 19 -58.48 -35.61 17.07
N GLN T 20 -57.37 -34.88 17.12
CA GLN T 20 -56.91 -34.26 18.37
C GLN T 20 -57.03 -35.26 19.51
N ALA T 21 -57.19 -34.75 20.73
CA ALA T 21 -57.31 -35.59 21.91
C ALA T 21 -57.02 -34.74 23.13
N ASP T 22 -55.75 -34.71 23.52
CA ASP T 22 -55.30 -33.92 24.66
C ASP T 22 -55.91 -32.52 24.50
N ALA T 23 -56.23 -32.19 23.25
CA ALA T 23 -56.82 -30.91 22.90
C ALA T 23 -58.16 -30.77 23.62
N LYS T 24 -59.17 -31.45 23.10
CA LYS T 24 -60.52 -31.43 23.65
C LYS T 24 -60.50 -31.63 25.17
N ARG T 25 -59.88 -32.71 25.62
CA ARG T 25 -59.78 -33.01 27.04
C ARG T 25 -59.57 -31.78 27.91
N ALA T 26 -58.51 -31.04 27.63
CA ALA T 26 -58.17 -29.83 28.39
C ALA T 26 -59.20 -28.73 28.17
N VAL T 27 -59.81 -28.74 26.98
CA VAL T 27 -60.82 -27.76 26.65
C VAL T 27 -62.03 -28.03 27.53
N ALA T 28 -62.27 -29.32 27.78
CA ALA T 28 -63.38 -29.76 28.60
C ALA T 28 -63.19 -29.40 30.07
N ILE T 29 -62.15 -29.96 30.68
CA ILE T 29 -61.84 -29.69 32.08
C ILE T 29 -61.86 -28.19 32.38
N ALA T 30 -61.93 -27.37 31.33
CA ALA T 30 -61.95 -25.92 31.49
C ALA T 30 -63.38 -25.44 31.76
N LEU T 31 -64.34 -26.05 31.08
CA LEU T 31 -65.75 -25.70 31.23
C LEU T 31 -66.30 -26.28 32.53
N ARG T 32 -65.79 -27.45 32.90
CA ARG T 32 -66.20 -28.15 34.10
C ARG T 32 -65.78 -27.39 35.36
N ASN T 33 -64.59 -26.79 35.33
CA ASN T 33 -64.07 -26.05 36.47
C ASN T 33 -64.67 -24.66 36.64
N ARG T 34 -65.53 -24.25 35.71
CA ARG T 34 -66.17 -22.95 35.84
C ARG T 34 -67.59 -23.20 36.37
N TRP T 35 -67.89 -24.47 36.59
CA TRP T 35 -69.18 -24.89 37.12
C TRP T 35 -68.98 -25.37 38.56
N ARG T 36 -68.00 -26.25 38.76
CA ARG T 36 -67.68 -26.76 40.10
C ARG T 36 -67.35 -25.57 40.98
N ARG T 37 -67.11 -24.44 40.33
CA ARG T 37 -66.78 -23.17 40.97
C ARG T 37 -68.03 -22.46 41.46
N MET T 38 -69.16 -22.74 40.81
CA MET T 38 -70.43 -22.11 41.16
C MET T 38 -70.97 -22.60 42.52
N GLN T 39 -70.98 -23.92 42.73
CA GLN T 39 -71.47 -24.48 43.98
C GLN T 39 -70.53 -24.26 45.16
N LEU T 40 -70.28 -22.98 45.47
CA LEU T 40 -69.43 -22.61 46.58
C LEU T 40 -69.93 -21.29 47.15
N GLN T 41 -69.74 -21.10 48.46
CA GLN T 41 -70.18 -19.89 49.14
C GLN T 41 -69.55 -18.62 48.58
N GLU T 42 -69.56 -17.54 49.37
CA GLU T 42 -69.00 -16.27 48.94
C GLU T 42 -67.46 -16.26 48.89
N PRO T 43 -66.79 -16.60 50.00
CA PRO T 43 -65.33 -16.62 50.01
C PRO T 43 -64.69 -17.41 48.85
N LEU T 44 -64.70 -18.73 48.98
CA LEU T 44 -64.11 -19.63 47.98
C LEU T 44 -64.84 -19.61 46.63
N ARG T 45 -65.20 -18.42 46.15
CA ARG T 45 -65.90 -18.32 44.87
C ARG T 45 -65.36 -17.17 44.03
N HIS T 46 -65.45 -15.95 44.54
CA HIS T 46 -64.96 -14.79 43.80
C HIS T 46 -63.45 -14.81 43.71
N GLU T 47 -62.82 -15.72 44.45
CA GLU T 47 -61.37 -15.86 44.42
C GLU T 47 -60.93 -17.30 44.13
N VAL T 48 -61.11 -17.68 42.86
CA VAL T 48 -60.74 -19.00 42.36
C VAL T 48 -60.72 -18.89 40.83
N THR T 49 -60.00 -17.86 40.36
CA THR T 49 -59.86 -17.57 38.93
C THR T 49 -59.65 -18.82 38.07
N PRO T 50 -60.38 -18.90 36.95
CA PRO T 50 -60.31 -20.03 36.02
C PRO T 50 -58.87 -20.34 35.57
N LYS T 51 -58.73 -21.46 34.89
CA LYS T 51 -57.42 -21.89 34.38
C LYS T 51 -57.41 -21.71 32.86
N ASN T 52 -56.89 -20.57 32.40
CA ASN T 52 -56.83 -20.28 30.98
C ASN T 52 -56.02 -21.30 30.18
N ILE T 53 -56.28 -21.36 28.87
CA ILE T 53 -55.61 -22.32 28.00
C ILE T 53 -54.87 -21.74 26.79
N LEU T 54 -53.79 -22.42 26.40
CA LEU T 54 -52.96 -22.04 25.26
C LEU T 54 -52.80 -23.22 24.31
N MET T 55 -53.36 -23.09 23.11
CA MET T 55 -53.30 -24.15 22.11
C MET T 55 -52.09 -24.07 21.19
N ILE T 56 -51.23 -25.08 21.29
CA ILE T 56 -50.04 -25.18 20.47
C ILE T 56 -50.30 -26.14 19.32
N GLY T 57 -50.43 -25.60 18.12
CA GLY T 57 -50.69 -26.44 16.97
C GLY T 57 -50.67 -25.71 15.64
N PRO T 58 -50.50 -26.43 14.52
CA PRO T 58 -50.45 -25.90 13.15
C PRO T 58 -51.57 -24.92 12.77
N THR T 59 -51.72 -24.72 11.47
CA THR T 59 -52.75 -23.82 10.96
C THR T 59 -53.70 -24.63 10.08
N GLY T 60 -54.76 -25.14 10.71
CA GLY T 60 -55.73 -25.94 9.98
C GLY T 60 -56.24 -27.13 10.77
N VAL T 61 -55.50 -27.54 11.78
CA VAL T 61 -55.90 -28.69 12.59
C VAL T 61 -57.08 -28.35 13.49
N GLY T 62 -57.49 -27.09 13.47
CA GLY T 62 -58.63 -26.67 14.27
C GLY T 62 -58.33 -26.35 15.71
N LYS T 63 -58.15 -25.06 15.98
CA LYS T 63 -57.88 -24.57 17.33
C LYS T 63 -59.03 -23.62 17.62
N THR T 64 -59.62 -23.10 16.55
CA THR T 64 -60.74 -22.18 16.66
C THR T 64 -62.06 -22.97 16.71
N GLU T 65 -62.10 -24.10 15.99
CA GLU T 65 -63.30 -24.92 15.98
C GLU T 65 -63.57 -25.44 17.38
N ILE T 66 -62.55 -25.97 18.04
CA ILE T 66 -62.71 -26.49 19.39
C ILE T 66 -63.05 -25.39 20.40
N ALA T 67 -62.86 -24.13 20.02
CA ALA T 67 -63.16 -23.02 20.93
C ALA T 67 -64.50 -22.42 20.58
N ARG T 68 -64.93 -22.66 19.35
CA ARG T 68 -66.21 -22.16 18.87
C ARG T 68 -67.31 -23.14 19.28
N ARG T 69 -66.99 -24.43 19.21
CA ARG T 69 -67.93 -25.50 19.59
C ARG T 69 -67.80 -25.67 21.10
N LEU T 70 -67.67 -24.53 21.78
CA LEU T 70 -67.54 -24.50 23.22
C LEU T 70 -68.30 -23.25 23.67
N ALA T 71 -69.04 -22.67 22.73
CA ALA T 71 -69.84 -21.47 22.98
C ALA T 71 -71.29 -21.80 22.66
N LYS T 72 -71.50 -22.54 21.58
CA LYS T 72 -72.83 -22.94 21.16
C LYS T 72 -73.22 -24.20 21.93
N LEU T 73 -72.21 -24.97 22.33
CA LEU T 73 -72.43 -26.20 23.08
C LEU T 73 -71.99 -26.02 24.54
N ALA T 74 -72.50 -24.96 25.14
CA ALA T 74 -72.23 -24.60 26.52
C ALA T 74 -72.84 -23.22 26.79
N ASN T 75 -73.40 -22.63 25.73
CA ASN T 75 -74.03 -21.31 25.79
C ASN T 75 -73.26 -20.28 26.62
N ALA T 76 -72.52 -19.43 25.92
CA ALA T 76 -71.73 -18.38 26.56
C ALA T 76 -71.19 -17.43 25.49
N PRO T 77 -71.10 -16.13 25.81
CA PRO T 77 -70.60 -15.13 24.87
C PRO T 77 -69.20 -15.51 24.35
N PHE T 78 -69.07 -15.57 23.03
CA PHE T 78 -67.81 -15.94 22.40
C PHE T 78 -67.26 -14.77 21.58
N ILE T 79 -65.96 -14.79 21.30
CA ILE T 79 -65.33 -13.73 20.53
C ILE T 79 -63.88 -14.08 20.20
N LYS T 80 -63.55 -14.08 18.90
CA LYS T 80 -62.20 -14.38 18.46
C LYS T 80 -61.51 -13.09 18.02
N VAL T 81 -60.24 -12.96 18.40
CA VAL T 81 -59.46 -11.78 18.07
C VAL T 81 -58.09 -12.13 17.48
N GLU T 82 -57.63 -11.29 16.56
CA GLU T 82 -56.36 -11.48 15.87
C GLU T 82 -55.34 -10.41 16.28
N ALA T 83 -54.41 -10.76 17.16
CA ALA T 83 -53.39 -9.80 17.61
C ALA T 83 -52.68 -9.13 16.44
N GLU T 95 -57.58 -0.74 19.78
CA GLU T 95 -58.02 -0.77 21.16
C GLU T 95 -57.86 -2.18 21.77
N VAL T 96 -57.73 -2.23 23.10
CA VAL T 96 -57.55 -3.50 23.81
C VAL T 96 -58.81 -4.00 24.51
N ASP T 97 -59.53 -3.07 25.13
CA ASP T 97 -60.76 -3.40 25.86
C ASP T 97 -61.89 -3.78 24.92
N SER T 98 -61.77 -3.39 23.65
CA SER T 98 -62.81 -3.69 22.67
C SER T 98 -63.07 -5.19 22.58
N ILE T 99 -62.15 -5.98 23.14
CA ILE T 99 -62.29 -7.42 23.13
C ILE T 99 -63.40 -7.80 24.10
N ILE T 100 -63.62 -6.93 25.09
CA ILE T 100 -64.65 -7.12 26.09
C ILE T 100 -65.94 -6.46 25.64
N ARG T 101 -65.83 -5.19 25.23
CA ARG T 101 -66.98 -4.44 24.76
C ARG T 101 -67.74 -5.22 23.70
N ASP T 102 -67.03 -6.05 22.95
CA ASP T 102 -67.64 -6.85 21.90
C ASP T 102 -68.11 -8.21 22.41
N LEU T 103 -67.56 -8.65 23.54
CA LEU T 103 -67.95 -9.94 24.12
C LEU T 103 -69.34 -9.77 24.71
N THR T 104 -69.66 -8.53 25.04
CA THR T 104 -70.95 -8.19 25.61
C THR T 104 -71.99 -8.01 24.50
N ASP T 105 -71.57 -7.45 23.37
CA ASP T 105 -72.48 -7.24 22.23
C ASP T 105 -72.89 -8.54 21.56
N SER T 106 -72.31 -9.65 22.02
CA SER T 106 -72.61 -10.99 21.49
C SER T 106 -73.16 -11.84 22.63
N ALA T 107 -73.53 -11.19 23.72
CA ALA T 107 -74.07 -11.87 24.90
C ALA T 107 -75.58 -11.77 24.97
N MET T 108 -76.13 -10.73 24.31
CA MET T 108 -77.56 -10.51 24.30
C MET T 108 -78.20 -11.21 23.09
N LYS T 109 -77.37 -11.90 22.31
CA LYS T 109 -77.87 -12.61 21.14
C LYS T 109 -78.11 -14.08 21.50
N LEU T 110 -77.71 -14.45 22.71
CA LEU T 110 -77.90 -15.81 23.22
C LEU T 110 -78.71 -15.77 24.52
N VAL T 111 -79.03 -14.56 24.97
CA VAL T 111 -79.82 -14.36 26.19
C VAL T 111 -81.13 -13.66 25.81
N ARG T 112 -81.15 -12.98 24.67
CA ARG T 112 -82.36 -12.30 24.19
C ARG T 112 -82.98 -13.14 23.08
N GLN T 113 -82.31 -14.24 22.74
CA GLN T 113 -82.80 -15.16 21.71
C GLN T 113 -83.26 -16.43 22.44
N GLN T 114 -83.01 -16.45 23.76
CA GLN T 114 -83.40 -17.57 24.61
C GLN T 114 -84.54 -17.13 25.53
N GLU T 115 -84.76 -15.82 25.59
CA GLU T 115 -85.83 -15.22 26.39
C GLU T 115 -86.92 -14.65 25.50
N ILE T 116 -86.61 -14.46 24.23
CA ILE T 116 -87.60 -13.94 23.29
C ILE T 116 -88.55 -15.09 22.97
N ALA T 117 -88.46 -16.15 23.78
CA ALA T 117 -89.30 -17.33 23.63
C ALA T 117 -90.22 -17.49 24.84
N LYS T 118 -89.72 -18.14 25.90
CA LYS T 118 -90.49 -18.38 27.11
C LYS T 118 -91.06 -17.10 27.75
N ASN T 119 -90.44 -15.97 27.47
CA ASN T 119 -90.89 -14.69 28.03
C ASN T 119 -91.96 -14.07 27.14
N ARG T 120 -92.37 -14.78 26.10
CA ARG T 120 -93.40 -14.29 25.20
C ARG T 120 -94.04 -15.39 24.35
N ALA T 121 -93.86 -16.64 24.76
CA ALA T 121 -94.43 -17.79 24.06
C ALA T 121 -95.52 -18.38 24.95
N ARG T 122 -95.55 -17.89 26.18
CA ARG T 122 -96.52 -18.31 27.19
C ARG T 122 -97.18 -17.04 27.74
N ALA T 123 -96.82 -15.92 27.12
CA ALA T 123 -97.35 -14.60 27.45
C ALA T 123 -97.92 -14.10 26.13
N GLU T 124 -97.97 -15.01 25.16
CA GLU T 124 -98.47 -14.79 23.82
C GLU T 124 -99.50 -15.88 23.51
N ASP T 125 -99.49 -16.93 24.34
CA ASP T 125 -100.42 -18.03 24.19
C ASP T 125 -101.52 -17.93 25.23
N VAL T 126 -101.58 -16.77 25.88
CA VAL T 126 -102.59 -16.48 26.90
C VAL T 126 -103.15 -15.07 26.59
N ALA T 127 -102.53 -14.39 25.61
CA ALA T 127 -102.95 -13.05 25.19
C ALA T 127 -103.30 -13.00 23.69
N GLU T 128 -103.96 -14.05 23.22
CA GLU T 128 -104.37 -14.16 21.82
C GLU T 128 -105.08 -12.91 21.33
N ILE T 227 -98.98 -5.44 17.22
CA ILE T 227 -99.97 -6.35 17.78
C ILE T 227 -99.26 -7.48 18.55
N ASP T 228 -98.44 -8.26 17.84
CA ASP T 228 -97.69 -9.37 18.44
C ASP T 228 -96.34 -8.74 18.78
N ASP T 229 -96.07 -7.63 18.10
CA ASP T 229 -94.85 -6.87 18.28
C ASP T 229 -95.10 -5.84 19.38
N GLU T 230 -96.38 -5.68 19.73
CA GLU T 230 -96.78 -4.73 20.76
C GLU T 230 -96.64 -5.32 22.17
N ALA T 231 -97.05 -6.58 22.33
CA ALA T 231 -96.97 -7.28 23.61
C ALA T 231 -95.56 -7.86 23.85
N ALA T 232 -94.94 -8.36 22.78
CA ALA T 232 -93.59 -8.92 22.87
C ALA T 232 -92.73 -7.86 23.53
N LYS T 233 -92.95 -6.62 23.12
CA LYS T 233 -92.23 -5.46 23.63
C LYS T 233 -92.49 -5.15 25.11
N LEU T 234 -92.78 -6.20 25.88
CA LEU T 234 -93.00 -6.01 27.31
C LEU T 234 -91.67 -5.43 27.78
N ILE T 235 -90.60 -6.10 27.38
CA ILE T 235 -89.24 -5.67 27.70
C ILE T 235 -88.87 -5.69 29.18
N ASN T 236 -87.57 -5.69 29.44
CA ASN T 236 -87.00 -5.66 30.79
C ASN T 236 -85.75 -4.80 30.62
N PRO T 237 -85.93 -3.47 30.50
CA PRO T 237 -84.83 -2.52 30.31
C PRO T 237 -83.85 -2.34 31.48
N GLU T 238 -84.39 -2.11 32.67
CA GLU T 238 -83.56 -1.88 33.85
C GLU T 238 -83.12 -3.11 34.65
N GLU T 239 -83.35 -4.31 34.11
CA GLU T 239 -82.96 -5.55 34.78
C GLU T 239 -82.19 -6.48 33.82
N LEU T 240 -82.50 -6.41 32.53
CA LEU T 240 -81.82 -7.24 31.54
C LEU T 240 -80.49 -6.60 31.19
N LYS T 241 -80.22 -5.47 31.83
CA LYS T 241 -78.99 -4.73 31.65
C LYS T 241 -78.17 -5.10 32.88
N GLN T 242 -78.52 -6.26 33.44
CA GLN T 242 -77.87 -6.80 34.63
C GLN T 242 -78.01 -8.33 34.57
N LYS T 243 -78.90 -8.80 33.69
CA LYS T 243 -79.14 -10.24 33.51
C LYS T 243 -78.36 -10.71 32.29
N ALA T 244 -78.04 -9.75 31.41
CA ALA T 244 -77.27 -10.05 30.22
C ALA T 244 -75.79 -10.05 30.56
N ILE T 245 -75.43 -9.18 31.50
CA ILE T 245 -74.03 -9.06 31.94
C ILE T 245 -73.64 -10.09 32.99
N ASP T 246 -74.62 -10.69 33.65
CA ASP T 246 -74.36 -11.72 34.67
C ASP T 246 -73.91 -12.99 33.95
N ALA T 247 -74.20 -13.05 32.67
CA ALA T 247 -73.84 -14.19 31.83
C ALA T 247 -72.42 -14.00 31.31
N VAL T 248 -72.01 -12.75 31.14
CA VAL T 248 -70.66 -12.43 30.67
C VAL T 248 -69.67 -12.53 31.82
N GLU T 249 -69.90 -11.76 32.89
CA GLU T 249 -69.02 -11.77 34.05
C GLU T 249 -68.57 -13.18 34.42
N GLN T 250 -69.45 -14.15 34.22
CA GLN T 250 -69.14 -15.55 34.54
C GLN T 250 -68.96 -16.39 33.29
N ASN T 251 -69.98 -16.42 32.43
CA ASN T 251 -69.91 -17.19 31.20
C ASN T 251 -69.33 -16.35 30.08
N GLY T 252 -68.01 -16.39 29.94
CA GLY T 252 -67.34 -15.62 28.91
C GLY T 252 -66.13 -16.34 28.36
N ILE T 253 -66.06 -16.46 27.04
CA ILE T 253 -64.95 -17.13 26.40
C ILE T 253 -64.26 -16.24 25.37
N VAL T 254 -63.00 -15.91 25.62
CA VAL T 254 -62.22 -15.08 24.72
C VAL T 254 -61.19 -15.93 23.99
N PHE T 255 -61.11 -15.77 22.67
CA PHE T 255 -60.19 -16.53 21.85
C PHE T 255 -59.20 -15.63 21.14
N ILE T 256 -57.92 -15.84 21.40
CA ILE T 256 -56.85 -15.06 20.78
C ILE T 256 -56.09 -15.91 19.78
N ASP T 257 -56.50 -15.83 18.52
CA ASP T 257 -55.87 -16.61 17.45
C ASP T 257 -54.50 -16.01 17.13
N GLU T 258 -53.59 -16.87 16.69
CA GLU T 258 -52.22 -16.49 16.33
C GLU T 258 -51.69 -15.45 17.33
N ILE T 259 -51.19 -15.93 18.47
CA ILE T 259 -50.64 -15.05 19.50
C ILE T 259 -49.14 -14.90 19.32
N ASP T 260 -48.49 -16.00 18.92
CA ASP T 260 -47.05 -16.00 18.71
C ASP T 260 -46.61 -14.72 18.04
N LYS T 261 -47.45 -14.23 17.12
CA LYS T 261 -47.16 -13.02 16.38
C LYS T 261 -46.86 -11.80 17.25
N ILE T 262 -46.95 -11.95 18.56
CA ILE T 262 -46.68 -10.82 19.45
C ILE T 262 -45.59 -11.13 20.47
N CYS T 263 -44.74 -12.09 20.14
CA CYS T 263 -43.67 -12.45 21.04
C CYS T 263 -42.36 -11.79 20.62
N LYS T 264 -41.46 -11.59 21.58
CA LYS T 264 -40.17 -10.98 21.32
C LYS T 264 -39.39 -11.85 20.31
N LYS T 265 -38.86 -11.22 19.27
CA LYS T 265 -38.09 -11.92 18.25
C LYS T 265 -38.95 -12.99 17.58
N SER T 269 -36.85 -8.30 17.02
CA SER T 269 -37.96 -7.43 17.40
C SER T 269 -37.47 -6.26 18.25
N GLY T 270 -36.58 -5.46 17.68
CA GLY T 270 -36.04 -4.30 18.40
C GLY T 270 -36.53 -2.96 17.83
N ALA T 271 -37.00 -2.98 16.58
CA ALA T 271 -37.52 -1.79 15.91
C ALA T 271 -39.02 -1.68 16.15
N ASP T 272 -39.57 -2.66 16.86
CA ASP T 272 -41.00 -2.70 17.18
C ASP T 272 -41.27 -3.48 18.48
N VAL T 273 -40.91 -2.87 19.61
CA VAL T 273 -41.11 -3.50 20.91
C VAL T 273 -42.60 -3.45 21.24
N SER T 274 -43.38 -2.90 20.30
CA SER T 274 -44.82 -2.78 20.48
C SER T 274 -45.53 -4.14 20.45
N ARG T 275 -44.81 -5.17 20.04
CA ARG T 275 -45.37 -6.52 20.00
C ARG T 275 -45.46 -7.06 21.42
N GLU T 276 -44.65 -6.47 22.31
CA GLU T 276 -44.63 -6.87 23.71
C GLU T 276 -45.55 -5.89 24.44
N GLY T 277 -45.97 -4.85 23.74
CA GLY T 277 -46.85 -3.86 24.33
C GLY T 277 -48.27 -4.40 24.34
N VAL T 278 -48.69 -4.96 23.21
CA VAL T 278 -50.03 -5.54 23.09
C VAL T 278 -50.14 -6.65 24.12
N GLN T 279 -49.15 -7.52 24.13
CA GLN T 279 -49.11 -8.64 25.05
C GLN T 279 -49.16 -8.09 26.49
N ARG T 280 -48.92 -6.79 26.63
CA ARG T 280 -48.93 -6.15 27.94
C ARG T 280 -50.27 -5.50 28.26
N ASP T 281 -50.83 -4.75 27.30
CA ASP T 281 -52.11 -4.09 27.51
C ASP T 281 -53.22 -5.14 27.57
N LEU T 282 -52.87 -6.37 27.23
CA LEU T 282 -53.82 -7.49 27.24
C LEU T 282 -53.66 -8.28 28.52
N LEU T 283 -52.85 -7.77 29.43
CA LEU T 283 -52.63 -8.44 30.70
C LEU T 283 -53.78 -8.13 31.68
N PRO T 284 -54.17 -6.86 31.78
CA PRO T 284 -55.27 -6.49 32.69
C PRO T 284 -56.52 -7.34 32.49
N LEU T 285 -56.74 -7.79 31.26
CA LEU T 285 -57.92 -8.60 30.94
C LEU T 285 -57.79 -10.04 31.43
N VAL T 286 -56.62 -10.65 31.27
CA VAL T 286 -56.45 -12.01 31.75
C VAL T 286 -56.20 -12.02 33.24
N GLU T 287 -55.84 -10.87 33.78
CA GLU T 287 -55.59 -10.72 35.22
C GLU T 287 -56.90 -10.50 35.97
N GLY T 288 -57.55 -9.38 35.68
CA GLY T 288 -58.81 -9.05 36.33
C GLY T 288 -59.01 -7.55 36.48
N SER T 289 -59.92 -7.00 35.68
CA SER T 289 -60.21 -5.58 35.72
C SER T 289 -61.69 -5.30 35.51
N THR T 290 -62.03 -4.03 35.34
CA THR T 290 -63.42 -3.62 35.16
C THR T 290 -63.57 -2.78 33.89
N VAL T 291 -64.11 -3.41 32.84
CA VAL T 291 -64.31 -2.73 31.56
C VAL T 291 -65.65 -1.99 31.58
N SER T 292 -65.68 -0.76 31.05
CA SER T 292 -66.91 0.02 31.03
C SER T 292 -67.63 -0.10 29.68
N THR T 293 -68.58 -1.01 29.58
CA THR T 293 -69.34 -1.24 28.36
C THR T 293 -70.58 -0.33 28.32
N LYS T 294 -71.30 -0.34 27.20
CA LYS T 294 -72.50 0.49 27.07
C LYS T 294 -73.72 -0.20 27.69
N HIS T 295 -73.46 -1.01 28.72
CA HIS T 295 -74.51 -1.73 29.44
C HIS T 295 -74.22 -1.64 30.93
N GLY T 296 -72.98 -1.26 31.26
CA GLY T 296 -72.57 -1.14 32.65
C GLY T 296 -71.17 -1.67 32.84
N MET T 297 -70.74 -1.76 34.09
CA MET T 297 -69.40 -2.25 34.40
C MET T 297 -69.39 -3.77 34.45
N VAL T 298 -68.55 -4.38 33.62
CA VAL T 298 -68.41 -5.83 33.56
C VAL T 298 -67.04 -6.30 34.04
N LYS T 299 -67.04 -7.16 35.05
CA LYS T 299 -65.81 -7.70 35.63
C LYS T 299 -65.25 -8.74 34.66
N THR T 300 -63.99 -9.13 34.85
CA THR T 300 -63.36 -10.10 33.97
C THR T 300 -62.72 -11.29 34.68
N ASP T 301 -62.22 -11.04 35.89
CA ASP T 301 -61.57 -12.07 36.70
C ASP T 301 -62.00 -13.50 36.40
N HIS T 302 -63.31 -13.71 36.20
CA HIS T 302 -63.81 -15.04 35.97
C HIS T 302 -64.01 -15.47 34.52
N ILE T 303 -63.62 -14.62 33.56
CA ILE T 303 -63.79 -15.00 32.15
C ILE T 303 -62.89 -16.18 31.82
N LEU T 304 -62.94 -16.64 30.58
CA LEU T 304 -62.12 -17.77 30.16
C LEU T 304 -61.40 -17.45 28.85
N PHE T 305 -60.08 -17.48 28.88
CA PHE T 305 -59.28 -17.17 27.69
C PHE T 305 -58.62 -18.39 27.06
N ILE T 306 -58.63 -18.43 25.74
CA ILE T 306 -58.02 -19.50 24.98
C ILE T 306 -57.21 -18.86 23.86
N ALA T 307 -55.89 -18.98 23.94
CA ALA T 307 -55.01 -18.41 22.93
C ALA T 307 -54.39 -19.50 22.05
N SER T 308 -54.52 -19.33 20.74
CA SER T 308 -53.99 -20.29 19.78
C SER T 308 -52.68 -19.77 19.23
N GLY T 309 -51.81 -20.69 18.85
CA GLY T 309 -50.53 -20.30 18.29
C GLY T 309 -49.79 -21.44 17.65
N ALA T 310 -49.13 -21.15 16.53
CA ALA T 310 -48.37 -22.17 15.82
C ALA T 310 -47.04 -22.35 16.53
N PHE T 311 -46.53 -21.26 17.10
CA PHE T 311 -45.27 -21.27 17.83
C PHE T 311 -44.17 -22.07 17.13
N GLN T 312 -43.98 -21.77 15.85
CA GLN T 312 -42.96 -22.41 15.03
C GLN T 312 -41.71 -21.56 15.19
N VAL T 313 -41.93 -20.25 15.18
CA VAL T 313 -40.86 -19.27 15.32
C VAL T 313 -40.47 -19.23 16.79
N ALA T 314 -41.17 -18.41 17.57
CA ALA T 314 -40.91 -18.29 19.01
C ALA T 314 -41.39 -19.53 19.75
N ARG T 315 -41.53 -19.40 21.07
CA ARG T 315 -41.98 -20.50 21.91
C ARG T 315 -42.75 -19.97 23.12
N PRO T 316 -43.36 -20.87 23.92
CA PRO T 316 -44.12 -20.44 25.09
C PRO T 316 -43.36 -19.41 25.93
N SER T 317 -42.22 -19.85 26.45
CA SER T 317 -41.37 -19.01 27.29
C SER T 317 -41.02 -17.65 26.71
N ASP T 318 -41.31 -17.45 25.42
CA ASP T 318 -41.01 -16.18 24.78
C ASP T 318 -42.10 -15.14 25.04
N LEU T 319 -42.91 -15.38 26.06
CA LEU T 319 -43.99 -14.48 26.41
C LEU T 319 -43.66 -13.83 27.75
N ILE T 320 -44.23 -12.65 28.00
CA ILE T 320 -43.98 -11.96 29.25
C ILE T 320 -44.32 -12.91 30.40
N PRO T 321 -43.49 -12.92 31.46
CA PRO T 321 -43.70 -13.79 32.62
C PRO T 321 -45.13 -13.74 33.14
N GLU T 322 -45.70 -12.56 33.17
CA GLU T 322 -47.07 -12.38 33.63
C GLU T 322 -48.00 -13.38 32.96
N LEU T 323 -48.11 -13.32 31.63
CA LEU T 323 -48.97 -14.25 30.90
C LEU T 323 -48.61 -15.72 31.06
N GLN T 324 -47.32 -16.02 31.18
CA GLN T 324 -46.90 -17.40 31.33
C GLN T 324 -47.54 -18.05 32.55
N GLY T 325 -47.80 -17.23 33.57
CA GLY T 325 -48.40 -17.73 34.79
C GLY T 325 -49.91 -17.59 34.85
N ARG T 326 -50.46 -16.86 33.89
CA ARG T 326 -51.92 -16.67 33.83
C ARG T 326 -52.48 -17.39 32.60
N LEU T 327 -51.78 -18.45 32.23
CA LEU T 327 -52.14 -19.30 31.10
C LEU T 327 -51.49 -20.65 31.39
N PRO T 328 -51.71 -21.17 32.62
CA PRO T 328 -51.18 -22.45 33.12
C PRO T 328 -51.46 -23.71 32.31
N ILE T 329 -52.51 -23.69 31.50
CA ILE T 329 -52.83 -24.86 30.70
C ILE T 329 -52.17 -24.82 29.32
N ARG T 330 -51.32 -25.81 29.06
CA ARG T 330 -50.62 -25.90 27.79
C ARG T 330 -51.13 -27.14 27.06
N VAL T 331 -51.91 -26.92 26.00
CA VAL T 331 -52.45 -28.05 25.24
C VAL T 331 -51.79 -28.17 23.88
N GLU T 332 -51.27 -29.37 23.59
CA GLU T 332 -50.56 -29.63 22.34
C GLU T 332 -51.41 -30.37 21.31
N LEU T 333 -51.81 -29.68 20.25
CA LEU T 333 -52.62 -30.30 19.20
C LEU T 333 -51.65 -31.00 18.25
N THR T 334 -52.19 -31.76 17.29
CA THR T 334 -51.36 -32.46 16.31
C THR T 334 -51.79 -32.08 14.90
N ALA T 335 -50.95 -32.40 13.93
CA ALA T 335 -51.24 -32.11 12.54
C ALA T 335 -52.22 -33.14 11.99
N LEU T 336 -52.93 -32.76 10.93
CA LEU T 336 -53.91 -33.65 10.32
C LEU T 336 -53.19 -34.55 9.30
N SER T 337 -53.30 -35.87 9.49
CA SER T 337 -52.65 -36.81 8.58
C SER T 337 -53.50 -37.17 7.37
N ALA T 338 -53.01 -38.11 6.57
CA ALA T 338 -53.72 -38.54 5.38
C ALA T 338 -55.05 -39.18 5.74
N ALA T 339 -55.00 -40.11 6.69
CA ALA T 339 -56.19 -40.82 7.14
C ALA T 339 -57.12 -39.90 7.93
N ASP T 340 -56.58 -38.76 8.37
CA ASP T 340 -57.37 -37.78 9.13
C ASP T 340 -58.28 -36.94 8.23
N PHE T 341 -57.97 -36.87 6.94
CA PHE T 341 -58.80 -36.12 6.01
C PHE T 341 -59.86 -37.05 5.46
N GLU T 342 -59.59 -38.35 5.53
CA GLU T 342 -60.49 -39.38 5.08
C GLU T 342 -61.68 -39.45 6.03
N ARG T 343 -61.44 -39.05 7.27
CA ARG T 343 -62.46 -39.04 8.31
C ARG T 343 -63.19 -37.70 8.35
N ILE T 344 -62.44 -36.61 8.51
CA ILE T 344 -63.01 -35.26 8.56
C ILE T 344 -63.87 -34.98 7.33
N LEU T 345 -63.79 -35.88 6.35
CA LEU T 345 -64.54 -35.71 5.13
C LEU T 345 -65.97 -36.27 5.21
N THR T 346 -66.24 -37.09 6.23
CA THR T 346 -67.57 -37.68 6.39
C THR T 346 -68.15 -37.68 7.82
N GLU T 347 -67.57 -38.51 8.68
CA GLU T 347 -68.01 -38.66 10.08
C GLU T 347 -68.63 -37.43 10.75
N PRO T 348 -67.97 -36.26 10.66
CA PRO T 348 -68.50 -35.04 11.30
C PRO T 348 -69.80 -34.51 10.69
N HIS T 349 -70.65 -33.96 11.56
CA HIS T 349 -71.91 -33.38 11.13
C HIS T 349 -71.59 -32.17 10.27
N ALA T 350 -72.27 -32.08 9.13
CA ALA T 350 -72.07 -30.97 8.19
C ALA T 350 -70.80 -31.19 7.38
N SER T 351 -70.32 -32.43 7.34
CA SER T 351 -69.12 -32.76 6.59
C SER T 351 -69.27 -32.36 5.12
N LEU T 352 -68.14 -32.18 4.45
CA LEU T 352 -68.14 -31.79 3.03
C LEU T 352 -68.94 -32.73 2.14
N THR T 353 -68.74 -34.03 2.30
CA THR T 353 -69.47 -35.01 1.51
C THR T 353 -70.95 -34.69 1.66
N GLU T 354 -71.39 -34.56 2.91
CA GLU T 354 -72.78 -34.27 3.21
C GLU T 354 -73.23 -32.93 2.61
N GLN T 355 -72.46 -31.89 2.86
CA GLN T 355 -72.79 -30.56 2.36
C GLN T 355 -73.02 -30.49 0.85
N TYR T 356 -72.14 -31.12 0.08
CA TYR T 356 -72.29 -31.12 -1.37
C TYR T 356 -73.36 -32.11 -1.82
N LYS T 357 -73.64 -33.07 -0.96
CA LYS T 357 -74.66 -34.08 -1.25
C LYS T 357 -76.02 -33.42 -1.26
N ALA T 358 -76.28 -32.65 -0.20
CA ALA T 358 -77.56 -31.95 -0.04
C ALA T 358 -77.68 -30.72 -0.93
N LEU T 359 -76.57 -30.04 -1.21
CA LEU T 359 -76.60 -28.87 -2.06
C LEU T 359 -76.81 -29.26 -3.51
N MET T 360 -76.64 -30.55 -3.79
CA MET T 360 -76.80 -31.09 -5.13
C MET T 360 -78.07 -31.93 -5.27
N ALA T 361 -78.78 -32.11 -4.15
CA ALA T 361 -80.01 -32.88 -4.17
C ALA T 361 -81.14 -31.88 -4.43
N THR T 362 -80.93 -30.64 -3.98
CA THR T 362 -81.90 -29.57 -4.15
C THR T 362 -81.95 -29.16 -5.62
N GLU T 363 -81.23 -29.92 -6.44
CA GLU T 363 -81.19 -29.67 -7.87
C GLU T 363 -81.90 -30.83 -8.57
N GLY T 364 -82.18 -31.88 -7.81
CA GLY T 364 -82.85 -33.05 -8.34
C GLY T 364 -81.87 -34.14 -8.74
N VAL T 365 -80.63 -33.98 -8.31
CA VAL T 365 -79.59 -34.95 -8.64
C VAL T 365 -79.06 -35.67 -7.40
N ASN T 366 -78.58 -36.89 -7.61
CA ASN T 366 -78.02 -37.69 -6.54
C ASN T 366 -76.53 -37.92 -6.82
N ILE T 367 -75.72 -37.94 -5.76
CA ILE T 367 -74.28 -38.11 -5.90
C ILE T 367 -73.70 -39.14 -4.93
N ALA T 368 -72.98 -40.11 -5.47
CA ALA T 368 -72.38 -41.17 -4.67
C ALA T 368 -70.89 -40.97 -4.41
N PHE T 369 -70.50 -40.94 -3.13
CA PHE T 369 -69.10 -40.77 -2.74
C PHE T 369 -68.59 -42.09 -2.18
N THR T 370 -68.14 -42.97 -3.06
CA THR T 370 -67.63 -44.26 -2.65
C THR T 370 -66.45 -44.13 -1.68
N THR T 371 -66.21 -45.16 -0.88
CA THR T 371 -65.12 -45.16 0.10
C THR T 371 -63.74 -45.22 -0.54
N ASP T 372 -63.58 -46.03 -1.59
CA ASP T 372 -62.29 -46.14 -2.27
C ASP T 372 -61.95 -44.84 -3.00
N ALA T 373 -62.86 -43.86 -2.91
CA ALA T 373 -62.66 -42.57 -3.56
C ALA T 373 -62.57 -41.42 -2.56
N VAL T 374 -62.71 -41.72 -1.28
CA VAL T 374 -62.60 -40.70 -0.25
C VAL T 374 -61.12 -40.63 0.11
N LYS T 375 -60.41 -41.72 -0.14
CA LYS T 375 -58.98 -41.78 0.11
C LYS T 375 -58.32 -40.88 -0.90
N LYS T 376 -58.66 -41.09 -2.17
CA LYS T 376 -58.09 -40.30 -3.25
C LYS T 376 -58.69 -38.90 -3.33
N ILE T 377 -59.14 -38.40 -2.19
CA ILE T 377 -59.71 -37.05 -2.07
C ILE T 377 -59.18 -36.45 -0.79
N ALA T 378 -58.75 -37.32 0.11
CA ALA T 378 -58.20 -36.92 1.40
C ALA T 378 -56.67 -37.06 1.31
N GLU T 379 -56.23 -37.96 0.44
CA GLU T 379 -54.81 -38.19 0.24
C GLU T 379 -54.35 -37.25 -0.86
N ALA T 380 -55.31 -36.67 -1.56
CA ALA T 380 -55.04 -35.73 -2.65
C ALA T 380 -55.15 -34.30 -2.12
N ALA T 381 -55.44 -34.18 -0.83
CA ALA T 381 -55.55 -32.87 -0.18
C ALA T 381 -54.35 -32.74 0.73
N PHE T 382 -53.75 -33.87 1.05
CA PHE T 382 -52.57 -33.94 1.90
C PHE T 382 -51.39 -33.79 0.95
N ARG T 383 -51.47 -34.51 -0.17
CA ARG T 383 -50.46 -34.49 -1.22
C ARG T 383 -50.26 -33.07 -1.70
N VAL T 384 -51.16 -32.17 -1.32
CA VAL T 384 -51.07 -30.77 -1.73
C VAL T 384 -50.48 -29.91 -0.63
N ASN T 385 -50.68 -30.33 0.62
CA ASN T 385 -50.14 -29.56 1.74
C ASN T 385 -48.64 -29.82 1.96
N GLU T 386 -48.14 -30.93 1.43
CA GLU T 386 -46.73 -31.26 1.57
C GLU T 386 -45.93 -30.69 0.41
N LYS T 387 -46.60 -29.94 -0.46
CA LYS T 387 -45.92 -29.35 -1.61
C LYS T 387 -46.32 -27.90 -1.83
N THR T 388 -46.75 -27.25 -0.74
CA THR T 388 -47.15 -25.84 -0.73
C THR T 388 -47.62 -25.54 0.68
N GLU T 389 -48.30 -24.41 0.88
CA GLU T 389 -48.79 -24.06 2.20
C GLU T 389 -49.70 -25.16 2.76
N ASN T 390 -49.49 -25.52 4.01
CA ASN T 390 -50.30 -26.56 4.64
C ASN T 390 -51.39 -25.84 5.43
N ILE T 391 -52.41 -25.38 4.71
CA ILE T 391 -53.52 -24.67 5.32
C ILE T 391 -54.44 -25.59 6.14
N GLY T 392 -54.12 -26.88 6.15
CA GLY T 392 -54.91 -27.83 6.91
C GLY T 392 -56.22 -28.20 6.27
N ALA T 393 -57.23 -28.46 7.10
CA ALA T 393 -58.55 -28.83 6.62
C ALA T 393 -59.02 -27.95 5.46
N ARG T 394 -58.93 -26.62 5.64
CA ARG T 394 -59.36 -25.67 4.62
C ARG T 394 -58.89 -26.05 3.22
N ARG T 395 -57.88 -26.93 3.15
CA ARG T 395 -57.37 -27.40 1.87
C ARG T 395 -58.47 -28.21 1.21
N LEU T 396 -59.14 -29.02 2.01
CA LEU T 396 -60.24 -29.84 1.52
C LEU T 396 -61.26 -29.02 0.76
N HIS T 397 -61.71 -27.91 1.34
CA HIS T 397 -62.68 -27.04 0.69
C HIS T 397 -62.25 -26.74 -0.74
N THR T 398 -61.03 -26.22 -0.88
CA THR T 398 -60.47 -25.88 -2.18
C THR T 398 -60.39 -27.08 -3.11
N VAL T 399 -60.24 -28.26 -2.52
CA VAL T 399 -60.14 -29.50 -3.29
C VAL T 399 -61.51 -29.86 -3.88
N MET T 400 -62.52 -29.91 -3.01
CA MET T 400 -63.86 -30.25 -3.45
C MET T 400 -64.31 -29.29 -4.53
N GLU T 401 -64.14 -27.99 -4.28
CA GLU T 401 -64.56 -26.97 -5.24
C GLU T 401 -64.06 -27.25 -6.65
N ARG T 402 -62.90 -27.88 -6.76
CA ARG T 402 -62.34 -28.21 -8.07
C ARG T 402 -63.01 -29.47 -8.57
N LEU T 403 -63.39 -30.34 -7.64
CA LEU T 403 -64.05 -31.61 -7.96
C LEU T 403 -65.48 -31.38 -8.46
N MET T 404 -66.25 -30.62 -7.69
CA MET T 404 -67.65 -30.32 -8.03
C MET T 404 -67.72 -29.15 -9.02
N ASP T 405 -66.63 -28.91 -9.74
CA ASP T 405 -66.58 -27.83 -10.71
C ASP T 405 -67.22 -28.26 -12.02
N LYS T 406 -67.29 -29.56 -12.23
CA LYS T 406 -67.88 -30.13 -13.45
C LYS T 406 -69.38 -30.38 -13.25
N ILE T 407 -69.75 -30.80 -12.04
CA ILE T 407 -71.13 -31.11 -11.71
C ILE T 407 -71.98 -29.89 -11.32
N SER T 408 -71.48 -29.07 -10.42
CA SER T 408 -72.20 -27.89 -9.94
C SER T 408 -72.72 -26.94 -11.04
N PHE T 409 -72.14 -27.04 -12.23
CA PHE T 409 -72.53 -26.17 -13.35
C PHE T 409 -73.68 -26.74 -14.16
N SER T 410 -73.56 -28.00 -14.55
CA SER T 410 -74.57 -28.68 -15.34
C SER T 410 -75.39 -29.71 -14.55
N ALA T 411 -76.07 -29.23 -13.51
CA ALA T 411 -76.90 -30.10 -12.69
C ALA T 411 -78.35 -29.85 -13.10
N SER T 412 -78.58 -28.71 -13.74
CA SER T 412 -79.90 -28.33 -14.21
C SER T 412 -80.28 -29.12 -15.47
N ASP T 413 -79.44 -29.01 -16.49
CA ASP T 413 -79.67 -29.70 -17.75
C ASP T 413 -79.51 -31.21 -17.62
N MET T 414 -79.24 -31.67 -16.41
CA MET T 414 -79.08 -33.09 -16.12
C MET T 414 -79.74 -33.37 -14.78
N ASN T 415 -81.07 -33.38 -14.81
CA ASN T 415 -81.90 -33.59 -13.64
C ASN T 415 -82.29 -35.06 -13.41
N GLY T 416 -82.37 -35.45 -12.14
CA GLY T 416 -82.76 -36.80 -11.77
C GLY T 416 -81.80 -37.92 -12.13
N GLN T 417 -80.50 -37.70 -11.91
CA GLN T 417 -79.51 -38.72 -12.21
C GLN T 417 -78.70 -39.09 -10.99
N THR T 418 -78.22 -40.33 -10.97
CA THR T 418 -77.40 -40.84 -9.87
C THR T 418 -76.04 -41.24 -10.45
N VAL T 419 -75.06 -40.35 -10.29
CA VAL T 419 -73.71 -40.62 -10.80
C VAL T 419 -72.76 -40.99 -9.66
N ASN T 420 -71.96 -42.02 -9.89
CA ASN T 420 -71.00 -42.50 -8.91
C ASN T 420 -69.65 -41.78 -8.98
N ILE T 421 -69.22 -41.23 -7.84
CA ILE T 421 -67.94 -40.53 -7.75
C ILE T 421 -66.94 -41.50 -7.10
N ASP T 422 -66.13 -42.13 -7.94
CA ASP T 422 -65.14 -43.09 -7.48
C ASP T 422 -63.72 -42.74 -7.89
N ALA T 423 -62.82 -43.71 -7.75
CA ALA T 423 -61.41 -43.53 -8.08
C ALA T 423 -61.21 -42.90 -9.45
N ALA T 424 -61.57 -43.63 -10.50
CA ALA T 424 -61.43 -43.16 -11.87
C ALA T 424 -62.10 -41.82 -12.16
N TYR T 425 -63.10 -41.44 -11.35
CA TYR T 425 -63.78 -40.16 -11.56
C TYR T 425 -63.04 -39.01 -10.90
N VAL T 426 -62.62 -39.21 -9.66
CA VAL T 426 -61.91 -38.16 -8.93
C VAL T 426 -60.65 -37.80 -9.70
N ALA T 427 -59.95 -38.82 -10.19
CA ALA T 427 -58.71 -38.63 -10.95
C ALA T 427 -58.92 -37.71 -12.14
N ASP T 428 -59.71 -38.16 -13.11
CA ASP T 428 -59.98 -37.39 -14.32
C ASP T 428 -60.93 -36.23 -14.00
N ALA T 429 -60.77 -35.67 -12.80
CA ALA T 429 -61.60 -34.55 -12.37
C ALA T 429 -60.77 -33.28 -12.21
N LEU T 430 -59.59 -33.40 -11.60
CA LEU T 430 -58.69 -32.28 -11.37
C LEU T 430 -57.45 -32.24 -12.29
N GLY T 431 -56.47 -33.08 -11.99
CA GLY T 431 -55.25 -33.12 -12.78
C GLY T 431 -54.07 -33.58 -11.94
N GLU T 432 -53.07 -32.71 -11.80
CA GLU T 432 -51.88 -33.03 -11.00
C GLU T 432 -51.17 -31.78 -10.47
N VAL T 433 -50.56 -31.94 -9.29
CA VAL T 433 -49.86 -30.87 -8.59
C VAL T 433 -48.71 -30.20 -9.37
N VAL T 434 -48.37 -28.98 -8.98
CA VAL T 434 -47.28 -28.21 -9.59
C VAL T 434 -46.20 -27.95 -8.53
N GLU T 435 -45.05 -28.60 -8.67
CA GLU T 435 -43.97 -28.46 -7.71
C GLU T 435 -43.10 -27.23 -7.91
N ASN T 436 -43.75 -26.07 -7.97
CA ASN T 436 -43.10 -24.76 -8.15
C ASN T 436 -41.72 -24.82 -8.81
N GLU T 437 -41.59 -24.18 -9.98
CA GLU T 437 -40.33 -24.15 -10.71
C GLU T 437 -39.16 -24.11 -9.74
N ASP T 438 -38.98 -22.96 -9.09
CA ASP T 438 -37.92 -22.76 -8.11
C ASP T 438 -36.54 -22.71 -8.75
N LEU T 439 -35.92 -23.90 -8.91
CA LEU T 439 -34.62 -24.00 -9.53
C LEU T 439 -34.63 -23.23 -10.83
N SER T 440 -35.36 -23.75 -11.81
CA SER T 440 -35.51 -23.16 -13.13
C SER T 440 -34.95 -21.73 -13.23
N ARG T 441 -35.23 -20.92 -12.21
CA ARG T 441 -34.73 -19.54 -12.17
C ARG T 441 -33.60 -19.39 -11.14
N PHE T 442 -33.83 -18.59 -10.10
CA PHE T 442 -32.81 -18.35 -9.07
C PHE T 442 -32.04 -19.53 -8.44
N ILE T 443 -31.14 -20.13 -9.23
CA ILE T 443 -30.30 -21.27 -8.83
C ILE T 443 -29.25 -21.50 -9.93
N LEU T 444 -28.02 -21.80 -9.56
CA LEU T 444 -26.98 -22.04 -10.55
C LEU T 444 -26.06 -23.21 -10.17
N SER U 2 -62.51 6.01 62.91
CA SER U 2 -63.35 5.02 62.18
C SER U 2 -62.50 4.04 61.37
N GLU U 3 -61.34 3.67 61.89
CA GLU U 3 -60.47 2.74 61.19
C GLU U 3 -59.63 1.87 62.13
N MET U 4 -59.06 0.80 61.56
CA MET U 4 -58.24 -0.16 62.31
C MET U 4 -56.84 0.34 62.71
N THR U 5 -55.98 -0.61 63.07
CA THR U 5 -54.61 -0.32 63.48
C THR U 5 -53.62 -1.20 62.73
N PRO U 6 -52.39 -0.71 62.50
CA PRO U 6 -51.34 -1.45 61.79
C PRO U 6 -50.96 -2.79 62.41
N ARG U 7 -50.60 -2.77 63.69
CA ARG U 7 -50.20 -3.96 64.42
C ARG U 7 -51.13 -5.13 64.05
N GLU U 8 -52.36 -4.78 63.68
CA GLU U 8 -53.36 -5.77 63.31
C GLU U 8 -53.49 -5.94 61.78
N ILE U 9 -53.38 -4.84 61.04
CA ILE U 9 -53.49 -4.91 59.59
C ILE U 9 -52.54 -6.00 59.10
N VAL U 10 -51.37 -6.07 59.75
CA VAL U 10 -50.38 -7.07 59.43
C VAL U 10 -51.02 -8.44 59.48
N SER U 11 -51.38 -8.85 60.70
CA SER U 11 -52.00 -10.14 60.96
C SER U 11 -53.19 -10.48 60.08
N GLU U 12 -53.84 -9.46 59.51
CA GLU U 12 -54.99 -9.70 58.64
C GLU U 12 -54.54 -9.96 57.21
N LEU U 13 -53.31 -9.55 56.92
CA LEU U 13 -52.75 -9.75 55.59
C LEU U 13 -52.03 -11.10 55.57
N ASP U 14 -51.61 -11.56 56.74
CA ASP U 14 -50.91 -12.84 56.89
C ASP U 14 -51.78 -14.07 56.58
N GLN U 15 -52.90 -13.85 55.90
CA GLN U 15 -53.81 -14.93 55.55
C GLN U 15 -53.99 -15.06 54.03
N HIS U 16 -53.32 -14.18 53.29
CA HIS U 16 -53.40 -14.18 51.82
C HIS U 16 -52.02 -13.87 51.22
N ILE U 17 -51.10 -13.44 52.06
CA ILE U 17 -49.75 -13.08 51.61
C ILE U 17 -48.71 -13.43 52.68
N ILE U 18 -48.45 -14.72 52.86
CA ILE U 18 -47.48 -15.16 53.85
C ILE U 18 -46.08 -14.83 53.37
N GLY U 19 -45.20 -14.47 54.30
CA GLY U 19 -43.83 -14.13 53.94
C GLY U 19 -43.63 -12.63 54.09
N GLN U 20 -42.79 -12.06 53.23
CA GLN U 20 -42.51 -10.64 53.28
C GLN U 20 -42.27 -10.21 54.72
N ALA U 21 -42.52 -8.94 55.01
CA ALA U 21 -42.34 -8.41 56.35
C ALA U 21 -42.27 -6.89 56.24
N ASP U 22 -41.05 -6.37 56.08
CA ASP U 22 -40.82 -4.94 55.94
C ASP U 22 -41.83 -4.43 54.92
N ALA U 23 -42.30 -5.35 54.09
CA ALA U 23 -43.28 -5.06 53.06
C ALA U 23 -44.55 -4.55 53.73
N LYS U 24 -45.33 -5.50 54.25
CA LYS U 24 -46.58 -5.21 54.91
C LYS U 24 -46.44 -4.03 55.88
N ARG U 25 -45.49 -4.14 56.80
CA ARG U 25 -45.25 -3.08 57.78
C ARG U 25 -45.40 -1.67 57.23
N ALA U 26 -44.63 -1.37 56.17
CA ALA U 26 -44.65 -0.07 55.54
C ALA U 26 -45.98 0.19 54.84
N VAL U 27 -46.61 -0.89 54.39
CA VAL U 27 -47.90 -0.79 53.71
C VAL U 27 -48.92 -0.35 54.75
N ALA U 28 -48.75 -0.86 55.97
CA ALA U 28 -49.63 -0.55 57.09
C ALA U 28 -49.49 0.90 57.53
N ILE U 29 -48.30 1.27 57.99
CA ILE U 29 -48.03 2.63 58.44
C ILE U 29 -48.50 3.67 57.43
N ALA U 30 -48.87 3.21 56.23
CA ALA U 30 -49.34 4.09 55.18
C ALA U 30 -50.83 4.37 55.36
N LEU U 31 -51.58 3.34 55.75
CA LEU U 31 -53.02 3.46 55.96
C LEU U 31 -53.31 4.18 57.27
N ARG U 32 -52.44 3.94 58.26
CA ARG U 32 -52.57 4.54 59.57
C ARG U 32 -52.36 6.05 59.52
N ASN U 33 -51.42 6.49 58.70
CA ASN U 33 -51.11 7.91 58.59
C ASN U 33 -52.11 8.70 57.74
N ARG U 34 -53.09 8.03 57.15
CA ARG U 34 -54.09 8.73 56.38
C ARG U 34 -55.32 8.86 57.26
N TRP U 35 -55.21 8.33 58.47
CA TRP U 35 -56.28 8.37 59.45
C TRP U 35 -55.88 9.37 60.54
N ARG U 36 -54.66 9.21 61.08
CA ARG U 36 -54.13 10.10 62.11
C ARG U 36 -54.18 11.52 61.55
N ARG U 37 -54.33 11.60 60.24
CA ARG U 37 -54.38 12.85 59.49
C ARG U 37 -55.78 13.48 59.55
N MET U 38 -56.78 12.63 59.74
CA MET U 38 -58.17 13.08 59.79
C MET U 38 -58.47 13.89 61.06
N GLN U 39 -58.07 13.37 62.22
CA GLN U 39 -58.30 14.06 63.49
C GLN U 39 -57.43 15.30 63.67
N LEU U 40 -57.57 16.26 62.75
CA LEU U 40 -56.82 17.51 62.81
C LEU U 40 -57.69 18.62 62.22
N GLN U 41 -57.50 19.83 62.73
CA GLN U 41 -58.28 20.98 62.27
C GLN U 41 -58.10 21.26 60.77
N GLU U 42 -58.42 22.49 60.35
CA GLU U 42 -58.30 22.87 58.94
C GLU U 42 -56.85 23.03 58.47
N PRO U 43 -56.06 23.87 59.16
CA PRO U 43 -54.66 24.08 58.76
C PRO U 43 -53.87 22.78 58.58
N LEU U 44 -53.46 22.19 59.70
CA LEU U 44 -52.67 20.95 59.70
C LEU U 44 -53.42 19.73 59.18
N ARG U 45 -54.15 19.89 58.08
CA ARG U 45 -54.90 18.79 57.51
C ARG U 45 -54.78 18.76 55.98
N HIS U 46 -55.22 19.83 55.32
CA HIS U 46 -55.15 19.86 53.87
C HIS U 46 -53.71 19.97 53.40
N GLU U 47 -52.79 20.21 54.34
CA GLU U 47 -51.37 20.30 54.01
C GLU U 47 -50.52 19.36 54.85
N VAL U 48 -50.63 18.08 54.53
CA VAL U 48 -49.89 17.02 55.20
C VAL U 48 -49.96 15.80 54.29
N THR U 49 -49.63 16.03 53.02
CA THR U 49 -49.64 15.00 51.98
C THR U 49 -49.08 13.65 52.45
N PRO U 50 -49.81 12.56 52.14
CA PRO U 50 -49.42 11.19 52.52
C PRO U 50 -48.00 10.85 52.10
N LYS U 51 -47.52 9.70 52.58
CA LYS U 51 -46.19 9.24 52.27
C LYS U 51 -46.28 8.06 51.30
N ASN U 52 -46.14 8.34 50.00
CA ASN U 52 -46.24 7.30 48.98
C ASN U 52 -45.18 6.20 49.10
N ILE U 53 -45.48 5.03 48.54
CA ILE U 53 -44.58 3.90 48.64
C ILE U 53 -44.11 3.29 47.33
N LEU U 54 -42.90 2.74 47.34
CA LEU U 54 -42.29 2.09 46.18
C LEU U 54 -41.81 0.69 46.56
N MET U 55 -42.43 -0.32 45.98
CA MET U 55 -42.06 -1.70 46.28
C MET U 55 -40.98 -2.27 45.38
N ILE U 56 -39.85 -2.61 45.99
CA ILE U 56 -38.72 -3.19 45.27
C ILE U 56 -38.72 -4.69 45.49
N GLY U 57 -39.05 -5.45 44.44
CA GLY U 57 -39.08 -6.89 44.57
C GLY U 57 -39.37 -7.60 43.27
N PRO U 58 -39.01 -8.90 43.17
CA PRO U 58 -39.20 -9.77 42.01
C PRO U 58 -40.59 -9.74 41.37
N THR U 59 -40.85 -10.73 40.53
CA THR U 59 -42.13 -10.84 39.84
C THR U 59 -42.80 -12.14 40.27
N GLY U 60 -43.63 -12.04 41.32
CA GLY U 60 -44.33 -13.20 41.82
C GLY U 60 -44.42 -13.23 43.33
N VAL U 61 -43.54 -12.48 44.00
CA VAL U 61 -43.52 -12.45 45.46
C VAL U 61 -44.72 -11.67 46.01
N GLY U 62 -45.50 -11.08 45.12
CA GLY U 62 -46.66 -10.34 45.54
C GLY U 62 -46.41 -8.92 45.98
N LYS U 63 -46.64 -7.99 45.06
CA LYS U 63 -46.49 -6.57 45.32
C LYS U 63 -47.86 -5.98 45.04
N THR U 64 -48.64 -6.69 44.23
CA THR U 64 -49.98 -6.27 43.87
C THR U 64 -50.97 -6.82 44.90
N GLU U 65 -50.68 -8.02 45.42
CA GLU U 65 -51.57 -8.61 46.42
C GLU U 65 -51.61 -7.75 47.66
N ILE U 66 -50.45 -7.33 48.13
CA ILE U 66 -50.37 -6.49 49.31
C ILE U 66 -50.97 -5.10 49.09
N ALA U 67 -51.24 -4.74 47.84
CA ALA U 67 -51.82 -3.44 47.54
C ALA U 67 -53.31 -3.60 47.25
N ARG U 68 -53.70 -4.82 46.90
CA ARG U 68 -55.10 -5.13 46.61
C ARG U 68 -55.80 -5.46 47.92
N ARG U 69 -55.10 -6.16 48.82
CA ARG U 69 -55.64 -6.51 50.14
C ARG U 69 -55.41 -5.32 51.05
N LEU U 70 -55.61 -4.14 50.47
CA LEU U 70 -55.45 -2.88 51.19
C LEU U 70 -56.53 -1.96 50.65
N ALA U 71 -57.45 -2.53 49.88
CA ALA U 71 -58.57 -1.80 49.30
C ALA U 71 -59.86 -2.43 49.80
N LYS U 72 -59.86 -3.76 49.87
CA LYS U 72 -61.02 -4.51 50.36
C LYS U 72 -60.97 -4.58 51.88
N LEU U 73 -59.76 -4.52 52.44
CA LEU U 73 -59.57 -4.57 53.88
C LEU U 73 -59.16 -3.19 54.40
N ALA U 74 -59.94 -2.18 54.01
CA ALA U 74 -59.73 -0.79 54.39
C ALA U 74 -60.71 0.08 53.62
N ASN U 75 -61.48 -0.56 52.74
CA ASN U 75 -62.49 0.09 51.90
C ASN U 75 -62.04 1.43 51.30
N ALA U 76 -61.62 1.37 50.04
CA ALA U 76 -61.17 2.57 49.33
C ALA U 76 -61.00 2.24 47.85
N PRO U 77 -61.31 3.20 46.97
CA PRO U 77 -61.17 3.01 45.52
C PRO U 77 -59.76 2.56 45.14
N PHE U 78 -59.66 1.42 44.45
CA PHE U 78 -58.38 0.87 44.04
C PHE U 78 -58.26 0.89 42.52
N ILE U 79 -57.04 0.81 42.02
CA ILE U 79 -56.80 0.80 40.58
C ILE U 79 -55.34 0.52 40.26
N LYS U 80 -55.10 -0.53 39.47
CA LYS U 80 -53.74 -0.89 39.08
C LYS U 80 -53.49 -0.49 37.63
N VAL U 81 -52.31 0.10 37.38
CA VAL U 81 -51.94 0.54 36.04
C VAL U 81 -50.57 0.05 35.61
N GLU U 82 -50.42 -0.23 34.31
CA GLU U 82 -49.18 -0.72 33.73
C GLU U 82 -48.54 0.30 32.80
N ALA U 83 -47.51 0.98 33.29
CA ALA U 83 -46.83 1.99 32.49
C ALA U 83 -46.39 1.44 31.11
N GLU U 95 -53.54 8.01 27.67
CA GLU U 95 -53.89 9.11 28.57
C GLU U 95 -53.28 8.90 29.97
N VAL U 96 -53.08 10.01 30.68
CA VAL U 96 -52.48 9.97 32.02
C VAL U 96 -53.50 10.11 33.14
N ASP U 97 -54.44 11.04 32.95
CA ASP U 97 -55.47 11.30 33.95
C ASP U 97 -56.48 10.16 34.07
N SER U 98 -56.53 9.31 33.05
CA SER U 98 -57.45 8.19 33.05
C SER U 98 -57.24 7.30 34.26
N ILE U 99 -56.10 7.47 34.93
CA ILE U 99 -55.78 6.68 36.12
C ILE U 99 -56.68 7.16 37.26
N ILE U 100 -57.12 8.41 37.16
CA ILE U 100 -58.00 9.03 38.15
C ILE U 100 -59.45 8.83 37.74
N ARG U 101 -59.75 9.15 36.49
CA ARG U 101 -61.10 9.01 35.96
C ARG U 101 -61.64 7.60 36.21
N ASP U 102 -60.73 6.62 36.28
CA ASP U 102 -61.10 5.23 36.52
C ASP U 102 -61.09 4.87 38.00
N LEU U 103 -60.38 5.66 38.80
CA LEU U 103 -60.32 5.43 40.24
C LEU U 103 -61.67 5.82 40.82
N THR U 104 -62.35 6.73 40.11
CA THR U 104 -63.66 7.22 40.50
C THR U 104 -64.76 6.24 40.06
N ASP U 105 -64.57 5.62 38.90
CA ASP U 105 -65.54 4.66 38.37
C ASP U 105 -65.54 3.36 39.17
N SER U 106 -64.62 3.24 40.12
CA SER U 106 -64.54 2.05 40.97
C SER U 106 -64.85 2.41 42.43
N ALA U 107 -65.68 3.44 42.61
CA ALA U 107 -66.08 3.86 43.95
C ALA U 107 -67.62 3.83 44.06
N MET U 108 -68.28 3.68 42.92
CA MET U 108 -69.74 3.62 42.87
C MET U 108 -70.22 2.18 42.99
N LYS U 109 -69.34 1.33 43.52
CA LYS U 109 -69.64 -0.08 43.72
C LYS U 109 -69.39 -0.37 45.20
N LEU U 110 -69.21 0.72 45.97
CA LEU U 110 -68.99 0.68 47.41
C LEU U 110 -69.80 1.81 48.04
N VAL U 111 -69.95 2.91 47.31
CA VAL U 111 -70.71 4.05 47.78
C VAL U 111 -72.18 3.83 47.41
N ARG U 112 -72.41 3.40 46.16
CA ARG U 112 -73.76 3.12 45.69
C ARG U 112 -74.08 1.68 46.02
N GLN U 113 -73.12 1.00 46.65
CA GLN U 113 -73.24 -0.38 47.07
C GLN U 113 -73.45 -0.35 48.59
N GLN U 114 -73.53 0.85 49.14
CA GLN U 114 -73.73 1.02 50.57
C GLN U 114 -75.00 1.82 50.87
N GLU U 115 -75.69 2.26 49.81
CA GLU U 115 -76.94 3.00 49.96
C GLU U 115 -78.10 2.15 49.43
N ILE U 116 -77.78 1.03 48.81
CA ILE U 116 -78.79 0.10 48.27
C ILE U 116 -79.12 -0.91 49.38
N ALA U 117 -78.65 -0.60 50.59
CA ALA U 117 -78.88 -1.45 51.76
C ALA U 117 -79.65 -0.65 52.83
N LYS U 118 -79.15 0.54 53.15
CA LYS U 118 -79.78 1.39 54.17
C LYS U 118 -80.94 2.24 53.65
N ASN U 119 -80.89 2.65 52.39
CA ASN U 119 -81.96 3.47 51.82
C ASN U 119 -83.12 2.59 51.38
N ARG U 120 -82.85 1.62 50.50
CA ARG U 120 -83.88 0.71 50.01
C ARG U 120 -83.29 -0.49 49.29
N ASP U 228 -88.35 -1.86 44.75
CA ASP U 228 -87.01 -2.41 44.95
C ASP U 228 -86.06 -1.91 43.87
N ASP U 229 -86.57 -1.80 42.63
CA ASP U 229 -85.79 -1.34 41.49
C ASP U 229 -86.26 0.01 40.96
N GLU U 230 -87.48 0.39 41.36
CA GLU U 230 -88.05 1.66 40.95
C GLU U 230 -88.18 2.54 42.19
N ALA U 231 -88.26 1.89 43.35
CA ALA U 231 -88.37 2.57 44.64
C ALA U 231 -87.00 3.13 45.04
N ALA U 232 -85.95 2.42 44.63
CA ALA U 232 -84.58 2.82 44.92
C ALA U 232 -84.09 3.88 43.94
N LYS U 233 -84.97 4.30 43.04
CA LYS U 233 -84.64 5.30 42.05
C LYS U 233 -85.21 6.68 42.34
N LEU U 234 -85.48 6.93 43.61
CA LEU U 234 -85.99 8.23 44.07
C LEU U 234 -84.71 9.07 44.08
N ILE U 235 -83.61 8.40 44.47
CA ILE U 235 -82.23 8.91 44.53
C ILE U 235 -81.94 10.37 44.95
N ASN U 236 -80.69 10.60 45.35
CA ASN U 236 -80.17 11.91 45.76
C ASN U 236 -79.11 12.29 44.73
N PRO U 237 -79.52 12.69 43.51
CA PRO U 237 -78.62 13.07 42.42
C PRO U 237 -77.38 13.91 42.77
N GLU U 238 -77.59 15.18 43.11
CA GLU U 238 -76.50 16.09 43.45
C GLU U 238 -75.93 15.91 44.86
N GLU U 239 -76.40 14.88 45.56
CA GLU U 239 -75.93 14.60 46.92
C GLU U 239 -74.88 13.49 46.91
N LEU U 240 -75.04 12.52 46.02
CA LEU U 240 -74.09 11.41 45.89
C LEU U 240 -72.93 11.83 45.01
N LYS U 241 -73.20 12.73 44.07
CA LYS U 241 -72.18 13.23 43.17
C LYS U 241 -71.40 14.34 43.89
N GLN U 242 -70.88 13.98 45.06
CA GLN U 242 -70.09 14.88 45.88
C GLN U 242 -69.74 14.15 47.19
N LYS U 243 -70.33 12.96 47.34
CA LYS U 243 -70.09 12.11 48.52
C LYS U 243 -69.29 10.90 48.03
N ALA U 244 -69.32 10.70 46.72
CA ALA U 244 -68.59 9.61 46.08
C ALA U 244 -67.19 10.13 45.77
N ILE U 245 -67.09 11.45 45.66
CA ILE U 245 -65.82 12.13 45.39
C ILE U 245 -65.00 12.28 46.65
N ASP U 246 -65.69 12.36 47.79
CA ASP U 246 -65.02 12.48 49.08
C ASP U 246 -64.39 11.16 49.50
N ALA U 247 -64.95 10.06 49.00
CA ALA U 247 -64.43 8.74 49.31
C ALA U 247 -63.17 8.52 48.46
N VAL U 248 -63.00 9.35 47.44
CA VAL U 248 -61.85 9.28 46.55
C VAL U 248 -60.82 10.34 46.95
N GLU U 249 -61.23 11.61 46.98
CA GLU U 249 -60.34 12.70 47.35
C GLU U 249 -59.46 12.33 48.54
N GLN U 250 -60.02 11.54 49.45
CA GLN U 250 -59.28 11.11 50.65
C GLN U 250 -58.90 9.65 50.59
N ASN U 251 -59.89 8.77 50.45
CA ASN U 251 -59.64 7.34 50.38
C ASN U 251 -59.39 6.92 48.93
N GLY U 252 -58.13 6.97 48.52
CA GLY U 252 -57.76 6.59 47.16
C GLY U 252 -56.40 5.92 47.10
N ILE U 253 -56.36 4.75 46.47
CA ILE U 253 -55.13 4.00 46.35
C ILE U 253 -54.81 3.68 44.88
N VAL U 254 -53.69 4.24 44.40
CA VAL U 254 -53.25 4.03 43.02
C VAL U 254 -52.03 3.10 43.00
N PHE U 255 -52.08 2.09 42.15
CA PHE U 255 -50.99 1.14 42.05
C PHE U 255 -50.37 1.14 40.66
N ILE U 256 -49.07 1.42 40.60
CA ILE U 256 -48.34 1.45 39.34
C ILE U 256 -47.40 0.27 39.26
N ASP U 257 -47.86 -0.82 38.64
CA ASP U 257 -47.07 -2.03 38.50
C ASP U 257 -45.96 -1.81 37.47
N GLU U 258 -44.83 -2.51 37.66
CA GLU U 258 -43.68 -2.41 36.76
C GLU U 258 -43.46 -0.95 36.33
N ILE U 259 -42.77 -0.17 37.17
CA ILE U 259 -42.49 1.23 36.87
C ILE U 259 -41.12 1.36 36.24
N ASP U 260 -40.18 0.54 36.72
CA ASP U 260 -38.82 0.55 36.19
C ASP U 260 -38.84 0.71 34.68
N LYS U 261 -39.82 0.07 34.06
CA LYS U 261 -39.97 0.12 32.61
C LYS U 261 -40.02 1.53 32.03
N ILE U 262 -40.02 2.55 32.90
CA ILE U 262 -40.07 3.92 32.42
C ILE U 262 -38.88 4.78 32.87
N CYS U 263 -37.79 4.11 33.22
CA CYS U 263 -36.61 4.82 33.67
C CYS U 263 -35.60 4.99 32.56
N LYS U 264 -34.79 6.04 32.66
CA LYS U 264 -33.76 6.29 31.67
C LYS U 264 -32.79 5.11 31.59
N LYS U 265 -32.53 4.64 30.38
CA LYS U 265 -31.63 3.50 30.17
C LYS U 265 -32.14 2.26 30.91
N SER U 269 -31.61 4.53 26.26
CA SER U 269 -32.92 5.15 26.10
C SER U 269 -32.79 6.55 25.49
N GLY U 270 -32.21 6.62 24.29
CA GLY U 270 -32.03 7.89 23.62
C GLY U 270 -32.93 8.04 22.41
N ALA U 271 -33.44 6.92 21.89
CA ALA U 271 -34.32 6.91 20.73
C ALA U 271 -35.77 6.97 21.19
N ASP U 272 -35.96 6.98 22.51
CA ASP U 272 -37.29 7.04 23.12
C ASP U 272 -37.25 7.69 24.50
N VAL U 273 -37.05 9.00 24.54
CA VAL U 273 -36.99 9.74 25.78
C VAL U 273 -38.42 9.85 26.33
N SER U 274 -39.36 9.24 25.63
CA SER U 274 -40.76 9.25 26.04
C SER U 274 -41.01 8.42 27.30
N ARG U 275 -40.01 7.62 27.69
CA ARG U 275 -40.12 6.80 28.91
C ARG U 275 -40.00 7.71 30.14
N GLU U 276 -39.38 8.87 29.93
CA GLU U 276 -39.19 9.86 30.99
C GLU U 276 -40.32 10.87 30.86
N GLY U 277 -41.07 10.76 29.77
CA GLY U 277 -42.19 11.66 29.55
C GLY U 277 -43.38 11.19 30.37
N VAL U 278 -43.64 9.89 30.34
CA VAL U 278 -44.73 9.31 31.11
C VAL U 278 -44.44 9.57 32.58
N GLN U 279 -43.23 9.23 33.01
CA GLN U 279 -42.80 9.45 34.38
C GLN U 279 -42.96 10.94 34.73
N ARG U 280 -43.15 11.77 33.71
CA ARG U 280 -43.29 13.21 33.90
C ARG U 280 -44.75 13.65 33.92
N ASP U 281 -45.55 13.15 32.99
CA ASP U 281 -46.97 13.49 32.93
C ASP U 281 -47.70 12.85 34.11
N LEU U 282 -47.00 11.96 34.81
CA LEU U 282 -47.54 11.25 35.96
C LEU U 282 -47.11 11.94 37.24
N LEU U 283 -46.45 13.09 37.10
CA LEU U 283 -45.98 13.85 38.25
C LEU U 283 -47.13 14.66 38.86
N PRO U 284 -47.89 15.37 38.02
CA PRO U 284 -49.01 16.17 38.53
C PRO U 284 -49.94 15.38 39.45
N LEU U 285 -50.05 14.08 39.19
CA LEU U 285 -50.93 13.24 40.01
C LEU U 285 -50.36 12.91 41.38
N VAL U 286 -49.06 12.62 41.46
CA VAL U 286 -48.45 12.33 42.74
C VAL U 286 -48.15 13.62 43.50
N GLU U 287 -48.13 14.74 42.77
CA GLU U 287 -47.88 16.05 43.36
C GLU U 287 -49.16 16.63 43.94
N GLY U 288 -50.14 16.89 43.08
CA GLY U 288 -51.40 17.44 43.53
C GLY U 288 -52.07 18.30 42.48
N SER U 289 -53.14 17.79 41.87
CA SER U 289 -53.86 18.54 40.85
C SER U 289 -55.36 18.29 40.94
N THR U 290 -56.09 18.80 39.95
CA THR U 290 -57.54 18.66 39.90
C THR U 290 -58.01 18.00 38.60
N VAL U 291 -58.35 16.72 38.68
CA VAL U 291 -58.81 15.97 37.51
C VAL U 291 -60.31 16.20 37.31
N SER U 292 -60.74 16.39 36.07
CA SER U 292 -62.16 16.61 35.79
C SER U 292 -62.85 15.32 35.35
N THR U 293 -63.48 14.63 36.29
CA THR U 293 -64.18 13.38 36.02
C THR U 293 -65.64 13.66 35.65
N LYS U 294 -66.37 12.62 35.24
CA LYS U 294 -67.77 12.78 34.87
C LYS U 294 -68.68 12.77 36.10
N HIS U 295 -68.14 13.25 37.22
CA HIS U 295 -68.87 13.32 38.47
C HIS U 295 -68.57 14.67 39.12
N GLY U 296 -67.51 15.31 38.64
CA GLY U 296 -67.11 16.60 39.16
C GLY U 296 -65.60 16.67 39.31
N MET U 297 -65.10 17.75 39.92
CA MET U 297 -63.67 17.92 40.10
C MET U 297 -63.18 17.17 41.34
N VAL U 298 -62.23 16.26 41.12
CA VAL U 298 -61.65 15.47 42.20
C VAL U 298 -60.18 15.83 42.45
N LYS U 299 -59.87 16.21 43.68
CA LYS U 299 -58.50 16.58 44.06
C LYS U 299 -57.70 15.30 44.22
N THR U 300 -56.37 15.42 44.25
CA THR U 300 -55.51 14.26 44.37
C THR U 300 -54.51 14.32 45.52
N ASP U 301 -54.07 15.53 45.84
CA ASP U 301 -53.09 15.77 46.91
C ASP U 301 -53.06 14.71 48.00
N HIS U 302 -54.23 14.26 48.43
CA HIS U 302 -54.31 13.29 49.51
C HIS U 302 -54.44 11.82 49.12
N ILE U 303 -54.36 11.52 47.82
CA ILE U 303 -54.47 10.13 47.42
C ILE U 303 -53.25 9.35 47.91
N LEU U 304 -53.21 8.05 47.62
CA LEU U 304 -52.10 7.21 48.05
C LEU U 304 -51.57 6.38 46.89
N PHE U 305 -50.30 6.56 46.54
CA PHE U 305 -49.70 5.82 45.43
C PHE U 305 -48.72 4.75 45.88
N ILE U 306 -48.77 3.61 45.20
CA ILE U 306 -47.88 2.50 45.48
C ILE U 306 -47.36 2.00 44.15
N ALA U 307 -46.06 2.17 43.92
CA ALA U 307 -45.44 1.74 42.68
C ALA U 307 -44.54 0.52 42.89
N SER U 308 -44.79 -0.51 42.08
CA SER U 308 -44.03 -1.75 42.15
C SER U 308 -42.98 -1.77 41.06
N GLY U 309 -41.87 -2.46 41.33
CA GLY U 309 -40.80 -2.54 40.35
C GLY U 309 -39.76 -3.57 40.71
N ALA U 310 -39.29 -4.29 39.70
CA ALA U 310 -38.28 -5.31 39.91
C ALA U 310 -36.93 -4.61 40.08
N PHE U 311 -36.77 -3.51 39.37
CA PHE U 311 -35.53 -2.73 39.41
C PHE U 311 -34.27 -3.58 39.34
N GLN U 312 -34.25 -4.47 38.36
CA GLN U 312 -33.11 -5.36 38.13
C GLN U 312 -32.18 -4.61 37.18
N VAL U 313 -32.80 -3.96 36.20
CA VAL U 313 -32.09 -3.17 35.21
C VAL U 313 -31.65 -1.86 35.85
N ALA U 314 -32.54 -0.88 35.83
CA ALA U 314 -32.27 0.43 36.43
C ALA U 314 -32.31 0.34 37.96
N ARG U 315 -32.43 1.50 38.60
CA ARG U 315 -32.48 1.55 40.06
C ARG U 315 -33.32 2.74 40.50
N PRO U 316 -33.58 2.86 41.81
CA PRO U 316 -34.38 3.97 42.33
C PRO U 316 -33.95 5.32 41.75
N SER U 317 -32.71 5.70 42.04
CA SER U 317 -32.13 6.96 41.60
C SER U 317 -32.24 7.24 40.09
N ASP U 318 -32.63 6.22 39.33
CA ASP U 318 -32.77 6.38 37.88
C ASP U 318 -34.12 6.99 37.51
N LEU U 319 -34.77 7.61 38.48
CA LEU U 319 -36.08 8.24 38.26
C LEU U 319 -35.90 9.75 38.37
N ILE U 320 -36.80 10.51 37.74
CA ILE U 320 -36.71 11.96 37.80
C ILE U 320 -36.70 12.38 39.26
N PRO U 321 -35.87 13.37 39.60
CA PRO U 321 -35.75 13.87 40.97
C PRO U 321 -37.11 14.12 41.63
N GLU U 322 -38.02 14.69 40.86
CA GLU U 322 -39.35 14.99 41.37
C GLU U 322 -39.95 13.77 42.07
N LEU U 323 -40.11 12.67 41.34
CA LEU U 323 -40.67 11.46 41.93
C LEU U 323 -39.87 10.87 43.07
N GLN U 324 -38.55 10.98 43.00
CA GLN U 324 -37.72 10.43 44.07
C GLN U 324 -38.08 11.04 45.41
N GLY U 325 -38.52 12.29 45.39
CA GLY U 325 -38.89 12.98 46.62
C GLY U 325 -40.37 12.91 46.97
N ARG U 326 -41.17 12.40 46.04
CA ARG U 326 -42.60 12.26 46.26
C ARG U 326 -42.95 10.78 46.32
N LEU U 327 -41.96 9.99 46.76
CA LEU U 327 -42.08 8.54 46.92
C LEU U 327 -41.05 8.18 47.98
N PRO U 328 -41.06 8.89 49.12
CA PRO U 328 -40.14 8.73 50.25
C PRO U 328 -40.05 7.35 50.88
N ILE U 329 -41.08 6.53 50.72
CA ILE U 329 -41.05 5.21 51.32
C ILE U 329 -40.47 4.16 50.37
N ARG U 330 -39.38 3.54 50.79
CA ARG U 330 -38.74 2.52 49.97
C ARG U 330 -38.87 1.18 50.71
N VAL U 331 -39.70 0.29 50.18
CA VAL U 331 -39.91 -1.00 50.81
C VAL U 331 -39.28 -2.13 49.99
N GLU U 332 -38.43 -2.91 50.63
CA GLU U 332 -37.74 -4.00 49.96
C GLU U 332 -38.35 -5.37 50.24
N LEU U 333 -39.01 -5.96 49.23
CA LEU U 333 -39.62 -7.28 49.37
C LEU U 333 -38.54 -8.33 49.17
N THR U 334 -38.86 -9.60 49.40
CA THR U 334 -37.88 -10.67 49.21
C THR U 334 -38.45 -11.71 48.26
N ALA U 335 -37.59 -12.60 47.77
CA ALA U 335 -38.03 -13.66 46.86
C ALA U 335 -38.65 -14.81 47.63
N LEU U 336 -39.42 -15.64 46.94
CA LEU U 336 -40.08 -16.77 47.56
C LEU U 336 -39.15 -17.99 47.51
N SER U 337 -38.83 -18.55 48.67
CA SER U 337 -37.94 -19.71 48.73
C SER U 337 -38.69 -21.04 48.61
N ALA U 338 -37.96 -22.14 48.76
CA ALA U 338 -38.52 -23.48 48.66
C ALA U 338 -39.55 -23.71 49.75
N ALA U 339 -39.19 -23.36 50.98
CA ALA U 339 -40.07 -23.52 52.12
C ALA U 339 -41.22 -22.52 52.10
N ASP U 340 -41.06 -21.47 51.29
CA ASP U 340 -42.09 -20.43 51.17
C ASP U 340 -43.26 -20.87 50.28
N PHE U 341 -43.04 -21.88 49.45
CA PHE U 341 -44.09 -22.40 48.58
C PHE U 341 -44.83 -23.49 49.33
N GLU U 342 -44.14 -24.08 50.31
CA GLU U 342 -44.68 -25.14 51.13
C GLU U 342 -45.75 -24.54 52.05
N ARG U 343 -45.60 -23.25 52.32
CA ARG U 343 -46.53 -22.52 53.18
C ARG U 343 -47.63 -21.88 52.36
N ILE U 344 -47.25 -21.09 51.35
CA ILE U 344 -48.22 -20.43 50.48
C ILE U 344 -49.19 -21.43 49.85
N LEU U 345 -48.86 -22.70 50.00
CA LEU U 345 -49.68 -23.76 49.43
C LEU U 345 -50.86 -24.18 50.32
N THR U 346 -50.82 -23.80 51.61
CA THR U 346 -51.89 -24.16 52.55
C THR U 346 -52.38 -23.04 53.49
N GLU U 347 -51.53 -22.67 54.45
CA GLU U 347 -51.84 -21.63 55.44
C GLU U 347 -52.80 -20.51 55.02
N PRO U 348 -52.54 -19.87 53.87
CA PRO U 348 -53.41 -18.77 53.41
C PRO U 348 -54.84 -19.19 53.04
N HIS U 349 -55.79 -18.28 53.30
CA HIS U 349 -57.19 -18.54 52.98
C HIS U 349 -57.31 -18.56 51.47
N ALA U 350 -58.00 -19.58 50.96
CA ALA U 350 -58.21 -19.77 49.52
C ALA U 350 -56.97 -20.38 48.88
N SER U 351 -56.12 -21.00 49.70
CA SER U 351 -54.91 -21.63 49.20
C SER U 351 -55.23 -22.68 48.16
N LEU U 352 -54.24 -22.99 47.32
CA LEU U 352 -54.41 -23.96 46.26
C LEU U 352 -54.92 -25.31 46.75
N THR U 353 -54.29 -25.84 47.79
CA THR U 353 -54.70 -27.12 48.33
C THR U 353 -56.19 -27.05 48.59
N GLU U 354 -56.62 -26.00 49.28
CA GLU U 354 -58.02 -25.78 49.63
C GLU U 354 -58.90 -25.64 48.38
N GLN U 355 -58.48 -24.79 47.46
CA GLN U 355 -59.24 -24.56 46.22
C GLN U 355 -59.54 -25.81 45.42
N TYR U 356 -58.54 -26.67 45.26
CA TYR U 356 -58.74 -27.91 44.51
C TYR U 356 -59.45 -28.97 45.35
N LYS U 357 -59.39 -28.80 46.67
CA LYS U 357 -60.04 -29.73 47.60
C LYS U 357 -61.54 -29.59 47.48
N ALA U 358 -62.00 -28.32 47.51
CA ALA U 358 -63.41 -27.98 47.42
C ALA U 358 -63.96 -28.11 46.00
N LEU U 359 -63.13 -27.83 45.00
CA LEU U 359 -63.58 -27.93 43.61
C LEU U 359 -63.70 -29.40 43.20
N MET U 360 -63.13 -30.27 44.01
CA MET U 360 -63.17 -31.71 43.76
C MET U 360 -64.09 -32.46 44.73
N ALA U 361 -64.66 -31.72 45.68
CA ALA U 361 -65.59 -32.31 46.62
C ALA U 361 -66.98 -32.17 46.02
N THR U 362 -67.18 -31.10 45.24
CA THR U 362 -68.44 -30.83 44.59
C THR U 362 -68.67 -31.86 43.47
N GLU U 363 -67.78 -32.84 43.42
CA GLU U 363 -67.87 -33.92 42.43
C GLU U 363 -68.18 -35.21 43.18
N GLY U 364 -68.09 -35.15 44.49
CA GLY U 364 -68.37 -36.32 45.31
C GLY U 364 -67.11 -37.08 45.66
N VAL U 365 -65.97 -36.44 45.42
CA VAL U 365 -64.68 -37.06 45.70
C VAL U 365 -63.90 -36.32 46.78
N ASN U 366 -63.07 -37.08 47.51
CA ASN U 366 -62.26 -36.52 48.55
C ASN U 366 -60.78 -36.65 48.16
N ILE U 367 -59.98 -35.66 48.52
CA ILE U 367 -58.55 -35.66 48.17
C ILE U 367 -57.64 -35.31 49.34
N ALA U 368 -56.65 -36.17 49.59
CA ALA U 368 -55.73 -35.96 50.69
C ALA U 368 -54.37 -35.42 50.24
N PHE U 369 -53.98 -34.28 50.81
CA PHE U 369 -52.70 -33.65 50.49
C PHE U 369 -51.76 -33.79 51.68
N THR U 370 -51.07 -34.93 51.75
CA THR U 370 -50.14 -35.20 52.84
C THR U 370 -49.04 -34.15 52.92
N THR U 371 -48.46 -33.98 54.10
CA THR U 371 -47.39 -33.01 54.32
C THR U 371 -46.09 -33.38 53.62
N ASP U 372 -45.73 -34.66 53.64
CA ASP U 372 -44.51 -35.10 52.99
C ASP U 372 -44.62 -34.98 51.47
N ALA U 373 -45.79 -34.52 51.00
CA ALA U 373 -46.03 -34.36 49.58
C ALA U 373 -46.28 -32.90 49.19
N VAL U 374 -46.27 -32.01 50.17
CA VAL U 374 -46.45 -30.59 49.88
C VAL U 374 -45.06 -30.04 49.59
N LYS U 375 -44.05 -30.72 50.12
CA LYS U 375 -42.67 -30.33 49.89
C LYS U 375 -42.37 -30.63 48.43
N LYS U 376 -42.67 -31.85 48.01
CA LYS U 376 -42.43 -32.26 46.63
C LYS U 376 -43.45 -31.68 45.66
N ILE U 377 -43.99 -30.51 46.01
CA ILE U 377 -44.97 -29.79 45.19
C ILE U 377 -44.60 -28.31 45.28
N ALA U 378 -43.87 -27.96 46.32
CA ALA U 378 -43.43 -26.59 46.53
C ALA U 378 -41.95 -26.51 46.15
N GLU U 379 -41.27 -27.65 46.26
CA GLU U 379 -39.87 -27.74 45.91
C GLU U 379 -39.76 -28.10 44.44
N ALA U 380 -40.88 -28.54 43.88
CA ALA U 380 -40.95 -28.90 42.48
C ALA U 380 -41.50 -27.73 41.67
N ALA U 381 -41.78 -26.62 42.37
CA ALA U 381 -42.29 -25.42 41.73
C ALA U 381 -41.16 -24.39 41.78
N PHE U 382 -40.21 -24.65 42.67
CA PHE U 382 -39.04 -23.80 42.83
C PHE U 382 -38.01 -24.36 41.86
N ARG U 383 -37.92 -25.69 41.83
CA ARG U 383 -37.00 -26.40 40.95
C ARG U 383 -37.28 -26.02 39.50
N VAL U 384 -38.41 -25.37 39.26
CA VAL U 384 -38.78 -24.96 37.91
C VAL U 384 -38.45 -23.49 37.67
N ASN U 385 -38.47 -22.68 38.72
CA ASN U 385 -38.17 -21.26 38.56
C ASN U 385 -36.67 -21.00 38.46
N GLU U 386 -35.86 -21.95 38.90
CA GLU U 386 -34.40 -21.81 38.84
C GLU U 386 -33.87 -22.37 37.52
N LYS U 387 -34.76 -22.81 36.66
CA LYS U 387 -34.37 -23.38 35.37
C LYS U 387 -35.22 -22.84 34.22
N THR U 388 -35.79 -21.66 34.42
CA THR U 388 -36.63 -20.97 33.44
C THR U 388 -37.11 -19.68 34.11
N GLU U 389 -38.10 -19.03 33.52
CA GLU U 389 -38.62 -17.81 34.11
C GLU U 389 -39.10 -18.05 35.54
N ASN U 390 -38.74 -17.16 36.45
CA ASN U 390 -39.16 -17.29 37.85
C ASN U 390 -40.40 -16.41 38.04
N ILE U 391 -41.54 -16.91 37.57
CA ILE U 391 -42.81 -16.20 37.66
C ILE U 391 -43.33 -16.10 39.09
N GLY U 392 -42.63 -16.74 40.01
CA GLY U 392 -43.04 -16.71 41.41
C GLY U 392 -44.19 -17.64 41.73
N ALA U 393 -45.03 -17.22 42.66
CA ALA U 393 -46.19 -18.01 43.08
C ALA U 393 -46.97 -18.60 41.90
N ARG U 394 -47.29 -17.74 40.93
CA ARG U 394 -48.04 -18.17 39.74
C ARG U 394 -47.52 -19.49 39.16
N ARG U 395 -46.28 -19.84 39.50
CA ARG U 395 -45.67 -21.08 39.04
C ARG U 395 -46.48 -22.22 39.63
N LEU U 396 -46.84 -22.08 40.90
CA LEU U 396 -47.63 -23.08 41.60
C LEU U 396 -48.89 -23.45 40.81
N HIS U 397 -49.66 -22.44 40.41
CA HIS U 397 -50.88 -22.66 39.65
C HIS U 397 -50.62 -23.65 38.52
N THR U 398 -49.65 -23.31 37.68
CA THR U 398 -49.28 -24.14 36.53
C THR U 398 -48.83 -25.53 36.96
N VAL U 399 -48.30 -25.63 38.18
CA VAL U 399 -47.83 -26.91 38.70
C VAL U 399 -49.02 -27.80 39.06
N MET U 400 -49.93 -27.25 39.85
CA MET U 400 -51.11 -27.99 40.27
C MET U 400 -51.90 -28.46 39.06
N GLU U 401 -52.14 -27.54 38.13
CA GLU U 401 -52.91 -27.87 36.92
C GLU U 401 -52.40 -29.14 36.24
N ARG U 402 -51.09 -29.38 36.33
CA ARG U 402 -50.49 -30.56 35.72
C ARG U 402 -50.75 -31.75 36.64
N LEU U 403 -50.79 -31.48 37.94
CA LEU U 403 -51.04 -32.51 38.94
C LEU U 403 -52.48 -33.01 38.91
N MET U 404 -53.42 -32.07 38.95
CA MET U 404 -54.84 -32.41 38.93
C MET U 404 -55.33 -32.63 37.50
N ASP U 405 -54.40 -32.95 36.61
CA ASP U 405 -54.73 -33.19 35.21
C ASP U 405 -55.26 -34.62 35.02
N LYS U 406 -54.91 -35.49 35.95
CA LYS U 406 -55.33 -36.90 35.89
C LYS U 406 -56.67 -37.08 36.64
N ILE U 407 -56.83 -36.34 37.73
CA ILE U 407 -58.04 -36.42 38.55
C ILE U 407 -59.21 -35.58 38.06
N SER U 408 -58.96 -34.31 37.75
CA SER U 408 -60.02 -33.40 37.30
C SER U 408 -60.84 -33.90 36.11
N PHE U 409 -60.30 -34.86 35.37
CA PHE U 409 -60.99 -35.40 34.20
C PHE U 409 -61.93 -36.55 34.54
N SER U 410 -61.42 -37.53 35.29
CA SER U 410 -62.20 -38.69 35.67
C SER U 410 -62.62 -38.69 37.14
N ALA U 411 -63.38 -37.66 37.54
CA ALA U 411 -63.86 -37.54 38.90
C ALA U 411 -65.31 -37.97 38.91
N SER U 412 -65.93 -37.94 37.73
CA SER U 412 -67.33 -38.33 37.56
C SER U 412 -67.46 -39.85 37.60
N ASP U 413 -66.72 -40.52 36.72
CA ASP U 413 -66.76 -41.98 36.64
C ASP U 413 -66.13 -42.65 37.86
N MET U 414 -65.68 -41.84 38.81
CA MET U 414 -65.07 -42.32 40.03
C MET U 414 -65.56 -41.43 41.18
N ASN U 415 -66.81 -41.66 41.56
CA ASN U 415 -67.50 -40.90 42.61
C ASN U 415 -67.40 -41.54 44.00
N GLY U 416 -67.29 -40.69 45.02
CA GLY U 416 -67.21 -41.16 46.39
C GLY U 416 -65.95 -41.88 46.79
N GLN U 417 -64.80 -41.40 46.36
CA GLN U 417 -63.53 -42.03 46.71
C GLN U 417 -62.59 -41.09 47.43
N THR U 418 -61.75 -41.66 48.29
CA THR U 418 -60.77 -40.89 49.05
C THR U 418 -59.38 -41.38 48.66
N VAL U 419 -58.72 -40.65 47.76
CA VAL U 419 -57.38 -41.02 47.30
C VAL U 419 -56.32 -40.12 47.94
N ASN U 420 -55.24 -40.74 48.40
CA ASN U 420 -54.14 -40.02 49.03
C ASN U 420 -53.10 -39.51 48.04
N ILE U 421 -52.83 -38.21 48.09
CA ILE U 421 -51.84 -37.58 47.23
C ILE U 421 -50.56 -37.40 48.05
N ASP U 422 -49.62 -38.31 47.85
CA ASP U 422 -48.35 -38.28 48.58
C ASP U 422 -47.14 -38.23 47.66
N ALA U 423 -45.97 -38.49 48.25
CA ALA U 423 -44.70 -38.48 47.52
C ALA U 423 -44.78 -39.28 46.22
N ALA U 424 -44.93 -40.59 46.35
CA ALA U 424 -45.00 -41.49 45.20
C ALA U 424 -46.07 -41.13 44.17
N TYR U 425 -47.09 -40.37 44.59
CA TYR U 425 -48.16 -39.98 43.68
C TYR U 425 -47.82 -38.71 42.91
N VAL U 426 -47.30 -37.71 43.62
CA VAL U 426 -46.94 -36.45 42.99
C VAL U 426 -45.87 -36.71 41.91
N ALA U 427 -44.90 -37.57 42.23
CA ALA U 427 -43.83 -37.91 41.32
C ALA U 427 -44.36 -38.47 40.00
N ASP U 428 -44.99 -39.64 40.06
CA ASP U 428 -45.54 -40.29 38.87
C ASP U 428 -46.79 -39.54 38.41
N ALA U 429 -46.79 -38.22 38.56
CA ALA U 429 -47.92 -37.39 38.16
C ALA U 429 -47.54 -36.47 37.01
N LEU U 430 -46.36 -35.85 37.13
CA LEU U 430 -45.86 -34.95 36.09
C LEU U 430 -44.75 -35.59 35.24
N GLY U 431 -43.56 -35.76 35.83
CA GLY U 431 -42.49 -36.37 35.07
C GLY U 431 -41.08 -35.81 35.20
N GLU U 432 -40.58 -35.26 34.09
CA GLU U 432 -39.22 -34.72 34.00
C GLU U 432 -39.08 -33.19 33.88
N VAL U 433 -37.87 -32.70 34.17
CA VAL U 433 -37.55 -31.27 34.11
C VAL U 433 -36.12 -31.02 33.60
N VAL U 434 -35.99 -30.68 32.32
CA VAL U 434 -34.69 -30.41 31.70
C VAL U 434 -34.70 -29.06 30.99
N GLU U 435 -33.64 -28.28 31.19
CA GLU U 435 -33.53 -26.96 30.58
C GLU U 435 -33.04 -27.00 29.13
N ASN U 436 -33.16 -25.87 28.45
CA ASN U 436 -32.75 -25.70 27.06
C ASN U 436 -31.41 -26.37 26.74
N GLU U 437 -31.37 -27.14 25.66
CA GLU U 437 -30.13 -27.81 25.24
C GLU U 437 -29.32 -26.76 24.51
N ASP U 438 -28.99 -25.70 25.24
CA ASP U 438 -28.23 -24.57 24.73
C ASP U 438 -27.00 -24.93 23.91
N LEU U 439 -26.09 -25.63 24.57
CA LEU U 439 -24.82 -26.06 23.98
C LEU U 439 -24.94 -26.72 22.61
N SER U 440 -25.61 -27.87 22.58
CA SER U 440 -25.79 -28.60 21.33
C SER U 440 -26.08 -27.67 20.17
N ARG U 441 -26.48 -26.44 20.48
CA ARG U 441 -26.78 -25.48 19.42
C ARG U 441 -25.82 -24.30 19.33
N PHE U 442 -26.32 -23.09 19.60
CA PHE U 442 -25.51 -21.87 19.47
C PHE U 442 -24.23 -21.78 20.29
N ILE U 443 -23.56 -22.90 20.55
CA ILE U 443 -22.33 -22.91 21.32
C ILE U 443 -21.21 -23.64 20.63
N LEU U 444 -20.18 -22.89 20.26
CA LEU U 444 -19.03 -23.48 19.59
C LEU U 444 -18.00 -23.82 20.66
N SER V 2 -59.02 46.89 47.18
CA SER V 2 -59.52 45.62 47.81
C SER V 2 -58.42 44.57 47.90
N GLU V 3 -57.18 44.99 48.14
CA GLU V 3 -56.07 44.04 48.24
C GLU V 3 -54.96 44.51 49.18
N MET V 4 -54.10 43.57 49.57
CA MET V 4 -52.99 43.82 50.49
C MET V 4 -51.82 44.63 49.90
N THR V 5 -50.68 44.56 50.58
CA THR V 5 -49.47 45.27 50.18
C THR V 5 -48.26 44.33 50.17
N PRO V 6 -47.27 44.59 49.30
CA PRO V 6 -46.05 43.76 49.18
C PRO V 6 -45.24 43.63 50.46
N ARG V 7 -44.87 44.78 51.03
CA ARG V 7 -44.09 44.85 52.26
C ARG V 7 -44.59 43.79 53.24
N GLU V 8 -45.87 43.45 53.13
CA GLU V 8 -46.51 42.47 54.00
C GLU V 8 -46.62 41.10 53.35
N ILE V 9 -46.91 41.06 52.04
CA ILE V 9 -47.03 39.78 51.35
C ILE V 9 -45.79 38.94 51.66
N VAL V 10 -44.65 39.63 51.73
CA VAL V 10 -43.37 38.99 52.04
C VAL V 10 -43.54 38.23 53.35
N SER V 11 -43.69 38.98 54.43
CA SER V 11 -43.84 38.44 55.77
C SER V 11 -44.90 37.34 55.90
N GLU V 12 -45.87 37.29 54.99
CA GLU V 12 -46.90 36.26 55.05
C GLU V 12 -46.44 34.99 54.35
N LEU V 13 -45.43 35.14 53.50
CA LEU V 13 -44.89 34.01 52.79
C LEU V 13 -43.76 33.40 53.63
N ASP V 14 -43.19 34.21 54.52
CA ASP V 14 -42.09 33.78 55.39
C ASP V 14 -42.53 32.76 56.45
N GLN V 15 -43.67 32.12 56.23
CA GLN V 15 -44.17 31.13 57.17
C GLN V 15 -44.35 29.77 56.51
N HIS V 16 -44.03 29.70 55.21
CA HIS V 16 -44.14 28.45 54.46
C HIS V 16 -42.98 28.32 53.47
N ILE V 17 -42.22 29.39 53.30
CA ILE V 17 -41.08 29.41 52.39
C ILE V 17 -39.95 30.28 52.94
N ILE V 18 -39.26 29.79 53.97
CA ILE V 18 -38.17 30.55 54.56
C ILE V 18 -36.98 30.51 53.63
N GLY V 19 -36.24 31.62 53.59
CA GLY V 19 -35.07 31.69 52.73
C GLY V 19 -35.36 32.63 51.58
N GLN V 20 -34.79 32.33 50.41
CA GLN V 20 -34.97 33.16 49.22
C GLN V 20 -34.84 34.63 49.60
N ALA V 21 -35.49 35.49 48.83
CA ALA V 21 -35.44 36.93 49.07
C ALA V 21 -35.89 37.65 47.82
N ASP V 22 -34.91 37.96 46.96
CA ASP V 22 -35.18 38.62 45.69
C ASP V 22 -36.33 37.88 45.04
N ALA V 23 -36.50 36.62 45.45
CA ALA V 23 -37.56 35.76 44.95
C ALA V 23 -38.91 36.38 45.28
N LYS V 24 -39.33 36.21 46.53
CA LYS V 24 -40.59 36.74 47.03
C LYS V 24 -40.80 38.19 46.58
N ARG V 25 -39.85 39.05 46.89
CA ARG V 25 -39.93 40.47 46.52
C ARG V 25 -40.54 40.70 45.14
N ALA V 26 -39.93 40.10 44.12
CA ALA V 26 -40.42 40.25 42.76
C ALA V 26 -41.77 39.58 42.58
N VAL V 27 -42.02 38.54 43.36
CA VAL V 27 -43.29 37.82 43.30
C VAL V 27 -44.37 38.77 43.80
N ALA V 28 -43.99 39.56 44.78
CA ALA V 28 -44.89 40.52 45.40
C ALA V 28 -45.22 41.68 44.46
N ILE V 29 -44.21 42.45 44.09
CA ILE V 29 -44.40 43.59 43.19
C ILE V 29 -45.22 43.21 41.97
N ALA V 30 -45.44 41.90 41.78
CA ALA V 30 -46.21 41.38 40.66
C ALA V 30 -47.71 41.45 40.96
N LEU V 31 -48.08 41.14 42.20
CA LEU V 31 -49.46 41.16 42.65
C LEU V 31 -49.93 42.59 42.89
N ARG V 32 -49.00 43.42 43.33
CA ARG V 32 -49.27 44.82 43.61
C ARG V 32 -49.56 45.59 42.33
N ASN V 33 -48.83 45.28 41.27
CA ASN V 33 -49.02 45.97 40.00
C ASN V 33 -50.25 45.53 39.22
N ARG V 34 -50.98 44.53 39.72
CA ARG V 34 -52.18 44.09 39.04
C ARG V 34 -53.37 44.70 39.78
N TRP V 35 -53.05 45.46 40.82
CA TRP V 35 -54.04 46.15 41.62
C TRP V 35 -53.95 47.65 41.31
N ARG V 36 -52.74 48.21 41.37
CA ARG V 36 -52.50 49.62 41.06
C ARG V 36 -53.01 49.88 39.65
N ARG V 37 -53.23 48.79 38.93
CA ARG V 37 -53.71 48.80 37.56
C ARG V 37 -55.23 48.95 37.50
N MET V 38 -55.90 48.53 38.57
CA MET V 38 -57.35 48.59 38.65
C MET V 38 -57.87 50.03 38.79
N GLN V 39 -57.26 50.81 39.70
CA GLN V 39 -57.67 52.20 39.91
C GLN V 39 -57.26 53.12 38.78
N LEU V 40 -57.75 52.84 37.58
CA LEU V 40 -57.45 53.65 36.41
C LEU V 40 -58.65 53.60 35.47
N GLN V 41 -58.86 54.67 34.72
CA GLN V 41 -59.98 54.76 33.80
C GLN V 41 -59.95 53.68 32.71
N GLU V 42 -60.66 53.91 31.61
CA GLU V 42 -60.72 52.94 30.51
C GLU V 42 -59.42 52.86 29.71
N PRO V 43 -58.92 54.00 29.18
CA PRO V 43 -57.68 53.98 28.40
C PRO V 43 -56.51 53.28 29.09
N LEU V 44 -55.88 53.98 30.03
CA LEU V 44 -54.74 53.45 30.76
C LEU V 44 -55.07 52.26 31.66
N ARG V 45 -55.86 51.31 31.16
CA ARG V 45 -56.20 50.14 31.95
C ARG V 45 -56.14 48.85 31.12
N HIS V 46 -56.92 48.79 30.05
CA HIS V 46 -56.92 47.59 29.21
C HIS V 46 -55.61 47.47 28.45
N GLU V 47 -54.80 48.52 28.50
CA GLU V 47 -53.50 48.52 27.83
C GLU V 47 -52.36 48.88 28.78
N VAL V 48 -52.04 47.92 29.65
CA VAL V 48 -50.97 48.04 30.63
C VAL V 48 -50.67 46.62 31.13
N THR V 49 -50.48 45.73 30.16
CA THR V 49 -50.19 44.32 30.41
C THR V 49 -49.22 44.08 31.56
N PRO V 50 -49.56 43.14 32.46
CA PRO V 50 -48.72 42.80 33.62
C PRO V 50 -47.27 42.49 33.26
N LYS V 51 -46.43 42.37 34.26
CA LYS V 51 -45.02 42.08 34.08
C LYS V 51 -44.77 40.64 34.52
N ASN V 52 -44.78 39.71 33.56
CA ASN V 52 -44.56 38.31 33.86
C ASN V 52 -43.20 38.00 34.49
N ILE V 53 -43.11 36.87 35.19
CA ILE V 53 -41.88 36.51 35.88
C ILE V 53 -41.28 35.15 35.52
N LEU V 54 -39.96 35.07 35.61
CA LEU V 54 -39.19 33.86 35.31
C LEU V 54 -38.26 33.52 36.48
N MET V 55 -38.54 32.40 37.14
CA MET V 55 -37.74 31.98 38.29
C MET V 55 -36.57 31.09 37.93
N ILE V 56 -35.37 31.61 38.17
CA ILE V 56 -34.14 30.88 37.92
C ILE V 56 -33.65 30.27 39.24
N GLY V 57 -33.76 28.95 39.36
CA GLY V 57 -33.30 28.31 40.58
C GLY V 57 -33.37 26.79 40.53
N PRO V 58 -32.60 26.10 41.38
CA PRO V 58 -32.53 24.65 41.49
C PRO V 58 -33.87 23.91 41.53
N THR V 59 -33.81 22.64 41.93
CA THR V 59 -35.00 21.81 42.03
C THR V 59 -35.20 21.38 43.48
N GLY V 60 -35.97 22.19 44.22
CA GLY V 60 -36.25 21.92 45.62
C GLY V 60 -36.28 23.16 46.49
N VAL V 61 -35.67 24.24 46.00
CA VAL V 61 -35.61 25.51 46.75
C VAL V 61 -36.98 26.19 46.77
N GLY V 62 -37.93 25.62 46.06
CA GLY V 62 -39.26 26.20 46.04
C GLY V 62 -39.48 27.34 45.07
N LYS V 63 -40.02 27.01 43.91
CA LYS V 63 -40.34 27.99 42.89
C LYS V 63 -41.83 27.84 42.67
N THR V 64 -42.35 26.67 43.04
CA THR V 64 -43.78 26.40 42.91
C THR V 64 -44.49 26.81 44.19
N GLU V 65 -43.82 26.67 45.32
CA GLU V 65 -44.43 27.06 46.59
C GLU V 65 -44.72 28.56 46.60
N ILE V 66 -43.74 29.36 46.16
CA ILE V 66 -43.91 30.80 46.13
C ILE V 66 -44.95 31.24 45.10
N ALA V 67 -45.35 30.34 44.21
CA ALA V 67 -46.34 30.68 43.20
C ALA V 67 -47.70 30.14 43.62
N ARG V 68 -47.68 29.13 44.50
CA ARG V 68 -48.90 28.51 45.00
C ARG V 68 -49.42 29.33 46.17
N ARG V 69 -48.49 29.82 46.98
CA ARG V 69 -48.84 30.66 48.13
C ARG V 69 -48.99 32.08 47.62
N LEU V 70 -49.58 32.20 46.43
CA LEU V 70 -49.81 33.49 45.80
C LEU V 70 -51.16 33.37 45.12
N ALA V 71 -51.86 32.26 45.41
CA ALA V 71 -53.18 32.00 44.85
C ALA V 71 -54.18 31.89 46.00
N LYS V 72 -53.74 31.24 47.08
CA LYS V 72 -54.58 31.08 48.26
C LYS V 72 -54.45 32.33 49.12
N LEU V 73 -53.31 33.01 48.99
CA LEU V 73 -53.07 34.23 49.75
C LEU V 73 -53.11 35.44 48.82
N ALA V 74 -54.19 35.53 48.05
CA ALA V 74 -54.43 36.62 47.09
C ALA V 74 -55.68 36.27 46.29
N ASN V 75 -56.22 35.08 46.55
CA ASN V 75 -57.42 34.56 45.89
C ASN V 75 -57.46 34.83 44.39
N ALA V 76 -57.09 33.80 43.62
CA ALA V 76 -57.07 33.89 42.17
C ALA V 76 -56.85 32.50 41.57
N PRO V 77 -57.49 32.22 40.43
CA PRO V 77 -57.35 30.92 39.76
C PRO V 77 -55.86 30.58 39.49
N PHE V 78 -55.44 29.42 39.99
CA PHE V 78 -54.06 28.97 39.84
C PHE V 78 -54.00 27.72 38.97
N ILE V 79 -52.84 27.45 38.39
CA ILE V 79 -52.65 26.27 37.55
C ILE V 79 -51.19 26.08 37.17
N LYS V 80 -50.64 24.90 37.48
CA LYS V 80 -49.25 24.59 37.16
C LYS V 80 -49.20 23.62 35.99
N VAL V 81 -48.30 23.88 35.05
CA VAL V 81 -48.15 23.03 33.88
C VAL V 81 -46.69 22.63 33.62
N GLU V 82 -46.51 21.42 33.10
CA GLU V 82 -45.20 20.87 32.81
C GLU V 82 -44.96 20.71 31.30
N ALA V 83 -44.19 21.63 30.72
CA ALA V 83 -43.91 21.60 29.28
C ALA V 83 -43.36 20.24 28.84
N GLU V 95 -52.39 19.62 23.94
CA GLU V 95 -53.04 20.90 23.65
C GLU V 95 -52.34 22.07 24.37
N VAL V 96 -52.49 23.28 23.83
CA VAL V 96 -51.88 24.48 24.41
C VAL V 96 -52.86 25.35 25.19
N ASP V 97 -54.06 25.52 24.65
CA ASP V 97 -55.08 26.35 25.28
C ASP V 97 -55.64 25.70 26.55
N SER V 98 -55.45 24.39 26.69
CA SER V 98 -55.96 23.67 27.86
C SER V 98 -55.41 24.27 29.16
N ILE V 99 -54.38 25.10 29.04
CA ILE V 99 -53.78 25.73 30.20
C ILE V 99 -54.75 26.80 30.69
N ILE V 100 -55.57 27.30 29.78
CA ILE V 100 -56.57 28.31 30.10
C ILE V 100 -57.88 27.64 30.46
N ARG V 101 -58.32 26.71 29.62
CA ARG V 101 -59.57 25.99 29.84
C ARG V 101 -59.59 25.38 31.24
N ASP V 102 -58.41 25.09 31.78
CA ASP V 102 -58.31 24.50 33.12
C ASP V 102 -58.14 25.57 34.20
N LEU V 103 -57.70 26.76 33.81
CA LEU V 103 -57.52 27.86 34.75
C LEU V 103 -58.91 28.35 35.15
N THR V 104 -59.86 28.12 34.26
CA THR V 104 -61.24 28.51 34.47
C THR V 104 -61.97 27.46 35.33
N ASP V 105 -61.63 26.19 35.13
CA ASP V 105 -62.25 25.09 35.88
C ASP V 105 -61.80 25.09 37.34
N SER V 106 -60.87 25.96 37.68
CA SER V 106 -60.37 26.08 39.05
C SER V 106 -60.69 27.48 39.55
N ALA V 107 -61.65 28.12 38.89
CA ALA V 107 -62.09 29.47 39.23
C ALA V 107 -63.54 29.48 39.73
N MET V 108 -64.40 28.68 39.09
CA MET V 108 -65.80 28.61 39.47
C MET V 108 -65.96 28.14 40.91
N LYS V 109 -65.16 27.15 41.30
CA LYS V 109 -65.24 26.63 42.65
C LYS V 109 -65.16 27.68 43.74
N LEU V 110 -64.06 28.43 43.80
CA LEU V 110 -63.89 29.47 44.82
C LEU V 110 -64.99 30.54 44.78
N VAL V 111 -65.65 30.65 43.63
CA VAL V 111 -66.73 31.63 43.47
C VAL V 111 -68.05 31.00 43.92
N ARG V 112 -68.22 29.70 43.65
CA ARG V 112 -69.44 28.99 44.03
C ARG V 112 -69.35 28.47 45.47
N GLN V 113 -68.28 28.83 46.17
CA GLN V 113 -68.12 28.42 47.58
C GLN V 113 -68.05 29.62 48.51
N GLN V 114 -67.89 30.80 47.93
CA GLN V 114 -67.86 32.05 48.69
C GLN V 114 -69.28 32.60 48.51
N GLU V 115 -69.92 32.10 47.45
CA GLU V 115 -71.29 32.47 47.12
C GLU V 115 -72.21 31.38 47.65
N ILE V 116 -71.75 30.69 48.69
CA ILE V 116 -72.52 29.62 49.34
C ILE V 116 -72.97 30.16 50.70
N ALA V 117 -72.70 31.44 50.91
CA ALA V 117 -73.05 32.14 52.13
C ALA V 117 -73.82 33.41 51.77
N LYS V 118 -73.89 33.69 50.48
CA LYS V 118 -74.57 34.87 49.94
C LYS V 118 -75.73 34.55 48.99
N ASN V 119 -75.94 33.26 48.70
CA ASN V 119 -77.03 32.85 47.80
C ASN V 119 -77.06 31.34 47.61
N ASN V 236 -77.79 30.82 40.60
CA ASN V 236 -77.64 31.92 39.65
C ASN V 236 -76.54 31.63 38.63
N PRO V 237 -76.91 30.97 37.51
CA PRO V 237 -76.04 30.57 36.38
C PRO V 237 -75.65 31.61 35.30
N GLU V 238 -76.63 32.30 34.72
CA GLU V 238 -76.40 33.29 33.66
C GLU V 238 -75.59 34.53 34.09
N GLU V 239 -75.31 34.61 35.40
CA GLU V 239 -74.57 35.73 35.97
C GLU V 239 -73.18 35.24 36.44
N LEU V 240 -73.15 34.08 37.07
CA LEU V 240 -71.92 33.46 37.57
C LEU V 240 -71.05 33.05 36.39
N LYS V 241 -71.66 33.09 35.21
CA LYS V 241 -70.98 32.75 33.96
C LYS V 241 -70.08 33.91 33.55
N GLN V 242 -70.61 35.14 33.66
CA GLN V 242 -69.84 36.33 33.29
C GLN V 242 -69.44 37.14 34.52
N LYS V 243 -69.19 36.43 35.62
CA LYS V 243 -68.78 37.02 36.88
C LYS V 243 -67.51 36.27 37.28
N ALA V 244 -67.52 34.96 37.03
CA ALA V 244 -66.38 34.09 37.33
C ALA V 244 -65.37 34.18 36.21
N ILE V 245 -65.81 34.68 35.06
CA ILE V 245 -64.93 34.87 33.91
C ILE V 245 -64.25 36.21 34.12
N ASP V 246 -64.75 36.97 35.09
CA ASP V 246 -64.19 38.26 35.44
C ASP V 246 -63.26 38.05 36.63
N ALA V 247 -63.18 36.81 37.08
CA ALA V 247 -62.32 36.41 38.19
C ALA V 247 -61.07 35.73 37.62
N VAL V 248 -61.10 35.53 36.30
CA VAL V 248 -60.00 34.92 35.55
C VAL V 248 -59.37 35.97 34.64
N GLU V 249 -60.18 36.60 33.79
CA GLU V 249 -59.69 37.62 32.87
C GLU V 249 -58.69 38.55 33.54
N GLN V 250 -58.92 38.83 34.82
CA GLN V 250 -58.05 39.73 35.59
C GLN V 250 -57.20 38.97 36.60
N ASN V 251 -57.86 38.24 37.50
CA ASN V 251 -57.15 37.47 38.52
C ASN V 251 -56.83 36.07 38.00
N GLY V 252 -55.68 35.93 37.37
CA GLY V 252 -55.26 34.65 36.84
C GLY V 252 -53.76 34.44 36.93
N ILE V 253 -53.36 33.31 37.49
CA ILE V 253 -51.95 33.01 37.65
C ILE V 253 -51.58 31.68 37.01
N VAL V 254 -50.72 31.75 35.98
CA VAL V 254 -50.26 30.54 35.27
C VAL V 254 -48.82 30.23 35.65
N PHE V 255 -48.57 28.98 36.00
CA PHE V 255 -47.23 28.57 36.38
C PHE V 255 -46.69 27.49 35.44
N ILE V 256 -45.56 27.78 34.81
CA ILE V 256 -44.93 26.85 33.88
C ILE V 256 -43.65 26.30 34.49
N ASP V 257 -43.76 25.15 35.16
CA ASP V 257 -42.60 24.52 35.80
C ASP V 257 -41.66 23.93 34.74
N GLU V 258 -40.37 23.90 35.06
CA GLU V 258 -39.35 23.36 34.16
C GLU V 258 -39.62 23.79 32.71
N ILE V 259 -39.21 25.01 32.36
CA ILE V 259 -39.42 25.53 31.02
C ILE V 259 -38.18 25.28 30.18
N ASP V 260 -37.02 25.39 30.80
CA ASP V 260 -35.75 25.16 30.10
C ASP V 260 -35.86 23.98 29.16
N LYS V 261 -36.60 22.96 29.60
CA LYS V 261 -36.80 21.75 28.83
C LYS V 261 -37.34 21.98 27.42
N ILE V 262 -37.64 23.23 27.08
CA ILE V 262 -38.16 23.54 25.75
C ILE V 262 -37.32 24.57 25.01
N CYS V 263 -36.04 24.66 25.37
CA CYS V 263 -35.15 25.61 24.73
C CYS V 263 -34.28 24.91 23.71
N LYS V 264 -33.85 25.66 22.69
CA LYS V 264 -33.01 25.12 21.64
C LYS V 264 -31.71 24.59 22.25
N LYS V 265 -31.34 23.35 21.88
CA LYS V 265 -30.14 22.73 22.40
C LYS V 265 -30.19 22.62 23.92
N SER V 269 -30.58 19.98 19.48
CA SER V 269 -32.02 19.96 19.28
C SER V 269 -32.37 20.19 17.81
N GLY V 270 -31.88 19.31 16.94
CA GLY V 270 -32.15 19.42 15.52
C GLY V 270 -33.10 18.35 15.00
N ALA V 271 -33.22 17.26 15.75
CA ALA V 271 -34.11 16.16 15.40
C ALA V 271 -35.49 16.36 16.03
N ASP V 272 -35.62 17.44 16.79
CA ASP V 272 -36.87 17.78 17.47
C ASP V 272 -37.00 19.28 17.70
N VAL V 273 -37.24 20.03 16.62
CA VAL V 273 -37.39 21.47 16.70
C VAL V 273 -38.75 21.78 17.32
N SER V 274 -39.47 20.73 17.70
CA SER V 274 -40.78 20.86 18.31
C SER V 274 -40.70 21.46 19.72
N ARG V 275 -39.50 21.52 20.28
CA ARG V 275 -39.30 22.09 21.61
C ARG V 275 -39.43 23.61 21.51
N GLU V 276 -39.23 24.13 20.30
CA GLU V 276 -39.32 25.55 20.03
C GLU V 276 -40.73 25.82 19.51
N GLY V 277 -41.44 24.73 19.22
CA GLY V 277 -42.80 24.85 18.74
C GLY V 277 -43.73 25.13 19.90
N VAL V 278 -43.57 24.38 20.99
CA VAL V 278 -44.39 24.55 22.18
C VAL V 278 -44.16 25.97 22.68
N GLN V 279 -42.88 26.34 22.81
CA GLN V 279 -42.51 27.67 23.26
C GLN V 279 -43.13 28.71 22.32
N ARG V 280 -43.60 28.25 21.17
CA ARG V 280 -44.20 29.13 20.18
C ARG V 280 -45.73 29.17 20.28
N ASP V 281 -46.35 28.00 20.41
CA ASP V 281 -47.80 27.92 20.53
C ASP V 281 -48.24 28.47 21.88
N LEU V 282 -47.26 28.70 22.76
CA LEU V 282 -47.51 29.23 24.10
C LEU V 282 -47.30 30.73 24.12
N LEU V 283 -47.04 31.30 22.95
CA LEU V 283 -46.82 32.73 22.83
C LEU V 283 -48.13 33.49 22.85
N PRO V 284 -49.13 33.04 22.07
CA PRO V 284 -50.43 33.73 22.04
C PRO V 284 -51.02 33.94 23.43
N LEU V 285 -50.71 33.03 24.35
CA LEU V 285 -51.22 33.14 25.71
C LEU V 285 -50.53 34.23 26.53
N VAL V 286 -49.21 34.32 26.43
CA VAL V 286 -48.49 35.34 27.17
C VAL V 286 -48.60 36.68 26.47
N GLU V 287 -49.00 36.64 25.20
CA GLU V 287 -49.16 37.86 24.40
C GLU V 287 -50.54 38.46 24.64
N GLY V 288 -51.57 37.72 24.26
CA GLY V 288 -52.93 38.18 24.45
C GLY V 288 -53.88 37.67 23.39
N SER V 289 -54.73 36.73 23.77
CA SER V 289 -55.69 36.15 22.84
C SER V 289 -57.04 35.89 23.52
N THR V 290 -57.92 35.18 22.81
CA THR V 290 -59.25 34.87 23.32
C THR V 290 -59.52 33.36 23.26
N VAL V 291 -59.41 32.70 24.42
CA VAL V 291 -59.64 31.26 24.50
C VAL V 291 -61.14 30.99 24.66
N SER V 292 -61.66 29.97 23.97
CA SER V 292 -63.07 29.64 24.07
C SER V 292 -63.31 28.50 25.05
N THR V 293 -63.65 28.85 26.28
CA THR V 293 -63.92 27.86 27.33
C THR V 293 -65.39 27.47 27.34
N LYS V 294 -65.75 26.48 28.16
CA LYS V 294 -67.13 26.03 28.24
C LYS V 294 -67.95 26.93 29.18
N HIS V 295 -67.56 28.20 29.24
CA HIS V 295 -68.24 29.18 30.08
C HIS V 295 -68.37 30.47 29.28
N GLY V 296 -67.60 30.55 28.20
CA GLY V 296 -67.62 31.73 27.35
C GLY V 296 -66.22 32.10 26.93
N MET V 297 -66.08 33.25 26.28
CA MET V 297 -64.79 33.72 25.82
C MET V 297 -64.04 34.45 26.93
N VAL V 298 -62.85 33.94 27.24
CA VAL V 298 -62.00 34.53 28.29
C VAL V 298 -60.72 35.13 27.72
N LYS V 299 -60.52 36.42 27.96
CA LYS V 299 -59.34 37.13 27.48
C LYS V 299 -58.14 36.72 28.33
N THR V 300 -56.94 37.03 27.87
CA THR V 300 -55.73 36.64 28.59
C THR V 300 -54.78 37.80 28.87
N ASP V 301 -54.75 38.77 27.96
CA ASP V 301 -53.87 39.94 28.08
C ASP V 301 -53.45 40.31 29.49
N HIS V 302 -54.39 40.25 30.42
CA HIS V 302 -54.11 40.65 31.79
C HIS V 302 -53.76 39.54 32.78
N ILE V 303 -53.65 38.30 32.31
CA ILE V 303 -53.30 37.22 33.22
C ILE V 303 -51.88 37.42 33.73
N LEU V 304 -51.42 36.50 34.58
CA LEU V 304 -50.08 36.59 35.15
C LEU V 304 -49.35 35.26 35.03
N PHE V 305 -48.22 35.26 34.32
CA PHE V 305 -47.45 34.04 34.13
C PHE V 305 -46.15 34.00 34.94
N ILE V 306 -45.86 32.82 35.48
CA ILE V 306 -44.64 32.61 36.24
C ILE V 306 -44.03 31.31 35.76
N ALA V 307 -42.87 31.41 35.12
CA ALA V 307 -42.17 30.24 34.61
C ALA V 307 -40.93 29.91 35.44
N SER V 308 -40.84 28.66 35.88
CA SER V 308 -39.72 28.22 36.67
C SER V 308 -38.76 27.44 35.79
N GLY V 309 -37.48 27.48 36.15
CA GLY V 309 -36.48 26.78 35.37
C GLY V 309 -35.14 26.69 36.08
N ALA V 310 -34.49 25.54 35.95
CA ALA V 310 -33.19 25.32 36.57
C ALA V 310 -32.13 26.00 35.71
N PHE V 311 -32.38 26.04 34.40
CA PHE V 311 -31.46 26.65 33.45
C PHE V 311 -30.00 26.34 33.72
N GLN V 312 -29.71 25.06 33.90
CA GLN V 312 -28.36 24.58 34.14
C GLN V 312 -27.75 24.31 32.77
N VAL V 313 -28.58 23.75 31.89
CA VAL V 313 -28.19 23.43 30.52
C VAL V 313 -28.21 24.73 29.72
N ALA V 314 -29.37 25.09 29.18
CA ALA V 314 -29.52 26.30 28.39
C ALA V 314 -29.49 27.53 29.30
N ARG V 315 -29.95 28.66 28.76
CA ARG V 315 -29.97 29.90 29.53
C ARG V 315 -31.15 30.76 29.08
N PRO V 316 -31.39 31.90 29.78
CA PRO V 316 -32.49 32.77 29.41
C PRO V 316 -32.53 33.06 27.91
N SER V 317 -31.48 33.69 27.42
CA SER V 317 -31.35 34.05 26.01
C SER V 317 -31.60 32.91 25.01
N ASP V 318 -31.67 31.68 25.51
CA ASP V 318 -31.91 30.54 24.63
C ASP V 318 -33.39 30.33 24.36
N LEU V 319 -34.18 31.38 24.58
CA LEU V 319 -35.62 31.33 24.35
C LEU V 319 -35.96 32.23 23.18
N ILE V 320 -37.06 31.95 22.50
CA ILE V 320 -37.46 32.77 21.35
C ILE V 320 -37.53 34.21 21.80
N PRO V 321 -37.06 35.14 20.96
CA PRO V 321 -37.07 36.57 21.27
C PRO V 321 -38.41 37.07 21.82
N GLU V 322 -39.49 36.58 21.24
CA GLU V 322 -40.82 36.96 21.67
C GLU V 322 -40.98 36.83 23.18
N LEU V 323 -40.80 35.61 23.71
CA LEU V 323 -40.92 35.39 25.15
C LEU V 323 -39.92 36.17 26.00
N GLN V 324 -38.71 36.37 25.49
CA GLN V 324 -37.70 37.10 26.23
C GLN V 324 -38.18 38.51 26.57
N GLY V 325 -39.03 39.06 25.71
CA GLY V 325 -39.56 40.40 25.93
C GLY V 325 -40.92 40.43 26.61
N ARG V 326 -41.54 39.26 26.76
CA ARG V 326 -42.84 39.15 27.41
C ARG V 326 -42.68 38.39 28.72
N LEU V 327 -41.49 38.48 29.29
CA LEU V 327 -41.11 37.86 30.55
C LEU V 327 -39.99 38.71 31.12
N PRO V 328 -40.17 40.05 31.15
CA PRO V 328 -39.21 41.05 31.63
C PRO V 328 -38.64 40.89 33.03
N ILE V 329 -39.34 40.16 33.89
CA ILE V 329 -38.87 39.97 35.25
C ILE V 329 -38.03 38.70 35.39
N ARG V 330 -36.78 38.89 35.78
CA ARG V 330 -35.86 37.77 35.97
C ARG V 330 -35.53 37.69 37.46
N VAL V 331 -36.04 36.66 38.13
CA VAL V 331 -35.79 36.49 39.55
C VAL V 331 -34.87 35.31 39.81
N GLU V 332 -33.78 35.58 40.52
CA GLU V 332 -32.80 34.54 40.82
C GLU V 332 -32.92 33.94 42.22
N LEU V 333 -33.38 32.70 42.32
CA LEU V 333 -33.50 32.04 43.62
C LEU V 333 -32.13 31.48 44.01
N THR V 334 -32.00 30.98 45.23
CA THR V 334 -30.73 30.40 45.68
C THR V 334 -30.97 28.98 46.17
N ALA V 335 -29.89 28.23 46.35
CA ALA V 335 -30.01 26.86 46.83
C ALA V 335 -30.23 26.83 48.34
N LEU V 336 -30.75 25.71 48.86
CA LEU V 336 -30.99 25.57 50.30
C LEU V 336 -29.72 25.03 50.98
N SER V 337 -29.21 25.77 51.95
CA SER V 337 -28.01 25.36 52.67
C SER V 337 -28.28 24.47 53.88
N ALA V 338 -27.23 24.13 54.61
CA ALA V 338 -27.35 23.27 55.80
C ALA V 338 -28.23 23.92 56.85
N ALA V 339 -27.94 25.19 57.14
CA ALA V 339 -28.70 25.95 58.13
C ALA V 339 -30.10 26.27 57.64
N ASP V 340 -30.31 26.15 56.33
CA ASP V 340 -31.61 26.43 55.74
C ASP V 340 -32.60 25.29 55.96
N PHE V 341 -32.08 24.09 56.24
CA PHE V 341 -32.95 22.93 56.49
C PHE V 341 -33.28 22.89 57.97
N GLU V 342 -32.41 23.51 58.76
CA GLU V 342 -32.57 23.59 60.20
C GLU V 342 -33.73 24.51 60.51
N ARG V 343 -34.00 25.44 59.59
CA ARG V 343 -35.08 26.39 59.74
C ARG V 343 -36.37 25.87 59.11
N ILE V 344 -36.31 25.51 57.84
CA ILE V 344 -37.47 24.97 57.12
C ILE V 344 -38.08 23.78 57.85
N LEU V 345 -37.35 23.29 58.85
CA LEU V 345 -37.81 22.14 59.61
C LEU V 345 -38.74 22.50 60.76
N THR V 346 -38.81 23.79 61.13
CA THR V 346 -39.67 24.23 62.23
C THR V 346 -40.45 25.53 61.98
N GLU V 347 -39.74 26.66 61.95
CA GLU V 347 -40.33 27.98 61.76
C GLU V 347 -41.61 28.09 60.93
N PRO V 348 -41.62 27.47 59.73
CA PRO V 348 -42.80 27.52 58.86
C PRO V 348 -44.04 26.78 59.39
N HIS V 349 -45.20 27.34 59.11
CA HIS V 349 -46.46 26.73 59.52
C HIS V 349 -46.62 25.42 58.78
N ALA V 350 -46.96 24.38 59.51
CA ALA V 350 -47.15 23.04 58.97
C ALA V 350 -45.81 22.37 58.76
N SER V 351 -44.79 22.88 59.44
CA SER V 351 -43.45 22.31 59.33
C SER V 351 -43.45 20.82 59.70
N LEU V 352 -42.44 20.09 59.20
CA LEU V 352 -42.33 18.65 59.44
C LEU V 352 -42.35 18.29 60.92
N THR V 353 -41.57 18.99 61.71
CA THR V 353 -41.53 18.74 63.15
C THR V 353 -42.95 18.76 63.67
N GLU V 354 -43.67 19.84 63.34
CA GLU V 354 -45.06 20.04 63.74
C GLU V 354 -45.97 18.93 63.22
N GLN V 355 -45.87 18.66 61.92
CA GLN V 355 -46.70 17.64 61.29
C GLN V 355 -46.59 16.28 61.95
N TYR V 356 -45.37 15.83 62.24
CA TYR V 356 -45.20 14.54 62.87
C TYR V 356 -45.49 14.60 64.36
N LYS V 357 -45.47 15.80 64.91
CA LYS V 357 -45.74 16.01 66.33
C LYS V 357 -47.23 15.76 66.56
N ALA V 358 -48.07 16.38 65.73
CA ALA V 358 -49.52 16.27 65.84
C ALA V 358 -50.05 14.92 65.33
N LEU V 359 -49.39 14.33 64.34
CA LEU V 359 -49.83 13.04 63.80
C LEU V 359 -49.48 11.92 64.76
N MET V 360 -48.63 12.24 65.74
CA MET V 360 -48.22 11.27 66.75
C MET V 360 -48.82 11.57 68.12
N ALA V 361 -49.57 12.67 68.21
CA ALA V 361 -50.24 13.03 69.45
C ALA V 361 -51.63 12.40 69.42
N THR V 362 -52.18 12.26 68.21
CA THR V 362 -53.48 11.66 68.01
C THR V 362 -53.41 10.16 68.29
N GLU V 363 -52.25 9.72 68.78
CA GLU V 363 -52.01 8.32 69.13
C GLU V 363 -51.87 8.23 70.64
N GLY V 364 -51.75 9.39 71.29
CA GLY V 364 -51.62 9.43 72.73
C GLY V 364 -50.17 9.53 73.16
N VAL V 365 -49.30 9.81 72.20
CA VAL V 365 -47.88 9.92 72.48
C VAL V 365 -47.33 11.32 72.25
N ASN V 366 -46.29 11.67 73.00
CA ASN V 366 -45.66 12.97 72.88
C ASN V 366 -44.24 12.77 72.34
N ILE V 367 -43.78 13.71 71.52
CA ILE V 367 -42.44 13.62 70.93
C ILE V 367 -41.65 14.92 71.02
N ALA V 368 -40.44 14.84 71.55
CA ALA V 368 -39.58 16.00 71.72
C ALA V 368 -38.48 16.11 70.66
N PHE V 369 -38.47 17.22 69.95
CA PHE V 369 -37.46 17.46 68.92
C PHE V 369 -36.49 18.54 69.40
N THR V 370 -35.47 18.10 70.14
CA THR V 370 -34.46 19.02 70.67
C THR V 370 -33.75 19.79 69.57
N THR V 371 -33.22 20.96 69.89
CA THR V 371 -32.52 21.81 68.92
C THR V 371 -31.19 21.22 68.48
N ASP V 372 -30.45 20.62 69.41
CA ASP V 372 -29.16 20.03 69.07
C ASP V 372 -29.37 18.79 68.20
N ALA V 373 -30.63 18.46 67.92
CA ALA V 373 -30.97 17.30 67.09
C ALA V 373 -31.67 17.68 65.79
N VAL V 374 -31.92 18.97 65.60
CA VAL V 374 -32.54 19.45 64.37
C VAL V 374 -31.42 19.70 63.39
N LYS V 375 -30.23 19.94 63.92
CA LYS V 375 -29.04 20.16 63.10
C LYS V 375 -28.70 18.81 62.45
N LYS V 376 -28.62 17.77 63.28
CA LYS V 376 -28.31 16.44 62.81
C LYS V 376 -29.51 15.76 62.11
N ILE V 377 -30.36 16.58 61.53
CA ILE V 377 -31.54 16.12 60.79
C ILE V 377 -31.66 17.00 59.56
N ALA V 378 -31.07 18.19 59.63
CA ALA V 378 -31.08 19.14 58.53
C ALA V 378 -29.72 19.09 57.84
N GLU V 379 -28.70 18.69 58.60
CA GLU V 379 -27.34 18.55 58.09
C GLU V 379 -27.19 17.13 57.56
N ALA V 380 -28.12 16.27 57.94
CA ALA V 380 -28.12 14.88 57.50
C ALA V 380 -29.05 14.73 56.29
N ALA V 381 -29.63 15.85 55.85
CA ALA V 381 -30.52 15.86 54.70
C ALA V 381 -29.76 16.59 53.60
N PHE V 382 -28.77 17.36 54.01
CA PHE V 382 -27.91 18.11 53.09
C PHE V 382 -26.80 17.16 52.71
N ARG V 383 -26.28 16.47 53.71
CA ARG V 383 -25.20 15.49 53.55
C ARG V 383 -25.63 14.41 52.56
N VAL V 384 -26.92 14.38 52.22
CA VAL V 384 -27.46 13.40 51.28
C VAL V 384 -27.61 13.99 49.89
N ASN V 385 -27.86 15.29 49.81
CA ASN V 385 -28.02 15.94 48.51
C ASN V 385 -26.69 16.21 47.83
N GLU V 386 -25.62 16.21 48.60
CA GLU V 386 -24.29 16.44 48.04
C GLU V 386 -23.65 15.12 47.63
N LYS V 387 -24.39 14.03 47.77
CA LYS V 387 -23.87 12.72 47.42
C LYS V 387 -24.86 11.89 46.60
N THR V 388 -25.80 12.60 45.95
CA THR V 388 -26.83 12.01 45.10
C THR V 388 -27.67 13.17 44.58
N GLU V 389 -28.85 12.87 44.03
CA GLU V 389 -29.72 13.92 43.51
C GLU V 389 -30.05 14.92 44.62
N ASN V 390 -29.97 16.20 44.29
CA ASN V 390 -30.28 17.25 45.25
C ASN V 390 -31.73 17.68 45.00
N ILE V 391 -32.66 16.87 45.49
CA ILE V 391 -34.08 17.13 45.33
C ILE V 391 -34.56 18.31 46.18
N GLY V 392 -33.67 18.86 46.98
CA GLY V 392 -34.02 19.99 47.81
C GLY V 392 -34.80 19.61 49.06
N ALA V 393 -35.72 20.49 49.46
CA ALA V 393 -36.54 20.27 50.64
C ALA V 393 -37.13 18.86 50.71
N ARG V 394 -37.73 18.43 49.61
CA ARG V 394 -38.34 17.10 49.52
C ARG V 394 -37.44 16.01 50.11
N ARG V 395 -36.15 16.29 50.22
CA ARG V 395 -35.20 15.33 50.78
C ARG V 395 -35.58 15.12 52.24
N LEU V 396 -35.92 16.21 52.91
CA LEU V 396 -36.32 16.17 54.30
C LEU V 396 -37.41 15.15 54.53
N HIS V 397 -38.49 15.22 53.73
CA HIS V 397 -39.59 14.29 53.87
C HIS V 397 -39.08 12.85 53.95
N THR V 398 -38.26 12.47 52.97
CA THR V 398 -37.70 11.13 52.88
C THR V 398 -36.82 10.82 54.09
N VAL V 399 -36.24 11.87 54.67
CA VAL V 399 -35.38 11.73 55.83
C VAL V 399 -36.22 11.40 57.07
N MET V 400 -37.24 12.21 57.34
CA MET V 400 -38.10 12.01 58.49
C MET V 400 -38.74 10.64 58.44
N GLU V 401 -39.30 10.28 57.29
CA GLU V 401 -39.94 8.99 57.12
C GLU V 401 -39.07 7.83 57.60
N ARG V 402 -37.76 7.97 57.47
CA ARG V 402 -36.85 6.94 57.91
C ARG V 402 -36.69 7.05 59.43
N LEU V 403 -36.76 8.28 59.91
CA LEU V 403 -36.63 8.57 61.34
C LEU V 403 -37.83 8.07 62.14
N MET V 404 -39.03 8.45 61.69
CA MET V 404 -40.27 8.06 62.35
C MET V 404 -40.70 6.67 61.91
N ASP V 405 -39.74 5.88 61.41
CA ASP V 405 -40.01 4.52 60.94
C ASP V 405 -40.06 3.55 62.11
N LYS V 406 -39.43 3.95 63.22
CA LYS V 406 -39.39 3.11 64.42
C LYS V 406 -40.56 3.45 65.34
N ILE V 407 -40.93 4.73 65.38
CA ILE V 407 -42.01 5.20 66.24
C ILE V 407 -43.41 5.05 65.64
N SER V 408 -43.59 5.48 64.39
CA SER V 408 -44.90 5.41 63.74
C SER V 408 -45.56 4.03 63.71
N PHE V 409 -44.77 2.98 63.94
CA PHE V 409 -45.29 1.62 63.94
C PHE V 409 -45.79 1.16 65.29
N SER V 410 -44.97 1.37 66.32
CA SER V 410 -45.33 0.97 67.69
C SER V 410 -45.69 2.15 68.59
N ALA V 411 -46.71 2.91 68.21
CA ALA V 411 -47.18 4.06 68.98
C ALA V 411 -48.42 3.64 69.74
N SER V 412 -49.04 2.56 69.27
CA SER V 412 -50.25 2.01 69.88
C SER V 412 -49.88 1.24 71.14
N ASP V 413 -49.00 0.25 70.99
CA ASP V 413 -48.58 -0.57 72.12
C ASP V 413 -47.72 0.21 73.12
N MET V 414 -47.54 1.49 72.85
CA MET V 414 -46.76 2.37 73.73
C MET V 414 -47.49 3.71 73.76
N ASN V 415 -48.58 3.73 74.52
CA ASN V 415 -49.42 4.92 74.67
C ASN V 415 -49.08 5.77 75.89
N GLY V 416 -49.22 7.09 75.72
CA GLY V 416 -48.96 8.02 76.80
C GLY V 416 -47.52 8.17 77.24
N GLN V 417 -46.59 8.21 76.29
CA GLN V 417 -45.18 8.37 76.63
C GLN V 417 -44.56 9.60 76.01
N THR V 418 -43.55 10.15 76.68
CA THR V 418 -42.85 11.34 76.21
C THR V 418 -41.38 10.95 75.98
N VAL V 419 -41.03 10.68 74.73
CA VAL V 419 -39.66 10.30 74.38
C VAL V 419 -38.92 11.45 73.70
N ASN V 420 -37.68 11.67 74.13
CA ASN V 420 -36.85 12.75 73.60
C ASN V 420 -36.06 12.33 72.36
N ILE V 421 -36.22 13.08 71.29
CA ILE V 421 -35.51 12.83 70.04
C ILE V 421 -34.33 13.81 69.97
N ASP V 422 -33.15 13.31 70.32
CA ASP V 422 -31.93 14.12 70.33
C ASP V 422 -30.83 13.54 69.45
N ALA V 423 -29.62 14.08 69.62
CA ALA V 423 -28.46 13.65 68.87
C ALA V 423 -28.30 12.12 68.83
N ALA V 424 -28.03 11.53 69.98
CA ALA V 424 -27.84 10.09 70.09
C ALA V 424 -29.01 9.25 69.56
N TYR V 425 -30.20 9.84 69.48
CA TYR V 425 -31.36 9.11 68.99
C TYR V 425 -31.47 9.18 67.47
N VAL V 426 -31.29 10.37 66.91
CA VAL V 426 -31.35 10.54 65.46
C VAL V 426 -30.31 9.66 64.79
N ALA V 427 -29.10 9.63 65.37
CA ALA V 427 -28.00 8.82 64.83
C ALA V 427 -28.37 7.35 64.73
N ASP V 428 -28.60 6.71 65.87
CA ASP V 428 -28.95 5.29 65.91
C ASP V 428 -30.39 5.09 65.43
N ALA V 429 -30.80 5.91 64.46
CA ALA V 429 -32.14 5.83 63.91
C ALA V 429 -32.10 5.40 62.46
N LEU V 430 -31.19 5.98 61.68
CA LEU V 430 -31.05 5.65 60.27
C LEU V 430 -29.82 4.76 60.03
N GLY V 431 -28.64 5.31 60.26
CA GLY V 431 -27.42 4.53 60.05
C GLY V 431 -26.28 5.36 59.48
N GLU V 432 -25.97 5.14 58.20
CA GLU V 432 -24.90 5.86 57.50
C GLU V 432 -24.97 5.67 55.99
N VAL V 433 -24.52 6.68 55.24
CA VAL V 433 -24.56 6.61 53.79
C VAL V 433 -23.24 7.02 53.13
N VAL V 434 -22.84 6.27 52.10
CA VAL V 434 -21.59 6.53 51.35
C VAL V 434 -21.95 6.71 49.86
N GLU V 435 -20.94 6.83 49.01
CA GLU V 435 -21.15 7.00 47.56
C GLU V 435 -21.63 5.69 46.94
N ASN V 436 -21.31 5.48 45.67
CA ASN V 436 -21.72 4.26 44.98
C ASN V 436 -20.52 3.38 44.64
N GLU V 437 -19.45 3.48 45.43
CA GLU V 437 -18.25 2.68 45.18
C GLU V 437 -18.01 2.75 43.68
N ASP V 438 -18.23 3.95 43.15
CA ASP V 438 -18.08 4.22 41.74
C ASP V 438 -16.90 3.47 41.15
N LEU V 439 -15.72 3.69 41.74
CA LEU V 439 -14.47 3.08 41.30
C LEU V 439 -14.49 1.57 41.00
N SER V 440 -14.48 0.78 42.07
CA SER V 440 -14.47 -0.69 42.02
C SER V 440 -14.98 -1.33 40.72
N ARG V 441 -15.89 -0.65 40.03
CA ARG V 441 -16.44 -1.16 38.78
C ARG V 441 -15.91 -0.39 37.59
N PHE V 442 -16.82 -0.04 36.70
CA PHE V 442 -16.51 0.69 35.47
C PHE V 442 -15.55 1.86 35.62
N ILE V 443 -14.27 1.53 35.75
CA ILE V 443 -13.19 2.50 35.89
C ILE V 443 -11.89 1.71 35.88
N LEU V 444 -10.93 2.13 35.05
CA LEU V 444 -9.66 1.42 34.98
C LEU V 444 -8.48 2.22 35.49
N SER W 2 -69.58 55.19 5.25
CA SER W 2 -69.62 55.01 6.73
C SER W 2 -68.22 54.71 7.30
N GLU W 3 -67.19 55.32 6.71
CA GLU W 3 -65.83 55.11 7.18
C GLU W 3 -64.91 56.31 6.98
N MET W 4 -63.76 56.27 7.66
CA MET W 4 -62.78 57.34 7.61
C MET W 4 -61.97 57.44 6.32
N THR W 5 -60.85 58.15 6.40
CA THR W 5 -59.96 58.36 5.27
C THR W 5 -58.51 58.06 5.67
N PRO W 6 -57.68 57.60 4.71
CA PRO W 6 -56.27 57.26 4.95
C PRO W 6 -55.42 58.41 5.48
N ARG W 7 -55.43 59.53 4.76
CA ARG W 7 -54.68 60.73 5.12
C ARG W 7 -54.77 60.96 6.63
N GLU W 8 -55.87 60.50 7.21
CA GLU W 8 -56.12 60.65 8.64
C GLU W 8 -55.80 59.38 9.42
N ILE W 9 -56.07 58.20 8.84
CA ILE W 9 -55.79 56.95 9.53
C ILE W 9 -54.34 56.98 9.99
N VAL W 10 -53.49 57.58 9.16
CA VAL W 10 -52.07 57.71 9.45
C VAL W 10 -51.93 58.40 10.80
N SER W 11 -52.29 59.68 10.81
CA SER W 11 -52.22 60.52 12.00
C SER W 11 -52.85 59.91 13.27
N GLU W 12 -53.77 58.96 13.09
CA GLU W 12 -54.41 58.34 14.25
C GLU W 12 -53.57 57.15 14.75
N LEU W 13 -52.69 56.68 13.89
CA LEU W 13 -51.81 55.58 14.24
C LEU W 13 -50.52 56.16 14.85
N ASP W 14 -50.21 57.41 14.49
CA ASP W 14 -49.02 58.09 14.98
C ASP W 14 -49.07 58.39 16.48
N GLN W 15 -49.94 57.71 17.19
CA GLN W 15 -50.07 57.92 18.63
C GLN W 15 -49.81 56.63 19.41
N HIS W 16 -49.52 55.55 18.68
CA HIS W 16 -49.24 54.27 19.31
C HIS W 16 -48.12 53.54 18.56
N ILE W 17 -47.76 54.07 17.39
CA ILE W 17 -46.71 53.48 16.57
C ILE W 17 -45.91 54.55 15.83
N ILE W 18 -45.09 55.29 16.56
CA ILE W 18 -44.28 56.34 15.95
C ILE W 18 -43.17 55.73 15.12
N GLY W 19 -42.84 56.37 14.01
CA GLY W 19 -41.81 55.86 13.15
C GLY W 19 -42.42 55.31 11.88
N GLN W 20 -41.82 54.26 11.33
CA GLN W 20 -42.30 53.64 10.09
C GLN W 20 -42.65 54.73 9.08
N ALA W 21 -43.57 54.43 8.18
CA ALA W 21 -43.99 55.37 7.15
C ALA W 21 -44.68 54.59 6.04
N ASP W 22 -43.89 54.15 5.06
CA ASP W 22 -44.41 53.37 3.95
C ASP W 22 -45.27 52.27 4.54
N ALA W 23 -44.99 51.95 5.81
CA ALA W 23 -45.72 50.92 6.54
C ALA W 23 -47.18 51.32 6.62
N LYS W 24 -47.47 52.24 7.53
CA LYS W 24 -48.82 52.75 7.75
C LYS W 24 -49.52 53.06 6.42
N ARG W 25 -48.89 53.92 5.61
CA ARG W 25 -49.45 54.30 4.32
C ARG W 25 -50.15 53.16 3.59
N ALA W 26 -49.42 52.08 3.35
CA ALA W 26 -49.97 50.92 2.65
C ALA W 26 -51.03 50.21 3.49
N VAL W 27 -50.90 50.30 4.81
CA VAL W 27 -51.86 49.69 5.72
C VAL W 27 -53.19 50.43 5.56
N ALA W 28 -53.06 51.74 5.34
CA ALA W 28 -54.21 52.61 5.16
C ALA W 28 -54.92 52.34 3.85
N ILE W 29 -54.23 52.58 2.74
CA ILE W 29 -54.81 52.36 1.42
C ILE W 29 -55.48 50.99 1.33
N ALA W 30 -55.27 50.15 2.34
CA ALA W 30 -55.87 48.82 2.37
C ALA W 30 -57.29 48.88 2.92
N LEU W 31 -57.49 49.72 3.93
CA LEU W 31 -58.79 49.89 4.56
C LEU W 31 -59.70 50.75 3.69
N ARG W 32 -59.10 51.70 2.98
CA ARG W 32 -59.81 52.61 2.10
C ARG W 32 -60.37 51.88 0.88
N ASN W 33 -59.63 50.91 0.37
CA ASN W 33 -60.07 50.16 -0.80
C ASN W 33 -61.11 49.08 -0.50
N ARG W 34 -61.44 48.90 0.78
CA ARG W 34 -62.44 47.90 1.13
C ARG W 34 -63.75 48.66 1.38
N TRP W 35 -63.67 49.99 1.22
CA TRP W 35 -64.81 50.87 1.40
C TRP W 35 -65.23 51.38 0.02
N ARG W 36 -64.27 51.89 -0.75
CA ARG W 36 -64.52 52.39 -2.11
C ARG W 36 -65.14 51.25 -2.90
N ARG W 37 -65.00 50.04 -2.36
CA ARG W 37 -65.49 48.82 -2.96
C ARG W 37 -66.98 48.61 -2.65
N MET W 38 -67.43 49.20 -1.54
CA MET W 38 -68.82 49.07 -1.13
C MET W 38 -69.78 49.85 -2.05
N GLN W 39 -69.44 51.10 -2.35
CA GLN W 39 -70.28 51.92 -3.22
C GLN W 39 -70.24 51.49 -4.69
N LEU W 40 -70.63 50.26 -4.95
CA LEU W 40 -70.65 49.71 -6.31
C LEU W 40 -71.79 48.71 -6.42
N GLN W 41 -72.37 48.60 -7.61
CA GLN W 41 -73.48 47.68 -7.83
C GLN W 41 -73.14 46.22 -7.55
N GLU W 42 -73.91 45.30 -8.11
CA GLU W 42 -73.69 43.87 -7.89
C GLU W 42 -72.45 43.34 -8.63
N PRO W 43 -72.37 43.55 -9.97
CA PRO W 43 -71.22 43.06 -10.74
C PRO W 43 -69.87 43.47 -10.15
N LEU W 44 -69.48 44.72 -10.39
CA LEU W 44 -68.21 45.25 -9.93
C LEU W 44 -68.09 45.36 -8.41
N ARG W 45 -68.54 44.33 -7.70
CA ARG W 45 -68.45 44.34 -6.25
C ARG W 45 -67.99 43.00 -5.69
N HIS W 46 -68.74 41.94 -5.96
CA HIS W 46 -68.37 40.62 -5.45
C HIS W 46 -67.11 40.12 -6.15
N GLU W 47 -66.69 40.82 -7.20
CA GLU W 47 -65.49 40.45 -7.93
C GLU W 47 -64.51 41.62 -8.04
N VAL W 48 -63.87 41.90 -6.92
CA VAL W 48 -62.88 42.97 -6.82
C VAL W 48 -62.10 42.71 -5.52
N THR W 49 -61.64 41.47 -5.38
CA THR W 49 -60.89 41.02 -4.22
C THR W 49 -59.86 42.04 -3.71
N PRO W 50 -59.83 42.25 -2.39
CA PRO W 50 -58.91 43.20 -1.75
C PRO W 50 -57.45 42.95 -2.13
N LYS W 51 -56.59 43.89 -1.75
CA LYS W 51 -55.17 43.79 -2.03
C LYS W 51 -54.44 43.47 -0.73
N ASN W 52 -54.18 42.19 -0.49
CA ASN W 52 -53.49 41.75 0.72
C ASN W 52 -52.09 42.35 0.89
N ILE W 53 -51.61 42.37 2.13
CA ILE W 53 -50.30 42.96 2.42
C ILE W 53 -49.30 42.05 3.14
N LEU W 54 -48.02 42.28 2.85
CA LEU W 54 -46.91 41.53 3.42
C LEU W 54 -45.89 42.50 4.03
N MET W 55 -45.75 42.45 5.36
CA MET W 55 -44.83 43.32 6.06
C MET W 55 -43.43 42.76 6.23
N ILE W 56 -42.46 43.43 5.60
CA ILE W 56 -41.06 43.03 5.67
C ILE W 56 -40.36 43.90 6.70
N GLY W 57 -40.04 43.33 7.85
CA GLY W 57 -39.36 44.11 8.89
C GLY W 57 -38.91 43.27 10.07
N PRO W 58 -37.95 43.78 10.86
CA PRO W 58 -37.38 43.12 12.05
C PRO W 58 -38.38 42.56 13.04
N THR W 59 -37.90 42.29 14.26
CA THR W 59 -38.76 41.77 15.31
C THR W 59 -38.78 42.75 16.46
N GLY W 60 -39.75 43.66 16.44
CA GLY W 60 -39.87 44.66 17.48
C GLY W 60 -40.27 46.02 16.97
N VAL W 61 -40.08 46.25 15.66
CA VAL W 61 -40.43 47.53 15.04
C VAL W 61 -41.94 47.70 14.92
N GLY W 62 -42.67 46.66 15.29
CA GLY W 62 -44.11 46.73 15.22
C GLY W 62 -44.73 46.47 13.87
N LYS W 63 -45.16 45.23 13.68
CA LYS W 63 -45.82 44.82 12.46
C LYS W 63 -47.18 44.35 12.90
N THR W 64 -47.27 43.96 14.18
CA THR W 64 -48.53 43.50 14.75
C THR W 64 -49.32 44.68 15.29
N GLU W 65 -48.60 45.68 15.81
CA GLU W 65 -49.26 46.85 16.35
C GLU W 65 -50.01 47.58 15.25
N ILE W 66 -49.37 47.74 14.10
CA ILE W 66 -50.01 48.42 12.98
C ILE W 66 -51.17 47.61 12.38
N ALA W 67 -51.27 46.35 12.76
CA ALA W 67 -52.35 45.50 12.26
C ALA W 67 -53.44 45.37 13.31
N ARG W 68 -53.07 45.61 14.56
CA ARG W 68 -54.01 45.54 15.68
C ARG W 68 -54.74 46.88 15.80
N ARG W 69 -54.01 47.97 15.58
CA ARG W 69 -54.58 49.31 15.61
C ARG W 69 -55.20 49.58 14.26
N LEU W 70 -55.81 48.53 13.72
CA LEU W 70 -56.49 48.61 12.43
C LEU W 70 -57.72 47.75 12.56
N ALA W 71 -58.02 47.36 13.80
CA ALA W 71 -59.19 46.53 14.12
C ALA W 71 -60.06 47.31 15.10
N LYS W 72 -59.40 47.95 16.05
CA LYS W 72 -60.10 48.75 17.05
C LYS W 72 -60.37 50.14 16.47
N LEU W 73 -59.53 50.55 15.53
CA LEU W 73 -59.68 51.85 14.89
C LEU W 73 -60.14 51.68 13.45
N ALA W 74 -61.23 50.92 13.30
CA ALA W 74 -61.85 50.62 12.02
C ALA W 74 -62.93 49.57 12.24
N ASN W 75 -63.03 49.09 13.48
CA ASN W 75 -64.01 48.08 13.88
C ASN W 75 -64.17 46.93 12.89
N ALA W 76 -63.51 45.82 13.20
CA ALA W 76 -63.57 44.64 12.36
C ALA W 76 -62.91 43.46 13.08
N PRO W 77 -63.45 42.24 12.89
CA PRO W 77 -62.91 41.04 13.53
C PRO W 77 -61.42 40.87 13.21
N PHE W 78 -60.61 40.77 14.26
CA PHE W 78 -59.18 40.62 14.11
C PHE W 78 -58.72 39.26 14.64
N ILE W 79 -57.54 38.81 14.21
CA ILE W 79 -57.01 37.52 14.66
C ILE W 79 -55.57 37.32 14.16
N LYS W 80 -54.65 37.08 15.10
CA LYS W 80 -53.26 36.87 14.75
C LYS W 80 -52.92 35.39 14.89
N VAL W 81 -52.18 34.86 13.92
CA VAL W 81 -51.78 33.46 13.92
C VAL W 81 -50.29 33.27 13.67
N GLU W 82 -49.73 32.24 14.31
CA GLU W 82 -48.32 31.91 14.22
C GLU W 82 -48.10 30.60 13.46
N ALA W 83 -47.69 30.70 12.19
CA ALA W 83 -47.45 29.51 11.37
C ALA W 83 -46.51 28.53 12.06
N GLU W 95 -54.94 22.66 12.62
CA GLU W 95 -55.99 22.97 11.65
C GLU W 95 -55.71 24.27 10.91
N VAL W 96 -56.27 24.42 9.71
CA VAL W 96 -56.06 25.61 8.88
C VAL W 96 -57.25 26.57 8.89
N ASP W 97 -58.45 26.01 8.81
CA ASP W 97 -59.67 26.81 8.80
C ASP W 97 -59.95 27.47 10.14
N SER W 98 -59.33 26.96 11.20
CA SER W 98 -59.53 27.49 12.54
C SER W 98 -59.17 28.96 12.60
N ILE W 99 -58.49 29.45 11.57
CA ILE W 99 -58.11 30.85 11.50
C ILE W 99 -59.35 31.67 11.20
N ILE W 100 -60.32 31.02 10.57
CA ILE W 100 -61.59 31.65 10.23
C ILE W 100 -62.61 31.41 11.34
N ARG W 101 -62.73 30.17 11.77
CA ARG W 101 -63.65 29.80 12.84
C ARG W 101 -63.45 30.67 14.07
N ASP W 102 -62.22 31.16 14.25
CA ASP W 102 -61.88 32.01 15.38
C ASP W 102 -62.03 33.50 15.05
N LEU W 103 -62.03 33.83 13.76
CA LEU W 103 -62.20 35.22 13.34
C LEU W 103 -63.65 35.59 13.57
N THR W 104 -64.51 34.57 13.57
CA THR W 104 -65.94 34.74 13.78
C THR W 104 -66.26 34.82 15.28
N ASP W 105 -65.51 34.06 16.09
CA ASP W 105 -65.70 34.05 17.54
C ASP W 105 -65.24 35.35 18.19
N SER W 106 -64.64 36.23 17.38
CA SER W 106 -64.15 37.53 17.87
C SER W 106 -64.94 38.64 17.19
N ALA W 107 -66.14 38.31 16.74
CA ALA W 107 -67.05 39.25 16.10
C ALA W 107 -68.26 39.33 17.02
N MET W 108 -68.46 38.26 17.79
CA MET W 108 -69.55 38.16 18.75
C MET W 108 -69.18 38.96 20.00
N LYS W 109 -68.48 40.06 19.79
CA LYS W 109 -68.05 40.91 20.89
C LYS W 109 -68.04 42.37 20.45
N LEU W 110 -68.30 42.61 19.17
CA LEU W 110 -68.36 43.96 18.63
C LEU W 110 -69.76 44.21 18.08
N VAL W 111 -70.56 43.16 18.06
CA VAL W 111 -71.93 43.27 17.57
C VAL W 111 -72.87 43.13 18.78
N ARG W 112 -72.46 42.32 19.76
CA ARG W 112 -73.26 42.11 20.96
C ARG W 112 -72.73 42.99 22.10
N GLN W 113 -71.86 43.93 21.74
CA GLN W 113 -71.28 44.86 22.70
C GLN W 113 -71.80 46.24 22.30
N GLN W 114 -72.44 46.27 21.14
CA GLN W 114 -73.04 47.47 20.57
C GLN W 114 -74.56 47.30 20.57
N GLU W 115 -75.00 46.04 20.56
CA GLU W 115 -76.42 45.69 20.56
C GLU W 115 -76.80 45.14 21.95
N ILE W 116 -75.96 45.45 22.92
CA ILE W 116 -76.16 45.06 24.31
C ILE W 116 -76.61 46.37 24.96
N ALA W 117 -76.54 47.44 24.15
CA ALA W 117 -76.90 48.78 24.57
C ALA W 117 -77.99 49.45 23.72
N LYS W 118 -78.03 49.13 22.42
CA LYS W 118 -79.04 49.72 21.52
C LYS W 118 -80.25 48.84 21.23
N ASN W 119 -80.16 48.03 20.17
CA ASN W 119 -81.22 47.13 19.75
C ASN W 119 -82.01 46.50 20.90
N ARG W 120 -81.38 46.36 22.06
CA ARG W 120 -82.06 45.76 23.21
C ARG W 120 -81.23 45.84 24.49
N GLU W 238 -81.18 33.82 16.61
CA GLU W 238 -81.76 33.59 15.29
C GLU W 238 -81.53 34.75 14.32
N GLU W 239 -81.29 35.94 14.86
CA GLU W 239 -81.07 37.13 14.04
C GLU W 239 -79.58 37.51 13.99
N LEU W 240 -78.74 36.72 14.65
CA LEU W 240 -77.29 36.98 14.68
C LEU W 240 -76.52 35.97 13.84
N LYS W 241 -77.26 35.08 13.16
CA LYS W 241 -76.63 34.06 12.32
C LYS W 241 -76.63 34.45 10.84
N GLN W 242 -76.78 35.75 10.58
CA GLN W 242 -76.79 36.29 9.22
C GLN W 242 -76.56 37.80 9.30
N LYS W 243 -76.34 38.30 10.50
CA LYS W 243 -76.08 39.72 10.74
C LYS W 243 -74.72 39.86 11.42
N ALA W 244 -74.26 38.78 12.05
CA ALA W 244 -72.97 38.74 12.73
C ALA W 244 -71.88 38.31 11.77
N ILE W 245 -72.30 37.69 10.67
CA ILE W 245 -71.39 37.21 9.65
C ILE W 245 -71.32 38.24 8.51
N ASP W 246 -72.31 39.12 8.44
CA ASP W 246 -72.37 40.16 7.41
C ASP W 246 -71.17 41.11 7.57
N ALA W 247 -70.58 41.09 8.76
CA ALA W 247 -69.42 41.92 9.06
C ALA W 247 -68.14 41.16 8.74
N VAL W 248 -68.07 39.90 9.16
CA VAL W 248 -66.88 39.09 8.90
C VAL W 248 -66.65 38.96 7.39
N GLU W 249 -67.65 38.43 6.68
CA GLU W 249 -67.56 38.25 5.23
C GLU W 249 -66.91 39.45 4.56
N GLN W 250 -67.18 40.65 5.08
CA GLN W 250 -66.63 41.86 4.51
C GLN W 250 -65.54 42.47 5.40
N ASN W 251 -65.89 42.77 6.63
CA ASN W 251 -64.94 43.36 7.57
C ASN W 251 -64.20 42.25 8.31
N GLY W 252 -63.07 41.82 7.74
CA GLY W 252 -62.28 40.77 8.36
C GLY W 252 -60.79 41.00 8.14
N ILE W 253 -60.02 40.95 9.21
CA ILE W 253 -58.58 41.15 9.12
C ILE W 253 -57.81 39.99 9.73
N VAL W 254 -57.05 39.29 8.89
CA VAL W 254 -56.26 38.14 9.35
C VAL W 254 -54.78 38.54 9.35
N PHE W 255 -54.10 38.20 10.44
CA PHE W 255 -52.69 38.52 10.58
C PHE W 255 -51.86 37.27 10.78
N ILE W 256 -50.90 37.06 9.88
CA ILE W 256 -50.02 35.89 9.95
C ILE W 256 -48.62 36.34 10.32
N ASP W 257 -48.31 36.28 11.61
CA ASP W 257 -47.00 36.70 12.11
C ASP W 257 -45.96 35.65 11.73
N GLU W 258 -44.72 36.10 11.56
CA GLU W 258 -43.60 35.23 11.20
C GLU W 258 -44.04 34.18 10.18
N ILE W 259 -44.07 34.56 8.91
CA ILE W 259 -44.47 33.65 7.83
C ILE W 259 -43.25 32.99 7.23
N ASP W 260 -42.17 33.76 7.11
CA ASP W 260 -40.93 33.25 6.55
C ASP W 260 -40.68 31.83 7.04
N LYS W 261 -41.03 31.57 8.30
CA LYS W 261 -40.82 30.28 8.91
C LYS W 261 -41.45 29.11 8.13
N ILE W 262 -42.15 29.41 7.05
CA ILE W 262 -42.78 28.35 6.26
C ILE W 262 -42.34 28.36 4.80
N CYS W 263 -41.17 28.93 4.53
CA CYS W 263 -40.67 28.99 3.18
C CYS W 263 -39.64 27.89 2.94
N LYS W 264 -39.51 27.49 1.68
CA LYS W 264 -38.56 26.45 1.31
C LYS W 264 -37.14 26.90 1.68
N LYS W 265 -36.40 26.02 2.34
CA LYS W 265 -35.03 26.33 2.76
C LYS W 265 -35.01 27.57 3.66
N SER W 269 -34.63 22.40 3.52
CA SER W 269 -36.00 22.02 3.85
C SER W 269 -36.45 20.83 2.99
N GLY W 270 -35.73 19.71 3.10
CA GLY W 270 -36.07 18.52 2.34
C GLY W 270 -36.61 17.38 3.20
N ALA W 271 -36.34 17.44 4.51
CA ALA W 271 -36.81 16.44 5.46
C ALA W 271 -38.15 16.86 6.03
N ASP W 272 -38.61 18.04 5.62
CA ASP W 272 -39.89 18.59 6.07
C ASP W 272 -40.50 19.54 5.03
N VAL W 273 -41.02 18.95 3.95
CA VAL W 273 -41.64 19.73 2.88
C VAL W 273 -43.00 20.22 3.38
N SER W 274 -43.31 19.89 4.62
CA SER W 274 -44.58 20.29 5.24
C SER W 274 -44.65 21.80 5.48
N ARG W 275 -43.52 22.49 5.36
CA ARG W 275 -43.48 23.95 5.56
C ARG W 275 -44.12 24.61 4.33
N GLU W 276 -44.14 23.88 3.23
CA GLU W 276 -44.71 24.37 1.99
C GLU W 276 -46.14 23.85 1.93
N GLY W 277 -46.46 22.93 2.83
CA GLY W 277 -47.79 22.36 2.89
C GLY W 277 -48.73 23.34 3.56
N VAL W 278 -48.29 23.91 4.68
CA VAL W 278 -49.08 24.89 5.41
C VAL W 278 -49.32 26.07 4.48
N GLN W 279 -48.24 26.55 3.88
CA GLN W 279 -48.31 27.66 2.94
C GLN W 279 -49.28 27.31 1.81
N ARG W 280 -49.61 26.03 1.71
CA ARG W 280 -50.50 25.54 0.66
C ARG W 280 -51.95 25.41 1.15
N ASP W 281 -52.14 24.84 2.33
CA ASP W 281 -53.48 24.68 2.88
C ASP W 281 -54.05 26.04 3.29
N LEU W 282 -53.18 27.04 3.28
CA LEU W 282 -53.54 28.40 3.65
C LEU W 282 -53.83 29.22 2.39
N LEU W 283 -53.82 28.55 1.25
CA LEU W 283 -54.08 29.23 -0.01
C LEU W 283 -55.58 29.43 -0.21
N PRO W 284 -56.38 28.38 0.01
CA PRO W 284 -57.83 28.50 -0.15
C PRO W 284 -58.42 29.71 0.58
N LEU W 285 -57.81 30.07 1.70
CA LEU W 285 -58.29 31.20 2.48
C LEU W 285 -57.97 32.53 1.85
N VAL W 286 -56.76 32.68 1.31
CA VAL W 286 -56.39 33.95 0.69
C VAL W 286 -56.96 34.03 -0.70
N GLU W 287 -57.37 32.88 -1.23
CA GLU W 287 -57.95 32.79 -2.57
C GLU W 287 -59.45 33.10 -2.51
N GLY W 288 -60.18 32.24 -1.82
CA GLY W 288 -61.61 32.43 -1.69
C GLY W 288 -62.36 31.12 -1.56
N SER W 289 -62.84 30.84 -0.35
CA SER W 289 -63.58 29.61 -0.10
C SER W 289 -64.75 29.84 0.87
N THR W 290 -65.36 28.75 1.31
CA THR W 290 -66.49 28.82 2.23
C THR W 290 -66.25 27.97 3.47
N VAL W 291 -65.92 28.63 4.58
CA VAL W 291 -65.65 27.94 5.84
C VAL W 291 -66.96 27.71 6.59
N SER W 292 -67.12 26.53 7.17
CA SER W 292 -68.34 26.22 7.92
C SER W 292 -68.15 26.43 9.42
N THR W 293 -68.56 27.60 9.90
CA THR W 293 -68.46 27.95 11.31
C THR W 293 -69.72 27.53 12.06
N LYS W 294 -69.70 27.66 13.39
CA LYS W 294 -70.86 27.30 14.20
C LYS W 294 -71.90 28.41 14.23
N HIS W 295 -71.96 29.18 13.14
CA HIS W 295 -72.89 30.29 12.99
C HIS W 295 -73.47 30.25 11.58
N GLY W 296 -72.79 29.50 10.71
CA GLY W 296 -73.23 29.38 9.34
C GLY W 296 -72.04 29.42 8.40
N MET W 297 -72.32 29.47 7.10
CA MET W 297 -71.27 29.51 6.09
C MET W 297 -70.76 30.93 5.88
N VAL W 298 -69.46 31.12 6.11
CA VAL W 298 -68.83 32.43 5.93
C VAL W 298 -67.84 32.44 4.78
N LYS W 299 -68.07 33.35 3.83
CA LYS W 299 -67.22 33.49 2.65
C LYS W 299 -65.94 34.19 3.08
N THR W 300 -64.91 34.13 2.23
CA THR W 300 -63.61 34.74 2.56
C THR W 300 -63.09 35.70 1.50
N ASP W 301 -63.42 35.43 0.25
CA ASP W 301 -62.97 36.24 -0.87
C ASP W 301 -62.66 37.70 -0.55
N HIS W 302 -63.51 38.31 0.27
CA HIS W 302 -63.33 39.72 0.59
C HIS W 302 -62.59 40.05 1.89
N ILE W 303 -62.08 39.03 2.59
CA ILE W 303 -61.38 39.29 3.84
C ILE W 303 -60.08 40.06 3.53
N LEU W 304 -59.33 40.39 4.57
CA LEU W 304 -58.09 41.13 4.40
C LEU W 304 -56.96 40.45 5.18
N PHE W 305 -55.92 40.04 4.47
CA PHE W 305 -54.77 39.38 5.11
C PHE W 305 -53.52 40.24 5.17
N ILE W 306 -52.84 40.14 6.31
CA ILE W 306 -51.60 40.87 6.52
C ILE W 306 -50.61 39.90 7.12
N ALA W 307 -49.55 39.58 6.36
CA ALA W 307 -48.53 38.65 6.81
C ALA W 307 -47.22 39.37 7.13
N SER W 308 -46.71 39.12 8.33
CA SER W 308 -45.48 39.74 8.79
C SER W 308 -44.35 38.75 8.66
N GLY W 309 -43.15 39.28 8.43
CA GLY W 309 -41.98 38.43 8.30
C GLY W 309 -40.68 39.20 8.34
N ALA W 310 -39.68 38.59 8.98
CA ALA W 310 -38.37 39.20 9.10
C ALA W 310 -37.63 38.98 7.79
N PHE W 311 -37.90 37.84 7.15
CA PHE W 311 -37.28 37.49 5.88
C PHE W 311 -35.79 37.78 5.84
N GLN W 312 -35.09 37.32 6.87
CA GLN W 312 -33.65 37.50 6.97
C GLN W 312 -33.03 36.29 6.29
N VAL W 313 -33.65 35.15 6.52
CA VAL W 313 -33.21 33.88 5.93
C VAL W 313 -33.67 33.85 4.49
N ALA W 314 -34.90 33.41 4.25
CA ALA W 314 -35.47 33.33 2.92
C ALA W 314 -35.81 34.73 2.40
N ARG W 315 -36.65 34.79 1.37
CA ARG W 315 -37.06 36.06 0.79
C ARG W 315 -38.47 35.94 0.22
N PRO W 316 -39.05 37.05 -0.26
CA PRO W 316 -40.40 37.02 -0.83
C PRO W 316 -40.58 35.89 -1.83
N SER W 317 -39.82 35.95 -2.92
CA SER W 317 -39.86 34.96 -3.99
C SER W 317 -39.76 33.50 -3.52
N ASP W 318 -39.39 33.29 -2.27
CA ASP W 318 -39.25 31.93 -1.75
C ASP W 318 -40.59 31.36 -1.30
N LEU W 319 -41.66 31.97 -1.78
CA LEU W 319 -43.01 31.52 -1.43
C LEU W 319 -43.66 30.93 -2.67
N ILE W 320 -44.63 30.04 -2.47
CA ILE W 320 -45.31 29.42 -3.61
C ILE W 320 -45.86 30.54 -4.49
N PRO W 321 -45.74 30.37 -5.82
CA PRO W 321 -46.22 31.36 -6.79
C PRO W 321 -47.62 31.87 -6.49
N GLU W 322 -48.50 30.95 -6.09
CA GLU W 322 -49.87 31.30 -5.77
C GLU W 322 -49.92 32.49 -4.82
N LEU W 323 -49.35 32.36 -3.63
CA LEU W 323 -49.34 33.45 -2.67
C LEU W 323 -48.63 34.71 -3.13
N GLN W 324 -47.58 34.55 -3.92
CA GLN W 324 -46.85 35.71 -4.39
C GLN W 324 -47.76 36.64 -5.18
N GLY W 325 -48.77 36.06 -5.83
CA GLY W 325 -49.69 36.85 -6.61
C GLY W 325 -50.96 37.24 -5.87
N ARG W 326 -51.16 36.67 -4.69
CA ARG W 326 -52.33 36.98 -3.87
C ARG W 326 -51.89 37.72 -2.62
N LEU W 327 -50.79 38.45 -2.76
CA LEU W 327 -50.20 39.25 -1.69
C LEU W 327 -49.40 40.32 -2.41
N PRO W 328 -50.02 41.01 -3.39
CA PRO W 328 -49.43 42.07 -4.21
C PRO W 328 -48.79 43.26 -3.51
N ILE W 329 -49.20 43.52 -2.27
CA ILE W 329 -48.65 44.65 -1.55
C ILE W 329 -47.43 44.25 -0.72
N ARG W 330 -46.29 44.86 -1.03
CA ARG W 330 -45.04 44.60 -0.33
C ARG W 330 -44.64 45.87 0.42
N VAL W 331 -44.77 45.84 1.75
CA VAL W 331 -44.44 46.99 2.56
C VAL W 331 -43.17 46.74 3.36
N GLU W 332 -42.22 47.66 3.23
CA GLU W 332 -40.94 47.53 3.91
C GLU W 332 -40.82 48.42 5.15
N LEU W 333 -40.81 47.79 6.32
CA LEU W 333 -40.68 48.54 7.57
C LEU W 333 -39.20 48.78 7.83
N THR W 334 -38.88 49.60 8.83
CA THR W 334 -37.49 49.89 9.16
C THR W 334 -37.23 49.55 10.62
N ALA W 335 -35.96 49.47 10.99
CA ALA W 335 -35.58 49.16 12.36
C ALA W 335 -35.72 50.40 13.25
N LEU W 336 -35.88 50.17 14.56
CA LEU W 336 -36.03 51.26 15.52
C LEU W 336 -34.64 51.75 15.96
N SER W 337 -34.36 53.04 15.76
CA SER W 337 -33.07 53.60 16.12
C SER W 337 -33.01 54.11 17.56
N ALA W 338 -31.89 54.72 17.92
CA ALA W 338 -31.70 55.25 19.27
C ALA W 338 -32.72 56.34 19.57
N ALA W 339 -32.86 57.29 18.64
CA ALA W 339 -33.79 58.39 18.80
C ALA W 339 -35.24 57.93 18.68
N ASP W 340 -35.43 56.74 18.12
CA ASP W 340 -36.77 56.20 17.95
C ASP W 340 -37.33 55.63 19.25
N PHE W 341 -36.45 55.33 20.21
CA PHE W 341 -36.89 54.80 21.49
C PHE W 341 -37.15 55.98 22.43
N GLU W 342 -36.51 57.10 22.10
CA GLU W 342 -36.65 58.33 22.86
C GLU W 342 -38.04 58.88 22.64
N ARG W 343 -38.60 58.56 21.47
CA ARG W 343 -39.94 59.01 21.11
C ARG W 343 -41.00 58.00 21.55
N ILE W 344 -40.86 56.75 21.14
CA ILE W 344 -41.79 55.70 21.50
C ILE W 344 -41.97 55.61 23.02
N LEU W 345 -41.10 56.31 23.74
CA LEU W 345 -41.13 56.29 25.19
C LEU W 345 -42.11 57.32 25.79
N THR W 346 -42.58 58.27 24.98
CA THR W 346 -43.51 59.29 25.48
C THR W 346 -44.68 59.62 24.54
N GLU W 347 -44.37 60.30 23.42
CA GLU W 347 -45.36 60.73 22.43
C GLU W 347 -46.63 59.87 22.27
N PRO W 348 -46.46 58.54 22.13
CA PRO W 348 -47.61 57.65 21.97
C PRO W 348 -48.52 57.53 23.18
N HIS W 349 -49.82 57.41 22.91
CA HIS W 349 -50.81 57.24 23.97
C HIS W 349 -50.55 55.91 24.66
N ALA W 350 -50.53 55.94 25.99
CA ALA W 350 -50.30 54.76 26.80
C ALA W 350 -48.81 54.45 26.84
N SER W 351 -47.98 55.44 26.51
CA SER W 351 -46.53 55.24 26.51
C SER W 351 -46.05 54.79 27.89
N LEU W 352 -44.88 54.16 27.92
CA LEU W 352 -44.29 53.64 29.16
C LEU W 352 -44.17 54.70 30.26
N THR W 353 -43.63 55.84 29.89
CA THR W 353 -43.47 56.93 30.86
C THR W 353 -44.83 57.15 31.51
N GLU W 354 -45.85 57.31 30.67
CA GLU W 354 -47.22 57.55 31.13
C GLU W 354 -47.73 56.39 31.98
N GLN W 355 -47.58 55.18 31.48
CA GLN W 355 -48.06 54.00 32.19
C GLN W 355 -47.50 53.87 33.61
N TYR W 356 -46.20 54.07 33.77
CA TYR W 356 -45.59 53.97 35.09
C TYR W 356 -45.87 55.21 35.93
N LYS W 357 -46.21 56.30 35.27
CA LYS W 357 -46.52 57.56 35.95
C LYS W 357 -47.84 57.41 36.70
N ALA W 358 -48.85 56.89 36.00
CA ALA W 358 -50.17 56.68 36.56
C ALA W 358 -50.26 55.48 37.51
N LEU W 359 -49.47 54.45 37.23
CA LEU W 359 -49.47 53.27 38.08
C LEU W 359 -48.76 53.56 39.40
N MET W 360 -48.03 54.67 39.43
CA MET W 360 -47.31 55.09 40.63
C MET W 360 -47.94 56.30 41.29
N ALA W 361 -49.00 56.82 40.68
CA ALA W 361 -49.72 57.96 41.24
C ALA W 361 -50.82 57.39 42.13
N THR W 362 -51.33 56.22 41.74
CA THR W 362 -52.38 55.53 42.48
C THR W 362 -51.81 55.01 43.81
N GLU W 363 -50.56 55.38 44.09
CA GLU W 363 -49.88 54.98 45.32
C GLU W 363 -49.68 56.23 46.16
N GLY W 364 -49.94 57.39 45.56
CA GLY W 364 -49.79 58.65 46.26
C GLY W 364 -48.43 59.27 46.00
N VAL W 365 -47.72 58.75 45.02
CA VAL W 365 -46.40 59.26 44.68
C VAL W 365 -46.36 59.88 43.29
N ASN W 366 -45.45 60.84 43.11
CA ASN W 366 -45.28 61.51 41.84
C ASN W 366 -43.89 61.18 41.30
N ILE W 367 -43.78 61.04 39.98
CA ILE W 367 -42.51 60.70 39.35
C ILE W 367 -42.19 61.58 38.13
N ALA W 368 -40.99 62.17 38.15
CA ALA W 368 -40.55 63.04 37.07
C ALA W 368 -39.56 62.37 36.11
N PHE W 369 -39.92 62.35 34.83
CA PHE W 369 -39.07 61.76 33.81
C PHE W 369 -38.50 62.87 32.96
N THR W 370 -37.37 63.43 33.39
CA THR W 370 -36.71 64.51 32.66
C THR W 370 -36.30 64.08 31.25
N THR W 371 -36.18 65.05 30.36
CA THR W 371 -35.81 64.78 28.97
C THR W 371 -34.37 64.31 28.82
N ASP W 372 -33.45 64.90 29.57
CA ASP W 372 -32.06 64.49 29.49
C ASP W 372 -31.87 63.08 30.06
N ALA W 373 -32.96 62.48 30.53
CA ALA W 373 -32.93 61.13 31.10
C ALA W 373 -33.74 60.13 30.30
N VAL W 374 -34.39 60.60 29.24
CA VAL W 374 -35.18 59.72 28.38
C VAL W 374 -34.21 59.18 27.34
N LYS W 375 -33.15 59.94 27.09
CA LYS W 375 -32.13 59.54 26.14
C LYS W 375 -31.40 58.36 26.76
N LYS W 376 -30.96 58.54 28.01
CA LYS W 376 -30.24 57.50 28.72
C LYS W 376 -31.16 56.39 29.23
N ILE W 377 -32.26 56.19 28.51
CA ILE W 377 -33.23 55.14 28.82
C ILE W 377 -33.65 54.53 27.50
N ALA W 378 -33.48 55.30 26.42
CA ALA W 378 -33.82 54.86 25.08
C ALA W 378 -32.53 54.45 24.37
N GLU W 379 -31.43 55.05 24.80
CA GLU W 379 -30.12 54.75 24.24
C GLU W 379 -29.54 53.60 25.03
N ALA W 380 -30.14 53.32 26.18
CA ALA W 380 -29.70 52.24 27.05
C ALA W 380 -30.54 51.01 26.79
N ALA W 381 -31.45 51.14 25.84
CA ALA W 381 -32.33 50.03 25.45
C ALA W 381 -31.89 49.59 24.08
N PHE W 382 -31.17 50.48 23.40
CA PHE W 382 -30.64 50.22 22.07
C PHE W 382 -29.29 49.60 22.30
N ARG W 383 -28.55 50.17 23.25
CA ARG W 383 -27.23 49.69 23.63
C ARG W 383 -27.31 48.23 24.06
N VAL W 384 -28.52 47.73 24.29
CA VAL W 384 -28.71 46.35 24.71
C VAL W 384 -29.08 45.46 23.53
N ASN W 385 -29.75 46.02 22.53
CA ASN W 385 -30.15 45.25 21.37
C ASN W 385 -29.00 45.02 20.40
N GLU W 386 -27.95 45.83 20.50
CA GLU W 386 -26.80 45.68 19.63
C GLU W 386 -25.77 44.75 20.27
N LYS W 387 -26.11 44.18 21.43
CA LYS W 387 -25.21 43.28 22.13
C LYS W 387 -25.91 42.02 22.64
N THR W 388 -27.03 41.67 21.99
CA THR W 388 -27.84 40.50 22.30
C THR W 388 -29.02 40.53 21.36
N GLU W 389 -30.05 39.73 21.64
CA GLU W 389 -31.23 39.72 20.78
C GLU W 389 -31.85 41.12 20.67
N ASN W 390 -32.19 41.52 19.46
CA ASN W 390 -32.80 42.82 19.23
C ASN W 390 -34.29 42.61 19.17
N ILE W 391 -34.90 42.45 20.33
CA ILE W 391 -36.35 42.23 20.44
C ILE W 391 -37.16 43.47 20.10
N GLY W 392 -36.46 44.58 19.84
CA GLY W 392 -37.14 45.82 19.49
C GLY W 392 -37.73 46.55 20.68
N ALA W 393 -38.86 47.22 20.45
CA ALA W 393 -39.53 47.97 21.50
C ALA W 393 -39.64 47.19 22.82
N ARG W 394 -40.10 45.94 22.74
CA ARG W 394 -40.26 45.09 23.92
C ARG W 394 -39.04 45.15 24.84
N ARG W 395 -37.91 45.60 24.30
CA ARG W 395 -36.70 45.73 25.10
C ARG W 395 -36.96 46.79 26.16
N LEU W 396 -37.63 47.86 25.74
CA LEU W 396 -37.97 48.96 26.63
C LEU W 396 -38.66 48.44 27.89
N HIS W 397 -39.70 47.65 27.71
CA HIS W 397 -40.44 47.09 28.85
C HIS W 397 -39.48 46.51 29.88
N THR W 398 -38.62 45.60 29.43
CA THR W 398 -37.66 44.94 30.30
C THR W 398 -36.70 45.95 30.93
N VAL W 399 -36.48 47.07 30.24
CA VAL W 399 -35.58 48.10 30.74
C VAL W 399 -36.23 48.85 31.89
N MET W 400 -37.45 49.33 31.67
CA MET W 400 -38.17 50.06 32.70
C MET W 400 -38.33 49.21 33.95
N GLU W 401 -38.77 47.97 33.76
CA GLU W 401 -38.98 47.05 34.88
C GLU W 401 -37.78 47.00 35.82
N ARG W 402 -36.57 47.18 35.27
CA ARG W 402 -35.35 47.15 36.08
C ARG W 402 -35.20 48.51 36.75
N LEU W 403 -35.67 49.55 36.06
CA LEU W 403 -35.60 50.92 36.56
C LEU W 403 -36.55 51.15 37.73
N MET W 404 -37.81 50.78 37.53
CA MET W 404 -38.85 50.95 38.56
C MET W 404 -38.81 49.78 39.53
N ASP W 405 -37.67 49.10 39.62
CA ASP W 405 -37.52 47.97 40.51
C ASP W 405 -37.22 48.45 41.93
N LYS W 406 -36.72 49.67 42.04
CA LYS W 406 -36.38 50.27 43.32
C LYS W 406 -37.58 51.04 43.89
N ILE W 407 -38.33 51.69 43.00
CA ILE W 407 -39.48 52.48 43.39
C ILE W 407 -40.77 51.68 43.60
N SER W 408 -41.12 50.83 42.64
CA SER W 408 -42.35 50.03 42.71
C SER W 408 -42.52 49.20 43.98
N PHE W 409 -41.44 48.97 44.71
CA PHE W 409 -41.49 48.18 45.93
C PHE W 409 -41.79 49.01 47.17
N SER W 410 -41.05 50.11 47.32
CA SER W 410 -41.23 51.00 48.46
C SER W 410 -41.92 52.33 48.11
N ALA W 411 -43.15 52.22 47.61
CA ALA W 411 -43.94 53.40 47.24
C ALA W 411 -44.96 53.63 48.35
N SER W 412 -45.21 52.57 49.13
CA SER W 412 -46.15 52.62 50.23
C SER W 412 -45.54 53.36 51.42
N ASP W 413 -44.40 52.86 51.89
CA ASP W 413 -43.71 53.46 53.02
C ASP W 413 -43.11 54.83 52.70
N MET W 414 -43.36 55.30 51.47
CA MET W 414 -42.88 56.60 51.03
C MET W 414 -44.00 57.22 50.19
N ASN W 415 -45.03 57.68 50.88
CA ASN W 415 -46.21 58.29 50.27
C ASN W 415 -46.12 59.80 50.13
N GLY W 416 -46.69 60.33 49.05
CA GLY W 416 -46.71 61.77 48.82
C GLY W 416 -45.38 62.45 48.52
N GLN W 417 -44.53 61.80 47.72
CA GLN W 417 -43.24 62.38 47.38
C GLN W 417 -43.08 62.59 45.88
N THR W 418 -42.29 63.60 45.52
CA THR W 418 -42.02 63.91 44.12
C THR W 418 -40.51 63.76 43.88
N VAL W 419 -40.11 62.61 43.34
CA VAL W 419 -38.71 62.35 43.07
C VAL W 419 -38.40 62.48 41.58
N ASN W 420 -37.29 63.15 41.28
CA ASN W 420 -36.85 63.37 39.91
C ASN W 420 -36.00 62.22 39.36
N ILE W 421 -36.42 61.68 38.21
CA ILE W 421 -35.69 60.60 37.54
C ILE W 421 -34.91 61.23 36.40
N ASP W 422 -33.62 61.45 36.64
CA ASP W 422 -32.72 62.06 35.66
C ASP W 422 -31.51 61.21 35.33
N ALA W 423 -30.54 61.82 34.66
CA ALA W 423 -29.33 61.14 34.25
C ALA W 423 -28.69 60.35 35.39
N ALA W 424 -28.20 61.06 36.40
CA ALA W 424 -27.56 60.43 37.55
C ALA W 424 -28.42 59.36 38.25
N TYR W 425 -29.73 59.43 38.08
CA TYR W 425 -30.61 58.45 38.73
C TYR W 425 -30.77 57.18 37.90
N VAL W 426 -30.99 57.36 36.60
CA VAL W 426 -31.14 56.22 35.71
C VAL W 426 -29.88 55.37 35.75
N ALA W 427 -28.72 56.02 35.75
CA ALA W 427 -27.43 55.34 35.78
C ALA W 427 -27.31 54.42 37.01
N ASP W 428 -27.28 55.02 38.19
CA ASP W 428 -27.16 54.27 39.43
C ASP W 428 -28.47 53.54 39.74
N ALA W 429 -29.15 53.08 38.69
CA ALA W 429 -30.41 52.36 38.84
C ALA W 429 -30.27 50.90 38.40
N LEU W 430 -29.61 50.70 37.26
CA LEU W 430 -29.40 49.36 36.70
C LEU W 430 -27.97 48.85 36.90
N GLY W 431 -27.03 49.39 36.13
CA GLY W 431 -25.65 48.96 36.25
C GLY W 431 -24.85 49.11 34.96
N GLU W 432 -24.25 48.01 34.49
CA GLU W 432 -23.45 48.01 33.27
C GLU W 432 -23.54 46.69 32.52
N VAL W 433 -23.56 46.76 31.19
CA VAL W 433 -23.64 45.57 30.34
C VAL W 433 -22.35 45.26 29.59
N VAL W 434 -21.73 44.13 29.93
CA VAL W 434 -20.50 43.68 29.30
C VAL W 434 -20.89 42.52 28.36
N GLU W 435 -20.05 42.20 27.39
CA GLU W 435 -20.35 41.13 26.44
C GLU W 435 -20.32 39.72 27.03
N ASN W 436 -20.80 38.77 26.25
CA ASN W 436 -20.87 37.36 26.66
C ASN W 436 -19.49 36.70 26.85
N GLU W 437 -18.42 37.48 26.75
CA GLU W 437 -17.05 36.95 26.89
C GLU W 437 -16.92 35.59 26.23
N ASP W 438 -17.21 35.57 24.93
CA ASP W 438 -17.15 34.37 24.13
C ASP W 438 -15.73 33.82 24.15
N LEU W 439 -14.83 34.59 23.54
CA LEU W 439 -13.41 34.27 23.43
C LEU W 439 -12.86 33.35 24.51
N SER W 440 -12.59 33.92 25.68
CA SER W 440 -12.05 33.19 26.80
C SER W 440 -12.56 31.75 26.83
N ARG W 441 -13.80 31.56 26.40
CA ARG W 441 -14.38 30.22 26.38
C ARG W 441 -14.13 29.51 25.07
N PHE W 442 -15.07 28.65 24.65
CA PHE W 442 -14.93 27.88 23.42
C PHE W 442 -14.50 28.65 22.15
N ILE W 443 -13.20 28.91 22.08
CA ILE W 443 -12.51 29.60 20.99
C ILE W 443 -11.05 29.22 21.23
N LEU W 444 -10.27 29.08 20.17
CA LEU W 444 -8.88 28.71 20.34
C LEU W 444 -7.89 29.78 19.85
N SER X 2 -83.40 21.95 -21.10
CA SER X 2 -83.36 23.09 -20.14
C SER X 2 -81.96 23.64 -19.96
N GLU X 3 -81.17 23.65 -21.04
CA GLU X 3 -79.80 24.16 -20.97
C GLU X 3 -79.32 24.79 -22.28
N MET X 4 -78.22 25.54 -22.19
CA MET X 4 -77.63 26.24 -23.33
C MET X 4 -76.89 25.35 -24.34
N THR X 5 -76.07 25.99 -25.17
CA THR X 5 -75.30 25.29 -26.20
C THR X 5 -73.82 25.70 -26.14
N PRO X 6 -72.90 24.79 -26.52
CA PRO X 6 -71.46 25.06 -26.50
C PRO X 6 -71.03 26.26 -27.35
N ARG X 7 -71.40 26.23 -28.62
CA ARG X 7 -71.06 27.29 -29.57
C ARG X 7 -71.21 28.65 -28.90
N GLU X 8 -72.11 28.71 -27.92
CA GLU X 8 -72.39 29.92 -27.17
C GLU X 8 -71.66 29.98 -25.83
N ILE X 9 -71.55 28.85 -25.16
CA ILE X 9 -70.86 28.81 -23.86
C ILE X 9 -69.50 29.46 -24.03
N VAL X 10 -68.89 29.21 -25.17
CA VAL X 10 -67.59 29.77 -25.50
C VAL X 10 -67.68 31.28 -25.35
N SER X 11 -68.44 31.91 -26.26
CA SER X 11 -68.63 33.35 -26.29
C SER X 11 -69.01 33.98 -24.96
N GLU X 12 -69.57 33.19 -24.05
CA GLU X 12 -69.97 33.71 -22.74
C GLU X 12 -68.81 33.66 -21.77
N LEU X 13 -67.82 32.84 -22.10
CA LEU X 13 -66.64 32.71 -21.27
C LEU X 13 -65.60 33.72 -21.75
N ASP X 14 -65.72 34.14 -23.01
CA ASP X 14 -64.80 35.12 -23.62
C ASP X 14 -64.93 36.52 -23.03
N GLN X 15 -65.53 36.64 -21.85
CA GLN X 15 -65.70 37.93 -21.20
C GLN X 15 -65.03 37.96 -19.82
N HIS X 16 -64.43 36.83 -19.43
CA HIS X 16 -63.75 36.73 -18.15
C HIS X 16 -62.46 35.91 -18.28
N ILE X 17 -62.30 35.27 -19.44
CA ILE X 17 -61.13 34.44 -19.72
C ILE X 17 -60.72 34.53 -21.18
N ILE X 18 -60.16 35.67 -21.58
CA ILE X 18 -59.75 35.84 -22.98
C ILE X 18 -58.49 35.03 -23.24
N GLY X 19 -58.41 34.47 -24.44
CA GLY X 19 -57.26 33.66 -24.78
C GLY X 19 -57.66 32.20 -24.88
N GLN X 20 -56.77 31.30 -24.51
CA GLN X 20 -57.05 29.87 -24.57
C GLN X 20 -57.72 29.53 -25.89
N ALA X 21 -58.49 28.45 -25.89
CA ALA X 21 -59.20 28.02 -27.09
C ALA X 21 -59.60 26.57 -26.88
N ASP X 22 -58.73 25.66 -27.31
CA ASP X 22 -58.97 24.23 -27.17
C ASP X 22 -59.42 24.00 -25.73
N ALA X 23 -59.06 24.95 -24.87
CA ALA X 23 -59.41 24.90 -23.47
C ALA X 23 -60.94 24.91 -23.34
N LYS X 24 -61.51 26.11 -23.48
CA LYS X 24 -62.95 26.31 -23.38
C LYS X 24 -63.70 25.25 -24.17
N ARG X 25 -63.41 25.14 -25.46
CA ARG X 25 -64.06 24.16 -26.33
C ARG X 25 -64.35 22.85 -25.63
N ALA X 26 -63.31 22.22 -25.09
CA ALA X 26 -63.44 20.94 -24.41
C ALA X 26 -64.20 21.08 -23.11
N VAL X 27 -64.12 22.26 -22.52
CA VAL X 27 -64.83 22.54 -21.29
C VAL X 27 -66.32 22.55 -21.62
N ALA X 28 -66.63 23.08 -22.80
CA ALA X 28 -68.01 23.18 -23.28
C ALA X 28 -68.61 21.83 -23.58
N ILE X 29 -68.04 21.13 -24.55
CA ILE X 29 -68.52 19.81 -24.94
C ILE X 29 -68.71 18.89 -23.73
N ALA X 30 -68.25 19.33 -22.57
CA ALA X 30 -68.38 18.56 -21.34
C ALA X 30 -69.75 18.80 -20.70
N LEU X 31 -70.20 20.04 -20.75
CA LEU X 31 -71.49 20.46 -20.19
C LEU X 31 -72.63 20.03 -21.10
N ARG X 32 -72.36 20.04 -22.40
CA ARG X 32 -73.33 19.66 -23.41
C ARG X 32 -73.64 18.16 -23.35
N ASN X 33 -72.62 17.36 -23.07
CA ASN X 33 -72.80 15.91 -23.00
C ASN X 33 -73.44 15.42 -21.70
N ARG X 34 -73.69 16.33 -20.76
CA ARG X 34 -74.33 15.94 -19.51
C ARG X 34 -75.81 16.32 -19.62
N TRP X 35 -76.16 16.89 -20.77
CA TRP X 35 -77.53 17.30 -21.06
C TRP X 35 -78.09 16.33 -22.11
N ARG X 36 -77.35 16.12 -23.20
CA ARG X 36 -77.75 15.21 -24.26
C ARG X 36 -77.97 13.85 -23.62
N ARG X 37 -77.44 13.70 -22.41
CA ARG X 37 -77.53 12.47 -21.65
C ARG X 37 -78.86 12.37 -20.92
N MET X 38 -79.48 13.51 -20.66
CA MET X 38 -80.76 13.57 -19.96
C MET X 38 -81.92 13.04 -20.81
N GLN X 39 -82.01 13.49 -22.06
CA GLN X 39 -83.09 13.05 -22.96
C GLN X 39 -82.91 11.61 -23.43
N LEU X 40 -82.88 10.67 -22.49
CA LEU X 40 -82.74 9.26 -22.81
C LEU X 40 -83.49 8.46 -21.76
N GLN X 41 -84.00 7.29 -22.17
CA GLN X 41 -84.76 6.44 -21.26
C GLN X 41 -83.95 5.96 -20.05
N GLU X 42 -84.41 4.88 -19.42
CA GLU X 42 -83.72 4.36 -18.24
C GLU X 42 -82.40 3.67 -18.55
N PRO X 43 -82.41 2.67 -19.46
CA PRO X 43 -81.16 1.98 -19.80
C PRO X 43 -80.01 2.91 -20.18
N LEU X 44 -80.05 3.43 -21.40
CA LEU X 44 -79.00 4.32 -21.92
C LEU X 44 -78.93 5.67 -21.20
N ARG X 45 -78.99 5.66 -19.87
CA ARG X 45 -78.92 6.89 -19.11
C ARG X 45 -78.05 6.74 -17.87
N HIS X 46 -78.42 5.82 -16.98
CA HIS X 46 -77.64 5.63 -15.77
C HIS X 46 -76.29 5.00 -16.09
N GLU X 47 -76.12 4.55 -17.33
CA GLU X 47 -74.87 3.95 -17.76
C GLU X 47 -74.31 4.62 -19.02
N VAL X 48 -73.80 5.84 -18.81
CA VAL X 48 -73.19 6.65 -19.86
C VAL X 48 -72.36 7.73 -19.15
N THR X 49 -71.52 7.27 -18.22
CA THR X 49 -70.66 8.13 -17.43
C THR X 49 -70.01 9.26 -18.23
N PRO X 50 -70.07 10.50 -17.69
CA PRO X 50 -69.49 11.67 -18.34
C PRO X 50 -68.03 11.47 -18.74
N LYS X 51 -67.51 12.43 -19.49
CA LYS X 51 -66.14 12.39 -19.95
C LYS X 51 -65.34 13.44 -19.19
N ASN X 52 -64.66 13.01 -18.12
CA ASN X 52 -63.87 13.92 -17.28
C ASN X 52 -62.74 14.60 -18.03
N ILE X 53 -62.29 15.75 -17.51
CA ILE X 53 -61.25 16.52 -18.16
C ILE X 53 -59.99 16.80 -17.33
N LEU X 54 -58.85 16.92 -18.02
CA LEU X 54 -57.55 17.20 -17.40
C LEU X 54 -56.90 18.38 -18.11
N MET X 55 -56.74 19.49 -17.40
CA MET X 55 -56.15 20.69 -17.97
C MET X 55 -54.65 20.76 -17.80
N ILE X 56 -53.94 20.77 -18.93
CA ILE X 56 -52.49 20.86 -18.95
C ILE X 56 -52.09 22.29 -19.27
N GLY X 57 -51.56 23.00 -18.28
CA GLY X 57 -51.15 24.37 -18.50
C GLY X 57 -50.47 25.01 -17.31
N PRO X 58 -49.73 26.10 -17.53
CA PRO X 58 -48.98 26.86 -16.52
C PRO X 58 -49.75 27.24 -15.26
N THR X 59 -49.20 28.18 -14.51
CA THR X 59 -49.83 28.65 -13.29
C THR X 59 -50.16 30.14 -13.42
N GLY X 60 -51.38 30.42 -13.89
CA GLY X 60 -51.83 31.79 -14.07
C GLY X 60 -52.64 31.99 -15.33
N VAL X 61 -52.53 31.07 -16.28
CA VAL X 61 -53.27 31.17 -17.54
C VAL X 61 -54.74 30.89 -17.34
N GLY X 62 -55.10 30.50 -16.13
CA GLY X 62 -56.50 30.23 -15.84
C GLY X 62 -57.02 28.87 -16.19
N LYS X 63 -57.02 27.99 -15.21
CA LYS X 63 -57.52 26.63 -15.36
C LYS X 63 -58.67 26.52 -14.36
N THR X 64 -58.62 27.38 -13.35
CA THR X 64 -59.65 27.41 -12.32
C THR X 64 -60.77 28.35 -12.75
N GLU X 65 -60.40 29.43 -13.44
CA GLU X 65 -61.40 30.38 -13.90
C GLU X 65 -62.37 29.71 -14.86
N ILE X 66 -61.83 28.96 -15.82
CA ILE X 66 -62.66 28.28 -16.79
C ILE X 66 -63.51 27.15 -16.16
N ALA X 67 -63.19 26.77 -14.93
CA ALA X 67 -63.94 25.73 -14.25
C ALA X 67 -64.94 26.36 -13.28
N ARG X 68 -64.65 27.59 -12.88
CA ARG X 68 -65.49 28.33 -11.96
C ARG X 68 -66.62 29.00 -12.75
N ARG X 69 -66.27 29.52 -13.93
CA ARG X 69 -67.25 30.15 -14.82
C ARG X 69 -67.95 29.03 -15.60
N LEU X 70 -68.19 27.93 -14.90
CA LEU X 70 -68.86 26.77 -15.48
C LEU X 70 -69.75 26.22 -14.38
N ALA X 71 -69.90 27.00 -13.32
CA ALA X 71 -70.73 26.63 -12.19
C ALA X 71 -71.80 27.72 -12.02
N LYS X 72 -71.39 28.97 -12.20
CA LYS X 72 -72.31 30.10 -12.10
C LYS X 72 -73.01 30.29 -13.44
N LEU X 73 -72.35 29.87 -14.51
CA LEU X 73 -72.92 29.99 -15.85
C LEU X 73 -73.31 28.61 -16.36
N ALA X 74 -74.08 27.89 -15.54
CA ALA X 74 -74.57 26.56 -15.84
C ALA X 74 -75.26 26.01 -14.60
N ASN X 75 -75.20 26.78 -13.52
CA ASN X 75 -75.80 26.42 -12.24
C ASN X 75 -75.60 24.96 -11.83
N ALA X 76 -74.63 24.75 -10.96
CA ALA X 76 -74.30 23.42 -10.46
C ALA X 76 -73.30 23.54 -9.31
N PRO X 77 -73.41 22.64 -8.31
CA PRO X 77 -72.52 22.64 -7.16
C PRO X 77 -71.04 22.55 -7.59
N PHE X 78 -70.24 23.51 -7.15
CA PHE X 78 -68.82 23.56 -7.51
C PHE X 78 -67.95 23.37 -6.27
N ILE X 79 -66.70 22.98 -6.47
CA ILE X 79 -65.78 22.76 -5.37
C ILE X 79 -64.37 22.51 -5.86
N LYS X 80 -63.42 23.33 -5.41
CA LYS X 80 -62.02 23.16 -5.80
C LYS X 80 -61.23 22.55 -4.65
N VAL X 81 -60.36 21.59 -4.97
CA VAL X 81 -59.55 20.92 -3.97
C VAL X 81 -58.06 20.88 -4.34
N GLU X 82 -57.20 20.98 -3.32
CA GLU X 82 -55.76 20.97 -3.51
C GLU X 82 -55.12 19.70 -2.94
N ALA X 83 -54.80 18.76 -3.82
CA ALA X 83 -54.18 17.50 -3.37
C ALA X 83 -52.97 17.74 -2.48
N GLU X 95 -59.09 13.70 4.74
CA GLU X 95 -60.19 12.87 4.25
C GLU X 95 -60.34 12.97 2.72
N VAL X 96 -60.91 11.94 2.11
CA VAL X 96 -61.10 11.91 0.66
C VAL X 96 -62.53 12.21 0.23
N ASP X 97 -63.49 11.65 0.95
CA ASP X 97 -64.91 11.85 0.64
C ASP X 97 -65.39 13.26 0.93
N SER X 98 -64.62 13.98 1.76
CA SER X 98 -64.97 15.35 2.12
C SER X 98 -65.11 16.23 0.88
N ILE X 99 -64.61 15.73 -0.25
CA ILE X 99 -64.70 16.48 -1.50
C ILE X 99 -66.15 16.44 -1.97
N ILE X 100 -66.86 15.39 -1.54
CA ILE X 100 -68.27 15.22 -1.89
C ILE X 100 -69.14 15.86 -0.82
N ARG X 101 -68.86 15.54 0.43
CA ARG X 101 -69.61 16.09 1.56
C ARG X 101 -69.69 17.61 1.48
N ASP X 102 -68.68 18.22 0.85
CA ASP X 102 -68.63 19.67 0.71
C ASP X 102 -69.26 20.14 -0.60
N LEU X 103 -69.37 19.25 -1.56
CA LEU X 103 -69.97 19.58 -2.85
C LEU X 103 -71.47 19.72 -2.61
N THR X 104 -71.95 19.04 -1.57
CA THR X 104 -73.35 19.06 -1.22
C THR X 104 -73.66 20.31 -0.37
N ASP X 105 -72.72 20.71 0.47
CA ASP X 105 -72.89 21.88 1.33
C ASP X 105 -72.86 23.18 0.53
N SER X 106 -72.57 23.07 -0.76
CA SER X 106 -72.53 24.24 -1.64
C SER X 106 -73.64 24.10 -2.67
N ALA X 107 -74.66 23.33 -2.28
CA ALA X 107 -75.83 23.05 -3.09
C ALA X 107 -77.09 23.54 -2.40
N MET X 108 -77.06 23.56 -1.06
CA MET X 108 -78.21 24.03 -0.29
C MET X 108 -78.16 25.54 -0.21
N LYS X 109 -77.33 26.14 -1.07
CA LYS X 109 -77.18 27.60 -1.12
C LYS X 109 -77.41 28.05 -2.55
N LEU X 110 -78.22 27.28 -3.28
CA LEU X 110 -78.59 27.56 -4.66
C LEU X 110 -79.92 26.86 -4.98
N VAL X 111 -80.12 25.69 -4.37
CA VAL X 111 -81.35 24.91 -4.55
C VAL X 111 -82.37 25.38 -3.52
N ARG X 112 -81.87 25.82 -2.36
CA ARG X 112 -82.73 26.29 -1.27
C ARG X 112 -82.79 27.83 -1.22
N GLN X 113 -81.94 28.50 -1.99
CA GLN X 113 -81.94 29.96 -2.00
C GLN X 113 -82.72 30.49 -3.20
N GLN X 114 -83.15 29.56 -4.06
CA GLN X 114 -83.94 29.91 -5.25
C GLN X 114 -85.38 29.48 -4.98
N GLU X 115 -85.58 28.81 -3.84
CA GLU X 115 -86.90 28.36 -3.44
C GLU X 115 -87.39 29.26 -2.31
N ILE X 116 -86.62 30.31 -2.02
CA ILE X 116 -86.96 31.26 -0.97
C ILE X 116 -87.70 32.44 -1.60
N ALA X 117 -87.59 32.55 -2.92
CA ALA X 117 -88.24 33.62 -3.66
C ALA X 117 -89.48 33.11 -4.42
N LYS X 118 -89.63 31.78 -4.49
CA LYS X 118 -90.78 31.19 -5.20
C LYS X 118 -91.54 30.10 -4.42
N ASN X 119 -91.44 30.13 -3.09
CA ASN X 119 -92.13 29.16 -2.22
C ASN X 119 -92.07 29.62 -0.76
N ILE X 227 -88.86 38.92 8.47
CA ILE X 227 -88.53 38.84 9.88
C ILE X 227 -89.25 37.66 10.56
N ASP X 228 -90.57 37.78 10.70
CA ASP X 228 -91.41 36.73 11.30
C ASP X 228 -92.08 36.02 10.11
N ASP X 229 -92.39 36.82 9.09
CA ASP X 229 -93.01 36.37 7.85
C ASP X 229 -91.99 35.74 6.93
N GLU X 230 -90.71 35.89 7.29
CA GLU X 230 -89.60 35.35 6.51
C GLU X 230 -89.26 33.97 7.04
N ALA X 231 -89.14 33.87 8.37
CA ALA X 231 -88.80 32.62 9.04
C ALA X 231 -90.00 31.66 9.13
N ALA X 232 -91.18 32.16 8.80
CA ALA X 232 -92.39 31.36 8.84
C ALA X 232 -92.63 30.66 7.48
N LYS X 233 -92.77 31.46 6.43
CA LYS X 233 -93.01 30.96 5.07
C LYS X 233 -92.08 29.84 4.60
N LEU X 234 -90.94 29.70 5.27
CA LEU X 234 -89.97 28.67 4.90
C LEU X 234 -90.60 27.27 5.00
N ILE X 235 -90.64 26.55 3.87
CA ILE X 235 -91.20 25.20 3.82
C ILE X 235 -90.41 24.30 2.84
N ASN X 236 -90.52 22.98 3.04
CA ASN X 236 -89.86 21.94 2.20
C ASN X 236 -88.59 21.36 2.82
N PRO X 237 -88.72 20.61 3.93
CA PRO X 237 -87.55 19.99 4.60
C PRO X 237 -87.18 18.60 4.05
N GLU X 238 -87.97 17.59 4.41
CA GLU X 238 -87.73 16.22 3.96
C GLU X 238 -87.93 16.08 2.45
N GLU X 239 -88.25 17.20 1.80
CA GLU X 239 -88.45 17.23 0.37
C GLU X 239 -87.22 17.88 -0.27
N LEU X 240 -86.68 18.91 0.38
CA LEU X 240 -85.50 19.61 -0.12
C LEU X 240 -84.24 18.89 0.34
N LYS X 241 -84.42 17.74 0.98
CA LYS X 241 -83.29 16.96 1.45
C LYS X 241 -83.11 15.76 0.51
N GLN X 242 -84.17 15.41 -0.21
CA GLN X 242 -84.13 14.29 -1.15
C GLN X 242 -84.28 14.81 -2.58
N LYS X 243 -84.45 16.12 -2.72
CA LYS X 243 -84.61 16.74 -4.04
C LYS X 243 -83.52 17.78 -4.32
N ALA X 244 -82.72 18.08 -3.30
CA ALA X 244 -81.63 19.05 -3.45
C ALA X 244 -80.39 18.25 -3.83
N ILE X 245 -80.54 16.93 -3.81
CA ILE X 245 -79.47 16.00 -4.19
C ILE X 245 -79.57 15.77 -5.69
N ASP X 246 -80.75 16.02 -6.25
CA ASP X 246 -80.99 15.89 -7.68
C ASP X 246 -80.32 17.10 -8.35
N ALA X 247 -79.55 17.84 -7.54
CA ALA X 247 -78.82 19.01 -8.00
C ALA X 247 -77.34 18.72 -7.82
N VAL X 248 -77.04 17.52 -7.30
CA VAL X 248 -75.66 17.08 -7.11
C VAL X 248 -75.42 15.79 -7.87
N GLU X 249 -76.20 14.75 -7.56
CA GLU X 249 -76.06 13.46 -8.24
C GLU X 249 -75.84 13.63 -9.73
N GLN X 250 -76.47 14.65 -10.31
CA GLN X 250 -76.35 14.90 -11.74
C GLN X 250 -75.51 16.15 -12.03
N ASN X 251 -75.94 17.28 -11.48
CA ASN X 251 -75.21 18.53 -11.70
C ASN X 251 -74.14 18.71 -10.62
N GLY X 252 -72.94 18.21 -10.90
CA GLY X 252 -71.84 18.31 -9.96
C GLY X 252 -70.51 18.47 -10.66
N ILE X 253 -69.76 19.49 -10.25
CA ILE X 253 -68.46 19.77 -10.84
C ILE X 253 -67.34 19.80 -9.79
N VAL X 254 -66.41 18.86 -9.89
CA VAL X 254 -65.29 18.77 -8.96
C VAL X 254 -64.01 19.22 -9.64
N PHE X 255 -63.27 20.10 -8.99
CA PHE X 255 -62.04 20.62 -9.55
C PHE X 255 -60.85 20.28 -8.68
N ILE X 256 -59.88 19.59 -9.27
CA ILE X 256 -58.70 19.19 -8.54
C ILE X 256 -57.50 19.97 -9.06
N ASP X 257 -57.18 21.09 -8.39
CA ASP X 257 -56.06 21.93 -8.79
C ASP X 257 -54.73 21.27 -8.45
N GLU X 258 -53.70 21.56 -9.23
CA GLU X 258 -52.36 21.00 -9.05
C GLU X 258 -52.45 19.51 -8.66
N ILE X 259 -52.62 18.64 -9.65
CA ILE X 259 -52.71 17.19 -9.41
C ILE X 259 -51.34 16.54 -9.56
N ASP X 260 -50.55 17.04 -10.51
CA ASP X 260 -49.22 16.52 -10.76
C ASP X 260 -48.52 16.22 -9.44
N LYS X 261 -48.76 17.10 -8.46
CA LYS X 261 -48.16 16.97 -7.15
C LYS X 261 -48.38 15.60 -6.49
N ILE X 262 -49.17 14.74 -7.12
CA ILE X 262 -49.43 13.42 -6.55
C ILE X 262 -49.03 12.28 -7.48
N CYS X 263 -48.08 12.55 -8.38
CA CYS X 263 -47.63 11.54 -9.31
C CYS X 263 -46.30 10.93 -8.87
N LYS X 264 -46.07 9.68 -9.24
CA LYS X 264 -44.84 8.99 -8.89
C LYS X 264 -43.63 9.77 -9.43
N LYS X 265 -42.65 10.01 -8.56
CA LYS X 265 -41.45 10.75 -8.96
C LYS X 265 -41.82 12.15 -9.45
N SER X 269 -39.80 9.43 -5.54
CA SER X 269 -40.98 9.26 -4.68
C SER X 269 -41.03 7.84 -4.09
N GLY X 270 -39.98 7.48 -3.34
CA GLY X 270 -39.91 6.16 -2.73
C GLY X 270 -40.07 6.19 -1.22
N ALA X 271 -39.83 7.37 -0.63
CA ALA X 271 -39.94 7.57 0.82
C ALA X 271 -41.35 8.04 1.17
N ASP X 272 -42.17 8.23 0.13
CA ASP X 272 -43.55 8.67 0.29
C ASP X 272 -44.44 8.19 -0.86
N VAL X 273 -44.74 6.89 -0.86
CA VAL X 273 -45.58 6.29 -1.89
C VAL X 273 -47.03 6.74 -1.64
N SER X 274 -47.22 7.55 -0.60
CA SER X 274 -48.53 8.04 -0.25
C SER X 274 -49.08 9.02 -1.29
N ARG X 275 -48.23 9.48 -2.20
CA ARG X 275 -48.66 10.39 -3.26
C ARG X 275 -49.47 9.62 -4.29
N GLU X 276 -49.28 8.31 -4.31
CA GLU X 276 -49.99 7.43 -5.21
C GLU X 276 -51.17 6.84 -4.44
N GLY X 277 -51.19 7.09 -3.13
CA GLY X 277 -52.27 6.61 -2.30
C GLY X 277 -53.47 7.53 -2.45
N VAL X 278 -53.23 8.83 -2.41
CA VAL X 278 -54.28 9.83 -2.57
C VAL X 278 -54.89 9.62 -3.94
N GLN X 279 -54.03 9.57 -4.96
CA GLN X 279 -54.46 9.35 -6.32
C GLN X 279 -55.26 8.06 -6.41
N ARG X 280 -55.16 7.23 -5.36
CA ARG X 280 -55.85 5.95 -5.31
C ARG X 280 -57.18 6.02 -4.56
N ASP X 281 -57.17 6.68 -3.40
CA ASP X 281 -58.39 6.82 -2.60
C ASP X 281 -59.34 7.78 -3.31
N LEU X 282 -58.83 8.46 -4.34
CA LEU X 282 -59.62 9.42 -5.12
C LEU X 282 -60.15 8.74 -6.38
N LEU X 283 -59.96 7.43 -6.47
CA LEU X 283 -60.42 6.67 -7.62
C LEU X 283 -61.91 6.36 -7.49
N PRO X 284 -62.34 5.86 -6.32
CA PRO X 284 -63.76 5.52 -6.12
C PRO X 284 -64.71 6.68 -6.50
N LEU X 285 -64.23 7.91 -6.35
CA LEU X 285 -65.03 9.09 -6.68
C LEU X 285 -65.16 9.33 -8.18
N VAL X 286 -64.07 9.18 -8.92
CA VAL X 286 -64.15 9.38 -10.36
C VAL X 286 -64.72 8.14 -11.03
N GLU X 287 -64.72 7.02 -10.31
CA GLU X 287 -65.26 5.76 -10.80
C GLU X 287 -66.77 5.72 -10.61
N GLY X 288 -67.19 5.72 -9.35
CA GLY X 288 -68.61 5.68 -9.04
C GLY X 288 -68.90 4.97 -7.73
N SER X 289 -69.25 5.74 -6.71
CA SER X 289 -69.56 5.18 -5.40
C SER X 289 -70.73 5.92 -4.74
N THR X 290 -70.96 5.61 -3.47
CA THR X 290 -72.05 6.22 -2.71
C THR X 290 -71.54 6.86 -1.43
N VAL X 291 -71.42 8.19 -1.44
CA VAL X 291 -70.95 8.93 -0.28
C VAL X 291 -72.11 9.21 0.68
N SER X 292 -71.89 9.05 1.98
CA SER X 292 -72.94 9.31 2.96
C SER X 292 -72.83 10.70 3.57
N THR X 293 -73.57 11.65 3.01
CA THR X 293 -73.57 13.03 3.48
C THR X 293 -74.63 13.22 4.56
N LYS X 294 -74.65 14.40 5.18
CA LYS X 294 -75.62 14.70 6.23
C LYS X 294 -76.95 15.12 5.63
N HIS X 295 -77.26 14.60 4.45
CA HIS X 295 -78.50 14.89 3.75
C HIS X 295 -79.04 13.59 3.18
N GLY X 296 -78.17 12.58 3.11
CA GLY X 296 -78.56 11.29 2.59
C GLY X 296 -77.45 10.74 1.71
N MET X 297 -77.74 9.63 1.04
CA MET X 297 -76.77 8.99 0.17
C MET X 297 -76.75 9.66 -1.22
N VAL X 298 -75.58 10.16 -1.61
CA VAL X 298 -75.39 10.81 -2.90
C VAL X 298 -74.46 10.01 -3.82
N LYS X 299 -74.98 9.66 -4.99
CA LYS X 299 -74.22 8.89 -5.98
C LYS X 299 -73.23 9.84 -6.65
N THR X 300 -72.24 9.28 -7.34
CA THR X 300 -71.22 10.09 -7.99
C THR X 300 -71.04 9.80 -9.48
N ASP X 301 -71.27 8.54 -9.86
CA ASP X 301 -71.12 8.10 -11.25
C ASP X 301 -71.28 9.18 -12.30
N HIS X 302 -72.27 10.03 -12.11
CA HIS X 302 -72.54 11.07 -13.09
C HIS X 302 -71.94 12.46 -12.84
N ILE X 303 -71.14 12.60 -11.79
CA ILE X 303 -70.56 13.91 -11.50
C ILE X 303 -69.59 14.28 -12.63
N LEU X 304 -68.96 15.43 -12.53
CA LEU X 304 -68.00 15.90 -13.54
C LEU X 304 -66.72 16.39 -12.89
N PHE X 305 -65.60 15.77 -13.23
CA PHE X 305 -64.31 16.14 -12.66
C PHE X 305 -63.40 16.87 -13.63
N ILE X 306 -62.70 17.86 -13.12
CA ILE X 306 -61.76 18.63 -13.92
C ILE X 306 -60.51 18.80 -13.10
N ALA X 307 -59.42 18.17 -13.53
CA ALA X 307 -58.15 18.25 -12.82
C ALA X 307 -57.13 19.12 -13.58
N SER X 308 -56.57 20.08 -12.87
CA SER X 308 -55.59 21.00 -13.45
C SER X 308 -54.19 20.55 -13.05
N GLY X 309 -53.22 20.87 -13.89
CA GLY X 309 -51.86 20.48 -13.60
C GLY X 309 -50.87 21.14 -14.53
N ALA X 310 -49.73 21.54 -13.98
CA ALA X 310 -48.69 22.19 -14.77
C ALA X 310 -47.93 21.11 -15.51
N PHE X 311 -47.83 19.93 -14.88
CA PHE X 311 -47.13 18.79 -15.45
C PHE X 311 -45.81 19.16 -16.12
N GLN X 312 -45.00 19.91 -15.38
CA GLN X 312 -43.69 20.33 -15.86
C GLN X 312 -42.72 19.22 -15.45
N VAL X 313 -42.94 18.71 -14.24
CA VAL X 313 -42.12 17.64 -13.68
C VAL X 313 -42.56 16.34 -14.33
N ALA X 314 -43.59 15.71 -13.77
CA ALA X 314 -44.10 14.45 -14.30
C ALA X 314 -44.90 14.69 -15.58
N ARG X 315 -45.68 13.69 -15.98
CA ARG X 315 -46.48 13.81 -17.18
C ARG X 315 -47.78 13.02 -17.03
N PRO X 316 -48.71 13.13 -18.01
CA PRO X 316 -49.97 12.41 -17.93
C PRO X 316 -49.78 10.95 -17.52
N SER X 317 -49.07 10.21 -18.38
CA SER X 317 -48.79 8.78 -18.17
C SER X 317 -48.21 8.42 -16.81
N ASP X 318 -47.80 9.42 -16.03
CA ASP X 318 -47.24 9.17 -14.72
C ASP X 318 -48.33 9.03 -13.65
N LEU X 319 -49.55 8.77 -14.10
CA LEU X 319 -50.69 8.58 -13.19
C LEU X 319 -51.12 7.13 -13.23
N ILE X 320 -51.75 6.66 -12.15
CA ILE X 320 -52.21 5.28 -12.11
C ILE X 320 -53.06 5.02 -13.34
N PRO X 321 -52.92 3.84 -13.96
CA PRO X 321 -53.69 3.48 -15.15
C PRO X 321 -55.19 3.76 -15.01
N GLU X 322 -55.73 3.44 -13.84
CA GLU X 322 -57.15 3.66 -13.57
C GLU X 322 -57.57 5.08 -13.98
N LEU X 323 -56.98 6.10 -13.37
CA LEU X 323 -57.32 7.47 -13.69
C LEU X 323 -57.05 7.87 -15.14
N GLN X 324 -56.00 7.31 -15.74
CA GLN X 324 -55.68 7.65 -17.12
C GLN X 324 -56.85 7.33 -18.03
N GLY X 325 -57.61 6.30 -17.67
CA GLY X 325 -58.76 5.89 -18.46
C GLY X 325 -60.07 6.49 -18.02
N ARG X 326 -60.05 7.16 -16.86
CA ARG X 326 -61.27 7.78 -16.34
C ARG X 326 -61.07 9.30 -16.35
N LEU X 327 -60.25 9.75 -17.29
CA LEU X 327 -59.93 11.16 -17.53
C LEU X 327 -59.53 11.26 -19.00
N PRO X 328 -60.35 10.68 -19.90
CA PRO X 328 -60.15 10.65 -21.35
C PRO X 328 -59.92 11.97 -22.07
N ILE X 329 -60.38 13.07 -21.49
CA ILE X 329 -60.22 14.35 -22.16
C ILE X 329 -58.94 15.03 -21.71
N ARG X 330 -58.07 15.33 -22.67
CA ARG X 330 -56.80 15.99 -22.40
C ARG X 330 -56.83 17.34 -23.09
N VAL X 331 -56.93 18.42 -22.31
CA VAL X 331 -56.98 19.75 -22.88
C VAL X 331 -55.69 20.52 -22.59
N GLU X 332 -55.09 21.04 -23.65
CA GLU X 332 -53.83 21.76 -23.51
C GLU X 332 -53.97 23.27 -23.57
N LEU X 333 -53.78 23.94 -22.43
CA LEU X 333 -53.89 25.40 -22.37
C LEU X 333 -52.56 25.98 -22.83
N THR X 334 -52.51 27.31 -22.99
CA THR X 334 -51.27 27.96 -23.41
C THR X 334 -50.91 29.04 -22.42
N ALA X 335 -49.68 29.53 -22.51
CA ALA X 335 -49.22 30.57 -21.60
C ALA X 335 -49.76 31.90 -22.08
N LEU X 336 -49.84 32.84 -21.16
CA LEU X 336 -50.34 34.16 -21.50
C LEU X 336 -49.18 34.98 -22.07
N SER X 337 -49.37 35.49 -23.30
CA SER X 337 -48.32 36.27 -23.96
C SER X 337 -48.39 37.75 -23.63
N ALA X 338 -47.54 38.54 -24.28
CA ALA X 338 -47.50 39.98 -24.05
C ALA X 338 -48.82 40.62 -24.44
N ALA X 339 -49.29 40.29 -25.65
CA ALA X 339 -50.53 40.84 -26.17
C ALA X 339 -51.75 40.27 -25.43
N ASP X 340 -51.54 39.18 -24.70
CA ASP X 340 -52.63 38.55 -23.95
C ASP X 340 -52.92 39.30 -22.63
N PHE X 341 -51.97 40.09 -22.16
CA PHE X 341 -52.17 40.85 -20.94
C PHE X 341 -52.78 42.19 -21.32
N GLU X 342 -52.55 42.58 -22.56
CA GLU X 342 -53.08 43.83 -23.09
C GLU X 342 -54.59 43.71 -23.24
N ARG X 343 -55.05 42.47 -23.40
CA ARG X 343 -56.46 42.18 -23.55
C ARG X 343 -57.11 41.88 -22.20
N ILE X 344 -56.56 40.92 -21.47
CA ILE X 344 -57.09 40.55 -20.16
C ILE X 344 -57.17 41.77 -19.24
N LEU X 345 -56.57 42.87 -19.67
CA LEU X 345 -56.56 44.09 -18.89
C LEU X 345 -57.80 44.95 -19.09
N THR X 346 -58.58 44.68 -20.14
CA THR X 346 -59.79 45.46 -20.42
C THR X 346 -61.03 44.66 -20.82
N GLU X 347 -60.99 44.10 -22.03
CA GLU X 347 -62.11 43.33 -22.59
C GLU X 347 -63.01 42.56 -21.62
N PRO X 348 -62.41 41.78 -20.70
CA PRO X 348 -63.21 41.02 -19.73
C PRO X 348 -64.00 41.85 -18.72
N HIS X 349 -65.18 41.36 -18.36
CA HIS X 349 -66.02 42.04 -17.37
C HIS X 349 -65.31 42.00 -16.03
N ALA X 350 -65.25 43.14 -15.36
CA ALA X 350 -64.59 43.28 -14.06
C ALA X 350 -63.09 43.38 -14.24
N SER X 351 -62.65 43.74 -15.44
CA SER X 351 -61.23 43.87 -15.72
C SER X 351 -60.58 44.86 -14.77
N LEU X 352 -59.26 44.76 -14.63
CA LEU X 352 -58.51 45.64 -13.74
C LEU X 352 -58.70 47.12 -14.06
N THR X 353 -58.60 47.48 -15.32
CA THR X 353 -58.80 48.87 -15.72
C THR X 353 -60.13 49.33 -15.15
N GLU X 354 -61.18 48.54 -15.40
CA GLU X 354 -62.54 48.84 -14.93
C GLU X 354 -62.60 48.91 -13.40
N GLN X 355 -62.08 47.89 -12.74
CA GLN X 355 -62.09 47.82 -11.28
C GLN X 355 -61.48 49.03 -10.61
N TYR X 356 -60.32 49.47 -11.07
CA TYR X 356 -59.68 50.64 -10.48
C TYR X 356 -60.34 51.94 -10.94
N LYS X 357 -61.05 51.87 -12.07
CA LYS X 357 -61.72 53.03 -12.62
C LYS X 357 -62.89 53.39 -11.71
N ALA X 358 -63.68 52.38 -11.36
CA ALA X 358 -64.85 52.55 -10.51
C ALA X 358 -64.49 52.74 -9.04
N LEU X 359 -63.40 52.11 -8.58
CA LEU X 359 -62.98 52.24 -7.20
C LEU X 359 -62.39 53.61 -6.96
N MET X 360 -62.07 54.31 -8.05
CA MET X 360 -61.49 55.64 -7.97
C MET X 360 -62.48 56.73 -8.38
N ALA X 361 -63.67 56.32 -8.79
CA ALA X 361 -64.71 57.25 -9.18
C ALA X 361 -65.52 57.55 -7.93
N THR X 362 -65.61 56.55 -7.06
CA THR X 362 -66.34 56.67 -5.80
C THR X 362 -65.60 57.63 -4.88
N GLU X 363 -64.54 58.24 -5.41
CA GLU X 363 -63.75 59.20 -4.65
C GLU X 363 -63.97 60.57 -5.26
N GLY X 364 -64.62 60.59 -6.42
CA GLY X 364 -64.88 61.85 -7.09
C GLY X 364 -63.82 62.16 -8.12
N VAL X 365 -62.99 61.16 -8.44
CA VAL X 365 -61.93 61.36 -9.42
C VAL X 365 -62.13 60.48 -10.66
N ASN X 366 -61.62 60.97 -11.78
CA ASN X 366 -61.72 60.25 -13.04
C ASN X 366 -60.31 59.84 -13.49
N ILE X 367 -60.19 58.66 -14.10
CA ILE X 367 -58.90 58.15 -14.54
C ILE X 367 -58.92 57.61 -15.97
N ALA X 368 -57.99 58.10 -16.79
CA ALA X 368 -57.92 57.69 -18.20
C ALA X 368 -56.80 56.68 -18.47
N PHE X 369 -57.16 55.53 -19.00
CA PHE X 369 -56.21 54.48 -19.34
C PHE X 369 -56.05 54.39 -20.86
N THR X 370 -55.19 55.24 -21.40
CA THR X 370 -54.95 55.27 -22.84
C THR X 370 -54.47 53.91 -23.36
N THR X 371 -54.70 53.65 -24.65
CA THR X 371 -54.30 52.39 -25.28
C THR X 371 -52.78 52.24 -25.41
N ASP X 372 -52.10 53.32 -25.76
CA ASP X 372 -50.65 53.26 -25.90
C ASP X 372 -49.98 53.07 -24.54
N ALA X 373 -50.80 53.00 -23.48
CA ALA X 373 -50.29 52.82 -22.13
C ALA X 373 -50.75 51.50 -21.51
N VAL X 374 -51.55 50.74 -22.24
CA VAL X 374 -52.01 49.45 -21.74
C VAL X 374 -50.96 48.44 -22.16
N LYS X 375 -50.22 48.78 -23.21
CA LYS X 375 -49.14 47.93 -23.70
C LYS X 375 -48.04 47.97 -22.64
N LYS X 376 -47.64 49.18 -22.26
CA LYS X 376 -46.60 49.37 -21.28
C LYS X 376 -47.08 49.10 -19.86
N ILE X 377 -48.06 48.21 -19.75
CA ILE X 377 -48.61 47.81 -18.46
C ILE X 377 -48.86 46.32 -18.54
N ALA X 378 -48.98 45.83 -19.77
CA ALA X 378 -49.20 44.41 -20.02
C ALA X 378 -47.87 43.80 -20.45
N GLU X 379 -47.02 44.64 -21.04
CA GLU X 379 -45.70 44.22 -21.49
C GLU X 379 -44.72 44.40 -20.33
N ALA X 380 -45.16 45.14 -19.33
CA ALA X 380 -44.34 45.39 -18.15
C ALA X 380 -44.73 44.41 -17.05
N ALA X 381 -45.68 43.52 -17.37
CA ALA X 381 -46.14 42.51 -16.41
C ALA X 381 -45.63 41.17 -16.93
N PHE X 382 -45.27 41.17 -18.21
CA PHE X 382 -44.73 39.98 -18.87
C PHE X 382 -43.23 40.08 -18.64
N ARG X 383 -42.70 41.29 -18.83
CA ARG X 383 -41.29 41.57 -18.66
C ARG X 383 -40.85 41.19 -17.25
N VAL X 384 -41.83 40.94 -16.38
CA VAL X 384 -41.53 40.57 -15.00
C VAL X 384 -41.62 39.07 -14.79
N ASN X 385 -42.47 38.40 -15.57
CA ASN X 385 -42.61 36.97 -15.43
C ASN X 385 -41.46 36.20 -16.09
N GLU X 386 -40.75 36.86 -17.00
CA GLU X 386 -39.63 36.22 -17.69
C GLU X 386 -38.34 36.46 -16.92
N LYS X 387 -38.45 37.10 -15.77
CA LYS X 387 -37.27 37.38 -14.96
C LYS X 387 -37.51 37.07 -13.49
N THR X 388 -38.45 36.18 -13.22
CA THR X 388 -38.79 35.72 -11.88
C THR X 388 -39.95 34.77 -12.04
N GLU X 389 -40.62 34.43 -10.95
CA GLU X 389 -41.76 33.51 -11.04
C GLU X 389 -42.81 34.04 -12.03
N ASN X 390 -43.31 33.15 -12.88
CA ASN X 390 -44.34 33.52 -13.84
C ASN X 390 -45.68 33.12 -13.24
N ILE X 391 -46.18 33.95 -12.34
CA ILE X 391 -47.45 33.71 -11.66
C ILE X 391 -48.64 33.93 -12.58
N GLY X 392 -48.37 34.36 -13.81
CA GLY X 392 -49.44 34.59 -14.76
C GLY X 392 -50.20 35.87 -14.54
N ALA X 393 -51.49 35.85 -14.85
CA ALA X 393 -52.34 37.02 -14.69
C ALA X 393 -52.15 37.73 -13.35
N ARG X 394 -52.16 36.95 -12.26
CA ARG X 394 -51.98 37.50 -10.91
C ARG X 394 -50.84 38.50 -10.84
N ARG X 395 -49.94 38.45 -11.83
CA ARG X 395 -48.81 39.37 -11.88
C ARG X 395 -49.38 40.77 -12.10
N LEU X 396 -50.37 40.85 -12.96
CA LEU X 396 -51.03 42.12 -13.26
C LEU X 396 -51.49 42.83 -11.99
N HIS X 397 -52.20 42.10 -11.12
CA HIS X 397 -52.69 42.67 -9.86
C HIS X 397 -51.56 43.40 -9.16
N THR X 398 -50.47 42.68 -8.92
CA THR X 398 -49.29 43.23 -8.25
C THR X 398 -48.70 44.42 -9.00
N VAL X 399 -48.91 44.44 -10.31
CA VAL X 399 -48.40 45.53 -11.14
C VAL X 399 -49.23 46.80 -10.94
N MET X 400 -50.55 46.67 -11.05
CA MET X 400 -51.45 47.80 -10.88
C MET X 400 -51.27 48.42 -9.51
N GLU X 401 -51.28 47.57 -8.48
CA GLU X 401 -51.13 48.03 -7.10
C GLU X 401 -49.94 48.98 -6.93
N ARG X 402 -48.89 48.78 -7.71
CA ARG X 402 -47.71 49.63 -7.65
C ARG X 402 -48.01 50.90 -8.43
N LEU X 403 -48.82 50.76 -9.48
CA LEU X 403 -49.19 51.88 -10.33
C LEU X 403 -50.13 52.84 -9.61
N MET X 404 -51.21 52.29 -9.02
CA MET X 404 -52.20 53.09 -8.30
C MET X 404 -51.75 53.35 -6.87
N ASP X 405 -50.44 53.26 -6.63
CA ASP X 405 -49.88 53.47 -5.31
C ASP X 405 -49.73 54.97 -5.04
N LYS X 406 -49.67 55.75 -6.11
CA LYS X 406 -49.50 57.20 -6.01
C LYS X 406 -50.87 57.88 -5.96
N ILE X 407 -51.82 57.33 -6.71
CA ILE X 407 -53.17 57.89 -6.78
C ILE X 407 -54.11 57.45 -5.66
N SER X 408 -54.16 56.16 -5.38
CA SER X 408 -55.04 55.62 -4.35
C SER X 408 -54.90 56.27 -2.96
N PHE X 409 -53.77 56.94 -2.73
CA PHE X 409 -53.53 57.58 -1.43
C PHE X 409 -54.06 59.00 -1.35
N SER X 410 -53.73 59.81 -2.36
CA SER X 410 -54.17 61.20 -2.42
C SER X 410 -55.27 61.46 -3.45
N ALA X 411 -56.42 60.78 -3.26
CA ALA X 411 -57.56 60.94 -4.15
C ALA X 411 -58.56 61.85 -3.46
N SER X 412 -58.43 61.92 -2.13
CA SER X 412 -59.30 62.75 -1.30
C SER X 412 -58.92 64.22 -1.45
N ASP X 413 -57.66 64.54 -1.16
CA ASP X 413 -57.18 65.91 -1.24
C ASP X 413 -57.10 66.42 -2.68
N MET X 414 -57.52 65.57 -3.62
CA MET X 414 -57.53 65.93 -5.04
C MET X 414 -58.81 65.36 -5.63
N ASN X 415 -59.92 66.02 -5.33
CA ASN X 415 -61.25 65.62 -5.77
C ASN X 415 -61.69 66.29 -7.07
N GLY X 416 -62.44 65.55 -7.89
CA GLY X 416 -62.94 66.08 -9.13
C GLY X 416 -61.92 66.38 -10.22
N GLN X 417 -60.95 65.49 -10.41
CA GLN X 417 -59.95 65.70 -11.44
C GLN X 417 -59.91 64.54 -12.44
N THR X 418 -59.49 64.87 -13.67
CA THR X 418 -59.38 63.88 -14.74
C THR X 418 -57.93 63.83 -15.20
N VAL X 419 -57.19 62.85 -14.68
CA VAL X 419 -55.78 62.70 -15.04
C VAL X 419 -55.59 61.54 -16.02
N ASN X 420 -54.78 61.79 -17.05
CA ASN X 420 -54.48 60.80 -18.09
C ASN X 420 -53.31 59.89 -17.72
N ILE X 421 -53.55 58.58 -17.77
CA ILE X 421 -52.52 57.60 -17.48
C ILE X 421 -52.03 57.06 -18.82
N ASP X 422 -50.88 57.58 -19.25
CA ASP X 422 -50.28 57.19 -20.53
C ASP X 422 -48.86 56.65 -20.38
N ALA X 423 -48.18 56.54 -21.51
CA ALA X 423 -46.81 56.04 -21.55
C ALA X 423 -45.91 56.71 -20.51
N ALA X 424 -45.66 58.01 -20.68
CA ALA X 424 -44.82 58.77 -19.77
C ALA X 424 -45.24 58.70 -18.30
N TYR X 425 -46.50 58.38 -18.05
CA TYR X 425 -46.98 58.31 -16.67
C TYR X 425 -46.72 56.94 -16.06
N VAL X 426 -47.02 55.89 -16.81
CA VAL X 426 -46.81 54.53 -16.33
C VAL X 426 -45.33 54.32 -16.01
N ALA X 427 -44.47 54.84 -16.88
CA ALA X 427 -43.02 54.71 -16.70
C ALA X 427 -42.56 55.31 -15.38
N ASP X 428 -42.70 56.63 -15.24
CA ASP X 428 -42.30 57.32 -14.03
C ASP X 428 -43.28 57.01 -12.89
N ALA X 429 -43.79 55.78 -12.86
CA ALA X 429 -44.73 55.35 -11.83
C ALA X 429 -44.12 54.26 -10.96
N LEU X 430 -43.48 53.29 -11.58
CA LEU X 430 -42.84 52.18 -10.86
C LEU X 430 -41.32 52.36 -10.81
N GLY X 431 -40.67 52.28 -11.97
CA GLY X 431 -39.23 52.44 -11.99
C GLY X 431 -38.50 51.59 -13.00
N GLU X 432 -37.91 50.50 -12.51
CA GLU X 432 -37.14 49.60 -13.36
C GLU X 432 -36.70 48.38 -12.55
N VAL X 433 -36.60 47.24 -13.23
CA VAL X 433 -36.19 46.01 -12.55
C VAL X 433 -35.04 45.28 -13.25
N VAL X 434 -34.09 44.82 -12.44
CA VAL X 434 -32.90 44.09 -12.90
C VAL X 434 -32.96 42.68 -12.28
N GLU X 435 -32.27 41.73 -12.90
CA GLU X 435 -32.26 40.34 -12.42
C GLU X 435 -32.00 40.13 -10.93
N ASN X 436 -31.21 39.10 -10.63
CA ASN X 436 -30.92 38.76 -9.23
C ASN X 436 -29.42 38.79 -8.88
N GLU X 437 -28.61 39.38 -9.76
CA GLU X 437 -27.16 39.48 -9.53
C GLU X 437 -26.65 38.23 -8.82
N ASP X 438 -26.84 37.11 -9.48
CA ASP X 438 -26.47 35.79 -8.98
C ASP X 438 -24.97 35.53 -8.95
N LEU X 439 -24.38 35.52 -10.14
CA LEU X 439 -22.94 35.26 -10.32
C LEU X 439 -22.12 35.93 -9.24
N SER X 440 -22.33 37.24 -9.08
CA SER X 440 -21.60 38.01 -8.09
C SER X 440 -21.50 37.25 -6.77
N ARG X 441 -22.36 36.25 -6.60
CA ARG X 441 -22.36 35.44 -5.38
C ARG X 441 -21.86 34.01 -5.52
N PHE X 442 -22.74 33.05 -5.26
CA PHE X 442 -22.33 31.65 -5.30
C PHE X 442 -22.01 30.99 -6.64
N ILE X 443 -21.17 31.69 -7.40
CA ILE X 443 -20.68 31.22 -8.69
C ILE X 443 -19.22 31.61 -8.71
N LEU X 444 -18.38 30.70 -9.16
CA LEU X 444 -16.95 30.95 -9.19
C LEU X 444 -16.55 31.60 -10.51
#